data_1K32
#
_entry.id   1K32
#
_cell.length_a   95.86
_cell.length_b   245.998
_cell.length_c   159.04
_cell.angle_alpha   90.0
_cell.angle_beta   105.296
_cell.angle_gamma   90.0
#
_symmetry.space_group_name_H-M   'P 1 21 1'
#
loop_
_entity.id
_entity.type
_entity.pdbx_description
1 polymer 'tricorn protease'
2 water water
#
_entity_poly.entity_id   1
_entity_poly.type   'polypeptide(L)'
_entity_poly.pdbx_seq_one_letter_code
;KTFKLHEMHGLCMPNLLLNPDIHGDRIIFVCCDDLWEHDLKSGSTRKIVSNLGVINNARFFPDGRKIAIRVMRGSSLNTA
DLYFYNGENGEIKRITYFSGKSTGRRMFTDVAGFDPDGNLIISTDAMQPFSSMTCLYRVENDGINFVPLNLGPATHILFA
DGRRVIGRNTFELPHWKGYRGGTRGKIWIEVNSGAFKKIVDMSTHVSSPVIVGHRIYFITDIDGFGQIYSTDLDGKDLRK
HTSFTDYYPRHLNTDGRRILFSKGGSIYIFNPDTEKIEKIEIGDLESPEDRIISIPSKFAEDFSPLDGDLIAFVSRGQAF
IQDVSGTYVLKVPEPLRIRYVRRGGDTKVAFIHGTREGDFLGIYDYRTGKAEKFEENLGNVFAMGVDRNGKFAVVANDRF
EIMTVDLETGKPTVIERSREAMITDFTISDNSRFIAYGFPLKHGETDGYVMQAIHVYDMEGRKIFAATTENSHDYAPAFD
ADSKNLYYLSYRSLDPSPDRVVLNFSFEVVSKPFVIPLIPGSPNPTKLVPRSMTSEAGEYDLNDMYKRSSPINVDPGDYR
MIIPLESSILIYSVPVHGEFAAYYQGAPEKGVLLKYDVKTRKVTEVKNNLTDLRLSADRKTVMVRKDDGKIYTFPLEKPE
DERTVETDKRPLVSSIHEEFLQMYDEAWKLARDNYWNEAVAKEISERIYEKYRNLVPLCKTRYDLSNVIVEMQGEYRTSH
SYEMGGTFTDKDPFRSGRIACDFKLDGDHYVVAKAYAGDYSNEGEKSPIFEYGIDPTGYLIEDIDGETVGAGSNIYRVLS
EKAGTSARIRLSGKGGDKRDLMIDILDDDRFIRYRSWVEANRRYVHERSKGTIGYIHIPDMGMMGLNEFYRLFINESSYQ
GLIVDVRFNGGGFVSQLIIEKLMNKRIGYDNPRRGTLSPYPTNSVRGKIIAITNEYAGSDGDIFSFSFKKLGLGKLIGTR
TWGGVVGITPKRRLIDGTVLTQPEFAFWFRDAGFGVENYGVDPDVEIEYAPHDYLSGKDPQIDYAIDALIEELRNWNEEL
PQRPS
;
_entity_poly.pdbx_strand_id   A,B,C,D,E,F
#
# COMPACT_ATOMS: atom_id res chain seq x y z
N MET A 13 71.67 6.39 -1.46
CA MET A 13 70.42 5.64 -1.82
C MET A 13 70.39 5.38 -3.33
N PRO A 14 71.07 4.31 -3.78
CA PRO A 14 71.11 3.96 -5.19
C PRO A 14 69.81 3.35 -5.68
N ASN A 15 69.66 3.25 -7.00
CA ASN A 15 68.47 2.67 -7.60
C ASN A 15 68.72 1.26 -8.16
N LEU A 16 67.65 0.52 -8.38
CA LEU A 16 67.74 -0.81 -8.96
C LEU A 16 67.71 -0.57 -10.48
N LEU A 17 68.81 -0.87 -11.16
CA LEU A 17 68.87 -0.64 -12.61
C LEU A 17 68.63 -1.95 -13.35
N LEU A 18 67.84 -1.90 -14.42
CA LEU A 18 67.53 -3.12 -15.15
C LEU A 18 67.37 -3.00 -16.66
N ASN A 19 67.29 -4.18 -17.28
CA ASN A 19 67.05 -4.34 -18.71
C ASN A 19 67.64 -3.26 -19.61
N PRO A 20 68.94 -3.35 -19.88
CA PRO A 20 69.59 -2.35 -20.73
C PRO A 20 69.77 -2.77 -22.17
N ASP A 21 70.10 -1.80 -23.01
CA ASP A 21 70.38 -2.02 -24.42
C ASP A 21 71.55 -1.08 -24.65
N ILE A 22 72.32 -1.27 -25.70
CA ILE A 22 73.46 -0.41 -25.91
C ILE A 22 73.66 -0.10 -27.38
N HIS A 23 74.15 1.11 -27.65
CA HIS A 23 74.44 1.55 -29.01
C HIS A 23 75.61 2.52 -28.91
N GLY A 24 76.79 2.06 -29.32
CA GLY A 24 77.97 2.90 -29.26
C GLY A 24 78.33 3.22 -27.81
N ASP A 25 78.32 4.51 -27.49
CA ASP A 25 78.62 4.96 -26.14
C ASP A 25 77.36 5.29 -25.36
N ARG A 26 76.20 4.91 -25.92
CA ARG A 26 74.95 5.19 -25.25
C ARG A 26 74.32 3.91 -24.75
N ILE A 27 73.83 3.97 -23.52
CA ILE A 27 73.19 2.83 -22.89
C ILE A 27 71.87 3.28 -22.32
N ILE A 28 70.80 2.56 -22.66
CA ILE A 28 69.48 2.88 -22.11
C ILE A 28 69.13 1.77 -21.15
N PHE A 29 68.33 2.09 -20.14
CA PHE A 29 67.96 1.11 -19.15
C PHE A 29 66.74 1.61 -18.41
N VAL A 30 66.14 0.72 -17.62
CA VAL A 30 64.96 1.08 -16.85
C VAL A 30 65.33 1.34 -15.40
N CYS A 31 64.70 2.36 -14.83
CA CYS A 31 64.90 2.73 -13.43
C CYS A 31 63.61 3.39 -13.00
N CYS A 32 63.02 2.88 -11.93
CA CYS A 32 61.75 3.38 -11.42
C CYS A 32 60.65 3.30 -12.49
N ASP A 33 60.66 2.22 -13.27
CA ASP A 33 59.67 1.97 -14.30
C ASP A 33 59.77 2.89 -15.52
N ASP A 34 60.71 3.84 -15.48
CA ASP A 34 60.87 4.78 -16.59
C ASP A 34 62.13 4.43 -17.39
N LEU A 35 62.30 5.03 -18.56
CA LEU A 35 63.45 4.75 -19.41
C LEU A 35 64.50 5.85 -19.24
N TRP A 36 65.75 5.45 -19.10
CA TRP A 36 66.84 6.41 -18.94
C TRP A 36 67.92 6.19 -19.99
N GLU A 37 68.74 7.21 -20.21
CA GLU A 37 69.83 7.09 -21.17
C GLU A 37 71.12 7.56 -20.48
N HIS A 38 72.17 6.78 -20.64
CA HIS A 38 73.46 7.11 -20.05
C HIS A 38 74.54 7.14 -21.13
N ASP A 39 75.31 8.21 -21.15
CA ASP A 39 76.38 8.35 -22.13
C ASP A 39 77.70 8.00 -21.44
N LEU A 40 78.36 6.96 -21.94
CA LEU A 40 79.63 6.49 -21.40
C LEU A 40 80.74 7.52 -21.58
N LYS A 41 80.62 8.33 -22.62
CA LYS A 41 81.65 9.33 -22.89
C LYS A 41 81.60 10.49 -21.90
N SER A 42 80.43 11.10 -21.74
CA SER A 42 80.26 12.22 -20.83
C SER A 42 79.92 11.81 -19.40
N GLY A 43 79.42 10.58 -19.22
CA GLY A 43 79.07 10.13 -17.90
C GLY A 43 77.71 10.63 -17.45
N SER A 44 77.05 11.42 -18.31
CA SER A 44 75.73 11.98 -18.00
C SER A 44 74.61 10.94 -18.13
N THR A 45 73.61 11.06 -17.27
CA THR A 45 72.48 10.15 -17.26
C THR A 45 71.22 11.01 -17.30
N ARG A 46 70.21 10.53 -18.04
CA ARG A 46 68.99 11.30 -18.19
C ARG A 46 67.75 10.42 -18.43
N LYS A 47 66.61 10.88 -17.94
CA LYS A 47 65.35 10.14 -18.11
C LYS A 47 64.75 10.62 -19.42
N ILE A 48 64.58 9.71 -20.39
CA ILE A 48 64.05 10.12 -21.69
C ILE A 48 62.57 9.84 -21.89
N VAL A 49 62.01 8.89 -21.16
CA VAL A 49 60.58 8.62 -21.25
C VAL A 49 60.03 8.20 -19.90
N SER A 50 58.98 8.88 -19.47
CA SER A 50 58.36 8.59 -18.19
C SER A 50 56.85 8.73 -18.26
N ASN A 51 56.19 8.29 -17.18
CA ASN A 51 54.74 8.40 -17.06
C ASN A 51 53.93 7.70 -18.17
N LEU A 52 54.48 6.63 -18.73
CA LEU A 52 53.79 5.89 -19.78
C LEU A 52 53.15 4.63 -19.22
N GLY A 53 53.58 4.26 -18.03
CA GLY A 53 53.11 3.05 -17.40
C GLY A 53 54.43 2.37 -17.05
N VAL A 54 54.41 1.07 -16.83
CA VAL A 54 55.66 0.38 -16.48
C VAL A 54 56.43 -0.19 -17.65
N ILE A 55 57.60 0.38 -17.92
CA ILE A 55 58.46 -0.10 -19.01
C ILE A 55 59.38 -1.22 -18.53
N ASN A 56 59.43 -2.32 -19.28
CA ASN A 56 60.29 -3.45 -18.90
C ASN A 56 61.30 -3.80 -19.99
N ASN A 57 61.15 -3.19 -21.17
CA ASN A 57 62.05 -3.45 -22.29
C ASN A 57 62.12 -2.23 -23.21
N ALA A 58 63.29 -1.98 -23.77
CA ALA A 58 63.52 -0.86 -24.68
C ALA A 58 64.66 -1.27 -25.60
N ARG A 59 64.43 -1.15 -26.90
CA ARG A 59 65.41 -1.54 -27.90
C ARG A 59 65.73 -0.45 -28.90
N PHE A 60 67.02 -0.17 -29.08
CA PHE A 60 67.49 0.82 -30.06
C PHE A 60 67.22 0.26 -31.45
N PHE A 61 66.79 1.11 -32.38
CA PHE A 61 66.63 0.64 -33.75
C PHE A 61 68.08 0.56 -34.23
N PRO A 62 68.35 -0.22 -35.29
CA PRO A 62 69.68 -0.39 -35.85
C PRO A 62 70.60 0.84 -35.96
N ASP A 63 70.05 1.99 -36.37
CA ASP A 63 70.86 3.19 -36.50
C ASP A 63 70.97 4.00 -35.21
N GLY A 64 70.37 3.48 -34.14
CA GLY A 64 70.40 4.14 -32.85
C GLY A 64 69.66 5.47 -32.79
N ARG A 65 68.74 5.70 -33.72
CA ARG A 65 67.97 6.93 -33.77
C ARG A 65 66.63 6.83 -33.02
N LYS A 66 65.90 5.76 -33.29
CA LYS A 66 64.61 5.55 -32.64
C LYS A 66 64.73 4.41 -31.61
N ILE A 67 63.80 4.38 -30.67
CA ILE A 67 63.79 3.35 -29.65
C ILE A 67 62.41 2.71 -29.54
N ALA A 68 62.36 1.39 -29.62
CA ALA A 68 61.10 0.67 -29.50
C ALA A 68 60.90 0.36 -28.01
N ILE A 69 59.71 0.59 -27.49
CA ILE A 69 59.45 0.40 -26.07
C ILE A 69 58.23 -0.44 -25.71
N ARG A 70 58.39 -1.32 -24.72
CA ARG A 70 57.28 -2.15 -24.24
C ARG A 70 56.83 -1.58 -22.89
N VAL A 71 55.56 -1.21 -22.79
CA VAL A 71 55.09 -0.67 -21.53
C VAL A 71 53.87 -1.44 -21.07
N MET A 72 53.76 -1.64 -19.76
CA MET A 72 52.59 -2.35 -19.23
C MET A 72 51.65 -1.41 -18.47
N ARG A 73 50.35 -1.69 -18.52
CA ARG A 73 49.34 -0.89 -17.81
C ARG A 73 48.33 -1.81 -17.17
N GLY A 74 47.47 -1.25 -16.32
CA GLY A 74 46.49 -2.05 -15.60
C GLY A 74 47.12 -2.25 -14.22
N SER A 75 46.34 -2.15 -13.14
CA SER A 75 46.90 -2.26 -11.79
C SER A 75 47.90 -3.41 -11.61
N SER A 76 47.57 -4.58 -12.17
CA SER A 76 48.46 -5.73 -12.09
C SER A 76 49.34 -5.93 -13.33
N LEU A 77 49.51 -4.87 -14.11
CA LEU A 77 50.32 -4.93 -15.33
C LEU A 77 49.86 -6.11 -16.20
N ASN A 78 48.54 -6.28 -16.30
CA ASN A 78 47.99 -7.35 -17.10
C ASN A 78 47.88 -7.06 -18.61
N THR A 79 48.12 -5.81 -19.02
CA THR A 79 48.05 -5.47 -20.45
C THR A 79 49.36 -4.81 -20.92
N ALA A 80 49.66 -4.97 -22.19
CA ALA A 80 50.87 -4.39 -22.75
C ALA A 80 50.69 -3.96 -24.20
N ASP A 81 51.49 -2.98 -24.60
CA ASP A 81 51.51 -2.48 -25.98
C ASP A 81 52.85 -1.79 -26.21
N LEU A 82 53.20 -1.59 -27.48
CA LEU A 82 54.49 -0.97 -27.80
C LEU A 82 54.42 0.48 -28.29
N TYR A 83 55.50 1.22 -28.00
CA TYR A 83 55.66 2.61 -28.40
C TYR A 83 57.03 2.83 -29.06
N PHE A 84 57.14 3.95 -29.76
CA PHE A 84 58.37 4.34 -30.41
C PHE A 84 58.77 5.66 -29.74
N TYR A 85 60.05 5.80 -29.44
CA TYR A 85 60.55 7.04 -28.88
C TYR A 85 61.57 7.58 -29.88
N ASN A 86 61.43 8.84 -30.25
CA ASN A 86 62.36 9.42 -31.20
C ASN A 86 63.15 10.52 -30.50
N GLY A 87 64.42 10.22 -30.20
CA GLY A 87 65.26 11.19 -29.54
C GLY A 87 65.53 12.45 -30.34
N GLU A 88 65.29 12.40 -31.64
CA GLU A 88 65.54 13.56 -32.47
C GLU A 88 64.61 14.72 -32.11
N ASN A 89 63.31 14.44 -32.04
CA ASN A 89 62.32 15.46 -31.71
C ASN A 89 61.65 15.23 -30.37
N GLY A 90 61.95 14.08 -29.75
CA GLY A 90 61.34 13.77 -28.48
C GLY A 90 59.90 13.35 -28.68
N GLU A 91 59.61 12.75 -29.82
CA GLU A 91 58.26 12.29 -30.11
C GLU A 91 58.04 10.91 -29.52
N ILE A 92 56.89 10.72 -28.87
CA ILE A 92 56.53 9.43 -28.28
C ILE A 92 55.26 9.03 -29.02
N LYS A 93 55.18 7.77 -29.44
CA LYS A 93 54.02 7.30 -30.20
C LYS A 93 53.71 5.83 -29.99
N ARG A 94 52.44 5.54 -29.72
CA ARG A 94 51.98 4.17 -29.53
C ARG A 94 51.94 3.49 -30.89
N ILE A 95 52.52 2.31 -30.98
CA ILE A 95 52.58 1.58 -32.25
C ILE A 95 51.55 0.45 -32.32
N THR A 96 51.25 -0.17 -31.18
CA THR A 96 50.28 -1.26 -31.17
C THR A 96 49.09 -0.98 -30.28
N TYR A 97 47.93 -1.42 -30.74
CA TYR A 97 46.70 -1.27 -29.99
C TYR A 97 46.07 -2.64 -29.80
N PHE A 98 46.90 -3.59 -29.39
CA PHE A 98 46.48 -4.96 -29.17
C PHE A 98 46.06 -5.23 -27.72
N SER A 99 46.66 -4.50 -26.78
CA SER A 99 46.41 -4.73 -25.37
C SER A 99 46.77 -6.19 -25.09
N GLY A 100 47.96 -6.61 -25.51
CA GLY A 100 48.35 -7.99 -25.27
C GLY A 100 48.31 -8.39 -23.79
N LYS A 101 47.91 -9.62 -23.51
CA LYS A 101 47.84 -10.10 -22.13
C LYS A 101 49.27 -10.30 -21.62
N SER A 102 49.49 -10.00 -20.35
CA SER A 102 50.84 -10.14 -19.79
C SER A 102 50.81 -10.60 -18.33
N THR A 103 51.79 -11.42 -17.95
CA THR A 103 51.97 -11.87 -16.57
C THR A 103 53.47 -11.71 -16.34
N GLY A 104 53.91 -11.71 -15.08
CA GLY A 104 55.32 -11.55 -14.80
C GLY A 104 56.20 -12.59 -15.46
N ARG A 105 55.70 -13.81 -15.61
CA ARG A 105 56.47 -14.88 -16.21
C ARG A 105 56.26 -15.00 -17.73
N ARG A 106 55.29 -14.27 -18.27
CA ARG A 106 55.06 -14.29 -19.71
C ARG A 106 54.65 -12.89 -20.14
N MET A 107 55.64 -12.00 -20.20
CA MET A 107 55.44 -10.61 -20.59
C MET A 107 55.48 -10.55 -22.11
N PHE A 108 54.37 -10.95 -22.72
CA PHE A 108 54.26 -11.03 -24.17
C PHE A 108 53.88 -9.75 -24.90
N THR A 109 54.04 -9.76 -26.22
CA THR A 109 53.81 -8.60 -27.08
C THR A 109 55.02 -7.75 -26.75
N ASP A 110 56.07 -7.98 -27.51
CA ASP A 110 57.34 -7.31 -27.30
C ASP A 110 58.13 -7.17 -28.59
N VAL A 111 59.29 -6.54 -28.50
CA VAL A 111 60.17 -6.37 -29.64
C VAL A 111 60.88 -7.71 -29.77
N ALA A 112 60.96 -8.24 -30.98
CA ALA A 112 61.61 -9.53 -31.21
C ALA A 112 62.97 -9.37 -31.88
N GLY A 113 63.13 -8.28 -32.64
CA GLY A 113 64.37 -8.04 -33.34
C GLY A 113 64.17 -7.05 -34.49
N PHE A 114 65.21 -6.87 -35.29
CA PHE A 114 65.13 -5.97 -36.43
C PHE A 114 65.71 -6.67 -37.65
N ASP A 115 65.01 -6.57 -38.77
CA ASP A 115 65.47 -7.22 -39.98
C ASP A 115 66.61 -6.43 -40.60
N PRO A 116 67.26 -6.99 -41.63
CA PRO A 116 68.39 -6.31 -42.30
C PRO A 116 68.09 -4.89 -42.79
N ASP A 117 66.84 -4.62 -43.18
CA ASP A 117 66.45 -3.29 -43.65
C ASP A 117 66.26 -2.32 -42.48
N GLY A 118 66.26 -2.84 -41.26
CA GLY A 118 66.08 -2.01 -40.09
C GLY A 118 64.65 -1.94 -39.60
N ASN A 119 63.76 -2.74 -40.18
CA ASN A 119 62.36 -2.71 -39.76
C ASN A 119 62.14 -3.48 -38.47
N LEU A 120 61.25 -2.95 -37.64
CA LEU A 120 60.91 -3.58 -36.37
C LEU A 120 60.14 -4.89 -36.57
N ILE A 121 60.57 -5.92 -35.86
CA ILE A 121 59.87 -7.21 -35.87
C ILE A 121 59.37 -7.37 -34.45
N ILE A 122 58.08 -7.65 -34.30
CA ILE A 122 57.50 -7.83 -32.99
C ILE A 122 57.03 -9.25 -32.80
N SER A 123 56.90 -9.62 -31.53
CA SER A 123 56.44 -10.94 -31.17
C SER A 123 55.17 -10.73 -30.38
N THR A 124 54.08 -11.40 -30.79
CA THR A 124 52.82 -11.25 -30.08
C THR A 124 51.78 -12.33 -30.34
N ASP A 125 50.99 -12.60 -29.30
CA ASP A 125 49.94 -13.60 -29.34
C ASP A 125 48.60 -12.88 -29.46
N ALA A 126 48.66 -11.56 -29.54
CA ALA A 126 47.46 -10.73 -29.63
C ALA A 126 46.40 -11.24 -30.60
N MET A 127 46.85 -11.82 -31.71
CA MET A 127 45.91 -12.32 -32.71
C MET A 127 45.94 -13.84 -32.86
N GLN A 128 46.23 -14.54 -31.77
CA GLN A 128 46.28 -15.99 -31.83
C GLN A 128 45.35 -16.60 -30.79
N PRO A 129 44.99 -17.87 -30.98
CA PRO A 129 44.09 -18.58 -30.06
C PRO A 129 44.74 -19.06 -28.76
N PHE A 130 46.03 -18.82 -28.59
CA PHE A 130 46.75 -19.21 -27.37
C PHE A 130 47.83 -18.18 -27.04
N SER A 131 48.00 -17.88 -25.76
CA SER A 131 49.01 -16.90 -25.36
C SER A 131 50.43 -17.33 -25.70
N SER A 132 50.67 -18.64 -25.82
CA SER A 132 52.00 -19.14 -26.15
C SER A 132 52.37 -18.97 -27.63
N MET A 133 51.38 -18.68 -28.46
CA MET A 133 51.62 -18.48 -29.88
C MET A 133 51.98 -17.03 -30.12
N THR A 134 53.15 -16.64 -29.62
CA THR A 134 53.64 -15.27 -29.79
C THR A 134 54.31 -15.24 -31.15
N CYS A 135 53.49 -15.01 -32.18
CA CYS A 135 53.95 -14.98 -33.56
C CYS A 135 54.74 -13.74 -33.93
N LEU A 136 55.56 -13.85 -34.97
CA LEU A 136 56.39 -12.74 -35.46
C LEU A 136 55.72 -11.96 -36.58
N TYR A 137 55.82 -10.64 -36.52
CA TYR A 137 55.26 -9.76 -37.54
C TYR A 137 56.23 -8.60 -37.81
N ARG A 138 56.34 -8.21 -39.08
CA ARG A 138 57.17 -7.07 -39.42
C ARG A 138 56.22 -5.88 -39.30
N VAL A 139 56.63 -4.83 -38.62
CA VAL A 139 55.76 -3.68 -38.45
C VAL A 139 55.94 -2.70 -39.61
N GLU A 140 54.81 -2.15 -40.06
CA GLU A 140 54.83 -1.21 -41.17
C GLU A 140 54.07 0.07 -40.83
N ASN A 141 54.61 1.20 -41.32
CA ASN A 141 53.98 2.51 -41.12
C ASN A 141 53.59 2.72 -39.68
N ASP A 142 54.52 2.48 -38.76
CA ASP A 142 54.25 2.68 -37.35
C ASP A 142 52.99 1.99 -36.84
N GLY A 143 52.75 0.76 -37.27
CA GLY A 143 51.57 0.04 -36.79
C GLY A 143 50.34 0.05 -37.69
N ILE A 144 50.41 0.68 -38.85
CA ILE A 144 49.24 0.70 -39.75
C ILE A 144 48.94 -0.72 -40.25
N ASN A 145 50.00 -1.50 -40.44
CA ASN A 145 49.85 -2.85 -40.94
C ASN A 145 50.90 -3.79 -40.33
N PHE A 146 50.55 -5.05 -40.18
CA PHE A 146 51.47 -6.03 -39.61
C PHE A 146 51.56 -7.19 -40.57
N VAL A 147 52.79 -7.54 -40.94
CA VAL A 147 53.03 -8.62 -41.88
C VAL A 147 53.62 -9.81 -41.12
N PRO A 148 52.88 -10.93 -41.09
CA PRO A 148 53.33 -12.14 -40.40
C PRO A 148 54.51 -12.80 -41.13
N LEU A 149 55.49 -13.26 -40.36
CA LEU A 149 56.65 -13.90 -40.97
C LEU A 149 56.37 -15.39 -41.10
N ASN A 150 55.36 -15.86 -40.38
CA ASN A 150 54.94 -17.26 -40.41
C ASN A 150 56.03 -18.26 -40.08
N LEU A 151 56.80 -17.97 -39.03
CA LEU A 151 57.88 -18.85 -38.62
C LEU A 151 57.50 -19.56 -37.32
N GLY A 152 56.23 -19.45 -36.93
CA GLY A 152 55.75 -20.06 -35.71
C GLY A 152 56.03 -19.20 -34.50
N PRO A 153 55.69 -19.66 -33.27
CA PRO A 153 55.94 -18.85 -32.08
C PRO A 153 57.44 -18.61 -31.86
N ALA A 154 57.79 -17.41 -31.45
CA ALA A 154 59.19 -17.07 -31.21
C ALA A 154 59.28 -15.88 -30.29
N THR A 155 60.43 -15.76 -29.64
CA THR A 155 60.68 -14.67 -28.72
C THR A 155 61.68 -13.71 -29.35
N HIS A 156 62.73 -14.26 -29.93
CA HIS A 156 63.76 -13.45 -30.57
C HIS A 156 64.06 -13.90 -32.00
N ILE A 157 64.41 -12.94 -32.84
CA ILE A 157 64.81 -13.24 -34.19
C ILE A 157 66.01 -12.38 -34.50
N LEU A 158 67.09 -13.01 -34.95
CA LEU A 158 68.30 -12.32 -35.30
C LEU A 158 68.60 -12.66 -36.75
N PHE A 159 69.43 -11.84 -37.39
CA PHE A 159 69.76 -12.08 -38.78
C PHE A 159 71.27 -12.08 -38.92
N ALA A 160 71.79 -13.10 -39.58
CA ALA A 160 73.22 -13.22 -39.78
C ALA A 160 73.49 -13.73 -41.19
N ASP A 161 74.33 -13.02 -41.91
CA ASP A 161 74.68 -13.41 -43.27
C ASP A 161 73.43 -13.74 -44.09
N GLY A 162 72.38 -12.97 -43.86
CA GLY A 162 71.14 -13.19 -44.58
C GLY A 162 70.20 -14.23 -43.97
N ARG A 163 70.71 -15.16 -43.17
CA ARG A 163 69.80 -16.16 -42.61
C ARG A 163 69.21 -15.78 -41.25
N ARG A 164 67.97 -16.20 -41.06
CA ARG A 164 67.24 -15.92 -39.83
C ARG A 164 67.61 -16.86 -38.69
N VAL A 165 67.80 -16.28 -37.51
CA VAL A 165 68.12 -17.06 -36.29
C VAL A 165 66.91 -16.89 -35.39
N ILE A 166 66.33 -18.00 -34.96
CA ILE A 166 65.14 -17.93 -34.15
C ILE A 166 65.29 -18.47 -32.75
N GLY A 167 64.93 -17.62 -31.80
CA GLY A 167 64.98 -18.00 -30.41
C GLY A 167 63.56 -18.33 -29.97
N ARG A 168 63.38 -19.55 -29.48
CA ARG A 168 62.08 -20.02 -29.01
C ARG A 168 62.09 -20.07 -27.49
N ASN A 169 61.09 -19.45 -26.87
CA ASN A 169 60.96 -19.42 -25.41
C ASN A 169 62.19 -18.84 -24.74
N THR A 170 62.89 -17.98 -25.44
CA THR A 170 64.13 -17.40 -24.95
C THR A 170 64.09 -16.16 -24.03
N PHE A 171 62.96 -15.94 -23.36
CA PHE A 171 62.89 -14.82 -22.41
C PHE A 171 63.48 -15.33 -21.08
N GLU A 172 63.81 -14.43 -20.15
CA GLU A 172 64.38 -14.87 -18.87
C GLU A 172 63.36 -15.62 -18.01
N LEU A 173 63.85 -16.53 -17.17
CA LEU A 173 63.01 -17.30 -16.25
C LEU A 173 63.53 -17.11 -14.83
N PRO A 174 63.49 -15.87 -14.30
CA PRO A 174 63.98 -15.60 -12.94
C PRO A 174 63.27 -16.35 -11.81
N HIS A 175 62.02 -16.74 -12.06
CA HIS A 175 61.22 -17.46 -11.07
C HIS A 175 61.49 -18.98 -11.06
N TRP A 176 62.37 -19.45 -11.92
CA TRP A 176 62.67 -20.88 -11.95
C TRP A 176 64.11 -21.13 -12.35
N LYS A 177 65.01 -21.04 -11.38
CA LYS A 177 66.41 -21.31 -11.64
C LYS A 177 66.59 -22.80 -11.91
N GLY A 178 67.49 -23.14 -12.82
CA GLY A 178 67.74 -24.54 -13.13
C GLY A 178 66.67 -25.27 -13.95
N TYR A 179 65.73 -24.54 -14.52
CA TYR A 179 64.68 -25.16 -15.33
C TYR A 179 65.27 -26.03 -16.45
N ARG A 180 64.73 -27.23 -16.63
CA ARG A 180 65.20 -28.15 -17.64
C ARG A 180 64.01 -28.75 -18.38
N GLY A 181 62.84 -28.12 -18.21
CA GLY A 181 61.62 -28.62 -18.84
C GLY A 181 61.59 -28.51 -20.36
N GLY A 182 60.56 -29.10 -20.94
CA GLY A 182 60.40 -29.10 -22.39
C GLY A 182 60.21 -27.74 -23.01
N THR A 183 59.79 -26.76 -22.21
CA THR A 183 59.59 -25.41 -22.73
C THR A 183 60.86 -24.54 -22.65
N ARG A 184 62.01 -25.15 -22.35
CA ARG A 184 63.27 -24.39 -22.23
C ARG A 184 63.65 -23.66 -23.54
N GLY A 185 64.31 -22.51 -23.42
CA GLY A 185 64.70 -21.73 -24.58
C GLY A 185 65.63 -22.49 -25.49
N LYS A 186 65.32 -22.49 -26.79
CA LYS A 186 66.13 -23.19 -27.79
C LYS A 186 66.33 -22.27 -29.00
N ILE A 187 67.39 -22.52 -29.76
CA ILE A 187 67.69 -21.68 -30.91
C ILE A 187 67.74 -22.47 -32.21
N TRP A 188 67.16 -21.88 -33.25
CA TRP A 188 67.15 -22.51 -34.57
C TRP A 188 67.79 -21.52 -35.54
N ILE A 189 68.36 -22.04 -36.63
CA ILE A 189 68.98 -21.18 -37.63
C ILE A 189 68.64 -21.65 -39.03
N GLU A 190 68.45 -20.70 -39.93
CA GLU A 190 68.11 -21.02 -41.31
C GLU A 190 69.38 -21.50 -41.99
N VAL A 191 69.28 -22.59 -42.76
CA VAL A 191 70.46 -23.13 -43.44
C VAL A 191 70.29 -23.01 -44.95
N ASN A 192 69.06 -23.17 -45.40
CA ASN A 192 68.73 -23.07 -46.81
C ASN A 192 67.49 -22.18 -46.80
N SER A 193 67.47 -21.15 -47.64
CA SER A 193 66.33 -20.24 -47.67
C SER A 193 65.02 -20.97 -47.39
N GLY A 194 64.49 -20.78 -46.19
CA GLY A 194 63.24 -21.43 -45.84
C GLY A 194 63.39 -22.70 -45.00
N ALA A 195 64.60 -23.26 -44.95
CA ALA A 195 64.87 -24.48 -44.20
C ALA A 195 65.61 -24.16 -42.89
N PHE A 196 65.16 -24.76 -41.79
CA PHE A 196 65.78 -24.51 -40.50
C PHE A 196 66.28 -25.73 -39.76
N LYS A 197 67.29 -25.51 -38.93
CA LYS A 197 67.90 -26.54 -38.13
C LYS A 197 68.01 -26.05 -36.69
N LYS A 198 67.78 -26.93 -35.73
CA LYS A 198 67.89 -26.58 -34.32
C LYS A 198 69.37 -26.68 -33.96
N ILE A 199 69.99 -25.57 -33.55
CA ILE A 199 71.42 -25.59 -33.23
C ILE A 199 71.78 -25.51 -31.74
N VAL A 200 70.91 -24.93 -30.93
CA VAL A 200 71.15 -24.84 -29.50
C VAL A 200 69.98 -25.43 -28.72
N ASP A 201 70.20 -26.63 -28.19
CA ASP A 201 69.23 -27.37 -27.41
C ASP A 201 70.05 -27.99 -26.26
N MET A 202 70.11 -27.29 -25.14
CA MET A 202 70.85 -27.75 -23.97
C MET A 202 69.89 -28.28 -22.91
N SER A 203 70.43 -28.95 -21.90
CA SER A 203 69.60 -29.49 -20.85
C SER A 203 68.90 -28.38 -20.09
N THR A 204 69.54 -27.21 -20.00
CA THR A 204 68.98 -26.05 -19.30
C THR A 204 68.40 -25.00 -20.25
N HIS A 205 67.75 -24.00 -19.67
CA HIS A 205 67.10 -22.91 -20.39
C HIS A 205 68.05 -21.85 -20.95
N VAL A 206 67.90 -21.52 -22.23
CA VAL A 206 68.73 -20.51 -22.84
C VAL A 206 67.89 -19.25 -22.99
N SER A 207 68.45 -18.12 -22.58
CA SER A 207 67.74 -16.86 -22.65
C SER A 207 68.58 -15.73 -23.23
N SER A 208 67.89 -14.69 -23.69
CA SER A 208 68.54 -13.49 -24.24
C SER A 208 69.68 -13.70 -25.23
N PRO A 209 69.40 -14.37 -26.35
CA PRO A 209 70.47 -14.58 -27.32
C PRO A 209 70.84 -13.31 -28.09
N VAL A 210 72.12 -13.14 -28.38
CA VAL A 210 72.62 -12.00 -29.16
C VAL A 210 73.74 -12.49 -30.05
N ILE A 211 74.02 -11.74 -31.11
CA ILE A 211 75.07 -12.09 -32.05
C ILE A 211 76.16 -11.01 -32.12
N VAL A 212 77.40 -11.46 -31.99
CA VAL A 212 78.54 -10.58 -32.07
C VAL A 212 79.52 -11.31 -32.98
N GLY A 213 79.86 -10.69 -34.11
CA GLY A 213 80.75 -11.33 -35.05
C GLY A 213 79.98 -12.51 -35.61
N HIS A 214 80.50 -13.71 -35.40
CA HIS A 214 79.80 -14.90 -35.88
C HIS A 214 79.60 -15.88 -34.74
N ARG A 215 79.23 -15.33 -33.59
CA ARG A 215 78.96 -16.12 -32.40
C ARG A 215 77.66 -15.68 -31.77
N ILE A 216 76.89 -16.64 -31.27
CA ILE A 216 75.63 -16.33 -30.62
C ILE A 216 75.92 -16.34 -29.13
N TYR A 217 75.70 -15.21 -28.47
CA TYR A 217 75.89 -15.15 -27.03
C TYR A 217 74.53 -15.24 -26.35
N PHE A 218 74.50 -15.89 -25.19
CA PHE A 218 73.26 -16.08 -24.46
C PHE A 218 73.53 -16.42 -23.01
N ILE A 219 72.44 -16.58 -22.26
CA ILE A 219 72.55 -16.89 -20.85
C ILE A 219 71.92 -18.22 -20.48
N THR A 220 72.60 -18.97 -19.59
CA THR A 220 72.06 -20.22 -19.09
C THR A 220 72.75 -20.62 -17.79
N ASP A 221 72.13 -21.50 -17.03
CA ASP A 221 72.73 -21.90 -15.76
C ASP A 221 73.06 -23.39 -15.72
N ILE A 222 73.50 -23.90 -16.87
CA ILE A 222 73.85 -25.31 -16.97
C ILE A 222 74.92 -25.75 -15.98
N ASP A 223 75.72 -24.81 -15.49
CA ASP A 223 76.76 -25.13 -14.54
C ASP A 223 76.39 -24.79 -13.09
N GLY A 224 75.11 -24.48 -12.87
CA GLY A 224 74.67 -24.18 -11.51
C GLY A 224 74.32 -22.74 -11.21
N PHE A 225 74.71 -21.82 -12.08
CA PHE A 225 74.44 -20.40 -11.86
C PHE A 225 74.39 -19.72 -13.22
N GLY A 226 73.62 -18.64 -13.33
CA GLY A 226 73.53 -17.95 -14.60
C GLY A 226 74.87 -17.39 -15.05
N GLN A 227 75.26 -17.65 -16.28
CA GLN A 227 76.51 -17.13 -16.82
C GLN A 227 76.30 -16.84 -18.30
N ILE A 228 77.22 -16.11 -18.89
CA ILE A 228 77.17 -15.81 -20.30
C ILE A 228 77.98 -16.87 -21.03
N TYR A 229 77.37 -17.48 -22.05
CA TYR A 229 78.02 -18.51 -22.87
C TYR A 229 77.89 -18.07 -24.32
N SER A 230 78.48 -18.85 -25.22
CA SER A 230 78.37 -18.56 -26.65
C SER A 230 78.72 -19.80 -27.46
N THR A 231 78.27 -19.82 -28.71
CA THR A 231 78.55 -20.92 -29.63
C THR A 231 78.74 -20.29 -31.01
N ASP A 232 79.18 -21.07 -31.98
CA ASP A 232 79.32 -20.53 -33.32
C ASP A 232 77.90 -20.64 -33.91
N LEU A 233 77.69 -20.13 -35.12
CA LEU A 233 76.37 -20.17 -35.73
C LEU A 233 75.85 -21.58 -36.02
N ASP A 234 76.64 -22.58 -35.63
CA ASP A 234 76.29 -23.97 -35.83
C ASP A 234 75.93 -24.59 -34.48
N GLY A 235 75.97 -23.77 -33.43
CA GLY A 235 75.66 -24.27 -32.11
C GLY A 235 76.80 -25.06 -31.49
N LYS A 236 77.94 -25.08 -32.16
CA LYS A 236 79.11 -25.81 -31.66
C LYS A 236 80.12 -24.91 -30.95
N ASP A 237 81.17 -25.53 -30.43
CA ASP A 237 82.25 -24.81 -29.74
C ASP A 237 81.75 -23.98 -28.56
N LEU A 238 80.99 -24.61 -27.68
CA LEU A 238 80.44 -23.91 -26.52
C LEU A 238 81.52 -23.32 -25.62
N ARG A 239 81.35 -22.04 -25.29
CA ARG A 239 82.28 -21.34 -24.40
C ARG A 239 81.55 -20.69 -23.23
N LYS A 240 82.23 -20.63 -22.09
CA LYS A 240 81.69 -20.03 -20.88
C LYS A 240 82.52 -18.76 -20.62
N HIS A 241 81.87 -17.60 -20.67
CA HIS A 241 82.58 -16.33 -20.49
C HIS A 241 82.53 -15.61 -19.14
N THR A 242 81.76 -16.12 -18.20
CA THR A 242 81.66 -15.46 -16.90
C THR A 242 81.61 -16.46 -15.77
N SER A 243 81.92 -16.00 -14.57
CA SER A 243 81.89 -16.84 -13.37
C SER A 243 81.24 -16.11 -12.21
N PHE A 244 80.07 -15.53 -12.45
CA PHE A 244 79.35 -14.80 -11.41
C PHE A 244 78.90 -15.72 -10.27
N THR A 245 78.81 -15.17 -9.06
CA THR A 245 78.35 -15.94 -7.90
C THR A 245 77.37 -15.12 -7.06
N ASP A 246 77.27 -13.82 -7.30
CA ASP A 246 76.37 -12.96 -6.53
C ASP A 246 74.91 -12.97 -6.99
N TYR A 247 74.68 -12.51 -8.23
CA TYR A 247 73.33 -12.49 -8.81
C TYR A 247 73.39 -12.94 -10.25
N TYR A 248 72.30 -13.53 -10.73
CA TYR A 248 72.20 -14.01 -12.11
C TYR A 248 72.21 -12.85 -13.10
N PRO A 249 72.92 -13.02 -14.23
CA PRO A 249 72.97 -11.97 -15.25
C PRO A 249 71.64 -12.04 -16.01
N ARG A 250 71.19 -10.92 -16.56
CA ARG A 250 69.91 -10.92 -17.27
C ARG A 250 69.87 -9.93 -18.42
N HIS A 251 69.02 -10.24 -19.38
CA HIS A 251 68.76 -9.31 -20.46
C HIS A 251 69.97 -8.87 -21.31
N LEU A 252 70.62 -9.79 -22.01
CA LEU A 252 71.75 -9.41 -22.86
C LEU A 252 71.23 -8.61 -24.07
N ASN A 253 72.01 -7.61 -24.49
CA ASN A 253 71.66 -6.82 -25.66
C ASN A 253 72.97 -6.36 -26.27
N THR A 254 72.99 -6.11 -27.57
CA THR A 254 74.21 -5.70 -28.23
C THR A 254 74.04 -4.73 -29.39
N ASP A 255 75.12 -4.01 -29.70
CA ASP A 255 75.13 -3.08 -30.81
C ASP A 255 76.00 -3.68 -31.90
N GLY A 256 76.33 -4.96 -31.72
CA GLY A 256 77.16 -5.66 -32.69
C GLY A 256 78.62 -5.71 -32.29
N ARG A 257 78.99 -4.91 -31.30
CA ARG A 257 80.38 -4.89 -30.87
C ARG A 257 80.49 -5.30 -29.40
N ARG A 258 79.73 -4.63 -28.54
CA ARG A 258 79.75 -4.93 -27.11
C ARG A 258 78.40 -5.48 -26.61
N ILE A 259 78.44 -6.17 -25.48
CA ILE A 259 77.22 -6.74 -24.90
C ILE A 259 76.93 -6.09 -23.56
N LEU A 260 75.69 -5.65 -23.39
CA LEU A 260 75.24 -5.01 -22.17
C LEU A 260 74.26 -5.94 -21.45
N PHE A 261 74.27 -5.90 -20.11
CA PHE A 261 73.37 -6.75 -19.34
C PHE A 261 73.15 -6.22 -17.92
N SER A 262 72.15 -6.72 -17.24
CA SER A 262 71.87 -6.28 -15.88
C SER A 262 72.14 -7.42 -14.91
N LYS A 263 72.54 -7.06 -13.68
CA LYS A 263 72.84 -8.05 -12.65
C LYS A 263 72.79 -7.42 -11.26
N GLY A 264 71.97 -7.99 -10.38
CA GLY A 264 71.87 -7.48 -9.02
C GLY A 264 71.62 -5.98 -8.88
N GLY A 265 70.88 -5.40 -9.82
CA GLY A 265 70.59 -3.97 -9.73
C GLY A 265 71.58 -3.05 -10.44
N SER A 266 72.64 -3.60 -11.01
CA SER A 266 73.62 -2.77 -11.72
C SER A 266 73.67 -3.13 -13.20
N ILE A 267 74.24 -2.22 -13.98
CA ILE A 267 74.38 -2.39 -15.43
C ILE A 267 75.85 -2.68 -15.73
N TYR A 268 76.10 -3.73 -16.51
CA TYR A 268 77.44 -4.11 -16.86
C TYR A 268 77.65 -4.25 -18.37
N ILE A 269 78.92 -4.20 -18.78
CA ILE A 269 79.27 -4.35 -20.18
C ILE A 269 80.25 -5.52 -20.33
N PHE A 270 79.98 -6.39 -21.29
CA PHE A 270 80.86 -7.51 -21.56
C PHE A 270 81.47 -7.31 -22.94
N ASN A 271 82.80 -7.24 -23.01
CA ASN A 271 83.51 -7.06 -24.27
C ASN A 271 83.92 -8.42 -24.82
N PRO A 272 83.24 -8.91 -25.87
CA PRO A 272 83.57 -10.21 -26.46
C PRO A 272 85.03 -10.29 -26.92
N ASP A 273 85.59 -9.15 -27.29
CA ASP A 273 86.97 -9.11 -27.75
C ASP A 273 87.94 -9.47 -26.64
N THR A 274 87.90 -8.67 -25.57
CA THR A 274 88.78 -8.83 -24.43
C THR A 274 88.27 -9.83 -23.41
N GLU A 275 86.96 -10.09 -23.45
CA GLU A 275 86.31 -10.99 -22.52
C GLU A 275 86.22 -10.30 -21.15
N LYS A 276 86.57 -9.02 -21.14
CA LYS A 276 86.54 -8.22 -19.92
C LYS A 276 85.12 -7.73 -19.61
N ILE A 277 84.82 -7.67 -18.31
CA ILE A 277 83.52 -7.23 -17.80
C ILE A 277 83.70 -5.96 -16.97
N GLU A 278 82.96 -4.91 -17.32
CA GLU A 278 83.04 -3.66 -16.59
C GLU A 278 81.68 -3.18 -16.10
N LYS A 279 81.65 -2.75 -14.84
CA LYS A 279 80.44 -2.24 -14.25
C LYS A 279 80.33 -0.77 -14.60
N ILE A 280 79.17 -0.35 -15.05
CA ILE A 280 78.97 1.05 -15.40
C ILE A 280 78.57 1.80 -14.13
N GLU A 281 79.26 2.91 -13.88
CA GLU A 281 79.00 3.73 -12.71
C GLU A 281 77.92 4.75 -13.03
N ILE A 282 76.72 4.53 -12.52
CA ILE A 282 75.62 5.45 -12.79
C ILE A 282 75.23 6.32 -11.61
N GLY A 283 75.21 5.75 -10.40
CA GLY A 283 74.87 6.57 -9.24
C GLY A 283 73.39 6.79 -8.97
N ASP A 284 73.10 7.58 -7.93
CA ASP A 284 71.74 7.88 -7.51
C ASP A 284 70.92 8.63 -8.55
N LEU A 285 69.89 7.97 -9.06
CA LEU A 285 69.03 8.54 -10.10
C LEU A 285 67.72 9.17 -9.64
N GLU A 286 66.94 8.45 -8.84
CA GLU A 286 65.66 9.00 -8.43
C GLU A 286 65.12 8.43 -7.12
N SER A 287 64.65 9.32 -6.27
CA SER A 287 64.11 8.93 -4.99
C SER A 287 62.75 9.60 -4.81
N PRO A 288 61.66 8.91 -5.19
CA PRO A 288 60.33 9.51 -5.04
C PRO A 288 59.88 9.55 -3.59
N GLU A 289 58.83 10.33 -3.34
CA GLU A 289 58.27 10.48 -2.01
C GLU A 289 58.00 9.09 -1.42
N ASP A 290 58.50 8.86 -0.22
CA ASP A 290 58.32 7.57 0.43
C ASP A 290 56.97 7.39 1.09
N ARG A 291 56.43 8.47 1.66
CA ARG A 291 55.15 8.44 2.36
C ARG A 291 54.00 8.55 1.36
N ILE A 292 53.31 7.44 1.13
CA ILE A 292 52.21 7.41 0.17
C ILE A 292 50.79 7.29 0.76
N ILE A 293 49.82 7.61 -0.09
CA ILE A 293 48.42 7.56 0.28
C ILE A 293 47.68 6.56 -0.61
N SER A 294 46.84 5.74 0.00
CA SER A 294 46.09 4.72 -0.73
C SER A 294 44.60 4.77 -0.36
N ILE A 295 43.75 4.33 -1.28
CA ILE A 295 42.32 4.29 -1.04
C ILE A 295 42.06 3.03 -0.21
N PRO A 296 41.46 3.19 0.98
CA PRO A 296 41.18 2.05 1.86
C PRO A 296 40.41 0.89 1.24
N SER A 297 39.29 1.19 0.57
CA SER A 297 38.51 0.12 -0.02
C SER A 297 39.29 -0.75 -1.00
N LYS A 298 40.35 -0.22 -1.59
CA LYS A 298 41.13 -1.00 -2.54
C LYS A 298 42.04 -2.08 -1.96
N PHE A 299 42.22 -2.11 -0.64
CA PHE A 299 43.05 -3.15 -0.04
C PHE A 299 42.37 -3.69 1.19
N ALA A 300 41.07 -3.42 1.27
CA ALA A 300 40.25 -3.86 2.39
C ALA A 300 40.24 -5.37 2.57
N GLU A 301 40.06 -5.76 3.82
CA GLU A 301 39.99 -7.16 4.24
C GLU A 301 39.16 -7.12 5.53
N ASP A 302 38.87 -8.29 6.06
CA ASP A 302 38.18 -8.42 7.34
C ASP A 302 37.39 -7.18 7.81
N PHE A 303 36.08 -7.15 7.60
CA PHE A 303 35.25 -6.04 8.08
C PHE A 303 34.39 -6.66 9.18
N SER A 304 34.22 -5.99 10.30
CA SER A 304 33.46 -6.57 11.40
C SER A 304 32.68 -5.55 12.25
N PRO A 305 31.51 -5.96 12.78
CA PRO A 305 30.72 -5.04 13.61
C PRO A 305 31.19 -4.97 15.05
N LEU A 306 31.13 -3.78 15.62
CA LEU A 306 31.53 -3.54 17.01
C LEU A 306 30.31 -2.97 17.73
N ASP A 307 30.40 -2.83 19.05
CA ASP A 307 29.30 -2.28 19.83
C ASP A 307 29.14 -0.79 19.51
N GLY A 308 28.01 -0.22 19.92
CA GLY A 308 27.77 1.18 19.67
C GLY A 308 27.63 1.54 18.20
N ASP A 309 27.37 0.54 17.36
CA ASP A 309 27.17 0.76 15.93
C ASP A 309 28.49 1.13 15.23
N LEU A 310 29.60 0.77 15.83
CA LEU A 310 30.89 1.06 15.23
C LEU A 310 31.27 -0.14 14.38
N ILE A 311 32.30 0.03 13.56
CA ILE A 311 32.76 -1.03 12.71
C ILE A 311 34.27 -1.14 12.81
N ALA A 312 34.77 -2.32 12.50
CA ALA A 312 36.20 -2.56 12.48
C ALA A 312 36.51 -3.06 11.08
N PHE A 313 37.63 -2.64 10.52
CA PHE A 313 38.03 -3.13 9.21
C PHE A 313 39.54 -3.03 9.04
N VAL A 314 40.08 -4.00 8.32
CA VAL A 314 41.50 -4.10 8.08
C VAL A 314 41.78 -3.79 6.62
N SER A 315 42.85 -3.06 6.37
CA SER A 315 43.22 -2.70 5.01
C SER A 315 44.70 -2.44 4.88
N ARG A 316 45.33 -3.10 3.92
CA ARG A 316 46.75 -2.92 3.69
C ARG A 316 47.52 -3.10 5.01
N GLY A 317 47.12 -4.10 5.77
CA GLY A 317 47.80 -4.42 7.02
C GLY A 317 47.56 -3.47 8.18
N GLN A 318 46.66 -2.51 7.98
CA GLN A 318 46.34 -1.55 9.03
C GLN A 318 44.90 -1.82 9.47
N ALA A 319 44.57 -1.42 10.69
CA ALA A 319 43.24 -1.66 11.21
C ALA A 319 42.63 -0.37 11.73
N PHE A 320 41.32 -0.24 11.53
CA PHE A 320 40.59 0.95 11.93
C PHE A 320 39.26 0.66 12.62
N ILE A 321 38.87 1.58 13.48
CA ILE A 321 37.61 1.50 14.21
C ILE A 321 36.92 2.76 13.71
N GLN A 322 35.69 2.66 13.27
CA GLN A 322 35.03 3.83 12.73
C GLN A 322 33.51 3.73 12.76
N ASP A 323 32.86 4.88 12.59
CA ASP A 323 31.42 4.89 12.56
C ASP A 323 31.10 4.42 11.16
N VAL A 324 29.83 4.15 10.88
CA VAL A 324 29.43 3.67 9.57
C VAL A 324 29.75 4.63 8.43
N SER A 325 29.63 5.93 8.68
CA SER A 325 29.90 6.94 7.66
C SER A 325 31.37 7.18 7.40
N GLY A 326 32.23 6.64 8.25
CA GLY A 326 33.66 6.86 8.07
C GLY A 326 34.05 8.30 8.32
N THR A 327 33.31 8.98 9.18
CA THR A 327 33.62 10.36 9.53
C THR A 327 34.49 10.36 10.78
N TYR A 328 34.20 9.44 11.71
CA TYR A 328 34.99 9.31 12.93
C TYR A 328 35.82 8.03 12.78
N VAL A 329 37.12 8.20 12.55
CA VAL A 329 38.00 7.06 12.32
C VAL A 329 39.20 7.03 13.26
N LEU A 330 39.48 5.85 13.81
CA LEU A 330 40.61 5.64 14.72
C LEU A 330 41.48 4.51 14.17
N LYS A 331 42.76 4.79 13.94
CA LYS A 331 43.65 3.74 13.47
C LYS A 331 44.16 3.00 14.70
N VAL A 332 44.22 1.68 14.63
CA VAL A 332 44.75 0.89 15.73
C VAL A 332 46.25 1.17 15.79
N PRO A 333 46.74 1.65 16.95
CA PRO A 333 48.16 1.97 17.17
C PRO A 333 49.15 0.80 17.22
N GLU A 334 49.29 0.09 16.10
CA GLU A 334 50.20 -1.04 16.01
C GLU A 334 50.87 -1.05 14.64
N PRO A 335 52.17 -1.41 14.60
CA PRO A 335 52.93 -1.46 13.34
C PRO A 335 52.33 -2.45 12.35
N LEU A 336 52.97 -2.57 11.19
CA LEU A 336 52.51 -3.44 10.12
C LEU A 336 52.11 -4.89 10.33
N ARG A 337 51.10 -5.21 9.55
CA ARG A 337 50.40 -6.48 9.44
C ARG A 337 49.52 -6.96 10.56
N ILE A 338 48.44 -6.23 10.74
CA ILE A 338 47.40 -6.59 11.66
C ILE A 338 46.64 -7.50 10.69
N ARG A 339 46.46 -8.77 11.05
CA ARG A 339 45.78 -9.71 10.17
C ARG A 339 44.28 -9.81 10.41
N TYR A 340 43.86 -9.80 11.67
CA TYR A 340 42.45 -9.89 12.00
C TYR A 340 42.13 -8.99 13.19
N VAL A 341 40.86 -8.60 13.29
CA VAL A 341 40.37 -7.74 14.35
C VAL A 341 38.95 -8.22 14.69
N ARG A 342 38.69 -8.38 15.98
CA ARG A 342 37.39 -8.85 16.44
C ARG A 342 36.95 -8.14 17.70
N ARG A 343 35.64 -7.97 17.85
CA ARG A 343 35.07 -7.34 19.04
C ARG A 343 35.55 -8.09 20.28
N GLY A 344 36.08 -7.35 21.26
CA GLY A 344 36.58 -7.98 22.47
C GLY A 344 35.90 -7.48 23.73
N GLY A 345 35.10 -6.43 23.60
CA GLY A 345 34.40 -5.87 24.74
C GLY A 345 33.65 -4.60 24.36
N ASP A 346 33.17 -3.87 25.35
CA ASP A 346 32.42 -2.63 25.12
C ASP A 346 33.12 -1.65 24.19
N THR A 347 34.39 -1.39 24.47
CA THR A 347 35.19 -0.48 23.67
C THR A 347 36.54 -1.14 23.44
N LYS A 348 36.51 -2.47 23.34
CA LYS A 348 37.74 -3.22 23.13
C LYS A 348 37.69 -4.13 21.92
N VAL A 349 38.85 -4.35 21.32
CA VAL A 349 38.94 -5.21 20.18
C VAL A 349 40.21 -6.04 20.29
N ALA A 350 40.11 -7.31 19.88
CA ALA A 350 41.26 -8.21 19.89
C ALA A 350 41.76 -8.25 18.44
N PHE A 351 43.06 -8.49 18.26
CA PHE A 351 43.61 -8.55 16.92
C PHE A 351 44.81 -9.47 16.83
N ILE A 352 45.10 -9.90 15.61
CA ILE A 352 46.24 -10.73 15.36
C ILE A 352 47.25 -9.83 14.66
N HIS A 353 48.46 -9.80 15.21
CA HIS A 353 49.55 -9.01 14.68
C HIS A 353 50.62 -9.98 14.17
N GLY A 354 50.99 -9.84 12.91
CA GLY A 354 51.97 -10.71 12.32
C GLY A 354 53.29 -10.00 12.08
N THR A 355 54.37 -10.73 12.36
CA THR A 355 55.72 -10.24 12.18
C THR A 355 56.49 -11.34 11.47
N ARG A 356 57.76 -11.09 11.21
CA ARG A 356 58.58 -12.07 10.54
C ARG A 356 58.69 -13.35 11.40
N GLU A 357 58.47 -13.23 12.70
CA GLU A 357 58.57 -14.38 13.60
C GLU A 357 57.30 -15.22 13.69
N GLY A 358 56.16 -14.64 13.36
CA GLY A 358 54.92 -15.38 13.42
C GLY A 358 53.76 -14.48 13.78
N ASP A 359 52.65 -15.07 14.21
CA ASP A 359 51.47 -14.27 14.54
C ASP A 359 51.26 -14.21 16.05
N PHE A 360 50.82 -13.04 16.52
CA PHE A 360 50.61 -12.85 17.95
C PHE A 360 49.24 -12.23 18.22
N LEU A 361 48.73 -12.41 19.44
CA LEU A 361 47.45 -11.85 19.83
C LEU A 361 47.68 -10.54 20.59
N GLY A 362 46.77 -9.61 20.38
CA GLY A 362 46.86 -8.33 21.05
C GLY A 362 45.47 -7.83 21.36
N ILE A 363 45.38 -6.83 22.22
CA ILE A 363 44.11 -6.26 22.59
C ILE A 363 44.28 -4.75 22.55
N TYR A 364 43.23 -4.07 22.13
CA TYR A 364 43.25 -2.63 22.04
C TYR A 364 41.94 -2.03 22.50
N ASP A 365 42.02 -1.10 23.45
CA ASP A 365 40.84 -0.42 23.97
C ASP A 365 40.77 0.94 23.27
N TYR A 366 39.83 1.09 22.34
CA TYR A 366 39.73 2.35 21.62
C TYR A 366 39.20 3.53 22.44
N ARG A 367 38.66 3.26 23.62
CA ARG A 367 38.17 4.36 24.45
C ARG A 367 39.33 5.01 25.19
N THR A 368 40.10 4.20 25.90
CA THR A 368 41.22 4.68 26.67
C THR A 368 42.47 4.83 25.80
N GLY A 369 42.57 3.98 24.77
CA GLY A 369 43.73 4.03 23.90
C GLY A 369 44.85 3.11 24.32
N LYS A 370 44.61 2.28 25.34
CA LYS A 370 45.62 1.35 25.81
C LYS A 370 45.67 0.09 24.93
N ALA A 371 46.85 -0.21 24.39
CA ALA A 371 47.02 -1.38 23.53
C ALA A 371 48.07 -2.30 24.12
N GLU A 372 47.79 -3.60 24.14
CA GLU A 372 48.73 -4.58 24.68
C GLU A 372 48.85 -5.76 23.72
N LYS A 373 50.05 -6.31 23.62
CA LYS A 373 50.30 -7.45 22.77
C LYS A 373 50.94 -8.53 23.61
N PHE A 374 50.49 -9.76 23.43
CA PHE A 374 51.05 -10.87 24.18
C PHE A 374 52.23 -11.41 23.38
N GLU A 375 53.20 -12.00 24.07
CA GLU A 375 54.39 -12.52 23.41
C GLU A 375 54.30 -13.94 22.88
N GLU A 376 53.22 -14.65 23.18
CA GLU A 376 53.08 -16.02 22.71
C GLU A 376 52.94 -16.10 21.18
N ASN A 377 53.86 -16.81 20.55
CA ASN A 377 53.85 -17.00 19.11
C ASN A 377 52.80 -18.06 18.83
N LEU A 378 51.75 -17.67 18.11
CA LEU A 378 50.66 -18.59 17.79
C LEU A 378 50.83 -19.31 16.46
N GLY A 379 51.97 -19.07 15.81
CA GLY A 379 52.21 -19.69 14.51
C GLY A 379 51.59 -18.82 13.44
N ASN A 380 51.16 -19.43 12.35
CA ASN A 380 50.51 -18.68 11.26
C ASN A 380 49.00 -18.89 11.45
N VAL A 381 48.36 -17.86 11.99
CA VAL A 381 46.93 -17.87 12.29
C VAL A 381 46.04 -17.57 11.08
N PHE A 382 44.97 -18.33 10.92
CA PHE A 382 44.06 -18.11 9.80
C PHE A 382 42.61 -17.89 10.22
N ALA A 383 42.37 -17.88 11.54
CA ALA A 383 41.03 -17.66 12.07
C ALA A 383 41.12 -17.26 13.54
N MET A 384 40.28 -16.32 13.94
CA MET A 384 40.26 -15.87 15.32
C MET A 384 38.88 -15.38 15.74
N GLY A 385 38.48 -15.74 16.95
CA GLY A 385 37.19 -15.33 17.47
C GLY A 385 37.34 -15.06 18.95
N VAL A 386 36.40 -14.30 19.52
CA VAL A 386 36.45 -13.98 20.94
C VAL A 386 35.14 -14.34 21.59
N ASP A 387 35.18 -14.88 22.81
CA ASP A 387 33.94 -15.23 23.47
C ASP A 387 33.20 -13.94 23.77
N ARG A 388 31.90 -14.05 23.96
CA ARG A 388 31.06 -12.88 24.21
C ARG A 388 31.36 -12.18 25.53
N ASN A 389 31.97 -12.86 26.49
CA ASN A 389 32.28 -12.24 27.76
C ASN A 389 33.70 -11.66 27.79
N GLY A 390 34.40 -11.76 26.65
CA GLY A 390 35.74 -11.22 26.54
C GLY A 390 36.82 -11.77 27.46
N LYS A 391 36.72 -13.06 27.81
CA LYS A 391 37.73 -13.65 28.66
C LYS A 391 38.78 -14.42 27.85
N PHE A 392 38.40 -14.93 26.69
CA PHE A 392 39.35 -15.68 25.89
C PHE A 392 39.04 -15.61 24.41
N ALA A 393 40.06 -15.88 23.61
CA ALA A 393 39.91 -15.90 22.17
C ALA A 393 40.15 -17.33 21.74
N VAL A 394 39.64 -17.67 20.55
CA VAL A 394 39.84 -18.97 19.94
C VAL A 394 40.63 -18.69 18.65
N VAL A 395 41.69 -19.46 18.45
CA VAL A 395 42.57 -19.29 17.30
C VAL A 395 42.85 -20.59 16.57
N ALA A 396 43.09 -20.49 15.26
CA ALA A 396 43.41 -21.64 14.45
C ALA A 396 44.65 -21.31 13.61
N ASN A 397 45.62 -22.21 13.57
CA ASN A 397 46.84 -21.95 12.82
C ASN A 397 47.12 -23.03 11.76
N ASP A 398 48.19 -22.85 11.00
CA ASP A 398 48.53 -23.81 9.96
C ASP A 398 49.22 -25.07 10.50
N ARG A 399 49.21 -25.20 11.82
CA ARG A 399 49.73 -26.39 12.49
C ARG A 399 48.52 -27.35 12.57
N PHE A 400 47.34 -26.83 12.23
CA PHE A 400 46.07 -27.57 12.26
C PHE A 400 45.54 -27.65 13.68
N GLU A 401 45.96 -26.71 14.51
CA GLU A 401 45.51 -26.67 15.90
C GLU A 401 44.43 -25.62 16.09
N ILE A 402 43.52 -25.90 17.01
CA ILE A 402 42.53 -24.91 17.40
C ILE A 402 42.92 -24.77 18.87
N MET A 403 42.90 -23.55 19.39
CA MET A 403 43.31 -23.31 20.76
C MET A 403 42.63 -22.08 21.33
N THR A 404 42.64 -21.99 22.66
CA THR A 404 42.08 -20.82 23.32
C THR A 404 43.28 -20.02 23.81
N VAL A 405 43.09 -18.73 23.99
CA VAL A 405 44.15 -17.87 24.48
C VAL A 405 43.56 -16.94 25.51
N ASP A 406 44.03 -17.05 26.75
CA ASP A 406 43.52 -16.21 27.81
C ASP A 406 43.75 -14.75 27.44
N LEU A 407 42.71 -13.93 27.51
CA LEU A 407 42.86 -12.52 27.15
C LEU A 407 43.46 -11.70 28.27
N GLU A 408 43.76 -12.35 29.39
CA GLU A 408 44.33 -11.65 30.53
C GLU A 408 45.80 -12.02 30.70
N THR A 409 46.12 -13.30 30.59
CA THR A 409 47.49 -13.78 30.74
C THR A 409 48.14 -14.11 29.41
N GLY A 410 47.35 -14.16 28.35
CA GLY A 410 47.89 -14.46 27.04
C GLY A 410 48.29 -15.92 26.89
N LYS A 411 48.00 -16.73 27.91
CA LYS A 411 48.33 -18.14 27.89
C LYS A 411 47.45 -18.95 26.93
N PRO A 412 48.08 -19.58 25.92
CA PRO A 412 47.34 -20.39 24.96
C PRO A 412 47.19 -21.84 25.43
N THR A 413 46.08 -22.47 25.05
CA THR A 413 45.83 -23.85 25.42
C THR A 413 45.29 -24.56 24.18
N VAL A 414 46.07 -25.51 23.67
CA VAL A 414 45.66 -26.28 22.49
C VAL A 414 44.48 -27.18 22.85
N ILE A 415 43.39 -27.06 22.10
CA ILE A 415 42.23 -27.88 22.35
C ILE A 415 42.38 -29.21 21.64
N GLU A 416 42.65 -29.13 20.34
CA GLU A 416 42.79 -30.32 19.54
C GLU A 416 43.57 -29.98 18.28
N ARG A 417 44.17 -30.99 17.66
CA ARG A 417 44.93 -30.79 16.46
C ARG A 417 44.55 -31.79 15.38
N SER A 418 44.20 -31.28 14.21
CA SER A 418 43.83 -32.14 13.09
C SER A 418 45.11 -32.52 12.38
N ARG A 419 45.13 -33.66 11.72
CA ARG A 419 46.33 -34.01 10.99
C ARG A 419 46.05 -33.87 9.48
N GLU A 420 44.89 -33.29 9.15
CA GLU A 420 44.48 -33.12 7.76
C GLU A 420 44.43 -31.70 7.23
N ALA A 421 43.80 -30.80 7.96
CA ALA A 421 43.65 -29.41 7.50
C ALA A 421 43.35 -28.51 8.68
N MET A 422 43.36 -27.21 8.45
CA MET A 422 43.08 -26.25 9.52
C MET A 422 41.65 -26.35 10.07
N ILE A 423 41.53 -25.95 11.34
CA ILE A 423 40.28 -25.95 12.08
C ILE A 423 39.79 -24.49 12.13
N THR A 424 39.38 -23.95 10.99
CA THR A 424 38.94 -22.56 10.90
C THR A 424 37.45 -22.32 11.11
N ASP A 425 36.65 -23.37 11.10
CA ASP A 425 35.20 -23.26 11.29
C ASP A 425 34.84 -23.61 12.76
N PHE A 426 34.66 -22.57 13.59
CA PHE A 426 34.35 -22.77 15.00
C PHE A 426 33.43 -21.68 15.54
N THR A 427 32.81 -21.96 16.69
CA THR A 427 31.89 -21.00 17.31
C THR A 427 31.96 -21.16 18.83
N ILE A 428 31.59 -20.11 19.55
CA ILE A 428 31.62 -20.15 21.01
C ILE A 428 30.25 -19.88 21.58
N SER A 429 29.80 -20.73 22.51
CA SER A 429 28.48 -20.56 23.13
C SER A 429 28.40 -19.23 23.87
N ASP A 430 27.19 -18.66 23.96
CA ASP A 430 27.03 -17.37 24.63
C ASP A 430 27.44 -17.34 26.09
N ASN A 431 27.34 -18.48 26.78
CA ASN A 431 27.74 -18.52 28.18
C ASN A 431 29.23 -18.88 28.30
N SER A 432 29.94 -18.85 27.17
CA SER A 432 31.37 -19.12 27.10
C SER A 432 31.81 -20.50 27.59
N ARG A 433 30.88 -21.44 27.67
CA ARG A 433 31.23 -22.77 28.15
C ARG A 433 31.67 -23.81 27.10
N PHE A 434 31.11 -23.73 25.90
CA PHE A 434 31.46 -24.69 24.86
C PHE A 434 32.03 -24.05 23.59
N ILE A 435 32.85 -24.84 22.91
CA ILE A 435 33.45 -24.41 21.65
C ILE A 435 33.17 -25.56 20.68
N ALA A 436 32.38 -25.29 19.65
CA ALA A 436 32.06 -26.30 18.67
C ALA A 436 32.85 -25.97 17.41
N TYR A 437 33.42 -26.98 16.78
CA TYR A 437 34.23 -26.76 15.59
C TYR A 437 34.25 -27.96 14.64
N GLY A 438 34.40 -27.67 13.34
CA GLY A 438 34.48 -28.71 12.33
C GLY A 438 35.88 -29.31 12.39
N PHE A 439 35.95 -30.62 12.59
CA PHE A 439 37.23 -31.30 12.71
C PHE A 439 37.57 -32.18 11.50
N PRO A 440 38.52 -31.71 10.65
CA PRO A 440 38.88 -32.52 9.49
C PRO A 440 39.64 -33.78 9.89
N LEU A 441 39.31 -34.88 9.21
CA LEU A 441 39.91 -36.17 9.51
C LEU A 441 39.81 -37.10 8.32
N LYS A 442 40.60 -38.18 8.38
CA LYS A 442 40.61 -39.24 7.37
C LYS A 442 40.68 -40.57 8.13
N HIS A 443 40.09 -41.62 7.59
CA HIS A 443 40.13 -42.92 8.24
C HIS A 443 41.56 -43.45 8.08
N GLY A 444 42.09 -43.29 6.87
CA GLY A 444 43.43 -43.75 6.58
C GLY A 444 44.24 -42.64 5.97
N GLU A 445 45.56 -42.77 6.06
CA GLU A 445 46.49 -41.79 5.52
C GLU A 445 46.30 -41.51 4.02
N THR A 446 46.00 -42.54 3.24
CA THR A 446 45.86 -42.33 1.82
C THR A 446 44.44 -42.23 1.28
N ASP A 447 43.51 -41.78 2.13
CA ASP A 447 42.12 -41.63 1.70
C ASP A 447 42.01 -40.46 0.72
N GLY A 448 41.13 -40.61 -0.26
CA GLY A 448 40.93 -39.56 -1.24
C GLY A 448 40.08 -38.42 -0.73
N TYR A 449 39.30 -38.67 0.31
CA TYR A 449 38.43 -37.63 0.85
C TYR A 449 38.65 -37.33 2.33
N VAL A 450 38.66 -36.05 2.65
CA VAL A 450 38.82 -35.61 4.03
C VAL A 450 37.43 -35.35 4.56
N MET A 451 37.08 -36.06 5.61
CA MET A 451 35.78 -35.90 6.25
C MET A 451 35.87 -34.80 7.27
N GLN A 452 34.71 -34.36 7.76
CA GLN A 452 34.69 -33.32 8.77
C GLN A 452 33.53 -33.59 9.72
N ALA A 453 33.86 -33.81 10.97
CA ALA A 453 32.89 -34.05 12.02
C ALA A 453 32.90 -32.85 12.95
N ILE A 454 31.77 -32.56 13.57
CA ILE A 454 31.72 -31.46 14.51
C ILE A 454 32.17 -31.98 15.87
N HIS A 455 33.10 -31.28 16.50
CA HIS A 455 33.57 -31.66 17.84
C HIS A 455 33.18 -30.53 18.77
N VAL A 456 32.87 -30.86 20.02
CA VAL A 456 32.51 -29.83 20.98
C VAL A 456 33.42 -29.92 22.19
N TYR A 457 34.03 -28.80 22.54
CA TYR A 457 34.94 -28.71 23.67
C TYR A 457 34.24 -28.07 24.87
N ASP A 458 34.25 -28.76 26.00
CA ASP A 458 33.64 -28.24 27.22
C ASP A 458 34.73 -27.62 28.09
N MET A 459 34.69 -26.30 28.22
CA MET A 459 35.66 -25.55 29.03
C MET A 459 35.67 -26.08 30.47
N GLU A 460 34.52 -26.55 30.95
CA GLU A 460 34.44 -27.11 32.30
C GLU A 460 34.73 -28.59 32.21
N GLY A 461 35.96 -28.96 32.52
CA GLY A 461 36.33 -30.36 32.45
C GLY A 461 37.37 -30.54 31.36
N ARG A 462 37.37 -29.60 30.42
CA ARG A 462 38.33 -29.62 29.33
C ARG A 462 38.31 -30.94 28.56
N LYS A 463 37.11 -31.40 28.23
CA LYS A 463 36.98 -32.65 27.49
C LYS A 463 36.32 -32.38 26.14
N ILE A 464 36.65 -33.23 25.16
CA ILE A 464 36.12 -33.11 23.81
C ILE A 464 35.06 -34.16 23.56
N PHE A 465 33.94 -33.73 22.97
CA PHE A 465 32.82 -34.63 22.66
C PHE A 465 32.50 -34.57 21.17
N ALA A 466 32.14 -35.71 20.60
CA ALA A 466 31.79 -35.77 19.19
C ALA A 466 30.32 -35.43 19.02
N ALA A 467 30.04 -34.39 18.23
CA ALA A 467 28.65 -34.00 18.00
C ALA A 467 28.10 -34.71 16.78
N THR A 468 28.97 -35.12 15.87
CA THR A 468 28.51 -35.79 14.66
C THR A 468 29.41 -36.97 14.30
N THR A 469 28.88 -37.90 13.49
CA THR A 469 29.66 -39.06 13.05
C THR A 469 30.71 -38.58 12.03
N GLU A 470 31.64 -39.45 11.70
CA GLU A 470 32.74 -39.10 10.79
C GLU A 470 32.52 -39.53 9.34
N ASN A 471 31.27 -39.64 8.92
CA ASN A 471 30.97 -40.10 7.57
C ASN A 471 30.79 -39.11 6.43
N SER A 472 30.67 -37.83 6.73
CA SER A 472 30.53 -36.87 5.64
C SER A 472 31.22 -35.56 5.98
N HIS A 473 30.58 -34.44 5.67
CA HIS A 473 31.15 -33.12 5.93
C HIS A 473 30.12 -32.31 6.73
N ASP A 474 30.41 -32.07 8.00
CA ASP A 474 29.55 -31.32 8.91
C ASP A 474 30.23 -29.98 9.19
N TYR A 475 29.46 -28.91 9.15
CA TYR A 475 30.08 -27.61 9.31
C TYR A 475 29.16 -26.53 9.89
N ALA A 476 29.67 -25.30 9.89
CA ALA A 476 28.92 -24.13 10.37
C ALA A 476 28.18 -24.29 11.72
N PRO A 477 28.86 -24.79 12.76
CA PRO A 477 28.14 -24.93 14.04
C PRO A 477 27.72 -23.57 14.61
N ALA A 478 26.56 -23.55 15.26
CA ALA A 478 26.06 -22.32 15.87
C ALA A 478 25.14 -22.67 17.04
N PHE A 479 25.46 -22.16 18.23
CA PHE A 479 24.63 -22.41 19.42
C PHE A 479 23.50 -21.39 19.45
N ASP A 480 22.39 -21.72 20.09
CA ASP A 480 21.30 -20.76 20.20
C ASP A 480 21.65 -19.84 21.38
N ALA A 481 20.97 -18.71 21.47
CA ALA A 481 21.26 -17.74 22.53
C ALA A 481 21.32 -18.31 23.95
N ASP A 482 20.41 -19.22 24.28
CA ASP A 482 20.38 -19.80 25.62
C ASP A 482 21.40 -20.90 25.85
N SER A 483 22.25 -21.16 24.86
CA SER A 483 23.25 -22.21 24.98
C SER A 483 22.61 -23.57 25.34
N LYS A 484 21.50 -23.91 24.71
CA LYS A 484 20.83 -25.19 25.00
C LYS A 484 20.81 -26.16 23.83
N ASN A 485 21.02 -25.65 22.63
CA ASN A 485 21.03 -26.47 21.44
C ASN A 485 22.16 -26.06 20.51
N LEU A 486 22.74 -27.04 19.82
CA LEU A 486 23.80 -26.76 18.87
C LEU A 486 23.23 -27.04 17.49
N TYR A 487 23.25 -26.03 16.63
CA TYR A 487 22.76 -26.15 15.27
C TYR A 487 23.96 -26.26 14.35
N TYR A 488 23.74 -26.87 13.19
CA TYR A 488 24.81 -27.00 12.22
C TYR A 488 24.27 -27.46 10.87
N LEU A 489 25.15 -27.46 9.87
CA LEU A 489 24.80 -27.88 8.52
C LEU A 489 25.63 -29.10 8.13
N SER A 490 25.11 -29.89 7.20
CA SER A 490 25.79 -31.09 6.71
C SER A 490 25.46 -31.23 5.23
N TYR A 491 26.32 -31.94 4.51
CA TYR A 491 26.09 -32.22 3.10
C TYR A 491 25.75 -33.69 3.08
N ARG A 492 24.81 -34.06 3.94
CA ARG A 492 24.40 -35.45 4.09
C ARG A 492 23.15 -35.88 3.33
N SER A 493 22.33 -34.90 2.91
CA SER A 493 21.10 -35.23 2.22
C SER A 493 21.30 -35.60 0.76
N LEU A 494 22.02 -36.69 0.52
CA LEU A 494 22.30 -37.13 -0.84
C LEU A 494 21.02 -37.31 -1.67
N ASP A 495 21.00 -36.67 -2.83
CA ASP A 495 19.89 -36.73 -3.78
C ASP A 495 20.59 -36.24 -5.05
N PRO A 496 20.65 -37.08 -6.09
CA PRO A 496 21.34 -36.61 -7.28
C PRO A 496 20.58 -35.68 -8.24
N SER A 497 21.32 -34.80 -8.89
CA SER A 497 20.75 -33.88 -9.88
C SER A 497 21.31 -34.32 -11.22
N PRO A 498 20.52 -34.23 -12.31
CA PRO A 498 21.05 -34.66 -13.60
C PRO A 498 21.78 -33.61 -14.41
N ASP A 499 22.82 -34.05 -15.10
CA ASP A 499 23.60 -33.19 -15.98
C ASP A 499 22.67 -33.04 -17.20
N ARG A 500 22.61 -31.85 -17.78
CA ARG A 500 21.74 -31.59 -18.93
C ARG A 500 22.38 -31.86 -20.28
N VAL A 501 23.68 -32.07 -20.31
CA VAL A 501 24.38 -32.29 -21.54
C VAL A 501 24.96 -33.70 -21.64
N VAL A 502 25.58 -34.15 -20.56
CA VAL A 502 26.22 -35.47 -20.52
C VAL A 502 25.49 -36.44 -19.59
N LEU A 503 25.62 -37.74 -19.84
CA LEU A 503 24.99 -38.72 -18.95
C LEU A 503 25.85 -38.63 -17.69
N ASN A 504 25.32 -37.96 -16.69
CA ASN A 504 26.07 -37.73 -15.47
C ASN A 504 25.10 -37.20 -14.43
N PHE A 505 25.46 -37.34 -13.16
CA PHE A 505 24.67 -36.82 -12.05
C PHE A 505 25.63 -36.27 -11.00
N SER A 506 25.15 -35.36 -10.17
CA SER A 506 26.00 -34.80 -9.13
C SER A 506 25.15 -34.29 -7.99
N PHE A 507 25.77 -34.17 -6.82
CA PHE A 507 25.11 -33.70 -5.63
C PHE A 507 25.22 -32.19 -5.53
N GLU A 508 24.14 -31.53 -5.92
CA GLU A 508 24.03 -30.07 -5.97
C GLU A 508 23.25 -29.47 -4.81
N VAL A 509 22.14 -30.11 -4.46
CA VAL A 509 21.32 -29.61 -3.37
C VAL A 509 21.21 -30.68 -2.31
N VAL A 510 22.27 -30.80 -1.52
CA VAL A 510 22.30 -31.80 -0.47
C VAL A 510 22.68 -31.24 0.89
N SER A 511 22.57 -29.92 1.03
CA SER A 511 22.87 -29.29 2.30
C SER A 511 21.60 -29.23 3.13
N LYS A 512 21.72 -29.66 4.38
CA LYS A 512 20.57 -29.71 5.28
C LYS A 512 20.98 -29.31 6.70
N PRO A 513 20.14 -28.52 7.37
CA PRO A 513 20.53 -28.15 8.73
C PRO A 513 20.04 -29.18 9.75
N PHE A 514 20.82 -29.34 10.82
CA PHE A 514 20.48 -30.27 11.88
C PHE A 514 20.63 -29.56 13.22
N VAL A 515 20.08 -30.17 14.27
CA VAL A 515 20.19 -29.58 15.59
C VAL A 515 20.39 -30.67 16.64
N ILE A 516 21.17 -30.35 17.66
CA ILE A 516 21.45 -31.30 18.73
C ILE A 516 21.19 -30.67 20.09
N PRO A 517 20.12 -31.11 20.79
CA PRO A 517 19.85 -30.54 22.12
C PRO A 517 20.98 -30.96 23.07
N LEU A 518 21.54 -30.02 23.81
CA LEU A 518 22.65 -30.32 24.71
C LEU A 518 22.22 -31.02 25.99
N ILE A 519 20.91 -31.03 26.23
CA ILE A 519 20.33 -31.69 27.39
C ILE A 519 19.46 -32.85 26.89
N PRO A 520 19.88 -34.08 27.23
CA PRO A 520 19.19 -35.31 26.84
C PRO A 520 17.74 -35.27 27.28
N GLY A 521 16.84 -35.74 26.43
CA GLY A 521 15.43 -35.74 26.80
C GLY A 521 14.70 -34.53 26.24
N SER A 522 15.45 -33.48 25.93
CA SER A 522 14.86 -32.28 25.37
C SER A 522 14.73 -32.55 23.87
N PRO A 523 13.56 -32.29 23.28
CA PRO A 523 13.39 -32.54 21.85
C PRO A 523 13.90 -31.42 20.94
N ASN A 524 14.05 -31.73 19.66
CA ASN A 524 14.47 -30.78 18.64
C ASN A 524 13.52 -29.58 18.81
N PRO A 525 14.05 -28.38 19.12
CA PRO A 525 13.19 -27.20 19.29
C PRO A 525 12.34 -26.77 18.08
N THR A 526 12.75 -27.11 16.87
CA THR A 526 11.96 -26.73 15.70
C THR A 526 10.78 -27.68 15.47
N LYS A 527 10.71 -28.77 16.24
CA LYS A 527 9.60 -29.71 16.10
C LYS A 527 8.35 -29.22 16.81
N LEU A 528 8.49 -28.14 17.57
CA LEU A 528 7.38 -27.54 18.28
C LEU A 528 6.62 -28.46 19.21
N VAL A 529 7.31 -29.41 19.83
CA VAL A 529 6.67 -30.31 20.76
C VAL A 529 6.09 -29.47 21.89
N PRO A 530 4.80 -29.69 22.23
CA PRO A 530 4.22 -28.90 23.31
C PRO A 530 4.99 -29.10 24.61
N ARG A 531 5.24 -28.00 25.31
CA ARG A 531 5.97 -28.06 26.57
C ARG A 531 5.30 -28.97 27.60
N SER A 532 3.98 -28.82 27.73
CA SER A 532 3.19 -29.61 28.67
C SER A 532 3.27 -31.11 28.40
N MET A 533 3.73 -31.47 27.20
CA MET A 533 3.84 -32.87 26.81
C MET A 533 5.28 -33.33 26.80
N THR A 534 6.17 -32.47 27.29
CA THR A 534 7.58 -32.80 27.35
C THR A 534 8.04 -32.72 28.79
N SER A 535 8.72 -33.76 29.25
CA SER A 535 9.23 -33.76 30.61
C SER A 535 10.54 -32.97 30.56
N GLU A 536 10.47 -31.67 30.83
CA GLU A 536 11.64 -30.80 30.79
C GLU A 536 12.71 -31.17 31.82
N ALA A 537 13.53 -30.20 32.19
CA ALA A 537 14.60 -30.39 33.16
C ALA A 537 15.77 -31.12 32.53
N GLY A 538 16.68 -31.57 33.38
CA GLY A 538 17.84 -32.29 32.92
C GLY A 538 19.07 -31.39 32.92
N GLU A 539 20.23 -31.99 33.11
CA GLU A 539 21.51 -31.27 33.13
C GLU A 539 22.25 -31.48 31.79
N TYR A 540 23.21 -30.62 31.50
CA TYR A 540 23.99 -30.78 30.27
C TYR A 540 24.62 -32.16 30.30
N ASP A 541 24.71 -32.79 29.13
CA ASP A 541 25.32 -34.11 29.01
C ASP A 541 25.64 -34.26 27.52
N LEU A 542 26.89 -34.00 27.16
CA LEU A 542 27.33 -34.07 25.77
C LEU A 542 27.68 -35.46 25.27
N ASN A 543 27.57 -36.47 26.13
CA ASN A 543 27.87 -37.82 25.69
C ASN A 543 26.85 -38.29 24.67
N ASP A 544 27.30 -39.04 23.67
CA ASP A 544 26.45 -39.58 22.61
C ASP A 544 25.53 -38.55 21.99
N MET A 545 25.99 -37.32 21.86
CA MET A 545 25.09 -36.33 21.28
C MET A 545 24.77 -36.53 19.80
N TYR A 546 25.61 -37.26 19.07
CA TYR A 546 25.32 -37.50 17.65
C TYR A 546 24.09 -38.40 17.51
N LYS A 547 23.88 -39.25 18.51
CA LYS A 547 22.71 -40.14 18.48
C LYS A 547 21.41 -39.35 18.62
N ARG A 548 21.50 -38.19 19.27
CA ARG A 548 20.37 -37.30 19.52
C ARG A 548 20.11 -36.31 18.40
N SER A 549 20.98 -36.26 17.40
CA SER A 549 20.79 -35.29 16.32
C SER A 549 19.46 -35.49 15.59
N SER A 550 18.89 -34.36 15.15
CA SER A 550 17.63 -34.32 14.46
C SER A 550 17.69 -33.23 13.36
N PRO A 551 17.15 -33.52 12.17
CA PRO A 551 17.18 -32.50 11.12
C PRO A 551 16.09 -31.46 11.32
N ILE A 552 16.23 -30.30 10.71
CA ILE A 552 15.20 -29.28 10.80
C ILE A 552 14.52 -29.29 9.43
N ASN A 553 13.20 -29.11 9.43
CA ASN A 553 12.37 -29.16 8.22
C ASN A 553 12.55 -28.07 7.17
N VAL A 554 13.78 -27.92 6.70
CA VAL A 554 14.11 -26.94 5.67
C VAL A 554 14.49 -27.78 4.44
N ASP A 555 13.97 -27.43 3.27
CA ASP A 555 14.31 -28.18 2.05
C ASP A 555 15.82 -28.18 1.85
N PRO A 556 16.35 -29.23 1.21
CA PRO A 556 17.80 -29.27 0.99
C PRO A 556 18.18 -28.17 -0.02
N GLY A 557 19.43 -27.72 0.03
CA GLY A 557 19.89 -26.69 -0.89
C GLY A 557 21.40 -26.61 -0.73
N ASP A 558 21.95 -25.40 -0.81
CA ASP A 558 23.39 -25.21 -0.60
C ASP A 558 23.56 -24.09 0.43
N TYR A 559 23.63 -24.48 1.70
CA TYR A 559 23.75 -23.52 2.78
C TYR A 559 25.16 -23.35 3.32
N ARG A 560 25.50 -22.15 3.73
CA ARG A 560 26.85 -21.92 4.24
C ARG A 560 26.86 -21.42 5.67
N MET A 561 25.71 -21.00 6.17
CA MET A 561 25.62 -20.50 7.52
C MET A 561 24.19 -20.62 8.05
N ILE A 562 24.10 -20.89 9.35
CA ILE A 562 22.80 -21.00 10.01
C ILE A 562 22.87 -20.18 11.30
N ILE A 563 21.86 -19.33 11.49
CA ILE A 563 21.78 -18.47 12.65
C ILE A 563 20.43 -18.68 13.35
N PRO A 564 20.40 -19.47 14.43
CA PRO A 564 19.16 -19.73 15.16
C PRO A 564 18.75 -18.54 16.03
N LEU A 565 17.52 -18.07 15.82
CA LEU A 565 16.99 -16.94 16.57
C LEU A 565 15.82 -17.40 17.44
N GLU A 566 15.19 -16.44 18.13
CA GLU A 566 14.07 -16.78 19.01
C GLU A 566 12.96 -17.54 18.30
N SER A 567 12.35 -16.94 17.29
CA SER A 567 11.28 -17.63 16.57
C SER A 567 11.57 -17.84 15.09
N SER A 568 12.84 -17.79 14.73
CA SER A 568 13.23 -18.00 13.34
C SER A 568 14.69 -18.40 13.23
N ILE A 569 15.04 -18.92 12.07
CA ILE A 569 16.40 -19.34 11.78
C ILE A 569 16.82 -18.70 10.47
N LEU A 570 17.94 -17.97 10.49
CA LEU A 570 18.43 -17.34 9.27
C LEU A 570 19.37 -18.33 8.63
N ILE A 571 19.38 -18.36 7.31
CA ILE A 571 20.24 -19.27 6.58
C ILE A 571 20.86 -18.62 5.36
N TYR A 572 22.17 -18.74 5.22
CA TYR A 572 22.86 -18.19 4.07
C TYR A 572 22.81 -19.28 3.01
N SER A 573 22.16 -18.97 1.89
CA SER A 573 22.00 -19.92 0.79
C SER A 573 22.74 -19.45 -0.46
N VAL A 574 23.28 -20.40 -1.22
CA VAL A 574 23.98 -20.09 -2.47
C VAL A 574 23.37 -20.84 -3.63
N PRO A 575 22.63 -20.14 -4.50
CA PRO A 575 22.02 -20.81 -5.64
C PRO A 575 23.05 -21.51 -6.52
N VAL A 576 22.68 -22.66 -7.06
CA VAL A 576 23.55 -23.40 -7.95
C VAL A 576 23.90 -22.47 -9.10
N HIS A 577 25.20 -22.44 -9.43
CA HIS A 577 25.71 -21.57 -10.48
C HIS A 577 26.93 -22.23 -11.14
N GLY A 578 27.34 -21.69 -12.27
CA GLY A 578 28.49 -22.21 -12.97
C GLY A 578 29.74 -21.64 -12.33
N GLU A 579 30.87 -22.33 -12.49
CA GLU A 579 32.15 -21.94 -11.90
C GLU A 579 33.10 -21.13 -12.78
N PHE A 580 32.82 -21.03 -14.07
CA PHE A 580 33.71 -20.32 -14.98
C PHE A 580 34.21 -18.95 -14.51
N ALA A 581 33.29 -18.04 -14.21
CA ALA A 581 33.67 -16.70 -13.77
C ALA A 581 34.49 -16.68 -12.48
N ALA A 582 34.09 -17.47 -11.50
CA ALA A 582 34.83 -17.53 -10.25
C ALA A 582 36.22 -18.12 -10.49
N TYR A 583 36.29 -19.13 -11.36
CA TYR A 583 37.54 -19.81 -11.65
C TYR A 583 38.55 -18.97 -12.44
N TYR A 584 38.06 -18.19 -13.40
CA TYR A 584 38.95 -17.39 -14.23
C TYR A 584 38.96 -15.88 -13.97
N GLN A 585 37.80 -15.30 -13.67
CA GLN A 585 37.71 -13.86 -13.46
C GLN A 585 37.54 -13.41 -12.02
N GLY A 586 37.95 -14.26 -11.08
CA GLY A 586 37.84 -13.91 -9.68
C GLY A 586 36.44 -13.57 -9.16
N ALA A 587 35.43 -13.66 -10.03
CA ALA A 587 34.05 -13.34 -9.64
C ALA A 587 33.66 -13.98 -8.31
N PRO A 588 33.02 -13.22 -7.42
CA PRO A 588 32.59 -13.72 -6.12
C PRO A 588 31.34 -14.60 -6.19
N GLU A 589 31.25 -15.57 -5.29
CA GLU A 589 30.11 -16.47 -5.25
C GLU A 589 28.94 -15.69 -4.67
N LYS A 590 27.81 -15.66 -5.38
CA LYS A 590 26.63 -14.93 -4.92
C LYS A 590 25.70 -15.76 -4.05
N GLY A 591 25.22 -15.15 -2.98
CA GLY A 591 24.33 -15.84 -2.07
C GLY A 591 23.16 -15.01 -1.62
N VAL A 592 22.26 -15.64 -0.87
CA VAL A 592 21.07 -14.97 -0.36
C VAL A 592 20.86 -15.35 1.09
N LEU A 593 20.28 -14.43 1.85
CA LEU A 593 19.98 -14.65 3.26
C LEU A 593 18.51 -15.02 3.34
N LEU A 594 18.24 -16.19 3.89
CA LEU A 594 16.87 -16.66 3.99
C LEU A 594 16.41 -16.68 5.43
N LYS A 595 15.11 -16.57 5.62
CA LYS A 595 14.52 -16.59 6.95
C LYS A 595 13.52 -17.73 7.01
N TYR A 596 13.75 -18.64 7.94
CA TYR A 596 12.87 -19.78 8.15
C TYR A 596 12.07 -19.54 9.41
N ASP A 597 10.76 -19.42 9.26
CA ASP A 597 9.89 -19.21 10.40
C ASP A 597 9.60 -20.56 11.03
N VAL A 598 10.09 -20.77 12.25
CA VAL A 598 9.91 -22.04 12.92
C VAL A 598 8.44 -22.37 13.12
N LYS A 599 7.65 -21.36 13.50
CA LYS A 599 6.23 -21.55 13.72
C LYS A 599 5.52 -22.10 12.47
N THR A 600 5.61 -21.36 11.36
CA THR A 600 4.95 -21.75 10.12
C THR A 600 5.79 -22.57 9.14
N ARG A 601 7.09 -22.63 9.38
CA ARG A 601 8.00 -23.35 8.51
C ARG A 601 8.18 -22.63 7.17
N LYS A 602 7.62 -21.42 7.10
CA LYS A 602 7.68 -20.59 5.90
C LYS A 602 9.08 -19.99 5.74
N VAL A 603 9.60 -20.01 4.52
CA VAL A 603 10.92 -19.47 4.21
C VAL A 603 10.77 -18.23 3.34
N THR A 604 11.42 -17.14 3.74
CA THR A 604 11.35 -15.90 2.98
C THR A 604 12.75 -15.33 2.75
N GLU A 605 12.89 -14.50 1.73
CA GLU A 605 14.15 -13.88 1.39
C GLU A 605 14.33 -12.58 2.15
N VAL A 606 15.44 -12.45 2.87
CA VAL A 606 15.71 -11.25 3.64
C VAL A 606 16.62 -10.30 2.89
N LYS A 607 17.55 -10.83 2.11
CA LYS A 607 18.50 -10.02 1.35
C LYS A 607 19.15 -10.88 0.28
N ASN A 608 19.36 -10.32 -0.91
CA ASN A 608 20.00 -11.06 -1.98
C ASN A 608 21.26 -10.36 -2.49
N ASN A 609 21.91 -10.97 -3.49
CA ASN A 609 23.12 -10.42 -4.07
C ASN A 609 24.25 -10.27 -3.06
N LEU A 610 24.32 -11.18 -2.11
CA LEU A 610 25.35 -11.14 -1.08
C LEU A 610 26.60 -11.91 -1.51
N THR A 611 27.71 -11.62 -0.87
CA THR A 611 28.96 -12.30 -1.18
C THR A 611 29.68 -12.63 0.12
N ASP A 612 29.20 -12.06 1.22
CA ASP A 612 29.81 -12.29 2.52
C ASP A 612 28.86 -11.75 3.60
N LEU A 613 28.87 -12.37 4.78
CA LEU A 613 28.01 -11.93 5.88
C LEU A 613 28.66 -12.08 7.24
N ARG A 614 28.53 -11.04 8.06
CA ARG A 614 29.09 -11.02 9.41
C ARG A 614 27.95 -10.69 10.38
N LEU A 615 27.90 -11.40 11.50
CA LEU A 615 26.83 -11.16 12.47
C LEU A 615 27.43 -10.66 13.78
N SER A 616 26.78 -9.68 14.40
CA SER A 616 27.28 -9.14 15.67
C SER A 616 27.13 -10.13 16.81
N ALA A 617 27.86 -9.88 17.89
CA ALA A 617 27.84 -10.73 19.09
C ALA A 617 26.45 -10.91 19.69
N ASP A 618 25.70 -9.82 19.81
CA ASP A 618 24.36 -9.87 20.37
C ASP A 618 23.31 -10.28 19.35
N ARG A 619 23.75 -10.65 18.14
CA ARG A 619 22.85 -11.06 17.07
C ARG A 619 21.87 -9.97 16.64
N LYS A 620 22.17 -8.72 16.95
CA LYS A 620 21.26 -7.64 16.56
C LYS A 620 21.64 -6.98 15.24
N THR A 621 22.93 -6.93 14.93
CA THR A 621 23.38 -6.29 13.71
C THR A 621 24.02 -7.24 12.70
N VAL A 622 23.73 -7.00 11.42
CA VAL A 622 24.28 -7.81 10.35
C VAL A 622 25.09 -6.93 9.39
N MET A 623 26.28 -7.40 9.03
CA MET A 623 27.11 -6.67 8.09
C MET A 623 27.26 -7.60 6.89
N VAL A 624 27.14 -7.05 5.69
CA VAL A 624 27.29 -7.86 4.50
C VAL A 624 28.08 -7.15 3.44
N ARG A 625 28.61 -7.95 2.51
CA ARG A 625 29.33 -7.46 1.36
C ARG A 625 28.39 -7.91 0.24
N LYS A 626 28.13 -7.03 -0.72
CA LYS A 626 27.25 -7.40 -1.81
C LYS A 626 28.06 -7.56 -3.10
N ASP A 627 27.39 -8.00 -4.16
CA ASP A 627 28.06 -8.20 -5.44
C ASP A 627 28.62 -6.90 -6.01
N ASP A 628 28.06 -5.78 -5.56
CA ASP A 628 28.53 -4.49 -6.02
C ASP A 628 29.84 -4.10 -5.33
N GLY A 629 30.31 -4.99 -4.45
CA GLY A 629 31.55 -4.75 -3.74
C GLY A 629 31.46 -3.87 -2.51
N LYS A 630 30.33 -3.25 -2.27
CA LYS A 630 30.17 -2.38 -1.11
C LYS A 630 29.74 -3.11 0.15
N ILE A 631 30.12 -2.55 1.29
CA ILE A 631 29.78 -3.12 2.60
C ILE A 631 28.53 -2.42 3.16
N TYR A 632 27.57 -3.22 3.63
CA TYR A 632 26.34 -2.67 4.19
C TYR A 632 26.05 -3.19 5.59
N THR A 633 25.23 -2.44 6.31
CA THR A 633 24.85 -2.82 7.66
C THR A 633 23.38 -2.57 7.88
N PHE A 634 22.71 -3.54 8.51
CA PHE A 634 21.30 -3.41 8.79
C PHE A 634 20.94 -4.18 10.05
N PRO A 635 19.92 -3.71 10.79
CA PRO A 635 19.49 -4.36 12.03
C PRO A 635 18.80 -5.67 11.63
N LEU A 636 19.11 -6.75 12.34
CA LEU A 636 18.50 -8.04 12.01
C LEU A 636 16.98 -7.96 12.12
N GLU A 637 16.50 -7.01 12.91
CA GLU A 637 15.07 -6.82 13.11
C GLU A 637 14.39 -6.07 11.95
N LYS A 638 15.10 -5.11 11.35
CA LYS A 638 14.52 -4.37 10.24
C LYS A 638 15.53 -4.23 9.12
N PRO A 639 15.74 -5.32 8.36
CA PRO A 639 16.67 -5.36 7.23
C PRO A 639 16.43 -4.30 6.17
N GLU A 640 15.34 -3.56 6.30
CA GLU A 640 15.03 -2.50 5.34
C GLU A 640 15.87 -1.28 5.68
N ASP A 641 16.18 -1.10 6.97
CA ASP A 641 17.01 0.03 7.41
C ASP A 641 18.47 -0.33 7.20
N GLU A 642 18.84 -0.40 5.92
CA GLU A 642 20.17 -0.75 5.48
C GLU A 642 20.99 0.50 5.21
N ARG A 643 22.23 0.52 5.67
CA ARG A 643 23.13 1.66 5.47
C ARG A 643 24.42 1.20 4.84
N THR A 644 24.98 2.05 3.98
CA THR A 644 26.23 1.74 3.31
C THR A 644 27.39 2.18 4.18
N VAL A 645 28.42 1.35 4.29
CA VAL A 645 29.59 1.68 5.10
C VAL A 645 30.64 2.35 4.22
N GLU A 646 31.03 3.56 4.57
CA GLU A 646 32.04 4.28 3.80
C GLU A 646 33.37 4.23 4.53
N THR A 647 34.42 3.84 3.81
CA THR A 647 35.74 3.72 4.39
C THR A 647 36.77 4.60 3.69
N ASP A 648 36.39 5.31 2.63
CA ASP A 648 37.36 6.10 1.91
C ASP A 648 37.35 7.62 2.06
N LYS A 649 36.79 8.10 3.16
CA LYS A 649 36.77 9.54 3.39
C LYS A 649 38.18 9.93 3.85
N ARG A 650 38.81 9.01 4.57
CA ARG A 650 40.15 9.20 5.12
C ARG A 650 41.13 8.29 4.39
N PRO A 651 42.15 8.86 3.73
CA PRO A 651 43.17 8.10 3.00
C PRO A 651 44.03 7.21 3.91
N LEU A 652 44.52 6.13 3.34
CA LEU A 652 45.41 5.23 4.06
C LEU A 652 46.79 5.87 3.88
N VAL A 653 47.59 5.90 4.94
CA VAL A 653 48.91 6.50 4.90
C VAL A 653 49.98 5.46 5.23
N SER A 654 51.02 5.38 4.40
CA SER A 654 52.06 4.42 4.67
C SER A 654 53.41 4.84 4.06
N SER A 655 54.45 4.09 4.43
CA SER A 655 55.80 4.34 3.92
C SER A 655 56.18 3.21 2.98
N ILE A 656 56.64 3.58 1.78
CA ILE A 656 57.03 2.60 0.79
C ILE A 656 58.16 1.70 1.30
N HIS A 657 59.24 2.28 1.81
CA HIS A 657 60.33 1.43 2.27
C HIS A 657 59.89 0.50 3.40
N GLU A 658 59.04 0.97 4.31
CA GLU A 658 58.58 0.09 5.39
C GLU A 658 57.76 -1.06 4.80
N GLU A 659 56.86 -0.73 3.89
CA GLU A 659 56.02 -1.75 3.24
C GLU A 659 56.83 -2.75 2.41
N PHE A 660 57.82 -2.26 1.66
CA PHE A 660 58.65 -3.13 0.84
C PHE A 660 59.46 -4.12 1.67
N LEU A 661 59.92 -3.67 2.84
CA LEU A 661 60.69 -4.55 3.71
C LEU A 661 59.75 -5.60 4.27
N GLN A 662 58.57 -5.18 4.74
CA GLN A 662 57.60 -6.12 5.30
C GLN A 662 57.14 -7.15 4.27
N MET A 663 57.00 -6.72 3.01
CA MET A 663 56.54 -7.60 1.93
C MET A 663 57.61 -8.60 1.48
N TYR A 664 58.86 -8.16 1.38
CA TYR A 664 59.93 -9.08 1.00
C TYR A 664 60.03 -10.15 2.10
N ASP A 665 60.07 -9.69 3.35
CA ASP A 665 60.14 -10.62 4.48
C ASP A 665 59.00 -11.65 4.42
N GLU A 666 57.76 -11.20 4.21
CA GLU A 666 56.63 -12.13 4.14
C GLU A 666 56.72 -13.06 2.93
N ALA A 667 57.16 -12.53 1.80
CA ALA A 667 57.30 -13.34 0.57
C ALA A 667 58.34 -14.44 0.82
N TRP A 668 59.44 -14.06 1.46
CA TRP A 668 60.51 -14.98 1.80
C TRP A 668 60.00 -16.05 2.78
N LYS A 669 59.28 -15.61 3.81
CA LYS A 669 58.72 -16.50 4.84
C LYS A 669 57.68 -17.46 4.27
N LEU A 670 56.84 -16.97 3.36
CA LEU A 670 55.82 -17.81 2.73
C LEU A 670 56.52 -18.86 1.86
N ALA A 671 57.49 -18.44 1.08
CA ALA A 671 58.21 -19.36 0.22
C ALA A 671 58.82 -20.50 1.05
N ARG A 672 59.38 -20.16 2.20
CA ARG A 672 59.99 -21.16 3.07
C ARG A 672 58.96 -22.07 3.74
N ASP A 673 58.01 -21.46 4.44
CA ASP A 673 56.98 -22.20 5.17
C ASP A 673 56.14 -23.15 4.32
N ASN A 674 55.86 -22.76 3.09
CA ASN A 674 55.00 -23.59 2.25
C ASN A 674 55.66 -24.47 1.21
N TYR A 675 56.98 -24.33 1.05
CA TYR A 675 57.66 -25.18 0.09
C TYR A 675 57.29 -26.61 0.43
N TRP A 676 57.11 -27.46 -0.58
CA TRP A 676 56.69 -28.83 -0.32
C TRP A 676 57.63 -29.69 0.52
N ASN A 677 58.94 -29.49 0.36
CA ASN A 677 59.94 -30.26 1.09
C ASN A 677 60.57 -29.43 2.21
N GLU A 678 60.10 -29.64 3.43
CA GLU A 678 60.60 -28.88 4.57
C GLU A 678 62.11 -28.99 4.77
N ALA A 679 62.66 -30.20 4.58
CA ALA A 679 64.10 -30.38 4.75
C ALA A 679 64.88 -29.38 3.91
N VAL A 680 64.56 -29.35 2.62
CA VAL A 680 65.20 -28.44 1.68
C VAL A 680 64.90 -26.97 1.94
N ALA A 681 63.70 -26.67 2.40
CA ALA A 681 63.27 -25.28 2.64
C ALA A 681 64.14 -24.49 3.64
N LYS A 682 64.59 -25.15 4.71
CA LYS A 682 65.42 -24.49 5.70
C LYS A 682 66.75 -24.01 5.10
N GLU A 683 67.43 -24.90 4.39
CA GLU A 683 68.72 -24.58 3.78
C GLU A 683 68.63 -23.51 2.68
N ILE A 684 67.64 -23.60 1.81
CA ILE A 684 67.50 -22.64 0.73
C ILE A 684 67.15 -21.24 1.24
N SER A 685 66.14 -21.15 2.10
CA SER A 685 65.73 -19.85 2.62
C SER A 685 66.87 -19.10 3.34
N GLU A 686 67.62 -19.80 4.18
CA GLU A 686 68.71 -19.17 4.93
C GLU A 686 69.85 -18.75 4.02
N ARG A 687 70.01 -19.47 2.92
CA ARG A 687 71.07 -19.20 1.97
C ARG A 687 70.75 -18.00 1.07
N ILE A 688 69.47 -17.76 0.80
CA ILE A 688 69.09 -16.67 -0.10
C ILE A 688 68.59 -15.38 0.55
N TYR A 689 68.22 -15.45 1.83
CA TYR A 689 67.67 -14.28 2.50
C TYR A 689 68.40 -12.95 2.37
N GLU A 690 69.66 -12.88 2.79
CA GLU A 690 70.40 -11.61 2.77
C GLU A 690 70.62 -11.03 1.37
N LYS A 691 71.11 -11.88 0.48
CA LYS A 691 71.37 -11.49 -0.90
C LYS A 691 70.23 -10.67 -1.51
N TYR A 692 68.99 -11.13 -1.36
CA TYR A 692 67.88 -10.38 -1.92
C TYR A 692 67.36 -9.30 -1.00
N ARG A 693 67.50 -9.51 0.31
CA ARG A 693 67.07 -8.50 1.26
C ARG A 693 67.91 -7.23 1.03
N ASN A 694 69.14 -7.39 0.55
CA ASN A 694 70.00 -6.22 0.31
C ASN A 694 69.56 -5.38 -0.89
N LEU A 695 68.80 -5.97 -1.79
CA LEU A 695 68.33 -5.22 -2.96
C LEU A 695 67.05 -4.48 -2.66
N VAL A 696 66.38 -4.85 -1.58
CA VAL A 696 65.13 -4.21 -1.21
C VAL A 696 65.22 -2.70 -1.09
N PRO A 697 66.25 -2.18 -0.39
CA PRO A 697 66.34 -0.71 -0.27
C PRO A 697 66.58 0.04 -1.59
N LEU A 698 67.00 -0.68 -2.63
CA LEU A 698 67.23 -0.07 -3.94
C LEU A 698 65.89 0.10 -4.68
N CYS A 699 64.87 -0.64 -4.24
CA CYS A 699 63.55 -0.58 -4.87
C CYS A 699 62.75 0.65 -4.49
N LYS A 700 62.19 1.30 -5.51
CA LYS A 700 61.38 2.49 -5.29
C LYS A 700 59.96 2.28 -5.77
N THR A 701 59.75 1.30 -6.65
CA THR A 701 58.41 1.02 -7.16
C THR A 701 58.03 -0.44 -6.96
N ARG A 702 56.74 -0.72 -7.05
CA ARG A 702 56.26 -2.08 -6.86
C ARG A 702 56.88 -3.01 -7.88
N TYR A 703 57.17 -2.51 -9.08
CA TYR A 703 57.80 -3.32 -10.09
C TYR A 703 59.23 -3.72 -9.68
N ASP A 704 59.96 -2.77 -9.11
CA ASP A 704 61.32 -2.99 -8.62
C ASP A 704 61.28 -4.13 -7.61
N LEU A 705 60.34 -4.05 -6.67
CA LEU A 705 60.18 -5.05 -5.62
C LEU A 705 59.91 -6.43 -6.22
N SER A 706 59.11 -6.48 -7.29
CA SER A 706 58.79 -7.73 -7.95
C SER A 706 60.04 -8.40 -8.51
N ASN A 707 60.88 -7.61 -9.16
CA ASN A 707 62.11 -8.16 -9.72
C ASN A 707 62.92 -8.87 -8.63
N VAL A 708 62.97 -8.26 -7.45
CA VAL A 708 63.73 -8.83 -6.35
C VAL A 708 63.05 -10.06 -5.80
N ILE A 709 61.75 -9.96 -5.51
CA ILE A 709 61.01 -11.09 -4.96
C ILE A 709 61.01 -12.31 -5.86
N VAL A 710 60.81 -12.08 -7.15
CA VAL A 710 60.77 -13.16 -8.11
C VAL A 710 62.10 -13.90 -8.20
N GLU A 711 63.21 -13.15 -8.18
CA GLU A 711 64.55 -13.76 -8.23
C GLU A 711 64.75 -14.64 -7.00
N MET A 712 64.34 -14.15 -5.82
CA MET A 712 64.49 -14.97 -4.62
C MET A 712 63.56 -16.18 -4.73
N GLN A 713 62.35 -16.00 -5.27
CA GLN A 713 61.44 -17.14 -5.44
C GLN A 713 62.03 -18.21 -6.36
N GLY A 714 62.74 -17.79 -7.40
CA GLY A 714 63.33 -18.73 -8.35
C GLY A 714 64.43 -19.60 -7.76
N GLU A 715 64.99 -19.16 -6.63
CA GLU A 715 66.05 -19.91 -5.97
C GLU A 715 65.56 -21.28 -5.52
N TYR A 716 64.25 -21.45 -5.43
CA TYR A 716 63.70 -22.72 -5.01
C TYR A 716 63.81 -23.74 -6.15
N ARG A 717 64.16 -23.24 -7.34
CA ARG A 717 64.35 -24.08 -8.51
C ARG A 717 63.22 -25.06 -8.75
N THR A 718 62.00 -24.62 -8.50
CA THR A 718 60.84 -25.47 -8.66
C THR A 718 59.74 -24.73 -9.41
N SER A 719 58.87 -25.48 -10.07
CA SER A 719 57.78 -24.88 -10.82
C SER A 719 56.76 -24.24 -9.88
N HIS A 720 55.90 -23.40 -10.45
CA HIS A 720 54.83 -22.74 -9.71
C HIS A 720 55.16 -21.70 -8.64
N SER A 721 56.29 -20.99 -8.78
CA SER A 721 56.61 -19.93 -7.84
C SER A 721 56.21 -18.67 -8.59
N TYR A 722 54.96 -18.27 -8.42
CA TYR A 722 54.40 -17.10 -9.11
C TYR A 722 54.12 -15.91 -8.21
N GLU A 723 53.86 -14.79 -8.86
CA GLU A 723 53.52 -13.52 -8.23
C GLU A 723 52.40 -12.94 -9.09
N MET A 724 51.18 -12.96 -8.56
CA MET A 724 50.01 -12.47 -9.28
C MET A 724 49.31 -11.34 -8.52
N GLY A 725 48.51 -10.57 -9.23
CA GLY A 725 47.80 -9.47 -8.60
C GLY A 725 48.72 -8.37 -8.10
N GLY A 726 48.24 -7.60 -7.13
CA GLY A 726 49.03 -6.51 -6.61
C GLY A 726 48.78 -5.25 -7.44
N THR A 727 49.22 -4.11 -6.92
CA THR A 727 49.04 -2.81 -7.58
C THR A 727 50.42 -2.24 -7.94
N PHE A 728 50.67 -2.14 -9.25
CA PHE A 728 51.96 -1.65 -9.76
C PHE A 728 51.92 -0.26 -10.37
N THR A 729 50.76 0.18 -10.82
CA THR A 729 50.61 1.49 -11.47
C THR A 729 49.17 1.97 -11.31
N ASP A 730 48.92 3.25 -11.55
CA ASP A 730 47.55 3.75 -11.47
C ASP A 730 46.99 3.95 -12.89
N LYS A 731 47.73 3.47 -13.88
CA LYS A 731 47.31 3.59 -15.28
C LYS A 731 46.24 2.57 -15.68
N ASP A 732 45.16 3.06 -16.30
CA ASP A 732 44.09 2.18 -16.76
C ASP A 732 44.69 1.20 -17.77
N PRO A 733 44.16 -0.03 -17.81
CA PRO A 733 44.68 -1.01 -18.75
C PRO A 733 44.55 -0.57 -20.21
N PHE A 734 45.43 -1.09 -21.06
CA PHE A 734 45.38 -0.76 -22.48
C PHE A 734 44.10 -1.32 -23.04
N ARG A 735 43.53 -0.63 -24.01
CA ARG A 735 42.28 -1.06 -24.62
C ARG A 735 42.52 -1.50 -26.05
N SER A 736 41.75 -2.49 -26.47
CA SER A 736 41.83 -3.01 -27.83
C SER A 736 40.42 -3.24 -28.32
N GLY A 737 40.15 -2.92 -29.59
CA GLY A 737 38.83 -3.14 -30.14
C GLY A 737 38.90 -4.30 -31.10
N ARG A 738 38.00 -5.27 -30.93
CA ARG A 738 38.03 -6.42 -31.80
C ARG A 738 36.68 -6.86 -32.33
N ILE A 739 36.71 -7.43 -33.53
CA ILE A 739 35.49 -7.92 -34.17
C ILE A 739 35.80 -9.28 -34.79
N ALA A 740 36.80 -9.94 -34.22
CA ALA A 740 37.21 -11.27 -34.68
C ALA A 740 37.49 -11.31 -36.19
N CYS A 741 38.30 -10.36 -36.65
CA CYS A 741 38.69 -10.29 -38.05
C CYS A 741 40.16 -9.94 -38.13
N ASP A 742 40.85 -10.44 -39.15
CA ASP A 742 42.25 -10.10 -39.37
C ASP A 742 42.27 -9.11 -40.54
N PHE A 743 42.93 -7.97 -40.38
CA PHE A 743 42.97 -6.98 -41.46
C PHE A 743 44.31 -6.92 -42.17
N LYS A 744 44.25 -6.66 -43.48
CA LYS A 744 45.44 -6.56 -44.31
C LYS A 744 45.33 -5.28 -45.15
N LEU A 745 46.32 -4.40 -45.03
CA LEU A 745 46.32 -3.15 -45.77
C LEU A 745 46.66 -3.48 -47.22
N ASP A 746 45.68 -3.34 -48.11
CA ASP A 746 45.87 -3.62 -49.53
C ASP A 746 45.69 -2.30 -50.29
N GLY A 747 46.79 -1.66 -50.63
CA GLY A 747 46.69 -0.38 -51.32
C GLY A 747 46.39 0.64 -50.25
N ASP A 748 45.30 1.38 -50.40
CA ASP A 748 44.96 2.38 -49.40
C ASP A 748 43.77 1.93 -48.54
N HIS A 749 43.35 0.68 -48.70
CA HIS A 749 42.23 0.14 -47.97
C HIS A 749 42.55 -1.12 -47.19
N TYR A 750 41.89 -1.28 -46.06
CA TYR A 750 42.06 -2.48 -45.26
C TYR A 750 41.03 -3.47 -45.78
N VAL A 751 41.47 -4.70 -46.03
CA VAL A 751 40.57 -5.76 -46.48
C VAL A 751 40.48 -6.77 -45.34
N VAL A 752 39.30 -7.34 -45.13
CA VAL A 752 39.13 -8.35 -44.09
C VAL A 752 39.77 -9.63 -44.63
N ALA A 753 40.99 -9.90 -44.18
CA ALA A 753 41.73 -11.07 -44.65
C ALA A 753 41.10 -12.36 -44.16
N LYS A 754 40.50 -12.32 -42.97
CA LYS A 754 39.85 -13.50 -42.42
C LYS A 754 38.84 -13.12 -41.36
N ALA A 755 37.70 -13.81 -41.37
CA ALA A 755 36.63 -13.58 -40.41
C ALA A 755 36.48 -14.90 -39.65
N TYR A 756 36.56 -14.82 -38.33
CA TYR A 756 36.50 -16.01 -37.47
C TYR A 756 35.14 -16.45 -36.97
N ALA A 757 34.92 -17.75 -37.01
CA ALA A 757 33.69 -18.37 -36.51
C ALA A 757 33.97 -19.81 -36.10
N GLY A 758 33.52 -20.17 -34.89
CA GLY A 758 33.67 -21.53 -34.40
C GLY A 758 32.35 -22.21 -34.75
N ASP A 759 31.51 -22.46 -33.73
CA ASP A 759 30.20 -23.05 -33.93
C ASP A 759 29.24 -21.87 -34.01
N TYR A 760 28.68 -21.64 -35.21
CA TYR A 760 27.75 -20.54 -35.44
C TYR A 760 26.59 -20.45 -34.45
N SER A 761 26.08 -21.60 -34.00
CA SER A 761 24.96 -21.63 -33.06
C SER A 761 25.32 -21.35 -31.60
N ASN A 762 26.60 -21.45 -31.24
CA ASN A 762 27.03 -21.18 -29.86
C ASN A 762 27.10 -19.68 -29.57
N GLU A 763 27.11 -19.32 -28.28
CA GLU A 763 27.22 -17.91 -27.94
C GLU A 763 28.69 -17.47 -28.05
N GLY A 764 28.91 -16.23 -28.47
CA GLY A 764 30.26 -15.67 -28.58
C GLY A 764 31.36 -16.44 -29.29
N GLU A 765 31.08 -17.01 -30.46
CA GLU A 765 32.09 -17.75 -31.22
C GLU A 765 32.22 -17.32 -32.69
N LYS A 766 31.87 -16.08 -32.99
CA LYS A 766 31.96 -15.61 -34.36
C LYS A 766 31.99 -14.10 -34.44
N SER A 767 32.55 -13.57 -35.53
CA SER A 767 32.59 -12.13 -35.71
C SER A 767 31.16 -11.62 -35.58
N PRO A 768 30.97 -10.51 -34.84
CA PRO A 768 29.62 -9.97 -34.69
C PRO A 768 28.96 -9.52 -36.00
N ILE A 769 29.72 -9.49 -37.08
CA ILE A 769 29.18 -9.08 -38.38
C ILE A 769 28.30 -10.18 -38.97
N PHE A 770 28.56 -11.42 -38.58
CA PHE A 770 27.78 -12.55 -39.07
C PHE A 770 26.30 -12.45 -38.66
N GLU A 771 26.01 -11.72 -37.59
CA GLU A 771 24.64 -11.57 -37.13
C GLU A 771 23.80 -10.70 -38.07
N TYR A 772 24.46 -10.09 -39.05
CA TYR A 772 23.76 -9.26 -40.04
C TYR A 772 23.55 -10.01 -41.34
N GLY A 773 23.90 -11.29 -41.34
CA GLY A 773 23.68 -12.12 -42.51
C GLY A 773 24.75 -12.21 -43.57
N ILE A 774 25.96 -11.74 -43.29
CA ILE A 774 27.01 -11.84 -44.30
C ILE A 774 28.35 -12.20 -43.71
N ASP A 775 29.20 -12.77 -44.55
CA ASP A 775 30.55 -13.13 -44.17
C ASP A 775 31.42 -11.98 -44.68
N PRO A 776 32.09 -11.26 -43.78
CA PRO A 776 32.95 -10.11 -44.13
C PRO A 776 34.25 -10.42 -44.87
N THR A 777 34.58 -11.70 -45.00
CA THR A 777 35.80 -12.10 -45.68
C THR A 777 35.88 -11.47 -47.08
N GLY A 778 37.01 -10.86 -47.39
CA GLY A 778 37.19 -10.25 -48.70
C GLY A 778 36.66 -8.83 -48.79
N TYR A 779 35.76 -8.47 -47.88
CA TYR A 779 35.21 -7.12 -47.86
C TYR A 779 36.25 -6.07 -47.48
N LEU A 780 36.05 -4.85 -48.01
CA LEU A 780 36.94 -3.74 -47.70
C LEU A 780 36.25 -2.91 -46.64
N ILE A 781 37.00 -2.48 -45.64
CA ILE A 781 36.44 -1.65 -44.59
C ILE A 781 36.63 -0.20 -45.03
N GLU A 782 35.54 0.52 -45.21
CA GLU A 782 35.61 1.91 -45.66
C GLU A 782 35.79 2.90 -44.51
N ASP A 783 35.03 2.70 -43.45
CA ASP A 783 35.11 3.60 -42.30
C ASP A 783 34.40 3.06 -41.08
N ILE A 784 34.70 3.68 -39.95
CA ILE A 784 34.14 3.28 -38.67
C ILE A 784 33.67 4.56 -37.98
N ASP A 785 32.38 4.62 -37.64
CA ASP A 785 31.80 5.79 -37.00
C ASP A 785 32.10 7.07 -37.78
N GLY A 786 32.00 6.98 -39.11
CA GLY A 786 32.25 8.13 -39.96
C GLY A 786 33.69 8.44 -40.25
N GLU A 787 34.62 7.78 -39.57
CA GLU A 787 36.04 8.02 -39.79
C GLU A 787 36.65 7.04 -40.76
N THR A 788 37.26 7.58 -41.81
CA THR A 788 37.89 6.77 -42.83
C THR A 788 39.12 6.05 -42.27
N VAL A 789 39.25 4.76 -42.56
CA VAL A 789 40.40 3.99 -42.12
C VAL A 789 41.11 3.42 -43.35
N GLY A 790 42.43 3.36 -43.29
CA GLY A 790 43.17 2.84 -44.43
C GLY A 790 44.63 3.25 -44.38
N ALA A 791 45.23 3.42 -45.56
CA ALA A 791 46.65 3.78 -45.68
C ALA A 791 47.18 4.84 -44.72
N GLY A 792 46.38 5.85 -44.42
CA GLY A 792 46.84 6.87 -43.51
C GLY A 792 46.02 6.93 -42.24
N SER A 793 45.26 5.87 -41.96
CA SER A 793 44.39 5.85 -40.79
C SER A 793 44.38 4.47 -40.13
N ASN A 794 45.20 4.32 -39.10
CA ASN A 794 45.34 3.07 -38.34
C ASN A 794 44.00 2.54 -37.86
N ILE A 795 43.53 1.45 -38.45
CA ILE A 795 42.26 0.88 -38.05
C ILE A 795 42.27 0.33 -36.60
N TYR A 796 43.43 -0.16 -36.15
CA TYR A 796 43.55 -0.70 -34.79
C TYR A 796 43.29 0.37 -33.72
N ARG A 797 43.85 1.56 -33.89
CA ARG A 797 43.61 2.62 -32.90
C ARG A 797 42.14 3.00 -32.89
N VAL A 798 41.55 3.10 -34.10
CA VAL A 798 40.14 3.46 -34.23
C VAL A 798 39.25 2.48 -33.49
N LEU A 799 39.53 1.19 -33.65
CA LEU A 799 38.75 0.16 -32.98
C LEU A 799 38.95 0.27 -31.46
N SER A 800 40.19 0.48 -31.04
CA SER A 800 40.51 0.62 -29.62
C SER A 800 39.67 1.71 -28.97
N GLU A 801 39.46 2.80 -29.71
CA GLU A 801 38.69 3.92 -29.21
C GLU A 801 37.20 3.61 -29.15
N LYS A 802 36.79 2.50 -29.78
CA LYS A 802 35.37 2.12 -29.82
C LYS A 802 35.06 0.86 -29.04
N ALA A 803 36.09 0.22 -28.48
CA ALA A 803 35.89 -1.01 -27.71
C ALA A 803 34.80 -0.87 -26.65
N GLY A 804 33.93 -1.86 -26.56
CA GLY A 804 32.86 -1.82 -25.57
C GLY A 804 31.62 -1.05 -26.00
N THR A 805 31.55 -0.64 -27.27
CA THR A 805 30.36 0.05 -27.79
C THR A 805 30.05 -0.42 -29.19
N SER A 806 28.89 -0.03 -29.70
CA SER A 806 28.48 -0.39 -31.06
C SER A 806 28.73 0.76 -32.00
N ALA A 807 29.48 0.50 -33.06
CA ALA A 807 29.80 1.57 -34.01
C ALA A 807 29.34 1.23 -35.42
N ARG A 808 29.10 2.29 -36.20
CA ARG A 808 28.67 2.11 -37.58
C ARG A 808 29.86 1.79 -38.46
N ILE A 809 29.87 0.59 -39.03
CA ILE A 809 30.95 0.20 -39.91
C ILE A 809 30.47 0.06 -41.35
N ARG A 810 31.11 0.77 -42.27
CA ARG A 810 30.77 0.73 -43.68
C ARG A 810 31.72 -0.26 -44.35
N LEU A 811 31.16 -1.14 -45.19
CA LEU A 811 31.94 -2.16 -45.88
C LEU A 811 31.66 -2.19 -47.38
N SER A 812 32.62 -2.68 -48.17
CA SER A 812 32.45 -2.78 -49.61
C SER A 812 32.87 -4.15 -50.11
N GLY A 813 31.97 -4.82 -50.81
CA GLY A 813 32.28 -6.11 -51.36
C GLY A 813 32.70 -5.99 -52.81
N LYS A 814 33.38 -7.01 -53.32
CA LYS A 814 33.84 -6.98 -54.71
C LYS A 814 32.62 -7.03 -55.63
N GLY A 815 32.21 -5.86 -56.07
CA GLY A 815 31.05 -5.71 -56.94
C GLY A 815 30.46 -4.37 -56.59
N GLY A 816 29.15 -4.34 -56.31
CA GLY A 816 28.53 -3.09 -55.95
C GLY A 816 27.96 -3.19 -54.55
N ASP A 817 28.25 -4.29 -53.87
CA ASP A 817 27.76 -4.52 -52.52
C ASP A 817 28.32 -3.56 -51.48
N LYS A 818 27.43 -2.87 -50.80
CA LYS A 818 27.86 -1.94 -49.76
C LYS A 818 27.03 -2.20 -48.52
N ARG A 819 27.71 -2.29 -47.37
CA ARG A 819 27.04 -2.55 -46.10
C ARG A 819 27.32 -1.44 -45.09
N ASP A 820 26.30 -1.06 -44.35
CA ASP A 820 26.39 -0.04 -43.32
C ASP A 820 25.76 -0.66 -42.06
N LEU A 821 26.59 -1.21 -41.18
CA LEU A 821 26.13 -1.92 -39.99
C LEU A 821 26.58 -1.42 -38.60
N MET A 822 25.71 -1.54 -37.60
CA MET A 822 26.07 -1.13 -36.23
C MET A 822 26.67 -2.39 -35.62
N ILE A 823 28.00 -2.41 -35.51
CA ILE A 823 28.68 -3.57 -34.99
C ILE A 823 29.19 -3.45 -33.56
N ASP A 824 29.00 -4.51 -32.79
CA ASP A 824 29.48 -4.54 -31.43
C ASP A 824 31.00 -4.66 -31.53
N ILE A 825 31.73 -3.67 -31.02
CA ILE A 825 33.18 -3.71 -31.05
C ILE A 825 33.53 -4.34 -29.71
N LEU A 826 34.10 -5.54 -29.75
CA LEU A 826 34.47 -6.29 -28.56
C LEU A 826 35.79 -5.84 -27.93
N ASP A 827 35.94 -6.14 -26.65
CA ASP A 827 37.16 -5.82 -25.91
C ASP A 827 38.19 -6.93 -26.10
N ASP A 828 37.73 -8.09 -26.52
CA ASP A 828 38.61 -9.24 -26.71
C ASP A 828 37.95 -10.26 -27.65
N ASP A 829 38.75 -11.05 -28.35
CA ASP A 829 38.20 -12.05 -29.24
C ASP A 829 39.03 -13.31 -29.25
N ARG A 830 39.76 -13.54 -28.17
CA ARG A 830 40.60 -14.73 -28.04
C ARG A 830 39.80 -16.04 -28.08
N PHE A 831 38.67 -16.07 -27.38
CA PHE A 831 37.87 -17.29 -27.35
C PHE A 831 37.32 -17.59 -28.74
N ILE A 832 36.89 -16.57 -29.47
CA ILE A 832 36.37 -16.77 -30.83
C ILE A 832 37.48 -17.39 -31.68
N ARG A 833 38.67 -16.80 -31.61
CA ARG A 833 39.81 -17.29 -32.37
C ARG A 833 40.13 -18.73 -31.97
N TYR A 834 39.98 -19.05 -30.69
CA TYR A 834 40.24 -20.40 -30.19
C TYR A 834 39.25 -21.43 -30.75
N ARG A 835 37.97 -21.14 -30.64
CA ARG A 835 36.95 -22.07 -31.16
C ARG A 835 37.07 -22.22 -32.69
N SER A 836 37.37 -21.12 -33.39
CA SER A 836 37.54 -21.21 -34.84
C SER A 836 38.71 -22.17 -35.14
N TRP A 837 39.79 -22.03 -34.38
CA TRP A 837 40.98 -22.90 -34.53
C TRP A 837 40.59 -24.35 -34.27
N VAL A 838 39.89 -24.61 -33.18
CA VAL A 838 39.45 -25.96 -32.86
C VAL A 838 38.55 -26.53 -33.95
N GLU A 839 37.54 -25.78 -34.37
CA GLU A 839 36.62 -26.26 -35.41
C GLU A 839 37.30 -26.54 -36.74
N ALA A 840 38.35 -25.76 -37.05
CA ALA A 840 39.11 -25.94 -38.29
C ALA A 840 39.90 -27.25 -38.18
N ASN A 841 40.52 -27.48 -37.03
CA ASN A 841 41.27 -28.73 -36.84
C ASN A 841 40.32 -29.91 -36.96
N ARG A 842 39.13 -29.73 -36.37
CA ARG A 842 38.08 -30.75 -36.38
C ARG A 842 37.69 -31.10 -37.83
N ARG A 843 37.44 -30.08 -38.64
CA ARG A 843 37.07 -30.33 -40.03
C ARG A 843 38.22 -30.99 -40.78
N TYR A 844 39.43 -30.50 -40.55
CA TYR A 844 40.62 -31.03 -41.19
C TYR A 844 40.77 -32.52 -40.91
N VAL A 845 40.55 -32.92 -39.66
CA VAL A 845 40.70 -34.33 -39.32
C VAL A 845 39.61 -35.18 -39.98
N HIS A 846 38.38 -34.68 -40.00
CA HIS A 846 37.28 -35.42 -40.63
C HIS A 846 37.61 -35.65 -42.10
N GLU A 847 38.00 -34.56 -42.78
CA GLU A 847 38.34 -34.62 -44.19
C GLU A 847 39.53 -35.52 -44.53
N ARG A 848 40.67 -35.30 -43.87
CA ARG A 848 41.85 -36.12 -44.16
C ARG A 848 41.68 -37.58 -43.77
N SER A 849 40.83 -37.87 -42.80
CA SER A 849 40.62 -39.26 -42.38
C SER A 849 39.44 -39.86 -43.11
N LYS A 850 38.80 -39.05 -43.94
CA LYS A 850 37.65 -39.51 -44.72
C LYS A 850 36.54 -39.97 -43.79
N GLY A 851 36.21 -39.13 -42.80
CA GLY A 851 35.16 -39.43 -41.85
C GLY A 851 35.35 -40.60 -40.89
N THR A 852 36.58 -41.07 -40.73
CA THR A 852 36.87 -42.19 -39.84
C THR A 852 37.46 -41.76 -38.49
N ILE A 853 37.93 -40.53 -38.40
CA ILE A 853 38.55 -40.07 -37.15
C ILE A 853 37.97 -38.78 -36.58
N GLY A 854 37.76 -38.78 -35.27
CA GLY A 854 37.21 -37.60 -34.59
C GLY A 854 38.31 -36.79 -33.92
N TYR A 855 37.96 -35.60 -33.43
CA TYR A 855 38.94 -34.71 -32.82
C TYR A 855 38.39 -33.94 -31.62
N ILE A 856 39.24 -33.79 -30.62
CA ILE A 856 38.89 -33.06 -29.40
C ILE A 856 40.10 -32.26 -28.92
N HIS A 857 39.87 -31.02 -28.52
CA HIS A 857 40.99 -30.25 -27.98
C HIS A 857 40.69 -29.80 -26.56
N ILE A 858 41.67 -29.96 -25.69
CA ILE A 858 41.50 -29.58 -24.29
C ILE A 858 42.47 -28.44 -24.03
N PRO A 859 41.96 -27.19 -23.94
CA PRO A 859 42.80 -26.00 -23.71
C PRO A 859 43.44 -25.84 -22.31
N ASP A 860 42.87 -26.51 -21.32
CA ASP A 860 43.44 -26.45 -19.97
C ASP A 860 42.71 -27.48 -19.16
N MET A 861 43.08 -27.64 -17.89
CA MET A 861 42.40 -28.63 -17.05
C MET A 861 41.58 -27.93 -15.99
N GLY A 862 41.01 -26.81 -16.37
CA GLY A 862 40.15 -26.05 -15.47
C GLY A 862 38.74 -26.15 -16.01
N MET A 863 37.89 -25.17 -15.70
CA MET A 863 36.52 -25.18 -16.15
C MET A 863 36.46 -25.07 -17.68
N MET A 864 37.35 -24.30 -18.28
CA MET A 864 37.35 -24.17 -19.75
C MET A 864 37.63 -25.54 -20.38
N GLY A 865 38.60 -26.26 -19.81
CA GLY A 865 38.92 -27.58 -20.34
C GLY A 865 37.73 -28.49 -20.28
N LEU A 866 36.99 -28.45 -19.16
CA LEU A 866 35.80 -29.27 -18.97
C LEU A 866 34.75 -28.93 -20.05
N ASN A 867 34.50 -27.64 -20.25
CA ASN A 867 33.53 -27.20 -21.25
C ASN A 867 33.90 -27.69 -22.64
N GLU A 868 35.14 -27.42 -23.07
CA GLU A 868 35.62 -27.77 -24.39
C GLU A 868 35.80 -29.26 -24.60
N PHE A 869 36.26 -29.99 -23.57
CA PHE A 869 36.37 -31.43 -23.75
C PHE A 869 34.98 -32.03 -24.07
N TYR A 870 33.98 -31.71 -23.25
CA TYR A 870 32.65 -32.24 -23.49
C TYR A 870 31.93 -31.63 -24.68
N ARG A 871 32.23 -30.36 -24.97
CA ARG A 871 31.61 -29.69 -26.09
C ARG A 871 31.81 -30.50 -27.37
N LEU A 872 32.95 -31.16 -27.50
CA LEU A 872 33.22 -31.99 -28.67
C LEU A 872 33.07 -33.50 -28.42
N PHE A 873 33.44 -33.94 -27.22
CA PHE A 873 33.32 -35.37 -26.89
C PHE A 873 31.95 -35.93 -27.25
N ILE A 874 30.90 -35.20 -26.92
CA ILE A 874 29.56 -35.69 -27.23
C ILE A 874 29.35 -35.94 -28.71
N ASN A 875 30.17 -35.32 -29.58
CA ASN A 875 30.05 -35.52 -31.02
C ASN A 875 31.16 -36.34 -31.70
N GLU A 876 32.34 -36.37 -31.11
CA GLU A 876 33.49 -37.00 -31.73
C GLU A 876 33.98 -38.35 -31.21
N SER A 877 33.40 -38.83 -30.12
CA SER A 877 33.85 -40.07 -29.52
C SER A 877 33.40 -41.35 -30.23
N SER A 878 32.57 -41.21 -31.26
CA SER A 878 32.10 -42.41 -31.93
C SER A 878 32.59 -42.67 -33.35
N TYR A 879 33.72 -42.10 -33.71
CA TYR A 879 34.32 -42.37 -35.01
C TYR A 879 35.16 -43.63 -34.75
N GLN A 880 35.80 -44.18 -35.77
CA GLN A 880 36.63 -45.37 -35.57
C GLN A 880 37.85 -44.99 -34.72
N GLY A 881 38.32 -43.76 -34.90
CA GLY A 881 39.47 -43.31 -34.15
C GLY A 881 39.19 -41.98 -33.50
N LEU A 882 40.07 -41.59 -32.59
CA LEU A 882 39.88 -40.32 -31.90
C LEU A 882 41.22 -39.69 -31.57
N ILE A 883 41.33 -38.40 -31.90
CA ILE A 883 42.54 -37.65 -31.61
C ILE A 883 42.23 -36.76 -30.43
N VAL A 884 43.00 -36.90 -29.35
CA VAL A 884 42.80 -36.04 -28.18
C VAL A 884 44.00 -35.12 -28.13
N ASP A 885 43.78 -33.89 -28.55
CA ASP A 885 44.81 -32.84 -28.63
C ASP A 885 44.91 -31.99 -27.35
N VAL A 886 46.03 -32.11 -26.64
CA VAL A 886 46.19 -31.32 -25.42
C VAL A 886 47.28 -30.26 -25.57
N ARG A 887 47.65 -29.96 -26.81
CA ARG A 887 48.68 -28.95 -27.03
C ARG A 887 48.22 -27.62 -26.43
N PHE A 888 49.17 -26.91 -25.81
CA PHE A 888 48.92 -25.63 -25.17
C PHE A 888 48.10 -25.75 -23.87
N ASN A 889 47.86 -26.97 -23.41
CA ASN A 889 47.06 -27.16 -22.20
C ASN A 889 47.66 -26.40 -21.01
N GLY A 890 46.87 -25.46 -20.47
CA GLY A 890 47.30 -24.62 -19.37
C GLY A 890 47.27 -25.21 -17.97
N GLY A 891 46.87 -26.46 -17.83
CA GLY A 891 46.83 -27.05 -16.51
C GLY A 891 45.55 -26.80 -15.75
N GLY A 892 45.58 -27.12 -14.46
CA GLY A 892 44.40 -26.97 -13.61
C GLY A 892 44.28 -28.23 -12.77
N PHE A 893 43.17 -28.95 -12.84
CA PHE A 893 43.05 -30.16 -12.03
C PHE A 893 42.08 -31.24 -12.50
N VAL A 894 41.41 -31.05 -13.63
CA VAL A 894 40.44 -32.06 -14.05
C VAL A 894 40.95 -33.15 -14.95
N SER A 895 42.27 -33.27 -15.09
CA SER A 895 42.82 -34.31 -15.95
C SER A 895 42.20 -35.66 -15.62
N GLN A 896 42.16 -36.00 -14.34
CA GLN A 896 41.60 -37.27 -13.89
C GLN A 896 40.14 -37.49 -14.29
N LEU A 897 39.33 -36.43 -14.35
CA LEU A 897 37.94 -36.62 -14.73
C LEU A 897 37.87 -36.97 -16.22
N ILE A 898 38.72 -36.33 -17.03
CA ILE A 898 38.77 -36.58 -18.46
C ILE A 898 39.34 -37.96 -18.80
N ILE A 899 40.37 -38.39 -18.07
CA ILE A 899 40.96 -39.72 -18.29
C ILE A 899 39.88 -40.78 -17.96
N GLU A 900 39.17 -40.56 -16.86
CA GLU A 900 38.12 -41.49 -16.41
C GLU A 900 37.16 -41.82 -17.57
N LYS A 901 36.75 -40.79 -18.30
CA LYS A 901 35.88 -40.92 -19.45
C LYS A 901 36.60 -41.66 -20.58
N LEU A 902 37.81 -41.22 -20.87
CA LEU A 902 38.58 -41.83 -21.96
C LEU A 902 38.85 -43.30 -21.72
N MET A 903 38.84 -43.71 -20.44
CA MET A 903 39.09 -45.10 -20.04
C MET A 903 37.94 -46.08 -20.27
N ASN A 904 36.72 -45.54 -20.38
CA ASN A 904 35.55 -46.37 -20.62
C ASN A 904 35.72 -47.30 -21.82
N LYS A 905 35.43 -48.58 -21.62
CA LYS A 905 35.55 -49.54 -22.71
C LYS A 905 34.16 -49.89 -23.22
N ARG A 906 33.91 -49.70 -24.52
CA ARG A 906 32.60 -50.02 -25.09
C ARG A 906 32.46 -51.55 -25.14
N ILE A 907 31.52 -52.10 -24.36
CA ILE A 907 31.34 -53.55 -24.30
C ILE A 907 29.96 -54.09 -24.69
N GLY A 908 29.07 -53.21 -25.14
CA GLY A 908 27.74 -53.66 -25.53
C GLY A 908 26.92 -52.59 -26.18
N TYR A 909 25.68 -52.94 -26.51
CA TYR A 909 24.76 -52.04 -27.17
C TYR A 909 23.31 -52.42 -26.83
N ASP A 910 22.44 -51.43 -26.82
CA ASP A 910 21.04 -51.67 -26.61
C ASP A 910 20.51 -51.75 -28.04
N ASN A 911 19.58 -52.65 -28.29
CA ASN A 911 19.00 -52.82 -29.62
C ASN A 911 17.51 -52.51 -29.49
N PRO A 912 17.11 -51.33 -29.97
CA PRO A 912 15.72 -50.91 -29.90
C PRO A 912 14.85 -51.34 -31.06
N ARG A 913 13.54 -51.38 -30.79
CA ARG A 913 12.55 -51.72 -31.80
C ARG A 913 12.65 -50.65 -32.87
N ARG A 914 12.72 -49.39 -32.45
CA ARG A 914 12.84 -48.29 -33.39
C ARG A 914 14.02 -47.41 -32.98
N GLY A 915 14.69 -46.82 -33.96
CA GLY A 915 15.83 -45.99 -33.68
C GLY A 915 17.12 -46.75 -33.91
N THR A 916 18.23 -46.22 -33.41
CA THR A 916 19.53 -46.87 -33.61
C THR A 916 20.15 -47.45 -32.34
N LEU A 917 21.23 -48.20 -32.52
CA LEU A 917 21.92 -48.81 -31.40
C LEU A 917 22.43 -47.76 -30.44
N SER A 918 22.36 -48.05 -29.14
CA SER A 918 22.87 -47.14 -28.12
C SER A 918 24.06 -47.87 -27.53
N PRO A 919 25.24 -47.25 -27.58
CA PRO A 919 26.46 -47.89 -27.05
C PRO A 919 26.45 -47.92 -25.53
N TYR A 920 27.12 -48.92 -24.97
CA TYR A 920 27.23 -49.06 -23.53
C TYR A 920 28.71 -49.32 -23.19
N PRO A 921 29.33 -48.46 -22.36
CA PRO A 921 28.72 -47.28 -21.74
C PRO A 921 28.42 -46.17 -22.76
N THR A 922 27.54 -45.26 -22.39
CA THR A 922 27.21 -44.16 -23.26
C THR A 922 28.44 -43.29 -23.46
N ASN A 923 29.21 -43.08 -22.39
CA ASN A 923 30.40 -42.24 -22.48
C ASN A 923 31.66 -43.04 -22.81
N SER A 924 31.57 -43.92 -23.79
CA SER A 924 32.73 -44.71 -24.18
C SER A 924 33.23 -44.32 -25.56
N VAL A 925 34.53 -44.32 -25.74
CA VAL A 925 35.12 -44.02 -27.04
C VAL A 925 34.99 -45.31 -27.86
N ARG A 926 34.47 -45.17 -29.07
CA ARG A 926 34.25 -46.31 -29.94
C ARG A 926 35.50 -47.08 -30.38
N GLY A 927 36.60 -46.37 -30.66
CA GLY A 927 37.79 -47.07 -31.10
C GLY A 927 39.14 -46.65 -30.54
N LYS A 928 40.12 -46.59 -31.43
CA LYS A 928 41.50 -46.24 -31.09
C LYS A 928 41.68 -44.77 -30.78
N ILE A 929 42.52 -44.48 -29.79
CA ILE A 929 42.77 -43.12 -29.40
C ILE A 929 44.24 -42.77 -29.58
N ILE A 930 44.50 -41.50 -29.84
CA ILE A 930 45.86 -41.01 -29.99
C ILE A 930 45.88 -39.61 -29.40
N ALA A 931 46.95 -39.29 -28.66
CA ALA A 931 47.04 -37.99 -28.03
C ALA A 931 48.16 -37.14 -28.60
N ILE A 932 47.92 -35.84 -28.64
CA ILE A 932 48.91 -34.89 -29.12
C ILE A 932 49.21 -33.89 -28.01
N THR A 933 50.49 -33.76 -27.69
CA THR A 933 50.94 -32.84 -26.64
C THR A 933 52.17 -32.06 -27.12
N ASN A 934 52.44 -30.90 -26.51
CA ASN A 934 53.64 -30.14 -26.88
C ASN A 934 54.29 -29.47 -25.67
N GLU A 935 55.27 -28.62 -25.92
CA GLU A 935 55.98 -27.99 -24.82
C GLU A 935 55.15 -26.97 -24.09
N TYR A 936 53.99 -26.62 -24.65
CA TYR A 936 53.14 -25.64 -24.02
C TYR A 936 52.02 -26.27 -23.17
N ALA A 937 52.08 -27.59 -23.02
CA ALA A 937 51.12 -28.29 -22.17
C ALA A 937 51.90 -28.54 -20.87
N GLY A 938 51.29 -28.27 -19.72
CA GLY A 938 52.01 -28.50 -18.48
C GLY A 938 51.14 -28.58 -17.23
N SER A 939 51.78 -28.91 -16.11
CA SER A 939 51.12 -29.03 -14.82
C SER A 939 50.13 -30.17 -14.91
N ASP A 940 48.84 -29.90 -14.72
CA ASP A 940 47.84 -30.97 -14.82
C ASP A 940 47.84 -31.51 -16.25
N GLY A 941 48.49 -30.79 -17.16
CA GLY A 941 48.60 -31.24 -18.54
C GLY A 941 49.78 -32.22 -18.65
N ASP A 942 50.75 -32.10 -17.75
CA ASP A 942 51.92 -33.00 -17.70
C ASP A 942 51.35 -34.31 -17.17
N ILE A 943 50.54 -34.19 -16.13
CA ILE A 943 49.93 -35.32 -15.49
C ILE A 943 49.05 -36.09 -16.47
N PHE A 944 48.31 -35.36 -17.30
CA PHE A 944 47.46 -36.03 -18.28
C PHE A 944 48.29 -36.77 -19.33
N SER A 945 49.33 -36.12 -19.83
CA SER A 945 50.19 -36.72 -20.85
C SER A 945 50.85 -37.98 -20.33
N PHE A 946 51.33 -37.93 -19.09
CA PHE A 946 52.00 -39.09 -18.49
C PHE A 946 51.00 -40.23 -18.33
N SER A 947 49.84 -39.93 -17.74
CA SER A 947 48.80 -40.92 -17.50
C SER A 947 48.33 -41.59 -18.81
N PHE A 948 48.15 -40.80 -19.85
CA PHE A 948 47.71 -41.35 -21.13
C PHE A 948 48.62 -42.50 -21.56
N LYS A 949 49.93 -42.29 -21.48
CA LYS A 949 50.88 -43.34 -21.84
C LYS A 949 50.82 -44.46 -20.81
N LYS A 950 50.97 -44.09 -19.55
CA LYS A 950 50.97 -45.07 -18.46
C LYS A 950 49.79 -46.02 -18.49
N LEU A 951 48.58 -45.51 -18.69
CA LEU A 951 47.39 -46.37 -18.70
C LEU A 951 47.18 -47.07 -20.05
N GLY A 952 48.04 -46.80 -21.01
CA GLY A 952 47.89 -47.45 -22.30
C GLY A 952 46.69 -47.01 -23.11
N LEU A 953 46.24 -45.77 -22.94
CA LEU A 953 45.10 -45.27 -23.70
C LEU A 953 45.39 -45.20 -25.19
N GLY A 954 46.67 -45.00 -25.54
CA GLY A 954 47.09 -44.92 -26.93
C GLY A 954 48.47 -44.29 -26.99
N LYS A 955 48.92 -43.91 -28.18
CA LYS A 955 50.24 -43.29 -28.33
C LYS A 955 50.17 -41.79 -28.07
N LEU A 956 51.27 -41.25 -27.54
CA LEU A 956 51.41 -39.84 -27.29
C LEU A 956 52.36 -39.29 -28.35
N ILE A 957 51.92 -38.27 -29.05
CA ILE A 957 52.71 -37.66 -30.13
C ILE A 957 52.94 -36.18 -29.89
N GLY A 958 54.09 -35.68 -30.32
CA GLY A 958 54.41 -34.27 -30.16
C GLY A 958 55.78 -34.01 -29.59
N THR A 959 55.88 -33.05 -28.68
CA THR A 959 57.16 -32.71 -28.07
C THR A 959 57.04 -32.70 -26.55
N ARG A 960 58.16 -32.95 -25.88
CA ARG A 960 58.22 -32.98 -24.42
C ARG A 960 57.52 -31.79 -23.76
N THR A 961 56.60 -32.10 -22.84
CA THR A 961 55.83 -31.10 -22.11
C THR A 961 56.62 -30.20 -21.17
N TRP A 962 55.91 -29.23 -20.58
CA TRP A 962 56.48 -28.24 -19.68
C TRP A 962 57.27 -28.78 -18.49
N GLY A 963 56.73 -29.80 -17.83
CA GLY A 963 57.42 -30.38 -16.68
C GLY A 963 57.28 -29.64 -15.35
N GLY A 964 56.08 -29.23 -15.00
CA GLY A 964 55.89 -28.52 -13.74
C GLY A 964 54.78 -29.19 -12.97
N VAL A 965 55.11 -30.07 -12.03
CA VAL A 965 54.06 -30.75 -11.29
C VAL A 965 54.09 -30.63 -9.78
N VAL A 966 54.49 -29.47 -9.28
CA VAL A 966 54.46 -29.25 -7.84
C VAL A 966 53.41 -28.16 -7.69
N GLY A 967 52.20 -28.58 -7.30
CA GLY A 967 51.05 -27.72 -7.14
C GLY A 967 51.03 -26.64 -6.07
N ILE A 968 50.00 -25.81 -6.13
CA ILE A 968 49.84 -24.69 -5.21
C ILE A 968 48.40 -24.51 -4.73
N THR A 969 48.28 -23.84 -3.59
CA THR A 969 46.99 -23.52 -2.99
C THR A 969 47.29 -22.32 -2.10
N PRO A 970 47.44 -21.14 -2.71
CA PRO A 970 47.73 -19.96 -1.89
C PRO A 970 46.60 -19.64 -0.94
N LYS A 971 46.95 -19.14 0.24
CA LYS A 971 45.94 -18.78 1.22
C LYS A 971 46.27 -17.47 1.89
N ARG A 972 47.28 -16.77 1.36
CA ARG A 972 47.67 -15.47 1.89
C ARG A 972 48.13 -14.52 0.81
N ARG A 973 47.69 -13.26 0.94
CA ARG A 973 48.05 -12.20 0.01
C ARG A 973 48.93 -11.22 0.78
N LEU A 974 49.75 -10.45 0.06
CA LEU A 974 50.59 -9.46 0.72
C LEU A 974 49.65 -8.31 1.03
N ILE A 975 50.11 -7.32 1.80
CA ILE A 975 49.27 -6.18 2.17
C ILE A 975 48.72 -5.37 0.99
N ASP A 976 49.33 -5.47 -0.19
CA ASP A 976 48.86 -4.72 -1.34
C ASP A 976 47.97 -5.59 -2.28
N GLY A 977 47.54 -6.74 -1.78
CA GLY A 977 46.69 -7.61 -2.59
C GLY A 977 47.44 -8.67 -3.41
N THR A 978 48.76 -8.58 -3.45
CA THR A 978 49.56 -9.55 -4.23
C THR A 978 49.38 -11.01 -3.81
N VAL A 979 49.13 -11.88 -4.78
CA VAL A 979 48.99 -13.29 -4.49
C VAL A 979 50.26 -14.00 -4.93
N LEU A 980 51.06 -14.46 -3.97
CA LEU A 980 52.28 -15.19 -4.28
C LEU A 980 51.89 -16.66 -4.19
N THR A 981 52.59 -17.52 -4.92
CA THR A 981 52.28 -18.94 -4.86
C THR A 981 53.55 -19.69 -4.53
N GLN A 982 53.40 -20.78 -3.79
CA GLN A 982 54.53 -21.59 -3.38
C GLN A 982 54.28 -23.03 -3.77
N PRO A 983 55.28 -23.69 -4.39
CA PRO A 983 55.12 -25.09 -4.80
C PRO A 983 55.06 -25.96 -3.55
N GLU A 984 53.83 -26.15 -3.09
CA GLU A 984 53.52 -26.85 -1.86
C GLU A 984 53.12 -28.32 -1.97
N PHE A 985 52.70 -28.76 -3.14
CA PHE A 985 52.28 -30.15 -3.31
C PHE A 985 52.98 -30.82 -4.47
N ALA A 986 54.00 -31.64 -4.17
CA ALA A 986 54.72 -32.34 -5.23
C ALA A 986 53.98 -33.60 -5.64
N PHE A 987 53.78 -33.75 -6.95
CA PHE A 987 53.10 -34.92 -7.46
C PHE A 987 54.10 -36.05 -7.65
N TRP A 988 53.72 -37.24 -7.20
CA TRP A 988 54.56 -38.42 -7.29
C TRP A 988 53.85 -39.53 -8.08
N PHE A 989 54.51 -40.02 -9.11
CA PHE A 989 53.96 -41.08 -9.95
C PHE A 989 54.49 -42.45 -9.54
N ARG A 990 53.61 -43.44 -9.50
CA ARG A 990 54.05 -44.79 -9.19
C ARG A 990 55.02 -45.14 -10.33
N ASP A 991 56.19 -45.68 -9.98
CA ASP A 991 57.21 -46.07 -10.96
C ASP A 991 58.07 -44.90 -11.47
N ALA A 992 57.49 -43.71 -11.58
CA ALA A 992 58.28 -42.57 -12.05
C ALA A 992 58.71 -41.62 -10.94
N GLY A 993 58.14 -41.78 -9.76
CA GLY A 993 58.49 -40.93 -8.64
C GLY A 993 58.21 -39.45 -8.90
N PHE A 994 59.11 -38.60 -8.42
CA PHE A 994 59.00 -37.15 -8.58
C PHE A 994 59.57 -36.64 -9.89
N GLY A 995 60.13 -37.57 -10.67
CA GLY A 995 60.77 -37.27 -11.93
C GLY A 995 60.13 -36.41 -13.02
N VAL A 996 58.82 -36.26 -13.04
CA VAL A 996 58.24 -35.42 -14.10
C VAL A 996 58.65 -33.97 -13.85
N GLU A 997 58.69 -33.55 -12.59
CA GLU A 997 59.07 -32.18 -12.21
C GLU A 997 60.42 -31.81 -12.80
N ASN A 998 60.49 -30.61 -13.38
CA ASN A 998 61.68 -30.07 -14.03
C ASN A 998 62.15 -30.89 -15.22
N TYR A 999 61.24 -31.64 -15.84
CA TYR A 999 61.58 -32.44 -17.01
C TYR A 999 60.41 -32.48 -17.98
N GLY A 1000 59.29 -33.03 -17.54
CA GLY A 1000 58.13 -33.12 -18.41
C GLY A 1000 57.86 -34.55 -18.82
N VAL A 1001 57.11 -34.72 -19.90
CA VAL A 1001 56.77 -36.05 -20.39
C VAL A 1001 57.18 -36.21 -21.86
N ASP A 1002 57.91 -37.29 -22.14
CA ASP A 1002 58.33 -37.58 -23.50
C ASP A 1002 57.23 -38.29 -24.27
N PRO A 1003 56.99 -37.87 -25.52
CA PRO A 1003 55.96 -38.52 -26.31
C PRO A 1003 56.52 -39.86 -26.80
N ASP A 1004 55.64 -40.77 -27.20
CA ASP A 1004 56.09 -42.07 -27.74
C ASP A 1004 56.79 -41.77 -29.06
N VAL A 1005 56.24 -40.82 -29.82
CA VAL A 1005 56.84 -40.44 -31.09
C VAL A 1005 57.04 -38.94 -31.09
N GLU A 1006 58.29 -38.52 -31.16
CA GLU A 1006 58.61 -37.10 -31.17
C GLU A 1006 58.43 -36.50 -32.57
N ILE A 1007 57.61 -35.47 -32.65
CA ILE A 1007 57.39 -34.78 -33.91
C ILE A 1007 57.56 -33.30 -33.66
N GLU A 1008 58.71 -32.77 -34.08
CA GLU A 1008 59.00 -31.35 -33.92
C GLU A 1008 58.07 -30.58 -34.86
N TYR A 1009 57.89 -29.30 -34.56
CA TYR A 1009 57.08 -28.42 -35.37
C TYR A 1009 58.08 -27.31 -35.71
N ALA A 1010 58.89 -27.55 -36.74
CA ALA A 1010 59.93 -26.62 -37.17
C ALA A 1010 59.41 -25.33 -37.81
N PRO A 1011 60.25 -24.28 -37.85
CA PRO A 1011 59.86 -23.00 -38.45
C PRO A 1011 59.42 -23.19 -39.89
N HIS A 1012 60.13 -24.03 -40.64
CA HIS A 1012 59.77 -24.27 -42.02
C HIS A 1012 58.43 -24.98 -42.17
N ASP A 1013 57.99 -25.64 -41.09
CA ASP A 1013 56.70 -26.32 -41.10
C ASP A 1013 55.64 -25.21 -41.07
N TYR A 1014 55.85 -24.21 -40.23
CA TYR A 1014 54.91 -23.09 -40.16
C TYR A 1014 54.92 -22.33 -41.47
N LEU A 1015 56.11 -22.18 -42.07
CA LEU A 1015 56.23 -21.47 -43.33
C LEU A 1015 55.42 -22.16 -44.43
N SER A 1016 55.44 -23.49 -44.46
CA SER A 1016 54.72 -24.24 -45.47
C SER A 1016 53.23 -24.42 -45.14
N GLY A 1017 52.81 -23.93 -43.98
CA GLY A 1017 51.42 -24.05 -43.58
C GLY A 1017 51.00 -25.46 -43.19
N LYS A 1018 51.96 -26.31 -42.84
CA LYS A 1018 51.64 -27.67 -42.46
C LYS A 1018 51.79 -27.88 -40.95
N ASP A 1019 50.86 -28.62 -40.37
CA ASP A 1019 50.91 -28.98 -38.95
C ASP A 1019 51.37 -30.44 -38.94
N PRO A 1020 52.69 -30.66 -38.82
CA PRO A 1020 53.24 -32.02 -38.81
C PRO A 1020 52.73 -32.91 -37.68
N GLN A 1021 52.36 -32.29 -36.57
CA GLN A 1021 51.89 -33.07 -35.43
C GLN A 1021 50.49 -33.65 -35.65
N ILE A 1022 49.55 -32.83 -36.12
CA ILE A 1022 48.20 -33.33 -36.37
C ILE A 1022 48.20 -34.31 -37.55
N ASP A 1023 49.03 -34.04 -38.55
CA ASP A 1023 49.13 -34.94 -39.71
C ASP A 1023 49.63 -36.32 -39.29
N TYR A 1024 50.68 -36.36 -38.48
CA TYR A 1024 51.21 -37.64 -38.03
C TYR A 1024 50.16 -38.40 -37.23
N ALA A 1025 49.47 -37.70 -36.33
CA ALA A 1025 48.44 -38.33 -35.50
C ALA A 1025 47.34 -38.92 -36.37
N ILE A 1026 46.95 -38.18 -37.39
CA ILE A 1026 45.93 -38.66 -38.31
C ILE A 1026 46.43 -39.90 -39.06
N ASP A 1027 47.62 -39.80 -39.63
CA ASP A 1027 48.19 -40.92 -40.38
C ASP A 1027 48.43 -42.14 -39.50
N ALA A 1028 48.85 -41.92 -38.26
CA ALA A 1028 49.13 -43.01 -37.35
C ALA A 1028 47.85 -43.79 -37.04
N LEU A 1029 46.76 -43.06 -36.82
CA LEU A 1029 45.48 -43.71 -36.55
C LEU A 1029 44.94 -44.42 -37.77
N ILE A 1030 45.07 -43.80 -38.94
CA ILE A 1030 44.60 -44.42 -40.17
C ILE A 1030 45.29 -45.79 -40.33
N GLU A 1031 46.57 -45.83 -39.99
CA GLU A 1031 47.34 -47.07 -40.07
C GLU A 1031 46.82 -48.09 -39.05
N GLU A 1032 46.75 -47.69 -37.79
CA GLU A 1032 46.26 -48.57 -36.75
C GLU A 1032 44.86 -49.08 -37.07
N LEU A 1033 44.06 -48.22 -37.70
CA LEU A 1033 42.70 -48.56 -38.07
C LEU A 1033 42.59 -49.48 -39.28
N ARG A 1034 43.73 -49.88 -39.84
CA ARG A 1034 43.71 -50.78 -40.99
C ARG A 1034 43.28 -52.16 -40.50
N ASN A 1035 43.73 -52.54 -39.30
CA ASN A 1035 43.39 -53.82 -38.71
C ASN A 1035 43.09 -53.68 -37.22
N MET B 13 -23.33 -65.29 -19.34
CA MET B 13 -22.21 -64.38 -18.93
C MET B 13 -21.44 -64.98 -17.74
N PRO B 14 -20.54 -65.95 -18.01
CA PRO B 14 -19.75 -66.59 -16.97
C PRO B 14 -18.67 -65.69 -16.39
N ASN B 15 -18.26 -65.98 -15.16
CA ASN B 15 -17.23 -65.20 -14.48
C ASN B 15 -15.84 -65.80 -14.66
N LEU B 16 -14.81 -64.99 -14.41
CA LEU B 16 -13.43 -65.45 -14.49
C LEU B 16 -13.13 -65.98 -13.07
N LEU B 17 -12.97 -67.29 -12.93
CA LEU B 17 -12.71 -67.88 -11.60
C LEU B 17 -11.21 -68.05 -11.38
N LEU B 18 -10.74 -67.73 -10.18
CA LEU B 18 -9.31 -67.81 -9.92
C LEU B 18 -8.88 -68.33 -8.55
N ASN B 19 -7.60 -68.64 -8.47
CA ASN B 19 -6.92 -69.07 -7.25
C ASN B 19 -7.79 -69.82 -6.24
N PRO B 20 -7.94 -71.12 -6.44
CA PRO B 20 -8.76 -71.91 -5.53
C PRO B 20 -7.98 -72.68 -4.49
N ASP B 21 -8.69 -73.16 -3.47
CA ASP B 21 -8.11 -73.99 -2.43
C ASP B 21 -9.20 -75.02 -2.22
N ILE B 22 -8.84 -76.18 -1.68
CA ILE B 22 -9.81 -77.24 -1.49
C ILE B 22 -9.66 -77.95 -0.16
N HIS B 23 -10.79 -78.34 0.41
CA HIS B 23 -10.82 -79.08 1.66
C HIS B 23 -12.00 -80.04 1.52
N GLY B 24 -11.70 -81.32 1.29
CA GLY B 24 -12.75 -82.31 1.14
C GLY B 24 -13.66 -82.01 -0.04
N ASP B 25 -14.93 -81.79 0.24
CA ASP B 25 -15.90 -81.46 -0.81
C ASP B 25 -16.12 -79.97 -0.94
N ARG B 26 -15.31 -79.17 -0.25
CA ARG B 26 -15.49 -77.73 -0.32
C ARG B 26 -14.35 -77.07 -1.08
N ILE B 27 -14.72 -76.18 -1.98
CA ILE B 27 -13.74 -75.46 -2.77
C ILE B 27 -13.96 -73.97 -2.64
N ILE B 28 -12.89 -73.23 -2.35
CA ILE B 28 -12.99 -71.78 -2.25
C ILE B 28 -12.21 -71.17 -3.41
N PHE B 29 -12.65 -70.02 -3.86
CA PHE B 29 -12.00 -69.37 -4.98
C PHE B 29 -12.38 -67.91 -4.99
N VAL B 30 -11.68 -67.15 -5.83
CA VAL B 30 -11.93 -65.73 -5.96
C VAL B 30 -12.69 -65.46 -7.24
N CYS B 31 -13.66 -64.58 -7.12
CA CYS B 31 -14.49 -64.18 -8.25
C CYS B 31 -14.92 -62.74 -7.98
N CYS B 32 -14.62 -61.85 -8.92
CA CYS B 32 -14.93 -60.44 -8.75
C CYS B 32 -14.24 -59.89 -7.48
N ASP B 33 -12.99 -60.30 -7.26
CA ASP B 33 -12.21 -59.81 -6.13
C ASP B 33 -12.68 -60.28 -4.75
N ASP B 34 -13.77 -61.02 -4.70
CA ASP B 34 -14.32 -61.51 -3.44
C ASP B 34 -14.06 -63.01 -3.27
N LEU B 35 -14.28 -63.53 -2.07
CA LEU B 35 -14.05 -64.96 -1.81
C LEU B 35 -15.35 -65.75 -1.85
N TRP B 36 -15.34 -66.85 -2.59
CA TRP B 36 -16.51 -67.71 -2.71
C TRP B 36 -16.22 -69.13 -2.26
N GLU B 37 -17.28 -69.86 -1.92
CA GLU B 37 -17.16 -71.25 -1.50
C GLU B 37 -18.15 -72.10 -2.29
N HIS B 38 -17.68 -73.22 -2.82
CA HIS B 38 -18.51 -74.11 -3.60
C HIS B 38 -18.47 -75.53 -3.04
N ASP B 39 -19.65 -76.11 -2.82
CA ASP B 39 -19.77 -77.46 -2.29
C ASP B 39 -19.99 -78.44 -3.43
N LEU B 40 -19.01 -79.32 -3.60
CA LEU B 40 -19.05 -80.34 -4.64
C LEU B 40 -20.21 -81.32 -4.43
N LYS B 41 -20.62 -81.51 -3.18
CA LYS B 41 -21.71 -82.44 -2.90
C LYS B 41 -23.07 -81.88 -3.32
N SER B 42 -23.40 -80.68 -2.83
CA SER B 42 -24.68 -80.05 -3.15
C SER B 42 -24.66 -79.23 -4.44
N GLY B 43 -23.48 -78.85 -4.89
CA GLY B 43 -23.39 -78.05 -6.11
C GLY B 43 -23.65 -76.58 -5.87
N SER B 44 -23.90 -76.20 -4.62
CA SER B 44 -24.17 -74.81 -4.28
C SER B 44 -22.90 -73.95 -4.16
N THR B 45 -23.04 -72.69 -4.55
CA THR B 45 -21.96 -71.71 -4.53
C THR B 45 -22.42 -70.51 -3.72
N ARG B 46 -21.51 -69.98 -2.89
CA ARG B 46 -21.85 -68.86 -2.04
C ARG B 46 -20.67 -67.91 -1.83
N LYS B 47 -20.97 -66.63 -1.65
CA LYS B 47 -19.92 -65.64 -1.42
C LYS B 47 -19.75 -65.49 0.08
N ILE B 48 -18.59 -65.89 0.59
CA ILE B 48 -18.38 -65.84 2.04
C ILE B 48 -17.71 -64.59 2.58
N VAL B 49 -16.99 -63.86 1.73
CA VAL B 49 -16.36 -62.60 2.17
C VAL B 49 -16.28 -61.61 1.01
N SER B 50 -16.75 -60.39 1.26
CA SER B 50 -16.73 -59.38 0.23
C SER B 50 -16.43 -58.01 0.81
N ASN B 51 -16.18 -57.05 -0.07
CA ASN B 51 -15.92 -55.67 0.33
C ASN B 51 -14.73 -55.46 1.28
N LEU B 52 -13.69 -56.27 1.13
CA LEU B 52 -12.49 -56.15 1.98
C LEU B 52 -11.36 -55.47 1.23
N GLY B 53 -11.51 -55.41 -0.09
CA GLY B 53 -10.51 -54.86 -0.97
C GLY B 53 -10.36 -56.00 -1.95
N VAL B 54 -9.23 -56.12 -2.64
CA VAL B 54 -9.06 -57.20 -3.61
C VAL B 54 -8.34 -58.42 -3.03
N ILE B 55 -9.04 -59.56 -3.01
CA ILE B 55 -8.47 -60.81 -2.51
C ILE B 55 -7.83 -61.59 -3.65
N ASN B 56 -6.61 -62.06 -3.44
CA ASN B 56 -5.92 -62.82 -4.47
C ASN B 56 -5.52 -64.21 -4.01
N ASN B 57 -5.66 -64.46 -2.71
CA ASN B 57 -5.30 -65.75 -2.13
C ASN B 57 -6.13 -66.02 -0.88
N ALA B 58 -6.48 -67.30 -0.68
CA ALA B 58 -7.28 -67.72 0.47
C ALA B 58 -6.93 -69.17 0.75
N ARG B 59 -6.49 -69.44 1.97
CA ARG B 59 -6.07 -70.77 2.37
C ARG B 59 -6.84 -71.32 3.57
N PHE B 60 -7.34 -72.55 3.42
CA PHE B 60 -8.05 -73.25 4.48
C PHE B 60 -7.02 -73.64 5.53
N PHE B 61 -7.37 -73.54 6.80
CA PHE B 61 -6.46 -74.01 7.84
C PHE B 61 -6.60 -75.52 7.74
N PRO B 62 -5.68 -76.29 8.33
CA PRO B 62 -5.74 -77.75 8.28
C PRO B 62 -7.08 -78.44 8.60
N ASP B 63 -7.84 -77.92 9.55
CA ASP B 63 -9.11 -78.55 9.89
C ASP B 63 -10.27 -78.07 9.03
N GLY B 64 -9.98 -77.23 8.04
CA GLY B 64 -11.01 -76.71 7.16
C GLY B 64 -12.00 -75.81 7.86
N ARG B 65 -11.69 -75.37 9.08
CA ARG B 65 -12.58 -74.50 9.83
C ARG B 65 -12.37 -73.01 9.45
N LYS B 66 -11.19 -72.50 9.75
CA LYS B 66 -10.89 -71.11 9.46
C LYS B 66 -10.23 -70.93 8.09
N ILE B 67 -10.28 -69.72 7.57
CA ILE B 67 -9.66 -69.43 6.29
C ILE B 67 -8.77 -68.21 6.42
N ALA B 68 -7.52 -68.35 5.97
CA ALA B 68 -6.56 -67.24 6.00
C ALA B 68 -6.66 -66.55 4.64
N ILE B 69 -6.78 -65.23 4.64
CA ILE B 69 -6.95 -64.47 3.41
C ILE B 69 -5.95 -63.31 3.19
N ARG B 70 -5.50 -63.16 1.95
CA ARG B 70 -4.60 -62.06 1.60
C ARG B 70 -5.43 -61.03 0.81
N VAL B 71 -5.47 -59.80 1.29
CA VAL B 71 -6.24 -58.78 0.59
C VAL B 71 -5.41 -57.55 0.28
N MET B 72 -5.63 -56.99 -0.89
CA MET B 72 -4.91 -55.78 -1.31
C MET B 72 -5.78 -54.52 -1.25
N ARG B 73 -5.16 -53.38 -0.95
CA ARG B 73 -5.85 -52.09 -0.91
C ARG B 73 -4.98 -50.99 -1.51
N GLY B 74 -5.55 -49.80 -1.70
CA GLY B 74 -4.82 -48.71 -2.33
C GLY B 74 -5.21 -48.81 -3.79
N SER B 75 -5.47 -47.67 -4.45
CA SER B 75 -5.93 -47.72 -5.84
C SER B 75 -5.16 -48.67 -6.77
N SER B 76 -3.84 -48.72 -6.63
CA SER B 76 -3.02 -49.60 -7.45
C SER B 76 -2.65 -50.91 -6.75
N LEU B 77 -3.39 -51.22 -5.69
CA LEU B 77 -3.17 -52.46 -4.94
C LEU B 77 -1.73 -52.52 -4.49
N ASN B 78 -1.22 -51.39 -4.04
CA ASN B 78 0.15 -51.31 -3.60
C ASN B 78 0.39 -51.78 -2.16
N THR B 79 -0.68 -52.01 -1.39
CA THR B 79 -0.53 -52.49 -0.02
C THR B 79 -1.29 -53.80 0.22
N ALA B 80 -0.90 -54.53 1.25
CA ALA B 80 -1.55 -55.79 1.58
C ALA B 80 -1.41 -56.15 3.04
N ASP B 81 -2.38 -56.93 3.52
CA ASP B 81 -2.39 -57.44 4.88
C ASP B 81 -3.28 -58.68 4.90
N LEU B 82 -3.15 -59.49 5.95
CA LEU B 82 -3.91 -60.72 6.04
C LEU B 82 -5.06 -60.71 7.04
N TYR B 83 -6.08 -61.51 6.73
CA TYR B 83 -7.29 -61.65 7.54
C TYR B 83 -7.65 -63.11 7.77
N PHE B 84 -8.44 -63.34 8.80
CA PHE B 84 -8.94 -64.67 9.10
C PHE B 84 -10.45 -64.62 8.91
N TYR B 85 -11.00 -65.64 8.25
CA TYR B 85 -12.45 -65.72 8.12
C TYR B 85 -12.84 -67.00 8.85
N ASN B 86 -13.81 -66.89 9.74
CA ASN B 86 -14.27 -68.04 10.51
C ASN B 86 -15.68 -68.41 10.06
N GLY B 87 -15.78 -69.49 9.28
CA GLY B 87 -17.07 -69.93 8.79
C GLY B 87 -18.06 -70.29 9.87
N GLU B 88 -17.57 -70.65 11.05
CA GLU B 88 -18.44 -71.02 12.15
C GLU B 88 -19.37 -69.91 12.60
N ASN B 89 -18.83 -68.71 12.79
CA ASN B 89 -19.62 -67.57 13.25
C ASN B 89 -19.65 -66.44 12.23
N GLY B 90 -18.91 -66.58 11.14
CA GLY B 90 -18.88 -65.55 10.13
C GLY B 90 -18.07 -64.35 10.58
N GLU B 91 -17.10 -64.59 11.45
CA GLU B 91 -16.22 -63.54 11.95
C GLU B 91 -15.10 -63.25 10.94
N ILE B 92 -14.84 -61.97 10.70
CA ILE B 92 -13.77 -61.56 9.80
C ILE B 92 -12.83 -60.71 10.68
N LYS B 93 -11.55 -61.04 10.65
CA LYS B 93 -10.58 -60.33 11.49
C LYS B 93 -9.25 -60.07 10.81
N ARG B 94 -8.76 -58.84 10.88
CA ARG B 94 -7.47 -58.50 10.31
C ARG B 94 -6.39 -59.08 11.22
N ILE B 95 -5.40 -59.75 10.64
CA ILE B 95 -4.34 -60.36 11.43
C ILE B 95 -3.04 -59.58 11.40
N THR B 96 -2.70 -59.01 10.26
CA THR B 96 -1.47 -58.24 10.16
C THR B 96 -1.73 -56.77 9.90
N TYR B 97 -0.87 -55.94 10.45
CA TYR B 97 -0.95 -54.50 10.27
C TYR B 97 0.41 -54.05 9.77
N PHE B 98 0.91 -54.74 8.74
CA PHE B 98 2.20 -54.43 8.14
C PHE B 98 2.10 -53.52 6.93
N SER B 99 0.96 -53.56 6.24
CA SER B 99 0.78 -52.81 5.01
C SER B 99 1.95 -53.16 4.11
N GLY B 100 2.20 -54.46 3.94
CA GLY B 100 3.30 -54.88 3.10
C GLY B 100 3.18 -54.32 1.69
N LYS B 101 4.32 -54.05 1.06
CA LYS B 101 4.34 -53.50 -0.30
C LYS B 101 3.97 -54.59 -1.29
N SER B 102 3.27 -54.23 -2.35
CA SER B 102 2.85 -55.24 -3.32
C SER B 102 2.81 -54.74 -4.77
N THR B 103 3.21 -55.61 -5.69
CA THR B 103 3.13 -55.34 -7.13
C THR B 103 2.56 -56.63 -7.74
N GLY B 104 1.95 -56.54 -8.91
CA GLY B 104 1.37 -57.71 -9.54
C GLY B 104 2.34 -58.86 -9.75
N ARG B 105 3.62 -58.56 -9.89
CA ARG B 105 4.63 -59.59 -10.09
C ARG B 105 5.29 -60.00 -8.76
N ARG B 106 4.99 -59.24 -7.70
CA ARG B 106 5.51 -59.58 -6.38
C ARG B 106 4.45 -59.23 -5.35
N MET B 107 3.42 -60.07 -5.28
CA MET B 107 2.31 -59.89 -4.35
C MET B 107 2.73 -60.50 -3.02
N PHE B 108 3.61 -59.78 -2.32
CA PHE B 108 4.19 -60.22 -1.06
C PHE B 108 3.38 -60.00 0.20
N THR B 109 3.78 -60.70 1.26
CA THR B 109 3.10 -60.71 2.55
C THR B 109 1.90 -61.60 2.25
N ASP B 110 2.10 -62.90 2.48
CA ASP B 110 1.09 -63.89 2.17
C ASP B 110 1.17 -65.09 3.09
N VAL B 111 0.29 -66.05 2.84
CA VAL B 111 0.22 -67.30 3.59
C VAL B 111 1.30 -68.18 2.97
N ALA B 112 2.15 -68.77 3.81
CA ALA B 112 3.22 -69.61 3.28
C ALA B 112 2.96 -71.10 3.49
N GLY B 113 2.15 -71.42 4.50
CA GLY B 113 1.83 -72.80 4.80
C GLY B 113 1.36 -72.91 6.23
N PHE B 114 1.21 -74.13 6.72
CA PHE B 114 0.77 -74.37 8.10
C PHE B 114 1.66 -75.44 8.73
N ASP B 115 2.06 -75.25 9.98
CA ASP B 115 2.92 -76.21 10.65
C ASP B 115 2.13 -77.44 11.12
N PRO B 116 2.83 -78.50 11.55
CA PRO B 116 2.12 -79.70 12.01
C PRO B 116 1.02 -79.46 13.06
N ASP B 117 1.20 -78.44 13.89
CA ASP B 117 0.22 -78.10 14.93
C ASP B 117 -0.98 -77.33 14.38
N GLY B 118 -0.91 -76.96 13.10
CA GLY B 118 -2.00 -76.21 12.50
C GLY B 118 -1.85 -74.70 12.56
N ASN B 119 -0.71 -74.21 13.06
CA ASN B 119 -0.51 -72.78 13.15
C ASN B 119 -0.14 -72.17 11.79
N LEU B 120 -0.63 -70.96 11.55
CA LEU B 120 -0.36 -70.27 10.31
C LEU B 120 1.10 -69.79 10.22
N ILE B 121 1.73 -70.04 9.08
CA ILE B 121 3.08 -69.57 8.82
C ILE B 121 2.93 -68.58 7.68
N ILE B 122 3.42 -67.36 7.88
CA ILE B 122 3.31 -66.34 6.86
C ILE B 122 4.67 -66.00 6.29
N SER B 123 4.64 -65.46 5.06
CA SER B 123 5.83 -65.03 4.35
C SER B 123 5.70 -63.51 4.20
N THR B 124 6.71 -62.76 4.61
CA THR B 124 6.63 -61.31 4.47
C THR B 124 7.96 -60.60 4.63
N ASP B 125 8.07 -59.49 3.88
CA ASP B 125 9.24 -58.64 3.85
C ASP B 125 8.99 -57.37 4.63
N ALA B 126 7.78 -57.23 5.15
CA ALA B 126 7.37 -56.05 5.89
C ALA B 126 8.40 -55.55 6.92
N MET B 127 9.13 -56.47 7.54
CA MET B 127 10.14 -56.08 8.52
C MET B 127 11.57 -56.34 8.05
N GLN B 128 11.79 -56.26 6.74
CA GLN B 128 13.13 -56.51 6.22
C GLN B 128 13.61 -55.32 5.39
N PRO B 129 14.93 -55.23 5.19
CA PRO B 129 15.50 -54.12 4.41
C PRO B 129 15.28 -54.24 2.89
N PHE B 130 14.82 -55.40 2.42
CA PHE B 130 14.57 -55.63 0.99
C PHE B 130 13.27 -56.39 0.72
N SER B 131 12.54 -55.94 -0.30
CA SER B 131 11.26 -56.57 -0.64
C SER B 131 11.42 -58.06 -0.97
N SER B 132 12.56 -58.43 -1.53
CA SER B 132 12.80 -59.84 -1.86
C SER B 132 13.03 -60.72 -0.64
N MET B 133 13.25 -60.11 0.52
CA MET B 133 13.45 -60.88 1.75
C MET B 133 12.12 -61.18 2.44
N THR B 134 11.32 -62.01 1.81
CA THR B 134 10.03 -62.39 2.37
C THR B 134 10.30 -63.54 3.35
N CYS B 135 10.62 -63.18 4.59
CA CYS B 135 10.93 -64.16 5.62
C CYS B 135 9.72 -64.86 6.20
N LEU B 136 9.93 -66.04 6.80
CA LEU B 136 8.85 -66.82 7.39
C LEU B 136 8.63 -66.57 8.88
N TYR B 137 7.36 -66.49 9.29
CA TYR B 137 7.02 -66.26 10.67
C TYR B 137 5.83 -67.10 11.08
N ARG B 138 5.83 -67.61 12.31
CA ARG B 138 4.67 -68.35 12.78
C ARG B 138 3.81 -67.29 13.44
N VAL B 139 2.52 -67.30 13.13
CA VAL B 139 1.61 -66.33 13.72
C VAL B 139 1.08 -66.86 15.05
N GLU B 140 1.01 -65.98 16.04
CA GLU B 140 0.51 -66.33 17.35
C GLU B 140 -0.57 -65.36 17.80
N ASN B 141 -1.54 -65.88 18.56
CA ASN B 141 -2.63 -65.07 19.10
C ASN B 141 -3.21 -64.13 18.04
N ASP B 142 -3.50 -64.65 16.85
CA ASP B 142 -4.07 -63.83 15.81
C ASP B 142 -3.32 -62.53 15.48
N GLY B 143 -1.99 -62.58 15.46
CA GLY B 143 -1.21 -61.40 15.14
C GLY B 143 -0.62 -60.62 16.29
N ILE B 144 -0.79 -61.11 17.51
CA ILE B 144 -0.24 -60.42 18.67
C ILE B 144 1.28 -60.50 18.69
N ASN B 145 1.78 -61.61 18.17
CA ASN B 145 3.22 -61.83 18.15
C ASN B 145 3.60 -62.69 16.94
N PHE B 146 4.76 -62.42 16.36
CA PHE B 146 5.23 -63.18 15.20
C PHE B 146 6.59 -63.77 15.55
N VAL B 147 6.73 -65.07 15.34
CA VAL B 147 7.95 -65.79 15.62
C VAL B 147 8.65 -66.16 14.33
N PRO B 148 9.83 -65.60 14.10
CA PRO B 148 10.58 -65.90 12.87
C PRO B 148 11.11 -67.33 12.88
N LEU B 149 11.05 -67.98 11.72
CA LEU B 149 11.56 -69.34 11.61
C LEU B 149 13.03 -69.29 11.23
N ASN B 150 13.47 -68.11 10.77
CA ASN B 150 14.86 -67.89 10.38
C ASN B 150 15.39 -68.89 9.37
N LEU B 151 14.61 -69.14 8.33
CA LEU B 151 15.03 -70.07 7.28
C LEU B 151 15.38 -69.33 5.99
N GLY B 152 15.47 -68.01 6.09
CA GLY B 152 15.78 -67.19 4.92
C GLY B 152 14.53 -66.86 4.13
N PRO B 153 14.64 -66.16 2.98
CA PRO B 153 13.44 -65.83 2.20
C PRO B 153 12.77 -67.07 1.64
N ALA B 154 11.44 -67.08 1.67
CA ALA B 154 10.70 -68.21 1.13
C ALA B 154 9.27 -67.81 0.81
N THR B 155 8.69 -68.55 -0.13
CA THR B 155 7.33 -68.31 -0.56
C THR B 155 6.40 -69.35 0.04
N HIS B 156 6.83 -70.61 -0.01
CA HIS B 156 6.04 -71.71 0.52
C HIS B 156 6.85 -72.58 1.47
N ILE B 157 6.18 -73.09 2.51
CA ILE B 157 6.81 -74.02 3.42
C ILE B 157 5.78 -75.14 3.62
N LEU B 158 6.23 -76.37 3.39
CA LEU B 158 5.39 -77.54 3.54
C LEU B 158 6.03 -78.42 4.59
N PHE B 159 5.27 -79.35 5.16
CA PHE B 159 5.80 -80.24 6.19
C PHE B 159 5.48 -81.69 5.87
N ALA B 160 6.53 -82.49 5.76
CA ALA B 160 6.38 -83.90 5.46
C ALA B 160 7.21 -84.74 6.43
N ASP B 161 6.56 -85.72 7.05
CA ASP B 161 7.24 -86.61 7.98
C ASP B 161 8.10 -85.85 8.98
N GLY B 162 7.61 -84.71 9.43
CA GLY B 162 8.36 -83.91 10.37
C GLY B 162 9.40 -83.00 9.79
N ARG B 163 9.74 -83.14 8.51
CA ARG B 163 10.75 -82.26 7.94
C ARG B 163 10.18 -81.13 7.07
N ARG B 164 10.84 -79.99 7.14
CA ARG B 164 10.41 -78.81 6.40
C ARG B 164 10.79 -78.82 4.92
N VAL B 165 9.83 -78.44 4.07
CA VAL B 165 10.04 -78.35 2.62
C VAL B 165 9.91 -76.86 2.27
N ILE B 166 10.98 -76.30 1.72
CA ILE B 166 10.99 -74.89 1.40
C ILE B 166 10.97 -74.53 -0.07
N GLY B 167 9.97 -73.73 -0.44
CA GLY B 167 9.84 -73.29 -1.82
C GLY B 167 10.33 -71.86 -1.86
N ARG B 168 11.37 -71.63 -2.65
CA ARG B 168 11.94 -70.30 -2.83
C ARG B 168 11.48 -69.74 -4.19
N ASN B 169 10.99 -68.51 -4.19
CA ASN B 169 10.55 -67.83 -5.41
C ASN B 169 9.51 -68.64 -6.17
N THR B 170 8.78 -69.48 -5.44
CA THR B 170 7.78 -70.36 -6.02
C THR B 170 6.37 -69.80 -6.28
N PHE B 171 6.28 -68.49 -6.47
CA PHE B 171 4.98 -67.88 -6.80
C PHE B 171 4.85 -67.98 -8.32
N GLU B 172 3.64 -67.79 -8.86
CA GLU B 172 3.44 -67.86 -10.31
C GLU B 172 4.12 -66.70 -11.02
N LEU B 173 4.44 -66.89 -12.30
CA LEU B 173 5.08 -65.86 -13.12
C LEU B 173 4.33 -65.73 -14.44
N PRO B 174 3.03 -65.33 -14.39
CA PRO B 174 2.24 -65.19 -15.62
C PRO B 174 2.76 -64.18 -16.65
N HIS B 175 3.60 -63.25 -16.21
CA HIS B 175 4.15 -62.22 -17.09
C HIS B 175 5.46 -62.65 -17.77
N TRP B 176 5.95 -63.84 -17.46
CA TRP B 176 7.18 -64.30 -18.10
C TRP B 176 7.17 -65.79 -18.34
N LYS B 177 6.51 -66.21 -19.41
CA LYS B 177 6.47 -67.61 -19.76
C LYS B 177 7.87 -68.08 -20.14
N GLY B 178 8.26 -69.25 -19.68
CA GLY B 178 9.57 -69.78 -20.02
C GLY B 178 10.76 -69.16 -19.31
N TYR B 179 10.51 -68.49 -18.19
CA TYR B 179 11.60 -67.91 -17.43
C TYR B 179 12.58 -69.00 -17.01
N ARG B 180 13.87 -68.75 -17.21
CA ARG B 180 14.94 -69.69 -16.86
C ARG B 180 16.06 -68.98 -16.07
N GLY B 181 15.76 -67.77 -15.57
CA GLY B 181 16.74 -66.99 -14.85
C GLY B 181 17.13 -67.50 -13.47
N GLY B 182 18.06 -66.79 -12.85
CA GLY B 182 18.56 -67.18 -11.53
C GLY B 182 17.55 -67.10 -10.40
N THR B 183 16.48 -66.36 -10.60
CA THR B 183 15.45 -66.20 -9.56
C THR B 183 14.29 -67.21 -9.71
N ARG B 184 14.47 -68.25 -10.52
CA ARG B 184 13.44 -69.27 -10.75
C ARG B 184 13.10 -70.09 -9.50
N GLY B 185 11.83 -70.47 -9.37
CA GLY B 185 11.39 -71.23 -8.21
C GLY B 185 12.22 -72.49 -8.02
N LYS B 186 12.67 -72.72 -6.78
CA LYS B 186 13.46 -73.88 -6.44
C LYS B 186 12.93 -74.44 -5.12
N ILE B 187 13.18 -75.72 -4.87
CA ILE B 187 12.69 -76.35 -3.65
C ILE B 187 13.79 -77.03 -2.84
N TRP B 188 13.77 -76.80 -1.54
CA TRP B 188 14.74 -77.40 -0.62
C TRP B 188 14.00 -78.25 0.40
N ILE B 189 14.63 -79.30 0.89
CA ILE B 189 14.02 -80.16 1.89
C ILE B 189 14.99 -80.44 3.03
N GLU B 190 14.47 -80.46 4.25
CA GLU B 190 15.30 -80.71 5.41
C GLU B 190 15.65 -82.19 5.40
N VAL B 191 16.91 -82.52 5.69
CA VAL B 191 17.34 -83.91 5.70
C VAL B 191 17.70 -84.32 7.12
N ASN B 192 18.43 -83.45 7.80
CA ASN B 192 18.83 -83.68 9.18
C ASN B 192 18.25 -82.46 9.87
N SER B 193 17.64 -82.63 11.05
CA SER B 193 17.05 -81.48 11.72
C SER B 193 17.99 -80.27 11.62
N GLY B 194 17.55 -79.26 10.88
CA GLY B 194 18.36 -78.06 10.73
C GLY B 194 19.24 -78.04 9.49
N ALA B 195 19.34 -79.18 8.80
CA ALA B 195 20.17 -79.28 7.60
C ALA B 195 19.28 -79.42 6.35
N PHE B 196 19.58 -78.66 5.31
CA PHE B 196 18.78 -78.69 4.10
C PHE B 196 19.54 -79.00 2.82
N LYS B 197 18.83 -79.60 1.88
CA LYS B 197 19.37 -79.97 0.60
C LYS B 197 18.42 -79.45 -0.47
N LYS B 198 18.98 -78.99 -1.58
CA LYS B 198 18.17 -78.48 -2.69
C LYS B 198 17.79 -79.68 -3.54
N ILE B 199 16.50 -80.00 -3.62
CA ILE B 199 16.05 -81.15 -4.40
C ILE B 199 15.43 -80.85 -5.76
N VAL B 200 14.84 -79.66 -5.93
CA VAL B 200 14.27 -79.32 -7.22
C VAL B 200 14.90 -78.02 -7.76
N ASP B 201 15.72 -78.17 -8.78
CA ASP B 201 16.40 -77.07 -9.44
C ASP B 201 16.37 -77.45 -10.91
N MET B 202 15.34 -76.99 -11.62
CA MET B 202 15.21 -77.29 -13.04
C MET B 202 15.59 -76.06 -13.86
N SER B 203 15.68 -76.22 -15.17
CA SER B 203 16.04 -75.11 -16.02
C SER B 203 14.98 -74.03 -15.97
N THR B 204 13.71 -74.44 -15.87
CA THR B 204 12.59 -73.51 -15.81
C THR B 204 12.13 -73.18 -14.40
N HIS B 205 11.13 -72.31 -14.31
CA HIS B 205 10.56 -71.84 -13.06
C HIS B 205 9.55 -72.83 -12.48
N VAL B 206 9.70 -73.14 -11.20
CA VAL B 206 8.79 -74.05 -10.52
C VAL B 206 7.86 -73.19 -9.67
N SER B 207 6.55 -73.44 -9.77
CA SER B 207 5.60 -72.66 -9.00
C SER B 207 4.54 -73.51 -8.30
N SER B 208 3.95 -72.96 -7.25
CA SER B 208 2.87 -73.61 -6.52
C SER B 208 3.09 -75.06 -6.12
N PRO B 209 4.11 -75.32 -5.28
CA PRO B 209 4.33 -76.71 -4.88
C PRO B 209 3.34 -77.17 -3.80
N VAL B 210 2.91 -78.42 -3.90
CA VAL B 210 2.01 -79.03 -2.92
C VAL B 210 2.49 -80.47 -2.73
N ILE B 211 2.06 -81.08 -1.64
CA ILE B 211 2.44 -82.46 -1.34
C ILE B 211 1.21 -83.35 -1.16
N VAL B 212 1.19 -84.45 -1.91
CA VAL B 212 0.12 -85.43 -1.83
C VAL B 212 0.85 -86.75 -1.64
N GLY B 213 0.59 -87.41 -0.52
CA GLY B 213 1.27 -88.67 -0.25
C GLY B 213 2.73 -88.35 -0.02
N HIS B 214 3.62 -88.95 -0.81
CA HIS B 214 5.03 -88.66 -0.65
C HIS B 214 5.63 -88.15 -1.94
N ARG B 215 4.89 -87.26 -2.59
CA ARG B 215 5.32 -86.63 -3.84
C ARG B 215 5.03 -85.14 -3.79
N ILE B 216 5.94 -84.36 -4.34
CA ILE B 216 5.76 -82.92 -4.38
C ILE B 216 5.20 -82.59 -5.76
N TYR B 217 4.04 -81.95 -5.81
CA TYR B 217 3.44 -81.57 -7.08
C TYR B 217 3.62 -80.09 -7.30
N PHE B 218 3.88 -79.72 -8.55
CA PHE B 218 4.09 -78.32 -8.88
C PHE B 218 3.89 -78.07 -10.35
N ILE B 219 4.00 -76.80 -10.72
CA ILE B 219 3.82 -76.37 -12.10
C ILE B 219 5.11 -75.82 -12.70
N THR B 220 5.30 -76.07 -13.99
CA THR B 220 6.45 -75.53 -14.71
C THR B 220 6.21 -75.73 -16.20
N ASP B 221 6.91 -74.96 -17.02
CA ASP B 221 6.72 -75.06 -18.46
C ASP B 221 7.98 -75.52 -19.16
N ILE B 222 8.72 -76.42 -18.51
CA ILE B 222 9.97 -76.92 -19.08
C ILE B 222 9.81 -77.54 -20.47
N ASP B 223 8.62 -78.03 -20.78
CA ASP B 223 8.38 -78.63 -22.07
C ASP B 223 7.71 -77.68 -23.06
N GLY B 224 7.61 -76.40 -22.69
CA GLY B 224 7.02 -75.42 -23.59
C GLY B 224 5.67 -74.85 -23.22
N PHE B 225 5.03 -75.38 -22.19
CA PHE B 225 3.72 -74.92 -21.76
C PHE B 225 3.52 -75.34 -20.32
N GLY B 226 2.76 -74.55 -19.56
CA GLY B 226 2.52 -74.89 -18.16
C GLY B 226 1.81 -76.22 -17.99
N GLN B 227 2.39 -77.09 -17.15
CA GLN B 227 1.80 -78.40 -16.88
C GLN B 227 2.10 -78.78 -15.44
N ILE B 228 1.31 -79.70 -14.90
CA ILE B 228 1.53 -80.17 -13.54
C ILE B 228 2.51 -81.32 -13.61
N TYR B 229 3.55 -81.24 -12.78
CA TYR B 229 4.59 -82.27 -12.68
C TYR B 229 4.70 -82.69 -11.22
N SER B 230 5.58 -83.65 -10.94
CA SER B 230 5.80 -84.07 -9.56
C SER B 230 7.11 -84.84 -9.48
N THR B 231 7.62 -84.97 -8.25
CA THR B 231 8.85 -85.72 -7.99
C THR B 231 8.65 -86.35 -6.61
N ASP B 232 9.57 -87.20 -6.19
CA ASP B 232 9.45 -87.78 -4.85
C ASP B 232 10.07 -86.73 -3.92
N LEU B 233 10.08 -86.99 -2.62
CA LEU B 233 10.63 -86.03 -1.67
C LEU B 233 12.14 -85.83 -1.81
N ASP B 234 12.70 -86.47 -2.83
CA ASP B 234 14.13 -86.41 -3.11
C ASP B 234 14.35 -85.64 -4.41
N GLY B 235 13.27 -85.16 -5.01
CA GLY B 235 13.36 -84.42 -6.25
C GLY B 235 13.59 -85.32 -7.44
N LYS B 236 13.57 -86.63 -7.21
CA LYS B 236 13.80 -87.58 -8.28
C LYS B 236 12.50 -88.12 -8.87
N ASP B 237 12.64 -88.93 -9.92
CA ASP B 237 11.50 -89.55 -10.59
C ASP B 237 10.48 -88.53 -11.15
N LEU B 238 10.97 -87.54 -11.88
CA LEU B 238 10.11 -86.52 -12.44
C LEU B 238 9.01 -87.08 -13.34
N ARG B 239 7.77 -86.67 -13.07
CA ARG B 239 6.64 -87.11 -13.87
C ARG B 239 5.84 -85.92 -14.40
N LYS B 240 5.27 -86.10 -15.58
CA LYS B 240 4.43 -85.08 -16.22
C LYS B 240 3.00 -85.61 -16.18
N HIS B 241 2.09 -84.88 -15.53
CA HIS B 241 0.71 -85.32 -15.40
C HIS B 241 -0.34 -84.67 -16.28
N THR B 242 -0.01 -83.59 -16.98
CA THR B 242 -0.99 -82.91 -17.83
C THR B 242 -0.43 -82.53 -19.18
N SER B 243 -1.35 -82.30 -20.13
CA SER B 243 -0.96 -81.90 -21.48
C SER B 243 -1.85 -80.77 -21.99
N PHE B 244 -1.99 -79.71 -21.18
CA PHE B 244 -2.80 -78.57 -21.53
C PHE B 244 -2.21 -77.82 -22.73
N THR B 245 -3.08 -77.22 -23.54
CA THR B 245 -2.62 -76.45 -24.69
C THR B 245 -3.38 -75.13 -24.80
N ASP B 246 -4.46 -74.98 -24.03
CA ASP B 246 -5.27 -73.77 -24.08
C ASP B 246 -4.75 -72.62 -23.21
N TYR B 247 -4.70 -72.83 -21.90
CA TYR B 247 -4.22 -71.82 -20.96
C TYR B 247 -3.34 -72.48 -19.90
N TYR B 248 -2.42 -71.71 -19.33
CA TYR B 248 -1.51 -72.20 -18.30
C TYR B 248 -2.21 -72.50 -16.97
N PRO B 249 -1.85 -73.63 -16.33
CA PRO B 249 -2.46 -73.97 -15.05
C PRO B 249 -1.86 -73.03 -14.00
N ARG B 250 -2.60 -72.74 -12.94
CA ARG B 250 -2.09 -71.83 -11.93
C ARG B 250 -2.62 -72.11 -10.53
N HIS B 251 -1.81 -71.76 -9.54
CA HIS B 251 -2.25 -71.83 -8.16
C HIS B 251 -2.66 -73.22 -7.66
N LEU B 252 -1.76 -74.19 -7.64
CA LEU B 252 -2.14 -75.50 -7.12
C LEU B 252 -2.34 -75.42 -5.60
N ASN B 253 -3.27 -76.20 -5.09
CA ASN B 253 -3.52 -76.26 -3.65
C ASN B 253 -4.05 -77.66 -3.38
N THR B 254 -3.95 -78.09 -2.13
CA THR B 254 -4.40 -79.42 -1.78
C THR B 254 -4.90 -79.59 -0.36
N ASP B 255 -5.70 -80.63 -0.14
CA ASP B 255 -6.21 -80.94 1.19
C ASP B 255 -5.52 -82.24 1.61
N GLY B 256 -4.54 -82.66 0.82
CA GLY B 256 -3.80 -83.87 1.10
C GLY B 256 -4.22 -85.05 0.24
N ARG B 257 -5.38 -84.94 -0.41
CA ARG B 257 -5.86 -86.02 -1.25
C ARG B 257 -6.01 -85.58 -2.71
N ARG B 258 -6.71 -84.49 -2.93
CA ARG B 258 -6.89 -83.99 -4.28
C ARG B 258 -6.22 -82.63 -4.46
N ILE B 259 -5.93 -82.27 -5.71
CA ILE B 259 -5.29 -81.00 -6.03
C ILE B 259 -6.23 -80.13 -6.85
N LEU B 260 -6.38 -78.89 -6.41
CA LEU B 260 -7.25 -77.93 -7.09
C LEU B 260 -6.39 -76.88 -7.77
N PHE B 261 -6.84 -76.39 -8.92
CA PHE B 261 -6.08 -75.36 -9.63
C PHE B 261 -6.99 -74.55 -10.56
N SER B 262 -6.49 -73.43 -11.06
CA SER B 262 -7.28 -72.60 -11.95
C SER B 262 -6.63 -72.58 -13.31
N LYS B 263 -7.43 -72.45 -14.35
CA LYS B 263 -6.93 -72.41 -15.72
C LYS B 263 -7.95 -71.72 -16.64
N GLY B 264 -7.47 -70.72 -17.37
CA GLY B 264 -8.33 -69.98 -18.28
C GLY B 264 -9.69 -69.57 -17.72
N GLY B 265 -9.71 -69.14 -16.47
CA GLY B 265 -10.96 -68.71 -15.86
C GLY B 265 -11.81 -69.82 -15.24
N SER B 266 -11.37 -71.06 -15.35
CA SER B 266 -12.12 -72.18 -14.79
C SER B 266 -11.36 -72.87 -13.65
N ILE B 267 -12.12 -73.52 -12.76
CA ILE B 267 -11.55 -74.23 -11.63
C ILE B 267 -11.56 -75.72 -11.94
N TYR B 268 -10.40 -76.36 -11.79
CA TYR B 268 -10.28 -77.80 -12.06
C TYR B 268 -9.76 -78.59 -10.86
N ILE B 269 -10.02 -79.90 -10.89
CA ILE B 269 -9.52 -80.78 -9.84
C ILE B 269 -8.68 -81.87 -10.49
N PHE B 270 -7.50 -82.11 -9.93
CA PHE B 270 -6.61 -83.15 -10.42
C PHE B 270 -6.54 -84.21 -9.33
N ASN B 271 -6.86 -85.45 -9.69
CA ASN B 271 -6.83 -86.56 -8.74
C ASN B 271 -5.53 -87.35 -8.94
N PRO B 272 -4.54 -87.17 -8.05
CA PRO B 272 -3.26 -87.89 -8.18
C PRO B 272 -3.42 -89.41 -8.27
N ASP B 273 -4.45 -89.94 -7.62
CA ASP B 273 -4.70 -91.38 -7.64
C ASP B 273 -5.00 -91.88 -9.05
N THR B 274 -5.94 -91.22 -9.70
CA THR B 274 -6.37 -91.60 -11.04
C THR B 274 -5.69 -90.80 -12.14
N GLU B 275 -5.09 -89.68 -11.77
CA GLU B 275 -4.43 -88.80 -12.72
C GLU B 275 -5.47 -88.14 -13.62
N LYS B 276 -6.73 -88.30 -13.25
CA LYS B 276 -7.85 -87.72 -13.97
C LYS B 276 -8.05 -86.25 -13.60
N ILE B 277 -8.43 -85.44 -14.58
CA ILE B 277 -8.67 -84.02 -14.39
C ILE B 277 -10.13 -83.70 -14.66
N GLU B 278 -10.81 -83.12 -13.69
CA GLU B 278 -12.20 -82.77 -13.87
C GLU B 278 -12.45 -81.28 -13.69
N LYS B 279 -13.28 -80.72 -14.57
CA LYS B 279 -13.62 -79.32 -14.51
C LYS B 279 -14.83 -79.17 -13.61
N ILE B 280 -14.78 -78.23 -12.67
CA ILE B 280 -15.90 -78.02 -11.78
C ILE B 280 -16.89 -77.05 -12.40
N GLU B 281 -18.15 -77.48 -12.45
CA GLU B 281 -19.22 -76.66 -13.01
C GLU B 281 -19.72 -75.71 -11.95
N ILE B 282 -19.46 -74.43 -12.12
CA ILE B 282 -19.89 -73.44 -11.15
C ILE B 282 -20.97 -72.51 -11.68
N GLY B 283 -20.87 -72.14 -12.95
CA GLY B 283 -21.90 -71.27 -13.52
C GLY B 283 -21.77 -69.78 -13.23
N ASP B 284 -22.78 -69.02 -13.66
CA ASP B 284 -22.80 -67.56 -13.49
C ASP B 284 -22.97 -67.16 -12.04
N LEU B 285 -21.98 -66.43 -11.52
CA LEU B 285 -21.99 -65.99 -10.13
C LEU B 285 -22.37 -64.52 -9.88
N GLU B 286 -21.74 -63.60 -10.59
CA GLU B 286 -22.00 -62.19 -10.36
C GLU B 286 -21.80 -61.27 -11.56
N SER B 287 -22.75 -60.37 -11.74
CA SER B 287 -22.70 -59.43 -12.85
C SER B 287 -23.02 -58.05 -12.31
N PRO B 288 -21.98 -57.30 -11.91
CA PRO B 288 -22.21 -55.96 -11.37
C PRO B 288 -22.59 -54.97 -12.46
N GLU B 289 -23.14 -53.83 -12.05
CA GLU B 289 -23.55 -52.78 -12.98
C GLU B 289 -22.38 -52.44 -13.91
N ASP B 290 -22.64 -52.53 -15.22
CA ASP B 290 -21.62 -52.24 -16.20
C ASP B 290 -21.36 -50.75 -16.37
N ARG B 291 -22.43 -49.95 -16.32
CA ARG B 291 -22.32 -48.50 -16.48
C ARG B 291 -21.78 -47.85 -15.21
N ILE B 292 -20.56 -47.33 -15.27
CA ILE B 292 -19.95 -46.72 -14.09
C ILE B 292 -19.66 -45.22 -14.18
N ILE B 293 -19.46 -44.63 -13.00
CA ILE B 293 -19.18 -43.22 -12.89
C ILE B 293 -17.81 -43.00 -12.26
N SER B 294 -17.03 -42.11 -12.87
CA SER B 294 -15.68 -41.81 -12.42
C SER B 294 -15.47 -40.30 -12.21
N ILE B 295 -14.49 -39.96 -11.37
CA ILE B 295 -14.16 -38.55 -11.12
C ILE B 295 -13.19 -38.13 -12.23
N PRO B 296 -13.60 -37.16 -13.07
CA PRO B 296 -12.71 -36.74 -14.15
C PRO B 296 -11.29 -36.29 -13.84
N SER B 297 -11.10 -35.54 -12.76
CA SER B 297 -9.75 -35.10 -12.43
C SER B 297 -8.83 -36.30 -12.17
N LYS B 298 -9.41 -37.42 -11.74
CA LYS B 298 -8.63 -38.62 -11.45
C LYS B 298 -7.99 -39.30 -12.67
N PHE B 299 -8.51 -39.03 -13.86
CA PHE B 299 -7.94 -39.67 -15.05
C PHE B 299 -7.65 -38.62 -16.10
N ALA B 300 -7.62 -37.37 -15.66
CA ALA B 300 -7.36 -36.24 -16.54
C ALA B 300 -6.05 -36.35 -17.30
N GLU B 301 -6.07 -35.79 -18.50
CA GLU B 301 -4.92 -35.73 -19.40
C GLU B 301 -5.17 -34.48 -20.23
N ASP B 302 -4.14 -34.02 -20.94
CA ASP B 302 -4.29 -32.89 -21.83
C ASP B 302 -5.39 -31.87 -21.49
N PHE B 303 -5.02 -30.71 -20.95
CA PHE B 303 -5.97 -29.66 -20.66
C PHE B 303 -5.54 -28.53 -21.60
N SER B 304 -6.49 -27.86 -22.25
CA SER B 304 -6.11 -26.82 -23.20
C SER B 304 -7.11 -25.66 -23.31
N PRO B 305 -6.61 -24.44 -23.53
CA PRO B 305 -7.48 -23.26 -23.65
C PRO B 305 -8.12 -23.11 -25.03
N LEU B 306 -9.39 -22.71 -25.03
CA LEU B 306 -10.14 -22.51 -26.27
C LEU B 306 -10.64 -21.08 -26.27
N ASP B 307 -11.14 -20.62 -27.42
CA ASP B 307 -11.65 -19.25 -27.51
C ASP B 307 -12.83 -19.07 -26.58
N GLY B 308 -13.19 -17.82 -26.33
CA GLY B 308 -14.31 -17.54 -25.45
C GLY B 308 -14.14 -17.97 -24.01
N ASP B 309 -12.91 -18.03 -23.53
CA ASP B 309 -12.62 -18.41 -22.14
C ASP B 309 -13.04 -19.85 -21.83
N LEU B 310 -13.20 -20.67 -22.86
CA LEU B 310 -13.59 -22.04 -22.66
C LEU B 310 -12.34 -22.92 -22.55
N ILE B 311 -12.54 -24.15 -22.09
CA ILE B 311 -11.44 -25.08 -21.95
C ILE B 311 -11.76 -26.44 -22.56
N ALA B 312 -10.69 -27.13 -22.94
CA ALA B 312 -10.78 -28.46 -23.49
C ALA B 312 -9.93 -29.36 -22.59
N PHE B 313 -10.42 -30.55 -22.30
CA PHE B 313 -9.63 -31.48 -21.51
C PHE B 313 -10.04 -32.90 -21.82
N VAL B 314 -9.05 -33.78 -21.76
CA VAL B 314 -9.24 -35.19 -22.05
C VAL B 314 -9.18 -35.95 -20.73
N SER B 315 -10.04 -36.94 -20.58
CA SER B 315 -10.05 -37.73 -19.36
C SER B 315 -10.63 -39.10 -19.61
N ARG B 316 -9.85 -40.13 -19.29
CA ARG B 316 -10.29 -41.50 -19.46
C ARG B 316 -10.70 -41.78 -20.91
N GLY B 317 -9.96 -41.20 -21.85
CA GLY B 317 -10.25 -41.43 -23.26
C GLY B 317 -11.44 -40.65 -23.79
N GLN B 318 -11.97 -39.75 -22.97
CA GLN B 318 -13.11 -38.92 -23.34
C GLN B 318 -12.64 -37.47 -23.38
N ALA B 319 -13.31 -36.65 -24.17
CA ALA B 319 -12.93 -35.24 -24.29
C ALA B 319 -14.12 -34.34 -24.00
N PHE B 320 -13.83 -33.18 -23.42
CA PHE B 320 -14.87 -32.23 -23.05
C PHE B 320 -14.48 -30.79 -23.33
N ILE B 321 -15.51 -29.98 -23.56
CA ILE B 321 -15.38 -28.55 -23.81
C ILE B 321 -16.23 -27.99 -22.69
N GLN B 322 -15.66 -27.07 -21.93
CA GLN B 322 -16.38 -26.54 -20.78
C GLN B 322 -15.90 -25.17 -20.36
N ASP B 323 -16.72 -24.49 -19.58
CA ASP B 323 -16.35 -23.19 -19.08
C ASP B 323 -15.42 -23.51 -17.91
N VAL B 324 -14.73 -22.49 -17.43
CA VAL B 324 -13.78 -22.69 -16.34
C VAL B 324 -14.39 -23.29 -15.07
N SER B 325 -15.63 -22.91 -14.73
CA SER B 325 -16.28 -23.44 -13.52
C SER B 325 -16.82 -24.85 -13.68
N GLY B 326 -16.77 -25.38 -14.90
CA GLY B 326 -17.26 -26.73 -15.13
C GLY B 326 -18.75 -26.89 -14.94
N THR B 327 -19.51 -25.81 -15.14
CA THR B 327 -20.96 -25.85 -15.01
C THR B 327 -21.61 -26.15 -16.36
N TYR B 328 -21.02 -25.60 -17.42
CA TYR B 328 -21.50 -25.81 -18.78
C TYR B 328 -20.51 -26.78 -19.43
N VAL B 329 -20.90 -28.05 -19.54
CA VAL B 329 -20.02 -29.08 -20.08
C VAL B 329 -20.58 -29.79 -21.31
N LEU B 330 -19.74 -29.94 -22.33
CA LEU B 330 -20.13 -30.64 -23.55
C LEU B 330 -19.12 -31.77 -23.78
N LYS B 331 -19.60 -32.99 -23.98
CA LYS B 331 -18.70 -34.10 -24.24
C LYS B 331 -18.52 -34.21 -25.75
N VAL B 332 -17.29 -34.46 -26.21
CA VAL B 332 -17.03 -34.61 -27.64
C VAL B 332 -17.69 -35.94 -28.05
N PRO B 333 -18.64 -35.89 -28.98
CA PRO B 333 -19.39 -37.06 -29.49
C PRO B 333 -18.61 -38.07 -30.34
N GLU B 334 -17.60 -38.69 -29.73
CA GLU B 334 -16.78 -39.68 -30.42
C GLU B 334 -16.52 -40.84 -29.46
N PRO B 335 -16.52 -42.09 -29.98
CA PRO B 335 -16.28 -43.26 -29.13
C PRO B 335 -14.88 -43.24 -28.51
N LEU B 336 -14.57 -44.29 -27.75
CA LEU B 336 -13.30 -44.40 -27.05
C LEU B 336 -11.96 -44.12 -27.70
N ARG B 337 -11.13 -43.55 -26.82
CA ARG B 337 -9.76 -43.10 -26.98
C ARG B 337 -9.41 -41.91 -27.84
N ILE B 338 -9.90 -40.77 -27.37
CA ILE B 338 -9.58 -39.51 -27.98
C ILE B 338 -8.26 -39.27 -27.22
N ARG B 339 -7.16 -39.12 -27.96
CA ARG B 339 -5.86 -38.93 -27.33
C ARG B 339 -5.46 -37.47 -27.08
N TYR B 340 -5.78 -36.60 -28.04
CA TYR B 340 -5.45 -35.19 -27.92
C TYR B 340 -6.55 -34.33 -28.51
N VAL B 341 -6.68 -33.12 -27.97
CA VAL B 341 -7.67 -32.16 -28.40
C VAL B 341 -7.01 -30.78 -28.50
N ARG B 342 -7.21 -30.11 -29.62
CA ARG B 342 -6.60 -28.80 -29.81
C ARG B 342 -7.55 -27.80 -30.46
N ARG B 343 -7.42 -26.53 -30.05
CA ARG B 343 -8.23 -25.45 -30.61
C ARG B 343 -8.04 -25.47 -32.13
N GLY B 344 -9.14 -25.38 -32.88
CA GLY B 344 -9.05 -25.39 -34.33
C GLY B 344 -9.81 -24.27 -35.01
N GLY B 345 -10.50 -23.45 -34.22
CA GLY B 345 -11.25 -22.34 -34.77
C GLY B 345 -12.09 -21.70 -33.68
N ASP B 346 -12.92 -20.72 -34.05
CA ASP B 346 -13.77 -20.01 -33.10
C ASP B 346 -14.53 -20.94 -32.18
N THR B 347 -15.22 -21.93 -32.76
CA THR B 347 -15.99 -22.88 -32.00
C THR B 347 -15.68 -24.30 -32.47
N LYS B 348 -14.45 -24.50 -32.91
CA LYS B 348 -14.02 -25.80 -33.40
C LYS B 348 -12.79 -26.31 -32.65
N VAL B 349 -12.64 -27.62 -32.65
CA VAL B 349 -11.49 -28.24 -32.02
C VAL B 349 -11.08 -29.43 -32.88
N ALA B 350 -9.78 -29.69 -32.94
CA ALA B 350 -9.26 -30.82 -33.68
C ALA B 350 -8.87 -31.86 -32.62
N PHE B 351 -8.96 -33.13 -32.95
CA PHE B 351 -8.61 -34.15 -31.97
C PHE B 351 -8.02 -35.37 -32.65
N ILE B 352 -7.30 -36.18 -31.88
CA ILE B 352 -6.73 -37.41 -32.39
C ILE B 352 -7.56 -38.51 -31.76
N HIS B 353 -8.10 -39.38 -32.61
CA HIS B 353 -8.92 -40.51 -32.18
C HIS B 353 -8.14 -41.79 -32.45
N GLY B 354 -7.97 -42.59 -31.40
CA GLY B 354 -7.24 -43.83 -31.54
C GLY B 354 -8.13 -45.05 -31.44
N THR B 355 -7.89 -46.00 -32.33
CA THR B 355 -8.62 -47.25 -32.39
C THR B 355 -7.55 -48.33 -32.47
N ARG B 356 -7.98 -49.57 -32.68
CA ARG B 356 -7.05 -50.69 -32.77
C ARG B 356 -6.21 -50.64 -34.05
N GLU B 357 -6.66 -49.87 -35.04
CA GLU B 357 -5.93 -49.78 -36.31
C GLU B 357 -4.85 -48.68 -36.30
N GLY B 358 -5.02 -47.70 -35.43
CA GLY B 358 -4.06 -46.62 -35.36
C GLY B 358 -4.75 -45.35 -34.90
N ASP B 359 -4.12 -44.21 -35.11
CA ASP B 359 -4.68 -42.93 -34.70
C ASP B 359 -5.11 -42.13 -35.92
N PHE B 360 -6.21 -41.41 -35.79
CA PHE B 360 -6.76 -40.63 -36.90
C PHE B 360 -7.10 -39.22 -36.44
N LEU B 361 -7.13 -38.29 -37.38
CA LEU B 361 -7.46 -36.91 -37.09
C LEU B 361 -8.95 -36.66 -37.29
N GLY B 362 -9.51 -35.83 -36.42
CA GLY B 362 -10.92 -35.50 -36.48
C GLY B 362 -11.13 -34.05 -36.12
N ILE B 363 -12.30 -33.54 -36.42
CA ILE B 363 -12.63 -32.15 -36.13
C ILE B 363 -14.03 -32.12 -35.55
N TYR B 364 -14.22 -31.27 -34.56
CA TYR B 364 -15.50 -31.18 -33.93
C TYR B 364 -15.88 -29.72 -33.70
N ASP B 365 -17.07 -29.35 -34.15
CA ASP B 365 -17.58 -27.98 -33.98
C ASP B 365 -18.58 -28.03 -32.84
N TYR B 366 -18.20 -27.51 -31.68
CA TYR B 366 -19.11 -27.53 -30.54
C TYR B 366 -20.28 -26.56 -30.63
N ARG B 367 -20.24 -25.63 -31.57
CA ARG B 367 -21.36 -24.72 -31.72
C ARG B 367 -22.50 -25.42 -32.46
N THR B 368 -22.19 -25.98 -33.62
CA THR B 368 -23.18 -26.67 -34.44
C THR B 368 -23.33 -28.13 -34.05
N GLY B 369 -22.25 -28.71 -33.54
CA GLY B 369 -22.30 -30.10 -33.13
C GLY B 369 -21.88 -31.05 -34.24
N LYS B 370 -21.43 -30.51 -35.37
CA LYS B 370 -21.00 -31.35 -36.48
C LYS B 370 -19.58 -31.88 -36.23
N ALA B 371 -19.41 -33.20 -36.29
CA ALA B 371 -18.10 -33.79 -36.07
C ALA B 371 -17.73 -34.67 -37.25
N GLU B 372 -16.50 -34.53 -37.73
CA GLU B 372 -16.01 -35.31 -38.86
C GLU B 372 -14.66 -35.95 -38.53
N LYS B 373 -14.43 -37.14 -39.05
CA LYS B 373 -13.18 -37.85 -38.83
C LYS B 373 -12.60 -38.19 -40.19
N PHE B 374 -11.31 -38.00 -40.36
CA PHE B 374 -10.67 -38.33 -41.62
C PHE B 374 -10.22 -39.78 -41.52
N GLU B 375 -10.13 -40.47 -42.65
CA GLU B 375 -9.74 -41.88 -42.65
C GLU B 375 -8.25 -42.16 -42.81
N GLU B 376 -7.42 -41.13 -42.84
CA GLU B 376 -5.98 -41.36 -43.00
C GLU B 376 -5.37 -41.87 -41.69
N ASN B 377 -4.76 -43.03 -41.74
CA ASN B 377 -4.13 -43.62 -40.57
C ASN B 377 -2.80 -42.90 -40.37
N LEU B 378 -2.68 -42.16 -39.28
CA LEU B 378 -1.46 -41.39 -39.00
C LEU B 378 -0.44 -42.16 -38.17
N GLY B 379 -0.74 -43.43 -37.88
CA GLY B 379 0.14 -44.25 -37.09
C GLY B 379 -0.16 -44.03 -35.62
N ASN B 380 0.88 -44.12 -34.78
CA ASN B 380 0.73 -43.88 -33.34
C ASN B 380 1.23 -42.46 -33.10
N VAL B 381 0.28 -41.55 -32.91
CA VAL B 381 0.58 -40.13 -32.71
C VAL B 381 0.93 -39.75 -31.26
N PHE B 382 1.94 -38.90 -31.10
CA PHE B 382 2.35 -38.45 -29.76
C PHE B 382 2.34 -36.92 -29.57
N ALA B 383 1.99 -36.18 -30.63
CA ALA B 383 1.91 -34.72 -30.52
C ALA B 383 1.07 -34.17 -31.65
N MET B 384 0.27 -33.15 -31.37
CA MET B 384 -0.56 -32.54 -32.40
C MET B 384 -0.77 -31.05 -32.13
N GLY B 385 -0.77 -30.27 -33.19
CA GLY B 385 -0.96 -28.83 -33.06
C GLY B 385 -1.73 -28.34 -34.27
N VAL B 386 -2.34 -27.17 -34.16
CA VAL B 386 -3.11 -26.62 -35.27
C VAL B 386 -2.69 -25.20 -35.55
N ASP B 387 -2.57 -24.85 -36.84
CA ASP B 387 -2.17 -23.50 -37.17
C ASP B 387 -3.28 -22.56 -36.72
N ARG B 388 -2.91 -21.32 -36.43
CA ARG B 388 -3.83 -20.32 -35.95
C ARG B 388 -4.96 -19.97 -36.93
N ASN B 389 -4.78 -20.30 -38.20
CA ASN B 389 -5.83 -20.01 -39.18
C ASN B 389 -6.71 -21.24 -39.44
N GLY B 390 -6.43 -22.32 -38.72
CA GLY B 390 -7.22 -23.54 -38.84
C GLY B 390 -7.27 -24.23 -40.19
N LYS B 391 -6.19 -24.13 -40.96
CA LYS B 391 -6.13 -24.78 -42.26
C LYS B 391 -5.40 -26.12 -42.24
N PHE B 392 -4.56 -26.33 -41.25
CA PHE B 392 -3.85 -27.59 -41.18
C PHE B 392 -3.37 -27.88 -39.77
N ALA B 393 -3.12 -29.16 -39.52
CA ALA B 393 -2.62 -29.60 -38.23
C ALA B 393 -1.23 -30.16 -38.46
N VAL B 394 -0.44 -30.19 -37.40
CA VAL B 394 0.89 -30.76 -37.48
C VAL B 394 0.85 -31.95 -36.52
N VAL B 395 1.34 -33.09 -37.00
CA VAL B 395 1.32 -34.32 -36.22
C VAL B 395 2.66 -35.06 -36.20
N ALA B 396 2.96 -35.72 -35.08
CA ALA B 396 4.19 -36.50 -34.94
C ALA B 396 3.83 -37.91 -34.48
N ASN B 397 4.42 -38.92 -35.10
CA ASN B 397 4.11 -40.30 -34.74
C ASN B 397 5.37 -41.08 -34.34
N ASP B 398 5.21 -42.35 -33.99
CA ASP B 398 6.36 -43.17 -33.59
C ASP B 398 7.15 -43.69 -34.78
N ARG B 399 6.85 -43.17 -35.96
CA ARG B 399 7.57 -43.51 -37.17
C ARG B 399 8.73 -42.49 -37.25
N PHE B 400 8.68 -41.52 -36.33
CA PHE B 400 9.69 -40.44 -36.23
C PHE B 400 9.43 -39.40 -37.31
N GLU B 401 8.19 -39.34 -37.77
CA GLU B 401 7.80 -38.38 -38.80
C GLU B 401 7.04 -37.19 -38.23
N ILE B 402 7.21 -36.05 -38.88
CA ILE B 402 6.44 -34.87 -38.52
C ILE B 402 5.74 -34.61 -39.85
N MET B 403 4.48 -34.25 -39.81
CA MET B 403 3.73 -34.03 -41.03
C MET B 403 2.62 -33.01 -40.84
N THR B 404 2.09 -32.49 -41.94
CA THR B 404 0.98 -31.57 -41.87
C THR B 404 -0.22 -32.37 -42.37
N VAL B 405 -1.41 -32.01 -41.90
CA VAL B 405 -2.62 -32.69 -42.32
C VAL B 405 -3.64 -31.63 -42.67
N ASP B 406 -4.05 -31.59 -43.93
CA ASP B 406 -5.02 -30.60 -44.36
C ASP B 406 -6.31 -30.82 -43.58
N LEU B 407 -6.83 -29.76 -42.97
CA LEU B 407 -8.05 -29.88 -42.18
C LEU B 407 -9.33 -29.88 -43.00
N GLU B 408 -9.18 -29.85 -44.32
CA GLU B 408 -10.33 -29.85 -45.20
C GLU B 408 -10.43 -31.17 -45.95
N THR B 409 -9.30 -31.64 -46.50
CA THR B 409 -9.28 -32.90 -47.24
C THR B 409 -8.71 -34.05 -46.41
N GLY B 410 -8.07 -33.73 -45.29
CA GLY B 410 -7.50 -34.76 -44.45
C GLY B 410 -6.22 -35.35 -45.03
N LYS B 411 -5.74 -34.73 -46.09
CA LYS B 411 -4.52 -35.18 -46.76
C LYS B 411 -3.23 -34.86 -45.98
N PRO B 412 -2.52 -35.90 -45.51
CA PRO B 412 -1.27 -35.73 -44.76
C PRO B 412 -0.06 -35.61 -45.70
N THR B 413 0.91 -34.80 -45.30
CA THR B 413 2.11 -34.61 -46.10
C THR B 413 3.28 -34.70 -45.13
N VAL B 414 4.14 -35.70 -45.29
CA VAL B 414 5.31 -35.85 -44.43
C VAL B 414 6.32 -34.76 -44.72
N ILE B 415 6.65 -33.97 -43.71
CA ILE B 415 7.62 -32.91 -43.90
C ILE B 415 9.03 -33.48 -43.80
N GLU B 416 9.28 -34.28 -42.76
CA GLU B 416 10.60 -34.87 -42.58
C GLU B 416 10.49 -36.02 -41.58
N ARG B 417 11.45 -36.93 -41.66
CA ARG B 417 11.49 -38.08 -40.79
C ARG B 417 12.87 -38.23 -40.17
N SER B 418 12.90 -38.37 -38.84
CA SER B 418 14.14 -38.54 -38.10
C SER B 418 14.40 -40.02 -38.01
N ARG B 419 15.66 -40.42 -37.92
CA ARG B 419 15.93 -41.84 -37.76
C ARG B 419 16.32 -42.15 -36.31
N GLU B 420 16.24 -41.15 -35.43
CA GLU B 420 16.61 -41.36 -34.03
C GLU B 420 15.49 -41.35 -33.00
N ALA B 421 14.61 -40.35 -33.05
CA ALA B 421 13.52 -40.21 -32.08
C ALA B 421 12.35 -39.40 -32.65
N MET B 422 11.24 -39.35 -31.93
CA MET B 422 10.07 -38.61 -32.41
C MET B 422 10.31 -37.09 -32.45
N ILE B 423 9.56 -36.43 -33.34
CA ILE B 423 9.65 -34.98 -33.53
C ILE B 423 8.41 -34.38 -32.87
N THR B 424 8.41 -34.34 -31.54
CA THR B 424 7.27 -33.83 -30.79
C THR B 424 7.37 -32.38 -30.36
N ASP B 425 8.52 -31.75 -30.61
CA ASP B 425 8.72 -30.34 -30.25
C ASP B 425 8.65 -29.46 -31.51
N PHE B 426 7.48 -28.90 -31.77
CA PHE B 426 7.29 -28.05 -32.94
C PHE B 426 6.36 -26.88 -32.67
N THR B 427 6.43 -25.87 -33.53
CA THR B 427 5.58 -24.70 -33.41
C THR B 427 5.23 -24.24 -34.84
N ILE B 428 4.19 -23.43 -34.97
CA ILE B 428 3.75 -22.94 -36.29
C ILE B 428 3.66 -21.43 -36.21
N SER B 429 4.25 -20.75 -37.19
CA SER B 429 4.22 -19.27 -37.22
C SER B 429 2.79 -18.77 -37.32
N ASP B 430 2.53 -17.57 -36.78
CA ASP B 430 1.17 -17.01 -36.81
C ASP B 430 0.56 -16.84 -38.20
N ASN B 431 1.39 -16.59 -39.20
CA ASN B 431 0.90 -16.42 -40.58
C ASN B 431 0.81 -17.77 -41.29
N SER B 432 0.91 -18.86 -40.52
CA SER B 432 0.83 -20.22 -41.05
C SER B 432 1.88 -20.58 -42.10
N ARG B 433 2.91 -19.75 -42.24
CA ARG B 433 3.92 -20.02 -43.25
C ARG B 433 5.09 -20.94 -42.88
N PHE B 434 5.57 -20.89 -41.65
CA PHE B 434 6.70 -21.72 -41.25
C PHE B 434 6.37 -22.66 -40.10
N ILE B 435 7.06 -23.79 -40.08
CA ILE B 435 6.93 -24.79 -39.04
C ILE B 435 8.35 -25.06 -38.55
N ALA B 436 8.64 -24.72 -37.30
CA ALA B 436 9.96 -24.95 -36.75
C ALA B 436 9.89 -26.15 -35.83
N TYR B 437 10.91 -26.99 -35.86
CA TYR B 437 10.88 -28.18 -35.02
C TYR B 437 12.27 -28.70 -34.68
N GLY B 438 12.38 -29.34 -33.52
CA GLY B 438 13.64 -29.92 -33.09
C GLY B 438 13.80 -31.25 -33.80
N PHE B 439 14.89 -31.39 -34.55
CA PHE B 439 15.15 -32.61 -35.32
C PHE B 439 16.23 -33.51 -34.70
N PRO B 440 15.82 -34.60 -34.04
CA PRO B 440 16.82 -35.49 -33.44
C PRO B 440 17.64 -36.18 -34.52
N LEU B 441 18.97 -36.19 -34.31
CA LEU B 441 19.90 -36.74 -35.29
C LEU B 441 21.18 -37.25 -34.63
N LYS B 442 21.92 -38.08 -35.35
CA LYS B 442 23.21 -38.61 -34.90
C LYS B 442 24.18 -38.57 -36.08
N HIS B 443 25.47 -38.34 -35.82
CA HIS B 443 26.45 -38.30 -36.90
C HIS B 443 26.66 -39.74 -37.40
N GLY B 444 26.78 -40.67 -36.48
CA GLY B 444 26.95 -42.07 -36.83
C GLY B 444 25.88 -42.92 -36.16
N GLU B 445 25.68 -44.11 -36.70
CA GLU B 445 24.68 -45.05 -36.19
C GLU B 445 24.90 -45.44 -34.74
N THR B 446 26.16 -45.60 -34.34
CA THR B 446 26.46 -46.00 -32.99
C THR B 446 26.91 -44.92 -32.02
N ASP B 447 26.51 -43.67 -32.28
CA ASP B 447 26.86 -42.56 -31.41
C ASP B 447 26.16 -42.72 -30.06
N GLY B 448 26.83 -42.31 -28.98
CA GLY B 448 26.25 -42.41 -27.67
C GLY B 448 25.24 -41.29 -27.39
N TYR B 449 25.33 -40.20 -28.15
CA TYR B 449 24.42 -39.08 -27.93
C TYR B 449 23.59 -38.69 -29.16
N VAL B 450 22.33 -38.39 -28.91
CA VAL B 450 21.43 -37.96 -29.98
C VAL B 450 21.41 -36.45 -29.91
N MET B 451 21.75 -35.79 -31.00
CA MET B 451 21.73 -34.32 -31.03
C MET B 451 20.35 -33.87 -31.52
N GLN B 452 20.09 -32.57 -31.42
CA GLN B 452 18.82 -32.04 -31.88
C GLN B 452 19.05 -30.64 -32.41
N ALA B 453 18.76 -30.47 -33.70
CA ALA B 453 18.91 -29.17 -34.34
C ALA B 453 17.53 -28.67 -34.71
N ILE B 454 17.34 -27.37 -34.70
CA ILE B 454 16.05 -26.83 -35.09
C ILE B 454 16.02 -26.76 -36.62
N HIS B 455 14.98 -27.31 -37.22
CA HIS B 455 14.78 -27.26 -38.66
C HIS B 455 13.53 -26.41 -38.89
N VAL B 456 13.49 -25.68 -39.99
CA VAL B 456 12.32 -24.88 -40.29
C VAL B 456 11.77 -25.25 -41.66
N TYR B 457 10.47 -25.52 -41.71
CA TYR B 457 9.81 -25.90 -42.96
C TYR B 457 9.02 -24.72 -43.54
N ASP B 458 9.30 -24.35 -44.78
CA ASP B 458 8.58 -23.26 -45.43
C ASP B 458 7.41 -23.83 -46.22
N MET B 459 6.19 -23.52 -45.80
CA MET B 459 5.00 -24.02 -46.50
C MET B 459 4.98 -23.54 -47.96
N GLU B 460 5.62 -22.41 -48.24
CA GLU B 460 5.70 -21.89 -49.60
C GLU B 460 7.02 -22.35 -50.17
N GLY B 461 6.96 -23.36 -51.03
CA GLY B 461 8.19 -23.90 -51.60
C GLY B 461 8.41 -25.29 -51.05
N ARG B 462 7.87 -25.53 -49.86
CA ARG B 462 8.00 -26.82 -49.20
C ARG B 462 9.45 -27.28 -49.03
N LYS B 463 10.30 -26.36 -48.61
CA LYS B 463 11.69 -26.69 -48.40
C LYS B 463 12.05 -26.59 -46.91
N ILE B 464 13.02 -27.41 -46.50
CA ILE B 464 13.48 -27.43 -45.12
C ILE B 464 14.75 -26.63 -45.00
N PHE B 465 14.87 -25.84 -43.94
CA PHE B 465 16.06 -25.03 -43.69
C PHE B 465 16.57 -25.30 -42.28
N ALA B 466 17.88 -25.35 -42.14
CA ALA B 466 18.50 -25.60 -40.84
C ALA B 466 18.63 -24.28 -40.10
N ALA B 467 18.00 -24.19 -38.94
CA ALA B 467 18.04 -22.98 -38.13
C ALA B 467 19.22 -23.01 -37.17
N THR B 468 19.67 -24.22 -36.82
CA THR B 468 20.80 -24.34 -35.91
C THR B 468 21.77 -25.44 -36.34
N THR B 469 23.01 -25.38 -35.86
CA THR B 469 24.01 -26.41 -36.17
C THR B 469 23.65 -27.70 -35.43
N GLU B 470 24.30 -28.79 -35.80
CA GLU B 470 24.01 -30.10 -35.22
C GLU B 470 24.93 -30.53 -34.09
N ASN B 471 25.49 -29.57 -33.35
CA ASN B 471 26.42 -29.90 -32.27
C ASN B 471 25.90 -30.05 -30.86
N SER B 472 24.65 -29.69 -30.60
CA SER B 472 24.15 -29.89 -29.25
C SER B 472 22.66 -30.22 -29.23
N HIS B 473 21.92 -29.64 -28.29
CA HIS B 473 20.50 -29.89 -28.15
C HIS B 473 19.77 -28.55 -28.17
N ASP B 474 19.07 -28.30 -29.28
CA ASP B 474 18.31 -27.09 -29.53
C ASP B 474 16.83 -27.44 -29.46
N TYR B 475 16.04 -26.61 -28.78
CA TYR B 475 14.65 -26.95 -28.60
C TYR B 475 13.72 -25.75 -28.33
N ALA B 476 12.47 -26.06 -28.02
CA ALA B 476 11.44 -25.07 -27.72
C ALA B 476 11.36 -23.88 -28.69
N PRO B 477 11.33 -24.15 -30.02
CA PRO B 477 11.24 -23.03 -30.95
C PRO B 477 9.91 -22.29 -30.78
N ALA B 478 9.93 -20.98 -30.96
CA ALA B 478 8.75 -20.16 -30.84
C ALA B 478 8.91 -18.90 -31.69
N PHE B 479 7.95 -18.65 -32.58
CA PHE B 479 7.99 -17.46 -33.43
C PHE B 479 7.36 -16.28 -32.71
N ASP B 480 7.77 -15.07 -33.08
CA ASP B 480 7.15 -13.91 -32.47
C ASP B 480 5.83 -13.69 -33.23
N ALA B 481 4.96 -12.83 -32.70
CA ALA B 481 3.65 -12.56 -33.29
C ALA B 481 3.65 -12.13 -34.76
N ASP B 482 4.58 -11.27 -35.16
CA ASP B 482 4.64 -10.79 -36.54
C ASP B 482 5.39 -11.76 -37.46
N SER B 483 5.72 -12.93 -36.93
CA SER B 483 6.42 -13.92 -37.73
C SER B 483 7.74 -13.39 -38.34
N LYS B 484 8.47 -12.55 -37.62
CA LYS B 484 9.71 -12.04 -38.17
C LYS B 484 10.97 -12.61 -37.53
N ASN B 485 10.80 -13.22 -36.37
CA ASN B 485 11.93 -13.80 -35.64
C ASN B 485 11.62 -15.16 -35.04
N LEU B 486 12.61 -16.05 -35.07
CA LEU B 486 12.43 -17.38 -34.49
C LEU B 486 13.27 -17.44 -33.21
N TYR B 487 12.59 -17.61 -32.09
CA TYR B 487 13.26 -17.72 -30.78
C TYR B 487 13.31 -19.19 -30.45
N TYR B 488 14.28 -19.55 -29.61
CA TYR B 488 14.45 -20.93 -29.19
C TYR B 488 15.47 -21.02 -28.05
N LEU B 489 15.54 -22.20 -27.44
CA LEU B 489 16.45 -22.47 -26.32
C LEU B 489 17.48 -23.53 -26.73
N SER B 490 18.63 -23.51 -26.08
CA SER B 490 19.72 -24.45 -26.34
C SER B 490 20.42 -24.75 -25.02
N TYR B 491 21.08 -25.91 -24.94
CA TYR B 491 21.86 -26.27 -23.76
C TYR B 491 23.30 -26.16 -24.23
N ARG B 492 23.60 -24.97 -24.75
CA ARG B 492 24.91 -24.67 -25.31
C ARG B 492 25.86 -23.86 -24.43
N SER B 493 25.35 -23.23 -23.37
CA SER B 493 26.20 -22.40 -22.52
C SER B 493 26.92 -23.22 -21.45
N LEU B 494 27.82 -24.08 -21.89
CA LEU B 494 28.56 -24.93 -20.98
C LEU B 494 29.33 -24.09 -19.96
N ASP B 495 29.08 -24.40 -18.70
CA ASP B 495 29.73 -23.76 -17.56
C ASP B 495 29.52 -24.83 -16.48
N PRO B 496 30.58 -25.46 -16.01
CA PRO B 496 30.34 -26.49 -14.99
C PRO B 496 30.00 -26.03 -13.57
N SER B 497 29.24 -26.86 -12.87
CA SER B 497 28.86 -26.63 -11.47
C SER B 497 29.54 -27.75 -10.65
N PRO B 498 30.10 -27.42 -9.48
CA PRO B 498 30.75 -28.48 -8.71
C PRO B 498 29.86 -29.33 -7.82
N ASP B 499 30.20 -30.62 -7.75
CA ASP B 499 29.51 -31.56 -6.89
C ASP B 499 30.00 -31.17 -5.50
N ARG B 500 29.11 -31.24 -4.50
CA ARG B 500 29.46 -30.85 -3.15
C ARG B 500 29.95 -31.98 -2.26
N VAL B 501 29.96 -33.21 -2.78
CA VAL B 501 30.38 -34.35 -1.97
C VAL B 501 31.53 -35.09 -2.62
N VAL B 502 31.39 -35.33 -3.92
CA VAL B 502 32.37 -36.06 -4.71
C VAL B 502 33.14 -35.10 -5.62
N LEU B 503 34.34 -35.49 -6.04
CA LEU B 503 35.12 -34.67 -6.96
C LEU B 503 34.44 -34.91 -8.29
N ASN B 504 33.60 -33.97 -8.70
CA ASN B 504 32.84 -34.15 -9.93
C ASN B 504 32.24 -32.81 -10.30
N PHE B 505 31.92 -32.65 -11.58
CA PHE B 505 31.29 -31.43 -12.08
C PHE B 505 30.20 -31.83 -13.07
N SER B 506 29.23 -30.94 -13.28
CA SER B 506 28.18 -31.24 -14.22
C SER B 506 27.52 -29.97 -14.72
N PHE B 507 26.90 -30.07 -15.88
CA PHE B 507 26.23 -28.96 -16.51
C PHE B 507 24.79 -28.83 -16.00
N GLU B 508 24.61 -27.94 -15.03
CA GLU B 508 23.33 -27.70 -14.37
C GLU B 508 22.60 -26.47 -14.88
N VAL B 509 23.35 -25.40 -15.12
CA VAL B 509 22.75 -24.15 -15.57
C VAL B 509 23.38 -23.72 -16.90
N VAL B 510 23.01 -24.40 -17.96
CA VAL B 510 23.58 -24.08 -19.27
C VAL B 510 22.55 -23.85 -20.35
N SER B 511 21.32 -23.59 -19.94
CA SER B 511 20.25 -23.31 -20.90
C SER B 511 20.24 -21.81 -21.15
N LYS B 512 20.19 -21.46 -22.43
CA LYS B 512 20.25 -20.07 -22.86
C LYS B 512 19.30 -19.84 -24.05
N PRO B 513 18.55 -18.74 -24.02
CA PRO B 513 17.67 -18.52 -25.15
C PRO B 513 18.41 -17.79 -26.28
N PHE B 514 18.05 -18.11 -27.52
CA PHE B 514 18.65 -17.49 -28.70
C PHE B 514 17.53 -16.98 -29.62
N VAL B 515 17.91 -16.21 -30.64
CA VAL B 515 16.94 -15.71 -31.60
C VAL B 515 17.54 -15.64 -33.00
N ILE B 516 16.68 -15.81 -34.01
CA ILE B 516 17.12 -15.77 -35.39
C ILE B 516 16.19 -14.92 -36.24
N PRO B 517 16.64 -13.73 -36.67
CA PRO B 517 15.79 -12.87 -37.50
C PRO B 517 15.59 -13.59 -38.84
N LEU B 518 14.34 -13.74 -39.27
CA LEU B 518 14.05 -14.45 -40.53
C LEU B 518 14.38 -13.64 -41.77
N ILE B 519 14.64 -12.35 -41.55
CA ILE B 519 15.00 -11.43 -42.63
C ILE B 519 16.44 -10.99 -42.37
N PRO B 520 17.36 -11.40 -43.25
CA PRO B 520 18.80 -11.10 -43.15
C PRO B 520 19.04 -9.59 -43.12
N GLY B 521 19.92 -9.13 -42.23
CA GLY B 521 20.22 -7.72 -42.13
C GLY B 521 19.50 -7.10 -40.95
N SER B 522 18.42 -7.76 -40.51
CA SER B 522 17.65 -7.29 -39.37
C SER B 522 18.40 -7.80 -38.13
N PRO B 523 18.61 -6.94 -37.12
CA PRO B 523 19.33 -7.33 -35.91
C PRO B 523 18.47 -8.00 -34.84
N ASN B 524 19.16 -8.67 -33.90
CA ASN B 524 18.54 -9.33 -32.77
C ASN B 524 17.60 -8.27 -32.18
N PRO B 525 16.30 -8.55 -32.14
CA PRO B 525 15.36 -7.55 -31.60
C PRO B 525 15.57 -7.18 -30.13
N THR B 526 16.08 -8.10 -29.32
CA THR B 526 16.30 -7.81 -27.91
C THR B 526 17.51 -6.89 -27.69
N LYS B 527 18.32 -6.69 -28.73
CA LYS B 527 19.49 -5.82 -28.60
C LYS B 527 19.12 -4.34 -28.61
N LEU B 528 17.86 -4.04 -28.93
CA LEU B 528 17.38 -2.67 -28.96
C LEU B 528 18.15 -1.73 -29.89
N VAL B 529 18.65 -2.26 -31.00
CA VAL B 529 19.35 -1.42 -31.95
C VAL B 529 18.37 -0.35 -32.43
N PRO B 530 18.76 0.94 -32.35
CA PRO B 530 17.84 1.98 -32.79
C PRO B 530 17.41 1.77 -34.24
N ARG B 531 16.11 1.91 -34.45
CA ARG B 531 15.52 1.74 -35.78
C ARG B 531 16.19 2.67 -36.83
N SER B 532 16.43 3.91 -36.45
CA SER B 532 17.06 4.89 -37.34
C SER B 532 18.50 4.57 -37.69
N MET B 533 19.08 3.61 -36.97
CA MET B 533 20.46 3.22 -37.21
C MET B 533 20.54 1.86 -37.85
N THR B 534 19.39 1.39 -38.32
CA THR B 534 19.30 0.10 -38.96
C THR B 534 18.64 0.27 -40.31
N SER B 535 19.23 -0.34 -41.33
CA SER B 535 18.65 -0.27 -42.66
C SER B 535 17.65 -1.43 -42.71
N GLU B 536 16.38 -1.12 -42.46
CA GLU B 536 15.32 -2.12 -42.46
C GLU B 536 15.05 -2.74 -43.84
N ALA B 537 13.81 -3.17 -44.02
CA ALA B 537 13.38 -3.80 -45.27
C ALA B 537 13.96 -5.20 -45.38
N GLY B 538 13.94 -5.74 -46.59
CA GLY B 538 14.46 -7.07 -46.81
C GLY B 538 13.32 -8.06 -46.84
N GLU B 539 13.49 -9.10 -47.65
CA GLU B 539 12.51 -10.17 -47.80
C GLU B 539 12.94 -11.37 -46.97
N TYR B 540 12.03 -12.28 -46.66
CA TYR B 540 12.38 -13.48 -45.91
C TYR B 540 13.52 -14.17 -46.66
N ASP B 541 14.42 -14.78 -45.91
CA ASP B 541 15.52 -15.54 -46.50
C ASP B 541 15.98 -16.47 -45.39
N LEU B 542 15.61 -17.74 -45.48
CA LEU B 542 15.96 -18.70 -44.47
C LEU B 542 17.28 -19.40 -44.70
N ASN B 543 17.99 -19.01 -45.75
CA ASN B 543 19.28 -19.62 -46.01
C ASN B 543 20.30 -19.14 -44.98
N ASP B 544 21.17 -20.06 -44.56
CA ASP B 544 22.22 -19.79 -43.57
C ASP B 544 21.72 -19.08 -42.34
N MET B 545 20.53 -19.38 -41.87
CA MET B 545 20.06 -18.65 -40.70
C MET B 545 20.81 -18.96 -39.39
N TYR B 546 21.49 -20.10 -39.31
CA TYR B 546 22.22 -20.43 -38.09
C TYR B 546 23.37 -19.43 -37.91
N LYS B 547 23.93 -18.97 -39.03
CA LYS B 547 25.02 -18.01 -39.01
C LYS B 547 24.58 -16.68 -38.41
N ARG B 548 23.29 -16.40 -38.51
CA ARG B 548 22.69 -15.17 -38.02
C ARG B 548 22.22 -15.25 -36.58
N SER B 549 22.21 -16.46 -36.00
CA SER B 549 21.73 -16.61 -34.63
C SER B 549 22.45 -15.67 -33.66
N SER B 550 21.70 -15.21 -32.67
CA SER B 550 22.20 -14.30 -31.66
C SER B 550 21.60 -14.69 -30.30
N PRO B 551 22.40 -14.66 -29.23
CA PRO B 551 21.85 -15.02 -27.91
C PRO B 551 21.12 -13.83 -27.30
N ILE B 552 20.19 -14.10 -26.39
CA ILE B 552 19.51 -13.02 -25.69
C ILE B 552 20.10 -12.92 -24.29
N ASN B 553 20.31 -11.69 -23.84
CA ASN B 553 20.91 -11.38 -22.55
C ASN B 553 20.24 -11.87 -21.27
N VAL B 554 19.86 -13.14 -21.25
CA VAL B 554 19.24 -13.74 -20.08
C VAL B 554 20.31 -14.66 -19.47
N ASP B 555 20.48 -14.59 -18.15
CA ASP B 555 21.46 -15.45 -17.49
C ASP B 555 21.12 -16.90 -17.75
N PRO B 556 22.14 -17.76 -17.91
CA PRO B 556 21.91 -19.19 -18.15
C PRO B 556 21.17 -19.84 -16.98
N GLY B 557 20.42 -20.88 -17.25
CA GLY B 557 19.68 -21.57 -16.20
C GLY B 557 19.18 -22.86 -16.80
N ASP B 558 17.97 -23.27 -16.45
CA ASP B 558 17.38 -24.47 -17.00
C ASP B 558 15.98 -24.11 -17.51
N TYR B 559 15.91 -23.72 -18.76
CA TYR B 559 14.64 -23.28 -19.34
C TYR B 559 13.96 -24.35 -20.18
N ARG B 560 12.63 -24.34 -20.18
CA ARG B 560 11.90 -25.33 -20.93
C ARG B 560 11.00 -24.70 -21.97
N MET B 561 10.71 -23.41 -21.84
CA MET B 561 9.85 -22.72 -22.78
C MET B 561 10.18 -21.23 -22.84
N ILE B 562 9.98 -20.65 -24.02
CA ILE B 562 10.22 -19.25 -24.23
C ILE B 562 9.03 -18.71 -25.03
N ILE B 563 8.46 -17.61 -24.56
CA ILE B 563 7.32 -17.01 -25.24
C ILE B 563 7.63 -15.54 -25.49
N PRO B 564 7.99 -15.20 -26.73
CA PRO B 564 8.30 -13.80 -27.05
C PRO B 564 7.03 -12.97 -27.16
N LEU B 565 7.00 -11.86 -26.42
CA LEU B 565 5.85 -10.95 -26.46
C LEU B 565 6.30 -9.59 -26.96
N GLU B 566 5.35 -8.65 -27.06
CA GLU B 566 5.64 -7.32 -27.57
C GLU B 566 6.88 -6.68 -26.93
N SER B 567 6.85 -6.45 -25.62
CA SER B 567 7.99 -5.83 -24.96
C SER B 567 8.61 -6.69 -23.86
N SER B 568 8.30 -7.98 -23.85
CA SER B 568 8.86 -8.87 -22.85
C SER B 568 8.91 -10.30 -23.38
N ILE B 569 9.65 -11.14 -22.67
CA ILE B 569 9.78 -12.54 -23.03
C ILE B 569 9.50 -13.39 -21.80
N LEU B 570 8.53 -14.29 -21.91
CA LEU B 570 8.23 -15.16 -20.78
C LEU B 570 9.11 -16.36 -20.93
N ILE B 571 9.56 -16.90 -19.79
CA ILE B 571 10.42 -18.05 -19.80
C ILE B 571 10.02 -19.01 -18.69
N TYR B 572 9.88 -20.28 -19.03
CA TYR B 572 9.54 -21.29 -18.05
C TYR B 572 10.88 -21.81 -17.52
N SER B 573 11.12 -21.61 -16.23
CA SER B 573 12.37 -22.01 -15.57
C SER B 573 12.18 -23.11 -14.51
N VAL B 574 13.11 -24.07 -14.48
CA VAL B 574 13.06 -25.16 -13.50
C VAL B 574 14.30 -25.07 -12.61
N PRO B 575 14.12 -24.76 -11.32
CA PRO B 575 15.26 -24.67 -10.41
C PRO B 575 15.95 -26.02 -10.25
N VAL B 576 17.27 -26.01 -10.13
CA VAL B 576 18.02 -27.25 -9.95
C VAL B 576 17.46 -27.93 -8.71
N HIS B 577 17.23 -29.23 -8.81
CA HIS B 577 16.64 -30.03 -7.74
C HIS B 577 17.09 -31.49 -7.81
N GLY B 578 16.84 -32.23 -6.74
CA GLY B 578 17.21 -33.64 -6.70
C GLY B 578 16.18 -34.46 -7.46
N GLU B 579 16.60 -35.60 -7.98
CA GLU B 579 15.74 -36.49 -8.75
C GLU B 579 15.10 -37.64 -8.00
N PHE B 580 15.46 -37.82 -6.73
CA PHE B 580 14.91 -38.93 -5.97
C PHE B 580 13.39 -39.06 -6.01
N ALA B 581 12.68 -38.01 -5.61
CA ALA B 581 11.23 -38.04 -5.57
C ALA B 581 10.57 -38.27 -6.94
N ALA B 582 11.11 -37.65 -7.98
CA ALA B 582 10.57 -37.83 -9.32
C ALA B 582 10.79 -39.26 -9.79
N TYR B 583 11.97 -39.78 -9.45
CA TYR B 583 12.36 -41.11 -9.87
C TYR B 583 11.59 -42.23 -9.17
N TYR B 584 11.35 -42.09 -7.88
CA TYR B 584 10.66 -43.11 -7.12
C TYR B 584 9.20 -42.87 -6.76
N GLN B 585 8.87 -41.61 -6.47
CA GLN B 585 7.52 -41.25 -6.05
C GLN B 585 6.71 -40.53 -7.12
N GLY B 586 7.17 -40.58 -8.37
CA GLY B 586 6.44 -39.92 -9.43
C GLY B 586 6.23 -38.42 -9.23
N ALA B 587 6.91 -37.84 -8.24
CA ALA B 587 6.80 -36.41 -7.95
C ALA B 587 7.02 -35.57 -9.20
N PRO B 588 6.20 -34.52 -9.38
CA PRO B 588 6.35 -33.67 -10.56
C PRO B 588 7.51 -32.69 -10.45
N GLU B 589 8.09 -32.34 -11.59
CA GLU B 589 9.19 -31.40 -11.63
C GLU B 589 8.57 -30.01 -11.46
N LYS B 590 9.04 -29.25 -10.48
CA LYS B 590 8.51 -27.91 -10.23
C LYS B 590 9.21 -26.84 -11.03
N GLY B 591 8.44 -25.87 -11.52
CA GLY B 591 9.00 -24.80 -12.32
C GLY B 591 8.39 -23.46 -12.02
N VAL B 592 8.91 -22.43 -12.68
CA VAL B 592 8.42 -21.08 -12.45
C VAL B 592 8.35 -20.32 -13.77
N LEU B 593 7.41 -19.39 -13.86
CA LEU B 593 7.26 -18.59 -15.06
C LEU B 593 7.97 -17.27 -14.81
N LEU B 594 9.00 -17.00 -15.59
CA LEU B 594 9.77 -15.78 -15.44
C LEU B 594 9.44 -14.80 -16.54
N LYS B 595 9.58 -13.51 -16.24
CA LYS B 595 9.32 -12.48 -17.21
C LYS B 595 10.58 -11.63 -17.37
N TYR B 596 11.07 -11.59 -18.60
CA TYR B 596 12.26 -10.82 -18.95
C TYR B 596 11.80 -9.56 -19.68
N ASP B 597 12.11 -8.41 -19.11
CA ASP B 597 11.73 -7.15 -19.74
C ASP B 597 12.83 -6.79 -20.74
N VAL B 598 12.48 -6.75 -22.01
CA VAL B 598 13.46 -6.45 -23.07
C VAL B 598 14.08 -5.07 -22.89
N LYS B 599 13.25 -4.11 -22.52
CA LYS B 599 13.71 -2.73 -22.31
C LYS B 599 14.77 -2.62 -21.21
N THR B 600 14.45 -3.11 -20.02
CA THR B 600 15.35 -3.02 -18.87
C THR B 600 16.19 -4.25 -18.61
N ARG B 601 15.89 -5.34 -19.30
CA ARG B 601 16.60 -6.60 -19.11
C ARG B 601 16.34 -7.19 -17.72
N LYS B 602 15.40 -6.59 -17.01
CA LYS B 602 15.03 -7.02 -15.67
C LYS B 602 14.17 -8.29 -15.73
N VAL B 603 14.47 -9.24 -14.85
CA VAL B 603 13.73 -10.50 -14.78
C VAL B 603 12.91 -10.57 -13.50
N THR B 604 11.62 -10.87 -13.65
CA THR B 604 10.74 -10.97 -12.50
C THR B 604 10.00 -12.30 -12.52
N GLU B 605 9.47 -12.69 -11.37
CA GLU B 605 8.73 -13.94 -11.25
C GLU B 605 7.25 -13.66 -11.43
N VAL B 606 6.64 -14.35 -12.39
CA VAL B 606 5.23 -14.17 -12.64
C VAL B 606 4.37 -15.18 -11.88
N LYS B 607 4.89 -16.40 -11.73
CA LYS B 607 4.15 -17.45 -11.06
C LYS B 607 5.11 -18.58 -10.67
N ASN B 608 4.87 -19.23 -9.54
CA ASN B 608 5.72 -20.33 -9.11
C ASN B 608 4.89 -21.57 -8.79
N ASN B 609 5.57 -22.65 -8.39
CA ASN B 609 4.91 -23.91 -8.05
C ASN B 609 4.15 -24.51 -9.23
N LEU B 610 4.67 -24.29 -10.43
CA LEU B 610 4.05 -24.82 -11.63
C LEU B 610 4.61 -26.20 -11.96
N THR B 611 3.86 -26.97 -12.74
CA THR B 611 4.29 -28.29 -13.16
C THR B 611 4.01 -28.45 -14.66
N ASP B 612 3.22 -27.54 -15.21
CA ASP B 612 2.88 -27.58 -16.63
C ASP B 612 2.30 -26.22 -17.04
N LEU B 613 2.44 -25.87 -18.31
CA LEU B 613 1.92 -24.59 -18.81
C LEU B 613 1.50 -24.65 -20.27
N ARG B 614 0.29 -24.16 -20.54
CA ARG B 614 -0.26 -24.12 -21.88
C ARG B 614 -0.51 -22.67 -22.22
N LEU B 615 -0.30 -22.30 -23.48
CA LEU B 615 -0.50 -20.92 -23.88
C LEU B 615 -1.56 -20.82 -24.98
N SER B 616 -2.40 -19.79 -24.86
CA SER B 616 -3.45 -19.52 -25.82
C SER B 616 -2.87 -19.19 -27.19
N ALA B 617 -3.65 -19.45 -28.23
CA ALA B 617 -3.24 -19.16 -29.60
C ALA B 617 -2.97 -17.67 -29.80
N ASP B 618 -3.77 -16.84 -29.15
CA ASP B 618 -3.60 -15.39 -29.27
C ASP B 618 -2.66 -14.86 -28.19
N ARG B 619 -2.06 -15.78 -27.45
CA ARG B 619 -1.11 -15.45 -26.38
C ARG B 619 -1.74 -14.63 -25.25
N LYS B 620 -3.07 -14.61 -25.17
CA LYS B 620 -3.69 -13.84 -24.11
C LYS B 620 -3.95 -14.63 -22.83
N THR B 621 -4.25 -15.91 -22.97
CA THR B 621 -4.54 -16.74 -21.80
C THR B 621 -3.50 -17.81 -21.51
N VAL B 622 -3.22 -17.99 -20.22
CA VAL B 622 -2.25 -18.98 -19.79
C VAL B 622 -2.94 -19.99 -18.89
N MET B 623 -2.69 -21.27 -19.14
CA MET B 623 -3.28 -22.32 -18.31
C MET B 623 -2.11 -23.06 -17.69
N VAL B 624 -2.18 -23.34 -16.40
CA VAL B 624 -1.11 -24.05 -15.74
C VAL B 624 -1.63 -25.12 -14.80
N ARG B 625 -0.75 -26.06 -14.50
CA ARG B 625 -1.02 -27.12 -13.56
C ARG B 625 -0.02 -26.75 -12.46
N LYS B 626 -0.46 -26.74 -11.22
CA LYS B 626 0.45 -26.40 -10.13
C LYS B 626 0.79 -27.65 -9.34
N ASP B 627 1.79 -27.54 -8.47
CA ASP B 627 2.23 -28.67 -7.67
C ASP B 627 1.09 -29.25 -6.84
N ASP B 628 0.04 -28.46 -6.61
CA ASP B 628 -1.11 -28.94 -5.83
C ASP B 628 -2.02 -29.80 -6.69
N GLY B 629 -1.61 -30.05 -7.93
CA GLY B 629 -2.40 -30.88 -8.82
C GLY B 629 -3.59 -30.20 -9.49
N LYS B 630 -3.89 -28.96 -9.13
CA LYS B 630 -5.02 -28.24 -9.71
C LYS B 630 -4.67 -27.43 -10.96
N ILE B 631 -5.64 -27.26 -11.85
CA ILE B 631 -5.47 -26.51 -13.09
C ILE B 631 -5.95 -25.08 -12.91
N TYR B 632 -5.17 -24.12 -13.41
CA TYR B 632 -5.55 -22.72 -13.28
C TYR B 632 -5.44 -21.97 -14.60
N THR B 633 -6.11 -20.83 -14.65
CA THR B 633 -6.11 -20.00 -15.83
C THR B 633 -6.01 -18.55 -15.38
N PHE B 634 -5.20 -17.77 -16.09
CA PHE B 634 -5.06 -16.37 -15.78
C PHE B 634 -4.66 -15.63 -17.05
N PRO B 635 -5.08 -14.37 -17.17
CA PRO B 635 -4.75 -13.58 -18.36
C PRO B 635 -3.25 -13.25 -18.31
N LEU B 636 -2.56 -13.43 -19.41
CA LEU B 636 -1.13 -13.14 -19.46
C LEU B 636 -0.88 -11.69 -19.08
N GLU B 637 -1.91 -10.85 -19.21
CA GLU B 637 -1.79 -9.44 -18.88
C GLU B 637 -1.90 -9.17 -17.39
N LYS B 638 -2.74 -9.95 -16.69
CA LYS B 638 -2.90 -9.75 -15.25
C LYS B 638 -2.90 -11.09 -14.52
N PRO B 639 -1.72 -11.71 -14.39
CA PRO B 639 -1.56 -12.99 -13.71
C PRO B 639 -2.17 -13.05 -12.31
N GLU B 640 -2.60 -11.90 -11.81
CA GLU B 640 -3.22 -11.85 -10.49
C GLU B 640 -4.66 -12.37 -10.57
N ASP B 641 -5.32 -12.15 -11.71
CA ASP B 641 -6.68 -12.63 -11.89
C ASP B 641 -6.67 -14.10 -12.32
N GLU B 642 -6.29 -14.94 -11.37
CA GLU B 642 -6.17 -16.37 -11.57
C GLU B 642 -7.44 -17.09 -11.11
N ARG B 643 -7.90 -18.06 -11.89
CA ARG B 643 -9.10 -18.82 -11.56
C ARG B 643 -8.82 -20.31 -11.60
N THR B 644 -9.48 -21.05 -10.72
CA THR B 644 -9.30 -22.49 -10.67
C THR B 644 -10.29 -23.16 -11.62
N VAL B 645 -9.80 -24.10 -12.43
CA VAL B 645 -10.65 -24.82 -13.36
C VAL B 645 -11.26 -26.01 -12.63
N GLU B 646 -12.59 -26.11 -12.63
CA GLU B 646 -13.25 -27.24 -11.97
C GLU B 646 -13.78 -28.19 -13.01
N THR B 647 -13.45 -29.47 -12.85
CA THR B 647 -13.85 -30.50 -13.81
C THR B 647 -14.69 -31.60 -13.18
N ASP B 648 -14.86 -31.58 -11.87
CA ASP B 648 -15.61 -32.68 -11.25
C ASP B 648 -17.05 -32.47 -10.81
N LYS B 649 -17.68 -31.42 -11.33
CA LYS B 649 -19.08 -31.15 -11.00
C LYS B 649 -19.94 -32.21 -11.71
N ARG B 650 -19.48 -32.61 -12.88
CA ARG B 650 -20.15 -33.61 -13.70
C ARG B 650 -19.31 -34.88 -13.73
N PRO B 651 -19.91 -36.02 -13.35
CA PRO B 651 -19.23 -37.31 -13.33
C PRO B 651 -18.90 -37.82 -14.74
N LEU B 652 -17.88 -38.66 -14.81
CA LEU B 652 -17.48 -39.28 -16.07
C LEU B 652 -18.36 -40.53 -16.13
N VAL B 653 -18.92 -40.81 -17.30
CA VAL B 653 -19.78 -41.97 -17.47
C VAL B 653 -19.20 -42.92 -18.51
N SER B 654 -19.13 -44.20 -18.19
CA SER B 654 -18.61 -45.16 -19.15
C SER B 654 -19.14 -46.58 -18.92
N SER B 655 -18.76 -47.48 -19.81
CA SER B 655 -19.18 -48.87 -19.72
C SER B 655 -17.96 -49.75 -19.45
N ILE B 656 -18.03 -50.55 -18.39
CA ILE B 656 -16.94 -51.45 -18.06
C ILE B 656 -16.57 -52.38 -19.21
N HIS B 657 -17.55 -53.07 -19.80
CA HIS B 657 -17.20 -53.98 -20.89
C HIS B 657 -16.63 -53.27 -22.13
N GLU B 658 -17.04 -52.04 -22.40
CA GLU B 658 -16.50 -51.33 -23.56
C GLU B 658 -15.06 -50.93 -23.20
N GLU B 659 -14.87 -50.41 -22.00
CA GLU B 659 -13.53 -50.02 -21.55
C GLU B 659 -12.59 -51.23 -21.49
N PHE B 660 -13.05 -52.35 -20.95
CA PHE B 660 -12.19 -53.53 -20.86
C PHE B 660 -11.76 -54.05 -22.22
N LEU B 661 -12.66 -54.01 -23.20
CA LEU B 661 -12.32 -54.46 -24.54
C LEU B 661 -11.28 -53.50 -25.12
N GLN B 662 -11.52 -52.21 -24.99
CA GLN B 662 -10.57 -51.22 -25.54
C GLN B 662 -9.20 -51.34 -24.86
N MET B 663 -9.20 -51.60 -23.55
CA MET B 663 -7.93 -51.71 -22.83
C MET B 663 -7.15 -52.96 -23.21
N TYR B 664 -7.85 -54.08 -23.40
CA TYR B 664 -7.16 -55.32 -23.79
C TYR B 664 -6.53 -55.12 -25.16
N ASP B 665 -7.32 -54.63 -26.11
CA ASP B 665 -6.83 -54.36 -27.45
C ASP B 665 -5.60 -53.45 -27.42
N GLU B 666 -5.66 -52.36 -26.67
CA GLU B 666 -4.51 -51.43 -26.62
C GLU B 666 -3.29 -52.08 -25.95
N ALA B 667 -3.54 -52.86 -24.90
CA ALA B 667 -2.46 -53.55 -24.20
C ALA B 667 -1.84 -54.57 -25.16
N TRP B 668 -2.68 -55.22 -25.96
CA TRP B 668 -2.21 -56.21 -26.92
C TRP B 668 -1.44 -55.49 -28.04
N LYS B 669 -1.95 -54.34 -28.50
CA LYS B 669 -1.29 -53.57 -29.55
C LYS B 669 0.04 -52.96 -29.09
N LEU B 670 0.09 -52.44 -27.86
CA LEU B 670 1.34 -51.88 -27.34
C LEU B 670 2.41 -52.98 -27.22
N ALA B 671 2.00 -54.11 -26.68
CA ALA B 671 2.91 -55.25 -26.51
C ALA B 671 3.57 -55.59 -27.85
N ARG B 672 2.77 -55.60 -28.91
CA ARG B 672 3.27 -55.91 -30.24
C ARG B 672 4.10 -54.80 -30.91
N ASP B 673 3.58 -53.58 -30.90
CA ASP B 673 4.26 -52.45 -31.52
C ASP B 673 5.61 -52.09 -30.90
N ASN B 674 5.76 -52.36 -29.61
CA ASN B 674 6.99 -51.99 -28.94
C ASN B 674 7.95 -53.09 -28.62
N TYR B 675 7.57 -54.34 -28.84
CA TYR B 675 8.48 -55.45 -28.55
C TYR B 675 9.76 -55.17 -29.31
N TRP B 676 10.90 -55.47 -28.70
CA TRP B 676 12.20 -55.17 -29.33
C TRP B 676 12.46 -55.84 -30.67
N ASN B 677 11.95 -57.05 -30.87
CA ASN B 677 12.18 -57.77 -32.12
C ASN B 677 10.89 -57.77 -32.94
N GLU B 678 10.86 -56.92 -33.98
CA GLU B 678 9.67 -56.81 -34.82
C GLU B 678 9.31 -58.13 -35.50
N ALA B 679 10.30 -58.83 -36.03
CA ALA B 679 10.04 -60.12 -36.71
C ALA B 679 9.23 -61.05 -35.82
N VAL B 680 9.68 -61.20 -34.58
CA VAL B 680 9.03 -62.06 -33.61
C VAL B 680 7.66 -61.53 -33.15
N ALA B 681 7.53 -60.21 -33.01
CA ALA B 681 6.28 -59.61 -32.53
C ALA B 681 5.04 -59.91 -33.38
N LYS B 682 5.19 -59.94 -34.69
CA LYS B 682 4.06 -60.24 -35.58
C LYS B 682 3.50 -61.63 -35.31
N GLU B 683 4.39 -62.62 -35.26
CA GLU B 683 3.99 -64.02 -35.03
C GLU B 683 3.36 -64.26 -33.65
N ILE B 684 3.98 -63.71 -32.61
CA ILE B 684 3.48 -63.89 -31.26
C ILE B 684 2.14 -63.22 -31.05
N SER B 685 2.05 -61.95 -31.42
CA SER B 685 0.82 -61.20 -31.26
C SER B 685 -0.38 -61.90 -31.92
N GLU B 686 -0.23 -62.30 -33.18
CA GLU B 686 -1.33 -62.95 -33.89
C GLU B 686 -1.71 -64.32 -33.35
N ARG B 687 -0.74 -64.96 -32.72
CA ARG B 687 -0.94 -66.29 -32.13
C ARG B 687 -1.71 -66.22 -30.79
N ILE B 688 -1.54 -65.12 -30.06
CA ILE B 688 -2.17 -65.02 -28.75
C ILE B 688 -3.41 -64.16 -28.62
N TYR B 689 -3.69 -63.34 -29.63
CA TYR B 689 -4.81 -62.44 -29.56
C TYR B 689 -6.16 -63.02 -29.11
N GLU B 690 -6.67 -63.98 -29.85
CA GLU B 690 -7.99 -64.55 -29.56
C GLU B 690 -8.17 -65.22 -28.21
N LYS B 691 -7.28 -66.13 -27.88
CA LYS B 691 -7.41 -66.87 -26.62
C LYS B 691 -7.55 -65.92 -25.42
N TYR B 692 -6.79 -64.83 -25.41
CA TYR B 692 -6.94 -63.90 -24.32
C TYR B 692 -8.11 -62.95 -24.51
N ARG B 693 -8.40 -62.59 -25.75
CA ARG B 693 -9.54 -61.73 -26.02
C ARG B 693 -10.84 -62.43 -25.58
N ASN B 694 -10.87 -63.76 -25.64
CA ASN B 694 -12.05 -64.53 -25.25
C ASN B 694 -12.34 -64.54 -23.74
N LEU B 695 -11.36 -64.17 -22.94
CA LEU B 695 -11.55 -64.14 -21.50
C LEU B 695 -12.03 -62.76 -21.08
N VAL B 696 -11.78 -61.75 -21.91
CA VAL B 696 -12.16 -60.40 -21.55
C VAL B 696 -13.61 -60.26 -21.13
N PRO B 697 -14.55 -60.90 -21.86
CA PRO B 697 -15.94 -60.76 -21.42
C PRO B 697 -16.27 -61.41 -20.06
N LEU B 698 -15.36 -62.21 -19.53
CA LEU B 698 -15.60 -62.85 -18.22
C LEU B 698 -15.13 -61.93 -17.10
N CYS B 699 -14.33 -60.94 -17.45
CA CYS B 699 -13.82 -60.00 -16.46
C CYS B 699 -14.86 -58.97 -16.05
N LYS B 700 -15.03 -58.80 -14.74
CA LYS B 700 -15.98 -57.84 -14.20
C LYS B 700 -15.27 -56.74 -13.41
N THR B 701 -14.05 -57.02 -12.98
CA THR B 701 -13.30 -56.02 -12.22
C THR B 701 -11.96 -55.75 -12.87
N ARG B 702 -11.33 -54.66 -12.44
CA ARG B 702 -10.02 -54.29 -12.99
C ARG B 702 -9.01 -55.39 -12.72
N TYR B 703 -9.15 -56.06 -11.58
CA TYR B 703 -8.25 -57.16 -11.23
C TYR B 703 -8.41 -58.31 -12.21
N ASP B 704 -9.65 -58.63 -12.56
CA ASP B 704 -9.96 -59.67 -13.53
C ASP B 704 -9.20 -59.38 -14.82
N LEU B 705 -9.34 -58.15 -15.31
CA LEU B 705 -8.69 -57.71 -16.55
C LEU B 705 -7.19 -57.87 -16.44
N SER B 706 -6.65 -57.51 -15.28
CA SER B 706 -5.20 -57.62 -15.02
C SER B 706 -4.73 -59.05 -15.26
N ASN B 707 -5.44 -60.02 -14.67
CA ASN B 707 -5.09 -61.41 -14.80
C ASN B 707 -4.95 -61.84 -16.26
N VAL B 708 -5.91 -61.40 -17.08
CA VAL B 708 -5.90 -61.73 -18.50
C VAL B 708 -4.81 -61.01 -19.27
N ILE B 709 -4.67 -59.70 -19.04
CA ILE B 709 -3.64 -58.92 -19.75
C ILE B 709 -2.22 -59.37 -19.44
N VAL B 710 -1.96 -59.69 -18.18
CA VAL B 710 -0.64 -60.12 -17.75
C VAL B 710 -0.28 -61.46 -18.37
N GLU B 711 -1.26 -62.37 -18.48
CA GLU B 711 -1.01 -63.68 -19.10
C GLU B 711 -0.65 -63.51 -20.57
N MET B 712 -1.34 -62.61 -21.27
CA MET B 712 -1.00 -62.43 -22.68
C MET B 712 0.35 -61.73 -22.76
N GLN B 713 0.68 -60.88 -21.80
CA GLN B 713 1.99 -60.20 -21.81
C GLN B 713 3.12 -61.23 -21.66
N GLY B 714 2.90 -62.21 -20.79
CA GLY B 714 3.90 -63.25 -20.55
C GLY B 714 4.18 -64.12 -21.76
N GLU B 715 3.28 -64.12 -22.75
CA GLU B 715 3.48 -64.92 -23.96
C GLU B 715 4.70 -64.44 -24.76
N TYR B 716 5.17 -63.23 -24.46
CA TYR B 716 6.35 -62.73 -25.15
C TYR B 716 7.61 -63.37 -24.61
N ARG B 717 7.44 -64.11 -23.51
CA ARG B 717 8.53 -64.84 -22.87
C ARG B 717 9.79 -64.00 -22.74
N THR B 718 9.63 -62.76 -22.32
CA THR B 718 10.75 -61.84 -22.16
C THR B 718 10.57 -61.07 -20.86
N SER B 719 11.68 -60.62 -20.29
CA SER B 719 11.63 -59.86 -19.05
C SER B 719 11.01 -58.48 -19.29
N HIS B 720 10.65 -57.81 -18.19
CA HIS B 720 10.08 -56.46 -18.22
C HIS B 720 8.71 -56.21 -18.86
N SER B 721 7.83 -57.20 -18.83
CA SER B 721 6.46 -57.01 -19.35
C SER B 721 5.67 -56.79 -18.06
N TYR B 722 5.55 -55.53 -17.66
CA TYR B 722 4.87 -55.19 -16.41
C TYR B 722 3.55 -54.47 -16.60
N GLU B 723 2.83 -54.35 -15.49
CA GLU B 723 1.55 -53.67 -15.42
C GLU B 723 1.61 -52.88 -14.11
N MET B 724 1.78 -51.57 -14.21
CA MET B 724 1.86 -50.72 -13.04
C MET B 724 0.74 -49.67 -13.05
N GLY B 725 0.41 -49.17 -11.85
CA GLY B 725 -0.62 -48.17 -11.74
C GLY B 725 -2.01 -48.64 -12.07
N GLY B 726 -2.89 -47.71 -12.42
CA GLY B 726 -4.26 -48.08 -12.71
C GLY B 726 -5.09 -48.05 -11.44
N THR B 727 -6.40 -48.10 -11.58
CA THR B 727 -7.31 -48.07 -10.45
C THR B 727 -8.06 -49.41 -10.33
N PHE B 728 -7.79 -50.11 -9.23
CA PHE B 728 -8.36 -51.41 -8.98
C PHE B 728 -9.41 -51.47 -7.88
N THR B 729 -9.45 -50.45 -7.04
CA THR B 729 -10.38 -50.44 -5.92
C THR B 729 -10.55 -49.02 -5.41
N ASP B 730 -11.53 -48.78 -4.55
CA ASP B 730 -11.68 -47.45 -3.98
C ASP B 730 -11.23 -47.47 -2.51
N LYS B 731 -10.73 -48.61 -2.05
CA LYS B 731 -10.27 -48.74 -0.66
C LYS B 731 -8.93 -48.04 -0.40
N ASP B 732 -8.88 -47.22 0.65
CA ASP B 732 -7.63 -46.56 1.00
C ASP B 732 -6.59 -47.63 1.32
N PRO B 733 -5.31 -47.32 1.11
CA PRO B 733 -4.24 -48.28 1.38
C PRO B 733 -4.16 -48.67 2.87
N PHE B 734 -3.67 -49.87 3.13
CA PHE B 734 -3.52 -50.34 4.50
C PHE B 734 -2.48 -49.46 5.16
N ARG B 735 -2.64 -49.21 6.46
CA ARG B 735 -1.70 -48.39 7.18
C ARG B 735 -0.92 -49.22 8.19
N SER B 736 0.32 -48.83 8.42
CA SER B 736 1.18 -49.49 9.36
C SER B 736 1.93 -48.40 10.12
N GLY B 737 2.11 -48.60 11.44
CA GLY B 737 2.83 -47.64 12.24
C GLY B 737 4.19 -48.19 12.61
N ARG B 738 5.22 -47.42 12.36
CA ARG B 738 6.56 -47.90 12.65
C ARG B 738 7.45 -46.90 13.37
N ILE B 739 8.35 -47.43 14.20
CA ILE B 739 9.29 -46.63 14.96
C ILE B 739 10.65 -47.31 14.84
N ALA B 740 10.79 -48.07 13.77
CA ALA B 740 11.99 -48.82 13.46
C ALA B 740 12.46 -49.68 14.63
N CYS B 741 11.53 -50.47 15.17
CA CYS B 741 11.83 -51.37 16.27
C CYS B 741 11.12 -52.70 16.01
N ASP B 742 11.74 -53.79 16.43
CA ASP B 742 11.16 -55.14 16.32
C ASP B 742 10.66 -55.46 17.72
N PHE B 743 9.43 -55.94 17.83
CA PHE B 743 8.89 -56.28 19.14
C PHE B 743 8.77 -57.79 19.34
N LYS B 744 8.94 -58.20 20.58
CA LYS B 744 8.84 -59.61 20.97
C LYS B 744 7.94 -59.67 22.21
N LEU B 745 6.88 -60.45 22.12
CA LEU B 745 5.94 -60.60 23.24
C LEU B 745 6.59 -61.52 24.26
N ASP B 746 7.01 -60.94 25.39
CA ASP B 746 7.65 -61.67 26.46
C ASP B 746 6.70 -61.67 27.67
N GLY B 747 5.96 -62.76 27.87
CA GLY B 747 5.01 -62.81 28.95
C GLY B 747 3.80 -61.99 28.55
N ASP B 748 3.49 -60.95 29.32
CA ASP B 748 2.34 -60.13 28.98
C ASP B 748 2.76 -58.74 28.48
N HIS B 749 4.06 -58.56 28.25
CA HIS B 749 4.62 -57.30 27.78
C HIS B 749 5.44 -57.45 26.52
N TYR B 750 5.37 -56.42 25.67
CA TYR B 750 6.18 -56.39 24.47
C TYR B 750 7.50 -55.76 24.87
N VAL B 751 8.60 -56.37 24.45
CA VAL B 751 9.92 -55.85 24.71
C VAL B 751 10.53 -55.48 23.35
N VAL B 752 11.30 -54.39 23.32
CA VAL B 752 11.95 -53.97 22.08
C VAL B 752 13.13 -54.91 21.87
N ALA B 753 12.98 -55.86 20.96
CA ALA B 753 14.02 -56.84 20.70
C ALA B 753 15.17 -56.22 19.94
N LYS B 754 14.87 -55.17 19.16
CA LYS B 754 15.89 -54.50 18.38
C LYS B 754 15.45 -53.11 17.94
N ALA B 755 16.35 -52.14 18.08
CA ALA B 755 16.12 -50.76 17.68
C ALA B 755 17.13 -50.46 16.56
N TYR B 756 16.63 -50.03 15.41
CA TYR B 756 17.49 -49.80 14.25
C TYR B 756 18.08 -48.40 14.10
N ALA B 757 19.34 -48.39 13.68
CA ALA B 757 20.08 -47.15 13.43
C ALA B 757 21.18 -47.41 12.41
N GLY B 758 21.28 -46.52 11.42
CA GLY B 758 22.31 -46.63 10.41
C GLY B 758 23.39 -45.66 10.86
N ASP B 759 23.52 -44.53 10.15
CA ASP B 759 24.45 -43.47 10.53
C ASP B 759 23.56 -42.52 11.36
N TYR B 760 23.87 -42.38 12.64
CA TYR B 760 23.12 -41.52 13.55
C TYR B 760 23.01 -40.06 13.11
N SER B 761 24.03 -39.54 12.43
CA SER B 761 24.01 -38.15 12.00
C SER B 761 23.23 -37.90 10.71
N ASN B 762 22.90 -38.94 9.96
CA ASN B 762 22.12 -38.76 8.72
C ASN B 762 20.65 -38.53 9.04
N GLU B 763 19.88 -38.07 8.05
CA GLU B 763 18.46 -37.86 8.27
C GLU B 763 17.72 -39.18 8.05
N GLY B 764 16.68 -39.41 8.85
CA GLY B 764 15.87 -40.62 8.73
C GLY B 764 16.57 -41.97 8.71
N GLU B 765 17.53 -42.20 9.60
CA GLU B 765 18.21 -43.49 9.63
C GLU B 765 18.25 -44.19 10.99
N LYS B 766 17.34 -43.84 11.88
CA LYS B 766 17.32 -44.47 13.20
C LYS B 766 15.94 -44.39 13.83
N SER B 767 15.70 -45.21 14.85
CA SER B 767 14.41 -45.16 15.55
C SER B 767 14.24 -43.76 16.11
N PRO B 768 13.05 -43.16 15.97
CA PRO B 768 12.82 -41.81 16.49
C PRO B 768 13.01 -41.66 18.01
N ILE B 769 13.14 -42.77 18.73
CA ILE B 769 13.32 -42.71 20.17
C ILE B 769 14.74 -42.23 20.51
N PHE B 770 15.68 -42.52 19.62
CA PHE B 770 17.06 -42.09 19.83
C PHE B 770 17.17 -40.56 19.99
N GLU B 771 16.25 -39.82 19.38
CA GLU B 771 16.31 -38.36 19.50
C GLU B 771 16.05 -37.91 20.93
N TYR B 772 15.61 -38.84 21.78
CA TYR B 772 15.35 -38.53 23.17
C TYR B 772 16.50 -38.91 24.09
N GLY B 773 17.62 -39.31 23.49
CA GLY B 773 18.79 -39.65 24.27
C GLY B 773 18.95 -41.06 24.79
N ILE B 774 18.07 -41.97 24.39
CA ILE B 774 18.23 -43.34 24.86
C ILE B 774 18.02 -44.33 23.75
N ASP B 775 18.54 -45.53 23.97
CA ASP B 775 18.41 -46.62 23.04
C ASP B 775 17.32 -47.49 23.67
N PRO B 776 16.20 -47.68 22.96
CA PRO B 776 15.06 -48.50 23.41
C PRO B 776 15.29 -50.00 23.55
N THR B 777 16.42 -50.48 23.03
CA THR B 777 16.72 -51.91 23.10
C THR B 777 16.57 -52.47 24.51
N GLY B 778 15.76 -53.51 24.65
CA GLY B 778 15.56 -54.14 25.94
C GLY B 778 14.39 -53.56 26.70
N TYR B 779 14.07 -52.30 26.42
CA TYR B 779 12.95 -51.66 27.09
C TYR B 779 11.62 -52.37 26.85
N LEU B 780 10.73 -52.27 27.85
CA LEU B 780 9.41 -52.86 27.75
C LEU B 780 8.47 -51.73 27.39
N ILE B 781 7.61 -51.96 26.40
CA ILE B 781 6.65 -50.94 26.00
C ILE B 781 5.41 -51.15 26.86
N GLU B 782 5.06 -50.14 27.63
CA GLU B 782 3.91 -50.22 28.54
C GLU B 782 2.60 -49.82 27.87
N ASP B 783 2.62 -48.67 27.22
CA ASP B 783 1.41 -48.19 26.56
C ASP B 783 1.68 -47.11 25.52
N ILE B 784 0.68 -46.89 24.68
CA ILE B 784 0.77 -45.91 23.62
C ILE B 784 -0.51 -45.08 23.68
N ASP B 785 -0.34 -43.76 23.81
CA ASP B 785 -1.45 -42.82 23.89
C ASP B 785 -2.44 -43.21 24.98
N GLY B 786 -1.90 -43.77 26.06
CA GLY B 786 -2.74 -44.18 27.18
C GLY B 786 -3.26 -45.59 27.08
N GLU B 787 -3.09 -46.22 25.93
CA GLU B 787 -3.57 -47.58 25.75
C GLU B 787 -2.49 -48.63 26.01
N THR B 788 -2.78 -49.50 26.99
CA THR B 788 -1.85 -50.56 27.36
C THR B 788 -1.71 -51.55 26.24
N VAL B 789 -0.47 -51.93 25.92
CA VAL B 789 -0.23 -52.93 24.89
C VAL B 789 0.49 -54.12 25.48
N GLY B 790 0.20 -55.30 24.95
CA GLY B 790 0.83 -56.50 25.46
C GLY B 790 0.05 -57.76 25.12
N ALA B 791 0.11 -58.74 26.01
CA ALA B 791 -0.57 -60.03 25.84
C ALA B 791 -1.95 -60.00 25.21
N GLY B 792 -2.82 -59.10 25.66
CA GLY B 792 -4.14 -59.03 25.09
C GLY B 792 -4.36 -57.79 24.26
N SER B 793 -3.27 -57.09 23.93
CA SER B 793 -3.40 -55.86 23.17
C SER B 793 -2.33 -55.73 22.09
N ASN B 794 -2.72 -56.10 20.87
CA ASN B 794 -1.88 -56.07 19.67
C ASN B 794 -1.24 -54.68 19.47
N ILE B 795 0.08 -54.60 19.66
CA ILE B 795 0.78 -53.33 19.49
C ILE B 795 0.85 -52.87 18.02
N TYR B 796 0.82 -53.81 17.08
CA TYR B 796 0.88 -53.46 15.66
C TYR B 796 -0.38 -52.71 15.22
N ARG B 797 -1.53 -53.12 15.73
CA ARG B 797 -2.76 -52.41 15.37
C ARG B 797 -2.74 -51.01 15.98
N VAL B 798 -2.33 -50.90 17.24
CA VAL B 798 -2.29 -49.59 17.91
C VAL B 798 -1.39 -48.59 17.17
N LEU B 799 -0.22 -49.06 16.72
CA LEU B 799 0.71 -48.22 15.98
C LEU B 799 0.06 -47.81 14.66
N SER B 800 -0.62 -48.76 14.01
CA SER B 800 -1.29 -48.48 12.74
C SER B 800 -2.25 -47.31 12.86
N GLU B 801 -3.00 -47.27 13.96
CA GLU B 801 -3.99 -46.23 14.20
C GLU B 801 -3.34 -44.89 14.55
N LYS B 802 -2.02 -44.90 14.74
CA LYS B 802 -1.27 -43.69 15.11
C LYS B 802 -0.32 -43.22 14.02
N ALA B 803 -0.12 -44.05 13.01
CA ALA B 803 0.79 -43.72 11.90
C ALA B 803 0.63 -42.29 11.39
N GLY B 804 1.76 -41.61 11.27
CA GLY B 804 1.73 -40.24 10.77
C GLY B 804 1.44 -39.19 11.83
N THR B 805 1.41 -39.61 13.10
CA THR B 805 1.20 -38.65 14.19
C THR B 805 2.20 -38.91 15.29
N SER B 806 2.25 -38.02 16.28
CA SER B 806 3.15 -38.19 17.40
C SER B 806 2.33 -38.66 18.59
N ALA B 807 2.69 -39.80 19.14
CA ALA B 807 1.95 -40.36 20.27
C ALA B 807 2.82 -40.57 21.51
N ARG B 808 2.19 -40.42 22.68
CA ARG B 808 2.87 -40.61 23.95
C ARG B 808 3.14 -42.09 24.20
N ILE B 809 4.41 -42.45 24.23
CA ILE B 809 4.79 -43.83 24.48
C ILE B 809 5.50 -43.96 25.83
N ARG B 810 5.01 -44.88 26.66
CA ARG B 810 5.59 -45.14 27.97
C ARG B 810 6.45 -46.40 27.89
N LEU B 811 7.70 -46.30 28.32
CA LEU B 811 8.65 -47.41 28.30
C LEU B 811 9.22 -47.71 29.69
N SER B 812 9.68 -48.94 29.88
CA SER B 812 10.26 -49.36 31.14
C SER B 812 11.54 -50.13 30.91
N GLY B 813 12.63 -49.67 31.53
CA GLY B 813 13.90 -50.35 31.38
C GLY B 813 14.14 -51.32 32.51
N LYS B 814 15.17 -52.15 32.38
CA LYS B 814 15.47 -53.11 33.43
C LYS B 814 16.10 -52.43 34.63
N GLY B 815 15.24 -52.02 35.56
CA GLY B 815 15.65 -51.34 36.77
C GLY B 815 14.46 -50.50 37.19
N GLY B 816 14.68 -49.20 37.36
CA GLY B 816 13.58 -48.33 37.74
C GLY B 816 13.37 -47.28 36.66
N ASP B 817 14.13 -47.42 35.57
CA ASP B 817 14.04 -46.47 34.47
C ASP B 817 12.69 -46.45 33.76
N LYS B 818 12.01 -45.32 33.82
CA LYS B 818 10.73 -45.17 33.16
C LYS B 818 10.78 -43.96 32.26
N ARG B 819 10.33 -44.13 31.02
CA ARG B 819 10.34 -43.05 30.04
C ARG B 819 8.93 -42.76 29.50
N ASP B 820 8.64 -41.48 29.32
CA ASP B 820 7.34 -41.03 28.80
C ASP B 820 7.65 -40.03 27.68
N LEU B 821 7.65 -40.52 26.44
CA LEU B 821 8.02 -39.71 25.27
C LEU B 821 6.98 -39.50 24.15
N MET B 822 7.02 -38.34 23.52
CA MET B 822 6.12 -38.07 22.39
C MET B 822 6.94 -38.52 21.18
N ILE B 823 6.55 -39.66 20.62
CA ILE B 823 7.27 -40.25 19.50
C ILE B 823 6.57 -40.12 18.18
N ASP B 824 7.35 -39.81 17.14
CA ASP B 824 6.81 -39.71 15.80
C ASP B 824 6.58 -41.14 15.33
N ILE B 825 5.33 -41.49 15.06
CA ILE B 825 5.03 -42.82 14.58
C ILE B 825 5.08 -42.70 13.07
N LEU B 826 6.04 -43.37 12.46
CA LEU B 826 6.24 -43.33 11.02
C LEU B 826 5.30 -44.23 10.25
N ASP B 827 5.16 -43.94 8.96
CA ASP B 827 4.31 -44.72 8.08
C ASP B 827 5.15 -45.85 7.48
N ASP B 828 6.47 -45.74 7.57
CA ASP B 828 7.35 -46.74 7.00
C ASP B 828 8.75 -46.62 7.57
N ASP B 829 9.48 -47.72 7.63
CA ASP B 829 10.84 -47.67 8.16
C ASP B 829 11.77 -48.58 7.41
N ARG B 830 11.41 -48.84 6.14
CA ARG B 830 12.22 -49.70 5.30
C ARG B 830 13.62 -49.12 5.07
N PHE B 831 13.70 -47.82 4.83
CA PHE B 831 15.01 -47.21 4.60
C PHE B 831 15.89 -47.27 5.88
N ILE B 832 15.26 -47.11 7.04
CA ILE B 832 16.01 -47.20 8.30
C ILE B 832 16.57 -48.62 8.43
N ARG B 833 15.72 -49.61 8.21
CA ARG B 833 16.14 -51.01 8.29
C ARG B 833 17.26 -51.28 7.28
N TYR B 834 17.13 -50.70 6.09
CA TYR B 834 18.13 -50.86 5.04
C TYR B 834 19.51 -50.33 5.45
N ARG B 835 19.57 -49.08 5.88
CA ARG B 835 20.84 -48.47 6.26
C ARG B 835 21.42 -49.15 7.52
N SER B 836 20.55 -49.61 8.41
CA SER B 836 21.01 -50.33 9.59
C SER B 836 21.74 -51.60 9.10
N TRP B 837 21.11 -52.31 8.17
CA TRP B 837 21.67 -53.54 7.59
C TRP B 837 23.02 -53.26 6.93
N VAL B 838 23.08 -52.21 6.12
CA VAL B 838 24.32 -51.82 5.45
C VAL B 838 25.45 -51.50 6.45
N GLU B 839 25.16 -50.67 7.45
CA GLU B 839 26.16 -50.29 8.45
C GLU B 839 26.63 -51.49 9.29
N ALA B 840 25.75 -52.47 9.46
CA ALA B 840 26.10 -53.68 10.22
C ALA B 840 27.11 -54.48 9.38
N ASN B 841 26.82 -54.62 8.09
CA ASN B 841 27.73 -55.36 7.20
C ASN B 841 29.08 -54.65 7.16
N ARG B 842 29.03 -53.32 7.09
CA ARG B 842 30.22 -52.48 7.05
C ARG B 842 31.09 -52.71 8.29
N ARG B 843 30.47 -52.72 9.47
CA ARG B 843 31.20 -52.96 10.71
C ARG B 843 31.74 -54.38 10.72
N TYR B 844 30.92 -55.34 10.31
CA TYR B 844 31.31 -56.75 10.28
C TYR B 844 32.53 -56.94 9.39
N VAL B 845 32.51 -56.34 8.20
CA VAL B 845 33.64 -56.45 7.30
C VAL B 845 34.90 -55.82 7.88
N HIS B 846 34.79 -54.63 8.49
CA HIS B 846 35.97 -53.99 9.07
C HIS B 846 36.54 -54.88 10.17
N GLU B 847 35.67 -55.48 10.97
CA GLU B 847 36.11 -56.33 12.08
C GLU B 847 36.77 -57.63 11.63
N ARG B 848 36.09 -58.40 10.79
CA ARG B 848 36.62 -59.67 10.30
C ARG B 848 37.85 -59.51 9.39
N SER B 849 38.06 -58.32 8.83
CA SER B 849 39.22 -58.11 7.95
C SER B 849 40.33 -57.42 8.75
N LYS B 850 39.99 -57.04 9.98
CA LYS B 850 40.95 -56.37 10.85
C LYS B 850 41.33 -55.03 10.26
N GLY B 851 40.32 -54.27 9.84
CA GLY B 851 40.56 -52.96 9.26
C GLY B 851 41.28 -52.91 7.92
N THR B 852 41.33 -54.02 7.19
CA THR B 852 42.00 -54.06 5.90
C THR B 852 41.05 -54.03 4.70
N ILE B 853 39.77 -54.29 4.94
CA ILE B 853 38.81 -54.32 3.85
C ILE B 853 37.61 -53.39 4.08
N GLY B 854 37.20 -52.69 3.01
CA GLY B 854 36.06 -51.80 3.08
C GLY B 854 34.82 -52.44 2.45
N TYR B 855 33.67 -51.79 2.62
CA TYR B 855 32.41 -52.34 2.12
C TYR B 855 31.42 -51.29 1.58
N ILE B 856 30.80 -51.60 0.46
CA ILE B 856 29.81 -50.73 -0.15
C ILE B 856 28.65 -51.60 -0.65
N HIS B 857 27.43 -51.15 -0.40
CA HIS B 857 26.29 -51.88 -0.92
C HIS B 857 25.53 -50.97 -1.88
N ILE B 858 25.12 -51.51 -3.02
CA ILE B 858 24.40 -50.74 -4.02
C ILE B 858 23.03 -51.38 -4.15
N PRO B 859 21.98 -50.78 -3.55
CA PRO B 859 20.60 -51.27 -3.56
C PRO B 859 19.84 -51.29 -4.89
N ASP B 860 20.23 -50.43 -5.83
CA ASP B 860 19.61 -50.44 -7.15
C ASP B 860 20.48 -49.60 -8.04
N MET B 861 20.12 -49.47 -9.32
CA MET B 861 20.92 -48.67 -10.23
C MET B 861 20.14 -47.40 -10.57
N GLY B 862 19.39 -46.91 -9.60
CA GLY B 862 18.63 -45.70 -9.76
C GLY B 862 19.25 -44.59 -8.94
N MET B 863 18.45 -43.62 -8.52
CA MET B 863 18.99 -42.53 -7.73
C MET B 863 19.43 -43.05 -6.34
N MET B 864 18.69 -44.01 -5.80
CA MET B 864 19.05 -44.57 -4.50
C MET B 864 20.42 -45.24 -4.59
N GLY B 865 20.67 -45.95 -5.69
CA GLY B 865 21.93 -46.63 -5.88
C GLY B 865 23.07 -45.64 -5.88
N LEU B 866 22.85 -44.52 -6.57
CA LEU B 866 23.82 -43.43 -6.66
C LEU B 866 24.11 -42.83 -5.30
N ASN B 867 23.06 -42.54 -4.52
CA ASN B 867 23.22 -41.96 -3.19
C ASN B 867 24.04 -42.90 -2.29
N GLU B 868 23.64 -44.17 -2.24
CA GLU B 868 24.26 -45.18 -1.38
C GLU B 868 25.64 -45.63 -1.82
N PHE B 869 25.89 -45.67 -3.11
CA PHE B 869 27.21 -46.05 -3.58
C PHE B 869 28.18 -44.96 -3.08
N TYR B 870 27.87 -43.71 -3.40
CA TYR B 870 28.74 -42.61 -2.98
C TYR B 870 28.77 -42.41 -1.47
N ARG B 871 27.65 -42.66 -0.81
CA ARG B 871 27.55 -42.47 0.63
C ARG B 871 28.66 -43.24 1.35
N LEU B 872 29.01 -44.43 0.86
CA LEU B 872 30.08 -45.21 1.46
C LEU B 872 31.38 -45.17 0.66
N PHE B 873 31.29 -44.95 -0.65
CA PHE B 873 32.48 -44.92 -1.47
C PHE B 873 33.51 -43.93 -0.95
N ILE B 874 33.05 -42.75 -0.55
CA ILE B 874 33.95 -41.72 -0.05
C ILE B 874 34.72 -42.10 1.21
N ASN B 875 34.23 -43.09 1.95
CA ASN B 875 34.89 -43.54 3.19
C ASN B 875 35.54 -44.91 3.12
N GLU B 876 35.08 -45.73 2.18
CA GLU B 876 35.52 -47.13 2.08
C GLU B 876 36.45 -47.55 0.94
N SER B 877 36.74 -46.67 0.00
CA SER B 877 37.55 -47.04 -1.14
C SER B 877 39.07 -47.03 -0.94
N SER B 878 39.54 -46.67 0.24
CA SER B 878 40.98 -46.61 0.47
C SER B 878 41.54 -47.62 1.48
N TYR B 879 40.86 -48.76 1.60
CA TYR B 879 41.32 -49.84 2.45
C TYR B 879 42.14 -50.66 1.46
N GLN B 880 42.84 -51.70 1.94
CA GLN B 880 43.63 -52.53 1.04
C GLN B 880 42.69 -53.27 0.08
N GLY B 881 41.53 -53.65 0.59
CA GLY B 881 40.57 -54.36 -0.23
C GLY B 881 39.22 -53.67 -0.23
N LEU B 882 38.33 -54.11 -1.11
CA LEU B 882 37.01 -53.50 -1.17
C LEU B 882 35.98 -54.52 -1.64
N ILE B 883 34.87 -54.58 -0.92
CA ILE B 883 33.79 -55.46 -1.26
C ILE B 883 32.67 -54.60 -1.81
N VAL B 884 32.25 -54.88 -3.03
CA VAL B 884 31.15 -54.18 -3.67
C VAL B 884 30.00 -55.18 -3.70
N ASP B 885 29.01 -54.95 -2.83
CA ASP B 885 27.85 -55.84 -2.66
C ASP B 885 26.65 -55.36 -3.46
N VAL B 886 26.26 -56.10 -4.50
CA VAL B 886 25.10 -55.70 -5.30
C VAL B 886 23.90 -56.62 -5.12
N ARG B 887 23.91 -57.41 -4.04
CA ARG B 887 22.81 -58.32 -3.77
C ARG B 887 21.52 -57.52 -3.60
N PHE B 888 20.45 -58.04 -4.20
CA PHE B 888 19.14 -57.41 -4.15
C PHE B 888 19.04 -56.16 -5.02
N ASN B 889 20.05 -55.92 -5.84
CA ASN B 889 20.06 -54.73 -6.69
C ASN B 889 18.83 -54.69 -7.59
N GLY B 890 17.98 -53.68 -7.35
CA GLY B 890 16.75 -53.54 -8.11
C GLY B 890 16.85 -53.04 -9.54
N GLY B 891 18.05 -52.81 -10.04
CA GLY B 891 18.18 -52.33 -11.41
C GLY B 891 18.05 -50.82 -11.59
N GLY B 892 17.96 -50.39 -12.84
CA GLY B 892 17.86 -48.96 -13.12
C GLY B 892 18.73 -48.64 -14.34
N PHE B 893 19.72 -47.76 -14.20
CA PHE B 893 20.58 -47.44 -15.33
C PHE B 893 21.98 -46.88 -15.05
N VAL B 894 22.32 -46.63 -13.78
CA VAL B 894 23.63 -46.05 -13.50
C VAL B 894 24.81 -47.02 -13.34
N SER B 895 24.61 -48.28 -13.68
CA SER B 895 25.69 -49.27 -13.55
C SER B 895 26.99 -48.75 -14.16
N GLN B 896 26.89 -48.21 -15.38
CA GLN B 896 28.05 -47.67 -16.08
C GLN B 896 28.75 -46.53 -15.34
N LEU B 897 28.00 -45.69 -14.64
CA LEU B 897 28.64 -44.59 -13.91
C LEU B 897 29.44 -45.15 -12.72
N ILE B 898 28.88 -46.14 -12.05
CA ILE B 898 29.55 -46.76 -10.91
C ILE B 898 30.77 -47.60 -11.34
N ILE B 899 30.69 -48.23 -12.51
CA ILE B 899 31.81 -49.02 -13.03
C ILE B 899 32.95 -48.06 -13.39
N GLU B 900 32.59 -46.95 -14.02
CA GLU B 900 33.55 -45.93 -14.45
C GLU B 900 34.45 -45.55 -13.27
N LYS B 901 33.84 -45.35 -12.13
CA LYS B 901 34.53 -45.02 -10.89
C LYS B 901 35.41 -46.19 -10.45
N LEU B 902 34.84 -47.38 -10.42
CA LEU B 902 35.55 -48.58 -10.00
C LEU B 902 36.75 -48.93 -10.88
N MET B 903 36.71 -48.45 -12.12
CA MET B 903 37.76 -48.68 -13.11
C MET B 903 39.01 -47.81 -12.93
N ASN B 904 38.87 -46.72 -12.17
CA ASN B 904 40.00 -45.81 -11.92
C ASN B 904 41.20 -46.54 -11.30
N LYS B 905 42.37 -46.32 -11.89
CA LYS B 905 43.59 -46.96 -11.38
C LYS B 905 44.41 -45.92 -10.63
N ARG B 906 44.73 -46.20 -9.37
CA ARG B 906 45.53 -45.26 -8.60
C ARG B 906 46.96 -45.33 -9.12
N ILE B 907 47.47 -44.22 -9.64
CA ILE B 907 48.81 -44.21 -10.21
C ILE B 907 49.74 -43.16 -9.62
N GLY B 908 49.25 -42.38 -8.66
CA GLY B 908 50.09 -41.37 -8.06
C GLY B 908 49.57 -40.77 -6.78
N TYR B 909 50.34 -39.83 -6.24
CA TYR B 909 49.99 -39.16 -5.01
C TYR B 909 50.64 -37.79 -4.96
N ASP B 910 49.94 -36.84 -4.34
CA ASP B 910 50.50 -35.53 -4.13
C ASP B 910 51.13 -35.64 -2.75
N ASN B 911 52.22 -34.93 -2.54
CA ASN B 911 52.94 -34.94 -1.27
C ASN B 911 52.96 -33.49 -0.80
N PRO B 912 52.13 -33.16 0.19
CA PRO B 912 52.05 -31.81 0.72
C PRO B 912 53.06 -31.48 1.81
N ARG B 913 53.31 -30.19 1.99
CA ARG B 913 54.23 -29.73 3.03
C ARG B 913 53.59 -30.12 4.36
N ARG B 914 52.28 -29.95 4.44
CA ARG B 914 51.52 -30.30 5.63
C ARG B 914 50.28 -31.11 5.25
N GLY B 915 49.89 -32.02 6.12
CA GLY B 915 48.74 -32.86 5.85
C GLY B 915 49.19 -34.21 5.35
N THR B 916 48.27 -34.98 4.78
CA THR B 916 48.59 -36.32 4.30
C THR B 916 48.58 -36.45 2.78
N LEU B 917 49.04 -37.60 2.28
CA LEU B 917 49.09 -37.86 0.84
C LEU B 917 47.70 -37.80 0.26
N SER B 918 47.58 -37.30 -0.96
CA SER B 918 46.30 -37.22 -1.67
C SER B 918 46.46 -38.14 -2.87
N PRO B 919 45.71 -39.24 -2.93
CA PRO B 919 45.78 -40.20 -4.04
C PRO B 919 45.33 -39.60 -5.36
N TYR B 920 45.85 -40.13 -6.45
CA TYR B 920 45.48 -39.67 -7.78
C TYR B 920 45.26 -40.91 -8.65
N PRO B 921 44.06 -41.06 -9.23
CA PRO B 921 42.91 -40.17 -9.10
C PRO B 921 42.30 -40.15 -7.71
N THR B 922 41.64 -39.06 -7.38
CA THR B 922 40.98 -38.91 -6.10
C THR B 922 39.92 -39.99 -5.94
N ASN B 923 39.19 -40.31 -7.02
CA ASN B 923 38.14 -41.32 -7.01
C ASN B 923 38.66 -42.70 -7.42
N SER B 924 39.81 -43.10 -6.94
CA SER B 924 40.31 -44.41 -7.30
C SER B 924 40.26 -45.35 -6.11
N VAL B 925 39.96 -46.62 -6.36
CA VAL B 925 39.95 -47.61 -5.29
C VAL B 925 41.43 -47.90 -5.06
N ARG B 926 41.83 -48.00 -3.80
CA ARG B 926 43.21 -48.25 -3.44
C ARG B 926 43.76 -49.61 -3.85
N GLY B 927 43.03 -50.69 -3.57
CA GLY B 927 43.55 -52.01 -3.92
C GLY B 927 42.63 -52.99 -4.64
N LYS B 928 42.57 -54.20 -4.12
CA LYS B 928 41.76 -55.26 -4.70
C LYS B 928 40.26 -55.10 -4.45
N ILE B 929 39.47 -55.53 -5.43
CA ILE B 929 38.03 -55.44 -5.33
C ILE B 929 37.43 -56.80 -5.56
N ILE B 930 36.28 -57.03 -4.93
CA ILE B 930 35.55 -58.27 -5.06
C ILE B 930 34.07 -57.90 -5.04
N ALA B 931 33.26 -58.55 -5.87
CA ALA B 931 31.84 -58.22 -5.89
C ALA B 931 30.98 -59.38 -5.46
N ILE B 932 29.88 -59.06 -4.79
CA ILE B 932 28.92 -60.07 -4.36
C ILE B 932 27.59 -59.80 -5.04
N THR B 933 27.00 -60.83 -5.65
CA THR B 933 25.69 -60.67 -6.30
C THR B 933 24.84 -61.89 -6.00
N ASN B 934 23.52 -61.78 -6.21
CA ASN B 934 22.64 -62.93 -5.99
C ASN B 934 21.47 -62.96 -6.96
N GLU B 935 20.50 -63.82 -6.69
CA GLU B 935 19.40 -63.96 -7.63
C GLU B 935 18.42 -62.80 -7.62
N TYR B 936 18.53 -61.94 -6.60
CA TYR B 936 17.66 -60.79 -6.50
C TYR B 936 18.25 -59.51 -7.12
N ALA B 937 19.41 -59.66 -7.78
CA ALA B 937 20.05 -58.54 -8.47
C ALA B 937 19.65 -58.78 -9.92
N GLY B 938 19.27 -57.74 -10.65
CA GLY B 938 18.87 -57.96 -12.03
C GLY B 938 18.80 -56.69 -12.86
N SER B 939 18.49 -56.85 -14.14
CA SER B 939 18.37 -55.74 -15.09
C SER B 939 19.71 -55.02 -15.14
N ASP B 940 19.74 -53.73 -14.76
CA ASP B 940 21.01 -52.99 -14.78
C ASP B 940 22.00 -53.64 -13.79
N GLY B 941 21.46 -54.51 -12.91
CA GLY B 941 22.28 -55.23 -11.96
C GLY B 941 22.89 -56.45 -12.64
N ASP B 942 22.21 -57.00 -13.64
CA ASP B 942 22.74 -58.15 -14.40
C ASP B 942 23.92 -57.54 -15.14
N ILE B 943 23.64 -56.40 -15.75
CA ILE B 943 24.61 -55.65 -16.53
C ILE B 943 25.85 -55.32 -15.71
N PHE B 944 25.67 -54.84 -14.49
CA PHE B 944 26.82 -54.53 -13.65
C PHE B 944 27.63 -55.78 -13.32
N SER B 945 26.93 -56.85 -12.95
CA SER B 945 27.57 -58.12 -12.60
C SER B 945 28.37 -58.69 -13.76
N PHE B 946 27.81 -58.57 -14.97
CA PHE B 946 28.50 -59.08 -16.14
C PHE B 946 29.73 -58.24 -16.44
N SER B 947 29.56 -56.92 -16.39
CA SER B 947 30.65 -56.00 -16.67
C SER B 947 31.81 -56.14 -15.67
N PHE B 948 31.47 -56.36 -14.40
CA PHE B 948 32.49 -56.51 -13.38
C PHE B 948 33.48 -57.62 -13.75
N LYS B 949 32.95 -58.77 -14.16
CA LYS B 949 33.79 -59.89 -14.58
C LYS B 949 34.50 -59.57 -15.90
N LYS B 950 33.71 -59.20 -16.89
CA LYS B 950 34.23 -58.89 -18.22
C LYS B 950 35.42 -57.93 -18.21
N LEU B 951 35.33 -56.87 -17.41
CA LEU B 951 36.39 -55.87 -17.33
C LEU B 951 37.52 -56.27 -16.39
N GLY B 952 37.38 -57.42 -15.74
CA GLY B 952 38.43 -57.87 -14.84
C GLY B 952 38.62 -57.03 -13.59
N LEU B 953 37.55 -56.45 -13.06
CA LEU B 953 37.63 -55.64 -11.85
C LEU B 953 37.95 -56.50 -10.63
N GLY B 954 37.57 -57.78 -10.69
CA GLY B 954 37.82 -58.70 -9.59
C GLY B 954 36.93 -59.91 -9.75
N LYS B 955 36.81 -60.71 -8.71
CA LYS B 955 35.97 -61.90 -8.75
C LYS B 955 34.52 -61.58 -8.39
N LEU B 956 33.59 -62.30 -9.02
CA LEU B 956 32.17 -62.13 -8.75
C LEU B 956 31.78 -63.35 -7.93
N ILE B 957 31.18 -63.11 -6.77
CA ILE B 957 30.79 -64.19 -5.86
C ILE B 957 29.30 -64.17 -5.54
N GLY B 958 28.73 -65.35 -5.30
CA GLY B 958 27.32 -65.45 -4.96
C GLY B 958 26.55 -66.49 -5.76
N THR B 959 25.41 -66.09 -6.29
CA THR B 959 24.55 -66.97 -7.08
C THR B 959 24.14 -66.25 -8.37
N ARG B 960 23.79 -67.02 -9.39
CA ARG B 960 23.36 -66.49 -10.68
C ARG B 960 22.25 -65.44 -10.55
N THR B 961 22.44 -64.30 -11.20
CA THR B 961 21.48 -63.18 -11.18
C THR B 961 20.14 -63.44 -11.88
N TRP B 962 19.24 -62.48 -11.76
CA TRP B 962 17.89 -62.55 -12.32
C TRP B 962 17.83 -62.85 -13.83
N GLY B 963 18.70 -62.18 -14.58
CA GLY B 963 18.71 -62.39 -16.02
C GLY B 963 17.63 -61.71 -16.84
N GLY B 964 17.42 -60.42 -16.62
CA GLY B 964 16.41 -59.70 -17.38
C GLY B 964 17.04 -58.43 -17.92
N VAL B 965 17.48 -58.46 -19.17
CA VAL B 965 18.13 -57.28 -19.73
C VAL B 965 17.54 -56.70 -20.99
N VAL B 966 16.22 -56.71 -21.11
CA VAL B 966 15.58 -56.08 -22.27
C VAL B 966 14.79 -54.93 -21.64
N GLY B 967 15.36 -53.73 -21.72
CA GLY B 967 14.79 -52.53 -21.13
C GLY B 967 13.47 -51.95 -21.65
N ILE B 968 12.94 -51.01 -20.89
CA ILE B 968 11.66 -50.38 -21.21
C ILE B 968 11.71 -48.85 -21.11
N THR B 969 10.80 -48.21 -21.84
CA THR B 969 10.65 -46.76 -21.83
C THR B 969 9.19 -46.50 -22.20
N PRO B 970 8.27 -46.78 -21.27
CA PRO B 970 6.85 -46.57 -21.54
C PRO B 970 6.52 -45.12 -21.86
N LYS B 971 5.64 -44.93 -22.85
CA LYS B 971 5.24 -43.58 -23.23
C LYS B 971 3.73 -43.46 -23.43
N ARG B 972 2.99 -44.47 -22.99
CA ARG B 972 1.55 -44.49 -23.09
C ARG B 972 0.86 -45.20 -21.94
N ARG B 973 -0.20 -44.60 -21.42
CA ARG B 973 -0.97 -45.20 -20.32
C ARG B 973 -2.32 -45.60 -20.88
N LEU B 974 -3.00 -46.53 -20.22
CA LEU B 974 -4.33 -46.93 -20.67
C LEU B 974 -5.24 -45.82 -20.14
N ILE B 975 -6.51 -45.87 -20.51
CA ILE B 975 -7.45 -44.84 -20.08
C ILE B 975 -7.67 -44.73 -18.58
N ASP B 976 -7.38 -45.78 -17.83
CA ASP B 976 -7.56 -45.73 -16.39
C ASP B 976 -6.26 -45.36 -15.65
N GLY B 977 -5.24 -44.95 -16.40
CA GLY B 977 -3.97 -44.56 -15.77
C GLY B 977 -2.89 -45.65 -15.73
N THR B 978 -3.27 -46.88 -16.07
CA THR B 978 -2.34 -48.00 -16.05
C THR B 978 -1.12 -47.79 -16.96
N VAL B 979 0.06 -48.06 -16.40
CA VAL B 979 1.30 -47.97 -17.16
C VAL B 979 1.76 -49.39 -17.47
N LEU B 980 1.64 -49.80 -18.73
CA LEU B 980 2.09 -51.13 -19.13
C LEU B 980 3.50 -50.92 -19.65
N THR B 981 4.33 -51.96 -19.63
CA THR B 981 5.68 -51.81 -20.12
C THR B 981 5.93 -52.93 -21.10
N GLN B 982 6.70 -52.62 -22.14
CA GLN B 982 7.02 -53.59 -23.17
C GLN B 982 8.54 -53.68 -23.26
N PRO B 983 9.09 -54.92 -23.34
CA PRO B 983 10.55 -55.06 -23.45
C PRO B 983 10.96 -54.60 -24.84
N GLU B 984 11.43 -53.36 -24.89
CA GLU B 984 11.78 -52.69 -26.14
C GLU B 984 13.24 -52.52 -26.54
N PHE B 985 14.13 -52.57 -25.57
CA PHE B 985 15.54 -52.39 -25.85
C PHE B 985 16.35 -53.59 -25.36
N ALA B 986 16.73 -54.49 -26.27
CA ALA B 986 17.49 -55.66 -25.88
C ALA B 986 18.98 -55.36 -25.74
N PHE B 987 19.54 -55.67 -24.58
CA PHE B 987 20.94 -55.41 -24.38
C PHE B 987 21.78 -56.52 -24.98
N TRP B 988 22.80 -56.14 -25.73
CA TRP B 988 23.69 -57.06 -26.38
C TRP B 988 25.13 -56.82 -25.90
N PHE B 989 25.76 -57.89 -25.42
CA PHE B 989 27.13 -57.79 -24.94
C PHE B 989 28.08 -58.28 -26.01
N ARG B 990 29.21 -57.61 -26.15
CA ARG B 990 30.22 -58.03 -27.10
C ARG B 990 30.67 -59.41 -26.57
N ASP B 991 30.74 -60.39 -27.46
CA ASP B 991 31.14 -61.76 -27.12
C ASP B 991 30.04 -62.64 -26.53
N ALA B 992 29.20 -62.07 -25.65
CA ALA B 992 28.13 -62.83 -25.04
C ALA B 992 26.79 -62.68 -25.76
N GLY B 993 26.71 -61.73 -26.71
CA GLY B 993 25.48 -61.52 -27.45
C GLY B 993 24.30 -61.13 -26.57
N PHE B 994 23.13 -61.67 -26.89
CA PHE B 994 21.89 -61.38 -26.16
C PHE B 994 21.68 -62.40 -25.04
N GLY B 995 22.61 -63.36 -24.94
CA GLY B 995 22.51 -64.43 -23.96
C GLY B 995 22.20 -64.19 -22.49
N VAL B 996 22.53 -63.01 -21.96
CA VAL B 996 22.24 -62.77 -20.56
C VAL B 996 20.72 -62.85 -20.32
N GLU B 997 19.94 -62.32 -21.27
CA GLU B 997 18.47 -62.33 -21.15
C GLU B 997 17.95 -63.74 -20.93
N ASN B 998 17.08 -63.88 -19.95
CA ASN B 998 16.45 -65.14 -19.55
C ASN B 998 17.45 -66.17 -19.02
N TYR B 999 18.57 -65.70 -18.46
CA TYR B 999 19.58 -66.58 -17.89
C TYR B 999 20.25 -65.90 -16.71
N GLY B 1000 20.88 -64.75 -16.96
CA GLY B 1000 21.55 -64.03 -15.89
C GLY B 1000 23.07 -64.07 -16.02
N VAL B 1001 23.76 -63.92 -14.88
CA VAL B 1001 25.22 -63.93 -14.88
C VAL B 1001 25.76 -64.90 -13.82
N ASP B 1002 26.59 -65.84 -14.25
CA ASP B 1002 27.19 -66.79 -13.32
C ASP B 1002 28.32 -66.12 -12.57
N PRO B 1003 28.42 -66.37 -11.26
CA PRO B 1003 29.50 -65.76 -10.50
C PRO B 1003 30.76 -66.62 -10.74
N ASP B 1004 31.94 -66.06 -10.47
CA ASP B 1004 33.18 -66.80 -10.64
C ASP B 1004 33.18 -67.94 -9.64
N VAL B 1005 32.64 -67.69 -8.45
CA VAL B 1005 32.56 -68.69 -7.40
C VAL B 1005 31.13 -68.71 -6.89
N GLU B 1006 30.46 -69.84 -7.05
CA GLU B 1006 29.09 -69.98 -6.61
C GLU B 1006 29.04 -70.27 -5.10
N ILE B 1007 28.35 -69.42 -4.36
CA ILE B 1007 28.19 -69.61 -2.92
C ILE B 1007 26.71 -69.49 -2.58
N GLU B 1008 26.05 -70.64 -2.43
CA GLU B 1008 24.63 -70.64 -2.10
C GLU B 1008 24.45 -70.12 -0.68
N TYR B 1009 23.25 -69.65 -0.40
CA TYR B 1009 22.91 -69.14 0.92
C TYR B 1009 21.76 -70.06 1.31
N ALA B 1010 22.12 -71.22 1.84
CA ALA B 1010 21.14 -72.25 2.24
C ALA B 1010 20.31 -71.93 3.47
N PRO B 1011 19.15 -72.60 3.59
CA PRO B 1011 18.26 -72.39 4.74
C PRO B 1011 19.00 -72.59 6.06
N HIS B 1012 19.86 -73.60 6.13
CA HIS B 1012 20.60 -73.85 7.37
C HIS B 1012 21.64 -72.76 7.66
N ASP B 1013 22.00 -71.99 6.64
CA ASP B 1013 22.94 -70.89 6.83
C ASP B 1013 22.19 -69.78 7.58
N TYR B 1014 20.95 -69.52 7.19
CA TYR B 1014 20.15 -68.49 7.87
C TYR B 1014 19.86 -68.91 9.31
N LEU B 1015 19.63 -70.21 9.51
CA LEU B 1015 19.36 -70.74 10.85
C LEU B 1015 20.53 -70.55 11.80
N SER B 1016 21.74 -70.66 11.28
CA SER B 1016 22.94 -70.50 12.10
C SER B 1016 23.37 -69.05 12.21
N GLY B 1017 22.67 -68.17 11.50
CA GLY B 1017 22.99 -66.75 11.54
C GLY B 1017 24.26 -66.39 10.77
N LYS B 1018 24.67 -67.22 9.83
CA LYS B 1018 25.88 -66.94 9.07
C LYS B 1018 25.60 -66.53 7.63
N ASP B 1019 26.27 -65.47 7.17
CA ASP B 1019 26.15 -65.01 5.79
C ASP B 1019 27.33 -65.61 5.07
N PRO B 1020 27.15 -66.80 4.45
CA PRO B 1020 28.25 -67.44 3.73
C PRO B 1020 28.83 -66.64 2.56
N GLN B 1021 28.01 -65.81 1.94
CA GLN B 1021 28.48 -65.03 0.82
C GLN B 1021 29.42 -63.91 1.27
N ILE B 1022 29.05 -63.13 2.27
CA ILE B 1022 29.93 -62.06 2.71
C ILE B 1022 31.19 -62.63 3.36
N ASP B 1023 31.04 -63.78 4.03
CA ASP B 1023 32.18 -64.44 4.66
C ASP B 1023 33.20 -64.90 3.63
N TYR B 1024 32.73 -65.48 2.54
CA TYR B 1024 33.64 -65.93 1.48
C TYR B 1024 34.33 -64.74 0.83
N ALA B 1025 33.57 -63.67 0.58
CA ALA B 1025 34.12 -62.47 -0.05
C ALA B 1025 35.24 -61.88 0.80
N ILE B 1026 34.99 -61.78 2.11
CA ILE B 1026 35.99 -61.25 3.02
C ILE B 1026 37.22 -62.14 3.03
N ASP B 1027 37.02 -63.45 3.20
CA ASP B 1027 38.12 -64.39 3.25
C ASP B 1027 38.89 -64.44 1.92
N ALA B 1028 38.19 -64.34 0.80
CA ALA B 1028 38.85 -64.37 -0.50
C ALA B 1028 39.79 -63.17 -0.68
N LEU B 1029 39.35 -61.99 -0.25
CA LEU B 1029 40.17 -60.78 -0.36
C LEU B 1029 41.37 -60.85 0.58
N ILE B 1030 41.15 -61.34 1.80
CA ILE B 1030 42.23 -61.47 2.76
C ILE B 1030 43.36 -62.30 2.13
N GLU B 1031 42.97 -63.38 1.44
CA GLU B 1031 43.93 -64.27 0.78
C GLU B 1031 44.66 -63.54 -0.35
N GLU B 1032 43.92 -62.80 -1.16
CA GLU B 1032 44.51 -62.04 -2.26
C GLU B 1032 45.43 -60.96 -1.71
N LEU B 1033 45.08 -60.42 -0.55
CA LEU B 1033 45.86 -59.38 0.08
C LEU B 1033 47.11 -59.87 0.79
N ARG B 1034 47.37 -61.17 0.71
CA ARG B 1034 48.57 -61.71 1.33
C ARG B 1034 49.77 -61.27 0.49
N ASN B 1035 49.61 -61.31 -0.83
CA ASN B 1035 50.67 -60.90 -1.74
C ASN B 1035 50.12 -60.04 -2.87
N MET C 13 -33.38 53.66 34.82
CA MET C 13 -32.33 53.21 33.84
C MET C 13 -32.55 53.90 32.50
N PRO C 14 -31.97 55.09 32.31
CA PRO C 14 -32.08 55.87 31.07
C PRO C 14 -31.17 55.37 29.96
N ASN C 15 -31.51 55.71 28.73
CA ASN C 15 -30.71 55.28 27.58
C ASN C 15 -29.79 56.39 27.11
N LEU C 16 -28.85 56.03 26.24
CA LEU C 16 -27.93 57.00 25.68
C LEU C 16 -28.58 57.42 24.36
N LEU C 17 -29.07 58.66 24.31
CA LEU C 17 -29.73 59.15 23.10
C LEU C 17 -28.68 59.80 22.20
N LEU C 18 -28.86 59.71 20.89
CA LEU C 18 -27.86 60.30 19.99
C LEU C 18 -28.34 60.68 18.61
N ASN C 19 -27.46 61.42 17.92
CA ASN C 19 -27.66 61.89 16.55
C ASN C 19 -29.13 62.15 16.19
N PRO C 20 -29.62 63.37 16.44
CA PRO C 20 -31.01 63.71 16.13
C PRO C 20 -31.22 64.51 14.87
N ASP C 21 -32.50 64.73 14.57
CA ASP C 21 -32.92 65.51 13.43
C ASP C 21 -34.27 66.07 13.86
N ILE C 22 -34.67 67.17 13.26
CA ILE C 22 -35.94 67.77 13.63
C ILE C 22 -36.76 68.22 12.43
N HIS C 23 -38.07 68.31 12.67
CA HIS C 23 -39.05 68.74 11.68
C HIS C 23 -40.28 69.12 12.51
N GLY C 24 -40.57 70.42 12.54
CA GLY C 24 -41.72 70.90 13.29
C GLY C 24 -41.60 70.52 14.76
N ASP C 25 -42.57 69.76 15.25
CA ASP C 25 -42.54 69.30 16.63
C ASP C 25 -42.04 67.86 16.69
N ARG C 26 -41.76 67.28 15.53
CA ARG C 26 -41.27 65.90 15.45
C ARG C 26 -39.76 65.83 15.48
N ILE C 27 -39.24 65.03 16.40
CA ILE C 27 -37.81 64.83 16.53
C ILE C 27 -37.51 63.34 16.44
N ILE C 28 -36.52 63.00 15.64
CA ILE C 28 -36.12 61.61 15.51
C ILE C 28 -34.70 61.46 16.04
N PHE C 29 -34.42 60.29 16.60
CA PHE C 29 -33.09 60.03 17.17
C PHE C 29 -32.78 58.55 17.25
N VAL C 30 -31.53 58.26 17.58
CA VAL C 30 -31.05 56.91 17.68
C VAL C 30 -30.93 56.44 19.12
N CYS C 31 -31.54 55.30 19.41
CA CYS C 31 -31.45 54.71 20.74
C CYS C 31 -31.39 53.21 20.54
N CYS C 32 -30.37 52.58 21.12
CA CYS C 32 -30.20 51.14 20.98
C CYS C 32 -30.05 50.73 19.51
N ASP C 33 -29.28 51.51 18.76
CA ASP C 33 -29.01 51.23 17.35
C ASP C 33 -30.23 51.32 16.44
N ASP C 34 -31.38 51.61 17.03
CA ASP C 34 -32.65 51.73 16.31
C ASP C 34 -33.09 53.19 16.19
N LEU C 35 -34.06 53.45 15.32
CA LEU C 35 -34.57 54.81 15.11
C LEU C 35 -35.84 55.08 15.91
N TRP C 36 -35.88 56.20 16.61
CA TRP C 36 -37.04 56.57 17.40
C TRP C 36 -37.54 57.95 17.00
N GLU C 37 -38.82 58.21 17.25
CA GLU C 37 -39.41 59.51 16.94
C GLU C 37 -40.17 59.99 18.17
N HIS C 38 -39.99 61.26 18.50
CA HIS C 38 -40.63 61.85 19.66
C HIS C 38 -41.36 63.16 19.33
N ASP C 39 -42.66 63.18 19.60
CA ASP C 39 -43.45 64.38 19.32
C ASP C 39 -43.48 65.32 20.51
N LEU C 40 -42.85 66.47 20.34
CA LEU C 40 -42.76 67.51 21.38
C LEU C 40 -44.12 67.93 21.90
N LYS C 41 -45.11 67.98 21.00
CA LYS C 41 -46.46 68.39 21.36
C LYS C 41 -47.18 67.40 22.29
N SER C 42 -47.07 66.11 21.99
CA SER C 42 -47.72 65.07 22.80
C SER C 42 -46.78 64.53 23.85
N GLY C 43 -45.49 64.54 23.53
CA GLY C 43 -44.50 64.04 24.47
C GLY C 43 -44.32 62.53 24.36
N SER C 44 -44.90 61.94 23.33
CA SER C 44 -44.80 60.50 23.13
C SER C 44 -43.56 60.12 22.32
N THR C 45 -42.95 59.00 22.67
CA THR C 45 -41.75 58.50 22.00
C THR C 45 -42.08 57.11 21.46
N ARG C 46 -41.70 56.85 20.21
CA ARG C 46 -41.98 55.56 19.58
C ARG C 46 -40.85 55.12 18.65
N LYS C 47 -40.56 53.82 18.63
CA LYS C 47 -39.52 53.31 17.75
C LYS C 47 -40.16 53.15 16.39
N ILE C 48 -39.56 53.75 15.36
CA ILE C 48 -40.14 53.68 14.02
C ILE C 48 -39.41 52.75 13.07
N VAL C 49 -38.27 52.24 13.50
CA VAL C 49 -37.50 51.31 12.67
C VAL C 49 -36.40 50.67 13.49
N SER C 50 -36.31 49.35 13.38
CA SER C 50 -35.31 48.57 14.10
C SER C 50 -34.89 47.33 13.32
N ASN C 51 -34.02 46.53 13.92
CA ASN C 51 -33.55 45.29 13.30
C ASN C 51 -33.06 45.43 11.85
N LEU C 52 -32.42 46.55 11.52
CA LEU C 52 -31.87 46.78 10.17
C LEU C 52 -30.36 46.73 10.27
N GLY C 53 -29.87 46.79 11.50
CA GLY C 53 -28.44 46.80 11.75
C GLY C 53 -28.23 48.01 12.65
N VAL C 54 -27.00 48.52 12.72
CA VAL C 54 -26.73 49.68 13.55
C VAL C 54 -26.96 50.97 12.76
N ILE C 55 -27.97 51.74 13.18
CA ILE C 55 -28.27 53.01 12.52
C ILE C 55 -27.52 54.12 13.25
N ASN C 56 -26.88 55.00 12.49
CA ASN C 56 -26.14 56.09 13.13
C ASN C 56 -26.56 57.45 12.61
N ASN C 57 -27.35 57.49 11.55
CA ASN C 57 -27.78 58.77 11.01
C ASN C 57 -29.14 58.69 10.36
N ALA C 58 -29.99 59.66 10.68
CA ALA C 58 -31.34 59.71 10.14
C ALA C 58 -31.64 61.15 9.72
N ARG C 59 -32.20 61.33 8.52
CA ARG C 59 -32.49 62.66 8.00
C ARG C 59 -33.87 62.83 7.32
N PHE C 60 -34.73 63.66 7.91
CA PHE C 60 -36.06 63.91 7.34
C PHE C 60 -35.89 64.51 5.94
N PHE C 61 -36.83 64.24 5.05
CA PHE C 61 -36.78 64.85 3.72
C PHE C 61 -37.40 66.24 3.94
N PRO C 62 -37.20 67.17 3.00
CA PRO C 62 -37.77 68.51 3.19
C PRO C 62 -39.21 68.55 3.73
N ASP C 63 -40.12 67.87 3.06
CA ASP C 63 -41.52 67.85 3.49
C ASP C 63 -41.75 66.96 4.71
N GLY C 64 -40.67 66.44 5.27
CA GLY C 64 -40.78 65.59 6.46
C GLY C 64 -41.62 64.34 6.35
N ARG C 65 -41.93 63.91 5.13
CA ARG C 65 -42.75 62.71 4.92
C ARG C 65 -41.88 61.46 5.05
N LYS C 66 -40.87 61.38 4.19
CA LYS C 66 -39.93 60.27 4.15
C LYS C 66 -38.70 60.59 4.97
N ILE C 67 -37.94 59.56 5.33
CA ILE C 67 -36.72 59.72 6.11
C ILE C 67 -35.58 58.89 5.52
N ALA C 68 -34.45 59.53 5.25
CA ALA C 68 -33.28 58.85 4.70
C ALA C 68 -32.51 58.30 5.91
N ILE C 69 -32.12 57.02 5.84
CA ILE C 69 -31.42 56.37 6.95
C ILE C 69 -30.10 55.68 6.59
N ARG C 70 -29.07 55.87 7.41
CA ARG C 70 -27.78 55.21 7.17
C ARG C 70 -27.65 54.08 8.18
N VAL C 71 -27.33 52.89 7.70
CA VAL C 71 -27.18 51.78 8.63
C VAL C 71 -25.93 51.00 8.29
N MET C 72 -25.29 50.48 9.34
CA MET C 72 -24.07 49.71 9.20
C MET C 72 -24.33 48.24 9.51
N ARG C 73 -23.59 47.37 8.83
CA ARG C 73 -23.72 45.92 9.02
C ARG C 73 -22.32 45.29 9.01
N GLY C 74 -22.23 44.04 9.46
CA GLY C 74 -20.95 43.37 9.53
C GLY C 74 -20.59 43.44 11.00
N SER C 75 -20.01 42.38 11.56
CA SER C 75 -19.69 42.36 12.98
C SER C 75 -18.96 43.62 13.45
N SER C 76 -18.10 44.18 12.61
CA SER C 76 -17.37 45.38 12.96
C SER C 76 -17.96 46.64 12.33
N LEU C 77 -19.15 46.52 11.76
CA LEU C 77 -19.82 47.64 11.12
C LEU C 77 -18.96 48.23 10.01
N ASN C 78 -18.27 47.36 9.28
CA ASN C 78 -17.38 47.79 8.20
C ASN C 78 -18.07 48.06 6.86
N THR C 79 -19.38 47.77 6.77
CA THR C 79 -20.10 48.03 5.52
C THR C 79 -21.30 48.90 5.83
N ALA C 80 -21.75 49.66 4.85
CA ALA C 80 -22.90 50.52 5.07
C ALA C 80 -23.65 50.84 3.77
N ASP C 81 -24.94 51.10 3.92
CA ASP C 81 -25.79 51.46 2.79
C ASP C 81 -26.97 52.30 3.29
N LEU C 82 -27.74 52.86 2.36
CA LEU C 82 -28.85 53.74 2.76
C LEU C 82 -30.24 53.20 2.49
N TYR C 83 -31.16 53.55 3.39
CA TYR C 83 -32.55 53.14 3.34
C TYR C 83 -33.45 54.38 3.45
N PHE C 84 -34.71 54.21 3.03
CA PHE C 84 -35.72 55.26 3.10
C PHE C 84 -36.82 54.68 3.98
N TYR C 85 -37.33 55.49 4.90
CA TYR C 85 -38.43 55.07 5.76
C TYR C 85 -39.62 55.96 5.46
N ASN C 86 -40.72 55.38 4.99
CA ASN C 86 -41.91 56.17 4.68
C ASN C 86 -42.92 56.13 5.83
N GLY C 87 -42.89 57.18 6.66
CA GLY C 87 -43.78 57.25 7.81
C GLY C 87 -45.26 57.18 7.48
N GLU C 88 -45.61 57.40 6.23
CA GLU C 88 -47.00 57.36 5.81
C GLU C 88 -47.56 55.93 5.86
N ASN C 89 -46.84 54.99 5.25
CA ASN C 89 -47.29 53.60 5.23
C ASN C 89 -46.40 52.65 6.03
N GLY C 90 -45.34 53.19 6.61
CA GLY C 90 -44.43 52.35 7.38
C GLY C 90 -43.59 51.49 6.45
N GLU C 91 -43.40 51.95 5.22
CA GLU C 91 -42.60 51.21 4.26
C GLU C 91 -41.12 51.47 4.42
N ILE C 92 -40.34 50.40 4.55
CA ILE C 92 -38.90 50.53 4.67
C ILE C 92 -38.39 50.03 3.31
N LYS C 93 -37.26 50.56 2.86
CA LYS C 93 -36.71 50.17 1.55
C LYS C 93 -35.24 50.55 1.44
N ARG C 94 -34.43 49.66 0.88
CA ARG C 94 -33.01 49.92 0.72
C ARG C 94 -32.83 50.77 -0.53
N ILE C 95 -31.99 51.79 -0.45
CA ILE C 95 -31.77 52.66 -1.60
C ILE C 95 -30.45 52.44 -2.31
N THR C 96 -29.39 52.21 -1.55
CA THR C 96 -28.07 51.99 -2.15
C THR C 96 -27.55 50.57 -1.97
N TYR C 97 -26.82 50.10 -2.96
CA TYR C 97 -26.24 48.77 -2.93
C TYR C 97 -24.73 48.84 -3.17
N PHE C 98 -24.09 49.82 -2.53
CA PHE C 98 -22.64 50.05 -2.65
C PHE C 98 -21.79 49.35 -1.59
N SER C 99 -22.41 49.02 -0.47
CA SER C 99 -21.66 48.39 0.62
C SER C 99 -20.43 49.24 0.80
N GLY C 100 -20.65 50.51 1.14
CA GLY C 100 -19.54 51.44 1.33
C GLY C 100 -18.74 51.08 2.56
N LYS C 101 -17.41 51.16 2.45
CA LYS C 101 -16.54 50.85 3.57
C LYS C 101 -16.81 51.87 4.66
N SER C 102 -16.58 51.49 5.91
CA SER C 102 -16.82 52.39 7.01
C SER C 102 -16.03 52.05 8.27
N THR C 103 -15.55 53.08 8.96
CA THR C 103 -14.84 52.90 10.22
C THR C 103 -15.46 53.94 11.16
N GLY C 104 -15.30 53.75 12.46
CA GLY C 104 -15.88 54.68 13.41
C GLY C 104 -15.50 56.12 13.14
N ARG C 105 -14.23 56.34 12.75
CA ARG C 105 -13.72 57.67 12.47
C ARG C 105 -14.01 58.17 11.06
N ARG C 106 -14.50 57.29 10.22
CA ARG C 106 -14.87 57.63 8.85
C ARG C 106 -16.05 56.78 8.43
N MET C 107 -17.24 57.18 8.87
CA MET C 107 -18.46 56.47 8.54
C MET C 107 -19.04 57.06 7.27
N PHE C 108 -18.41 56.70 6.14
CA PHE C 108 -18.79 57.19 4.82
C PHE C 108 -20.01 56.56 4.17
N THR C 109 -20.42 57.12 3.02
CA THR C 109 -21.63 56.70 2.31
C THR C 109 -22.76 57.12 3.25
N ASP C 110 -23.16 58.38 3.14
CA ASP C 110 -24.18 58.95 4.03
C ASP C 110 -25.03 60.01 3.33
N VAL C 111 -25.93 60.63 4.08
CA VAL C 111 -26.78 61.67 3.52
C VAL C 111 -25.97 62.98 3.56
N ALA C 112 -25.89 63.65 2.41
CA ALA C 112 -25.14 64.89 2.36
C ALA C 112 -26.06 66.10 2.58
N GLY C 113 -27.26 66.02 2.02
CA GLY C 113 -28.23 67.09 2.12
C GLY C 113 -29.31 66.91 1.07
N PHE C 114 -30.19 67.91 0.91
CA PHE C 114 -31.26 67.84 -0.08
C PHE C 114 -31.23 69.11 -0.93
N ASP C 115 -31.55 68.97 -2.22
CA ASP C 115 -31.51 70.12 -3.12
C ASP C 115 -32.89 70.79 -3.25
N PRO C 116 -32.93 72.02 -3.79
CA PRO C 116 -34.18 72.78 -3.96
C PRO C 116 -35.41 71.95 -4.33
N ASP C 117 -35.24 71.00 -5.23
CA ASP C 117 -36.35 70.16 -5.66
C ASP C 117 -36.69 69.09 -4.63
N GLY C 118 -35.90 69.04 -3.56
CA GLY C 118 -36.14 68.07 -2.51
C GLY C 118 -35.53 66.69 -2.75
N ASN C 119 -34.66 66.58 -3.76
CA ASN C 119 -34.02 65.30 -4.07
C ASN C 119 -32.85 65.08 -3.12
N LEU C 120 -32.62 63.83 -2.75
CA LEU C 120 -31.53 63.45 -1.84
C LEU C 120 -30.15 63.52 -2.49
N ILE C 121 -29.20 64.10 -1.77
CA ILE C 121 -27.83 64.21 -2.24
C ILE C 121 -27.00 63.38 -1.26
N ILE C 122 -26.39 62.32 -1.78
CA ILE C 122 -25.57 61.45 -0.93
C ILE C 122 -24.09 61.74 -1.13
N SER C 123 -23.31 61.37 -0.13
CA SER C 123 -21.86 61.53 -0.18
C SER C 123 -21.34 60.10 -0.12
N THR C 124 -20.45 59.72 -1.04
CA THR C 124 -19.94 58.34 -1.03
C THR C 124 -18.70 58.09 -1.89
N ASP C 125 -17.78 57.30 -1.34
CA ASP C 125 -16.54 56.93 -2.02
C ASP C 125 -16.73 55.57 -2.69
N ALA C 126 -17.99 55.13 -2.76
CA ALA C 126 -18.35 53.84 -3.35
C ALA C 126 -17.68 53.55 -4.69
N MET C 127 -17.72 54.51 -5.61
CA MET C 127 -17.11 54.33 -6.93
C MET C 127 -15.88 55.18 -7.16
N GLN C 128 -15.12 55.44 -6.11
CA GLN C 128 -13.92 56.25 -6.23
C GLN C 128 -12.70 55.45 -5.83
N PRO C 129 -11.53 55.80 -6.38
CA PRO C 129 -10.30 55.06 -6.04
C PRO C 129 -9.80 55.22 -4.60
N PHE C 130 -10.37 56.16 -3.85
CA PHE C 130 -9.94 56.39 -2.47
C PHE C 130 -11.15 56.66 -1.57
N SER C 131 -11.08 56.18 -0.34
CA SER C 131 -12.16 56.36 0.62
C SER C 131 -12.39 57.81 1.00
N SER C 132 -11.34 58.63 0.89
CA SER C 132 -11.47 60.04 1.24
C SER C 132 -12.18 60.81 0.14
N MET C 133 -12.36 60.17 -1.01
CA MET C 133 -13.04 60.80 -2.14
C MET C 133 -14.53 60.52 -2.11
N THR C 134 -15.21 61.01 -1.07
CA THR C 134 -16.63 60.84 -0.93
C THR C 134 -17.34 61.89 -1.77
N CYS C 135 -17.67 61.52 -3.01
CA CYS C 135 -18.34 62.41 -3.95
C CYS C 135 -19.83 62.60 -3.68
N LEU C 136 -20.37 63.66 -4.25
CA LEU C 136 -21.79 63.98 -4.10
C LEU C 136 -22.55 63.49 -5.33
N TYR C 137 -23.67 62.83 -5.08
CA TYR C 137 -24.52 62.27 -6.15
C TYR C 137 -25.97 62.55 -5.81
N ARG C 138 -26.77 62.88 -6.83
CA ARG C 138 -28.18 63.10 -6.60
C ARG C 138 -28.87 61.78 -6.88
N VAL C 139 -29.52 61.22 -5.87
CA VAL C 139 -30.24 59.95 -6.03
C VAL C 139 -31.47 60.21 -6.89
N GLU C 140 -31.84 59.21 -7.69
CA GLU C 140 -33.02 59.32 -8.55
C GLU C 140 -33.72 57.98 -8.55
N ASN C 141 -35.03 58.02 -8.73
CA ASN C 141 -35.85 56.81 -8.79
C ASN C 141 -35.49 55.84 -7.67
N ASP C 142 -35.32 56.38 -6.48
CA ASP C 142 -35.00 55.59 -5.30
C ASP C 142 -33.81 54.65 -5.47
N GLY C 143 -32.72 55.16 -6.05
CA GLY C 143 -31.53 54.35 -6.22
C GLY C 143 -31.22 53.88 -7.63
N ILE C 144 -32.25 53.81 -8.47
CA ILE C 144 -32.08 53.37 -9.85
C ILE C 144 -30.93 54.07 -10.56
N ASN C 145 -30.74 55.34 -10.23
CA ASN C 145 -29.72 56.14 -10.91
C ASN C 145 -29.09 57.17 -9.98
N PHE C 146 -27.80 57.43 -10.16
CA PHE C 146 -27.07 58.42 -9.35
C PHE C 146 -26.38 59.41 -10.27
N VAL C 147 -26.70 60.69 -10.12
CA VAL C 147 -26.10 61.73 -10.94
C VAL C 147 -25.04 62.48 -10.13
N PRO C 148 -23.79 62.46 -10.58
CA PRO C 148 -22.70 63.14 -9.87
C PRO C 148 -22.73 64.67 -9.98
N LEU C 149 -22.55 65.37 -8.86
CA LEU C 149 -22.54 66.83 -8.84
C LEU C 149 -21.20 67.38 -9.31
N ASN C 150 -20.14 66.57 -9.16
CA ASN C 150 -18.83 66.98 -9.62
C ASN C 150 -18.25 68.18 -8.87
N LEU C 151 -18.53 68.23 -7.57
CA LEU C 151 -18.05 69.32 -6.73
C LEU C 151 -16.89 68.81 -5.89
N GLY C 152 -16.43 67.60 -6.21
CA GLY C 152 -15.32 67.00 -5.50
C GLY C 152 -15.71 66.34 -4.18
N PRO C 153 -14.73 65.92 -3.36
CA PRO C 153 -15.09 65.29 -2.10
C PRO C 153 -15.75 66.29 -1.15
N ALA C 154 -16.76 65.84 -0.41
CA ALA C 154 -17.46 66.72 0.52
C ALA C 154 -18.32 65.87 1.43
N THR C 155 -18.58 66.38 2.63
CA THR C 155 -19.38 65.66 3.61
C THR C 155 -20.83 66.18 3.69
N HIS C 156 -21.01 67.49 3.51
CA HIS C 156 -22.35 68.09 3.57
C HIS C 156 -22.55 69.11 2.45
N ILE C 157 -23.79 69.27 2.03
CA ILE C 157 -24.11 70.27 1.02
C ILE C 157 -25.43 70.92 1.39
N LEU C 158 -25.39 72.24 1.56
CA LEU C 158 -26.57 73.02 1.91
C LEU C 158 -26.83 73.98 0.76
N PHE C 159 -28.06 74.44 0.65
CA PHE C 159 -28.44 75.38 -0.40
C PHE C 159 -29.04 76.64 0.21
N ALA C 160 -28.39 77.78 -0.01
CA ALA C 160 -28.84 79.06 0.49
C ALA C 160 -28.97 80.07 -0.64
N ASP C 161 -30.15 80.64 -0.79
CA ASP C 161 -30.40 81.63 -1.83
C ASP C 161 -29.92 81.18 -3.20
N GLY C 162 -30.26 79.94 -3.55
CA GLY C 162 -29.87 79.41 -4.85
C GLY C 162 -28.41 79.03 -5.01
N ARG C 163 -27.59 79.26 -3.97
CA ARG C 163 -26.18 78.92 -4.07
C ARG C 163 -25.76 77.83 -3.08
N ARG C 164 -24.94 76.91 -3.60
CA ARG C 164 -24.47 75.77 -2.83
C ARG C 164 -23.45 76.08 -1.75
N VAL C 165 -23.59 75.39 -0.61
CA VAL C 165 -22.70 75.54 0.53
C VAL C 165 -22.07 74.14 0.71
N ILE C 166 -20.77 74.05 0.50
CA ILE C 166 -20.07 72.75 0.62
C ILE C 166 -19.26 72.59 1.90
N GLY C 167 -19.62 71.58 2.70
CA GLY C 167 -18.91 71.31 3.95
C GLY C 167 -17.94 70.14 3.73
N ARG C 168 -16.64 70.44 3.75
CA ARG C 168 -15.62 69.42 3.52
C ARG C 168 -15.04 68.88 4.82
N ASN C 169 -15.03 67.55 4.97
CA ASN C 169 -14.48 66.91 6.17
C ASN C 169 -15.21 67.33 7.42
N THR C 170 -16.44 67.81 7.25
CA THR C 170 -17.25 68.31 8.35
C THR C 170 -17.98 67.32 9.26
N PHE C 171 -17.57 66.06 9.24
CA PHE C 171 -18.19 65.06 10.11
C PHE C 171 -17.57 65.29 11.49
N GLU C 172 -18.16 64.71 12.53
CA GLU C 172 -17.63 64.90 13.89
C GLU C 172 -16.34 64.13 14.07
N LEU C 173 -15.52 64.54 15.05
CA LEU C 173 -14.24 63.92 15.36
C LEU C 173 -14.09 63.70 16.87
N PRO C 174 -15.01 62.93 17.46
CA PRO C 174 -14.94 62.68 18.90
C PRO C 174 -13.66 62.00 19.38
N HIS C 175 -12.96 61.33 18.47
CA HIS C 175 -11.73 60.65 18.85
C HIS C 175 -10.52 61.57 18.85
N TRP C 176 -10.73 62.84 18.49
CA TRP C 176 -9.63 63.78 18.47
C TRP C 176 -10.05 65.20 18.86
N LYS C 177 -10.09 65.48 20.14
CA LYS C 177 -10.46 66.83 20.59
C LYS C 177 -9.29 67.77 20.33
N GLY C 178 -9.59 68.94 19.77
CA GLY C 178 -8.52 69.90 19.51
C GLY C 178 -7.83 69.75 18.17
N TYR C 179 -8.34 68.86 17.31
CA TYR C 179 -7.74 68.66 15.99
C TYR C 179 -7.56 70.03 15.32
N ARG C 180 -6.38 70.25 14.75
CA ARG C 180 -6.06 71.50 14.07
C ARG C 180 -5.29 71.20 12.80
N GLY C 181 -5.32 69.95 12.36
CA GLY C 181 -4.58 69.53 11.19
C GLY C 181 -5.13 69.98 9.85
N GLY C 182 -4.44 69.58 8.78
CA GLY C 182 -4.84 69.96 7.44
C GLY C 182 -6.15 69.37 6.98
N THR C 183 -6.60 68.30 7.63
CA THR C 183 -7.86 67.65 7.26
C THR C 183 -9.08 68.23 7.99
N ARG C 184 -8.89 69.27 8.78
CA ARG C 184 -10.00 69.88 9.53
C ARG C 184 -11.16 70.30 8.63
N GLY C 185 -12.37 70.20 9.16
CA GLY C 185 -13.55 70.58 8.38
C GLY C 185 -13.55 72.06 8.03
N LYS C 186 -13.79 72.36 6.76
CA LYS C 186 -13.85 73.72 6.27
C LYS C 186 -15.13 73.88 5.48
N ILE C 187 -15.57 75.13 5.28
CA ILE C 187 -16.79 75.40 4.53
C ILE C 187 -16.49 76.28 3.32
N TRP C 188 -17.14 75.96 2.19
CA TRP C 188 -16.99 76.73 0.96
C TRP C 188 -18.40 77.11 0.48
N ILE C 189 -18.52 78.24 -0.21
CA ILE C 189 -19.82 78.67 -0.71
C ILE C 189 -19.70 79.23 -2.14
N GLU C 190 -20.72 78.96 -2.95
CA GLU C 190 -20.71 79.43 -4.32
C GLU C 190 -20.94 80.96 -4.32
N VAL C 191 -20.22 81.67 -5.17
CA VAL C 191 -20.34 83.13 -5.26
C VAL C 191 -20.82 83.56 -6.65
N ASN C 192 -20.57 82.71 -7.64
CA ASN C 192 -20.97 82.97 -9.01
C ASN C 192 -21.23 81.67 -9.76
N SER C 193 -22.51 81.35 -9.98
CA SER C 193 -22.93 80.13 -10.67
C SER C 193 -21.78 79.31 -11.23
N GLY C 194 -21.07 78.60 -10.36
CA GLY C 194 -19.95 77.78 -10.78
C GLY C 194 -18.62 78.27 -10.23
N ALA C 195 -18.66 79.29 -9.37
CA ALA C 195 -17.47 79.87 -8.77
C ALA C 195 -17.58 79.75 -7.25
N PHE C 196 -16.58 79.13 -6.62
CA PHE C 196 -16.61 78.93 -5.17
C PHE C 196 -15.50 79.62 -4.40
N LYS C 197 -15.84 80.02 -3.18
CA LYS C 197 -14.90 80.69 -2.28
C LYS C 197 -14.94 80.02 -0.90
N LYS C 198 -13.77 79.87 -0.30
CA LYS C 198 -13.66 79.25 1.02
C LYS C 198 -13.99 80.30 2.06
N ILE C 199 -15.10 80.14 2.78
CA ILE C 199 -15.49 81.12 3.80
C ILE C 199 -15.20 80.74 5.24
N VAL C 200 -15.20 79.45 5.56
CA VAL C 200 -14.92 79.06 6.94
C VAL C 200 -13.72 78.12 7.01
N ASP C 201 -12.62 78.67 7.53
CA ASP C 201 -11.36 77.95 7.68
C ASP C 201 -10.74 78.40 9.00
N MET C 202 -11.11 77.75 10.09
CA MET C 202 -10.59 78.11 11.39
C MET C 202 -9.48 77.15 11.78
N SER C 203 -8.67 77.55 12.75
CA SER C 203 -7.56 76.71 13.21
C SER C 203 -8.05 75.32 13.62
N THR C 204 -9.26 75.25 14.16
CA THR C 204 -9.82 73.98 14.61
C THR C 204 -10.81 73.37 13.63
N HIS C 205 -11.34 72.19 14.00
CA HIS C 205 -12.27 71.42 13.18
C HIS C 205 -13.75 71.82 13.25
N VAL C 206 -14.34 72.11 12.09
CA VAL C 206 -15.74 72.51 12.02
C VAL C 206 -16.61 71.33 11.60
N SER C 207 -17.58 70.98 12.43
CA SER C 207 -18.46 69.85 12.14
C SER C 207 -19.95 70.15 12.21
N SER C 208 -20.72 69.42 11.43
CA SER C 208 -22.18 69.54 11.43
C SER C 208 -22.73 70.91 11.09
N PRO C 209 -22.38 71.45 9.92
CA PRO C 209 -22.89 72.77 9.55
C PRO C 209 -24.38 72.70 9.26
N VAL C 210 -25.08 73.79 9.54
CA VAL C 210 -26.51 73.91 9.29
C VAL C 210 -26.81 75.36 8.96
N ILE C 211 -27.95 75.60 8.30
CA ILE C 211 -28.33 76.96 7.95
C ILE C 211 -29.71 77.37 8.47
N VAL C 212 -29.73 78.42 9.27
CA VAL C 212 -30.95 78.97 9.84
C VAL C 212 -30.96 80.43 9.38
N GLY C 213 -31.99 80.81 8.64
CA GLY C 213 -32.08 82.17 8.15
C GLY C 213 -30.94 82.40 7.18
N HIS C 214 -29.97 83.21 7.58
CA HIS C 214 -28.82 83.48 6.73
C HIS C 214 -27.53 83.35 7.52
N ARG C 215 -27.56 82.45 8.49
CA ARG C 215 -26.42 82.17 9.34
C ARG C 215 -26.05 80.69 9.25
N ILE C 216 -24.75 80.40 9.17
CA ILE C 216 -24.30 79.03 9.12
C ILE C 216 -23.92 78.61 10.52
N TYR C 217 -24.69 77.71 11.10
CA TYR C 217 -24.38 77.25 12.45
C TYR C 217 -23.57 75.95 12.35
N PHE C 218 -22.53 75.83 13.16
CA PHE C 218 -21.69 74.64 13.15
C PHE C 218 -21.07 74.45 14.52
N ILE C 219 -20.27 73.38 14.68
CA ILE C 219 -19.63 73.07 15.95
C ILE C 219 -18.11 73.03 15.89
N THR C 220 -17.47 73.60 16.90
CA THR C 220 -16.02 73.60 17.00
C THR C 220 -15.58 73.81 18.45
N ASP C 221 -14.30 73.52 18.71
CA ASP C 221 -13.75 73.66 20.06
C ASP C 221 -12.55 74.61 20.05
N ILE C 222 -12.61 75.61 19.19
CA ILE C 222 -11.52 76.57 19.08
C ILE C 222 -11.20 77.25 20.40
N ASP C 223 -12.16 77.24 21.33
CA ASP C 223 -11.96 77.87 22.62
C ASP C 223 -11.57 76.88 23.72
N GLY C 224 -11.44 75.61 23.36
CA GLY C 224 -11.03 74.62 24.33
C GLY C 224 -12.06 73.58 24.69
N PHE C 225 -13.23 73.66 24.07
CA PHE C 225 -14.31 72.72 24.33
C PHE C 225 -15.33 72.83 23.22
N GLY C 226 -16.08 71.76 22.99
CA GLY C 226 -17.08 71.79 21.95
C GLY C 226 -18.18 72.79 22.26
N GLN C 227 -18.48 73.66 21.30
CA GLN C 227 -19.53 74.68 21.46
C GLN C 227 -20.17 74.93 20.10
N ILE C 228 -21.36 75.50 20.09
CA ILE C 228 -22.02 75.82 18.82
C ILE C 228 -21.66 77.26 18.46
N TYR C 229 -21.37 77.50 17.19
CA TYR C 229 -21.02 78.84 16.72
C TYR C 229 -21.88 79.09 15.49
N SER C 230 -21.61 80.20 14.81
CA SER C 230 -22.33 80.55 13.59
C SER C 230 -21.66 81.75 12.92
N THR C 231 -21.89 81.92 11.62
CA THR C 231 -21.33 83.04 10.86
C THR C 231 -22.32 83.34 9.74
N ASP C 232 -22.11 84.46 9.05
CA ASP C 232 -23.00 84.82 7.95
C ASP C 232 -22.60 83.99 6.74
N LEU C 233 -23.33 84.14 5.65
CA LEU C 233 -23.03 83.38 4.44
C LEU C 233 -21.70 83.81 3.82
N ASP C 234 -20.94 84.60 4.55
CA ASP C 234 -19.67 85.07 4.05
C ASP C 234 -18.56 84.59 4.99
N GLY C 235 -18.97 83.91 6.05
CA GLY C 235 -18.02 83.38 7.02
C GLY C 235 -17.53 84.44 7.97
N LYS C 236 -18.24 85.55 8.02
CA LYS C 236 -17.89 86.67 8.89
C LYS C 236 -18.86 86.81 10.06
N ASP C 237 -18.47 87.60 11.05
CA ASP C 237 -19.31 87.84 12.22
C ASP C 237 -19.44 86.59 13.11
N LEU C 238 -18.34 85.93 13.38
CA LEU C 238 -18.34 84.72 14.21
C LEU C 238 -18.99 84.95 15.57
N ARG C 239 -19.90 84.05 15.96
CA ARG C 239 -20.58 84.13 17.24
C ARG C 239 -20.58 82.80 18.01
N LYS C 240 -20.50 82.88 19.33
CA LYS C 240 -20.49 81.72 20.21
C LYS C 240 -21.80 81.71 20.99
N HIS C 241 -22.64 80.69 20.76
CA HIS C 241 -23.93 80.64 21.44
C HIS C 241 -24.04 79.70 22.63
N THR C 242 -23.02 78.89 22.88
CA THR C 242 -23.09 77.98 24.02
C THR C 242 -21.84 78.02 24.85
N SER C 243 -21.93 77.51 26.07
CA SER C 243 -20.80 77.47 26.98
C SER C 243 -20.76 76.14 27.72
N PHE C 244 -21.05 75.06 27.01
CA PHE C 244 -21.04 73.73 27.58
C PHE C 244 -19.72 73.44 28.28
N THR C 245 -19.77 72.61 29.32
CA THR C 245 -18.56 72.23 30.05
C THR C 245 -18.64 70.77 30.54
N ASP C 246 -19.74 70.08 30.24
CA ASP C 246 -19.88 68.70 30.68
C ASP C 246 -19.52 67.65 29.61
N TYR C 247 -20.15 67.75 28.44
CA TYR C 247 -19.87 66.84 27.33
C TYR C 247 -19.96 67.63 26.04
N TYR C 248 -19.15 67.26 25.06
CA TYR C 248 -19.15 67.94 23.76
C TYR C 248 -20.46 67.79 23.01
N PRO C 249 -20.90 68.83 22.30
CA PRO C 249 -22.14 68.75 21.54
C PRO C 249 -21.84 68.05 20.20
N ARG C 250 -22.84 67.43 19.59
CA ARG C 250 -22.62 66.72 18.33
C ARG C 250 -23.88 66.68 17.50
N HIS C 251 -23.68 66.39 16.21
CA HIS C 251 -24.77 66.20 15.28
C HIS C 251 -25.84 67.28 15.20
N LEU C 252 -25.48 68.48 14.75
CA LEU C 252 -26.49 69.52 14.63
C LEU C 252 -27.39 69.16 13.45
N ASN C 253 -28.65 69.52 13.55
CA ASN C 253 -29.62 69.27 12.48
C ASN C 253 -30.75 70.26 12.68
N THR C 254 -31.31 70.77 11.57
CA THR C 254 -32.38 71.76 11.64
C THR C 254 -33.44 71.58 10.57
N ASP C 255 -34.57 72.22 10.78
CA ASP C 255 -35.67 72.18 9.83
C ASP C 255 -35.81 73.57 9.22
N GLY C 256 -34.84 74.43 9.53
CA GLY C 256 -34.87 75.79 9.02
C GLY C 256 -35.28 76.81 10.07
N ARG C 257 -35.75 76.34 11.22
CA ARG C 257 -36.15 77.24 12.28
C ARG C 257 -35.44 76.90 13.59
N ARG C 258 -35.66 75.68 14.08
CA ARG C 258 -35.02 75.27 15.33
C ARG C 258 -33.86 74.31 15.03
N ILE C 259 -32.89 74.26 15.94
CA ILE C 259 -31.72 73.38 15.80
C ILE C 259 -31.76 72.28 16.85
N LEU C 260 -31.30 71.09 16.46
CA LEU C 260 -31.29 69.93 17.35
C LEU C 260 -29.91 69.29 17.39
N PHE C 261 -29.52 68.79 18.56
CA PHE C 261 -28.23 68.13 18.70
C PHE C 261 -28.26 67.21 19.91
N SER C 262 -27.20 66.43 20.08
CA SER C 262 -27.12 65.51 21.22
C SER C 262 -25.89 65.86 22.02
N LYS C 263 -25.92 65.56 23.31
CA LYS C 263 -24.79 65.85 24.17
C LYS C 263 -24.89 65.04 25.44
N GLY C 264 -23.86 64.23 25.71
CA GLY C 264 -23.84 63.41 26.90
C GLY C 264 -24.96 62.41 27.02
N GLY C 265 -25.50 61.98 25.87
CA GLY C 265 -26.59 61.02 25.89
C GLY C 265 -27.97 61.63 25.91
N SER C 266 -28.06 62.95 25.92
CA SER C 266 -29.37 63.60 25.93
C SER C 266 -29.58 64.42 24.67
N ILE C 267 -30.83 64.59 24.29
CA ILE C 267 -31.17 65.36 23.11
C ILE C 267 -31.50 66.77 23.62
N TYR C 268 -31.05 67.78 22.88
CA TYR C 268 -31.31 69.17 23.24
C TYR C 268 -31.75 69.95 22.01
N ILE C 269 -32.34 71.12 22.24
CA ILE C 269 -32.79 71.98 21.14
C ILE C 269 -32.25 73.39 21.38
N PHE C 270 -31.78 74.01 20.31
CA PHE C 270 -31.24 75.36 20.39
C PHE C 270 -32.06 76.27 19.49
N ASN C 271 -32.66 77.30 20.08
CA ASN C 271 -33.47 78.25 19.33
C ASN C 271 -32.60 79.44 18.94
N PRO C 272 -32.27 79.58 17.64
CA PRO C 272 -31.45 80.69 17.18
C PRO C 272 -32.05 82.06 17.52
N ASP C 273 -33.38 82.11 17.53
CA ASP C 273 -34.12 83.34 17.83
C ASP C 273 -33.90 83.82 19.25
N THR C 274 -34.02 82.93 20.23
CA THR C 274 -33.84 83.29 21.62
C THR C 274 -32.46 82.88 22.13
N GLU C 275 -31.77 82.06 21.35
CA GLU C 275 -30.44 81.59 21.74
C GLU C 275 -30.60 80.74 23.00
N LYS C 276 -31.82 80.26 23.22
CA LYS C 276 -32.12 79.44 24.39
C LYS C 276 -31.88 77.96 24.08
N ILE C 277 -31.38 77.23 25.08
CA ILE C 277 -31.12 75.81 24.92
C ILE C 277 -32.01 75.02 25.86
N GLU C 278 -32.80 74.11 25.30
CA GLU C 278 -33.70 73.31 26.11
C GLU C 278 -33.54 71.81 25.93
N LYS C 279 -33.37 71.12 27.04
CA LYS C 279 -33.20 69.66 27.06
C LYS C 279 -34.57 69.04 26.84
N ILE C 280 -34.62 68.00 26.00
CA ILE C 280 -35.89 67.34 25.75
C ILE C 280 -36.00 66.18 26.72
N GLU C 281 -37.17 66.08 27.37
CA GLU C 281 -37.40 65.01 28.34
C GLU C 281 -37.97 63.81 27.59
N ILE C 282 -37.21 62.72 27.53
CA ILE C 282 -37.67 61.52 26.84
C ILE C 282 -37.82 60.33 27.77
N GLY C 283 -36.97 60.24 28.80
CA GLY C 283 -37.05 59.14 29.75
C GLY C 283 -36.67 57.75 29.25
N ASP C 284 -36.84 56.76 30.12
CA ASP C 284 -36.52 55.36 29.81
C ASP C 284 -37.25 54.82 28.59
N LEU C 285 -36.49 54.38 27.59
CA LEU C 285 -37.04 53.86 26.34
C LEU C 285 -36.93 52.36 26.13
N GLU C 286 -35.75 51.81 26.39
CA GLU C 286 -35.52 50.38 26.18
C GLU C 286 -34.41 49.81 27.04
N SER C 287 -34.69 48.67 27.66
CA SER C 287 -33.72 47.99 28.52
C SER C 287 -33.76 46.50 28.17
N PRO C 288 -33.00 46.09 27.14
CA PRO C 288 -32.95 44.69 26.69
C PRO C 288 -32.36 43.74 27.73
N GLU C 289 -32.55 42.44 27.49
CA GLU C 289 -32.02 41.41 28.39
C GLU C 289 -30.53 41.66 28.59
N ASP C 290 -30.09 41.62 29.84
CA ASP C 290 -28.68 41.87 30.19
C ASP C 290 -27.83 40.62 30.06
N ARG C 291 -28.39 39.48 30.45
CA ARG C 291 -27.69 38.20 30.39
C ARG C 291 -27.67 37.67 28.96
N ILE C 292 -26.50 37.73 28.32
CA ILE C 292 -26.35 37.26 26.95
C ILE C 292 -25.53 35.98 26.80
N ILE C 293 -25.70 35.34 25.65
CA ILE C 293 -25.02 34.09 25.30
C ILE C 293 -24.19 34.36 24.06
N SER C 294 -22.95 33.87 24.07
CA SER C 294 -22.05 34.08 22.93
C SER C 294 -21.35 32.79 22.54
N ILE C 295 -20.92 32.71 21.29
CA ILE C 295 -20.22 31.54 20.77
C ILE C 295 -18.76 31.63 21.24
N PRO C 296 -18.37 30.73 22.14
CA PRO C 296 -16.98 30.77 22.64
C PRO C 296 -15.85 30.81 21.60
N SER C 297 -16.02 30.14 20.46
CA SER C 297 -14.99 30.12 19.43
C SER C 297 -14.74 31.49 18.83
N LYS C 298 -15.76 32.34 18.82
CA LYS C 298 -15.65 33.68 18.24
C LYS C 298 -14.77 34.62 19.04
N PHE C 299 -14.52 34.29 20.29
CA PHE C 299 -13.71 35.16 21.15
C PHE C 299 -12.62 34.36 21.83
N ALA C 300 -12.32 33.20 21.23
CA ALA C 300 -11.31 32.30 21.77
C ALA C 300 -9.92 32.90 21.81
N GLU C 301 -9.15 32.48 22.82
CA GLU C 301 -7.78 32.94 23.02
C GLU C 301 -7.09 31.89 23.86
N ASP C 302 -5.77 31.91 23.86
CA ASP C 302 -4.99 31.01 24.67
C ASP C 302 -5.47 29.56 24.80
N PHE C 303 -5.22 28.73 23.79
CA PHE C 303 -5.60 27.33 23.87
C PHE C 303 -4.34 26.62 24.35
N SER C 304 -4.48 25.77 25.36
CA SER C 304 -3.31 25.08 25.91
C SER C 304 -3.65 23.68 26.44
N PRO C 305 -2.78 22.70 26.20
CA PRO C 305 -2.97 21.32 26.63
C PRO C 305 -2.73 21.06 28.11
N LEU C 306 -3.59 20.24 28.71
CA LEU C 306 -3.48 19.88 30.12
C LEU C 306 -3.32 18.35 30.20
N ASP C 307 -2.98 17.85 31.39
CA ASP C 307 -2.81 16.41 31.57
C ASP C 307 -4.17 15.73 31.49
N GLY C 308 -4.18 14.44 31.20
CA GLY C 308 -5.42 13.69 31.11
C GLY C 308 -6.15 13.95 29.80
N ASP C 309 -5.42 14.45 28.82
CA ASP C 309 -5.98 14.76 27.51
C ASP C 309 -7.02 15.89 27.59
N LEU C 310 -6.94 16.69 28.64
CA LEU C 310 -7.85 17.80 28.80
C LEU C 310 -7.25 19.02 28.12
N ILE C 311 -8.08 20.05 27.96
CA ILE C 311 -7.63 21.26 27.33
C ILE C 311 -8.13 22.49 28.09
N ALA C 312 -7.39 23.58 27.97
CA ALA C 312 -7.76 24.83 28.60
C ALA C 312 -7.76 25.91 27.53
N PHE C 313 -8.69 26.85 27.66
CA PHE C 313 -8.76 27.94 26.70
C PHE C 313 -9.47 29.11 27.34
N VAL C 314 -9.12 30.30 26.86
CA VAL C 314 -9.69 31.53 27.37
C VAL C 314 -10.58 32.15 26.29
N SER C 315 -11.76 32.58 26.69
CA SER C 315 -12.69 33.19 25.75
C SER C 315 -13.48 34.30 26.44
N ARG C 316 -13.55 35.46 25.79
CA ARG C 316 -14.27 36.60 26.31
C ARG C 316 -13.95 36.85 27.79
N GLY C 317 -12.70 36.64 28.18
CA GLY C 317 -12.30 36.88 29.55
C GLY C 317 -12.61 35.77 30.52
N GLN C 318 -13.20 34.69 30.05
CA GLN C 318 -13.51 33.56 30.92
C GLN C 318 -12.56 32.44 30.55
N ALA C 319 -12.26 31.55 31.49
CA ALA C 319 -11.36 30.44 31.22
C ALA C 319 -12.04 29.10 31.49
N PHE C 320 -11.77 28.11 30.65
CA PHE C 320 -12.38 26.79 30.79
C PHE C 320 -11.44 25.59 30.67
N ILE C 321 -11.80 24.53 31.39
CA ILE C 321 -11.08 23.26 31.35
C ILE C 321 -12.12 22.31 30.73
N GLN C 322 -11.74 21.58 29.70
CA GLN C 322 -12.70 20.70 29.04
C GLN C 322 -11.99 19.56 28.35
N ASP C 323 -12.76 18.57 27.93
CA ASP C 323 -12.22 17.43 27.21
C ASP C 323 -12.22 17.95 25.76
N VAL C 324 -11.54 17.24 24.87
CA VAL C 324 -11.47 17.70 23.49
C VAL C 324 -12.80 17.99 22.82
N SER C 325 -13.75 17.08 22.95
CA SER C 325 -15.05 17.22 22.32
C SER C 325 -15.95 18.35 22.87
N GLY C 326 -15.56 18.92 24.00
CA GLY C 326 -16.33 20.00 24.60
C GLY C 326 -17.64 19.53 25.23
N THR C 327 -17.64 18.30 25.75
CA THR C 327 -18.82 17.74 26.37
C THR C 327 -18.73 17.88 27.89
N TYR C 328 -17.51 17.74 28.41
CA TYR C 328 -17.27 17.89 29.85
C TYR C 328 -16.55 19.22 30.06
N VAL C 329 -17.29 20.27 30.40
CA VAL C 329 -16.69 21.59 30.58
C VAL C 329 -16.76 22.18 31.98
N LEU C 330 -15.65 22.75 32.42
CA LEU C 330 -15.59 23.38 33.72
C LEU C 330 -15.11 24.82 33.53
N LYS C 331 -15.91 25.77 34.00
CA LYS C 331 -15.54 27.17 33.90
C LYS C 331 -14.71 27.54 35.13
N VAL C 332 -13.56 28.16 34.93
CA VAL C 332 -12.73 28.58 36.06
C VAL C 332 -13.53 29.62 36.84
N PRO C 333 -13.77 29.39 38.15
CA PRO C 333 -14.53 30.27 39.04
C PRO C 333 -13.81 31.55 39.44
N GLU C 334 -13.66 32.47 38.48
CA GLU C 334 -13.01 33.75 38.72
C GLU C 334 -13.71 34.83 37.90
N PRO C 335 -13.89 36.02 38.46
CA PRO C 335 -14.55 37.10 37.71
C PRO C 335 -13.82 37.47 36.43
N LEU C 336 -14.35 38.48 35.75
CA LEU C 336 -13.79 38.92 34.49
C LEU C 336 -12.32 39.19 34.32
N ARG C 337 -11.91 38.92 33.09
CA ARG C 337 -10.57 39.04 32.56
C ARG C 337 -9.43 38.19 33.12
N ILE C 338 -9.50 36.92 32.73
CA ILE C 338 -8.46 35.94 33.04
C ILE C 338 -7.73 36.13 31.72
N ARG C 339 -6.46 36.50 31.74
CA ARG C 339 -5.75 36.71 30.49
C ARG C 339 -5.10 35.45 29.96
N TYR C 340 -4.42 34.71 30.83
CA TYR C 340 -3.75 33.48 30.41
C TYR C 340 -4.01 32.33 31.38
N VAL C 341 -3.95 31.11 30.85
CA VAL C 341 -4.14 29.91 31.64
C VAL C 341 -3.03 28.95 31.24
N ARG C 342 -2.40 28.30 32.23
CA ARG C 342 -1.30 27.37 31.98
C ARG C 342 -1.32 26.18 32.95
N ARG C 343 -0.96 25.01 32.43
CA ARG C 343 -0.88 23.77 33.21
C ARG C 343 -0.04 24.00 34.48
N GLY C 344 -0.61 23.70 35.64
CA GLY C 344 0.11 23.91 36.88
C GLY C 344 0.47 22.63 37.61
N GLY C 345 -0.31 21.57 37.38
CA GLY C 345 -0.06 20.30 38.03
C GLY C 345 -1.01 19.26 37.46
N ASP C 346 -1.07 18.08 38.10
CA ASP C 346 -1.94 17.00 37.65
C ASP C 346 -3.34 17.47 37.30
N THR C 347 -3.96 18.21 38.23
CA THR C 347 -5.30 18.73 38.04
C THR C 347 -5.35 20.19 38.39
N LYS C 348 -4.22 20.87 38.30
CA LYS C 348 -4.14 22.30 38.61
C LYS C 348 -3.70 23.15 37.44
N VAL C 349 -4.18 24.38 37.42
CA VAL C 349 -3.83 25.30 36.36
C VAL C 349 -3.51 26.66 36.98
N ALA C 350 -2.50 27.34 36.42
CA ALA C 350 -2.14 28.66 36.92
C ALA C 350 -2.77 29.63 35.93
N PHE C 351 -3.14 30.82 36.39
CA PHE C 351 -3.72 31.80 35.49
C PHE C 351 -3.41 33.24 35.86
N ILE C 352 -3.57 34.14 34.90
CA ILE C 352 -3.34 35.56 35.11
C ILE C 352 -4.70 36.24 35.10
N HIS C 353 -5.02 36.90 36.20
CA HIS C 353 -6.31 37.59 36.35
C HIS C 353 -6.09 39.10 36.35
N GLY C 354 -6.67 39.79 35.38
CA GLY C 354 -6.49 41.23 35.29
C GLY C 354 -7.64 42.11 35.76
N THR C 355 -7.30 43.16 36.49
CA THR C 355 -8.29 44.10 37.00
C THR C 355 -7.82 45.49 36.65
N ARG C 356 -8.54 46.48 37.15
CA ARG C 356 -8.23 47.87 36.91
C ARG C 356 -6.92 48.26 37.59
N GLU C 357 -6.50 47.47 38.57
CA GLU C 357 -5.26 47.75 39.29
C GLU C 357 -4.06 47.06 38.62
N GLY C 358 -4.35 46.07 37.78
CA GLY C 358 -3.29 45.35 37.08
C GLY C 358 -3.57 43.86 37.00
N ASP C 359 -2.52 43.08 36.76
CA ASP C 359 -2.65 41.63 36.62
C ASP C 359 -2.06 40.90 37.84
N PHE C 360 -2.70 39.80 38.21
CA PHE C 360 -2.26 39.01 39.35
C PHE C 360 -2.25 37.53 38.98
N LEU C 361 -1.41 36.77 39.66
CA LEU C 361 -1.29 35.34 39.41
C LEU C 361 -2.18 34.59 40.36
N GLY C 362 -2.83 33.55 39.83
CA GLY C 362 -3.72 32.73 40.64
C GLY C 362 -3.54 31.27 40.28
N ILE C 363 -4.13 30.40 41.08
CA ILE C 363 -4.06 28.96 40.86
C ILE C 363 -5.44 28.36 41.08
N TYR C 364 -5.77 27.36 40.27
CA TYR C 364 -7.06 26.70 40.35
C TYR C 364 -6.94 25.21 40.17
N ASP C 365 -7.53 24.47 41.09
CA ASP C 365 -7.52 23.02 41.05
C ASP C 365 -8.90 22.58 40.58
N TYR C 366 -9.00 22.13 39.33
CA TYR C 366 -10.30 21.71 38.82
C TYR C 366 -10.81 20.38 39.37
N ARG C 367 -9.99 19.70 40.17
CA ARG C 367 -10.42 18.44 40.75
C ARG C 367 -11.17 18.74 42.03
N THR C 368 -10.50 19.44 42.94
CA THR C 368 -11.08 19.81 44.23
C THR C 368 -12.04 20.99 44.06
N GLY C 369 -11.67 21.91 43.19
CA GLY C 369 -12.51 23.07 42.97
C GLY C 369 -11.97 24.28 43.72
N LYS C 370 -10.85 24.09 44.41
CA LYS C 370 -10.24 25.17 45.18
C LYS C 370 -9.49 26.14 44.25
N ALA C 371 -9.67 27.43 44.51
CA ALA C 371 -9.02 28.47 43.72
C ALA C 371 -8.41 29.51 44.65
N GLU C 372 -7.18 29.93 44.34
CA GLU C 372 -6.50 30.92 45.17
C GLU C 372 -5.77 31.99 44.35
N LYS C 373 -6.04 33.25 44.65
CA LYS C 373 -5.41 34.37 43.96
C LYS C 373 -4.40 35.08 44.86
N PHE C 374 -3.21 35.34 44.33
CA PHE C 374 -2.19 36.03 45.10
C PHE C 374 -2.36 37.53 44.91
N GLU C 375 -2.10 38.30 45.98
CA GLU C 375 -2.27 39.75 45.94
C GLU C 375 -1.19 40.56 45.24
N GLU C 376 -0.04 39.96 44.93
CA GLU C 376 1.04 40.68 44.26
C GLU C 376 0.63 41.22 42.90
N ASN C 377 0.74 42.54 42.73
CA ASN C 377 0.40 43.14 41.46
C ASN C 377 1.61 43.00 40.55
N LEU C 378 1.45 42.20 39.50
CA LEU C 378 2.54 41.93 38.56
C LEU C 378 2.60 42.94 37.42
N GLY C 379 1.75 43.96 37.48
CA GLY C 379 1.72 44.98 36.44
C GLY C 379 0.92 44.46 35.27
N ASN C 380 1.29 44.83 34.05
CA ASN C 380 0.58 44.35 32.88
C ASN C 380 1.39 43.16 32.35
N VAL C 381 0.84 41.96 32.50
CA VAL C 381 1.51 40.74 32.07
C VAL C 381 1.20 40.34 30.63
N PHE C 382 2.22 39.91 29.91
CA PHE C 382 2.06 39.49 28.51
C PHE C 382 2.56 38.09 28.19
N ALA C 383 3.07 37.39 29.21
CA ALA C 383 3.55 36.02 29.02
C ALA C 383 3.63 35.31 30.37
N MET C 384 3.26 34.03 30.39
CA MET C 384 3.28 33.26 31.62
C MET C 384 3.54 31.77 31.42
N GLY C 385 4.43 31.22 32.22
CA GLY C 385 4.74 29.81 32.11
C GLY C 385 4.90 29.23 33.50
N VAL C 386 4.75 27.91 33.61
CA VAL C 386 4.88 27.23 34.89
C VAL C 386 5.88 26.09 34.74
N ASP C 387 6.74 25.91 35.74
CA ASP C 387 7.72 24.84 35.66
C ASP C 387 7.00 23.50 35.75
N ARG C 388 7.63 22.48 35.17
CA ARG C 388 7.03 21.15 35.16
C ARG C 388 6.71 20.60 36.54
N ASN C 389 7.45 21.04 37.55
CA ASN C 389 7.19 20.55 38.89
C ASN C 389 6.22 21.43 39.69
N GLY C 390 5.63 22.41 39.02
CA GLY C 390 4.65 23.29 39.66
C GLY C 390 5.06 24.06 40.90
N LYS C 391 6.32 24.45 41.02
CA LYS C 391 6.77 25.20 42.18
C LYS C 391 6.82 26.71 41.94
N PHE C 392 6.92 27.10 40.68
CA PHE C 392 6.95 28.51 40.36
C PHE C 392 6.50 28.81 38.96
N ALA C 393 6.15 30.07 38.74
CA ALA C 393 5.72 30.52 37.44
C ALA C 393 6.78 31.51 36.96
N VAL C 394 6.79 31.79 35.66
CA VAL C 394 7.71 32.76 35.11
C VAL C 394 6.78 33.76 34.44
N VAL C 395 6.96 35.04 34.73
CA VAL C 395 6.10 36.09 34.18
C VAL C 395 6.87 37.24 33.53
N ALA C 396 6.28 37.82 32.49
CA ALA C 396 6.88 38.95 31.80
C ALA C 396 5.85 40.06 31.72
N ASN C 397 6.25 41.27 32.06
CA ASN C 397 5.34 42.42 32.05
C ASN C 397 5.86 43.55 31.19
N ASP C 398 5.02 44.57 30.97
CA ASP C 398 5.40 45.71 30.15
C ASP C 398 6.38 46.65 30.84
N ARG C 399 6.94 46.18 31.95
CA ARG C 399 7.96 46.90 32.68
C ARG C 399 9.26 46.37 32.11
N PHE C 400 9.13 45.36 31.24
CA PHE C 400 10.28 44.71 30.58
C PHE C 400 11.00 43.79 31.56
N GLU C 401 10.27 43.27 32.53
CA GLU C 401 10.89 42.39 33.51
C GLU C 401 10.48 40.95 33.24
N ILE C 402 11.35 40.03 33.64
CA ILE C 402 11.06 38.60 33.55
C ILE C 402 11.28 38.23 35.02
N MET C 403 10.35 37.48 35.58
CA MET C 403 10.43 37.13 36.98
C MET C 403 9.81 35.79 37.29
N THR C 404 10.16 35.25 38.44
CA THR C 404 9.59 33.99 38.90
C THR C 404 8.67 34.37 40.03
N VAL C 405 7.61 33.59 40.21
CA VAL C 405 6.66 33.81 41.28
C VAL C 405 6.39 32.47 41.93
N ASP C 406 6.83 32.33 43.18
CA ASP C 406 6.65 31.10 43.94
C ASP C 406 5.16 30.77 44.04
N LEU C 407 4.75 29.69 43.40
CA LEU C 407 3.35 29.28 43.39
C LEU C 407 2.76 28.93 44.74
N GLU C 408 3.57 29.01 45.79
CA GLU C 408 3.11 28.66 47.12
C GLU C 408 2.96 29.89 48.02
N THR C 409 3.93 30.80 47.94
CA THR C 409 3.87 32.01 48.75
C THR C 409 3.39 33.19 47.92
N GLY C 410 3.46 33.06 46.60
CA GLY C 410 3.04 34.13 45.72
C GLY C 410 4.10 35.20 45.61
N LYS C 411 5.24 34.96 46.27
CA LYS C 411 6.35 35.91 46.27
C LYS C 411 7.10 35.96 44.96
N PRO C 412 7.09 37.13 44.30
CA PRO C 412 7.80 37.26 43.01
C PRO C 412 9.27 37.57 43.22
N THR C 413 10.06 37.41 42.17
CA THR C 413 11.49 37.69 42.22
C THR C 413 11.96 38.05 40.83
N VAL C 414 12.26 39.33 40.62
CA VAL C 414 12.72 39.79 39.32
C VAL C 414 14.05 39.14 38.98
N ILE C 415 14.13 38.57 37.77
CA ILE C 415 15.36 37.93 37.34
C ILE C 415 16.24 38.95 36.64
N GLU C 416 15.64 39.69 35.70
CA GLU C 416 16.38 40.69 34.96
C GLU C 416 15.39 41.60 34.28
N ARG C 417 15.80 42.81 33.97
CA ARG C 417 14.92 43.76 33.31
C ARG C 417 15.59 44.31 32.08
N SER C 418 14.87 44.28 30.95
CA SER C 418 15.42 44.80 29.71
C SER C 418 15.04 46.27 29.71
N ARG C 419 15.72 47.08 28.91
CA ARG C 419 15.36 48.48 28.84
C ARG C 419 14.89 48.78 27.43
N GLU C 420 14.84 47.73 26.60
CA GLU C 420 14.41 47.88 25.21
C GLU C 420 13.01 47.37 24.90
N ALA C 421 12.72 46.13 25.27
CA ALA C 421 11.43 45.51 25.01
C ALA C 421 11.12 44.39 26.00
N MET C 422 9.90 43.85 25.94
CA MET C 422 9.50 42.79 26.86
C MET C 422 10.24 41.48 26.64
N ILE C 423 10.37 40.72 27.71
CA ILE C 423 11.05 39.43 27.69
C ILE C 423 9.96 38.36 27.67
N THR C 424 9.29 38.22 26.54
CA THR C 424 8.21 37.24 26.42
C THR C 424 8.62 35.88 25.86
N ASP C 425 9.88 35.73 25.44
CA ASP C 425 10.33 34.45 24.89
C ASP C 425 11.23 33.72 25.88
N PHE C 426 10.64 32.82 26.66
CA PHE C 426 11.41 32.07 27.66
C PHE C 426 10.99 30.63 27.81
N THR C 427 11.84 29.86 28.48
CA THR C 427 11.56 28.47 28.73
C THR C 427 12.22 28.04 30.04
N ILE C 428 11.65 27.00 30.65
CA ILE C 428 12.16 26.48 31.91
C ILE C 428 12.63 25.06 31.69
N SER C 429 13.80 24.70 32.22
CA SER C 429 14.32 23.34 32.08
C SER C 429 13.44 22.36 32.86
N ASP C 430 13.37 21.11 32.41
CA ASP C 430 12.55 20.08 33.05
C ASP C 430 12.87 19.86 34.54
N ASN C 431 14.13 20.04 34.94
CA ASN C 431 14.50 19.86 36.33
C ASN C 431 14.31 21.18 37.09
N SER C 432 13.58 22.11 36.47
CA SER C 432 13.29 23.42 37.07
C SER C 432 14.52 24.23 37.51
N ARG C 433 15.70 23.84 37.06
CA ARG C 433 16.89 24.58 37.47
C ARG C 433 17.27 25.80 36.63
N PHE C 434 17.01 25.77 35.32
CA PHE C 434 17.39 26.91 34.50
C PHE C 434 16.26 27.58 33.75
N ILE C 435 16.43 28.89 33.53
CA ILE C 435 15.46 29.66 32.78
C ILE C 435 16.18 30.39 31.66
N ALA C 436 15.93 30.00 30.41
CA ALA C 436 16.56 30.63 29.26
C ALA C 436 15.55 31.57 28.63
N TYR C 437 15.99 32.76 28.24
CA TYR C 437 15.08 33.73 27.65
C TYR C 437 15.77 34.69 26.70
N GLY C 438 15.00 35.19 25.74
CA GLY C 438 15.53 36.15 24.79
C GLY C 438 15.60 37.52 25.45
N PHE C 439 16.81 38.06 25.56
CA PHE C 439 17.02 39.35 26.20
C PHE C 439 17.21 40.50 25.23
N PRO C 440 16.17 41.32 25.01
CA PRO C 440 16.40 42.41 24.07
C PRO C 440 17.38 43.45 24.61
N LEU C 441 18.22 44.00 23.73
CA LEU C 441 19.21 44.98 24.14
C LEU C 441 19.76 45.80 22.98
N LYS C 442 20.39 46.92 23.33
CA LYS C 442 21.02 47.82 22.37
C LYS C 442 22.35 48.25 22.97
N HIS C 443 23.34 48.53 22.13
CA HIS C 443 24.64 48.96 22.62
C HIS C 443 24.49 50.41 23.11
N GLY C 444 23.72 51.18 22.35
CA GLY C 444 23.49 52.58 22.69
C GLY C 444 22.03 52.99 22.62
N GLU C 445 21.71 54.07 23.31
CA GLU C 445 20.35 54.59 23.37
C GLU C 445 19.69 54.86 22.02
N THR C 446 20.46 55.34 21.06
CA THR C 446 19.87 55.66 19.76
C THR C 446 20.14 54.67 18.62
N ASP C 447 20.42 53.42 18.97
CA ASP C 447 20.66 52.42 17.94
C ASP C 447 19.37 52.19 17.17
N GLY C 448 19.49 51.93 15.87
CA GLY C 448 18.32 51.69 15.05
C GLY C 448 17.80 50.28 15.15
N TYR C 449 18.60 49.37 15.71
CA TYR C 449 18.19 47.98 15.83
C TYR C 449 18.31 47.42 17.24
N VAL C 450 17.27 46.69 17.67
CA VAL C 450 17.26 46.06 18.97
C VAL C 450 17.73 44.63 18.79
N MET C 451 18.87 44.31 19.39
CA MET C 451 19.39 42.95 19.30
C MET C 451 18.73 42.10 20.36
N GLN C 452 18.98 40.79 20.30
CA GLN C 452 18.42 39.89 21.29
C GLN C 452 19.37 38.73 21.51
N ALA C 453 19.78 38.57 22.75
CA ALA C 453 20.69 37.50 23.11
C ALA C 453 19.98 36.63 24.11
N ILE C 454 20.32 35.36 24.14
CA ILE C 454 19.70 34.43 25.06
C ILE C 454 20.47 34.44 26.39
N HIS C 455 19.74 34.70 27.48
CA HIS C 455 20.35 34.68 28.80
C HIS C 455 19.82 33.44 29.51
N VAL C 456 20.56 32.92 30.46
CA VAL C 456 20.11 31.76 31.21
C VAL C 456 20.24 32.07 32.69
N TYR C 457 19.18 31.76 33.42
CA TYR C 457 19.14 32.01 34.85
C TYR C 457 19.24 30.70 35.59
N ASP C 458 20.25 30.59 36.44
CA ASP C 458 20.44 29.39 37.24
C ASP C 458 19.73 29.63 38.57
N MET C 459 18.66 28.88 38.84
CA MET C 459 17.91 29.02 40.09
C MET C 459 18.86 28.80 41.25
N GLU C 460 19.81 27.89 41.07
CA GLU C 460 20.79 27.60 42.11
C GLU C 460 21.94 28.59 41.99
N GLY C 461 21.98 29.56 42.89
CA GLY C 461 23.03 30.56 42.85
C GLY C 461 22.41 31.84 42.39
N ARG C 462 21.25 31.74 41.75
CA ARG C 462 20.53 32.91 41.26
C ARG C 462 21.43 33.83 40.43
N LYS C 463 22.19 33.25 39.49
CA LYS C 463 23.06 34.05 38.65
C LYS C 463 22.74 33.93 37.16
N ILE C 464 22.92 35.03 36.42
CA ILE C 464 22.64 35.07 34.99
C ILE C 464 23.87 34.84 34.12
N PHE C 465 23.73 33.95 33.14
CA PHE C 465 24.83 33.63 32.21
C PHE C 465 24.40 33.88 30.77
N ALA C 466 25.30 34.45 29.98
CA ALA C 466 25.04 34.73 28.56
C ALA C 466 25.29 33.48 27.72
N ALA C 467 24.23 33.00 27.08
CA ALA C 467 24.31 31.81 26.24
C ALA C 467 24.73 32.19 24.80
N THR C 468 24.54 33.44 24.44
CA THR C 468 24.92 33.89 23.11
C THR C 468 25.50 35.32 23.11
N THR C 469 26.24 35.67 22.06
CA THR C 469 26.81 37.02 21.93
C THR C 469 25.68 37.99 21.61
N GLU C 470 25.93 39.29 21.71
CA GLU C 470 24.88 40.30 21.47
C GLU C 470 24.94 40.95 20.09
N ASN C 471 25.26 40.18 19.06
CA ASN C 471 25.38 40.72 17.72
C ASN C 471 24.19 40.51 16.79
N SER C 472 23.24 39.66 17.16
CA SER C 472 22.08 39.46 16.29
C SER C 472 20.79 39.21 17.04
N HIS C 473 19.96 38.33 16.50
CA HIS C 473 18.68 38.01 17.11
C HIS C 473 18.58 36.49 17.35
N ASP C 474 18.75 36.11 18.61
CA ASP C 474 18.68 34.72 19.02
C ASP C 474 17.35 34.54 19.76
N TYR C 475 16.67 33.42 19.52
CA TYR C 475 15.34 33.20 20.12
C TYR C 475 14.91 31.75 20.23
N ALA C 476 13.67 31.57 20.71
CA ALA C 476 13.08 30.26 20.88
C ALA C 476 13.95 29.25 21.63
N PRO C 477 14.49 29.65 22.77
CA PRO C 477 15.33 28.70 23.52
C PRO C 477 14.52 27.49 23.92
N ALA C 478 15.16 26.34 24.10
CA ALA C 478 14.45 25.13 24.48
C ALA C 478 15.45 24.10 24.99
N PHE C 479 15.19 23.54 26.17
CA PHE C 479 16.09 22.54 26.76
C PHE C 479 15.69 21.12 26.36
N ASP C 480 16.64 20.21 26.25
CA ASP C 480 16.28 18.83 25.94
C ASP C 480 15.74 18.25 27.25
N ALA C 481 15.03 17.13 27.17
CA ALA C 481 14.41 16.50 28.33
C ALA C 481 15.30 16.26 29.54
N ASP C 482 16.55 15.89 29.30
CA ASP C 482 17.50 15.61 30.37
C ASP C 482 18.19 16.83 30.91
N SER C 483 17.79 18.00 30.44
CA SER C 483 18.40 19.25 30.91
C SER C 483 19.92 19.20 30.76
N LYS C 484 20.40 18.79 29.59
CA LYS C 484 21.84 18.73 29.36
C LYS C 484 22.30 19.61 28.19
N ASN C 485 21.36 20.06 27.37
CA ASN C 485 21.68 20.92 26.23
C ASN C 485 20.63 22.00 26.04
N LEU C 486 21.07 23.16 25.57
CA LEU C 486 20.16 24.24 25.31
C LEU C 486 20.14 24.48 23.80
N TYR C 487 18.97 24.25 23.20
CA TYR C 487 18.76 24.45 21.77
C TYR C 487 18.12 25.81 21.61
N TYR C 488 18.40 26.46 20.49
CA TYR C 488 17.79 27.77 20.22
C TYR C 488 17.93 28.09 18.72
N LEU C 489 17.31 29.20 18.30
CA LEU C 489 17.37 29.62 16.90
C LEU C 489 17.99 31.01 16.75
N SER C 490 18.60 31.28 15.60
CA SER C 490 19.23 32.56 15.34
C SER C 490 18.99 32.95 13.89
N TYR C 491 19.01 34.25 13.64
CA TYR C 491 18.87 34.78 12.29
C TYR C 491 20.27 35.25 11.93
N ARG C 492 21.26 34.38 12.17
CA ARG C 492 22.66 34.66 11.93
C ARG C 492 23.28 34.13 10.62
N SER C 493 22.65 33.16 10.00
CA SER C 493 23.15 32.56 8.76
C SER C 493 22.93 33.48 7.58
N LEU C 494 23.59 34.62 7.59
CA LEU C 494 23.43 35.58 6.51
C LEU C 494 23.77 35.02 5.13
N ASP C 495 22.82 35.17 4.23
CA ASP C 495 22.95 34.74 2.84
C ASP C 495 21.87 35.54 2.12
N PRO C 496 22.26 36.36 1.13
CA PRO C 496 21.20 37.12 0.47
C PRO C 496 20.42 36.46 -0.66
N SER C 497 19.14 36.78 -0.73
CA SER C 497 18.26 36.28 -1.78
C SER C 497 17.94 37.50 -2.63
N PRO C 498 17.98 37.35 -3.97
CA PRO C 498 17.70 38.43 -4.93
C PRO C 498 16.24 38.82 -5.12
N ASP C 499 16.01 40.11 -5.31
CA ASP C 499 14.66 40.64 -5.55
C ASP C 499 14.43 40.34 -7.05
N ARG C 500 13.27 39.83 -7.41
CA ARG C 500 13.01 39.50 -8.81
C ARG C 500 12.52 40.66 -9.70
N VAL C 501 12.39 41.86 -9.13
CA VAL C 501 11.87 42.99 -9.90
C VAL C 501 12.78 44.21 -9.85
N VAL C 502 13.20 44.56 -8.65
CA VAL C 502 14.06 45.71 -8.42
C VAL C 502 15.45 45.19 -8.08
N LEU C 503 16.49 45.98 -8.35
CA LEU C 503 17.85 45.56 -7.99
C LEU C 503 17.92 45.72 -6.48
N ASN C 504 17.73 44.61 -5.78
CA ASN C 504 17.72 44.62 -4.33
C ASN C 504 17.99 43.19 -3.85
N PHE C 505 18.39 43.06 -2.60
CA PHE C 505 18.66 41.76 -1.99
C PHE C 505 18.19 41.83 -0.55
N SER C 506 17.77 40.71 0.00
CA SER C 506 17.34 40.70 1.37
C SER C 506 17.58 39.34 1.99
N PHE C 507 17.60 39.31 3.31
CA PHE C 507 17.81 38.10 4.05
C PHE C 507 16.47 37.40 4.27
N GLU C 508 16.24 36.35 3.49
CA GLU C 508 15.00 35.58 3.53
C GLU C 508 15.11 34.23 4.23
N VAL C 509 16.20 33.51 4.00
CA VAL C 509 16.38 32.21 4.63
C VAL C 509 17.70 32.18 5.39
N VAL C 510 17.71 32.84 6.53
CA VAL C 510 18.90 32.93 7.34
C VAL C 510 18.69 32.44 8.76
N SER C 511 17.60 31.70 8.98
CA SER C 511 17.32 31.17 10.29
C SER C 511 18.00 29.82 10.40
N LYS C 512 18.70 29.59 11.50
CA LYS C 512 19.42 28.35 11.71
C LYS C 512 19.41 27.96 13.18
N PRO C 513 19.17 26.67 13.48
CA PRO C 513 19.15 26.21 14.86
C PRO C 513 20.56 25.96 15.40
N PHE C 514 20.73 26.16 16.71
CA PHE C 514 22.02 25.95 17.35
C PHE C 514 21.81 25.23 18.68
N VAL C 515 22.91 24.77 19.26
CA VAL C 515 22.81 24.09 20.54
C VAL C 515 24.05 24.39 21.39
N ILE C 516 23.87 24.32 22.70
CA ILE C 516 24.96 24.57 23.64
C ILE C 516 24.93 23.50 24.71
N PRO C 517 25.98 22.68 24.79
CA PRO C 517 25.98 21.64 25.83
C PRO C 517 26.24 22.35 27.16
N LEU C 518 25.42 22.05 28.17
CA LEU C 518 25.56 22.69 29.48
C LEU C 518 26.76 22.18 30.29
N ILE C 519 27.31 21.06 29.84
CA ILE C 519 28.47 20.45 30.50
C ILE C 519 29.62 20.55 29.51
N PRO C 520 30.64 21.36 29.85
CA PRO C 520 31.83 21.57 29.02
C PRO C 520 32.52 20.26 28.66
N GLY C 521 32.94 20.13 27.40
CA GLY C 521 33.61 18.91 26.98
C GLY C 521 32.65 17.94 26.33
N SER C 522 31.37 18.16 26.56
CA SER C 522 30.35 17.31 25.98
C SER C 522 30.05 17.87 24.59
N PRO C 523 30.14 17.04 23.54
CA PRO C 523 29.87 17.50 22.18
C PRO C 523 28.44 17.80 21.80
N ASN C 524 28.29 18.45 20.65
CA ASN C 524 26.99 18.80 20.08
C ASN C 524 26.34 17.43 19.90
N PRO C 525 25.19 17.20 20.55
CA PRO C 525 24.55 15.88 20.39
C PRO C 525 24.10 15.50 18.98
N THR C 526 23.81 16.48 18.12
CA THR C 526 23.39 16.15 16.77
C THR C 526 24.58 15.78 15.89
N LYS C 527 25.80 15.88 16.44
CA LYS C 527 26.98 15.54 15.65
C LYS C 527 27.26 14.04 15.64
N LEU C 528 26.60 13.30 16.53
CA LEU C 528 26.76 11.86 16.62
C LEU C 528 28.17 11.37 16.85
N VAL C 529 28.95 12.12 17.62
CA VAL C 529 30.31 11.71 17.93
C VAL C 529 30.15 10.41 18.75
N PRO C 530 30.85 9.34 18.36
CA PRO C 530 30.72 8.08 19.10
C PRO C 530 31.01 8.30 20.59
N ARG C 531 30.13 7.77 21.43
CA ARG C 531 30.26 7.92 22.88
C ARG C 531 31.59 7.37 23.41
N SER C 532 32.10 6.33 22.78
CA SER C 532 33.36 5.71 23.20
C SER C 532 34.55 6.59 22.82
N MET C 533 34.29 7.60 21.99
CA MET C 533 35.32 8.51 21.54
C MET C 533 35.18 9.88 22.20
N THR C 534 34.43 9.90 23.31
CA THR C 534 34.22 11.14 24.03
C THR C 534 34.39 10.91 25.51
N SER C 535 35.16 11.79 26.16
CA SER C 535 35.38 11.69 27.59
C SER C 535 34.21 12.38 28.28
N GLU C 536 33.23 11.58 28.69
CA GLU C 536 32.03 12.08 29.37
C GLU C 536 32.33 12.71 30.73
N ALA C 537 31.33 12.69 31.60
CA ALA C 537 31.44 13.26 32.94
C ALA C 537 31.31 14.77 32.87
N GLY C 538 31.78 15.45 33.93
CA GLY C 538 31.71 16.89 33.98
C GLY C 538 30.44 17.37 34.65
N GLU C 539 30.55 18.48 35.36
CA GLU C 539 29.43 19.09 36.06
C GLU C 539 28.90 20.26 35.23
N TYR C 540 27.73 20.78 35.60
CA TYR C 540 27.15 21.92 34.91
C TYR C 540 28.12 23.08 35.06
N ASP C 541 28.31 23.85 33.99
CA ASP C 541 29.20 25.01 34.01
C ASP C 541 28.69 25.93 32.93
N LEU C 542 27.92 26.94 33.32
CA LEU C 542 27.33 27.87 32.35
C LEU C 542 28.24 29.02 31.91
N ASN C 543 29.46 29.10 32.44
CA ASN C 543 30.39 30.14 32.03
C ASN C 543 30.87 29.96 30.59
N ASP C 544 31.01 31.06 29.87
CA ASP C 544 31.46 31.07 28.47
C ASP C 544 30.73 30.05 27.59
N MET C 545 29.49 29.74 27.91
CA MET C 545 28.80 28.77 27.09
C MET C 545 28.56 29.21 25.64
N TYR C 546 28.66 30.51 25.35
CA TYR C 546 28.48 30.95 23.97
C TYR C 546 29.65 30.46 23.13
N LYS C 547 30.82 30.33 23.77
CA LYS C 547 32.01 29.86 23.07
C LYS C 547 31.90 28.41 22.63
N ARG C 548 31.01 27.65 23.28
CA ARG C 548 30.78 26.23 22.99
C ARG C 548 29.65 26.01 21.99
N SER C 549 28.88 27.05 21.70
CA SER C 549 27.75 26.90 20.78
C SER C 549 28.13 26.16 19.50
N SER C 550 27.15 25.46 18.94
CA SER C 550 27.36 24.69 17.73
C SER C 550 26.05 24.64 16.92
N PRO C 551 26.14 24.81 15.61
CA PRO C 551 24.91 24.76 14.80
C PRO C 551 24.48 23.32 14.53
N ILE C 552 23.22 23.14 14.17
CA ILE C 552 22.78 21.81 13.83
C ILE C 552 22.62 21.79 12.31
N ASN C 553 23.11 20.72 11.70
CA ASN C 553 23.11 20.54 10.26
C ASN C 553 21.76 20.57 9.55
N VAL C 554 21.02 21.65 9.75
CA VAL C 554 19.72 21.84 9.11
C VAL C 554 19.83 23.06 8.20
N ASP C 555 19.38 22.91 6.96
CA ASP C 555 19.41 24.02 5.98
C ASP C 555 18.82 25.28 6.58
N PRO C 556 19.39 26.45 6.26
CA PRO C 556 18.81 27.69 6.82
C PRO C 556 17.42 27.84 6.19
N GLY C 557 16.54 28.57 6.87
CA GLY C 557 15.19 28.81 6.37
C GLY C 557 14.61 29.87 7.29
N ASP C 558 13.31 29.80 7.58
CA ASP C 558 12.72 30.76 8.49
C ASP C 558 11.99 29.98 9.57
N TYR C 559 12.72 29.66 10.65
CA TYR C 559 12.17 28.87 11.75
C TYR C 559 11.73 29.71 12.93
N ARG C 560 10.67 29.25 13.60
CA ARG C 560 10.10 29.94 14.74
C ARG C 560 10.10 29.13 16.03
N MET C 561 10.36 27.84 15.95
CA MET C 561 10.39 27.01 17.14
C MET C 561 11.18 25.74 16.90
N ILE C 562 11.90 25.30 17.92
CA ILE C 562 12.70 24.08 17.85
C ILE C 562 12.38 23.25 19.09
N ILE C 563 12.08 21.97 18.88
CA ILE C 563 11.72 21.05 19.96
C ILE C 563 12.58 19.79 19.94
N PRO C 564 13.60 19.70 20.81
CA PRO C 564 14.48 18.53 20.84
C PRO C 564 13.84 17.29 21.47
N LEU C 565 13.86 16.19 20.73
CA LEU C 565 13.29 14.94 21.20
C LEU C 565 14.40 13.90 21.31
N GLU C 566 14.07 12.72 21.80
CA GLU C 566 15.05 11.66 21.95
C GLU C 566 15.92 11.45 20.73
N SER C 567 15.31 11.12 19.59
CA SER C 567 16.09 10.88 18.39
C SER C 567 15.71 11.76 17.19
N SER C 568 15.03 12.86 17.45
CA SER C 568 14.66 13.76 16.37
C SER C 568 14.43 15.15 16.95
N ILE C 569 14.29 16.12 16.07
CA ILE C 569 14.06 17.49 16.48
C ILE C 569 12.95 18.07 15.62
N LEU C 570 11.90 18.55 16.26
CA LEU C 570 10.79 19.14 15.53
C LEU C 570 11.11 20.63 15.35
N ILE C 571 10.74 21.17 14.19
CA ILE C 571 11.00 22.57 13.89
C ILE C 571 9.81 23.22 13.18
N TYR C 572 9.35 24.35 13.70
CA TYR C 572 8.24 25.04 13.07
C TYR C 572 8.87 25.89 11.97
N SER C 573 8.35 25.74 10.74
CA SER C 573 8.88 26.44 9.59
C SER C 573 7.85 27.30 8.87
N VAL C 574 8.25 28.49 8.46
CA VAL C 574 7.35 29.39 7.76
C VAL C 574 7.90 29.72 6.37
N PRO C 575 7.28 29.18 5.32
CA PRO C 575 7.67 29.40 3.93
C PRO C 575 7.70 30.87 3.57
N VAL C 576 8.67 31.28 2.77
CA VAL C 576 8.76 32.67 2.34
C VAL C 576 7.43 33.03 1.67
N HIS C 577 6.85 34.16 2.07
CA HIS C 577 5.56 34.57 1.53
C HIS C 577 5.37 36.09 1.47
N GLY C 578 4.39 36.51 0.68
CA GLY C 578 4.09 37.94 0.57
C GLY C 578 3.41 38.42 1.84
N GLU C 579 3.52 39.72 2.12
CA GLU C 579 2.93 40.31 3.32
C GLU C 579 1.60 41.02 3.11
N PHE C 580 1.18 41.16 1.86
CA PHE C 580 -0.05 41.87 1.55
C PHE C 580 -1.29 41.44 2.33
N ALA C 581 -1.63 40.16 2.24
CA ALA C 581 -2.81 39.62 2.92
C ALA C 581 -2.77 39.80 4.44
N ALA C 582 -1.66 39.49 5.07
CA ALA C 582 -1.54 39.65 6.53
C ALA C 582 -1.68 41.12 6.91
N TYR C 583 -0.90 41.95 6.24
CA TYR C 583 -0.89 43.38 6.51
C TYR C 583 -2.27 44.04 6.37
N TYR C 584 -3.02 43.68 5.32
CA TYR C 584 -4.33 44.28 5.13
C TYR C 584 -5.57 43.46 5.48
N GLN C 585 -5.50 42.15 5.28
CA GLN C 585 -6.65 41.29 5.54
C GLN C 585 -6.52 40.41 6.78
N GLY C 586 -5.64 40.77 7.69
CA GLY C 586 -5.45 39.98 8.89
C GLY C 586 -5.17 38.50 8.64
N ALA C 587 -4.82 38.15 7.40
CA ALA C 587 -4.52 36.76 7.07
C ALA C 587 -3.42 36.23 7.99
N PRO C 588 -3.60 35.01 8.51
CA PRO C 588 -2.59 34.43 9.40
C PRO C 588 -1.33 34.02 8.66
N GLU C 589 -0.24 33.86 9.41
CA GLU C 589 1.01 33.44 8.80
C GLU C 589 0.95 31.90 8.78
N LYS C 590 1.22 31.30 7.62
CA LYS C 590 1.17 29.85 7.49
C LYS C 590 2.52 29.18 7.71
N GLY C 591 2.53 28.14 8.53
CA GLY C 591 3.76 27.43 8.83
C GLY C 591 3.57 25.94 8.68
N VAL C 592 4.66 25.20 8.80
CA VAL C 592 4.61 23.76 8.67
C VAL C 592 5.52 23.16 9.73
N LEU C 593 5.09 22.03 10.31
CA LEU C 593 5.89 21.38 11.32
C LEU C 593 6.81 20.35 10.68
N LEU C 594 8.11 20.61 10.75
CA LEU C 594 9.11 19.72 10.17
C LEU C 594 9.78 18.83 11.22
N LYS C 595 10.20 17.65 10.79
CA LYS C 595 10.86 16.71 11.69
C LYS C 595 12.22 16.41 11.11
N TYR C 596 13.25 16.60 11.93
CA TYR C 596 14.62 16.36 11.54
C TYR C 596 15.11 15.13 12.29
N ASP C 597 15.44 14.08 11.55
CA ASP C 597 15.93 12.85 12.15
C ASP C 597 17.41 13.07 12.42
N VAL C 598 17.80 13.03 13.68
CA VAL C 598 19.19 13.27 14.04
C VAL C 598 20.13 12.22 13.49
N LYS C 599 19.67 10.97 13.50
CA LYS C 599 20.45 9.84 13.01
C LYS C 599 20.79 9.95 11.52
N THR C 600 19.77 10.20 10.70
CA THR C 600 19.94 10.29 9.24
C THR C 600 19.98 11.70 8.69
N ARG C 601 19.81 12.71 9.54
CA ARG C 601 19.80 14.10 9.09
C ARG C 601 18.70 14.34 8.05
N LYS C 602 17.75 13.41 7.98
CA LYS C 602 16.65 13.52 7.03
C LYS C 602 15.54 14.41 7.58
N VAL C 603 15.00 15.27 6.73
CA VAL C 603 13.93 16.16 7.16
C VAL C 603 12.62 15.76 6.50
N THR C 604 11.56 15.66 7.29
CA THR C 604 10.26 15.29 6.77
C THR C 604 9.19 16.24 7.29
N GLU C 605 8.07 16.31 6.59
CA GLU C 605 6.97 17.17 7.00
C GLU C 605 6.00 16.39 7.87
N VAL C 606 5.66 16.98 9.02
CA VAL C 606 4.75 16.36 9.97
C VAL C 606 3.32 16.89 9.83
N LYS C 607 3.18 18.20 9.61
CA LYS C 607 1.88 18.82 9.48
C LYS C 607 2.02 20.17 8.79
N ASN C 608 1.11 20.51 7.89
CA ASN C 608 1.17 21.79 7.19
C ASN C 608 -0.06 22.62 7.48
N ASN C 609 -0.14 23.80 6.88
CA ASN C 609 -1.28 24.69 7.06
C ASN C 609 -1.51 25.05 8.52
N LEU C 610 -0.42 25.28 9.25
CA LEU C 610 -0.51 25.65 10.66
C LEU C 610 -0.40 27.16 10.81
N THR C 611 -0.88 27.69 11.92
CA THR C 611 -0.79 29.12 12.19
C THR C 611 -0.37 29.31 13.63
N ASP C 612 -0.32 28.20 14.38
CA ASP C 612 0.04 28.27 15.79
C ASP C 612 0.31 26.86 16.31
N LEU C 613 1.14 26.74 17.34
CA LEU C 613 1.43 25.43 17.90
C LEU C 613 1.82 25.48 19.38
N ARG C 614 1.21 24.59 20.16
CA ARG C 614 1.49 24.50 21.59
C ARG C 614 1.97 23.07 21.87
N LEU C 615 2.93 22.94 22.78
CA LEU C 615 3.44 21.61 23.11
C LEU C 615 3.14 21.21 24.54
N SER C 616 2.75 19.95 24.71
CA SER C 616 2.44 19.36 26.00
C SER C 616 3.63 19.48 26.96
N ALA C 617 3.36 19.45 28.25
CA ALA C 617 4.42 19.57 29.25
C ALA C 617 5.41 18.41 29.10
N ASP C 618 4.86 17.21 28.95
CA ASP C 618 5.67 15.99 28.80
C ASP C 618 6.09 15.76 27.35
N ARG C 619 5.83 16.74 26.49
CA ARG C 619 6.20 16.63 25.08
C ARG C 619 5.47 15.52 24.31
N LYS C 620 4.40 14.98 24.88
CA LYS C 620 3.67 13.90 24.22
C LYS C 620 2.53 14.36 23.33
N THR C 621 1.95 15.52 23.63
CA THR C 621 0.83 16.03 22.84
C THR C 621 1.13 17.36 22.17
N VAL C 622 0.53 17.57 20.99
CA VAL C 622 0.71 18.82 20.24
C VAL C 622 -0.64 19.43 19.91
N MET C 623 -0.81 20.71 20.23
CA MET C 623 -2.05 21.41 19.93
C MET C 623 -1.72 22.42 18.85
N VAL C 624 -2.52 22.44 17.80
CA VAL C 624 -2.27 23.38 16.73
C VAL C 624 -3.55 24.05 16.24
N ARG C 625 -3.37 25.25 15.69
CA ARG C 625 -4.46 26.00 15.09
C ARG C 625 -4.05 25.98 13.63
N LYS C 626 -4.98 25.63 12.75
CA LYS C 626 -4.66 25.58 11.33
C LYS C 626 -5.27 26.77 10.61
N ASP C 627 -4.85 26.97 9.37
CA ASP C 627 -5.33 28.07 8.54
C ASP C 627 -6.85 28.09 8.39
N ASP C 628 -7.50 27.02 8.81
CA ASP C 628 -8.96 26.96 8.72
C ASP C 628 -9.58 27.54 9.98
N GLY C 629 -8.72 28.00 10.88
CA GLY C 629 -9.18 28.60 12.12
C GLY C 629 -9.56 27.63 13.24
N LYS C 630 -9.54 26.34 12.95
CA LYS C 630 -9.88 25.35 13.95
C LYS C 630 -8.68 24.88 14.75
N ILE C 631 -8.93 24.37 15.95
CA ILE C 631 -7.89 23.85 16.83
C ILE C 631 -7.89 22.33 16.75
N TYR C 632 -6.69 21.75 16.72
CA TYR C 632 -6.57 20.30 16.65
C TYR C 632 -5.55 19.81 17.66
N THR C 633 -5.67 18.54 18.03
CA THR C 633 -4.73 17.95 18.97
C THR C 633 -4.33 16.59 18.40
N PHE C 634 -3.08 16.20 18.62
CA PHE C 634 -2.59 14.91 18.12
C PHE C 634 -1.34 14.47 18.86
N PRO C 635 -1.18 13.14 19.04
CA PRO C 635 -0.01 12.57 19.72
C PRO C 635 1.24 12.82 18.89
N LEU C 636 2.28 13.37 19.51
CA LEU C 636 3.52 13.66 18.79
C LEU C 636 4.13 12.36 18.24
N GLU C 637 3.69 11.23 18.77
CA GLU C 637 4.18 9.93 18.32
C GLU C 637 3.46 9.48 17.05
N LYS C 638 2.17 9.78 16.95
CA LYS C 638 1.40 9.40 15.77
C LYS C 638 0.50 10.54 15.31
N PRO C 639 1.10 11.60 14.73
CA PRO C 639 0.39 12.79 14.22
C PRO C 639 -0.77 12.47 13.29
N GLU C 640 -0.97 11.20 12.98
CA GLU C 640 -2.06 10.77 12.11
C GLU C 640 -3.37 10.76 12.90
N ASP C 641 -3.29 10.45 14.18
CA ASP C 641 -4.46 10.42 15.05
C ASP C 641 -4.72 11.83 15.57
N GLU C 642 -5.20 12.68 14.67
CA GLU C 642 -5.48 14.07 14.98
C GLU C 642 -6.97 14.28 15.26
N ARG C 643 -7.28 15.01 16.32
CA ARG C 643 -8.67 15.29 16.70
C ARG C 643 -8.98 16.78 16.72
N THR C 644 -10.19 17.14 16.31
CA THR C 644 -10.59 18.53 16.28
C THR C 644 -11.15 18.94 17.63
N VAL C 645 -10.65 20.04 18.19
CA VAL C 645 -11.13 20.51 19.47
C VAL C 645 -12.43 21.30 19.29
N GLU C 646 -13.49 20.87 19.97
CA GLU C 646 -14.77 21.54 19.89
C GLU C 646 -15.02 22.32 21.19
N THR C 647 -15.48 23.56 21.04
CA THR C 647 -15.70 24.45 22.19
C THR C 647 -17.09 25.10 22.23
N ASP C 648 -17.90 24.90 21.21
CA ASP C 648 -19.18 25.56 21.18
C ASP C 648 -20.41 24.73 21.51
N LYS C 649 -20.20 23.63 22.21
CA LYS C 649 -21.34 22.80 22.58
C LYS C 649 -22.02 23.57 23.69
N ARG C 650 -21.20 24.16 24.56
CA ARG C 650 -21.69 24.93 25.67
C ARG C 650 -21.58 26.42 25.36
N PRO C 651 -22.67 27.18 25.53
CA PRO C 651 -22.66 28.61 25.25
C PRO C 651 -21.88 29.42 26.28
N LEU C 652 -21.39 30.58 25.85
CA LEU C 652 -20.64 31.47 26.72
C LEU C 652 -21.71 32.39 27.34
N VAL C 653 -21.73 32.48 28.66
CA VAL C 653 -22.75 33.30 29.35
C VAL C 653 -22.17 34.51 30.07
N SER C 654 -22.75 35.68 29.84
CA SER C 654 -22.26 36.87 30.52
C SER C 654 -23.33 37.92 30.77
N SER C 655 -22.90 39.05 31.34
CA SER C 655 -23.79 40.16 31.64
C SER C 655 -23.29 41.39 30.89
N ILE C 656 -24.14 41.95 30.05
CA ILE C 656 -23.76 43.13 29.30
C ILE C 656 -23.17 44.21 30.17
N HIS C 657 -23.96 44.71 31.12
CA HIS C 657 -23.46 45.78 31.99
C HIS C 657 -22.16 45.46 32.72
N GLU C 658 -21.93 44.18 33.06
CA GLU C 658 -20.68 43.84 33.75
C GLU C 658 -19.49 43.93 32.78
N GLU C 659 -19.70 43.47 31.54
CA GLU C 659 -18.65 43.50 30.51
C GLU C 659 -18.40 44.94 30.09
N PHE C 660 -19.48 45.67 29.84
CA PHE C 660 -19.38 47.06 29.43
C PHE C 660 -18.55 47.84 30.43
N LEU C 661 -18.78 47.61 31.71
CA LEU C 661 -18.00 48.30 32.73
C LEU C 661 -16.55 47.85 32.67
N GLN C 662 -16.32 46.54 32.58
CA GLN C 662 -14.97 45.98 32.50
C GLN C 662 -14.21 46.53 31.29
N MET C 663 -14.90 46.63 30.15
CA MET C 663 -14.29 47.14 28.93
C MET C 663 -13.93 48.63 29.04
N TYR C 664 -14.85 49.43 29.57
CA TYR C 664 -14.57 50.85 29.70
C TYR C 664 -13.32 51.01 30.57
N ASP C 665 -13.30 50.38 31.73
CA ASP C 665 -12.14 50.48 32.61
C ASP C 665 -10.84 50.10 31.89
N GLU C 666 -10.90 49.09 31.02
CA GLU C 666 -9.69 48.64 30.30
C GLU C 666 -9.31 49.61 29.18
N ALA C 667 -10.31 50.11 28.48
CA ALA C 667 -10.05 51.07 27.41
C ALA C 667 -9.44 52.32 28.04
N TRP C 668 -9.92 52.66 29.24
CA TRP C 668 -9.43 53.83 29.95
C TRP C 668 -8.03 53.64 30.50
N LYS C 669 -7.76 52.44 31.01
CA LYS C 669 -6.43 52.14 31.57
C LYS C 669 -5.39 52.03 30.46
N LEU C 670 -5.77 51.45 29.33
CA LEU C 670 -4.86 51.29 28.20
C LEU C 670 -4.45 52.66 27.65
N ALA C 671 -5.43 53.55 27.49
CA ALA C 671 -5.15 54.88 26.97
C ALA C 671 -4.19 55.64 27.89
N ARG C 672 -4.31 55.40 29.20
CA ARG C 672 -3.45 56.05 30.18
C ARG C 672 -2.05 55.43 30.18
N ASP C 673 -2.01 54.10 30.24
CA ASP C 673 -0.77 53.34 30.29
C ASP C 673 0.10 53.44 29.05
N ASN C 674 -0.50 53.55 27.87
CA ASN C 674 0.29 53.61 26.65
C ASN C 674 0.45 54.98 25.99
N TYR C 675 -0.10 56.04 26.58
CA TYR C 675 0.05 57.37 25.99
C TYR C 675 1.54 57.69 25.97
N TRP C 676 2.03 58.22 24.85
CA TRP C 676 3.46 58.53 24.73
C TRP C 676 4.06 59.39 25.85
N ASN C 677 3.30 60.35 26.32
CA ASN C 677 3.77 61.24 27.38
C ASN C 677 3.21 60.80 28.73
N GLU C 678 4.02 60.10 29.51
CA GLU C 678 3.58 59.64 30.82
C GLU C 678 3.08 60.78 31.71
N ALA C 679 3.88 61.83 31.81
CA ALA C 679 3.53 62.97 32.64
C ALA C 679 2.07 63.37 32.42
N VAL C 680 1.76 63.76 31.19
CA VAL C 680 0.41 64.18 30.82
C VAL C 680 -0.66 63.10 31.01
N ALA C 681 -0.26 61.84 30.89
CA ALA C 681 -1.18 60.73 31.03
C ALA C 681 -1.90 60.66 32.37
N LYS C 682 -1.18 60.94 33.44
CA LYS C 682 -1.77 60.89 34.78
C LYS C 682 -2.87 61.93 34.95
N GLU C 683 -2.57 63.17 34.55
CA GLU C 683 -3.52 64.25 34.67
C GLU C 683 -4.76 63.94 33.86
N ILE C 684 -4.59 63.74 32.56
CA ILE C 684 -5.71 63.46 31.67
C ILE C 684 -6.65 62.33 32.10
N SER C 685 -6.09 61.16 32.35
CA SER C 685 -6.88 60.00 32.75
C SER C 685 -7.73 60.21 34.00
N GLU C 686 -7.18 60.88 35.00
CA GLU C 686 -7.92 61.12 36.25
C GLU C 686 -9.03 62.13 36.04
N ARG C 687 -8.81 63.07 35.13
CA ARG C 687 -9.76 64.12 34.82
C ARG C 687 -10.98 63.64 34.04
N ILE C 688 -10.83 62.60 33.23
CA ILE C 688 -11.94 62.12 32.42
C ILE C 688 -12.58 60.82 32.88
N TYR C 689 -11.97 60.15 33.85
CA TYR C 689 -12.50 58.87 34.31
C TYR C 689 -13.99 58.82 34.65
N GLU C 690 -14.39 59.45 35.74
CA GLU C 690 -15.79 59.47 36.17
C GLU C 690 -16.75 59.98 35.10
N LYS C 691 -16.42 61.14 34.54
CA LYS C 691 -17.24 61.77 33.52
C LYS C 691 -17.80 60.79 32.48
N TYR C 692 -16.96 59.90 31.97
CA TYR C 692 -17.42 58.95 30.97
C TYR C 692 -17.87 57.63 31.54
N ARG C 693 -17.29 57.26 32.67
CA ARG C 693 -17.66 56.02 33.34
C ARG C 693 -19.14 56.16 33.70
N ASN C 694 -19.57 57.38 34.00
CA ASN C 694 -20.96 57.63 34.37
C ASN C 694 -21.94 57.34 33.24
N LEU C 695 -21.47 57.40 31.99
CA LEU C 695 -22.35 57.15 30.86
C LEU C 695 -22.49 55.67 30.51
N VAL C 696 -21.54 54.86 30.98
CA VAL C 696 -21.56 53.43 30.72
C VAL C 696 -22.91 52.79 31.04
N PRO C 697 -23.47 53.08 32.24
CA PRO C 697 -24.76 52.48 32.58
C PRO C 697 -25.92 52.82 31.64
N LEU C 698 -25.72 53.79 30.75
CA LEU C 698 -26.77 54.16 29.80
C LEU C 698 -26.63 53.31 28.54
N CYS C 699 -25.46 52.72 28.39
CA CYS C 699 -25.17 51.90 27.22
C CYS C 699 -25.90 50.55 27.27
N LYS C 700 -26.54 50.20 26.16
CA LYS C 700 -27.26 48.93 26.07
C LYS C 700 -26.71 48.07 24.93
N THR C 701 -26.14 48.72 23.92
CA THR C 701 -25.58 48.01 22.78
C THR C 701 -24.08 48.30 22.66
N ARG C 702 -23.38 47.49 21.87
CA ARG C 702 -21.93 47.69 21.70
C ARG C 702 -21.66 49.07 21.11
N TYR C 703 -22.50 49.47 20.17
CA TYR C 703 -22.35 50.78 19.57
C TYR C 703 -22.42 51.86 20.65
N ASP C 704 -23.42 51.78 21.53
CA ASP C 704 -23.57 52.76 22.63
C ASP C 704 -22.23 52.90 23.35
N LEU C 705 -21.66 51.77 23.75
CA LEU C 705 -20.40 51.76 24.49
C LEU C 705 -19.32 52.48 23.70
N SER C 706 -19.31 52.24 22.39
CA SER C 706 -18.35 52.85 21.46
C SER C 706 -18.38 54.37 21.51
N ASN C 707 -19.58 54.94 21.50
CA ASN C 707 -19.71 56.40 21.54
C ASN C 707 -19.04 56.95 22.80
N VAL C 708 -19.22 56.26 23.91
CA VAL C 708 -18.62 56.70 25.16
C VAL C 708 -17.10 56.56 25.14
N ILE C 709 -16.62 55.35 24.86
CA ILE C 709 -15.18 55.10 24.84
C ILE C 709 -14.42 56.01 23.90
N VAL C 710 -14.96 56.24 22.70
CA VAL C 710 -14.30 57.09 21.72
C VAL C 710 -14.23 58.54 22.19
N GLU C 711 -15.26 58.99 22.90
CA GLU C 711 -15.27 60.35 23.42
C GLU C 711 -14.19 60.48 24.49
N MET C 712 -14.07 59.47 25.34
CA MET C 712 -13.05 59.54 26.40
C MET C 712 -11.66 59.44 25.76
N GLN C 713 -11.58 58.73 24.63
CA GLN C 713 -10.31 58.57 23.91
C GLN C 713 -9.89 59.91 23.30
N GLY C 714 -10.87 60.64 22.78
CA GLY C 714 -10.58 61.92 22.16
C GLY C 714 -10.03 62.95 23.13
N GLU C 715 -10.23 62.72 24.42
CA GLU C 715 -9.75 63.64 25.44
C GLU C 715 -8.23 63.75 25.44
N TYR C 716 -7.53 62.79 24.82
CA TYR C 716 -6.07 62.86 24.79
C TYR C 716 -5.59 63.85 23.75
N ARG C 717 -6.53 64.35 22.94
CA ARG C 717 -6.25 65.35 21.92
C ARG C 717 -5.02 65.01 21.10
N THR C 718 -4.84 63.73 20.79
CA THR C 718 -3.71 63.28 20.01
C THR C 718 -4.22 62.37 18.90
N SER C 719 -3.46 62.29 17.81
CA SER C 719 -3.85 61.44 16.69
C SER C 719 -3.82 59.96 17.07
N HIS C 720 -4.24 59.12 16.14
CA HIS C 720 -4.25 57.67 16.29
C HIS C 720 -4.91 57.04 17.51
N SER C 721 -6.02 57.62 17.98
CA SER C 721 -6.74 57.02 19.10
C SER C 721 -7.93 56.37 18.41
N TYR C 722 -7.75 55.11 18.04
CA TYR C 722 -8.75 54.36 17.30
C TYR C 722 -9.52 53.25 18.02
N GLU C 723 -10.56 52.78 17.34
CA GLU C 723 -11.39 51.69 17.85
C GLU C 723 -11.64 50.85 16.62
N MET C 724 -11.09 49.64 16.61
CA MET C 724 -11.26 48.75 15.46
C MET C 724 -11.70 47.35 15.89
N GLY C 725 -12.31 46.62 14.96
CA GLY C 725 -12.75 45.28 15.27
C GLY C 725 -13.90 45.26 16.26
N GLY C 726 -14.09 44.11 16.91
CA GLY C 726 -15.16 43.96 17.87
C GLY C 726 -16.41 43.48 17.18
N THR C 727 -17.43 43.13 17.96
CA THR C 727 -18.71 42.65 17.45
C THR C 727 -19.82 43.61 17.89
N PHE C 728 -20.46 44.25 16.92
CA PHE C 728 -21.52 45.24 17.19
C PHE C 728 -22.89 44.78 16.75
N THR C 729 -22.93 43.89 15.76
CA THR C 729 -24.20 43.40 15.23
C THR C 729 -24.00 42.00 14.65
N ASP C 730 -25.08 41.22 14.62
CA ASP C 730 -25.01 39.87 14.07
C ASP C 730 -25.48 39.88 12.63
N LYS C 731 -25.60 41.07 12.05
CA LYS C 731 -26.03 41.20 10.67
C LYS C 731 -24.86 40.97 9.74
N ASP C 732 -25.08 40.18 8.68
CA ASP C 732 -24.02 39.92 7.72
C ASP C 732 -23.72 41.26 7.04
N PRO C 733 -22.47 41.49 6.61
CA PRO C 733 -22.15 42.75 5.95
C PRO C 733 -22.98 42.90 4.69
N PHE C 734 -23.14 44.14 4.22
CA PHE C 734 -23.88 44.39 2.99
C PHE C 734 -23.05 43.86 1.84
N ARG C 735 -23.70 43.58 0.73
CA ARG C 735 -23.00 43.06 -0.44
C ARG C 735 -23.18 44.05 -1.57
N SER C 736 -22.22 44.08 -2.48
CA SER C 736 -22.27 44.96 -3.63
C SER C 736 -21.67 44.19 -4.80
N GLY C 737 -22.31 44.27 -5.97
CA GLY C 737 -21.83 43.58 -7.13
C GLY C 737 -21.13 44.54 -8.07
N ARG C 738 -19.88 44.25 -8.41
CA ARG C 738 -19.12 45.12 -9.28
C ARG C 738 -18.44 44.45 -10.47
N ILE C 739 -18.29 45.23 -11.54
CA ILE C 739 -17.66 44.77 -12.76
C ILE C 739 -16.75 45.87 -13.29
N ALA C 740 -16.37 46.78 -12.40
CA ALA C 740 -15.50 47.90 -12.76
C ALA C 740 -16.07 48.69 -13.94
N CYS C 741 -17.32 49.09 -13.81
CA CYS C 741 -17.97 49.88 -14.83
C CYS C 741 -18.88 50.88 -14.12
N ASP C 742 -19.06 52.05 -14.73
CA ASP C 742 -19.97 53.05 -14.20
C ASP C 742 -21.18 53.00 -15.11
N PHE C 743 -22.37 53.20 -14.54
CA PHE C 743 -23.59 53.14 -15.32
C PHE C 743 -24.36 54.46 -15.34
N LYS C 744 -25.00 54.73 -16.47
CA LYS C 744 -25.80 55.93 -16.63
C LYS C 744 -27.14 55.48 -17.19
N LEU C 745 -28.22 55.98 -16.61
CA LEU C 745 -29.57 55.62 -17.05
C LEU C 745 -29.98 56.54 -18.20
N ASP C 746 -29.87 56.02 -19.41
CA ASP C 746 -30.21 56.78 -20.59
C ASP C 746 -31.55 56.31 -21.14
N GLY C 747 -32.61 57.04 -20.81
CA GLY C 747 -33.93 56.65 -21.26
C GLY C 747 -34.45 55.54 -20.37
N ASP C 748 -34.59 54.34 -20.93
CA ASP C 748 -35.09 53.20 -20.16
C ASP C 748 -34.02 52.15 -19.93
N HIS C 749 -32.85 52.34 -20.54
CA HIS C 749 -31.74 51.40 -20.41
C HIS C 749 -30.52 51.97 -19.72
N TYR C 750 -29.69 51.07 -19.20
CA TYR C 750 -28.45 51.47 -18.56
C TYR C 750 -27.39 51.38 -19.66
N VAL C 751 -26.46 52.32 -19.66
CA VAL C 751 -25.39 52.32 -20.64
C VAL C 751 -24.08 52.34 -19.88
N VAL C 752 -23.09 51.60 -20.36
CA VAL C 752 -21.79 51.59 -19.71
C VAL C 752 -21.13 52.94 -20.00
N ALA C 753 -21.24 53.85 -19.06
CA ALA C 753 -20.67 55.18 -19.18
C ALA C 753 -19.16 55.09 -19.20
N LYS C 754 -18.62 54.15 -18.42
CA LYS C 754 -17.18 53.95 -18.34
C LYS C 754 -16.80 52.56 -17.88
N ALA C 755 -15.74 52.03 -18.51
CA ALA C 755 -15.20 50.71 -18.21
C ALA C 755 -13.74 50.92 -17.81
N TYR C 756 -13.41 50.61 -16.56
CA TYR C 756 -12.06 50.81 -16.06
C TYR C 756 -11.03 49.74 -16.37
N ALA C 757 -9.79 50.21 -16.57
CA ALA C 757 -8.68 49.33 -16.88
C ALA C 757 -7.35 50.03 -16.59
N GLY C 758 -6.49 49.42 -15.78
CA GLY C 758 -5.20 50.01 -15.48
C GLY C 758 -4.21 49.41 -16.48
N ASP C 759 -3.36 48.50 -16.02
CA ASP C 759 -2.40 47.83 -16.89
C ASP C 759 -3.09 46.52 -17.31
N TYR C 760 -3.49 46.43 -18.57
CA TYR C 760 -4.19 45.24 -19.08
C TYR C 760 -3.49 43.92 -18.79
N SER C 761 -2.16 43.92 -18.79
CA SER C 761 -1.39 42.70 -18.55
C SER C 761 -1.31 42.31 -17.07
N ASN C 762 -1.65 43.22 -16.16
CA ASN C 762 -1.59 42.88 -14.73
C ASN C 762 -2.82 42.11 -14.28
N GLU C 763 -2.75 41.51 -13.10
CA GLU C 763 -3.89 40.77 -12.58
C GLU C 763 -4.82 41.71 -11.82
N GLY C 764 -6.11 41.56 -12.07
CA GLY C 764 -7.09 42.38 -11.38
C GLY C 764 -7.09 43.89 -11.57
N GLU C 765 -6.88 44.38 -12.80
CA GLU C 765 -6.89 45.82 -13.05
C GLU C 765 -7.75 46.22 -14.25
N LYS C 766 -8.88 45.56 -14.43
CA LYS C 766 -9.76 45.90 -15.55
C LYS C 766 -11.08 45.16 -15.43
N SER C 767 -12.12 45.72 -16.04
CA SER C 767 -13.43 45.09 -16.02
C SER C 767 -13.29 43.67 -16.55
N PRO C 768 -13.93 42.69 -15.88
CA PRO C 768 -13.84 41.29 -16.32
C PRO C 768 -14.38 41.04 -17.72
N ILE C 769 -14.93 42.09 -18.32
CA ILE C 769 -15.50 41.99 -19.65
C ILE C 769 -14.40 42.04 -20.71
N PHE C 770 -13.29 42.69 -20.41
CA PHE C 770 -12.18 42.79 -21.36
C PHE C 770 -11.62 41.42 -21.75
N GLU C 771 -11.66 40.46 -20.83
CA GLU C 771 -11.14 39.12 -21.13
C GLU C 771 -11.93 38.47 -22.26
N TYR C 772 -13.07 39.06 -22.60
CA TYR C 772 -13.90 38.52 -23.67
C TYR C 772 -13.62 39.16 -25.02
N GLY C 773 -12.68 40.08 -25.06
CA GLY C 773 -12.33 40.69 -26.34
C GLY C 773 -12.99 41.99 -26.74
N ILE C 774 -13.74 42.62 -25.85
CA ILE C 774 -14.39 43.89 -26.19
C ILE C 774 -14.34 44.89 -25.04
N ASP C 775 -14.45 46.17 -25.39
CA ASP C 775 -14.47 47.25 -24.41
C ASP C 775 -15.96 47.60 -24.33
N PRO C 776 -16.61 47.29 -23.20
CA PRO C 776 -18.04 47.54 -22.94
C PRO C 776 -18.48 48.99 -22.94
N THR C 777 -17.55 49.91 -23.12
CA THR C 777 -17.88 51.33 -23.13
C THR C 777 -18.93 51.63 -24.20
N GLY C 778 -19.94 52.41 -23.83
CA GLY C 778 -20.99 52.77 -24.77
C GLY C 778 -21.95 51.64 -25.08
N TYR C 779 -21.73 50.48 -24.46
CA TYR C 779 -22.61 49.33 -24.66
C TYR C 779 -23.82 49.43 -23.74
N LEU C 780 -24.96 48.89 -24.16
CA LEU C 780 -26.16 48.91 -23.32
C LEU C 780 -26.28 47.56 -22.63
N ILE C 781 -26.60 47.59 -21.34
CA ILE C 781 -26.76 46.35 -20.59
C ILE C 781 -28.23 45.95 -20.60
N GLU C 782 -28.56 44.99 -21.46
CA GLU C 782 -29.94 44.50 -21.58
C GLU C 782 -30.45 43.85 -20.30
N ASP C 783 -29.86 42.72 -19.94
CA ASP C 783 -30.27 41.98 -18.74
C ASP C 783 -29.14 41.17 -18.10
N ILE C 784 -29.38 40.74 -16.87
CA ILE C 784 -28.41 39.96 -16.11
C ILE C 784 -29.09 38.69 -15.57
N ASP C 785 -28.57 37.53 -15.97
CA ASP C 785 -29.12 36.25 -15.57
C ASP C 785 -30.60 36.17 -15.91
N GLY C 786 -30.98 36.73 -17.06
CA GLY C 786 -32.37 36.69 -17.48
C GLY C 786 -33.23 37.83 -16.96
N GLU C 787 -32.71 38.62 -16.03
CA GLU C 787 -33.48 39.72 -15.47
C GLU C 787 -33.15 41.05 -16.13
N THR C 788 -34.14 41.64 -16.77
CA THR C 788 -33.96 42.91 -17.45
C THR C 788 -33.65 44.00 -16.44
N VAL C 789 -32.71 44.87 -16.78
CA VAL C 789 -32.32 45.96 -15.90
C VAL C 789 -32.51 47.28 -16.62
N GLY C 790 -32.74 48.35 -15.87
CA GLY C 790 -32.94 49.64 -16.48
C GLY C 790 -33.95 50.50 -15.73
N ALA C 791 -34.70 51.31 -16.48
CA ALA C 791 -35.72 52.21 -15.93
C ALA C 791 -36.44 51.72 -14.67
N GLY C 792 -37.09 50.57 -14.76
CA GLY C 792 -37.80 50.07 -13.60
C GLY C 792 -37.11 48.93 -12.88
N SER C 793 -35.85 48.68 -13.23
CA SER C 793 -35.09 47.60 -12.61
C SER C 793 -33.68 48.06 -12.21
N ASN C 794 -33.47 48.25 -10.90
CA ASN C 794 -32.20 48.68 -10.32
C ASN C 794 -31.09 47.69 -10.65
N ILE C 795 -30.09 48.11 -11.41
CA ILE C 795 -28.99 47.23 -11.78
C ILE C 795 -28.03 47.00 -10.61
N TYR C 796 -27.99 47.95 -9.69
CA TYR C 796 -27.12 47.84 -8.54
C TYR C 796 -27.55 46.70 -7.62
N ARG C 797 -28.85 46.63 -7.36
CA ARG C 797 -29.40 45.57 -6.51
C ARG C 797 -29.22 44.20 -7.15
N VAL C 798 -29.39 44.12 -8.46
CA VAL C 798 -29.23 42.86 -9.18
C VAL C 798 -27.78 42.37 -9.10
N LEU C 799 -26.83 43.27 -9.31
CA LEU C 799 -25.42 42.92 -9.25
C LEU C 799 -25.15 42.46 -7.83
N SER C 800 -25.71 43.19 -6.88
CA SER C 800 -25.57 42.91 -5.46
C SER C 800 -25.95 41.46 -5.15
N GLU C 801 -27.02 40.99 -5.76
CA GLU C 801 -27.50 39.64 -5.53
C GLU C 801 -26.68 38.57 -6.26
N LYS C 802 -25.78 39.01 -7.15
CA LYS C 802 -24.95 38.09 -7.93
C LYS C 802 -23.48 38.15 -7.53
N ALA C 803 -23.14 39.05 -6.61
CA ALA C 803 -21.76 39.21 -6.16
C ALA C 803 -21.08 37.87 -5.84
N GLY C 804 -19.86 37.70 -6.33
CA GLY C 804 -19.11 36.49 -6.06
C GLY C 804 -19.37 35.33 -7.01
N THR C 805 -20.21 35.53 -8.01
CA THR C 805 -20.49 34.45 -8.96
C THR C 805 -20.43 34.99 -10.38
N SER C 806 -20.52 34.09 -11.36
CA SER C 806 -20.49 34.50 -12.75
C SER C 806 -21.91 34.41 -13.29
N ALA C 807 -22.42 35.54 -13.76
CA ALA C 807 -23.76 35.62 -14.30
C ALA C 807 -23.74 35.99 -15.77
N ARG C 808 -24.72 35.49 -16.50
CA ARG C 808 -24.83 35.77 -17.92
C ARG C 808 -25.33 37.19 -18.12
N ILE C 809 -24.54 38.02 -18.77
CA ILE C 809 -24.92 39.39 -19.03
C ILE C 809 -25.12 39.56 -20.53
N ARG C 810 -26.20 40.25 -20.91
CA ARG C 810 -26.50 40.50 -22.32
C ARG C 810 -26.20 41.98 -22.62
N LEU C 811 -25.35 42.22 -23.61
CA LEU C 811 -24.99 43.58 -23.98
C LEU C 811 -25.42 43.93 -25.40
N SER C 812 -25.67 45.22 -25.63
CA SER C 812 -26.06 45.71 -26.95
C SER C 812 -25.12 46.84 -27.32
N GLY C 813 -24.60 46.81 -28.54
CA GLY C 813 -23.70 47.86 -28.99
C GLY C 813 -24.41 48.75 -29.99
N LYS C 814 -23.86 49.94 -30.25
CA LYS C 814 -24.48 50.85 -31.20
C LYS C 814 -24.30 50.33 -32.62
N GLY C 815 -25.21 49.45 -33.02
CA GLY C 815 -25.19 48.86 -34.34
C GLY C 815 -25.97 47.57 -34.26
N GLY C 816 -25.36 46.48 -34.73
CA GLY C 816 -26.02 45.19 -34.68
C GLY C 816 -25.25 44.24 -33.80
N ASP C 817 -24.28 44.78 -33.06
CA ASP C 817 -23.43 43.99 -32.17
C ASP C 817 -24.10 43.65 -30.83
N LYS C 818 -24.27 42.36 -30.57
CA LYS C 818 -24.88 41.90 -29.33
C LYS C 818 -23.97 40.84 -28.70
N ARG C 819 -23.83 40.90 -27.38
CA ARG C 819 -22.97 39.96 -26.68
C ARG C 819 -23.71 39.20 -25.57
N ASP C 820 -23.42 37.91 -25.45
CA ASP C 820 -24.00 37.06 -24.42
C ASP C 820 -22.81 36.47 -23.67
N LEU C 821 -22.48 37.03 -22.49
CA LEU C 821 -21.29 36.59 -21.76
C LEU C 821 -21.45 36.20 -20.30
N MET C 822 -20.66 35.21 -19.87
CA MET C 822 -20.67 34.79 -18.47
C MET C 822 -19.60 35.68 -17.84
N ILE C 823 -20.04 36.69 -17.11
CA ILE C 823 -19.12 37.62 -16.47
C ILE C 823 -18.95 37.42 -14.97
N ASP C 824 -17.71 37.54 -14.52
CA ASP C 824 -17.42 37.40 -13.10
C ASP C 824 -17.89 38.69 -12.42
N ILE C 825 -18.85 38.56 -11.51
CA ILE C 825 -19.35 39.72 -10.77
C ILE C 825 -18.56 39.77 -9.46
N LEU C 826 -17.62 40.70 -9.39
CA LEU C 826 -16.76 40.89 -8.22
C LEU C 826 -17.48 41.46 -7.01
N ASP C 827 -16.89 41.28 -5.83
CA ASP C 827 -17.46 41.81 -4.61
C ASP C 827 -16.93 43.24 -4.39
N ASP C 828 -15.95 43.63 -5.20
CA ASP C 828 -15.33 44.96 -5.06
C ASP C 828 -14.48 45.28 -6.28
N ASP C 829 -14.30 46.57 -6.56
CA ASP C 829 -13.46 46.95 -7.68
C ASP C 829 -12.68 48.23 -7.42
N ARG C 830 -12.41 48.50 -6.14
CA ARG C 830 -11.65 49.69 -5.76
C ARG C 830 -10.24 49.67 -6.31
N PHE C 831 -9.54 48.54 -6.16
CA PHE C 831 -8.17 48.48 -6.67
C PHE C 831 -8.14 48.73 -8.17
N ILE C 832 -9.16 48.24 -8.87
CA ILE C 832 -9.23 48.45 -10.31
C ILE C 832 -9.38 49.96 -10.61
N ARG C 833 -10.33 50.59 -9.94
CA ARG C 833 -10.58 52.02 -10.11
C ARG C 833 -9.31 52.82 -9.82
N TYR C 834 -8.59 52.42 -8.76
CA TYR C 834 -7.37 53.08 -8.37
C TYR C 834 -6.26 52.99 -9.42
N ARG C 835 -5.95 51.77 -9.83
CA ARG C 835 -4.92 51.56 -10.83
C ARG C 835 -5.28 52.21 -12.16
N SER C 836 -6.58 52.43 -12.37
CA SER C 836 -7.06 53.07 -13.58
C SER C 836 -6.77 54.57 -13.45
N TRP C 837 -7.01 55.08 -12.24
CA TRP C 837 -6.80 56.48 -11.92
C TRP C 837 -5.32 56.80 -12.10
N VAL C 838 -4.46 56.02 -11.46
CA VAL C 838 -3.02 56.24 -11.58
C VAL C 838 -2.55 56.17 -13.02
N GLU C 839 -2.98 55.15 -13.76
CA GLU C 839 -2.54 55.02 -15.15
C GLU C 839 -3.07 56.17 -16.02
N ALA C 840 -4.20 56.75 -15.61
CA ALA C 840 -4.78 57.87 -16.35
C ALA C 840 -3.90 59.09 -16.14
N ASN C 841 -3.46 59.28 -14.89
CA ASN C 841 -2.58 60.38 -14.51
C ASN C 841 -1.23 60.20 -15.21
N ARG C 842 -0.79 58.95 -15.27
CA ARG C 842 0.48 58.64 -15.90
C ARG C 842 0.47 59.04 -17.36
N ARG C 843 -0.61 58.74 -18.07
CA ARG C 843 -0.68 59.11 -19.49
C ARG C 843 -0.72 60.64 -19.61
N TYR C 844 -1.58 61.26 -18.81
CA TYR C 844 -1.74 62.71 -18.82
C TYR C 844 -0.39 63.40 -18.64
N VAL C 845 0.34 63.02 -17.61
CA VAL C 845 1.66 63.61 -17.36
C VAL C 845 2.56 63.48 -18.58
N HIS C 846 2.63 62.28 -19.15
CA HIS C 846 3.47 62.05 -20.33
C HIS C 846 3.04 62.96 -21.47
N GLU C 847 1.72 63.10 -21.63
CA GLU C 847 1.17 63.92 -22.70
C GLU C 847 1.46 65.41 -22.53
N ARG C 848 1.07 65.95 -21.38
CA ARG C 848 1.29 67.37 -21.13
C ARG C 848 2.77 67.73 -21.10
N SER C 849 3.60 66.84 -20.56
CA SER C 849 5.05 67.10 -20.48
C SER C 849 5.76 66.78 -21.80
N LYS C 850 5.00 66.29 -22.79
CA LYS C 850 5.58 65.97 -24.08
C LYS C 850 6.65 64.90 -23.98
N GLY C 851 6.41 63.93 -23.11
CA GLY C 851 7.32 62.82 -22.90
C GLY C 851 8.56 63.13 -22.11
N THR C 852 8.57 64.25 -21.39
CA THR C 852 9.75 64.62 -20.62
C THR C 852 9.61 64.39 -19.12
N ILE C 853 8.39 64.14 -18.65
CA ILE C 853 8.18 63.93 -17.22
C ILE C 853 7.47 62.61 -16.90
N GLY C 854 7.91 61.97 -15.81
CA GLY C 854 7.34 60.71 -15.37
C GLY C 854 6.44 60.87 -14.17
N TYR C 855 5.65 59.83 -13.86
CA TYR C 855 4.71 59.89 -12.74
C TYR C 855 4.61 58.64 -11.87
N ILE C 856 4.60 58.85 -10.55
CA ILE C 856 4.45 57.74 -9.62
C ILE C 856 3.48 58.13 -8.52
N HIS C 857 2.54 57.24 -8.21
CA HIS C 857 1.63 57.52 -7.11
C HIS C 857 1.92 56.57 -5.96
N ILE C 858 1.82 57.08 -4.72
CA ILE C 858 2.04 56.22 -3.57
C ILE C 858 0.80 56.33 -2.68
N PRO C 859 -0.10 55.33 -2.78
CA PRO C 859 -1.37 55.19 -2.05
C PRO C 859 -1.29 55.08 -0.53
N ASP C 860 -0.23 54.45 -0.01
CA ASP C 860 -0.04 54.38 1.43
C ASP C 860 1.37 53.99 1.70
N MET C 861 1.78 53.94 2.96
CA MET C 861 3.15 53.57 3.27
C MET C 861 3.32 52.15 3.80
N GLY C 862 2.38 51.29 3.44
CA GLY C 862 2.42 49.89 3.83
C GLY C 862 2.84 49.02 2.66
N MET C 863 2.26 47.82 2.55
CA MET C 863 2.60 46.92 1.46
C MET C 863 2.05 47.42 0.12
N MET C 864 0.85 47.97 0.12
CA MET C 864 0.29 48.51 -1.12
C MET C 864 1.25 49.61 -1.61
N GLY C 865 1.71 50.46 -0.70
CA GLY C 865 2.62 51.53 -1.08
C GLY C 865 3.87 51.02 -1.77
N LEU C 866 4.53 50.03 -1.17
CA LEU C 866 5.74 49.46 -1.76
C LEU C 866 5.41 48.95 -3.18
N ASN C 867 4.34 48.17 -3.30
CA ASN C 867 3.94 47.64 -4.60
C ASN C 867 3.80 48.69 -5.68
N GLU C 868 3.00 49.71 -5.41
CA GLU C 868 2.75 50.74 -6.40
C GLU C 868 3.96 51.62 -6.68
N PHE C 869 4.73 51.94 -5.65
CA PHE C 869 5.89 52.78 -5.89
C PHE C 869 6.80 52.11 -6.91
N TYR C 870 7.23 50.90 -6.61
CA TYR C 870 8.10 50.19 -7.51
C TYR C 870 7.43 49.82 -8.82
N ARG C 871 6.13 49.56 -8.75
CA ARG C 871 5.38 49.17 -9.95
C ARG C 871 5.58 50.16 -11.08
N LEU C 872 5.70 51.44 -10.72
CA LEU C 872 5.91 52.50 -11.69
C LEU C 872 7.34 53.05 -11.68
N PHE C 873 7.99 53.00 -10.51
CA PHE C 873 9.36 53.49 -10.38
C PHE C 873 10.32 52.84 -11.39
N ILE C 874 10.09 51.59 -11.73
CA ILE C 874 10.99 50.93 -12.67
C ILE C 874 10.82 51.45 -14.09
N ASN C 875 9.66 52.05 -14.38
CA ASN C 875 9.40 52.59 -15.72
C ASN C 875 9.47 54.12 -15.80
N GLU C 876 9.14 54.79 -14.70
CA GLU C 876 9.07 56.25 -14.65
C GLU C 876 10.22 57.07 -14.05
N SER C 877 11.25 56.41 -13.53
CA SER C 877 12.33 57.17 -12.90
C SER C 877 13.38 57.75 -13.83
N SER C 878 13.30 57.46 -15.11
CA SER C 878 14.28 57.97 -16.05
C SER C 878 13.84 59.05 -17.04
N TYR C 879 12.81 59.81 -16.69
CA TYR C 879 12.40 60.90 -17.55
C TYR C 879 13.21 62.10 -17.07
N GLN C 880 13.21 63.19 -17.83
CA GLN C 880 13.94 64.38 -17.42
C GLN C 880 13.47 64.85 -16.06
N GLY C 881 12.19 64.67 -15.79
CA GLY C 881 11.64 65.08 -14.50
C GLY C 881 10.77 63.97 -13.93
N LEU C 882 10.42 64.09 -12.65
CA LEU C 882 9.58 63.07 -12.03
C LEU C 882 8.61 63.67 -11.04
N ILE C 883 7.35 63.24 -11.12
CA ILE C 883 6.33 63.69 -10.18
C ILE C 883 5.99 62.55 -9.25
N VAL C 884 6.18 62.77 -7.95
CA VAL C 884 5.84 61.77 -6.94
C VAL C 884 4.59 62.27 -6.25
N ASP C 885 3.49 61.59 -6.51
CA ASP C 885 2.19 61.95 -5.96
C ASP C 885 1.86 61.12 -4.73
N VAL C 886 1.80 61.78 -3.58
CA VAL C 886 1.47 61.07 -2.35
C VAL C 886 0.11 61.48 -1.79
N ARG C 887 -0.73 62.02 -2.67
CA ARG C 887 -2.07 62.43 -2.28
C ARG C 887 -2.89 61.21 -1.82
N PHE C 888 -3.67 61.41 -0.77
CA PHE C 888 -4.51 60.36 -0.19
C PHE C 888 -3.68 59.25 0.47
N ASN C 889 -2.38 59.46 0.59
CA ASN C 889 -1.51 58.45 1.19
C ASN C 889 -1.95 58.10 2.62
N GLY C 890 -2.42 56.86 2.79
CA GLY C 890 -2.92 56.41 4.07
C GLY C 890 -1.92 56.09 5.16
N GLY C 891 -0.66 56.45 4.97
CA GLY C 891 0.34 56.16 5.98
C GLY C 891 0.83 54.72 6.03
N GLY C 892 1.56 54.39 7.08
CA GLY C 892 2.12 53.06 7.24
C GLY C 892 3.48 53.19 7.89
N PHE C 893 4.54 52.71 7.23
CA PHE C 893 5.89 52.82 7.80
C PHE C 893 7.05 52.72 6.83
N VAL C 894 6.81 52.59 5.53
CA VAL C 894 7.93 52.46 4.60
C VAL C 894 8.39 53.75 3.92
N SER C 895 7.89 54.90 4.36
CA SER C 895 8.31 56.16 3.73
C SER C 895 9.83 56.23 3.66
N GLN C 896 10.50 55.87 4.74
CA GLN C 896 11.95 55.94 4.77
C GLN C 896 12.60 55.08 3.70
N LEU C 897 11.96 53.97 3.33
CA LEU C 897 12.51 53.09 2.31
C LEU C 897 12.34 53.72 0.93
N ILE C 898 11.28 54.50 0.75
CA ILE C 898 11.06 55.14 -0.54
C ILE C 898 12.03 56.34 -0.67
N ILE C 899 12.11 57.14 0.39
CA ILE C 899 13.00 58.30 0.40
C ILE C 899 14.40 57.85 -0.01
N GLU C 900 14.86 56.73 0.57
CA GLU C 900 16.19 56.19 0.26
C GLU C 900 16.40 56.05 -1.26
N LYS C 901 15.41 55.49 -1.94
CA LYS C 901 15.49 55.32 -3.39
C LYS C 901 15.53 56.69 -4.09
N LEU C 902 14.64 57.59 -3.68
CA LEU C 902 14.59 58.92 -4.26
C LEU C 902 15.88 59.71 -4.05
N MET C 903 16.56 59.44 -2.94
CA MET C 903 17.81 60.14 -2.61
C MET C 903 19.01 59.77 -3.46
N ASN C 904 18.90 58.69 -4.23
CA ASN C 904 19.99 58.25 -5.08
C ASN C 904 20.36 59.27 -6.16
N LYS C 905 21.64 59.61 -6.21
CA LYS C 905 22.14 60.57 -7.18
C LYS C 905 22.86 59.84 -8.32
N ARG C 906 22.42 60.08 -9.55
CA ARG C 906 23.03 59.46 -10.71
C ARG C 906 24.40 60.10 -10.94
N ILE C 907 25.47 59.30 -10.85
CA ILE C 907 26.81 59.85 -11.02
C ILE C 907 27.68 59.19 -12.06
N GLY C 908 27.12 58.23 -12.79
CA GLY C 908 27.90 57.56 -13.81
C GLY C 908 27.08 56.67 -14.72
N TYR C 909 27.76 56.02 -15.65
CA TYR C 909 27.13 55.14 -16.61
C TYR C 909 28.07 54.04 -17.07
N ASP C 910 27.50 52.88 -17.40
CA ASP C 910 28.26 51.76 -17.94
C ASP C 910 28.05 51.89 -19.44
N ASN C 911 29.13 51.83 -20.21
CA ASN C 911 29.06 51.93 -21.66
C ASN C 911 29.40 50.60 -22.30
N PRO C 912 28.39 49.83 -22.70
CA PRO C 912 28.52 48.51 -23.32
C PRO C 912 28.91 48.50 -24.79
N ARG C 913 29.59 47.42 -25.19
CA ARG C 913 29.97 47.27 -26.57
C ARG C 913 28.67 47.30 -27.36
N ARG C 914 27.66 46.61 -26.84
CA ARG C 914 26.35 46.56 -27.50
C ARG C 914 25.28 46.83 -26.46
N GLY C 915 24.16 47.39 -26.89
CA GLY C 915 23.10 47.73 -25.95
C GLY C 915 23.21 49.19 -25.60
N THR C 916 22.43 49.65 -24.63
CA THR C 916 22.44 51.05 -24.23
C THR C 916 23.16 51.29 -22.90
N LEU C 917 23.29 52.56 -22.53
CA LEU C 917 23.95 52.92 -21.28
C LEU C 917 23.18 52.42 -20.07
N SER C 918 23.90 52.04 -19.02
CA SER C 918 23.28 51.59 -17.80
C SER C 918 23.64 52.63 -16.75
N PRO C 919 22.65 53.36 -16.24
CA PRO C 919 22.89 54.40 -15.22
C PRO C 919 23.35 53.82 -13.87
N TYR C 920 24.16 54.59 -13.15
CA TYR C 920 24.66 54.16 -11.84
C TYR C 920 24.43 55.27 -10.81
N PRO C 921 23.68 54.98 -9.73
CA PRO C 921 23.02 53.72 -9.36
C PRO C 921 21.90 53.38 -10.34
N THR C 922 21.49 52.11 -10.32
CA THR C 922 20.41 51.63 -11.19
C THR C 922 19.10 52.25 -10.70
N ASN C 923 18.99 52.42 -9.39
CA ASN C 923 17.79 52.98 -8.77
C ASN C 923 17.89 54.48 -8.56
N SER C 924 18.64 55.17 -9.41
CA SER C 924 18.78 56.62 -9.29
C SER C 924 17.79 57.35 -10.18
N VAL C 925 17.20 58.43 -9.67
CA VAL C 925 16.28 59.23 -10.47
C VAL C 925 17.17 60.07 -11.38
N ARG C 926 16.84 60.08 -12.66
CA ARG C 926 17.60 60.82 -13.65
C ARG C 926 17.64 62.36 -13.52
N GLY C 927 16.51 62.97 -13.20
CA GLY C 927 16.51 64.42 -13.12
C GLY C 927 15.84 65.10 -11.94
N LYS C 928 14.99 66.08 -12.26
CA LYS C 928 14.30 66.85 -11.23
C LYS C 928 13.05 66.16 -10.71
N ILE C 929 12.81 66.34 -9.42
CA ILE C 929 11.67 65.72 -8.78
C ILE C 929 10.77 66.75 -8.13
N ILE C 930 9.48 66.48 -8.13
CA ILE C 930 8.54 67.36 -7.49
C ILE C 930 7.50 66.43 -6.90
N ALA C 931 7.02 66.75 -5.70
CA ALA C 931 6.03 65.92 -5.03
C ALA C 931 4.72 66.66 -4.79
N ILE C 932 3.61 65.92 -4.86
CA ILE C 932 2.29 66.49 -4.63
C ILE C 932 1.66 65.81 -3.43
N THR C 933 1.04 66.58 -2.54
CA THR C 933 0.38 66.02 -1.36
C THR C 933 -0.91 66.78 -1.06
N ASN C 934 -1.69 66.31 -0.08
CA ASN C 934 -2.93 66.98 0.29
C ASN C 934 -3.36 66.65 1.70
N GLU C 935 -4.54 67.13 2.08
CA GLU C 935 -5.08 66.93 3.42
C GLU C 935 -5.43 65.49 3.78
N TYR C 936 -5.43 64.64 2.76
CA TYR C 936 -5.74 63.23 2.93
C TYR C 936 -4.48 62.36 3.00
N ALA C 937 -3.32 63.03 3.07
CA ALA C 937 -2.03 62.37 3.19
C ALA C 937 -1.66 62.50 4.67
N GLY C 938 -1.37 61.40 5.33
CA GLY C 938 -1.04 61.52 6.75
C GLY C 938 -0.20 60.43 7.34
N SER C 939 0.19 60.65 8.59
CA SER C 939 0.99 59.72 9.35
C SER C 939 2.34 59.53 8.66
N ASP C 940 2.65 58.31 8.25
CA ASP C 940 3.92 58.10 7.57
C ASP C 940 3.90 58.97 6.32
N GLY C 941 2.71 59.47 5.98
CA GLY C 941 2.56 60.34 4.83
C GLY C 941 3.07 61.73 5.22
N ASP C 942 2.80 62.14 6.45
CA ASP C 942 3.25 63.44 6.95
C ASP C 942 4.78 63.43 6.94
N ILE C 943 5.33 62.34 7.45
CA ILE C 943 6.78 62.18 7.54
C ILE C 943 7.45 62.26 6.17
N PHE C 944 6.87 61.61 5.17
CA PHE C 944 7.41 61.65 3.83
C PHE C 944 7.35 63.10 3.32
N SER C 945 6.19 63.72 3.49
CA SER C 945 6.00 65.09 3.06
C SER C 945 7.07 66.00 3.67
N PHE C 946 7.18 65.96 4.98
CA PHE C 946 8.18 66.77 5.68
C PHE C 946 9.57 66.44 5.18
N SER C 947 9.87 65.15 5.09
CA SER C 947 11.18 64.69 4.64
C SER C 947 11.53 65.19 3.25
N PHE C 948 10.58 65.07 2.33
CA PHE C 948 10.81 65.48 0.95
C PHE C 948 11.37 66.90 0.88
N LYS C 949 10.80 67.78 1.69
CA LYS C 949 11.25 69.18 1.77
C LYS C 949 12.57 69.26 2.52
N LYS C 950 12.58 68.77 3.75
CA LYS C 950 13.77 68.82 4.59
C LYS C 950 15.05 68.36 3.90
N LEU C 951 14.98 67.29 3.12
CA LEU C 951 16.15 66.74 2.45
C LEU C 951 16.36 67.38 1.07
N GLY C 952 15.52 68.37 0.77
CA GLY C 952 15.65 69.07 -0.51
C GLY C 952 15.59 68.21 -1.75
N LEU C 953 14.73 67.21 -1.76
CA LEU C 953 14.58 66.35 -2.92
C LEU C 953 13.90 67.13 -4.03
N GLY C 954 13.13 68.15 -3.65
CA GLY C 954 12.44 68.96 -4.63
C GLY C 954 11.36 69.78 -3.94
N LYS C 955 10.45 70.37 -4.72
CA LYS C 955 9.37 71.17 -4.15
C LYS C 955 8.18 70.32 -3.76
N LEU C 956 7.41 70.78 -2.78
CA LEU C 956 6.22 70.07 -2.35
C LEU C 956 5.06 70.96 -2.75
N ILE C 957 4.12 70.37 -3.51
CA ILE C 957 2.93 71.06 -4.03
C ILE C 957 1.63 70.45 -3.50
N GLY C 958 0.62 71.29 -3.26
CA GLY C 958 -0.67 70.80 -2.77
C GLY C 958 -1.21 71.58 -1.57
N THR C 959 -1.79 70.86 -0.61
CA THR C 959 -2.31 71.49 0.60
C THR C 959 -1.71 70.84 1.85
N ARG C 960 -1.89 71.49 3.00
CA ARG C 960 -1.34 70.98 4.25
C ARG C 960 -1.88 69.58 4.51
N THR C 961 -1.01 68.71 5.02
CA THR C 961 -1.35 67.32 5.32
C THR C 961 -2.15 67.13 6.61
N TRP C 962 -2.56 65.89 6.85
CA TRP C 962 -3.36 65.49 8.01
C TRP C 962 -2.81 65.90 9.37
N GLY C 963 -1.52 65.70 9.58
CA GLY C 963 -0.90 66.07 10.85
C GLY C 963 -1.04 65.08 11.98
N GLY C 964 -0.77 63.80 11.69
CA GLY C 964 -0.87 62.79 12.74
C GLY C 964 0.40 61.96 12.77
N VAL C 965 1.31 62.26 13.68
CA VAL C 965 2.55 61.52 13.72
C VAL C 965 2.89 60.89 15.05
N VAL C 966 1.88 60.44 15.77
CA VAL C 966 2.10 59.78 17.05
C VAL C 966 1.63 58.35 16.83
N GLY C 967 2.58 57.50 16.47
CA GLY C 967 2.32 56.09 16.16
C GLY C 967 1.77 55.17 17.22
N ILE C 968 1.29 54.03 16.74
CA ILE C 968 0.68 53.02 17.59
C ILE C 968 1.21 51.60 17.36
N THR C 969 1.07 50.78 18.39
CA THR C 969 1.46 49.38 18.34
C THR C 969 0.57 48.68 19.36
N PRO C 970 -0.69 48.43 18.99
CA PRO C 970 -1.60 47.77 19.92
C PRO C 970 -1.16 46.33 20.20
N LYS C 971 -1.27 45.91 21.45
CA LYS C 971 -0.89 44.57 21.83
C LYS C 971 -1.90 43.90 22.74
N ARG C 972 -3.08 44.52 22.89
CA ARG C 972 -4.16 43.98 23.69
C ARG C 972 -5.51 44.33 23.12
N ARG C 973 -6.42 43.36 23.13
CA ARG C 973 -7.78 43.52 22.63
C ARG C 973 -8.75 43.40 23.79
N LEU C 974 -9.92 44.02 23.67
CA LEU C 974 -10.89 43.90 24.75
C LEU C 974 -11.47 42.47 24.67
N ILE C 975 -12.18 42.06 25.73
CA ILE C 975 -12.76 40.73 25.79
C ILE C 975 -13.72 40.40 24.64
N ASP C 976 -14.11 41.40 23.86
CA ASP C 976 -15.01 41.12 22.75
C ASP C 976 -14.28 41.18 21.41
N GLY C 977 -12.96 41.27 21.46
CA GLY C 977 -12.19 41.30 20.24
C GLY C 977 -11.73 42.67 19.76
N THR C 978 -12.37 43.72 20.29
CA THR C 978 -12.04 45.08 19.92
C THR C 978 -10.55 45.42 20.09
N VAL C 979 -9.97 46.03 19.06
CA VAL C 979 -8.58 46.46 19.10
C VAL C 979 -8.58 47.99 19.20
N LEU C 980 -8.21 48.50 20.37
CA LEU C 980 -8.13 49.94 20.60
C LEU C 980 -6.67 50.28 20.38
N THR C 981 -6.39 51.49 19.89
CA THR C 981 -5.02 51.93 19.66
C THR C 981 -4.72 53.14 20.52
N GLN C 982 -3.51 53.20 21.06
CA GLN C 982 -3.09 54.31 21.87
C GLN C 982 -1.90 55.01 21.22
N PRO C 983 -1.93 56.35 21.15
CA PRO C 983 -0.82 57.10 20.54
C PRO C 983 0.36 56.95 21.52
N GLU C 984 1.23 55.99 21.19
CA GLU C 984 2.36 55.62 22.03
C GLU C 984 3.74 56.08 21.57
N PHE C 985 3.92 56.30 20.28
CA PHE C 985 5.23 56.71 19.76
C PHE C 985 5.18 58.07 19.10
N ALA C 986 5.69 59.09 19.79
CA ALA C 986 5.67 60.44 19.25
C ALA C 986 6.87 60.68 18.36
N PHE C 987 6.61 61.05 17.12
CA PHE C 987 7.71 61.32 16.20
C PHE C 987 8.22 62.74 16.42
N TRP C 988 9.54 62.88 16.39
CA TRP C 988 10.21 64.14 16.61
C TRP C 988 11.21 64.39 15.48
N PHE C 989 11.06 65.53 14.80
CA PHE C 989 11.97 65.90 13.72
C PHE C 989 13.05 66.82 14.25
N ARG C 990 14.24 66.69 13.70
CA ARG C 990 15.34 67.56 14.10
C ARG C 990 14.94 68.92 13.53
N ASP C 991 14.97 69.94 14.38
CA ASP C 991 14.61 71.31 14.00
C ASP C 991 13.12 71.60 14.07
N ALA C 992 12.27 70.60 13.91
CA ALA C 992 10.82 70.83 13.97
C ALA C 992 10.17 70.27 15.23
N GLY C 993 10.92 69.46 15.98
CA GLY C 993 10.40 68.87 17.20
C GLY C 993 9.15 68.04 16.96
N PHE C 994 8.25 68.05 17.94
CA PHE C 994 6.99 67.33 17.84
C PHE C 994 5.95 68.19 17.12
N GLY C 995 6.41 69.31 16.56
CA GLY C 995 5.50 70.24 15.88
C GLY C 995 4.62 69.75 14.75
N VAL C 996 4.99 68.64 14.11
CA VAL C 996 4.18 68.11 13.02
C VAL C 996 2.84 67.61 13.54
N GLU C 997 2.86 67.02 14.74
CA GLU C 997 1.64 66.49 15.33
C GLU C 997 0.60 67.61 15.46
N ASN C 998 -0.65 67.26 15.13
CA ASN C 998 -1.80 68.17 15.20
C ASN C 998 -1.71 69.41 14.32
N TYR C 999 -0.92 69.33 13.25
CA TYR C 999 -0.77 70.45 12.34
C TYR C 999 -0.56 69.97 10.91
N GLY C 1000 0.48 69.16 10.70
CA GLY C 1000 0.77 68.66 9.37
C GLY C 1000 1.96 69.34 8.74
N VAL C 1001 2.12 69.18 7.43
CA VAL C 1001 3.24 69.78 6.72
C VAL C 1001 2.74 70.70 5.60
N ASP C 1002 3.19 71.94 5.60
CA ASP C 1002 2.82 72.90 4.57
C ASP C 1002 3.67 72.65 3.33
N PRO C 1003 3.08 72.81 2.14
CA PRO C 1003 3.82 72.59 0.89
C PRO C 1003 4.57 73.88 0.52
N ASP C 1004 5.56 73.77 -0.36
CA ASP C 1004 6.32 74.95 -0.79
C ASP C 1004 5.40 75.88 -1.58
N VAL C 1005 4.43 75.28 -2.27
CA VAL C 1005 3.46 76.05 -3.05
C VAL C 1005 2.07 75.49 -2.76
N GLU C 1006 1.22 76.29 -2.13
CA GLU C 1006 -0.12 75.83 -1.83
C GLU C 1006 -1.02 75.98 -3.04
N ILE C 1007 -1.52 74.84 -3.53
CA ILE C 1007 -2.43 74.83 -4.67
C ILE C 1007 -3.71 74.19 -4.20
N GLU C 1008 -4.75 75.01 -4.01
CA GLU C 1008 -6.03 74.48 -3.58
C GLU C 1008 -6.65 73.67 -4.70
N TYR C 1009 -7.55 72.76 -4.34
CA TYR C 1009 -8.28 71.97 -5.32
C TYR C 1009 -9.70 72.39 -4.98
N ALA C 1010 -10.18 73.41 -5.67
CA ALA C 1010 -11.50 73.98 -5.41
C ALA C 1010 -12.68 73.25 -6.03
N PRO C 1011 -13.88 73.46 -5.47
CA PRO C 1011 -15.12 72.84 -5.96
C PRO C 1011 -15.36 73.16 -7.43
N HIS C 1012 -14.99 74.37 -7.85
CA HIS C 1012 -15.17 74.74 -9.25
C HIS C 1012 -14.09 74.10 -10.12
N ASP C 1013 -13.03 73.61 -9.49
CA ASP C 1013 -11.95 72.95 -10.21
C ASP C 1013 -12.47 71.58 -10.64
N TYR C 1014 -13.19 70.91 -9.73
CA TYR C 1014 -13.76 69.60 -10.05
C TYR C 1014 -14.85 69.78 -11.09
N LEU C 1015 -15.59 70.87 -10.98
CA LEU C 1015 -16.66 71.15 -11.92
C LEU C 1015 -16.16 71.30 -13.35
N SER C 1016 -14.97 71.86 -13.52
CA SER C 1016 -14.42 72.04 -14.86
C SER C 1016 -13.64 70.81 -15.33
N GLY C 1017 -13.34 69.90 -14.41
CA GLY C 1017 -12.62 68.69 -14.78
C GLY C 1017 -11.11 68.85 -14.87
N LYS C 1018 -10.58 69.79 -14.11
CA LYS C 1018 -9.15 70.04 -14.12
C LYS C 1018 -8.55 69.75 -12.75
N ASP C 1019 -7.36 69.16 -12.75
CA ASP C 1019 -6.66 68.87 -11.52
C ASP C 1019 -5.56 69.94 -11.51
N PRO C 1020 -5.80 71.06 -10.81
CA PRO C 1020 -4.83 72.16 -10.74
C PRO C 1020 -3.56 71.77 -10.00
N GLN C 1021 -3.65 70.73 -9.18
CA GLN C 1021 -2.48 70.30 -8.43
C GLN C 1021 -1.50 69.54 -9.33
N ILE C 1022 -2.01 68.65 -10.17
CA ILE C 1022 -1.15 67.91 -11.08
C ILE C 1022 -0.71 68.82 -12.22
N ASP C 1023 -1.57 69.74 -12.63
CA ASP C 1023 -1.24 70.67 -13.72
C ASP C 1023 -0.07 71.55 -13.30
N TYR C 1024 -0.11 72.02 -12.05
CA TYR C 1024 0.95 72.86 -11.52
C TYR C 1024 2.25 72.06 -11.42
N ALA C 1025 2.18 70.86 -10.86
CA ALA C 1025 3.38 70.04 -10.74
C ALA C 1025 3.99 69.83 -12.12
N ILE C 1026 3.17 69.57 -13.13
CA ILE C 1026 3.68 69.36 -14.48
C ILE C 1026 4.34 70.62 -15.05
N ASP C 1027 3.70 71.75 -14.83
CA ASP C 1027 4.20 73.01 -15.37
C ASP C 1027 5.43 73.48 -14.62
N ALA C 1028 5.37 73.40 -13.29
CA ALA C 1028 6.50 73.80 -12.46
C ALA C 1028 7.77 73.07 -12.92
N LEU C 1029 7.65 71.78 -13.25
CA LEU C 1029 8.79 71.01 -13.71
C LEU C 1029 9.23 71.34 -15.12
N ILE C 1030 8.28 71.63 -15.99
CA ILE C 1030 8.66 71.98 -17.36
C ILE C 1030 9.53 73.23 -17.26
N GLU C 1031 9.21 74.09 -16.30
CA GLU C 1031 9.98 75.32 -16.11
C GLU C 1031 11.38 74.98 -15.61
N GLU C 1032 11.45 74.15 -14.57
CA GLU C 1032 12.73 73.74 -14.00
C GLU C 1032 13.61 73.03 -15.01
N LEU C 1033 12.97 72.31 -15.93
CA LEU C 1033 13.69 71.56 -16.95
C LEU C 1033 14.20 72.40 -18.12
N ARG C 1034 13.86 73.68 -18.14
CA ARG C 1034 14.33 74.55 -19.21
C ARG C 1034 15.85 74.67 -19.15
N ASN C 1035 16.37 74.78 -17.93
CA ASN C 1035 17.81 74.89 -17.71
C ASN C 1035 18.24 74.01 -16.54
N MET D 13 59.36 21.20 -35.05
CA MET D 13 58.29 21.35 -34.01
C MET D 13 58.90 21.69 -32.65
N PRO D 14 59.36 22.94 -32.49
CA PRO D 14 59.98 23.41 -31.24
C PRO D 14 58.96 23.57 -30.12
N ASN D 15 59.44 23.62 -28.89
CA ASN D 15 58.57 23.77 -27.74
C ASN D 15 58.52 25.20 -27.24
N LEU D 16 57.49 25.53 -26.47
CA LEU D 16 57.37 26.85 -25.88
C LEU D 16 58.18 26.77 -24.58
N LEU D 17 59.25 27.55 -24.46
CA LEU D 17 60.09 27.51 -23.25
C LEU D 17 59.77 28.69 -22.35
N LEU D 18 59.67 28.44 -21.04
CA LEU D 18 59.33 29.52 -20.12
C LEU D 18 59.96 29.45 -18.72
N ASN D 19 59.87 30.58 -18.04
CA ASN D 19 60.31 30.79 -16.66
C ASN D 19 61.60 30.13 -16.21
N PRO D 20 62.74 30.67 -16.65
CA PRO D 20 64.02 30.07 -16.28
C PRO D 20 64.63 30.66 -15.02
N ASP D 21 65.70 30.00 -14.58
CA ASP D 21 66.51 30.40 -13.44
C ASP D 21 67.87 29.89 -13.87
N ILE D 22 68.95 30.41 -13.27
CA ILE D 22 70.28 30.02 -13.67
C ILE D 22 71.28 29.94 -12.51
N HIS D 23 72.25 29.04 -12.65
CA HIS D 23 73.31 28.86 -11.66
C HIS D 23 74.54 28.38 -12.41
N GLY D 24 75.54 29.25 -12.53
CA GLY D 24 76.75 28.89 -13.26
C GLY D 24 76.43 28.67 -14.73
N ASP D 25 76.71 27.47 -15.22
CA ASP D 25 76.42 27.13 -16.60
C ASP D 25 75.15 26.28 -16.69
N ARG D 26 74.41 26.17 -15.58
CA ARG D 26 73.21 25.37 -15.58
C ARG D 26 71.96 26.23 -15.55
N ILE D 27 71.09 25.99 -16.53
CA ILE D 27 69.85 26.72 -16.61
C ILE D 27 68.69 25.73 -16.48
N ILE D 28 67.66 26.11 -15.74
CA ILE D 28 66.48 25.26 -15.61
C ILE D 28 65.31 26.06 -16.15
N PHE D 29 64.34 25.38 -16.70
CA PHE D 29 63.21 26.08 -17.28
C PHE D 29 62.03 25.12 -17.40
N VAL D 30 60.88 25.67 -17.73
CA VAL D 30 59.68 24.87 -17.89
C VAL D 30 59.38 24.59 -19.36
N CYS D 31 58.94 23.37 -19.65
CA CYS D 31 58.57 22.95 -21.00
C CYS D 31 57.61 21.78 -20.83
N CYS D 32 56.41 21.94 -21.38
CA CYS D 32 55.38 20.92 -21.28
C CYS D 32 54.99 20.66 -19.81
N ASP D 33 54.97 21.72 -19.02
CA ASP D 33 54.59 21.66 -17.60
C ASP D 33 55.59 21.00 -16.65
N ASP D 34 56.69 20.50 -17.21
CA ASP D 34 57.74 19.81 -16.45
C ASP D 34 59.00 20.67 -16.38
N LEU D 35 59.89 20.35 -15.44
CA LEU D 35 61.13 21.09 -15.25
C LEU D 35 62.28 20.43 -15.99
N TRP D 36 63.01 21.26 -16.72
CA TRP D 36 64.16 20.82 -17.51
C TRP D 36 65.40 21.58 -17.06
N GLU D 37 66.56 21.00 -17.34
CA GLU D 37 67.83 21.61 -17.02
C GLU D 37 68.75 21.54 -18.23
N HIS D 38 69.32 22.69 -18.58
CA HIS D 38 70.21 22.77 -19.72
C HIS D 38 71.60 23.19 -19.28
N ASP D 39 72.61 22.53 -19.83
CA ASP D 39 73.99 22.86 -19.51
C ASP D 39 74.63 23.60 -20.69
N LEU D 40 74.92 24.87 -20.48
CA LEU D 40 75.52 25.73 -21.48
C LEU D 40 76.87 25.22 -21.98
N LYS D 41 77.64 24.60 -21.10
CA LYS D 41 78.95 24.09 -21.47
C LYS D 41 78.88 22.85 -22.36
N SER D 42 78.05 21.88 -22.00
CA SER D 42 77.93 20.66 -22.81
C SER D 42 76.82 20.77 -23.86
N GLY D 43 75.91 21.73 -23.67
CA GLY D 43 74.83 21.92 -24.61
C GLY D 43 73.68 20.93 -24.47
N SER D 44 73.78 20.01 -23.51
CA SER D 44 72.76 19.00 -23.30
C SER D 44 71.57 19.51 -22.48
N THR D 45 70.41 18.94 -22.75
CA THR D 45 69.18 19.31 -22.05
C THR D 45 68.56 18.04 -21.49
N ARG D 46 67.95 18.15 -20.33
CA ARG D 46 67.36 16.99 -19.68
C ARG D 46 66.16 17.36 -18.79
N LYS D 47 65.16 16.48 -18.74
CA LYS D 47 64.00 16.73 -17.89
C LYS D 47 64.34 16.19 -16.49
N ILE D 48 64.31 17.06 -15.49
CA ILE D 48 64.66 16.64 -14.14
C ILE D 48 63.50 16.34 -13.19
N VAL D 49 62.32 16.86 -13.51
CA VAL D 49 61.12 16.58 -12.72
C VAL D 49 59.89 16.65 -13.61
N SER D 50 58.98 15.70 -13.42
CA SER D 50 57.77 15.64 -14.21
C SER D 50 56.65 14.93 -13.46
N ASN D 51 55.47 14.92 -14.07
CA ASN D 51 54.30 14.26 -13.52
C ASN D 51 53.95 14.67 -12.08
N LEU D 52 54.23 15.92 -11.74
CA LEU D 52 53.90 16.45 -10.42
C LEU D 52 52.65 17.30 -10.54
N GLY D 53 52.39 17.74 -11.77
CA GLY D 53 51.26 18.61 -12.05
C GLY D 53 51.88 19.71 -12.88
N VAL D 54 51.28 20.90 -12.88
CA VAL D 54 51.83 21.97 -13.70
C VAL D 54 52.78 22.88 -12.94
N ILE D 55 54.05 22.84 -13.36
CA ILE D 55 55.08 23.66 -12.74
C ILE D 55 55.18 24.99 -13.49
N ASN D 56 55.19 26.09 -12.75
CA ASN D 56 55.29 27.41 -13.37
C ASN D 56 56.46 28.21 -12.86
N ASN D 57 57.17 27.69 -11.86
CA ASN D 57 58.32 28.40 -11.29
C ASN D 57 59.26 27.42 -10.60
N ALA D 58 60.56 27.66 -10.76
CA ALA D 58 61.59 26.82 -10.15
C ALA D 58 62.76 27.72 -9.79
N ARG D 59 63.26 27.59 -8.55
CA ARG D 59 64.36 28.42 -8.09
C ARG D 59 65.51 27.63 -7.48
N PHE D 60 66.72 27.87 -7.97
CA PHE D 60 67.90 27.20 -7.41
C PHE D 60 68.11 27.77 -6.01
N PHE D 61 68.62 26.95 -5.10
CA PHE D 61 68.98 27.43 -3.77
C PHE D 61 70.36 28.09 -4.02
N PRO D 62 70.82 28.97 -3.12
CA PRO D 62 72.13 29.62 -3.31
C PRO D 62 73.31 28.75 -3.75
N ASP D 63 73.43 27.55 -3.21
CA ASP D 63 74.54 26.68 -3.59
C ASP D 63 74.20 25.84 -4.81
N GLY D 64 73.07 26.15 -5.44
CA GLY D 64 72.65 25.44 -6.64
C GLY D 64 72.46 23.94 -6.51
N ARG D 65 72.52 23.44 -5.28
CA ARG D 65 72.38 22.01 -5.05
C ARG D 65 70.91 21.59 -5.07
N LYS D 66 70.06 22.40 -4.46
CA LYS D 66 68.64 22.11 -4.39
C LYS D 66 67.83 23.12 -5.18
N ILE D 67 66.60 22.74 -5.50
CA ILE D 67 65.71 23.59 -6.28
C ILE D 67 64.31 23.59 -5.67
N ALA D 68 63.76 24.77 -5.46
CA ALA D 68 62.43 24.92 -4.89
C ALA D 68 61.48 25.00 -6.09
N ILE D 69 60.44 24.19 -6.06
CA ILE D 69 59.49 24.14 -7.16
C ILE D 69 58.03 24.43 -6.79
N ARG D 70 57.37 25.25 -7.60
CA ARG D 70 55.96 25.55 -7.36
C ARG D 70 55.19 24.75 -8.37
N VAL D 71 54.19 24.00 -7.90
CA VAL D 71 53.39 23.22 -8.82
C VAL D 71 51.91 23.40 -8.50
N MET D 72 51.09 23.39 -9.54
CA MET D 72 49.65 23.56 -9.43
C MET D 72 48.93 22.28 -9.79
N ARG D 73 47.79 22.06 -9.14
CA ARG D 73 46.95 20.89 -9.37
C ARG D 73 45.48 21.30 -9.35
N GLY D 74 44.60 20.35 -9.71
CA GLY D 74 43.18 20.67 -9.77
C GLY D 74 43.01 20.93 -11.25
N SER D 75 41.89 20.51 -11.84
CA SER D 75 41.69 20.69 -13.28
C SER D 75 41.99 22.10 -13.77
N SER D 76 41.52 23.11 -13.03
CA SER D 76 41.74 24.50 -13.41
C SER D 76 42.97 25.13 -12.74
N LEU D 77 43.80 24.28 -12.14
CA LEU D 77 45.00 24.74 -11.45
C LEU D 77 44.67 25.73 -10.38
N ASN D 78 43.61 25.44 -9.63
CA ASN D 78 43.15 26.32 -8.56
C ASN D 78 43.90 26.11 -7.24
N THR D 79 44.80 25.12 -7.20
CA THR D 79 45.57 24.89 -5.97
C THR D 79 47.05 24.74 -6.24
N ALA D 80 47.86 25.09 -5.24
CA ALA D 80 49.31 25.02 -5.36
C ALA D 80 50.04 24.69 -4.06
N ASP D 81 51.23 24.15 -4.21
CA ASP D 81 52.07 23.86 -3.05
C ASP D 81 53.49 23.74 -3.56
N LEU D 82 54.46 23.75 -2.66
CA LEU D 82 55.85 23.71 -3.04
C LEU D 82 56.56 22.38 -2.79
N TYR D 83 57.56 22.13 -3.63
CA TYR D 83 58.38 20.93 -3.57
C TYR D 83 59.85 21.31 -3.69
N PHE D 84 60.70 20.41 -3.19
CA PHE D 84 62.15 20.56 -3.24
C PHE D 84 62.67 19.41 -4.08
N TYR D 85 63.60 19.72 -4.97
CA TYR D 85 64.20 18.69 -5.81
C TYR D 85 65.68 18.68 -5.50
N ASN D 86 66.22 17.52 -5.15
CA ASN D 86 67.64 17.41 -4.84
C ASN D 86 68.37 16.84 -6.04
N GLY D 87 69.20 17.66 -6.68
CA GLY D 87 69.95 17.22 -7.85
C GLY D 87 71.01 16.17 -7.55
N GLU D 88 71.40 16.09 -6.28
CA GLU D 88 72.41 15.13 -5.86
C GLU D 88 71.91 13.69 -5.91
N ASN D 89 70.73 13.43 -5.36
CA ASN D 89 70.15 12.09 -5.33
C ASN D 89 68.85 11.97 -6.13
N GLY D 90 68.39 13.09 -6.68
CA GLY D 90 67.15 13.06 -7.44
C GLY D 90 65.95 12.86 -6.53
N GLU D 91 66.06 13.32 -5.29
CA GLU D 91 64.98 13.19 -4.34
C GLU D 91 63.98 14.33 -4.53
N ILE D 92 62.70 14.01 -4.61
CA ILE D 92 61.65 15.00 -4.76
C ILE D 92 60.84 14.94 -3.47
N LYS D 93 60.42 16.09 -2.97
CA LYS D 93 59.71 16.11 -1.70
C LYS D 93 58.79 17.32 -1.55
N ARG D 94 57.53 17.05 -1.20
CA ARG D 94 56.56 18.13 -1.00
C ARG D 94 56.91 18.86 0.31
N ILE D 95 56.95 20.19 0.26
CA ILE D 95 57.30 20.99 1.45
C ILE D 95 56.13 21.69 2.11
N THR D 96 55.18 22.18 1.32
CA THR D 96 54.02 22.86 1.88
C THR D 96 52.73 22.07 1.63
N TYR D 97 51.85 22.09 2.63
CA TYR D 97 50.56 21.42 2.56
C TYR D 97 49.50 22.48 2.87
N PHE D 98 49.58 23.62 2.18
CA PHE D 98 48.65 24.73 2.37
C PHE D 98 47.50 24.68 1.36
N SER D 99 47.74 24.02 0.23
CA SER D 99 46.76 23.99 -0.85
C SER D 99 46.39 25.45 -1.15
N GLY D 100 47.41 26.28 -1.35
CA GLY D 100 47.19 27.69 -1.62
C GLY D 100 46.33 27.96 -2.84
N LYS D 101 45.40 28.91 -2.72
CA LYS D 101 44.53 29.26 -3.85
C LYS D 101 45.34 29.92 -4.94
N SER D 102 44.97 29.64 -6.18
CA SER D 102 45.70 30.16 -7.32
C SER D 102 44.79 30.51 -8.50
N THR D 103 45.15 31.55 -9.23
CA THR D 103 44.44 31.94 -10.44
C THR D 103 45.54 32.30 -11.42
N GLY D 104 45.25 32.29 -12.72
CA GLY D 104 46.26 32.64 -13.69
C GLY D 104 46.90 34.00 -13.42
N ARG D 105 46.10 34.96 -12.97
CA ARG D 105 46.62 36.30 -12.70
C ARG D 105 47.21 36.50 -11.30
N ARG D 106 46.97 35.54 -10.41
CA ARG D 106 47.50 35.64 -9.06
C ARG D 106 47.89 34.24 -8.61
N MET D 107 49.01 33.76 -9.13
CA MET D 107 49.51 32.44 -8.81
C MET D 107 50.30 32.52 -7.50
N PHE D 108 49.55 32.55 -6.40
CA PHE D 108 50.13 32.69 -5.08
C PHE D 108 50.69 31.43 -4.41
N THR D 109 51.45 31.64 -3.33
CA THR D 109 52.16 30.59 -2.60
C THR D 109 53.29 30.24 -3.56
N ASP D 110 54.42 30.92 -3.40
CA ASP D 110 55.55 30.73 -4.30
C ASP D 110 56.86 31.09 -3.61
N VAL D 111 57.98 30.87 -4.31
CA VAL D 111 59.27 31.22 -3.76
C VAL D 111 59.39 32.74 -3.77
N ALA D 112 59.82 33.33 -2.64
CA ALA D 112 59.99 34.77 -2.59
C ALA D 112 61.47 35.17 -2.67
N GLY D 113 62.33 34.32 -2.11
CA GLY D 113 63.76 34.57 -2.13
C GLY D 113 64.47 33.61 -1.19
N PHE D 114 65.75 33.86 -0.92
CA PHE D 114 66.54 33.04 -0.02
C PHE D 114 67.33 33.99 0.89
N ASP D 115 67.35 33.72 2.19
CA ASP D 115 68.06 34.59 3.10
C ASP D 115 69.56 34.34 3.11
N PRO D 116 70.33 35.23 3.78
CA PRO D 116 71.79 35.09 3.84
C PRO D 116 72.27 33.71 4.31
N ASP D 117 71.45 33.00 5.07
CA ASP D 117 71.85 31.68 5.53
C ASP D 117 71.49 30.56 4.57
N GLY D 118 70.84 30.90 3.48
CA GLY D 118 70.47 29.91 2.49
C GLY D 118 69.10 29.30 2.72
N ASN D 119 68.33 29.88 3.63
CA ASN D 119 66.99 29.38 3.92
C ASN D 119 66.03 29.91 2.87
N LEU D 120 65.03 29.10 2.56
CA LEU D 120 64.02 29.48 1.59
C LEU D 120 63.01 30.42 2.20
N ILE D 121 62.69 31.49 1.47
CA ILE D 121 61.70 32.44 1.94
C ILE D 121 60.50 32.36 1.00
N ILE D 122 59.35 31.99 1.54
CA ILE D 122 58.16 31.91 0.70
C ILE D 122 57.19 33.02 0.93
N SER D 123 56.35 33.21 -0.07
CA SER D 123 55.31 34.21 -0.05
C SER D 123 54.02 33.41 -0.14
N THR D 124 53.11 33.62 0.81
CA THR D 124 51.84 32.90 0.77
C THR D 124 50.72 33.53 1.59
N ASP D 125 49.50 33.38 1.09
CA ASP D 125 48.33 33.92 1.77
C ASP D 125 47.57 32.77 2.43
N ALA D 126 48.16 31.57 2.41
CA ALA D 126 47.51 30.38 2.99
C ALA D 126 46.98 30.57 4.41
N MET D 127 47.69 31.30 5.26
CA MET D 127 47.24 31.54 6.63
C MET D 127 46.79 32.97 6.86
N GLN D 128 46.24 33.59 5.82
CA GLN D 128 45.82 34.97 5.96
C GLN D 128 44.37 35.16 5.56
N PRO D 129 43.70 36.16 6.15
CA PRO D 129 42.30 36.39 5.81
C PRO D 129 42.01 36.86 4.38
N PHE D 130 43.03 37.26 3.62
CA PHE D 130 42.84 37.72 2.23
C PHE D 130 43.92 37.16 1.31
N SER D 131 43.53 36.79 0.09
CA SER D 131 44.50 36.24 -0.85
C SER D 131 45.60 37.25 -1.22
N SER D 132 45.31 38.54 -1.11
CA SER D 132 46.30 39.58 -1.40
C SER D 132 47.36 39.70 -0.32
N MET D 133 47.10 39.11 0.85
CA MET D 133 48.07 39.18 1.94
C MET D 133 49.05 38.03 1.83
N THR D 134 49.89 38.06 0.79
CA THR D 134 50.89 37.02 0.61
C THR D 134 52.09 37.38 1.49
N CYS D 135 52.04 36.90 2.73
CA CYS D 135 53.08 37.19 3.68
C CYS D 135 54.32 36.33 3.50
N LEU D 136 55.44 36.84 4.00
CA LEU D 136 56.72 36.17 3.92
C LEU D 136 57.00 35.29 5.14
N TYR D 137 57.50 34.09 4.88
CA TYR D 137 57.82 33.16 5.93
C TYR D 137 59.13 32.47 5.60
N ARG D 138 59.97 32.25 6.61
CA ARG D 138 61.21 31.53 6.40
C ARG D 138 60.79 30.07 6.58
N VAL D 139 61.20 29.21 5.66
CA VAL D 139 60.89 27.80 5.75
C VAL D 139 61.98 27.09 6.52
N GLU D 140 61.59 26.38 7.56
CA GLU D 140 62.55 25.65 8.37
C GLU D 140 62.27 24.16 8.37
N ASN D 141 63.32 23.38 8.52
CA ASN D 141 63.23 21.92 8.59
C ASN D 141 62.37 21.30 7.49
N ASP D 142 62.60 21.74 6.26
CA ASP D 142 61.86 21.25 5.11
C ASP D 142 60.34 21.30 5.27
N GLY D 143 59.82 22.39 5.82
CA GLY D 143 58.37 22.52 5.94
C GLY D 143 57.71 22.17 7.26
N ILE D 144 58.51 21.76 8.24
CA ILE D 144 58.00 21.40 9.56
C ILE D 144 57.46 22.62 10.28
N ASN D 145 58.07 23.77 9.99
CA ASN D 145 57.71 25.00 10.69
C ASN D 145 57.90 26.18 9.75
N PHE D 146 57.13 27.26 9.96
CA PHE D 146 57.23 28.47 9.14
C PHE D 146 57.32 29.69 10.03
N VAL D 147 58.37 30.48 9.85
CA VAL D 147 58.58 31.66 10.67
C VAL D 147 58.30 32.93 9.88
N PRO D 148 57.29 33.71 10.30
CA PRO D 148 56.90 34.95 9.65
C PRO D 148 57.95 36.06 9.77
N LEU D 149 58.14 36.82 8.71
CA LEU D 149 59.11 37.91 8.74
C LEU D 149 58.41 39.20 9.17
N ASN D 150 57.08 39.18 9.09
CA ASN D 150 56.28 40.34 9.47
C ASN D 150 56.66 41.58 8.68
N LEU D 151 56.89 41.42 7.38
CA LEU D 151 57.25 42.58 6.57
C LEU D 151 56.05 43.02 5.72
N GLY D 152 54.88 42.42 6.01
CA GLY D 152 53.68 42.74 5.27
C GLY D 152 53.61 41.95 3.96
N PRO D 153 52.56 42.15 3.15
CA PRO D 153 52.42 41.42 1.89
C PRO D 153 53.51 41.79 0.90
N ALA D 154 54.12 40.76 0.31
CA ALA D 154 55.20 40.94 -0.63
C ALA D 154 55.34 39.73 -1.57
N THR D 155 55.97 39.96 -2.73
CA THR D 155 56.15 38.91 -3.72
C THR D 155 57.58 38.40 -3.74
N HIS D 156 58.52 39.34 -3.64
CA HIS D 156 59.93 38.99 -3.64
C HIS D 156 60.65 39.65 -2.48
N ILE D 157 61.73 39.01 -2.05
CA ILE D 157 62.58 39.58 -1.02
C ILE D 157 64.01 39.32 -1.44
N LEU D 158 64.83 40.36 -1.42
CA LEU D 158 66.22 40.24 -1.80
C LEU D 158 67.05 40.78 -0.64
N PHE D 159 68.29 40.32 -0.54
CA PHE D 159 69.18 40.78 0.52
C PHE D 159 70.48 41.32 -0.08
N ALA D 160 70.78 42.59 0.20
CA ALA D 160 71.98 43.22 -0.32
C ALA D 160 72.63 44.11 0.72
N ASP D 161 73.95 43.98 0.84
CA ASP D 161 74.73 44.74 1.81
C ASP D 161 74.10 44.72 3.19
N GLY D 162 73.64 43.56 3.60
CA GLY D 162 73.04 43.43 4.91
C GLY D 162 71.63 43.97 5.07
N ARG D 163 71.05 44.52 4.00
CA ARG D 163 69.69 45.01 4.12
C ARG D 163 68.67 44.25 3.29
N ARG D 164 67.40 44.44 3.61
CA ARG D 164 66.35 43.75 2.91
C ARG D 164 65.70 44.59 1.81
N VAL D 165 65.50 43.96 0.67
CA VAL D 165 64.88 44.61 -0.48
C VAL D 165 63.54 43.93 -0.69
N ILE D 166 62.47 44.70 -0.64
CA ILE D 166 61.15 44.13 -0.80
C ILE D 166 60.41 44.52 -2.07
N GLY D 167 59.98 43.50 -2.79
CA GLY D 167 59.21 43.72 -4.00
C GLY D 167 57.73 43.41 -3.72
N ARG D 168 56.88 44.42 -3.88
CA ARG D 168 55.45 44.29 -3.66
C ARG D 168 54.70 44.20 -4.98
N ASN D 169 53.86 43.18 -5.12
CA ASN D 169 53.04 42.97 -6.33
C ASN D 169 53.89 42.93 -7.59
N THR D 170 55.15 42.52 -7.42
CA THR D 170 56.10 42.45 -8.51
C THR D 170 56.07 41.19 -9.36
N PHE D 171 54.94 40.50 -9.41
CA PHE D 171 54.81 39.32 -10.26
C PHE D 171 54.43 39.87 -11.64
N GLU D 172 54.56 39.05 -12.69
CA GLU D 172 54.24 39.48 -14.06
C GLU D 172 52.74 39.70 -14.24
N LEU D 173 52.38 40.59 -15.15
CA LEU D 173 50.99 40.86 -15.47
C LEU D 173 50.84 40.78 -16.97
N PRO D 174 51.01 39.57 -17.54
CA PRO D 174 50.88 39.42 -19.00
C PRO D 174 49.49 39.80 -19.52
N HIS D 175 48.48 39.67 -18.70
CA HIS D 175 47.11 39.99 -19.10
C HIS D 175 46.77 41.48 -19.12
N TRP D 176 47.70 42.33 -18.71
CA TRP D 176 47.43 43.77 -18.68
C TRP D 176 48.64 44.62 -19.02
N LYS D 177 48.97 44.71 -20.29
CA LYS D 177 50.09 45.54 -20.70
C LYS D 177 49.74 46.99 -20.40
N GLY D 178 50.75 47.77 -20.02
CA GLY D 178 50.53 49.18 -19.74
C GLY D 178 49.83 49.50 -18.43
N TYR D 179 49.71 48.52 -17.52
CA TYR D 179 49.04 48.76 -16.25
C TYR D 179 49.72 49.88 -15.49
N ARG D 180 48.92 50.80 -14.97
CA ARG D 180 49.42 51.95 -14.22
C ARG D 180 48.58 52.17 -12.96
N GLY D 181 47.83 51.16 -12.54
CA GLY D 181 46.99 51.31 -11.36
C GLY D 181 47.73 51.30 -10.02
N GLY D 182 46.97 51.42 -8.94
CA GLY D 182 47.57 51.45 -7.61
C GLY D 182 48.28 50.19 -7.15
N THR D 183 48.00 49.06 -7.80
CA THR D 183 48.58 47.79 -7.42
C THR D 183 49.86 47.45 -8.18
N ARG D 184 50.33 48.38 -9.02
CA ARG D 184 51.53 48.16 -9.80
C ARG D 184 52.70 47.77 -8.88
N GLY D 185 53.61 46.95 -9.38
CA GLY D 185 54.74 46.53 -8.59
C GLY D 185 55.56 47.72 -8.13
N LYS D 186 56.06 47.63 -6.90
CA LYS D 186 56.87 48.68 -6.30
C LYS D 186 57.97 47.98 -5.50
N ILE D 187 59.10 48.66 -5.33
CA ILE D 187 60.21 48.08 -4.59
C ILE D 187 60.58 48.97 -3.40
N TRP D 188 60.76 48.34 -2.25
CA TRP D 188 61.13 49.05 -1.02
C TRP D 188 62.47 48.52 -0.52
N ILE D 189 63.27 49.38 0.08
CA ILE D 189 64.56 48.93 0.61
C ILE D 189 64.74 49.43 2.05
N GLU D 190 65.40 48.60 2.85
CA GLU D 190 65.67 48.93 4.24
C GLU D 190 66.81 49.96 4.25
N VAL D 191 66.72 50.98 5.11
CA VAL D 191 67.77 52.00 5.19
C VAL D 191 68.41 52.02 6.58
N ASN D 192 67.72 51.42 7.54
CA ASN D 192 68.20 51.36 8.92
C ASN D 192 67.55 50.21 9.69
N SER D 193 68.33 49.15 9.93
CA SER D 193 67.87 47.94 10.63
C SER D 193 66.44 47.98 11.18
N GLY D 194 65.49 47.98 10.26
CA GLY D 194 64.08 48.03 10.64
C GLY D 194 63.33 49.22 10.05
N ALA D 195 64.01 50.04 9.25
CA ALA D 195 63.37 51.21 8.63
C ALA D 195 63.42 51.06 7.10
N PHE D 196 62.26 51.17 6.43
CA PHE D 196 62.20 51.00 4.97
C PHE D 196 61.73 52.21 4.14
N LYS D 197 62.28 52.32 2.95
CA LYS D 197 61.97 53.41 2.04
C LYS D 197 61.55 52.87 0.67
N LYS D 198 60.55 53.50 0.07
CA LYS D 198 60.08 53.08 -1.24
C LYS D 198 61.03 53.66 -2.29
N ILE D 199 61.88 52.83 -2.91
CA ILE D 199 62.83 53.34 -3.89
C ILE D 199 62.43 53.22 -5.36
N VAL D 200 61.52 52.29 -5.69
CA VAL D 200 61.11 52.17 -7.08
C VAL D 200 59.61 52.18 -7.17
N ASP D 201 59.09 53.34 -7.54
CA ASP D 201 57.67 53.60 -7.71
C ASP D 201 57.58 54.34 -9.04
N MET D 202 57.34 53.60 -10.12
CA MET D 202 57.23 54.19 -11.45
C MET D 202 55.77 54.25 -11.87
N SER D 203 55.51 54.93 -12.99
CA SER D 203 54.14 55.04 -13.44
C SER D 203 53.60 53.65 -13.78
N THR D 204 54.44 52.83 -14.41
CA THR D 204 54.01 51.49 -14.77
C THR D 204 54.41 50.41 -13.75
N HIS D 205 53.96 49.20 -14.04
CA HIS D 205 54.18 48.02 -13.24
C HIS D 205 55.59 47.44 -13.34
N VAL D 206 56.24 47.28 -12.20
CA VAL D 206 57.58 46.72 -12.14
C VAL D 206 57.46 45.26 -11.77
N SER D 207 58.18 44.39 -12.45
CA SER D 207 58.10 42.97 -12.12
C SER D 207 59.47 42.29 -12.14
N SER D 208 59.50 41.09 -11.59
CA SER D 208 60.69 40.24 -11.52
C SER D 208 62.01 40.93 -11.17
N PRO D 209 62.08 41.59 -10.00
CA PRO D 209 63.33 42.25 -9.63
C PRO D 209 64.43 41.26 -9.21
N VAL D 210 65.66 41.55 -9.61
CA VAL D 210 66.81 40.74 -9.27
C VAL D 210 67.94 41.72 -8.97
N ILE D 211 69.02 41.23 -8.40
CA ILE D 211 70.15 42.09 -8.09
C ILE D 211 71.45 41.49 -8.59
N VAL D 212 72.23 42.31 -9.27
CA VAL D 212 73.53 41.91 -9.78
C VAL D 212 74.46 43.05 -9.41
N GLY D 213 75.58 42.72 -8.78
CA GLY D 213 76.48 43.78 -8.35
C GLY D 213 75.68 44.60 -7.37
N HIS D 214 75.54 45.89 -7.63
CA HIS D 214 74.77 46.74 -6.73
C HIS D 214 73.67 47.48 -7.45
N ARG D 215 73.05 46.79 -8.39
CA ARG D 215 71.95 47.35 -9.16
C ARG D 215 70.77 46.41 -9.09
N ILE D 216 69.57 46.99 -9.06
CA ILE D 216 68.35 46.21 -9.06
C ILE D 216 67.86 46.18 -10.50
N TYR D 217 67.74 44.98 -11.07
CA TYR D 217 67.24 44.82 -12.43
C TYR D 217 65.78 44.36 -12.34
N PHE D 218 64.96 44.82 -13.27
CA PHE D 218 63.54 44.47 -13.30
C PHE D 218 62.96 44.78 -14.68
N ILE D 219 61.68 44.43 -14.86
CA ILE D 219 61.00 44.65 -16.12
C ILE D 219 59.88 45.65 -15.94
N THR D 220 59.57 46.39 -17.00
CA THR D 220 58.50 47.35 -17.00
C THR D 220 58.29 47.87 -18.42
N ASP D 221 57.11 48.40 -18.72
CA ASP D 221 56.82 48.87 -20.07
C ASP D 221 56.47 50.35 -20.12
N ILE D 222 57.14 51.13 -19.27
CA ILE D 222 56.89 52.56 -19.20
C ILE D 222 57.09 53.26 -20.55
N ASP D 223 57.96 52.71 -21.39
CA ASP D 223 58.23 53.30 -22.70
C ASP D 223 57.37 52.72 -23.81
N GLY D 224 56.43 51.84 -23.45
CA GLY D 224 55.54 51.27 -24.45
C GLY D 224 55.62 49.77 -24.67
N PHE D 225 56.70 49.14 -24.21
CA PHE D 225 56.87 47.71 -24.42
C PHE D 225 57.68 47.20 -23.23
N GLY D 226 57.62 45.90 -22.97
CA GLY D 226 58.38 45.35 -21.86
C GLY D 226 59.86 45.37 -22.15
N GLN D 227 60.66 45.84 -21.19
CA GLN D 227 62.11 45.88 -21.34
C GLN D 227 62.77 45.68 -19.97
N ILE D 228 64.07 45.35 -19.99
CA ILE D 228 64.80 45.19 -18.76
C ILE D 228 65.42 46.54 -18.39
N TYR D 229 65.14 47.00 -17.18
CA TYR D 229 65.70 48.26 -16.69
C TYR D 229 66.48 47.95 -15.43
N SER D 230 67.16 48.97 -14.90
CA SER D 230 67.92 48.82 -13.65
C SER D 230 68.12 50.16 -12.99
N THR D 231 68.31 50.12 -11.67
CA THR D 231 68.56 51.33 -10.89
C THR D 231 69.55 50.91 -9.81
N ASP D 232 70.11 51.88 -9.09
CA ASP D 232 71.04 51.55 -8.02
C ASP D 232 70.18 51.21 -6.80
N LEU D 233 70.80 50.79 -5.71
CA LEU D 233 70.05 50.42 -4.52
C LEU D 233 69.25 51.57 -3.92
N ASP D 234 69.27 52.72 -4.58
CA ASP D 234 68.55 53.87 -4.09
C ASP D 234 67.39 54.21 -5.01
N GLY D 235 67.22 53.41 -6.07
CA GLY D 235 66.16 53.65 -7.00
C GLY D 235 66.51 54.76 -7.97
N LYS D 236 67.77 55.19 -7.96
CA LYS D 236 68.24 56.26 -8.83
C LYS D 236 69.05 55.71 -10.01
N ASP D 237 69.35 56.59 -10.96
CA ASP D 237 70.13 56.23 -12.12
C ASP D 237 69.46 55.19 -13.01
N LEU D 238 68.20 55.42 -13.34
CA LEU D 238 67.43 54.51 -14.18
C LEU D 238 68.13 54.27 -15.52
N ARG D 239 68.15 53.02 -15.94
CA ARG D 239 68.76 52.65 -17.22
C ARG D 239 67.88 51.66 -17.96
N LYS D 240 67.91 51.75 -19.28
CA LYS D 240 67.15 50.87 -20.17
C LYS D 240 68.20 49.97 -20.82
N HIS D 241 68.06 48.66 -20.70
CA HIS D 241 69.04 47.76 -21.29
C HIS D 241 68.61 47.00 -22.54
N THR D 242 67.34 47.06 -22.89
CA THR D 242 66.85 46.33 -24.06
C THR D 242 65.88 47.13 -24.90
N SER D 243 65.72 46.72 -26.15
CA SER D 243 64.81 47.39 -27.06
C SER D 243 64.00 46.35 -27.82
N PHE D 244 63.42 45.40 -27.07
CA PHE D 244 62.62 44.35 -27.66
C PHE D 244 61.39 44.91 -28.36
N THR D 245 60.96 44.24 -29.43
CA THR D 245 59.76 44.66 -30.15
C THR D 245 58.90 43.47 -30.53
N ASP D 246 59.45 42.25 -30.43
CA ASP D 246 58.67 41.07 -30.79
C ASP D 246 57.72 40.59 -29.68
N TYR D 247 58.27 40.17 -28.54
CA TYR D 247 57.44 39.71 -27.42
C TYR D 247 58.03 40.24 -26.13
N TYR D 248 57.18 40.46 -25.12
CA TYR D 248 57.59 40.95 -23.81
C TYR D 248 58.51 40.01 -23.07
N PRO D 249 59.57 40.54 -22.46
CA PRO D 249 60.49 39.69 -21.70
C PRO D 249 59.76 39.33 -20.41
N ARG D 250 60.10 38.18 -19.81
CA ARG D 250 59.43 37.75 -18.58
C ARG D 250 60.31 36.91 -17.65
N HIS D 251 59.95 36.93 -16.37
CA HIS D 251 60.59 36.07 -15.39
C HIS D 251 62.11 36.21 -15.26
N LEU D 252 62.59 37.36 -14.82
CA LEU D 252 64.03 37.51 -14.65
C LEU D 252 64.49 36.66 -13.45
N ASN D 253 65.69 36.10 -13.56
CA ASN D 253 66.28 35.32 -12.47
C ASN D 253 67.78 35.46 -12.66
N THR D 254 68.55 35.29 -11.59
CA THR D 254 70.00 35.45 -11.67
C THR D 254 70.77 34.60 -10.66
N ASP D 255 72.04 34.39 -10.94
CA ASP D 255 72.90 33.63 -10.03
C ASP D 255 73.86 34.64 -9.41
N GLY D 256 73.59 35.92 -9.65
CA GLY D 256 74.43 36.98 -9.13
C GLY D 256 75.40 37.53 -10.15
N ARG D 257 75.49 36.90 -11.31
CA ARG D 257 76.42 37.36 -12.35
C ARG D 257 75.71 37.58 -13.68
N ARG D 258 74.95 36.60 -14.12
CA ARG D 258 74.21 36.71 -15.38
C ARG D 258 72.70 36.64 -15.12
N ILE D 259 71.93 37.24 -16.00
CA ILE D 259 70.48 37.25 -15.86
C ILE D 259 69.82 36.40 -16.94
N LEU D 260 68.82 35.63 -16.52
CA LEU D 260 68.10 34.75 -17.40
C LEU D 260 66.65 35.20 -17.45
N PHE D 261 66.01 34.97 -18.59
CA PHE D 261 64.62 35.35 -18.75
C PHE D 261 64.05 34.64 -19.98
N SER D 262 62.73 34.61 -20.09
CA SER D 262 62.09 33.98 -21.22
C SER D 262 61.37 35.05 -22.01
N LYS D 263 61.24 34.81 -23.33
CA LYS D 263 60.57 35.75 -24.21
C LYS D 263 60.10 35.03 -25.48
N GLY D 264 58.79 35.05 -25.69
CA GLY D 264 58.21 34.41 -26.86
C GLY D 264 58.54 32.95 -27.07
N GLY D 265 58.69 32.19 -25.98
CA GLY D 265 58.96 30.77 -26.11
C GLY D 265 60.41 30.36 -26.13
N SER D 266 61.31 31.33 -26.04
CA SER D 266 62.73 31.04 -26.02
C SER D 266 63.36 31.54 -24.74
N ILE D 267 64.51 30.97 -24.41
CA ILE D 267 65.24 31.36 -23.21
C ILE D 267 66.42 32.23 -23.65
N TYR D 268 66.59 33.34 -22.94
CA TYR D 268 67.68 34.27 -23.24
C TYR D 268 68.53 34.57 -22.01
N ILE D 269 69.74 35.07 -22.28
CA ILE D 269 70.66 35.44 -21.22
C ILE D 269 71.13 36.87 -21.43
N PHE D 270 71.07 37.65 -20.36
CA PHE D 270 71.51 39.04 -20.38
C PHE D 270 72.74 39.10 -19.46
N ASN D 271 73.84 39.61 -20.00
CA ASN D 271 75.09 39.76 -19.26
C ASN D 271 75.20 41.25 -18.94
N PRO D 272 74.96 41.63 -17.68
CA PRO D 272 75.04 43.04 -17.26
C PRO D 272 76.35 43.73 -17.62
N ASP D 273 77.44 42.99 -17.57
CA ASP D 273 78.76 43.55 -17.88
C ASP D 273 78.89 44.05 -19.31
N THR D 274 78.41 43.27 -20.26
CA THR D 274 78.51 43.64 -21.67
C THR D 274 77.20 44.21 -22.19
N GLU D 275 76.15 43.99 -21.43
CA GLU D 275 74.82 44.43 -21.83
C GLU D 275 74.44 43.60 -23.05
N LYS D 276 75.13 42.48 -23.22
CA LYS D 276 74.86 41.59 -24.33
C LYS D 276 73.73 40.59 -24.06
N ILE D 277 72.86 40.43 -25.04
CA ILE D 277 71.76 39.49 -24.94
C ILE D 277 71.98 38.36 -25.92
N GLU D 278 71.94 37.13 -25.42
CA GLU D 278 72.14 35.96 -26.27
C GLU D 278 71.03 34.96 -26.04
N LYS D 279 70.49 34.45 -27.14
CA LYS D 279 69.42 33.45 -27.09
C LYS D 279 70.07 32.11 -26.85
N ILE D 280 69.45 31.29 -26.03
CA ILE D 280 69.98 29.96 -25.74
C ILE D 280 69.38 28.96 -26.71
N GLU D 281 70.23 28.25 -27.44
CA GLU D 281 69.78 27.28 -28.41
C GLU D 281 69.46 25.96 -27.71
N ILE D 282 68.18 25.66 -27.59
CA ILE D 282 67.78 24.44 -26.90
C ILE D 282 67.23 23.33 -27.81
N GLY D 283 66.55 23.70 -28.89
CA GLY D 283 66.04 22.69 -29.80
C GLY D 283 64.78 21.95 -29.36
N ASP D 284 64.36 20.99 -30.18
CA ASP D 284 63.16 20.19 -29.92
C ASP D 284 63.29 19.30 -28.70
N LEU D 285 62.42 19.53 -27.72
CA LEU D 285 62.47 18.78 -26.48
C LEU D 285 61.46 17.65 -26.33
N GLU D 286 60.19 17.96 -26.55
CA GLU D 286 59.16 16.97 -26.38
C GLU D 286 57.98 17.16 -27.30
N SER D 287 57.51 16.05 -27.85
CA SER D 287 56.35 16.06 -28.74
C SER D 287 55.40 14.92 -28.33
N PRO D 288 54.50 15.20 -27.39
CA PRO D 288 53.54 14.18 -26.95
C PRO D 288 52.51 13.84 -28.02
N GLU D 289 51.77 12.77 -27.81
CA GLU D 289 50.74 12.31 -28.75
C GLU D 289 49.70 13.41 -29.01
N ASP D 290 49.50 13.78 -30.27
CA ASP D 290 48.51 14.83 -30.62
C ASP D 290 47.06 14.40 -30.46
N ARG D 291 46.77 13.15 -30.81
CA ARG D 291 45.41 12.59 -30.73
C ARG D 291 45.07 12.14 -29.32
N ILE D 292 44.18 12.88 -28.66
CA ILE D 292 43.78 12.59 -27.28
C ILE D 292 42.35 12.09 -27.10
N ILE D 293 42.11 11.52 -25.93
CA ILE D 293 40.82 10.98 -25.53
C ILE D 293 40.31 11.76 -24.33
N SER D 294 39.02 12.09 -24.34
CA SER D 294 38.42 12.85 -23.25
C SER D 294 37.10 12.21 -22.82
N ILE D 295 36.67 12.51 -21.60
CA ILE D 295 35.42 12.00 -21.06
C ILE D 295 34.32 12.96 -21.52
N PRO D 296 33.38 12.48 -22.36
CA PRO D 296 32.32 13.35 -22.84
C PRO D 296 31.54 14.13 -21.81
N SER D 297 31.17 13.48 -20.70
CA SER D 297 30.41 14.13 -19.65
C SER D 297 31.12 15.35 -19.06
N LYS D 298 32.46 15.34 -19.06
CA LYS D 298 33.24 16.45 -18.49
C LYS D 298 33.19 17.76 -19.30
N PHE D 299 32.70 17.70 -20.54
CA PHE D 299 32.65 18.91 -21.35
C PHE D 299 31.32 18.97 -22.08
N ALA D 300 30.32 18.33 -21.51
CA ALA D 300 29.00 18.26 -22.11
C ALA D 300 28.20 19.53 -21.98
N GLU D 301 27.24 19.68 -22.88
CA GLU D 301 26.37 20.83 -22.92
C GLU D 301 25.26 20.52 -23.92
N ASP D 302 24.20 21.32 -23.85
CA ASP D 302 23.07 21.19 -24.75
C ASP D 302 22.49 19.79 -24.99
N PHE D 303 22.05 19.11 -23.94
CA PHE D 303 21.46 17.79 -24.11
C PHE D 303 20.03 18.03 -24.62
N SER D 304 19.55 17.17 -25.49
CA SER D 304 18.21 17.34 -26.02
C SER D 304 17.61 16.03 -26.52
N PRO D 305 16.29 15.86 -26.36
CA PRO D 305 15.56 14.66 -26.78
C PRO D 305 15.21 14.63 -28.28
N LEU D 306 15.41 13.48 -28.91
CA LEU D 306 15.10 13.28 -30.31
C LEU D 306 13.98 12.26 -30.42
N ASP D 307 13.47 12.04 -31.64
CA ASP D 307 12.42 11.05 -31.84
C ASP D 307 13.00 9.65 -31.61
N GLY D 308 12.11 8.67 -31.47
CA GLY D 308 12.56 7.29 -31.26
C GLY D 308 13.31 7.10 -29.96
N ASP D 309 13.07 7.98 -29.00
CA ASP D 309 13.73 7.89 -27.71
C ASP D 309 15.24 8.11 -27.79
N LEU D 310 15.70 8.75 -28.86
CA LEU D 310 17.13 9.01 -29.00
C LEU D 310 17.41 10.36 -28.36
N ILE D 311 18.70 10.65 -28.17
CA ILE D 311 19.11 11.89 -27.55
C ILE D 311 20.27 12.54 -28.30
N ALA D 312 20.36 13.86 -28.18
CA ALA D 312 21.43 14.60 -28.82
C ALA D 312 22.15 15.41 -27.75
N PHE D 313 23.46 15.50 -27.89
CA PHE D 313 24.21 16.31 -26.94
C PHE D 313 25.49 16.79 -27.59
N VAL D 314 25.98 17.90 -27.08
CA VAL D 314 27.18 18.51 -27.60
C VAL D 314 28.26 18.42 -26.54
N SER D 315 29.46 18.12 -26.96
CA SER D 315 30.59 18.05 -26.04
C SER D 315 31.90 18.34 -26.72
N ARG D 316 32.61 19.31 -26.15
CA ARG D 316 33.91 19.71 -26.65
C ARG D 316 33.85 20.07 -28.14
N GLY D 317 32.79 20.77 -28.53
CA GLY D 317 32.63 21.18 -29.91
C GLY D 317 32.13 20.11 -30.85
N GLN D 318 31.93 18.89 -30.32
CA GLN D 318 31.44 17.79 -31.13
C GLN D 318 30.00 17.47 -30.75
N ALA D 319 29.23 16.92 -31.69
CA ALA D 319 27.84 16.61 -31.41
C ALA D 319 27.61 15.12 -31.61
N PHE D 320 26.64 14.58 -30.86
CA PHE D 320 26.33 13.16 -30.95
C PHE D 320 24.84 12.85 -30.85
N ILE D 321 24.49 11.73 -31.46
CA ILE D 321 23.13 11.19 -31.45
C ILE D 321 23.34 9.82 -30.84
N GLN D 322 22.59 9.50 -29.80
CA GLN D 322 22.75 8.20 -29.17
C GLN D 322 21.49 7.74 -28.48
N ASP D 323 21.44 6.45 -28.13
CA ASP D 323 20.31 5.93 -27.41
C ASP D 323 20.58 6.41 -25.98
N VAL D 324 19.64 6.24 -25.05
CA VAL D 324 19.85 6.73 -23.70
C VAL D 324 21.00 6.07 -22.94
N SER D 325 21.28 4.80 -23.24
CA SER D 325 22.35 4.08 -22.55
C SER D 325 23.73 4.38 -23.09
N GLY D 326 23.78 5.14 -24.19
CA GLY D 326 25.05 5.49 -24.78
C GLY D 326 25.78 4.31 -25.42
N THR D 327 25.03 3.28 -25.79
CA THR D 327 25.64 2.11 -26.41
C THR D 327 25.70 2.29 -27.93
N TYR D 328 24.64 2.85 -28.52
CA TYR D 328 24.60 3.11 -29.96
C TYR D 328 24.79 4.61 -30.17
N VAL D 329 26.03 4.99 -30.52
CA VAL D 329 26.40 6.38 -30.69
C VAL D 329 26.87 6.76 -32.08
N LEU D 330 26.36 7.88 -32.60
CA LEU D 330 26.77 8.39 -33.90
C LEU D 330 27.33 9.80 -33.73
N LYS D 331 28.53 10.05 -34.25
CA LYS D 331 29.11 11.40 -34.17
C LYS D 331 28.67 12.20 -35.38
N VAL D 332 28.21 13.42 -35.17
CA VAL D 332 27.80 14.24 -36.29
C VAL D 332 29.07 14.55 -37.09
N PRO D 333 29.08 14.19 -38.38
CA PRO D 333 30.23 14.42 -39.27
C PRO D 333 30.48 15.87 -39.70
N GLU D 334 30.87 16.71 -38.75
CA GLU D 334 31.16 18.12 -39.01
C GLU D 334 32.38 18.51 -38.20
N PRO D 335 33.26 19.37 -38.76
CA PRO D 335 34.47 19.81 -38.06
C PRO D 335 34.17 20.60 -36.80
N LEU D 336 35.22 21.03 -36.12
CA LEU D 336 35.08 21.76 -34.87
C LEU D 336 34.14 22.95 -34.72
N ARG D 337 33.50 22.89 -33.56
CA ARG D 337 32.54 23.80 -32.98
C ARG D 337 31.10 23.82 -33.44
N ILE D 338 30.40 22.77 -33.04
CA ILE D 338 28.97 22.66 -33.28
C ILE D 338 28.52 23.26 -31.95
N ARG D 339 27.74 24.33 -31.99
CA ARG D 339 27.29 24.98 -30.77
C ARG D 339 25.96 24.47 -30.24
N TYR D 340 25.00 24.23 -31.13
CA TYR D 340 23.70 23.73 -30.73
C TYR D 340 23.21 22.69 -31.70
N VAL D 341 22.40 21.77 -31.18
CA VAL D 341 21.82 20.69 -31.96
C VAL D 341 20.35 20.59 -31.57
N ARG D 342 19.48 20.52 -32.57
CA ARG D 342 18.06 20.48 -32.28
C ARG D 342 17.32 19.54 -33.22
N ARG D 343 16.33 18.84 -32.68
CA ARG D 343 15.48 17.92 -33.43
C ARG D 343 14.92 18.62 -34.68
N GLY D 344 15.17 18.07 -35.85
CA GLY D 344 14.69 18.66 -37.08
C GLY D 344 13.58 17.86 -37.76
N GLY D 345 13.66 16.55 -37.65
CA GLY D 345 12.67 15.67 -38.25
C GLY D 345 12.78 14.27 -37.65
N ASP D 346 12.09 13.29 -38.24
CA ASP D 346 12.12 11.92 -37.75
C ASP D 346 13.52 11.44 -37.42
N THR D 347 14.43 11.57 -38.39
CA THR D 347 15.80 11.16 -38.20
C THR D 347 16.75 12.29 -38.62
N LYS D 348 16.27 13.52 -38.46
CA LYS D 348 17.05 14.70 -38.83
C LYS D 348 17.27 15.66 -37.67
N VAL D 349 18.35 16.42 -37.75
CA VAL D 349 18.66 17.38 -36.73
C VAL D 349 19.27 18.65 -37.33
N ALA D 350 18.94 19.80 -36.75
CA ALA D 350 19.48 21.07 -37.22
C ALA D 350 20.57 21.43 -36.21
N PHE D 351 21.61 22.13 -36.65
CA PHE D 351 22.68 22.50 -35.75
C PHE D 351 23.35 23.81 -36.13
N ILE D 352 24.00 24.42 -35.15
CA ILE D 352 24.71 25.67 -35.38
C ILE D 352 26.17 25.33 -35.36
N HIS D 353 26.85 25.61 -36.47
CA HIS D 353 28.26 25.34 -36.60
C HIS D 353 29.03 26.67 -36.62
N GLY D 354 30.01 26.78 -35.74
CA GLY D 354 30.78 28.00 -35.66
C GLY D 354 32.21 27.90 -36.19
N THR D 355 32.66 29.00 -36.79
CA THR D 355 34.00 29.10 -37.32
C THR D 355 34.54 30.47 -36.93
N ARG D 356 35.74 30.76 -37.41
CA ARG D 356 36.37 32.04 -37.14
C ARG D 356 35.56 33.18 -37.78
N GLU D 357 34.75 32.84 -38.78
CA GLU D 357 33.92 33.85 -39.48
C GLU D 357 32.58 34.10 -38.82
N GLY D 358 32.09 33.11 -38.07
CA GLY D 358 30.82 33.26 -37.38
C GLY D 358 30.05 31.96 -37.30
N ASP D 359 28.76 32.06 -37.01
CA ASP D 359 27.93 30.87 -36.88
C ASP D 359 27.01 30.63 -38.08
N PHE D 360 26.89 29.37 -38.47
CA PHE D 360 26.08 28.97 -39.62
C PHE D 360 25.10 27.85 -39.26
N LEU D 361 23.99 27.80 -39.96
CA LEU D 361 22.97 26.78 -39.74
C LEU D 361 23.25 25.59 -40.65
N GLY D 362 23.05 24.39 -40.10
CA GLY D 362 23.28 23.16 -40.84
C GLY D 362 22.23 22.12 -40.49
N ILE D 363 22.14 21.09 -41.33
CA ILE D 363 21.19 20.02 -41.11
C ILE D 363 21.89 18.69 -41.29
N TYR D 364 21.50 17.71 -40.50
CA TYR D 364 22.09 16.39 -40.60
C TYR D 364 21.06 15.30 -40.39
N ASP D 365 21.03 14.35 -41.33
CA ASP D 365 20.10 13.22 -41.24
C ASP D 365 20.91 12.01 -40.80
N TYR D 366 20.76 11.60 -39.55
CA TYR D 366 21.52 10.48 -39.06
C TYR D 366 21.14 9.13 -39.65
N ARG D 367 20.02 9.07 -40.38
CA ARG D 367 19.61 7.81 -40.99
C ARG D 367 20.34 7.65 -42.33
N THR D 368 20.15 8.63 -43.23
CA THR D 368 20.79 8.61 -44.54
C THR D 368 22.28 8.97 -44.46
N GLY D 369 22.62 9.88 -43.56
CA GLY D 369 24.01 10.28 -43.41
C GLY D 369 24.35 11.54 -44.18
N LYS D 370 23.33 12.14 -44.79
CA LYS D 370 23.53 13.37 -45.55
C LYS D 370 23.52 14.58 -44.61
N ALA D 371 24.60 15.37 -44.66
CA ALA D 371 24.73 16.55 -43.83
C ALA D 371 24.99 17.75 -44.72
N GLU D 372 24.23 18.82 -44.52
CA GLU D 372 24.38 20.02 -45.32
C GLU D 372 24.52 21.28 -44.45
N LYS D 373 25.33 22.22 -44.91
CA LYS D 373 25.55 23.48 -44.20
C LYS D 373 25.21 24.64 -45.13
N PHE D 374 24.51 25.65 -44.60
CA PHE D 374 24.15 26.82 -45.38
C PHE D 374 25.21 27.89 -45.18
N GLU D 375 25.46 28.68 -46.22
CA GLU D 375 26.49 29.71 -46.17
C GLU D 375 26.08 31.07 -45.57
N GLU D 376 24.83 31.20 -45.10
CA GLU D 376 24.39 32.46 -44.50
C GLU D 376 24.98 32.64 -43.10
N ASN D 377 25.88 33.61 -42.97
CA ASN D 377 26.51 33.89 -41.69
C ASN D 377 25.49 34.55 -40.76
N LEU D 378 25.07 33.85 -39.72
CA LEU D 378 24.07 34.38 -38.81
C LEU D 378 24.61 35.23 -37.67
N GLY D 379 25.92 35.45 -37.65
CA GLY D 379 26.52 36.23 -36.59
C GLY D 379 26.93 35.26 -35.47
N ASN D 380 26.86 35.72 -34.22
CA ASN D 380 27.20 34.86 -33.09
C ASN D 380 25.86 34.47 -32.50
N VAL D 381 25.49 33.20 -32.68
CA VAL D 381 24.21 32.70 -32.21
C VAL D 381 24.17 32.21 -30.76
N PHE D 382 23.11 32.60 -30.05
CA PHE D 382 22.94 32.19 -28.66
C PHE D 382 21.67 31.42 -28.36
N ALA D 383 20.90 31.12 -29.40
CA ALA D 383 19.66 30.35 -29.25
C ALA D 383 19.17 29.90 -30.62
N MET D 384 18.58 28.71 -30.65
CA MET D 384 18.09 28.16 -31.90
C MET D 384 17.01 27.13 -31.64
N GLY D 385 15.94 27.22 -32.41
CA GLY D 385 14.83 26.29 -32.29
C GLY D 385 14.34 25.94 -33.68
N VAL D 386 13.65 24.81 -33.80
CA VAL D 386 13.11 24.37 -35.09
C VAL D 386 11.63 24.08 -34.90
N ASP D 387 10.81 24.49 -35.89
CA ASP D 387 9.38 24.25 -35.81
C ASP D 387 9.11 22.75 -35.90
N ARG D 388 7.99 22.33 -35.33
CA ARG D 388 7.61 20.94 -35.30
C ARG D 388 7.50 20.25 -36.67
N ASN D 389 7.33 21.03 -37.74
CA ASN D 389 7.22 20.44 -39.07
C ASN D 389 8.54 20.49 -39.83
N GLY D 390 9.58 20.95 -39.16
CA GLY D 390 10.90 21.01 -39.76
C GLY D 390 11.06 21.82 -41.03
N LYS D 391 10.34 22.93 -41.15
CA LYS D 391 10.44 23.76 -42.34
C LYS D 391 11.33 24.98 -42.12
N PHE D 392 11.45 25.41 -40.86
CA PHE D 392 12.28 26.56 -40.57
C PHE D 392 12.79 26.54 -39.14
N ALA D 393 13.89 27.23 -38.91
CA ALA D 393 14.45 27.32 -37.57
C ALA D 393 14.29 28.78 -37.17
N VAL D 394 14.42 29.04 -35.88
CA VAL D 394 14.35 30.38 -35.33
C VAL D 394 15.73 30.53 -34.69
N VAL D 395 16.38 31.66 -34.93
CA VAL D 395 17.72 31.91 -34.41
C VAL D 395 17.81 33.27 -33.74
N ALA D 396 18.65 33.37 -32.71
CA ALA D 396 18.87 34.61 -31.96
C ALA D 396 20.37 34.85 -31.92
N ASN D 397 20.81 36.07 -32.22
CA ASN D 397 22.24 36.38 -32.20
C ASN D 397 22.59 37.58 -31.33
N ASP D 398 23.88 37.90 -31.22
CA ASP D 398 24.30 39.03 -30.37
C ASP D 398 24.07 40.40 -31.05
N ARG D 399 23.36 40.38 -32.17
CA ARG D 399 22.99 41.60 -32.87
C ARG D 399 21.64 41.99 -32.28
N PHE D 400 21.10 41.09 -31.46
CA PHE D 400 19.82 41.26 -30.78
C PHE D 400 18.66 41.00 -31.74
N GLU D 401 18.91 40.21 -32.77
CA GLU D 401 17.88 39.88 -33.73
C GLU D 401 17.32 38.49 -33.48
N ILE D 402 16.06 38.30 -33.88
CA ILE D 402 15.43 37.00 -33.82
C ILE D 402 15.00 36.84 -35.29
N MET D 403 15.34 35.71 -35.89
CA MET D 403 15.01 35.52 -37.29
C MET D 403 14.60 34.09 -37.60
N THR D 404 14.04 33.89 -38.77
CA THR D 404 13.68 32.56 -39.22
C THR D 404 14.74 32.23 -40.28
N VAL D 405 14.92 30.95 -40.55
CA VAL D 405 15.88 30.53 -41.55
C VAL D 405 15.26 29.33 -42.24
N ASP D 406 14.93 29.49 -43.52
CA ASP D 406 14.32 28.41 -44.29
C ASP D 406 15.26 27.22 -44.32
N LEU D 407 14.85 26.11 -43.74
CA LEU D 407 15.67 24.90 -43.68
C LEU D 407 15.90 24.23 -45.03
N GLU D 408 15.35 24.80 -46.09
CA GLU D 408 15.53 24.23 -47.41
C GLU D 408 16.45 25.12 -48.24
N THR D 409 16.20 26.42 -48.22
CA THR D 409 17.01 27.37 -48.98
C THR D 409 18.09 28.01 -48.12
N GLY D 410 17.91 27.97 -46.80
CA GLY D 410 18.89 28.55 -45.89
C GLY D 410 18.70 30.05 -45.80
N LYS D 411 17.69 30.56 -46.50
CA LYS D 411 17.42 31.99 -46.49
C LYS D 411 16.90 32.49 -45.15
N PRO D 412 17.63 33.43 -44.53
CA PRO D 412 17.18 33.95 -43.24
C PRO D 412 16.27 35.16 -43.43
N THR D 413 15.44 35.43 -42.42
CA THR D 413 14.53 36.57 -42.44
C THR D 413 14.43 37.13 -41.04
N VAL D 414 14.93 38.34 -40.84
CA VAL D 414 14.88 38.96 -39.54
C VAL D 414 13.44 39.29 -39.21
N ILE D 415 12.99 38.83 -38.05
CA ILE D 415 11.64 39.09 -37.59
C ILE D 415 11.65 40.45 -36.89
N GLU D 416 12.54 40.62 -35.93
CA GLU D 416 12.63 41.86 -35.19
C GLU D 416 14.02 41.98 -34.57
N ARG D 417 14.37 43.19 -34.14
CA ARG D 417 15.66 43.44 -33.53
C ARG D 417 15.49 44.35 -32.32
N SER D 418 15.96 43.87 -31.18
CA SER D 418 15.88 44.65 -29.95
C SER D 418 17.12 45.52 -29.92
N ARG D 419 17.09 46.60 -29.16
CA ARG D 419 18.28 47.44 -29.06
C ARG D 419 18.86 47.35 -27.66
N GLU D 420 18.25 46.50 -26.82
CA GLU D 420 18.71 46.33 -25.44
C GLU D 420 19.45 45.03 -25.14
N ALA D 421 18.88 43.90 -25.55
CA ALA D 421 19.48 42.61 -25.30
C ALA D 421 18.97 41.55 -26.26
N MET D 422 19.60 40.37 -26.21
CA MET D 422 19.24 39.25 -27.09
C MET D 422 17.84 38.69 -26.86
N ILE D 423 17.26 38.17 -27.93
CA ILE D 423 15.91 37.60 -27.90
C ILE D 423 16.09 36.09 -27.90
N THR D 424 16.57 35.55 -26.79
CA THR D 424 16.84 34.13 -26.61
C THR D 424 15.66 33.31 -26.08
N ASP D 425 14.61 33.98 -25.63
CA ASP D 425 13.44 33.29 -25.07
C ASP D 425 12.27 33.30 -26.07
N PHE D 426 12.15 32.23 -26.86
CA PHE D 426 11.07 32.17 -27.84
C PHE D 426 10.48 30.76 -28.00
N THR D 427 9.27 30.70 -28.56
CA THR D 427 8.61 29.43 -28.77
C THR D 427 7.86 29.48 -30.11
N ILE D 428 7.66 28.32 -30.73
CA ILE D 428 6.95 28.23 -32.01
C ILE D 428 5.68 27.39 -31.86
N SER D 429 4.56 27.88 -32.40
CA SER D 429 3.32 27.12 -32.29
C SER D 429 3.43 25.82 -33.10
N ASP D 430 2.79 24.76 -32.59
CA ASP D 430 2.80 23.44 -33.24
C ASP D 430 2.38 23.46 -34.71
N ASN D 431 1.51 24.38 -35.08
CA ASN D 431 1.06 24.47 -36.48
C ASN D 431 2.03 25.33 -37.31
N SER D 432 3.14 25.74 -36.68
CA SER D 432 4.17 26.53 -37.34
C SER D 432 3.74 27.89 -37.86
N ARG D 433 2.67 28.44 -37.32
CA ARG D 433 2.18 29.74 -37.76
C ARG D 433 2.62 30.94 -36.91
N PHE D 434 2.72 30.75 -35.60
CA PHE D 434 3.11 31.84 -34.73
C PHE D 434 4.44 31.64 -34.03
N ILE D 435 5.12 32.76 -33.76
CA ILE D 435 6.40 32.73 -33.06
C ILE D 435 6.29 33.77 -31.97
N ALA D 436 6.26 33.30 -30.73
CA ALA D 436 6.16 34.18 -29.55
C ALA D 436 7.53 34.32 -28.91
N TYR D 437 7.88 35.54 -28.52
CA TYR D 437 9.18 35.78 -27.89
C TYR D 437 9.19 36.98 -26.95
N GLY D 438 10.12 36.93 -26.00
CA GLY D 438 10.29 38.02 -25.06
C GLY D 438 11.11 39.06 -25.79
N PHE D 439 10.64 40.30 -25.78
CA PHE D 439 11.33 41.39 -26.46
C PHE D 439 11.83 42.43 -25.45
N PRO D 440 13.14 42.42 -25.17
CA PRO D 440 13.71 43.38 -24.22
C PRO D 440 13.67 44.79 -24.78
N LEU D 441 13.20 45.73 -23.96
CA LEU D 441 13.07 47.11 -24.39
C LEU D 441 13.21 48.11 -23.24
N LYS D 442 13.36 49.38 -23.61
CA LYS D 442 13.47 50.46 -22.64
C LYS D 442 12.67 51.63 -23.19
N HIS D 443 12.08 52.44 -22.31
CA HIS D 443 11.33 53.60 -22.76
C HIS D 443 12.33 54.66 -23.22
N GLY D 444 13.44 54.77 -22.50
CA GLY D 444 14.48 55.74 -22.83
C GLY D 444 15.87 55.13 -22.81
N GLU D 445 16.79 55.77 -23.52
CA GLU D 445 18.17 55.28 -23.62
C GLU D 445 18.89 55.08 -22.30
N THR D 446 18.60 55.91 -21.31
CA THR D 446 19.29 55.78 -20.04
C THR D 446 18.44 55.24 -18.89
N ASP D 447 17.47 54.39 -19.19
CA ASP D 447 16.64 53.81 -18.14
C ASP D 447 17.50 52.82 -17.36
N GLY D 448 17.22 52.71 -16.06
CA GLY D 448 17.98 51.80 -15.23
C GLY D 448 17.50 50.36 -15.37
N TYR D 449 16.27 50.19 -15.84
CA TYR D 449 15.70 48.85 -15.99
C TYR D 449 15.28 48.52 -17.41
N VAL D 450 15.54 47.29 -17.82
CA VAL D 450 15.18 46.85 -19.15
C VAL D 450 13.90 46.05 -18.98
N MET D 451 12.87 46.41 -19.73
CA MET D 451 11.60 45.71 -19.64
C MET D 451 11.59 44.64 -20.72
N GLN D 452 10.60 43.77 -20.67
CA GLN D 452 10.50 42.73 -21.67
C GLN D 452 9.04 42.40 -21.88
N ALA D 453 8.60 42.53 -23.12
CA ALA D 453 7.22 42.23 -23.47
C ALA D 453 7.21 41.08 -24.44
N ILE D 454 6.16 40.27 -24.39
CA ILE D 454 6.07 39.16 -25.33
C ILE D 454 5.47 39.70 -26.64
N HIS D 455 6.11 39.39 -27.76
CA HIS D 455 5.61 39.81 -29.08
C HIS D 455 5.30 38.49 -29.78
N VAL D 456 4.36 38.52 -30.72
CA VAL D 456 3.98 37.32 -31.47
C VAL D 456 4.06 37.60 -32.97
N TYR D 457 4.85 36.79 -33.68
CA TYR D 457 5.02 36.94 -35.11
C TYR D 457 4.15 35.95 -35.87
N ASP D 458 3.27 36.47 -36.73
CA ASP D 458 2.37 35.63 -37.53
C ASP D 458 3.03 35.35 -38.88
N MET D 459 3.49 34.11 -39.10
CA MET D 459 4.13 33.74 -40.35
C MET D 459 3.27 34.16 -41.55
N GLU D 460 1.96 34.16 -41.36
CA GLU D 460 1.03 34.57 -42.41
C GLU D 460 0.73 36.05 -42.28
N GLY D 461 1.29 36.84 -43.19
CA GLY D 461 1.09 38.28 -43.14
C GLY D 461 2.36 38.92 -42.65
N ARG D 462 3.22 38.10 -42.05
CA ARG D 462 4.50 38.57 -41.53
C ARG D 462 4.33 39.86 -40.73
N LYS D 463 3.39 39.87 -39.80
CA LYS D 463 3.16 41.05 -38.96
C LYS D 463 3.33 40.76 -37.47
N ILE D 464 3.95 41.69 -36.76
CA ILE D 464 4.22 41.54 -35.34
C ILE D 464 3.10 42.09 -34.46
N PHE D 465 2.75 41.31 -33.44
CA PHE D 465 1.70 41.72 -32.52
C PHE D 465 2.20 41.72 -31.08
N ALA D 466 1.75 42.71 -30.30
CA ALA D 466 2.14 42.82 -28.92
C ALA D 466 1.20 41.98 -28.07
N ALA D 467 1.76 40.98 -27.41
CA ALA D 467 0.98 40.08 -26.57
C ALA D 467 0.80 40.67 -25.17
N THR D 468 1.74 41.51 -24.75
CA THR D 468 1.68 42.09 -23.41
C THR D 468 2.19 43.52 -23.37
N THR D 469 1.77 44.28 -22.37
CA THR D 469 2.23 45.66 -22.22
C THR D 469 3.72 45.72 -21.89
N GLU D 470 4.30 46.91 -22.01
CA GLU D 470 5.74 47.11 -21.76
C GLU D 470 6.13 47.54 -20.34
N ASN D 471 5.34 47.17 -19.33
CA ASN D 471 5.62 47.60 -17.96
C ASN D 471 6.44 46.70 -17.03
N SER D 472 6.70 45.46 -17.42
CA SER D 472 7.51 44.61 -16.55
C SER D 472 8.27 43.55 -17.28
N HIS D 473 8.37 42.37 -16.68
CA HIS D 473 9.12 41.28 -17.27
C HIS D 473 8.19 40.08 -17.51
N ASP D 474 7.80 39.92 -18.78
CA ASP D 474 6.93 38.82 -19.23
C ASP D 474 7.86 37.85 -19.95
N TYR D 475 7.69 36.56 -19.72
CA TYR D 475 8.63 35.65 -20.34
C TYR D 475 8.09 34.25 -20.45
N ALA D 476 8.95 33.36 -20.95
CA ALA D 476 8.60 31.95 -21.08
C ALA D 476 7.30 31.67 -21.82
N PRO D 477 7.14 32.21 -23.05
CA PRO D 477 5.88 31.92 -23.75
C PRO D 477 5.72 30.43 -24.13
N ALA D 478 4.48 29.97 -24.22
CA ALA D 478 4.21 28.60 -24.59
C ALA D 478 2.80 28.46 -25.17
N PHE D 479 2.69 27.91 -26.38
CA PHE D 479 1.37 27.72 -26.99
C PHE D 479 0.84 26.35 -26.58
N ASP D 480 -0.47 26.19 -26.54
CA ASP D 480 -1.04 24.88 -26.22
C ASP D 480 -1.03 24.05 -27.50
N ALA D 481 -1.13 22.74 -27.36
CA ALA D 481 -1.09 21.83 -28.52
C ALA D 481 -1.95 22.23 -29.71
N ASP D 482 -3.17 22.71 -29.45
CA ASP D 482 -4.07 23.10 -30.53
C ASP D 482 -3.79 24.48 -31.12
N SER D 483 -2.77 25.17 -30.60
CA SER D 483 -2.41 26.50 -31.07
C SER D 483 -3.58 27.48 -30.97
N LYS D 484 -4.28 27.46 -29.84
CA LYS D 484 -5.41 28.36 -29.64
C LYS D 484 -5.18 29.34 -28.51
N ASN D 485 -4.25 29.03 -27.61
CA ASN D 485 -3.94 29.90 -26.49
C ASN D 485 -2.45 30.07 -26.29
N LEU D 486 -2.05 31.25 -25.82
CA LEU D 486 -0.65 31.52 -25.56
C LEU D 486 -0.48 31.72 -24.05
N TYR D 487 0.28 30.82 -23.42
CA TYR D 487 0.53 30.91 -21.98
C TYR D 487 1.92 31.52 -21.82
N TYR D 488 2.13 32.19 -20.69
CA TYR D 488 3.44 32.78 -20.43
C TYR D 488 3.56 33.12 -18.96
N LEU D 489 4.73 33.60 -18.55
CA LEU D 489 4.94 33.96 -17.15
C LEU D 489 5.26 35.44 -17.02
N SER D 490 4.98 35.99 -15.85
CA SER D 490 5.25 37.41 -15.58
C SER D 490 5.70 37.63 -14.14
N TYR D 491 6.52 38.66 -13.94
CA TYR D 491 6.93 39.00 -12.60
C TYR D 491 6.08 40.22 -12.21
N ARG D 492 4.78 40.14 -12.51
CA ARG D 492 3.83 41.23 -12.25
C ARG D 492 3.04 41.24 -10.94
N SER D 493 2.89 40.08 -10.32
CA SER D 493 2.12 39.97 -9.07
C SER D 493 2.87 40.51 -7.87
N LEU D 494 3.13 41.81 -7.88
CA LEU D 494 3.86 42.43 -6.78
C LEU D 494 3.22 42.23 -5.41
N ASP D 495 4.07 41.83 -4.46
CA ASP D 495 3.69 41.59 -3.07
C ASP D 495 5.03 41.46 -2.38
N PRO D 496 5.31 42.36 -1.42
CA PRO D 496 6.60 42.28 -0.73
C PRO D 496 6.80 41.26 0.38
N SER D 497 8.04 40.83 0.54
CA SER D 497 8.39 39.89 1.59
C SER D 497 9.38 40.63 2.46
N PRO D 498 9.28 40.46 3.78
CA PRO D 498 10.18 41.13 4.74
C PRO D 498 11.55 40.49 4.98
N ASP D 499 12.57 41.33 5.08
CA ASP D 499 13.94 40.90 5.38
C ASP D 499 13.86 40.53 6.86
N ARG D 500 14.47 39.42 7.26
CA ARG D 500 14.41 39.01 8.67
C ARG D 500 15.52 39.63 9.53
N VAL D 501 16.46 40.32 8.91
CA VAL D 501 17.56 40.94 9.65
C VAL D 501 17.60 42.48 9.57
N VAL D 502 17.35 43.01 8.39
CA VAL D 502 17.39 44.45 8.17
C VAL D 502 16.03 45.01 7.81
N LEU D 503 15.81 46.29 8.07
CA LEU D 503 14.54 46.89 7.72
C LEU D 503 14.55 46.98 6.21
N ASN D 504 13.95 45.98 5.58
CA ASN D 504 13.91 45.93 4.13
C ASN D 504 12.81 44.98 3.65
N PHE D 505 12.45 45.11 2.37
CA PHE D 505 11.44 44.25 1.76
C PHE D 505 11.91 43.98 0.36
N SER D 506 11.41 42.90 -0.25
CA SER D 506 11.82 42.60 -1.60
C SER D 506 10.78 41.71 -2.26
N PHE D 507 10.75 41.74 -3.59
CA PHE D 507 9.80 40.93 -4.30
C PHE D 507 10.41 39.56 -4.55
N GLU D 508 9.97 38.59 -3.73
CA GLU D 508 10.46 37.23 -3.78
C GLU D 508 9.53 36.25 -4.50
N VAL D 509 8.24 36.34 -4.20
CA VAL D 509 7.27 35.45 -4.83
C VAL D 509 6.23 36.27 -5.57
N VAL D 510 6.61 36.70 -6.77
CA VAL D 510 5.75 37.55 -7.58
C VAL D 510 5.57 37.04 -9.00
N SER D 511 5.96 35.79 -9.24
CA SER D 511 5.81 35.20 -10.56
C SER D 511 4.42 34.58 -10.65
N LYS D 512 3.77 34.77 -11.80
CA LYS D 512 2.43 34.25 -12.01
C LYS D 512 2.20 33.95 -13.49
N PRO D 513 1.55 32.84 -13.80
CA PRO D 513 1.32 32.53 -15.21
C PRO D 513 0.05 33.22 -15.74
N PHE D 514 0.04 33.53 -17.04
CA PHE D 514 -1.12 34.17 -17.66
C PHE D 514 -1.44 33.42 -18.96
N VAL D 515 -2.62 33.66 -19.52
CA VAL D 515 -3.00 33.01 -20.76
C VAL D 515 -3.76 33.99 -21.64
N ILE D 516 -3.55 33.87 -22.95
CA ILE D 516 -4.21 34.72 -23.91
C ILE D 516 -4.84 33.89 -25.02
N PRO D 517 -6.18 33.87 -25.07
CA PRO D 517 -6.82 33.09 -26.13
C PRO D 517 -6.58 33.83 -27.45
N LEU D 518 -6.07 33.13 -28.45
CA LEU D 518 -5.77 33.72 -29.75
C LEU D 518 -7.00 34.10 -30.57
N ILE D 519 -8.15 33.62 -30.12
CA ILE D 519 -9.42 33.89 -30.78
C ILE D 519 -10.29 34.66 -29.80
N PRO D 520 -10.61 35.92 -30.12
CA PRO D 520 -11.43 36.82 -29.30
C PRO D 520 -12.77 36.18 -28.95
N GLY D 521 -13.25 36.42 -27.73
CA GLY D 521 -14.52 35.86 -27.31
C GLY D 521 -14.35 34.56 -26.56
N SER D 522 -13.29 33.82 -26.89
CA SER D 522 -13.04 32.58 -26.19
C SER D 522 -12.44 32.93 -24.83
N PRO D 523 -12.89 32.26 -23.77
CA PRO D 523 -12.39 32.52 -22.42
C PRO D 523 -11.12 31.81 -22.00
N ASN D 524 -10.58 32.26 -20.87
CA ASN D 524 -9.38 31.68 -20.27
C ASN D 524 -9.72 30.20 -20.09
N PRO D 525 -9.07 29.31 -20.85
CA PRO D 525 -9.39 27.90 -20.69
C PRO D 525 -9.29 27.32 -19.29
N THR D 526 -8.42 27.87 -18.45
CA THR D 526 -8.27 27.35 -17.10
C THR D 526 -9.42 27.78 -16.19
N LYS D 527 -10.29 28.67 -16.66
CA LYS D 527 -11.42 29.11 -15.85
C LYS D 527 -12.56 28.07 -15.85
N LEU D 528 -12.53 27.15 -16.79
CA LEU D 528 -13.56 26.12 -16.86
C LEU D 528 -14.97 26.64 -17.10
N VAL D 529 -15.11 27.63 -17.98
CA VAL D 529 -16.42 28.18 -18.29
C VAL D 529 -17.17 27.10 -19.08
N PRO D 530 -18.35 26.69 -18.60
CA PRO D 530 -19.09 25.66 -19.34
C PRO D 530 -19.18 25.98 -20.83
N ARG D 531 -18.83 25.00 -21.66
CA ARG D 531 -18.86 25.15 -23.11
C ARG D 531 -20.21 25.64 -23.62
N SER D 532 -21.29 25.15 -23.02
CA SER D 532 -22.65 25.53 -23.41
C SER D 532 -23.00 26.96 -23.02
N MET D 533 -22.12 27.60 -22.28
CA MET D 533 -22.35 28.97 -21.84
C MET D 533 -21.37 29.91 -22.53
N THR D 534 -20.75 29.42 -23.60
CA THR D 534 -19.80 30.22 -24.35
C THR D 534 -20.10 30.16 -25.84
N SER D 535 -20.16 31.31 -26.48
CA SER D 535 -20.41 31.34 -27.91
C SER D 535 -19.05 31.15 -28.59
N GLU D 536 -18.80 29.92 -29.04
CA GLU D 536 -17.55 29.57 -29.68
C GLU D 536 -17.34 30.22 -31.06
N ALA D 537 -16.50 29.59 -31.86
CA ALA D 537 -16.17 30.07 -33.20
C ALA D 537 -15.16 31.21 -33.13
N GLY D 538 -15.10 32.02 -34.19
CA GLY D 538 -14.17 33.13 -34.23
C GLY D 538 -12.90 32.73 -34.95
N GLU D 539 -12.35 33.68 -35.71
CA GLU D 539 -11.12 33.47 -36.45
C GLU D 539 -9.98 34.05 -35.62
N TYR D 540 -8.75 33.67 -35.96
CA TYR D 540 -7.58 34.20 -35.27
C TYR D 540 -7.62 35.71 -35.38
N ASP D 541 -7.22 36.39 -34.31
CA ASP D 541 -7.15 37.85 -34.31
C ASP D 541 -6.19 38.26 -33.22
N LEU D 542 -4.94 38.51 -33.60
CA LEU D 542 -3.91 38.87 -32.64
C LEU D 542 -3.89 40.32 -32.20
N ASN D 543 -4.85 41.11 -32.68
CA ASN D 543 -4.93 42.52 -32.30
C ASN D 543 -5.41 42.70 -30.84
N ASP D 544 -4.78 43.63 -30.14
CA ASP D 544 -5.14 43.94 -28.75
C ASP D 544 -5.29 42.70 -27.90
N MET D 545 -4.50 41.67 -28.16
CA MET D 545 -4.63 40.47 -27.36
C MET D 545 -4.20 40.72 -25.92
N TYR D 546 -3.38 41.75 -25.66
CA TYR D 546 -2.97 42.02 -24.28
C TYR D 546 -4.19 42.39 -23.43
N LYS D 547 -5.18 43.01 -24.07
CA LYS D 547 -6.39 43.40 -23.35
C LYS D 547 -7.18 42.16 -22.93
N ARG D 548 -6.97 41.06 -23.65
CA ARG D 548 -7.67 39.80 -23.37
C ARG D 548 -6.95 38.92 -22.35
N SER D 549 -5.73 39.32 -22.00
CA SER D 549 -4.93 38.54 -21.07
C SER D 549 -5.68 38.22 -19.79
N SER D 550 -5.42 37.03 -19.25
CA SER D 550 -6.06 36.57 -18.02
C SER D 550 -5.10 35.71 -17.21
N PRO D 551 -5.11 35.85 -15.89
CA PRO D 551 -4.20 35.03 -15.09
C PRO D 551 -4.77 33.65 -14.81
N ILE D 552 -3.90 32.67 -14.60
CA ILE D 552 -4.37 31.35 -14.25
C ILE D 552 -4.24 31.29 -12.72
N ASN D 553 -5.23 30.66 -12.08
CA ASN D 553 -5.31 30.54 -10.63
C ASN D 553 -4.26 29.72 -9.89
N VAL D 554 -3.00 30.10 -10.06
CA VAL D 554 -1.89 29.42 -9.39
C VAL D 554 -1.28 30.44 -8.41
N ASP D 555 -0.93 30.00 -7.21
CA ASP D 555 -0.31 30.90 -6.23
C ASP D 555 0.94 31.53 -6.83
N PRO D 556 1.24 32.76 -6.43
CA PRO D 556 2.45 33.39 -6.97
C PRO D 556 3.66 32.64 -6.44
N GLY D 557 4.76 32.66 -7.20
CA GLY D 557 5.97 31.98 -6.77
C GLY D 557 7.09 32.49 -7.64
N ASP D 558 8.07 31.64 -7.92
CA ASP D 558 9.17 32.00 -8.81
C ASP D 558 9.21 30.89 -9.85
N TYR D 559 8.48 31.10 -10.94
CA TYR D 559 8.40 30.14 -12.01
C TYR D 559 9.29 30.49 -13.19
N ARG D 560 9.77 29.46 -13.89
CA ARG D 560 10.67 29.67 -15.00
C ARG D 560 10.18 29.03 -16.30
N MET D 561 9.15 28.21 -16.21
CA MET D 561 8.63 27.56 -17.40
C MET D 561 7.20 27.11 -17.17
N ILE D 562 6.39 27.18 -18.21
CA ILE D 562 5.00 26.75 -18.12
C ILE D 562 4.72 25.88 -19.35
N ILE D 563 4.18 24.69 -19.10
CA ILE D 563 3.89 23.76 -20.18
C ILE D 563 2.42 23.36 -20.15
N PRO D 564 1.62 23.97 -21.02
CA PRO D 564 0.19 23.65 -21.06
C PRO D 564 -0.06 22.28 -21.70
N LEU D 565 -0.78 21.43 -20.97
CA LEU D 565 -1.12 20.09 -21.45
C LEU D 565 -2.63 19.99 -21.54
N GLU D 566 -3.13 18.88 -22.06
CA GLU D 566 -4.57 18.69 -22.23
C GLU D 566 -5.44 19.05 -21.03
N SER D 567 -5.16 18.45 -19.88
CA SER D 567 -5.96 18.72 -18.69
C SER D 567 -5.12 19.10 -17.48
N SER D 568 -3.90 19.55 -17.73
CA SER D 568 -3.01 19.99 -16.66
C SER D 568 -1.94 20.91 -17.21
N ILE D 569 -1.25 21.59 -16.30
CA ILE D 569 -0.20 22.51 -16.66
C ILE D 569 1.03 22.24 -15.79
N LEU D 570 2.16 21.97 -16.42
CA LEU D 570 3.40 21.75 -15.70
C LEU D 570 4.06 23.10 -15.53
N ILE D 571 4.74 23.28 -14.40
CA ILE D 571 5.42 24.54 -14.15
C ILE D 571 6.74 24.32 -13.42
N TYR D 572 7.81 24.93 -13.93
CA TYR D 572 9.12 24.81 -13.31
C TYR D 572 9.21 25.87 -12.21
N SER D 573 9.35 25.41 -10.97
CA SER D 573 9.41 26.31 -9.82
C SER D 573 10.76 26.29 -9.12
N VAL D 574 11.18 27.45 -8.63
CA VAL D 574 12.43 27.61 -7.90
C VAL D 574 12.16 28.17 -6.51
N PRO D 575 12.32 27.35 -5.47
CA PRO D 575 12.08 27.84 -4.10
C PRO D 575 13.03 29.01 -3.79
N VAL D 576 12.62 29.90 -2.88
CA VAL D 576 13.47 31.02 -2.53
C VAL D 576 14.72 30.45 -1.84
N HIS D 577 15.89 30.97 -2.21
CA HIS D 577 17.15 30.47 -1.68
C HIS D 577 18.24 31.55 -1.61
N GLY D 578 19.33 31.25 -0.92
CA GLY D 578 20.44 32.17 -0.82
C GLY D 578 21.30 32.10 -2.06
N GLU D 579 21.97 33.19 -2.40
CA GLU D 579 22.80 33.25 -3.60
C GLU D 579 24.29 32.97 -3.38
N PHE D 580 24.74 32.96 -2.13
CA PHE D 580 26.15 32.75 -1.84
C PHE D 580 26.79 31.63 -2.63
N ALA D 581 26.25 30.41 -2.54
CA ALA D 581 26.81 29.26 -3.24
C ALA D 581 26.82 29.37 -4.77
N ALA D 582 25.73 29.87 -5.35
CA ALA D 582 25.67 30.01 -6.80
C ALA D 582 26.64 31.10 -7.25
N TYR D 583 26.77 32.14 -6.42
CA TYR D 583 27.63 33.25 -6.74
C TYR D 583 29.13 32.93 -6.66
N TYR D 584 29.55 32.23 -5.61
CA TYR D 584 30.97 31.91 -5.43
C TYR D 584 31.43 30.50 -5.80
N GLN D 585 30.56 29.51 -5.62
CA GLN D 585 30.94 28.13 -5.90
C GLN D 585 30.28 27.52 -7.13
N GLY D 586 29.72 28.37 -7.98
CA GLY D 586 29.08 27.87 -9.18
C GLY D 586 27.91 26.92 -8.95
N ALA D 587 27.46 26.81 -7.69
CA ALA D 587 26.34 25.92 -7.35
C ALA D 587 25.13 26.26 -8.21
N PRO D 588 24.56 25.25 -8.89
CA PRO D 588 23.39 25.42 -9.76
C PRO D 588 22.13 25.77 -8.99
N GLU D 589 21.20 26.44 -9.65
CA GLU D 589 19.94 26.83 -9.02
C GLU D 589 19.02 25.61 -9.05
N LYS D 590 18.52 25.22 -7.87
CA LYS D 590 17.64 24.06 -7.73
C LYS D 590 16.16 24.36 -7.93
N GLY D 591 15.51 23.53 -8.76
CA GLY D 591 14.10 23.72 -9.03
C GLY D 591 13.27 22.45 -8.91
N VAL D 592 11.96 22.62 -8.98
CA VAL D 592 11.01 21.52 -8.87
C VAL D 592 9.98 21.61 -9.98
N LEU D 593 9.59 20.46 -10.53
CA LEU D 593 8.57 20.43 -11.58
C LEU D 593 7.22 20.25 -10.91
N LEU D 594 6.34 21.21 -11.10
CA LEU D 594 5.03 21.13 -10.49
C LEU D 594 3.93 20.82 -11.50
N LYS D 595 2.88 20.19 -11.03
CA LYS D 595 1.75 19.84 -11.87
C LYS D 595 0.49 20.53 -11.35
N TYR D 596 -0.14 21.32 -12.21
CA TYR D 596 -1.35 22.02 -11.85
C TYR D 596 -2.52 21.38 -12.59
N ASP D 597 -3.38 20.71 -11.84
CA ASP D 597 -4.55 20.05 -12.44
C ASP D 597 -5.60 21.14 -12.67
N VAL D 598 -5.84 21.45 -13.94
CA VAL D 598 -6.80 22.49 -14.29
C VAL D 598 -8.18 22.22 -13.72
N LYS D 599 -8.59 20.96 -13.76
CA LYS D 599 -9.90 20.56 -13.26
C LYS D 599 -10.15 20.88 -11.78
N THR D 600 -9.20 20.53 -10.91
CA THR D 600 -9.37 20.76 -9.47
C THR D 600 -8.47 21.84 -8.88
N ARG D 601 -7.67 22.48 -9.73
CA ARG D 601 -6.76 23.53 -9.29
C ARG D 601 -5.78 23.01 -8.23
N LYS D 602 -5.64 21.69 -8.16
CA LYS D 602 -4.73 21.06 -7.20
C LYS D 602 -3.30 20.99 -7.73
N VAL D 603 -2.34 21.40 -6.89
CA VAL D 603 -0.93 21.41 -7.30
C VAL D 603 -0.11 20.31 -6.64
N THR D 604 0.58 19.52 -7.45
CA THR D 604 1.40 18.44 -6.94
C THR D 604 2.82 18.52 -7.50
N GLU D 605 3.74 17.82 -6.84
CA GLU D 605 5.13 17.79 -7.26
C GLU D 605 5.39 16.59 -8.16
N VAL D 606 6.00 16.83 -9.31
CA VAL D 606 6.30 15.78 -10.28
C VAL D 606 7.74 15.29 -10.17
N LYS D 607 8.66 16.22 -9.90
CA LYS D 607 10.07 15.89 -9.79
C LYS D 607 10.76 17.01 -9.02
N ASN D 608 11.80 16.69 -8.27
CA ASN D 608 12.52 17.71 -7.53
C ASN D 608 14.02 17.59 -7.76
N ASN D 609 14.80 18.46 -7.13
CA ASN D 609 16.24 18.43 -7.27
C ASN D 609 16.64 18.60 -8.73
N LEU D 610 15.94 19.48 -9.44
CA LEU D 610 16.24 19.72 -10.84
C LEU D 610 17.10 20.97 -10.99
N THR D 611 17.78 21.10 -12.12
CA THR D 611 18.61 22.28 -12.38
C THR D 611 18.41 22.71 -13.83
N ASP D 612 17.63 21.93 -14.58
CA ASP D 612 17.36 22.21 -15.98
C ASP D 612 16.26 21.25 -16.48
N LEU D 613 15.56 21.64 -17.54
CA LEU D 613 14.51 20.76 -18.07
C LEU D 613 14.21 21.01 -19.54
N ARG D 614 14.31 19.94 -20.33
CA ARG D 614 14.03 20.02 -21.76
C ARG D 614 12.75 19.24 -22.00
N LEU D 615 11.96 19.67 -22.99
CA LEU D 615 10.71 18.99 -23.30
C LEU D 615 10.68 18.52 -24.74
N SER D 616 10.25 17.27 -24.92
CA SER D 616 10.14 16.67 -26.24
C SER D 616 9.27 17.55 -27.14
N ALA D 617 9.46 17.42 -28.44
CA ALA D 617 8.68 18.19 -29.42
C ALA D 617 7.20 17.87 -29.27
N ASP D 618 6.91 16.58 -29.16
CA ASP D 618 5.54 16.09 -29.01
C ASP D 618 5.02 16.13 -27.56
N ARG D 619 5.79 16.75 -26.68
CA ARG D 619 5.41 16.87 -25.26
C ARG D 619 5.31 15.55 -24.52
N LYS D 620 5.80 14.47 -25.11
CA LYS D 620 5.72 13.17 -24.46
C LYS D 620 6.94 12.80 -23.61
N THR D 621 8.10 13.34 -23.98
CA THR D 621 9.33 13.04 -23.25
C THR D 621 9.92 14.25 -22.55
N VAL D 622 10.42 14.04 -21.34
CA VAL D 622 11.02 15.11 -20.55
C VAL D 622 12.46 14.75 -20.21
N MET D 623 13.38 15.69 -20.42
CA MET D 623 14.77 15.49 -20.08
C MET D 623 15.13 16.51 -19.02
N VAL D 624 15.80 16.05 -17.97
CA VAL D 624 16.19 16.95 -16.90
C VAL D 624 17.61 16.68 -16.48
N ARG D 625 18.20 17.68 -15.85
CA ARG D 625 19.55 17.59 -15.30
C ARG D 625 19.23 17.78 -13.83
N LYS D 626 19.79 16.93 -12.97
CA LYS D 626 19.53 17.09 -11.54
C LYS D 626 20.76 17.64 -10.83
N ASP D 627 20.57 18.05 -9.58
CA ASP D 627 21.65 18.62 -8.79
C ASP D 627 22.82 17.66 -8.68
N ASP D 628 22.58 16.37 -8.90
CA ASP D 628 23.66 15.38 -8.82
C ASP D 628 24.51 15.45 -10.09
N GLY D 629 24.13 16.34 -11.00
CA GLY D 629 24.89 16.53 -12.23
C GLY D 629 24.57 15.59 -13.37
N LYS D 630 23.71 14.61 -13.14
CA LYS D 630 23.36 13.65 -14.17
C LYS D 630 22.13 14.03 -14.98
N ILE D 631 22.04 13.50 -16.20
CA ILE D 631 20.93 13.76 -17.09
C ILE D 631 19.97 12.57 -17.04
N TYR D 632 18.68 12.85 -16.92
CA TYR D 632 17.66 11.81 -16.86
C TYR D 632 16.54 12.07 -17.86
N THR D 633 15.81 11.02 -18.19
CA THR D 633 14.70 11.13 -19.12
C THR D 633 13.53 10.33 -18.56
N PHE D 634 12.32 10.80 -18.80
CA PHE D 634 11.14 10.08 -18.31
C PHE D 634 9.90 10.51 -19.07
N PRO D 635 8.94 9.59 -19.25
CA PRO D 635 7.71 9.92 -19.96
C PRO D 635 6.87 10.87 -19.13
N LEU D 636 6.42 11.96 -19.73
CA LEU D 636 5.62 12.96 -19.03
C LEU D 636 4.33 12.35 -18.50
N GLU D 637 4.00 11.16 -18.99
CA GLU D 637 2.79 10.45 -18.55
C GLU D 637 3.06 9.57 -17.33
N LYS D 638 4.30 9.13 -17.15
CA LYS D 638 4.63 8.29 -16.02
C LYS D 638 6.04 8.59 -15.52
N PRO D 639 6.22 9.75 -14.85
CA PRO D 639 7.48 10.23 -14.29
C PRO D 639 8.21 9.25 -13.38
N GLU D 640 7.55 8.13 -13.06
CA GLU D 640 8.17 7.12 -12.22
C GLU D 640 9.17 6.35 -13.07
N ASP D 641 8.87 6.20 -14.36
CA ASP D 641 9.74 5.49 -15.29
C ASP D 641 10.83 6.43 -15.78
N GLU D 642 11.82 6.61 -14.93
CA GLU D 642 12.94 7.50 -15.17
C GLU D 642 14.20 6.71 -15.50
N ARG D 643 14.96 7.17 -16.49
CA ARG D 643 16.18 6.49 -16.91
C ARG D 643 17.35 7.47 -16.92
N THR D 644 18.54 6.94 -16.67
CA THR D 644 19.75 7.75 -16.62
C THR D 644 20.50 7.74 -17.95
N VAL D 645 20.73 8.92 -18.50
CA VAL D 645 21.45 9.04 -19.75
C VAL D 645 22.94 8.85 -19.50
N GLU D 646 23.54 7.93 -20.25
CA GLU D 646 24.96 7.65 -20.11
C GLU D 646 25.68 8.08 -21.38
N THR D 647 26.72 8.88 -21.22
CA THR D 647 27.47 9.39 -22.36
C THR D 647 28.94 8.99 -22.37
N ASP D 648 29.44 8.40 -21.30
CA ASP D 648 30.86 8.07 -21.25
C ASP D 648 31.31 6.67 -21.62
N LYS D 649 30.45 5.90 -22.29
CA LYS D 649 30.82 4.54 -22.68
C LYS D 649 31.79 4.69 -23.86
N ARG D 650 31.55 5.73 -24.66
CA ARG D 650 32.39 6.02 -25.83
C ARG D 650 33.27 7.24 -25.57
N PRO D 651 34.59 7.08 -25.69
CA PRO D 651 35.54 8.17 -25.46
C PRO D 651 35.47 9.28 -26.50
N LEU D 652 35.77 10.50 -26.07
CA LEU D 652 35.78 11.67 -26.95
C LEU D 652 37.18 11.68 -27.56
N VAL D 653 37.27 11.69 -28.89
CA VAL D 653 38.57 11.70 -29.56
C VAL D 653 38.82 13.03 -30.26
N SER D 654 40.05 13.53 -30.21
CA SER D 654 40.37 14.79 -30.88
C SER D 654 41.86 15.06 -30.99
N SER D 655 42.19 16.11 -31.75
CA SER D 655 43.57 16.53 -31.99
C SER D 655 43.91 17.77 -31.20
N ILE D 656 44.95 17.68 -30.39
CA ILE D 656 45.37 18.83 -29.59
C ILE D 656 45.65 20.04 -30.46
N HIS D 657 46.47 19.88 -31.48
CA HIS D 657 46.78 21.04 -32.32
C HIS D 657 45.57 21.61 -33.07
N GLU D 658 44.60 20.76 -33.41
CA GLU D 658 43.41 21.24 -34.12
C GLU D 658 42.59 22.07 -33.13
N GLU D 659 42.45 21.56 -31.91
CA GLU D 659 41.71 22.25 -30.86
C GLU D 659 42.39 23.54 -30.40
N PHE D 660 43.72 23.53 -30.28
CA PHE D 660 44.45 24.70 -29.82
C PHE D 660 44.29 25.89 -30.78
N LEU D 661 44.36 25.60 -32.08
CA LEU D 661 44.19 26.62 -33.10
C LEU D 661 42.76 27.14 -33.03
N GLN D 662 41.80 26.22 -32.91
CA GLN D 662 40.41 26.62 -32.83
C GLN D 662 40.19 27.48 -31.59
N MET D 663 40.81 27.11 -30.47
CA MET D 663 40.68 27.84 -29.22
C MET D 663 41.36 29.21 -29.28
N TYR D 664 42.56 29.27 -29.86
CA TYR D 664 43.23 30.57 -29.97
C TYR D 664 42.35 31.52 -30.79
N ASP D 665 41.87 31.04 -31.94
CA ASP D 665 41.06 31.88 -32.80
C ASP D 665 39.81 32.38 -32.10
N GLU D 666 39.16 31.53 -31.32
CA GLU D 666 37.94 31.92 -30.63
C GLU D 666 38.24 32.92 -29.51
N ALA D 667 39.34 32.72 -28.79
CA ALA D 667 39.74 33.63 -27.73
C ALA D 667 40.01 34.99 -28.39
N TRP D 668 40.76 34.92 -29.48
CA TRP D 668 41.10 36.13 -30.23
C TRP D 668 39.87 36.86 -30.73
N LYS D 669 38.92 36.10 -31.29
CA LYS D 669 37.69 36.66 -31.84
C LYS D 669 36.78 37.24 -30.76
N LEU D 670 36.69 36.57 -29.63
CA LEU D 670 35.88 37.04 -28.52
C LEU D 670 36.44 38.36 -27.97
N ALA D 671 37.76 38.42 -27.82
CA ALA D 671 38.39 39.62 -27.29
C ALA D 671 38.09 40.79 -28.24
N ARG D 672 38.11 40.52 -29.54
CA ARG D 672 37.83 41.59 -30.48
C ARG D 672 36.37 42.01 -30.42
N ASP D 673 35.47 41.04 -30.58
CA ASP D 673 34.03 41.25 -30.58
C ASP D 673 33.39 41.83 -29.31
N ASN D 674 33.94 41.48 -28.15
CA ASN D 674 33.35 41.97 -26.90
C ASN D 674 34.04 43.16 -26.24
N TYR D 675 35.15 43.62 -26.80
CA TYR D 675 35.84 44.77 -26.20
C TYR D 675 34.90 45.97 -26.24
N TRP D 676 34.79 46.67 -25.12
CA TRP D 676 33.87 47.81 -25.01
C TRP D 676 34.00 48.88 -26.09
N ASN D 677 35.21 49.18 -26.53
CA ASN D 677 35.43 50.18 -27.56
C ASN D 677 35.63 49.46 -28.90
N GLU D 678 34.60 49.52 -29.75
CA GLU D 678 34.64 48.86 -31.04
C GLU D 678 35.74 49.39 -31.98
N ALA D 679 35.84 50.72 -32.08
CA ALA D 679 36.84 51.32 -32.95
C ALA D 679 38.23 50.75 -32.60
N VAL D 680 38.61 50.85 -31.34
CA VAL D 680 39.89 50.35 -30.87
C VAL D 680 40.08 48.86 -31.14
N ALA D 681 39.05 48.08 -30.84
CA ALA D 681 39.10 46.63 -31.03
C ALA D 681 39.62 46.18 -32.41
N LYS D 682 39.13 46.80 -33.49
CA LYS D 682 39.57 46.42 -34.85
C LYS D 682 41.06 46.56 -35.08
N GLU D 683 41.62 47.69 -34.67
CA GLU D 683 43.05 47.94 -34.86
C GLU D 683 43.87 46.98 -34.00
N ILE D 684 43.54 46.88 -32.72
CA ILE D 684 44.29 46.00 -31.81
C ILE D 684 44.30 44.55 -32.29
N SER D 685 43.12 43.98 -32.51
CA SER D 685 43.01 42.57 -32.93
C SER D 685 43.85 42.20 -34.14
N GLU D 686 43.75 43.00 -35.18
CA GLU D 686 44.49 42.75 -36.41
C GLU D 686 45.99 42.85 -36.17
N ARG D 687 46.40 43.82 -35.36
CA ARG D 687 47.81 44.02 -35.07
C ARG D 687 48.46 42.84 -34.34
N ILE D 688 47.70 42.17 -33.47
CA ILE D 688 48.26 41.07 -32.67
C ILE D 688 47.94 39.65 -33.12
N TYR D 689 47.00 39.50 -34.04
CA TYR D 689 46.60 38.18 -34.50
C TYR D 689 47.68 37.15 -34.78
N GLU D 690 48.52 37.44 -35.77
CA GLU D 690 49.58 36.53 -36.20
C GLU D 690 50.73 36.36 -35.21
N LYS D 691 51.09 37.44 -34.53
CA LYS D 691 52.16 37.43 -33.55
C LYS D 691 51.95 36.28 -32.56
N TYR D 692 50.74 36.18 -32.03
CA TYR D 692 50.46 35.12 -31.07
C TYR D 692 50.01 33.80 -31.69
N ARG D 693 49.31 33.85 -32.83
CA ARG D 693 48.89 32.63 -33.51
C ARG D 693 50.13 31.84 -33.93
N ASN D 694 51.24 32.54 -34.18
CA ASN D 694 52.50 31.89 -34.58
C ASN D 694 53.13 31.08 -33.43
N LEU D 695 52.71 31.36 -32.20
CA LEU D 695 53.25 30.63 -31.06
C LEU D 695 52.38 29.40 -30.75
N VAL D 696 51.16 29.38 -31.28
CA VAL D 696 50.26 28.27 -31.02
C VAL D 696 50.84 26.89 -31.35
N PRO D 697 51.57 26.75 -32.48
CA PRO D 697 52.12 25.43 -32.80
C PRO D 697 53.23 24.96 -31.85
N LEU D 698 53.74 25.86 -31.02
CA LEU D 698 54.78 25.50 -30.05
C LEU D 698 54.12 24.94 -28.80
N CYS D 699 52.82 25.16 -28.67
CA CYS D 699 52.08 24.68 -27.52
C CYS D 699 51.74 23.20 -27.60
N LYS D 700 52.03 22.49 -26.50
CA LYS D 700 51.77 21.04 -26.36
C LYS D 700 50.81 20.77 -25.21
N THR D 701 50.72 21.70 -24.28
CA THR D 701 49.82 21.53 -23.14
C THR D 701 48.86 22.72 -23.02
N ARG D 702 47.77 22.51 -22.31
CA ARG D 702 46.79 23.56 -22.10
C ARG D 702 47.44 24.76 -21.43
N TYR D 703 48.40 24.49 -20.54
CA TYR D 703 49.08 25.57 -19.86
C TYR D 703 49.88 26.39 -20.86
N ASP D 704 50.58 25.72 -21.77
CA ASP D 704 51.33 26.42 -22.82
C ASP D 704 50.37 27.38 -23.54
N LEU D 705 49.25 26.84 -23.99
CA LEU D 705 48.22 27.58 -24.72
C LEU D 705 47.82 28.80 -23.91
N SER D 706 47.67 28.61 -22.59
CA SER D 706 47.29 29.68 -21.69
C SER D 706 48.32 30.80 -21.71
N ASN D 707 49.59 30.45 -21.76
CA ASN D 707 50.62 31.47 -21.77
C ASN D 707 50.51 32.33 -23.03
N VAL D 708 50.04 31.72 -24.12
CA VAL D 708 49.88 32.44 -25.38
C VAL D 708 48.59 33.25 -25.43
N ILE D 709 47.46 32.66 -25.05
CA ILE D 709 46.21 33.40 -25.07
C ILE D 709 46.23 34.62 -24.14
N VAL D 710 46.83 34.47 -22.96
CA VAL D 710 46.90 35.56 -21.99
C VAL D 710 47.74 36.75 -22.42
N GLU D 711 48.85 36.48 -23.10
CA GLU D 711 49.68 37.59 -23.58
C GLU D 711 48.91 38.35 -24.67
N MET D 712 48.15 37.61 -25.48
CA MET D 712 47.38 38.26 -26.54
C MET D 712 46.28 39.08 -25.87
N GLN D 713 45.65 38.53 -24.83
CA GLN D 713 44.60 39.24 -24.09
C GLN D 713 45.13 40.54 -23.47
N GLY D 714 46.39 40.52 -23.03
CA GLY D 714 46.99 41.69 -22.38
C GLY D 714 47.23 42.86 -23.31
N GLU D 715 47.30 42.57 -24.61
CA GLU D 715 47.53 43.60 -25.61
C GLU D 715 46.39 44.62 -25.61
N TYR D 716 45.26 44.27 -25.03
CA TYR D 716 44.14 45.21 -24.97
C TYR D 716 44.39 46.29 -23.92
N ARG D 717 45.43 46.09 -23.10
CA ARG D 717 45.83 47.05 -22.07
C ARG D 717 44.69 47.52 -21.18
N THR D 718 43.73 46.65 -20.96
CA THR D 718 42.58 47.01 -20.15
C THR D 718 42.38 45.98 -19.06
N SER D 719 41.74 46.41 -17.99
CA SER D 719 41.48 45.52 -16.86
C SER D 719 40.49 44.43 -17.28
N HIS D 720 40.30 43.46 -16.40
CA HIS D 720 39.37 42.35 -16.59
C HIS D 720 39.49 41.43 -17.79
N SER D 721 40.71 41.15 -18.24
CA SER D 721 40.90 40.22 -19.35
C SER D 721 41.37 38.95 -18.66
N TYR D 722 40.42 38.12 -18.29
CA TYR D 722 40.72 36.90 -17.54
C TYR D 722 40.57 35.57 -18.27
N GLU D 723 41.26 34.56 -17.72
CA GLU D 723 41.19 33.19 -18.22
C GLU D 723 40.87 32.34 -17.00
N MET D 724 39.65 31.81 -16.95
CA MET D 724 39.21 30.99 -15.82
C MET D 724 38.68 29.63 -16.29
N GLY D 725 38.73 28.64 -15.39
CA GLY D 725 38.25 27.32 -15.75
C GLY D 725 39.15 26.59 -16.71
N GLY D 726 38.59 25.66 -17.47
CA GLY D 726 39.38 24.88 -18.39
C GLY D 726 39.99 23.71 -17.67
N THR D 727 40.56 22.78 -18.44
CA THR D 727 41.21 21.59 -17.88
C THR D 727 42.69 21.57 -18.30
N PHE D 728 43.56 21.70 -17.30
CA PHE D 728 45.00 21.77 -17.50
C PHE D 728 45.76 20.51 -17.08
N THR D 729 45.14 19.73 -16.23
CA THR D 729 45.78 18.54 -15.72
C THR D 729 44.70 17.59 -15.21
N ASP D 730 45.09 16.34 -14.95
CA ASP D 730 44.13 15.40 -14.42
C ASP D 730 44.45 15.16 -12.93
N LYS D 731 45.48 15.86 -12.43
CA LYS D 731 45.87 15.73 -11.03
C LYS D 731 44.79 16.29 -10.10
N ASP D 732 44.47 15.55 -9.05
CA ASP D 732 43.48 16.02 -8.09
C ASP D 732 44.10 17.21 -7.40
N PRO D 733 43.27 18.15 -6.94
CA PRO D 733 43.74 19.37 -6.26
C PRO D 733 44.40 19.03 -4.93
N PHE D 734 45.40 19.82 -4.56
CA PHE D 734 46.09 19.62 -3.29
C PHE D 734 45.10 19.74 -2.13
N ARG D 735 45.41 19.03 -1.05
CA ARG D 735 44.56 19.05 0.13
C ARG D 735 45.30 19.73 1.27
N SER D 736 44.56 20.40 2.14
CA SER D 736 45.14 21.05 3.30
C SER D 736 44.17 20.82 4.44
N GLY D 737 44.70 20.48 5.62
CA GLY D 737 43.83 20.25 6.76
C GLY D 737 43.96 21.40 7.73
N ARG D 738 42.85 21.98 8.15
CA ARG D 738 42.88 23.10 9.05
C ARG D 738 41.90 23.05 10.22
N ILE D 739 42.30 23.72 11.30
CA ILE D 739 41.50 23.79 12.52
C ILE D 739 41.52 25.23 13.05
N ALA D 740 41.73 26.17 12.15
CA ALA D 740 41.80 27.59 12.49
C ALA D 740 42.79 27.86 13.65
N CYS D 741 44.01 27.36 13.52
CA CYS D 741 45.08 27.56 14.51
C CYS D 741 46.43 27.76 13.83
N ASP D 742 47.29 28.56 14.46
CA ASP D 742 48.63 28.79 13.95
C ASP D 742 49.55 28.00 14.87
N PHE D 743 50.50 27.27 14.29
CA PHE D 743 51.40 26.47 15.10
C PHE D 743 52.81 27.00 15.06
N LYS D 744 53.49 26.86 16.19
CA LYS D 744 54.87 27.32 16.33
C LYS D 744 55.66 26.12 16.85
N LEU D 745 56.81 25.86 16.24
CA LEU D 745 57.64 24.75 16.68
C LEU D 745 58.51 25.23 17.84
N ASP D 746 58.19 24.77 19.04
CA ASP D 746 58.91 25.15 20.24
C ASP D 746 59.64 23.90 20.74
N GLY D 747 60.96 23.88 20.55
CA GLY D 747 61.72 22.73 20.96
C GLY D 747 61.35 21.59 20.04
N ASP D 748 60.85 20.51 20.60
CA ASP D 748 60.47 19.36 19.81
C ASP D 748 58.95 19.26 19.64
N HIS D 749 58.23 20.24 20.16
CA HIS D 749 56.77 20.23 20.12
C HIS D 749 56.12 21.43 19.41
N TYR D 750 54.95 21.20 18.84
CA TYR D 750 54.19 22.27 18.19
C TYR D 750 53.30 22.84 19.27
N VAL D 751 53.21 24.15 19.32
CA VAL D 751 52.35 24.81 20.28
C VAL D 751 51.36 25.67 19.49
N VAL D 752 50.13 25.76 20.00
CA VAL D 752 49.11 26.55 19.33
C VAL D 752 49.43 28.01 19.62
N ALA D 753 50.09 28.66 18.67
CA ALA D 753 50.47 30.05 18.80
C ALA D 753 49.23 30.94 18.80
N LYS D 754 48.19 30.52 18.08
CA LYS D 754 46.95 31.29 18.02
C LYS D 754 45.76 30.43 17.57
N ALA D 755 44.61 30.64 18.21
CA ALA D 755 43.37 29.93 17.91
C ALA D 755 42.35 30.99 17.50
N TYR D 756 41.94 30.96 16.24
CA TYR D 756 41.00 31.95 15.69
C TYR D 756 39.52 31.81 16.01
N ALA D 757 38.88 32.94 16.27
CA ALA D 757 37.47 33.00 16.56
C ALA D 757 36.96 34.41 16.23
N GLY D 758 35.82 34.49 15.56
CA GLY D 758 35.23 35.78 15.22
C GLY D 758 34.08 35.95 16.18
N ASP D 759 32.85 35.70 15.72
CA ASP D 759 31.69 35.78 16.61
C ASP D 759 31.39 34.33 16.98
N TYR D 760 31.64 33.96 18.24
CA TYR D 760 31.43 32.59 18.75
C TYR D 760 30.06 32.00 18.46
N SER D 761 29.03 32.84 18.47
CA SER D 761 27.69 32.38 18.23
C SER D 761 27.37 32.15 16.76
N ASN D 762 28.15 32.74 15.86
CA ASN D 762 27.90 32.56 14.42
C ASN D 762 28.39 31.17 14.04
N GLU D 763 27.95 30.69 12.88
CA GLU D 763 28.38 29.39 12.37
C GLU D 763 29.69 29.56 11.61
N GLY D 764 30.58 28.58 11.77
CA GLY D 764 31.86 28.58 11.10
C GLY D 764 32.78 29.77 11.27
N GLU D 765 32.86 30.30 12.49
CA GLU D 765 33.73 31.43 12.76
C GLU D 765 34.71 31.16 13.89
N LYS D 766 35.09 29.91 14.09
CA LYS D 766 36.02 29.59 15.15
C LYS D 766 36.64 28.21 15.03
N SER D 767 37.78 28.02 15.68
CA SER D 767 38.45 26.74 15.68
C SER D 767 37.47 25.72 16.26
N PRO D 768 37.28 24.58 15.58
CA PRO D 768 36.35 23.56 16.09
C PRO D 768 36.65 23.12 17.53
N ILE D 769 37.84 23.40 18.02
CA ILE D 769 38.19 23.02 19.38
C ILE D 769 37.35 23.77 20.42
N PHE D 770 36.91 24.99 20.08
CA PHE D 770 36.11 25.77 21.03
C PHE D 770 34.80 25.09 21.42
N GLU D 771 34.31 24.19 20.58
CA GLU D 771 33.06 23.48 20.89
C GLU D 771 33.26 22.48 22.02
N TYR D 772 34.51 22.27 22.44
CA TYR D 772 34.77 21.33 23.52
C TYR D 772 34.97 22.06 24.84
N GLY D 773 34.68 23.35 24.84
CA GLY D 773 34.80 24.13 26.06
C GLY D 773 36.15 24.71 26.46
N ILE D 774 37.17 24.63 25.60
CA ILE D 774 38.46 25.21 25.95
C ILE D 774 39.06 26.01 24.80
N ASP D 775 39.96 26.91 25.16
CA ASP D 775 40.68 27.74 24.19
C ASP D 775 42.03 27.04 24.10
N PRO D 776 42.35 26.47 22.91
CA PRO D 776 43.61 25.76 22.69
C PRO D 776 44.88 26.61 22.66
N THR D 777 44.72 27.93 22.72
CA THR D 777 45.88 28.82 22.69
C THR D 777 46.90 28.42 23.76
N GLY D 778 48.16 28.29 23.37
CA GLY D 778 49.21 27.92 24.31
C GLY D 778 49.31 26.43 24.63
N TYR D 779 48.37 25.64 24.14
CA TYR D 779 48.39 24.20 24.37
C TYR D 779 49.39 23.56 23.42
N LEU D 780 49.94 22.44 23.84
CA LEU D 780 50.88 21.70 23.00
C LEU D 780 50.05 20.63 22.30
N ILE D 781 50.35 20.38 21.03
CA ILE D 781 49.64 19.34 20.29
C ILE D 781 50.55 18.12 20.27
N GLU D 782 50.22 17.12 21.09
CA GLU D 782 51.00 15.90 21.22
C GLU D 782 50.93 14.94 20.04
N ASP D 783 49.73 14.65 19.60
CA ASP D 783 49.54 13.73 18.49
C ASP D 783 48.19 13.84 17.84
N ILE D 784 48.09 13.30 16.63
CA ILE D 784 46.85 13.31 15.88
C ILE D 784 46.61 11.88 15.40
N ASP D 785 45.45 11.32 15.77
CA ASP D 785 45.07 9.96 15.42
C ASP D 785 46.19 8.99 15.82
N GLY D 786 46.77 9.21 17.00
CA GLY D 786 47.82 8.34 17.49
C GLY D 786 49.22 8.55 16.92
N GLU D 787 49.36 9.48 15.97
CA GLU D 787 50.67 9.77 15.38
C GLU D 787 51.25 11.03 16.01
N THR D 788 52.42 10.89 16.58
CA THR D 788 53.07 12.02 17.22
C THR D 788 53.47 13.05 16.18
N VAL D 789 53.23 14.31 16.49
CA VAL D 789 53.62 15.41 15.59
C VAL D 789 54.61 16.29 16.37
N GLY D 790 55.52 16.94 15.66
CA GLY D 790 56.48 17.78 16.32
C GLY D 790 57.73 17.90 15.48
N ALA D 791 58.87 18.10 16.14
CA ALA D 791 60.16 18.24 15.47
C ALA D 791 60.35 17.24 14.33
N GLY D 792 60.02 15.98 14.57
CA GLY D 792 60.23 15.00 13.52
C GLY D 792 58.98 14.55 12.78
N SER D 793 57.89 15.29 12.90
CA SER D 793 56.65 14.90 12.23
C SER D 793 55.81 16.10 11.81
N ASN D 794 55.83 16.39 10.52
CA ASN D 794 55.13 17.53 9.94
C ASN D 794 53.63 17.54 10.28
N ILE D 795 53.20 18.49 11.10
CA ILE D 795 51.79 18.54 11.45
C ILE D 795 50.91 18.93 10.26
N TYR D 796 51.42 19.78 9.37
CA TYR D 796 50.63 20.21 8.22
C TYR D 796 50.34 19.03 7.31
N ARG D 797 51.31 18.14 7.16
CA ARG D 797 51.07 16.98 6.32
C ARG D 797 50.01 16.08 6.96
N VAL D 798 50.11 15.89 8.29
CA VAL D 798 49.18 15.03 9.01
C VAL D 798 47.76 15.59 8.89
N LEU D 799 47.62 16.89 9.06
CA LEU D 799 46.32 17.49 8.96
C LEU D 799 45.79 17.31 7.52
N SER D 800 46.67 17.43 6.53
CA SER D 800 46.24 17.28 5.14
C SER D 800 45.63 15.92 4.87
N GLU D 801 46.24 14.91 5.45
CA GLU D 801 45.80 13.53 5.28
C GLU D 801 44.49 13.22 6.00
N LYS D 802 44.08 14.09 6.92
CA LYS D 802 42.84 13.90 7.69
C LYS D 802 41.74 14.88 7.29
N ALA D 803 42.08 15.81 6.41
CA ALA D 803 41.13 16.82 5.98
C ALA D 803 39.77 16.22 5.61
N GLY D 804 38.71 16.86 6.10
CA GLY D 804 37.37 16.39 5.80
C GLY D 804 36.88 15.27 6.69
N THR D 805 37.60 14.98 7.77
CA THR D 805 37.20 13.92 8.71
C THR D 805 37.47 14.39 10.13
N SER D 806 37.01 13.64 11.13
CA SER D 806 37.24 14.00 12.52
C SER D 806 38.34 13.11 13.07
N ALA D 807 39.38 13.72 13.61
CA ALA D 807 40.49 12.96 14.14
C ALA D 807 40.72 13.20 15.63
N ARG D 808 41.24 12.18 16.31
CA ARG D 808 41.52 12.31 17.73
C ARG D 808 42.80 13.11 17.91
N ILE D 809 42.68 14.24 18.57
CA ILE D 809 43.83 15.09 18.84
C ILE D 809 44.13 15.16 20.34
N ARG D 810 45.38 14.91 20.70
CA ARG D 810 45.80 14.96 22.10
C ARG D 810 46.48 16.29 22.35
N LEU D 811 45.94 17.07 23.28
CA LEU D 811 46.48 18.38 23.63
C LEU D 811 46.98 18.40 25.08
N SER D 812 48.05 19.17 25.32
CA SER D 812 48.64 19.31 26.66
C SER D 812 48.70 20.77 27.03
N GLY D 813 48.11 21.13 28.17
CA GLY D 813 48.13 22.51 28.63
C GLY D 813 49.24 22.72 29.63
N LYS D 814 49.56 23.97 29.93
CA LYS D 814 50.62 24.26 30.89
C LYS D 814 50.09 23.88 32.27
N GLY D 815 50.55 22.73 32.75
CA GLY D 815 50.13 22.22 34.03
C GLY D 815 49.89 20.73 33.84
N GLY D 816 48.83 20.21 34.42
CA GLY D 816 48.54 18.80 34.25
C GLY D 816 47.36 18.60 33.32
N ASP D 817 46.87 19.69 32.75
CA ASP D 817 45.73 19.63 31.85
C ASP D 817 46.01 18.88 30.55
N LYS D 818 45.26 17.81 30.32
CA LYS D 818 45.40 17.01 29.11
C LYS D 818 44.03 16.83 28.49
N ARG D 819 43.98 16.87 27.16
CA ARG D 819 42.71 16.73 26.45
C ARG D 819 42.81 15.72 25.32
N ASP D 820 41.76 14.93 25.16
CA ASP D 820 41.69 13.90 24.12
C ASP D 820 40.38 14.20 23.38
N LEU D 821 40.45 14.82 22.21
CA LEU D 821 39.23 15.19 21.50
C LEU D 821 39.10 14.81 20.03
N MET D 822 37.87 14.54 19.61
CA MET D 822 37.58 14.21 18.21
C MET D 822 37.31 15.58 17.56
N ILE D 823 38.28 16.06 16.78
CA ILE D 823 38.16 17.37 16.14
C ILE D 823 37.91 17.30 14.64
N ASP D 824 36.93 18.07 14.18
CA ASP D 824 36.63 18.13 12.76
C ASP D 824 37.81 18.84 12.07
N ILE D 825 38.44 18.17 11.11
CA ILE D 825 39.55 18.77 10.39
C ILE D 825 38.97 19.39 9.12
N LEU D 826 38.94 20.72 9.09
CA LEU D 826 38.40 21.45 7.94
C LEU D 826 39.30 21.45 6.73
N ASP D 827 38.72 21.63 5.56
CA ASP D 827 39.49 21.70 4.31
C ASP D 827 39.96 23.13 4.09
N ASP D 828 39.43 24.06 4.89
CA ASP D 828 39.80 25.46 4.75
C ASP D 828 39.36 26.27 5.98
N ASP D 829 40.10 27.34 6.29
CA ASP D 829 39.73 28.18 7.43
C ASP D 829 39.94 29.68 7.15
N ARG D 830 39.82 30.05 5.88
CA ARG D 830 39.98 31.43 5.46
C ARG D 830 38.92 32.34 6.06
N PHE D 831 37.67 31.86 6.01
CA PHE D 831 36.55 32.66 6.51
C PHE D 831 36.63 32.89 8.02
N ILE D 832 37.11 31.89 8.75
CA ILE D 832 37.27 31.99 10.20
C ILE D 832 38.39 33.01 10.46
N ARG D 833 39.48 32.91 9.72
CA ARG D 833 40.58 33.85 9.88
C ARG D 833 40.10 35.26 9.53
N TYR D 834 39.22 35.35 8.55
CA TYR D 834 38.72 36.65 8.12
C TYR D 834 37.85 37.32 9.19
N ARG D 835 36.86 36.59 9.66
CA ARG D 835 35.95 37.11 10.67
C ARG D 835 36.68 37.48 11.95
N SER D 836 37.75 36.74 12.26
CA SER D 836 38.56 37.02 13.46
C SER D 836 39.30 38.34 13.25
N TRP D 837 39.83 38.53 12.05
CA TRP D 837 40.54 39.76 11.70
C TRP D 837 39.57 40.92 11.84
N VAL D 838 38.35 40.71 11.36
CA VAL D 838 37.33 41.74 11.42
C VAL D 838 36.96 42.11 12.86
N GLU D 839 36.69 41.09 13.68
CA GLU D 839 36.31 41.35 15.07
C GLU D 839 37.44 41.99 15.87
N ALA D 840 38.67 41.69 15.50
CA ALA D 840 39.83 42.25 16.20
C ALA D 840 39.88 43.74 15.90
N ASN D 841 39.70 44.11 14.64
CA ASN D 841 39.73 45.53 14.23
C ASN D 841 38.61 46.27 14.92
N ARG D 842 37.48 45.59 15.08
CA ARG D 842 36.28 46.14 15.71
C ARG D 842 36.52 46.49 17.18
N ARG D 843 37.09 45.56 17.93
CA ARG D 843 37.37 45.80 19.34
C ARG D 843 38.39 46.92 19.44
N TYR D 844 39.44 46.82 18.63
CA TYR D 844 40.50 47.84 18.60
C TYR D 844 39.93 49.25 18.36
N VAL D 845 39.01 49.37 17.41
CA VAL D 845 38.42 50.67 17.12
C VAL D 845 37.59 51.16 18.31
N HIS D 846 36.80 50.27 18.90
CA HIS D 846 36.00 50.64 20.07
C HIS D 846 36.93 51.09 21.21
N GLU D 847 37.97 50.29 21.43
CA GLU D 847 38.91 50.57 22.51
C GLU D 847 39.66 51.88 22.34
N ARG D 848 40.26 52.09 21.17
CA ARG D 848 41.02 53.31 20.91
C ARG D 848 40.12 54.56 20.83
N SER D 849 38.88 54.38 20.40
CA SER D 849 37.95 55.52 20.29
C SER D 849 37.19 55.73 21.60
N LYS D 850 37.50 54.93 22.60
CA LYS D 850 36.84 55.02 23.89
C LYS D 850 35.33 54.81 23.75
N GLY D 851 34.95 53.93 22.83
CA GLY D 851 33.53 53.63 22.64
C GLY D 851 32.76 54.64 21.82
N THR D 852 33.46 55.52 21.13
CA THR D 852 32.79 56.54 20.33
C THR D 852 32.70 56.23 18.84
N ILE D 853 33.55 55.32 18.36
CA ILE D 853 33.58 54.97 16.92
C ILE D 853 33.26 53.52 16.61
N GLY D 854 32.45 53.33 15.57
CA GLY D 854 32.06 52.00 15.12
C GLY D 854 32.90 51.56 13.93
N TYR D 855 32.85 50.26 13.59
CA TYR D 855 33.65 49.74 12.50
C TYR D 855 32.93 48.71 11.62
N ILE D 856 33.22 48.74 10.32
CA ILE D 856 32.62 47.80 9.40
C ILE D 856 33.59 47.52 8.27
N HIS D 857 33.76 46.25 7.93
CA HIS D 857 34.63 45.90 6.82
C HIS D 857 33.81 45.29 5.70
N ILE D 858 34.13 45.63 4.47
CA ILE D 858 33.40 45.09 3.34
C ILE D 858 34.43 44.40 2.47
N PRO D 859 34.51 43.07 2.56
CA PRO D 859 35.48 42.27 1.79
C PRO D 859 35.35 42.27 0.29
N ASP D 860 34.13 42.40 -0.21
CA ASP D 860 33.93 42.46 -1.65
C ASP D 860 32.59 43.09 -1.92
N MET D 861 32.20 43.17 -3.19
CA MET D 861 30.92 43.77 -3.52
C MET D 861 29.94 42.76 -4.11
N GLY D 862 30.08 41.53 -3.63
CA GLY D 862 29.22 40.45 -4.06
C GLY D 862 28.37 40.03 -2.89
N MET D 863 27.97 38.77 -2.85
CA MET D 863 27.14 38.28 -1.76
C MET D 863 27.84 38.30 -0.41
N MET D 864 29.16 38.13 -0.41
CA MET D 864 29.89 38.16 0.86
C MET D 864 29.89 39.60 1.37
N GLY D 865 30.10 40.55 0.45
CA GLY D 865 30.12 41.95 0.82
C GLY D 865 28.85 42.34 1.54
N LEU D 866 27.71 41.96 0.96
CA LEU D 866 26.40 42.24 1.51
C LEU D 866 26.26 41.61 2.92
N ASN D 867 26.67 40.36 3.06
CA ASN D 867 26.59 39.68 4.36
C ASN D 867 27.38 40.44 5.44
N GLU D 868 28.67 40.63 5.20
CA GLU D 868 29.54 41.28 6.18
C GLU D 868 29.21 42.74 6.45
N PHE D 869 28.71 43.44 5.44
CA PHE D 869 28.34 44.82 5.66
C PHE D 869 27.20 44.90 6.66
N TYR D 870 26.11 44.18 6.38
CA TYR D 870 24.96 44.20 7.27
C TYR D 870 25.23 43.52 8.60
N ARG D 871 26.07 42.50 8.60
CA ARG D 871 26.43 41.79 9.83
C ARG D 871 26.93 42.76 10.92
N LEU D 872 27.69 43.77 10.50
CA LEU D 872 28.22 44.76 11.44
C LEU D 872 27.44 46.07 11.43
N PHE D 873 26.83 46.41 10.30
CA PHE D 873 26.07 47.64 10.18
C PHE D 873 24.95 47.72 11.21
N ILE D 874 24.25 46.62 11.42
CA ILE D 874 23.16 46.60 12.40
C ILE D 874 23.62 46.86 13.83
N ASN D 875 24.91 46.68 14.09
CA ASN D 875 25.45 46.89 15.43
C ASN D 875 26.41 48.08 15.54
N GLU D 876 26.99 48.50 14.41
CA GLU D 876 27.99 49.55 14.43
C GLU D 876 27.65 50.95 13.92
N SER D 877 26.51 51.11 13.28
CA SER D 877 26.16 52.40 12.71
C SER D 877 25.65 53.51 13.64
N SER D 878 25.47 53.22 14.92
CA SER D 878 24.97 54.25 15.82
C SER D 878 25.95 54.77 16.87
N TYR D 879 27.25 54.74 16.54
CA TYR D 879 28.26 55.29 17.43
C TYR D 879 28.34 56.73 16.93
N GLN D 880 29.19 57.56 17.54
CA GLN D 880 29.32 58.95 17.10
C GLN D 880 29.97 59.02 15.72
N GLY D 881 30.91 58.12 15.47
CA GLY D 881 31.59 58.10 14.18
C GLY D 881 31.61 56.69 13.62
N LEU D 882 31.91 56.57 12.33
CA LEU D 882 31.94 55.26 11.71
C LEU D 882 33.05 55.09 10.69
N ILE D 883 33.79 54.00 10.83
CA ILE D 883 34.87 53.69 9.91
C ILE D 883 34.39 52.61 8.96
N VAL D 884 34.38 52.89 7.66
CA VAL D 884 33.97 51.89 6.70
C VAL D 884 35.27 51.47 5.98
N ASP D 885 35.73 50.28 6.33
CA ASP D 885 36.97 49.73 5.78
C ASP D 885 36.71 48.87 4.54
N VAL D 886 37.21 49.28 3.38
CA VAL D 886 37.01 48.49 2.17
C VAL D 886 38.33 47.96 1.62
N ARG D 887 39.36 47.96 2.47
CA ARG D 887 40.65 47.44 2.06
C ARG D 887 40.50 45.96 1.62
N PHE D 888 41.22 45.59 0.58
CA PHE D 888 41.19 44.24 0.02
C PHE D 888 39.85 43.89 -0.66
N ASN D 889 38.95 44.87 -0.78
CA ASN D 889 37.66 44.62 -1.41
C ASN D 889 37.85 44.03 -2.79
N GLY D 890 37.30 42.83 -3.00
CA GLY D 890 37.46 42.15 -4.26
C GLY D 890 36.50 42.53 -5.37
N GLY D 891 35.67 43.55 -5.15
CA GLY D 891 34.73 43.96 -6.18
C GLY D 891 33.42 43.18 -6.26
N GLY D 892 32.66 43.48 -7.32
CA GLY D 892 31.38 42.83 -7.53
C GLY D 892 30.40 43.82 -8.16
N PHE D 893 29.24 44.04 -7.54
CA PHE D 893 28.26 44.98 -8.09
C PHE D 893 27.32 45.62 -7.05
N VAL D 894 27.49 45.31 -5.77
CA VAL D 894 26.59 45.90 -4.78
C VAL D 894 27.09 47.20 -4.16
N SER D 895 28.12 47.83 -4.73
CA SER D 895 28.62 49.08 -4.15
C SER D 895 27.49 50.09 -4.02
N GLN D 896 26.69 50.19 -5.08
CA GLN D 896 25.57 51.13 -5.09
C GLN D 896 24.55 50.89 -3.99
N LEU D 897 24.34 49.62 -3.62
CA LEU D 897 23.37 49.30 -2.57
C LEU D 897 23.87 49.76 -1.20
N ILE D 898 25.15 49.51 -0.92
CA ILE D 898 25.76 49.90 0.36
C ILE D 898 25.86 51.43 0.49
N ILE D 899 26.19 52.10 -0.62
CA ILE D 899 26.30 53.55 -0.65
C ILE D 899 24.95 54.14 -0.27
N GLU D 900 23.89 53.60 -0.88
CA GLU D 900 22.53 54.05 -0.63
C GLU D 900 22.22 54.06 0.87
N LYS D 901 22.77 53.10 1.60
CA LYS D 901 22.54 53.04 3.04
C LYS D 901 23.32 54.12 3.79
N LEU D 902 24.60 54.23 3.48
CA LEU D 902 25.46 55.22 4.12
C LEU D 902 25.00 56.66 3.86
N MET D 903 24.22 56.84 2.80
CA MET D 903 23.69 58.15 2.40
C MET D 903 22.47 58.60 3.20
N ASN D 904 21.91 57.69 3.99
CA ASN D 904 20.77 58.03 4.82
C ASN D 904 21.17 59.08 5.85
N LYS D 905 20.35 60.12 5.98
CA LYS D 905 20.60 61.18 6.95
C LYS D 905 19.59 61.02 8.07
N ARG D 906 20.09 60.90 9.31
CA ARG D 906 19.21 60.75 10.45
C ARG D 906 18.54 62.11 10.65
N ILE D 907 17.22 62.16 10.54
CA ILE D 907 16.50 63.42 10.70
C ILE D 907 15.42 63.43 11.76
N GLY D 908 15.21 62.29 12.42
CA GLY D 908 14.19 62.24 13.45
C GLY D 908 14.30 61.09 14.43
N TYR D 909 13.34 61.02 15.33
CA TYR D 909 13.31 59.98 16.35
C TYR D 909 11.88 59.73 16.84
N ASP D 910 11.55 58.47 17.06
CA ASP D 910 10.25 58.11 17.59
C ASP D 910 10.51 58.11 19.09
N ASN D 911 9.54 58.57 19.87
CA ASN D 911 9.68 58.59 21.32
C ASN D 911 8.57 57.74 21.89
N PRO D 912 8.93 56.59 22.46
CA PRO D 912 7.97 55.66 23.04
C PRO D 912 7.66 55.93 24.51
N ARG D 913 6.50 55.46 24.95
CA ARG D 913 6.11 55.62 26.33
C ARG D 913 7.05 54.75 27.15
N ARG D 914 7.49 53.65 26.56
CA ARG D 914 8.42 52.74 27.23
C ARG D 914 9.44 52.24 26.20
N GLY D 915 10.70 52.14 26.62
CA GLY D 915 11.75 51.71 25.72
C GLY D 915 12.64 52.88 25.37
N THR D 916 13.52 52.72 24.38
CA THR D 916 14.41 53.81 24.02
C THR D 916 14.05 54.45 22.67
N LEU D 917 14.75 55.53 22.33
CA LEU D 917 14.49 56.24 21.08
C LEU D 917 14.78 55.37 19.87
N SER D 918 13.99 55.52 18.82
CA SER D 918 14.18 54.78 17.58
C SER D 918 14.53 55.83 16.53
N PRO D 919 15.73 55.74 15.94
CA PRO D 919 16.12 56.73 14.92
C PRO D 919 15.36 56.57 13.62
N TYR D 920 15.25 57.66 12.88
CA TYR D 920 14.58 57.67 11.58
C TYR D 920 15.47 58.41 10.58
N PRO D 921 15.86 57.76 9.46
CA PRO D 921 15.54 56.37 9.08
C PRO D 921 16.19 55.41 10.07
N THR D 922 15.69 54.18 10.09
CA THR D 922 16.24 53.14 10.95
C THR D 922 17.65 52.85 10.45
N ASN D 923 17.80 52.82 9.12
CA ASN D 923 19.08 52.52 8.49
C ASN D 923 20.01 53.71 8.28
N SER D 924 19.97 54.69 9.18
CA SER D 924 20.85 55.85 9.01
C SER D 924 22.06 55.82 9.96
N VAL D 925 23.20 56.26 9.46
CA VAL D 925 24.40 56.31 10.28
C VAL D 925 24.21 57.53 11.17
N ARG D 926 24.50 57.37 12.46
CA ARG D 926 24.31 58.45 13.41
C ARG D 926 25.21 59.66 13.26
N GLY D 927 26.50 59.44 13.01
CA GLY D 927 27.40 60.57 12.89
C GLY D 927 28.34 60.65 11.70
N LYS D 928 29.60 60.93 11.98
CA LYS D 928 30.62 61.09 10.94
C LYS D 928 31.15 59.77 10.38
N ILE D 929 31.41 59.76 9.08
CA ILE D 929 31.92 58.56 8.44
C ILE D 929 33.29 58.79 7.80
N ILE D 930 34.10 57.74 7.82
CA ILE D 930 35.41 57.81 7.22
C ILE D 930 35.66 56.44 6.58
N ALA D 931 36.31 56.44 5.42
CA ALA D 931 36.56 55.20 4.71
C ALA D 931 38.05 54.94 4.48
N ILE D 932 38.43 53.67 4.56
CA ILE D 932 39.81 53.27 4.35
C ILE D 932 39.86 52.37 3.13
N THR D 933 40.83 52.59 2.25
CA THR D 933 40.97 51.78 1.06
C THR D 933 42.45 51.56 0.78
N ASN D 934 42.76 50.58 -0.05
CA ASN D 934 44.15 50.33 -0.39
C ASN D 934 44.24 49.83 -1.82
N GLU D 935 45.47 49.52 -2.24
CA GLU D 935 45.70 49.09 -3.60
C GLU D 935 45.02 47.76 -3.91
N TYR D 936 44.58 47.05 -2.89
CA TYR D 936 43.91 45.77 -3.08
C TYR D 936 42.40 45.87 -3.21
N ALA D 937 41.86 47.09 -3.17
CA ALA D 937 40.43 47.27 -3.37
C ALA D 937 40.37 47.62 -4.85
N GLY D 938 39.42 47.03 -5.57
CA GLY D 938 39.33 47.30 -7.00
C GLY D 938 38.00 47.00 -7.66
N SER D 939 37.86 47.43 -8.91
CA SER D 939 36.67 47.22 -9.71
C SER D 939 35.49 47.94 -9.06
N ASP D 940 34.44 47.21 -8.70
CA ASP D 940 33.28 47.85 -8.05
C ASP D 940 33.85 48.46 -6.78
N GLY D 941 34.98 47.90 -6.31
CA GLY D 941 35.65 48.46 -5.14
C GLY D 941 36.23 49.82 -5.47
N ASP D 942 36.56 50.06 -6.75
CA ASP D 942 37.11 51.34 -7.18
C ASP D 942 35.96 52.35 -7.18
N ILE D 943 34.83 51.90 -7.73
CA ILE D 943 33.64 52.70 -7.85
C ILE D 943 33.13 53.16 -6.49
N PHE D 944 33.19 52.28 -5.49
CA PHE D 944 32.75 52.65 -4.15
C PHE D 944 33.65 53.76 -3.58
N SER D 945 34.96 53.55 -3.67
CA SER D 945 35.93 54.51 -3.19
C SER D 945 35.75 55.88 -3.86
N PHE D 946 35.56 55.88 -5.18
CA PHE D 946 35.37 57.14 -5.92
C PHE D 946 34.06 57.82 -5.50
N SER D 947 32.99 57.03 -5.40
CA SER D 947 31.69 57.56 -5.02
C SER D 947 31.65 58.08 -3.59
N PHE D 948 32.32 57.39 -2.68
CA PHE D 948 32.34 57.81 -1.28
C PHE D 948 32.83 59.26 -1.23
N LYS D 949 33.90 59.55 -1.96
CA LYS D 949 34.45 60.90 -2.01
C LYS D 949 33.54 61.88 -2.74
N LYS D 950 33.11 61.48 -3.93
CA LYS D 950 32.25 62.30 -4.79
C LYS D 950 30.95 62.74 -4.12
N LEU D 951 30.35 61.86 -3.33
CA LEU D 951 29.10 62.18 -2.65
C LEU D 951 29.31 62.87 -1.31
N GLY D 952 30.58 63.08 -0.96
CA GLY D 952 30.88 63.73 0.30
C GLY D 952 30.44 62.98 1.54
N LEU D 953 30.55 61.66 1.54
CA LEU D 953 30.17 60.85 2.68
C LEU D 953 31.20 61.01 3.80
N GLY D 954 32.40 61.42 3.42
CA GLY D 954 33.46 61.61 4.38
C GLY D 954 34.80 61.57 3.69
N LYS D 955 35.86 61.49 4.47
CA LYS D 955 37.22 61.46 3.93
C LYS D 955 37.61 60.05 3.54
N LEU D 956 38.49 59.92 2.56
CA LEU D 956 38.98 58.62 2.12
C LEU D 956 40.47 58.52 2.47
N ILE D 957 40.81 57.52 3.27
CA ILE D 957 42.18 57.29 3.74
C ILE D 957 42.79 55.98 3.22
N GLY D 958 44.11 55.96 3.02
CA GLY D 958 44.78 54.76 2.55
C GLY D 958 45.74 54.96 1.39
N THR D 959 45.66 54.06 0.40
CA THR D 959 46.51 54.17 -0.78
C THR D 959 45.64 53.97 -2.01
N ARG D 960 46.12 54.51 -3.15
CA ARG D 960 45.39 54.43 -4.41
C ARG D 960 44.92 53.01 -4.77
N THR D 961 43.65 52.91 -5.15
CA THR D 961 43.03 51.64 -5.50
C THR D 961 43.56 51.01 -6.79
N TRP D 962 43.15 49.78 -7.06
CA TRP D 962 43.57 48.97 -8.21
C TRP D 962 43.38 49.65 -9.58
N GLY D 963 42.28 50.38 -9.74
CA GLY D 963 42.03 51.07 -10.99
C GLY D 963 41.60 50.20 -12.16
N GLY D 964 40.64 49.32 -11.93
CA GLY D 964 40.15 48.48 -13.00
C GLY D 964 38.65 48.59 -13.02
N VAL D 965 38.10 49.37 -13.96
CA VAL D 965 36.65 49.54 -14.01
C VAL D 965 35.93 49.28 -15.33
N VAL D 966 36.40 48.32 -16.09
CA VAL D 966 35.72 47.96 -17.34
C VAL D 966 35.17 46.57 -17.04
N GLY D 967 33.87 46.51 -16.74
CA GLY D 967 33.22 45.26 -16.38
C GLY D 967 33.14 44.16 -17.41
N ILE D 968 32.74 42.98 -16.96
CA ILE D 968 32.63 41.81 -17.83
C ILE D 968 31.34 41.06 -17.56
N THR D 969 30.89 40.35 -18.59
CA THR D 969 29.70 39.51 -18.53
C THR D 969 29.95 38.39 -19.53
N PRO D 970 30.77 37.39 -19.16
CA PRO D 970 31.05 36.30 -20.08
C PRO D 970 29.82 35.46 -20.43
N LYS D 971 29.68 35.10 -21.70
CA LYS D 971 28.56 34.28 -22.10
C LYS D 971 28.97 33.10 -22.96
N ARG D 972 30.28 32.97 -23.19
CA ARG D 972 30.80 31.86 -23.97
C ARG D 972 32.05 31.21 -23.37
N ARG D 973 32.10 29.89 -23.41
CA ARG D 973 33.23 29.13 -22.90
C ARG D 973 33.95 28.47 -24.06
N LEU D 974 35.23 28.18 -23.91
CA LEU D 974 35.96 27.49 -24.99
C LEU D 974 35.51 26.03 -24.96
N ILE D 975 35.88 25.27 -25.98
CA ILE D 975 35.48 23.86 -26.07
C ILE D 975 35.94 23.02 -24.89
N ASP D 976 36.96 23.46 -24.17
CA ASP D 976 37.43 22.70 -23.02
C ASP D 976 36.87 23.25 -21.71
N GLY D 977 35.84 24.09 -21.81
CA GLY D 977 35.23 24.65 -20.61
C GLY D 977 35.75 25.99 -20.10
N THR D 978 36.91 26.43 -20.61
CA THR D 978 37.52 27.69 -20.21
C THR D 978 36.55 28.88 -20.34
N VAL D 979 36.50 29.71 -19.31
CA VAL D 979 35.67 30.92 -19.37
C VAL D 979 36.60 32.12 -19.53
N LEU D 980 36.60 32.72 -20.71
CA LEU D 980 37.43 33.91 -20.95
C LEU D 980 36.57 35.11 -20.66
N THR D 981 37.17 36.21 -20.24
CA THR D 981 36.40 37.42 -19.95
C THR D 981 36.94 38.54 -20.84
N GLN D 982 36.07 39.45 -21.24
CA GLN D 982 36.47 40.55 -22.10
C GLN D 982 35.94 41.85 -21.49
N PRO D 983 36.82 42.86 -21.32
CA PRO D 983 36.39 44.14 -20.76
C PRO D 983 35.39 44.75 -21.74
N GLU D 984 34.11 44.52 -21.44
CA GLU D 984 33.00 44.92 -22.29
C GLU D 984 32.13 46.10 -21.83
N PHE D 985 32.21 46.46 -20.55
CA PHE D 985 31.40 47.55 -20.02
C PHE D 985 32.25 48.60 -19.31
N ALA D 986 32.69 49.62 -20.04
CA ALA D 986 33.53 50.65 -19.46
C ALA D 986 32.76 51.61 -18.58
N PHE D 987 33.22 51.78 -17.33
CA PHE D 987 32.53 52.70 -16.43
C PHE D 987 32.96 54.14 -16.64
N TRP D 988 31.98 55.02 -16.64
CA TRP D 988 32.20 56.44 -16.85
C TRP D 988 31.59 57.22 -15.71
N PHE D 989 32.38 58.11 -15.11
CA PHE D 989 31.88 58.93 -14.02
C PHE D 989 31.60 60.33 -14.53
N ARG D 990 30.56 60.95 -13.98
CA ARG D 990 30.22 62.30 -14.34
C ARG D 990 31.45 63.08 -13.87
N ASP D 991 31.96 63.97 -14.70
CA ASP D 991 33.13 64.80 -14.37
C ASP D 991 34.49 64.12 -14.59
N ALA D 992 34.63 62.89 -14.14
CA ALA D 992 35.90 62.18 -14.27
C ALA D 992 36.04 61.34 -15.54
N GLY D 993 34.93 61.05 -16.19
CA GLY D 993 34.97 60.25 -17.40
C GLY D 993 35.43 58.82 -17.20
N PHE D 994 36.22 58.31 -18.14
CA PHE D 994 36.72 56.96 -18.06
C PHE D 994 38.05 56.91 -17.33
N GLY D 995 38.46 58.05 -16.79
CA GLY D 995 39.74 58.17 -16.10
C GLY D 995 40.06 57.29 -14.91
N VAL D 996 39.11 56.54 -14.38
CA VAL D 996 39.41 55.69 -13.25
C VAL D 996 40.15 54.45 -13.75
N GLU D 997 39.81 54.02 -14.95
CA GLU D 997 40.43 52.85 -15.58
C GLU D 997 41.95 53.02 -15.77
N ASN D 998 42.70 52.06 -15.24
CA ASN D 998 44.16 52.04 -15.33
C ASN D 998 44.83 53.07 -14.45
N TYR D 999 44.16 53.47 -13.39
CA TYR D 999 44.72 54.44 -12.48
C TYR D 999 44.26 54.14 -11.05
N GLY D 1000 42.96 54.31 -10.81
CA GLY D 1000 42.42 54.05 -9.50
C GLY D 1000 41.84 55.30 -8.87
N VAL D 1001 41.70 55.27 -7.55
CA VAL D 1001 41.13 56.39 -6.80
C VAL D 1001 42.12 56.84 -5.70
N ASP D 1002 42.53 58.10 -5.76
CA ASP D 1002 43.44 58.65 -4.76
C ASP D 1002 42.64 58.99 -3.51
N PRO D 1003 43.18 58.65 -2.33
CA PRO D 1003 42.44 58.97 -1.10
C PRO D 1003 42.66 60.46 -0.81
N ASP D 1004 41.86 61.01 0.10
CA ASP D 1004 42.02 62.41 0.48
C ASP D 1004 43.32 62.56 1.26
N VAL D 1005 43.68 61.51 2.00
CA VAL D 1005 44.92 61.50 2.78
C VAL D 1005 45.63 60.18 2.52
N GLU D 1006 46.79 60.24 1.88
CA GLU D 1006 47.57 59.05 1.58
C GLU D 1006 48.36 58.59 2.81
N ILE D 1007 48.08 57.36 3.24
CA ILE D 1007 48.77 56.78 4.40
C ILE D 1007 49.32 55.41 4.00
N GLU D 1008 50.62 55.37 3.71
CA GLU D 1008 51.27 54.14 3.33
C GLU D 1008 51.25 53.17 4.51
N TYR D 1009 51.42 51.89 4.20
CA TYR D 1009 51.49 50.84 5.21
C TYR D 1009 52.83 50.22 4.84
N ALA D 1010 53.89 50.80 5.41
CA ALA D 1010 55.26 50.37 5.14
C ALA D 1010 55.68 49.08 5.85
N PRO D 1011 56.75 48.44 5.36
CA PRO D 1011 57.26 47.20 5.95
C PRO D 1011 57.59 47.37 7.44
N HIS D 1012 58.14 48.52 7.80
CA HIS D 1012 58.48 48.77 9.20
C HIS D 1012 57.22 48.90 10.05
N ASP D 1013 56.11 49.28 9.42
CA ASP D 1013 54.84 49.40 10.14
C ASP D 1013 54.41 47.99 10.56
N TYR D 1014 54.49 47.05 9.62
CA TYR D 1014 54.16 45.66 9.91
C TYR D 1014 55.15 45.11 10.96
N LEU D 1015 56.41 45.53 10.86
CA LEU D 1015 57.42 45.08 11.81
C LEU D 1015 57.14 45.54 13.25
N SER D 1016 56.49 46.70 13.39
CA SER D 1016 56.18 47.23 14.71
C SER D 1016 54.82 46.79 15.23
N GLY D 1017 54.06 46.11 14.38
CA GLY D 1017 52.74 45.65 14.79
C GLY D 1017 51.69 46.76 14.78
N LYS D 1018 51.94 47.81 14.02
CA LYS D 1018 51.00 48.92 13.93
C LYS D 1018 50.33 49.01 12.56
N ASP D 1019 49.04 49.32 12.57
CA ASP D 1019 48.28 49.50 11.32
C ASP D 1019 48.09 51.01 11.26
N PRO D 1020 48.99 51.71 10.57
CA PRO D 1020 48.92 53.16 10.45
C PRO D 1020 47.64 53.66 9.79
N GLN D 1021 47.10 52.86 8.88
CA GLN D 1021 45.89 53.26 8.18
C GLN D 1021 44.68 53.30 9.11
N ILE D 1022 44.44 52.24 9.87
CA ILE D 1022 43.30 52.25 10.77
C ILE D 1022 43.51 53.30 11.87
N ASP D 1023 44.76 53.43 12.35
CA ASP D 1023 45.06 54.41 13.39
C ASP D 1023 44.74 55.84 12.95
N TYR D 1024 45.10 56.19 11.71
CA TYR D 1024 44.82 57.52 11.21
C TYR D 1024 43.32 57.75 11.13
N ALA D 1025 42.60 56.76 10.62
CA ALA D 1025 41.17 56.85 10.50
C ALA D 1025 40.50 57.09 11.84
N ILE D 1026 40.93 56.33 12.86
CA ILE D 1026 40.37 56.49 14.21
C ILE D 1026 40.67 57.88 14.76
N ASP D 1027 41.93 58.28 14.64
CA ASP D 1027 42.38 59.58 15.13
C ASP D 1027 41.69 60.72 14.40
N ALA D 1028 41.65 60.65 13.07
CA ALA D 1028 41.00 61.68 12.27
C ALA D 1028 39.54 61.83 12.71
N LEU D 1029 38.87 60.71 12.96
CA LEU D 1029 37.47 60.78 13.39
C LEU D 1029 37.33 61.36 14.79
N ILE D 1030 38.24 61.00 15.68
CA ILE D 1030 38.21 61.53 17.04
C ILE D 1030 38.31 63.05 16.96
N GLU D 1031 39.18 63.52 16.08
CA GLU D 1031 39.38 64.96 15.89
C GLU D 1031 38.09 65.60 15.40
N GLU D 1032 37.52 65.07 14.32
CA GLU D 1032 36.28 65.58 13.75
C GLU D 1032 35.15 65.60 14.77
N LEU D 1033 35.11 64.59 15.63
CA LEU D 1033 34.08 64.46 16.65
C LEU D 1033 34.18 65.44 17.82
N ARG D 1034 35.31 66.14 17.93
CA ARG D 1034 35.48 67.11 19.01
C ARG D 1034 34.38 68.17 18.92
N ASN D 1035 33.99 68.51 17.69
CA ASN D 1035 32.94 69.51 17.47
C ASN D 1035 32.05 69.11 16.30
N MET E 13 -22.86 -65.55 19.15
CA MET E 13 -23.14 -64.13 18.76
C MET E 13 -24.11 -64.08 17.57
N PRO E 14 -25.40 -64.31 17.83
CA PRO E 14 -26.44 -64.30 16.80
C PRO E 14 -26.70 -62.91 16.22
N ASN E 15 -27.23 -62.88 15.00
CA ASN E 15 -27.51 -61.62 14.34
C ASN E 15 -28.97 -61.22 14.49
N LEU E 16 -29.27 -59.94 14.28
CA LEU E 16 -30.64 -59.43 14.34
C LEU E 16 -31.21 -59.59 12.93
N LEU E 17 -32.12 -60.55 12.75
CA LEU E 17 -32.71 -60.81 11.43
C LEU E 17 -33.99 -60.01 11.25
N LEU E 18 -34.19 -59.44 10.06
CA LEU E 18 -35.39 -58.65 9.81
C LEU E 18 -35.93 -58.69 8.38
N ASN E 19 -37.16 -58.19 8.25
CA ASN E 19 -37.89 -58.05 6.98
C ASN E 19 -37.75 -59.13 5.93
N PRO E 20 -38.39 -60.28 6.14
CA PRO E 20 -38.31 -61.37 5.17
C PRO E 20 -39.40 -61.37 4.12
N ASP E 21 -39.23 -62.28 3.17
CA ASP E 21 -40.17 -62.54 2.09
C ASP E 21 -39.92 -64.01 1.83
N ILE E 22 -40.83 -64.66 1.11
CA ILE E 22 -40.67 -66.08 0.86
C ILE E 22 -41.22 -66.54 -0.47
N HIS E 23 -40.61 -67.59 -1.00
CA HIS E 23 -41.02 -68.16 -2.26
C HIS E 23 -40.66 -69.65 -2.19
N GLY E 24 -41.66 -70.50 -2.01
CA GLY E 24 -41.40 -71.94 -1.93
C GLY E 24 -40.62 -72.26 -0.67
N ASP E 25 -39.44 -72.85 -0.83
CA ASP E 25 -38.60 -73.18 0.31
C ASP E 25 -37.50 -72.14 0.48
N ARG E 26 -37.59 -71.06 -0.28
CA ARG E 26 -36.57 -70.03 -0.18
C ARG E 26 -37.04 -68.81 0.60
N ILE E 27 -36.22 -68.40 1.57
CA ILE E 27 -36.55 -67.25 2.36
C ILE E 27 -35.42 -66.22 2.24
N ILE E 28 -35.78 -64.96 2.06
CA ILE E 28 -34.79 -63.91 1.99
C ILE E 28 -35.03 -62.96 3.15
N PHE E 29 -33.96 -62.35 3.63
CA PHE E 29 -34.11 -61.46 4.76
C PHE E 29 -32.92 -60.53 4.86
N VAL E 30 -33.02 -59.54 5.73
CA VAL E 30 -31.91 -58.61 5.92
C VAL E 30 -31.12 -58.92 7.19
N CYS E 31 -29.79 -58.83 7.08
CA CYS E 31 -28.89 -59.06 8.21
C CYS E 31 -27.64 -58.24 7.94
N CYS E 32 -27.32 -57.36 8.87
CA CYS E 32 -26.17 -56.48 8.74
C CYS E 32 -26.29 -55.59 7.49
N ASP E 33 -27.52 -55.14 7.21
CA ASP E 33 -27.82 -54.24 6.09
C ASP E 33 -27.77 -54.85 4.70
N ASP E 34 -27.37 -56.11 4.62
CA ASP E 34 -27.23 -56.85 3.36
C ASP E 34 -28.36 -57.88 3.22
N LEU E 35 -28.59 -58.36 2.00
CA LEU E 35 -29.67 -59.33 1.76
C LEU E 35 -29.16 -60.76 1.75
N TRP E 36 -29.83 -61.62 2.49
CA TRP E 36 -29.47 -63.03 2.58
C TRP E 36 -30.61 -63.92 2.11
N GLU E 37 -30.27 -65.15 1.74
CA GLU E 37 -31.24 -66.13 1.31
C GLU E 37 -31.01 -67.43 2.07
N HIS E 38 -32.09 -67.98 2.61
CA HIS E 38 -32.04 -69.22 3.36
C HIS E 38 -32.94 -70.26 2.68
N ASP E 39 -32.43 -71.47 2.52
CA ASP E 39 -33.20 -72.54 1.92
C ASP E 39 -33.66 -73.51 3.00
N LEU E 40 -34.97 -73.56 3.21
CA LEU E 40 -35.57 -74.42 4.23
C LEU E 40 -35.34 -75.91 4.01
N LYS E 41 -35.11 -76.30 2.77
CA LYS E 41 -34.88 -77.72 2.48
C LYS E 41 -33.47 -78.17 2.82
N SER E 42 -32.46 -77.37 2.45
CA SER E 42 -31.09 -77.73 2.74
C SER E 42 -30.57 -77.10 4.03
N GLY E 43 -31.28 -76.09 4.52
CA GLY E 43 -30.88 -75.41 5.75
C GLY E 43 -29.69 -74.47 5.57
N SER E 44 -29.25 -74.28 4.33
CA SER E 44 -28.12 -73.40 4.08
C SER E 44 -28.53 -71.94 3.89
N THR E 45 -27.71 -71.04 4.41
CA THR E 45 -27.95 -69.61 4.33
C THR E 45 -26.80 -68.99 3.54
N ARG E 46 -27.10 -67.95 2.77
CA ARG E 46 -26.09 -67.30 1.95
C ARG E 46 -26.39 -65.82 1.69
N LYS E 47 -25.35 -64.99 1.64
CA LYS E 47 -25.53 -63.56 1.36
C LYS E 47 -25.62 -63.39 -0.17
N ILE E 48 -26.70 -62.81 -0.68
CA ILE E 48 -26.84 -62.64 -2.13
C ILE E 48 -26.56 -61.25 -2.68
N VAL E 49 -26.70 -60.23 -1.85
CA VAL E 49 -26.41 -58.86 -2.27
C VAL E 49 -25.89 -58.07 -1.08
N SER E 50 -24.78 -57.37 -1.29
CA SER E 50 -24.17 -56.59 -0.23
C SER E 50 -23.50 -55.35 -0.79
N ASN E 51 -23.06 -54.49 0.12
CA ASN E 51 -22.35 -53.26 -0.22
C ASN E 51 -23.08 -52.32 -1.20
N LEU E 52 -24.41 -52.27 -1.09
CA LEU E 52 -25.22 -51.37 -1.92
C LEU E 52 -25.64 -50.17 -1.07
N GLY E 53 -25.53 -50.35 0.24
CA GLY E 53 -25.95 -49.34 1.19
C GLY E 53 -26.85 -50.10 2.15
N VAL E 54 -27.80 -49.42 2.79
CA VAL E 54 -28.67 -50.15 3.71
C VAL E 54 -29.99 -50.61 3.11
N ILE E 55 -30.13 -51.92 3.00
CA ILE E 55 -31.34 -52.54 2.45
C ILE E 55 -32.33 -52.76 3.60
N ASN E 56 -33.58 -52.37 3.38
CA ASN E 56 -34.58 -52.55 4.42
C ASN E 56 -35.76 -53.36 3.92
N ASN E 57 -35.80 -53.60 2.61
CA ASN E 57 -36.91 -54.37 2.03
C ASN E 57 -36.46 -55.09 0.75
N ALA E 58 -36.93 -56.32 0.60
CA ALA E 58 -36.63 -57.15 -0.55
C ALA E 58 -37.88 -57.97 -0.87
N ARG E 59 -38.28 -57.95 -2.14
CA ARG E 59 -39.47 -58.68 -2.57
C ARG E 59 -39.29 -59.55 -3.80
N PHE E 60 -39.62 -60.83 -3.68
CA PHE E 60 -39.53 -61.73 -4.82
C PHE E 60 -40.55 -61.30 -5.88
N PHE E 61 -40.24 -61.53 -7.13
CA PHE E 61 -41.20 -61.29 -8.20
C PHE E 61 -42.06 -62.57 -8.16
N PRO E 62 -43.23 -62.57 -8.82
CA PRO E 62 -44.08 -63.77 -8.81
C PRO E 62 -43.40 -65.11 -9.14
N ASP E 63 -42.56 -65.13 -10.16
CA ASP E 63 -41.89 -66.38 -10.50
C ASP E 63 -40.67 -66.65 -9.62
N GLY E 64 -40.45 -65.79 -8.62
CA GLY E 64 -39.34 -65.95 -7.71
C GLY E 64 -37.97 -65.93 -8.35
N ARG E 65 -37.91 -65.51 -9.61
CA ARG E 65 -36.64 -65.47 -10.32
C ARG E 65 -35.87 -64.20 -10.04
N LYS E 66 -36.58 -63.08 -9.97
CA LYS E 66 -35.96 -61.80 -9.72
C LYS E 66 -36.44 -61.24 -8.39
N ILE E 67 -35.65 -60.32 -7.84
CA ILE E 67 -35.98 -59.71 -6.55
C ILE E 67 -35.85 -58.20 -6.62
N ALA E 68 -36.89 -57.49 -6.20
CA ALA E 68 -36.86 -56.04 -6.19
C ALA E 68 -36.33 -55.64 -4.82
N ILE E 69 -35.35 -54.75 -4.81
CA ILE E 69 -34.71 -54.32 -3.56
C ILE E 69 -34.67 -52.81 -3.32
N ARG E 70 -35.10 -52.38 -2.14
CA ARG E 70 -35.05 -50.96 -1.78
C ARG E 70 -33.79 -50.76 -0.95
N VAL E 71 -33.01 -49.75 -1.31
CA VAL E 71 -31.80 -49.49 -0.56
C VAL E 71 -31.69 -48.00 -0.27
N MET E 72 -31.14 -47.69 0.90
CA MET E 72 -30.97 -46.33 1.34
C MET E 72 -29.50 -45.94 1.33
N ARG E 73 -29.24 -44.66 1.09
CA ARG E 73 -27.88 -44.13 1.09
C ARG E 73 -27.86 -42.74 1.72
N GLY E 74 -26.66 -42.21 1.93
CA GLY E 74 -26.49 -40.92 2.59
C GLY E 74 -26.19 -41.28 4.03
N SER E 75 -25.39 -40.49 4.74
CA SER E 75 -25.04 -40.83 6.12
C SER E 75 -26.25 -41.13 7.01
N SER E 76 -27.29 -40.31 6.90
CA SER E 76 -28.51 -40.49 7.67
C SER E 76 -29.59 -41.28 6.93
N LEU E 77 -29.22 -41.93 5.84
CA LEU E 77 -30.16 -42.73 5.06
C LEU E 77 -31.33 -41.87 4.62
N ASN E 78 -31.03 -40.65 4.20
CA ASN E 78 -32.07 -39.73 3.75
C ASN E 78 -32.46 -39.91 2.27
N THR E 79 -31.83 -40.87 1.58
CA THR E 79 -32.15 -41.12 0.18
C THR E 79 -32.34 -42.61 -0.09
N ALA E 80 -33.19 -42.91 -1.08
CA ALA E 80 -33.49 -44.29 -1.44
C ALA E 80 -33.78 -44.44 -2.93
N ASP E 81 -33.57 -45.67 -3.41
CA ASP E 81 -33.83 -46.01 -4.80
C ASP E 81 -33.86 -47.55 -4.88
N LEU E 82 -34.51 -48.06 -5.92
CA LEU E 82 -34.68 -49.49 -6.10
C LEU E 82 -33.73 -50.16 -7.07
N TYR E 83 -33.42 -51.41 -6.76
CA TYR E 83 -32.55 -52.26 -7.56
C TYR E 83 -33.24 -53.58 -7.80
N PHE E 84 -32.79 -54.27 -8.83
CA PHE E 84 -33.28 -55.60 -9.18
C PHE E 84 -32.10 -56.52 -9.05
N TYR E 85 -32.34 -57.70 -8.50
CA TYR E 85 -31.30 -58.71 -8.35
C TYR E 85 -31.79 -59.93 -9.09
N ASN E 86 -30.98 -60.44 -10.00
CA ASN E 86 -31.33 -61.62 -10.77
C ASN E 86 -30.60 -62.84 -10.22
N GLY E 87 -31.36 -63.73 -9.59
CA GLY E 87 -30.78 -64.94 -9.02
C GLY E 87 -30.15 -65.88 -10.04
N GLU E 88 -30.60 -65.78 -11.28
CA GLU E 88 -30.10 -66.62 -12.36
C GLU E 88 -28.63 -66.37 -12.73
N ASN E 89 -28.28 -65.11 -12.96
CA ASN E 89 -26.92 -64.73 -13.34
C ASN E 89 -26.18 -63.92 -12.28
N GLY E 90 -26.88 -63.54 -11.22
CA GLY E 90 -26.25 -62.76 -10.18
C GLY E 90 -26.07 -61.31 -10.62
N GLU E 91 -26.91 -60.87 -11.55
CA GLU E 91 -26.84 -59.50 -12.05
C GLU E 91 -27.57 -58.56 -11.10
N ILE E 92 -26.97 -57.41 -10.82
CA ILE E 92 -27.60 -56.42 -9.95
C ILE E 92 -27.79 -55.19 -10.81
N LYS E 93 -28.91 -54.49 -10.64
CA LYS E 93 -29.18 -53.33 -11.47
C LYS E 93 -30.07 -52.30 -10.79
N ARG E 94 -29.61 -51.05 -10.80
CA ARG E 94 -30.40 -49.95 -10.22
C ARG E 94 -31.55 -49.71 -11.19
N ILE E 95 -32.78 -49.64 -10.66
CA ILE E 95 -33.96 -49.43 -11.48
C ILE E 95 -34.51 -48.01 -11.40
N THR E 96 -34.43 -47.40 -10.22
CA THR E 96 -34.94 -46.03 -10.07
C THR E 96 -33.83 -45.01 -9.78
N TYR E 97 -34.00 -43.82 -10.35
CA TYR E 97 -33.07 -42.73 -10.14
C TYR E 97 -33.86 -41.53 -9.64
N PHE E 98 -34.72 -41.78 -8.66
CA PHE E 98 -35.56 -40.74 -8.07
C PHE E 98 -34.90 -40.11 -6.85
N SER E 99 -34.00 -40.84 -6.20
CA SER E 99 -33.36 -40.36 -4.98
C SER E 99 -34.49 -39.91 -4.06
N GLY E 100 -35.46 -40.80 -3.84
CA GLY E 100 -36.59 -40.49 -2.99
C GLY E 100 -36.21 -40.17 -1.55
N LYS E 101 -36.92 -39.21 -0.94
CA LYS E 101 -36.63 -38.83 0.42
C LYS E 101 -37.07 -39.94 1.37
N SER E 102 -36.33 -40.08 2.46
CA SER E 102 -36.63 -41.14 3.40
C SER E 102 -36.27 -40.73 4.83
N THR E 103 -37.08 -41.21 5.77
CA THR E 103 -36.85 -41.02 7.21
C THR E 103 -37.20 -42.37 7.82
N GLY E 104 -36.72 -42.64 9.04
CA GLY E 104 -37.03 -43.92 9.66
C GLY E 104 -38.53 -44.21 9.78
N ARG E 105 -39.32 -43.16 10.04
CA ARG E 105 -40.75 -43.34 10.20
C ARG E 105 -41.53 -43.30 8.88
N ARG E 106 -40.87 -42.89 7.80
CA ARG E 106 -41.49 -42.85 6.50
C ARG E 106 -40.44 -43.22 5.44
N MET E 107 -40.20 -44.52 5.30
CA MET E 107 -39.23 -45.02 4.33
C MET E 107 -39.92 -45.20 2.98
N PHE E 108 -40.14 -44.08 2.31
CA PHE E 108 -40.83 -44.05 1.03
C PHE E 108 -40.01 -44.41 -0.19
N THR E 109 -40.71 -44.65 -1.29
CA THR E 109 -40.17 -45.10 -2.56
C THR E 109 -39.78 -46.54 -2.29
N ASP E 110 -40.76 -47.44 -2.46
CA ASP E 110 -40.57 -48.85 -2.16
C ASP E 110 -41.43 -49.72 -3.07
N VAL E 111 -41.35 -51.02 -2.86
CA VAL E 111 -42.14 -51.98 -3.62
C VAL E 111 -43.56 -51.98 -3.04
N ALA E 112 -44.56 -51.85 -3.91
CA ALA E 112 -45.93 -51.85 -3.43
C ALA E 112 -46.67 -53.17 -3.73
N GLY E 113 -46.25 -53.88 -4.77
CA GLY E 113 -46.88 -55.13 -5.12
C GLY E 113 -46.55 -55.47 -6.57
N PHE E 114 -47.13 -56.54 -7.10
CA PHE E 114 -46.88 -56.95 -8.47
C PHE E 114 -48.23 -57.22 -9.14
N ASP E 115 -48.44 -56.72 -10.35
CA ASP E 115 -49.71 -56.93 -11.03
C ASP E 115 -49.85 -58.33 -11.59
N PRO E 116 -51.06 -58.68 -12.09
CA PRO E 116 -51.30 -60.02 -12.67
C PRO E 116 -50.32 -60.42 -13.76
N ASP E 117 -49.70 -59.45 -14.43
CA ASP E 117 -48.74 -59.77 -15.48
C ASP E 117 -47.30 -59.95 -14.99
N GLY E 118 -47.09 -59.77 -13.69
CA GLY E 118 -45.76 -59.94 -13.13
C GLY E 118 -44.95 -58.66 -13.18
N ASN E 119 -45.60 -57.53 -13.38
CA ASN E 119 -44.91 -56.25 -13.42
C ASN E 119 -44.84 -55.66 -12.03
N LEU E 120 -43.71 -55.06 -11.72
CA LEU E 120 -43.47 -54.43 -10.44
C LEU E 120 -44.27 -53.15 -10.30
N ILE E 121 -44.96 -53.01 -9.18
CA ILE E 121 -45.70 -51.80 -8.91
C ILE E 121 -44.98 -51.10 -7.76
N ILE E 122 -44.59 -49.86 -7.94
CA ILE E 122 -43.92 -49.16 -6.86
C ILE E 122 -44.77 -48.03 -6.31
N SER E 123 -44.41 -47.64 -5.10
CA SER E 123 -45.04 -46.56 -4.39
C SER E 123 -43.94 -45.50 -4.20
N THR E 124 -44.22 -44.26 -4.60
CA THR E 124 -43.23 -43.19 -4.43
C THR E 124 -43.82 -41.80 -4.55
N ASP E 125 -43.26 -40.88 -3.78
CA ASP E 125 -43.67 -39.49 -3.76
C ASP E 125 -42.66 -38.66 -4.54
N ALA E 126 -41.69 -39.33 -5.16
CA ALA E 126 -40.63 -38.66 -5.90
C ALA E 126 -41.11 -37.63 -6.92
N MET E 127 -42.25 -37.89 -7.55
CA MET E 127 -42.79 -36.94 -8.53
C MET E 127 -44.02 -36.23 -8.02
N GLN E 128 -44.18 -36.17 -6.71
CA GLN E 128 -45.36 -35.52 -6.16
C GLN E 128 -45.00 -34.31 -5.34
N PRO E 129 -45.96 -33.38 -5.18
CA PRO E 129 -45.66 -32.20 -4.39
C PRO E 129 -45.60 -32.42 -2.87
N PHE E 130 -45.87 -33.64 -2.40
CA PHE E 130 -45.82 -33.96 -0.97
C PHE E 130 -45.26 -35.35 -0.72
N SER E 131 -44.50 -35.52 0.36
CA SER E 131 -43.93 -36.82 0.67
C SER E 131 -45.03 -37.85 0.97
N SER E 132 -46.17 -37.41 1.51
CA SER E 132 -47.26 -38.33 1.81
C SER E 132 -47.99 -38.82 0.57
N MET E 133 -47.71 -38.20 -0.58
CA MET E 133 -48.36 -38.65 -1.82
C MET E 133 -47.54 -39.73 -2.48
N THR E 134 -47.45 -40.89 -1.83
CA THR E 134 -46.71 -42.00 -2.40
C THR E 134 -47.62 -42.70 -3.41
N CYS E 135 -47.60 -42.23 -4.64
CA CYS E 135 -48.44 -42.77 -5.68
C CYS E 135 -47.90 -44.05 -6.29
N LEU E 136 -48.83 -44.83 -6.83
CA LEU E 136 -48.54 -46.11 -7.47
C LEU E 136 -48.19 -45.95 -8.94
N TYR E 137 -47.19 -46.69 -9.38
CA TYR E 137 -46.76 -46.64 -10.78
C TYR E 137 -46.33 -48.04 -11.18
N ARG E 138 -46.62 -48.42 -12.42
CA ARG E 138 -46.18 -49.71 -12.94
C ARG E 138 -44.80 -49.45 -13.56
N VAL E 139 -43.81 -50.21 -13.12
CA VAL E 139 -42.48 -50.07 -13.67
C VAL E 139 -42.40 -50.84 -14.98
N GLU E 140 -41.93 -50.19 -16.03
CA GLU E 140 -41.80 -50.84 -17.32
C GLU E 140 -40.37 -50.74 -17.83
N ASN E 141 -39.98 -51.70 -18.64
CA ASN E 141 -38.65 -51.74 -19.25
C ASN E 141 -37.51 -51.44 -18.28
N ASP E 142 -37.56 -52.13 -17.15
CA ASP E 142 -36.56 -51.98 -16.08
C ASP E 142 -36.30 -50.55 -15.67
N GLY E 143 -37.35 -49.74 -15.60
CA GLY E 143 -37.17 -48.36 -15.18
C GLY E 143 -37.06 -47.31 -16.26
N ILE E 144 -37.21 -47.70 -17.51
CA ILE E 144 -37.14 -46.76 -18.62
C ILE E 144 -38.35 -45.85 -18.55
N ASN E 145 -39.46 -46.40 -18.05
CA ASN E 145 -40.72 -45.68 -18.03
C ASN E 145 -41.56 -46.06 -16.79
N PHE E 146 -42.40 -45.14 -16.32
CA PHE E 146 -43.26 -45.39 -15.17
C PHE E 146 -44.69 -44.98 -15.51
N VAL E 147 -45.61 -45.92 -15.37
CA VAL E 147 -47.01 -45.64 -15.69
C VAL E 147 -47.82 -45.55 -14.40
N PRO E 148 -48.46 -44.39 -14.17
CA PRO E 148 -49.30 -44.14 -12.98
C PRO E 148 -50.61 -44.92 -12.98
N LEU E 149 -50.95 -45.49 -11.82
CA LEU E 149 -52.19 -46.25 -11.71
C LEU E 149 -53.32 -45.30 -11.31
N ASN E 150 -52.95 -44.10 -10.89
CA ASN E 150 -53.92 -43.09 -10.48
C ASN E 150 -54.91 -43.60 -9.43
N LEU E 151 -54.41 -44.28 -8.40
CA LEU E 151 -55.31 -44.80 -7.38
C LEU E 151 -55.18 -43.99 -6.10
N GLY E 152 -54.42 -42.89 -6.17
CA GLY E 152 -54.22 -42.05 -4.99
C GLY E 152 -53.03 -42.56 -4.18
N PRO E 153 -52.67 -41.86 -3.09
CA PRO E 153 -51.52 -42.34 -2.30
C PRO E 153 -51.80 -43.72 -1.71
N ALA E 154 -50.78 -44.58 -1.73
CA ALA E 154 -50.91 -45.94 -1.23
C ALA E 154 -49.55 -46.58 -0.93
N THR E 155 -49.57 -47.56 -0.03
CA THR E 155 -48.35 -48.24 0.36
C THR E 155 -48.29 -49.64 -0.26
N HIS E 156 -49.42 -50.33 -0.26
CA HIS E 156 -49.50 -51.67 -0.85
C HIS E 156 -50.67 -51.81 -1.82
N ILE E 157 -50.51 -52.71 -2.78
CA ILE E 157 -51.57 -53.02 -3.72
C ILE E 157 -51.49 -54.53 -3.97
N LEU E 158 -52.63 -55.20 -3.87
CA LEU E 158 -52.69 -56.64 -4.07
C LEU E 158 -53.80 -56.87 -5.08
N PHE E 159 -53.74 -58.00 -5.78
CA PHE E 159 -54.77 -58.30 -6.76
C PHE E 159 -55.40 -59.64 -6.41
N ALA E 160 -56.72 -59.62 -6.27
CA ALA E 160 -57.45 -60.84 -5.92
C ALA E 160 -58.74 -60.97 -6.71
N ASP E 161 -58.93 -62.14 -7.30
CA ASP E 161 -60.12 -62.43 -8.08
C ASP E 161 -60.43 -61.29 -9.06
N GLY E 162 -59.42 -60.82 -9.75
CA GLY E 162 -59.64 -59.77 -10.73
C GLY E 162 -59.74 -58.36 -10.20
N ARG E 163 -59.77 -58.18 -8.88
CA ARG E 163 -59.87 -56.83 -8.35
C ARG E 163 -58.64 -56.35 -7.59
N ARG E 164 -58.53 -55.03 -7.47
CA ARG E 164 -57.39 -54.43 -6.78
C ARG E 164 -57.65 -54.16 -5.31
N VAL E 165 -56.67 -54.51 -4.49
CA VAL E 165 -56.75 -54.31 -3.05
C VAL E 165 -55.72 -53.24 -2.70
N ILE E 166 -56.18 -52.16 -2.06
CA ILE E 166 -55.28 -51.09 -1.73
C ILE E 166 -55.08 -50.85 -0.23
N GLY E 167 -53.81 -50.88 0.17
CA GLY E 167 -53.46 -50.63 1.56
C GLY E 167 -52.91 -49.23 1.67
N ARG E 168 -53.56 -48.40 2.48
CA ARG E 168 -53.14 -47.01 2.68
C ARG E 168 -52.44 -46.84 4.02
N ASN E 169 -51.25 -46.24 3.97
CA ASN E 169 -50.46 -45.98 5.19
C ASN E 169 -50.23 -47.27 5.97
N THR E 170 -50.20 -48.39 5.25
CA THR E 170 -50.05 -49.70 5.84
C THR E 170 -48.61 -50.15 6.12
N PHE E 171 -47.68 -49.20 6.23
CA PHE E 171 -46.30 -49.57 6.56
C PHE E 171 -46.28 -49.69 8.09
N GLU E 172 -45.27 -50.37 8.62
CA GLU E 172 -45.12 -50.55 10.07
C GLU E 172 -44.86 -49.23 10.79
N LEU E 173 -45.33 -49.13 12.03
CA LEU E 173 -45.11 -47.96 12.88
C LEU E 173 -44.50 -48.41 14.21
N PRO E 174 -43.28 -48.97 14.19
CA PRO E 174 -42.66 -49.41 15.45
C PRO E 174 -42.50 -48.30 16.48
N HIS E 175 -42.36 -47.07 16.02
CA HIS E 175 -42.18 -45.93 16.91
C HIS E 175 -43.44 -45.43 17.63
N TRP E 176 -44.59 -46.04 17.37
CA TRP E 176 -45.84 -45.60 18.02
C TRP E 176 -46.83 -46.73 18.21
N LYS E 177 -46.60 -47.55 19.23
CA LYS E 177 -47.49 -48.65 19.51
C LYS E 177 -48.84 -48.07 19.94
N GLY E 178 -49.91 -48.75 19.55
CA GLY E 178 -51.23 -48.30 19.93
C GLY E 178 -51.77 -47.08 19.20
N TYR E 179 -51.12 -46.68 18.11
CA TYR E 179 -51.58 -45.52 17.35
C TYR E 179 -53.02 -45.73 16.88
N ARG E 180 -53.83 -44.70 17.04
CA ARG E 180 -55.25 -44.73 16.67
C ARG E 180 -55.65 -43.43 15.95
N GLY E 181 -54.68 -42.73 15.39
CA GLY E 181 -54.98 -41.48 14.70
C GLY E 181 -55.56 -41.64 13.31
N GLY E 182 -55.89 -40.52 12.69
CA GLY E 182 -56.49 -40.54 11.36
C GLY E 182 -55.65 -41.15 10.26
N THR E 183 -54.34 -41.24 10.47
CA THR E 183 -53.42 -41.78 9.47
C THR E 183 -53.15 -43.28 9.58
N ARG E 184 -53.85 -43.96 10.50
CA ARG E 184 -53.68 -45.39 10.68
C ARG E 184 -53.93 -46.15 9.35
N GLY E 185 -53.19 -47.23 9.15
CA GLY E 185 -53.35 -48.02 7.93
C GLY E 185 -54.79 -48.49 7.74
N LYS E 186 -55.26 -48.43 6.50
CA LYS E 186 -56.61 -48.86 6.16
C LYS E 186 -56.54 -49.62 4.86
N ILE E 187 -57.54 -50.46 4.60
CA ILE E 187 -57.56 -51.26 3.40
C ILE E 187 -58.85 -51.05 2.61
N TRP E 188 -58.70 -50.81 1.31
CA TRP E 188 -59.82 -50.60 0.42
C TRP E 188 -59.81 -51.70 -0.63
N ILE E 189 -60.98 -52.05 -1.17
CA ILE E 189 -61.05 -53.05 -2.22
C ILE E 189 -62.01 -52.63 -3.33
N GLU E 190 -61.69 -53.01 -4.54
CA GLU E 190 -62.52 -52.69 -5.69
C GLU E 190 -63.72 -53.64 -5.64
N VAL E 191 -64.91 -53.13 -5.95
CA VAL E 191 -66.11 -53.97 -5.95
C VAL E 191 -66.77 -53.97 -7.34
N ASN E 192 -66.32 -53.06 -8.19
CA ASN E 192 -66.87 -52.93 -9.54
C ASN E 192 -65.87 -52.17 -10.41
N SER E 193 -65.21 -52.89 -11.33
CA SER E 193 -64.21 -52.32 -12.24
C SER E 193 -64.07 -50.79 -12.19
N GLY E 194 -63.49 -50.30 -11.11
CA GLY E 194 -63.30 -48.87 -10.93
C GLY E 194 -63.96 -48.30 -9.67
N ALA E 195 -64.79 -49.09 -9.00
CA ALA E 195 -65.47 -48.62 -7.78
C ALA E 195 -64.85 -49.28 -6.53
N PHE E 196 -64.44 -48.48 -5.55
CA PHE E 196 -63.78 -48.98 -4.33
C PHE E 196 -64.47 -48.74 -2.99
N LYS E 197 -64.36 -49.74 -2.11
CA LYS E 197 -64.97 -49.69 -0.79
C LYS E 197 -63.95 -49.91 0.32
N LYS E 198 -64.05 -49.13 1.38
CA LYS E 198 -63.11 -49.29 2.50
C LYS E 198 -63.56 -50.51 3.33
N ILE E 199 -62.81 -51.60 3.25
CA ILE E 199 -63.20 -52.82 3.98
C ILE E 199 -62.53 -53.06 5.32
N VAL E 200 -61.36 -52.47 5.56
CA VAL E 200 -60.70 -52.65 6.84
C VAL E 200 -60.30 -51.31 7.42
N ASP E 201 -61.10 -50.87 8.38
CA ASP E 201 -60.92 -49.62 9.08
C ASP E 201 -61.13 -49.94 10.57
N MET E 202 -60.04 -50.23 11.27
CA MET E 202 -60.14 -50.55 12.69
C MET E 202 -59.71 -49.37 13.53
N SER E 203 -59.87 -49.47 14.85
CA SER E 203 -59.49 -48.36 15.70
C SER E 203 -57.97 -48.15 15.67
N THR E 204 -57.23 -49.24 15.56
CA THR E 204 -55.78 -49.16 15.52
C THR E 204 -55.20 -49.23 14.12
N HIS E 205 -53.88 -49.19 14.04
CA HIS E 205 -53.12 -49.21 12.80
C HIS E 205 -52.94 -50.60 12.20
N VAL E 206 -53.30 -50.73 10.91
CA VAL E 206 -53.17 -52.00 10.21
C VAL E 206 -51.91 -51.93 9.37
N SER E 207 -51.08 -52.97 9.41
CA SER E 207 -49.87 -52.94 8.60
C SER E 207 -49.60 -54.26 7.88
N SER E 208 -48.70 -54.18 6.90
CA SER E 208 -48.26 -55.34 6.12
C SER E 208 -49.35 -56.31 5.66
N PRO E 209 -50.32 -55.83 4.87
CA PRO E 209 -51.38 -56.74 4.42
C PRO E 209 -50.87 -57.69 3.33
N VAL E 210 -51.35 -58.93 3.36
CA VAL E 210 -50.98 -59.95 2.38
C VAL E 210 -52.25 -60.74 2.14
N ILE E 211 -52.23 -61.60 1.14
CA ILE E 211 -53.39 -62.44 0.85
C ILE E 211 -53.03 -63.88 0.61
N VAL E 212 -53.72 -64.77 1.31
CA VAL E 212 -53.53 -66.20 1.17
C VAL E 212 -54.94 -66.74 1.01
N GLY E 213 -55.16 -67.51 -0.04
CA GLY E 213 -56.50 -68.04 -0.28
C GLY E 213 -57.37 -66.84 -0.56
N HIS E 214 -58.41 -66.64 0.24
CA HIS E 214 -59.28 -65.50 0.04
C HIS E 214 -59.43 -64.70 1.31
N ARG E 215 -58.34 -64.62 2.06
CA ARG E 215 -58.32 -63.89 3.31
C ARG E 215 -57.19 -62.89 3.24
N ILE E 216 -57.39 -61.74 3.85
CA ILE E 216 -56.37 -60.72 3.90
C ILE E 216 -55.74 -60.85 5.28
N TYR E 217 -54.44 -61.10 5.33
CA TYR E 217 -53.75 -61.19 6.62
C TYR E 217 -52.97 -59.90 6.83
N PHE E 218 -52.94 -59.43 8.07
CA PHE E 218 -52.24 -58.20 8.41
C PHE E 218 -51.93 -58.17 9.90
N ILE E 219 -51.23 -57.12 10.31
CA ILE E 219 -50.86 -56.96 11.71
C ILE E 219 -51.53 -55.75 12.32
N THR E 220 -51.83 -55.83 13.62
CA THR E 220 -52.41 -54.73 14.36
C THR E 220 -52.37 -55.05 15.86
N ASP E 221 -52.50 -54.02 16.69
CA ASP E 221 -52.44 -54.20 18.14
C ASP E 221 -53.70 -53.77 18.85
N ILE E 222 -54.84 -53.97 18.18
CA ILE E 222 -56.14 -53.61 18.72
C ILE E 222 -56.35 -54.16 20.14
N ASP E 223 -55.78 -55.32 20.43
CA ASP E 223 -55.94 -55.93 21.74
C ASP E 223 -54.80 -55.66 22.71
N GLY E 224 -53.94 -54.70 22.39
CA GLY E 224 -52.85 -54.35 23.29
C GLY E 224 -51.45 -54.71 22.87
N PHE E 225 -51.32 -55.59 21.88
CA PHE E 225 -50.01 -56.01 21.43
C PHE E 225 -50.12 -56.37 19.96
N GLY E 226 -48.98 -56.39 19.27
CA GLY E 226 -48.97 -56.73 17.86
C GLY E 226 -49.31 -58.20 17.65
N GLN E 227 -50.20 -58.46 16.69
CA GLN E 227 -50.59 -59.83 16.39
C GLN E 227 -51.01 -59.90 14.93
N ILE E 228 -51.08 -61.12 14.42
CA ILE E 228 -51.49 -61.35 13.05
C ILE E 228 -52.99 -61.63 13.08
N TYR E 229 -53.72 -60.88 12.27
CA TYR E 229 -55.18 -61.04 12.14
C TYR E 229 -55.50 -61.30 10.68
N SER E 230 -56.77 -61.58 10.39
CA SER E 230 -57.18 -61.79 9.02
C SER E 230 -58.68 -61.63 8.89
N THR E 231 -59.12 -61.21 7.71
CA THR E 231 -60.53 -61.03 7.41
C THR E 231 -60.75 -61.56 6.02
N ASP E 232 -62.00 -61.69 5.59
CA ASP E 232 -62.28 -62.14 4.24
C ASP E 232 -62.14 -60.93 3.33
N LEU E 233 -62.30 -61.13 2.02
CA LEU E 233 -62.15 -60.01 1.10
C LEU E 233 -63.19 -58.91 1.25
N ASP E 234 -64.06 -59.06 2.24
CA ASP E 234 -65.08 -58.05 2.48
C ASP E 234 -64.81 -57.33 3.80
N GLY E 235 -63.68 -57.67 4.42
CA GLY E 235 -63.33 -57.05 5.67
C GLY E 235 -64.13 -57.59 6.84
N LYS E 236 -64.81 -58.71 6.61
CA LYS E 236 -65.63 -59.33 7.66
C LYS E 236 -64.94 -60.57 8.22
N ASP E 237 -65.56 -61.18 9.23
CA ASP E 237 -65.05 -62.39 9.87
C ASP E 237 -63.63 -62.22 10.42
N LEU E 238 -63.41 -61.17 11.20
CA LEU E 238 -62.11 -60.91 11.80
C LEU E 238 -61.64 -62.07 12.68
N ARG E 239 -60.40 -62.49 12.48
CA ARG E 239 -59.81 -63.57 13.26
C ARG E 239 -58.43 -63.19 13.78
N LYS E 240 -58.12 -63.63 14.99
CA LYS E 240 -56.84 -63.38 15.63
C LYS E 240 -56.06 -64.70 15.54
N HIS E 241 -54.88 -64.67 14.91
CA HIS E 241 -54.11 -65.90 14.77
C HIS E 241 -52.90 -66.09 15.69
N THR E 242 -52.55 -65.09 16.48
CA THR E 242 -51.38 -65.20 17.35
C THR E 242 -51.57 -64.55 18.71
N SER E 243 -50.77 -64.99 19.67
CA SER E 243 -50.84 -64.44 21.01
C SER E 243 -49.43 -64.14 21.51
N PHE E 244 -48.66 -63.41 20.70
CA PHE E 244 -47.30 -63.01 21.03
C PHE E 244 -47.28 -62.10 22.26
N THR E 245 -46.20 -62.18 23.04
CA THR E 245 -46.08 -61.30 24.20
C THR E 245 -44.66 -60.78 24.39
N ASP E 246 -43.69 -61.33 23.65
CA ASP E 246 -42.31 -60.89 23.77
C ASP E 246 -42.01 -59.66 22.90
N TYR E 247 -42.06 -59.81 21.58
CA TYR E 247 -41.81 -58.67 20.69
C TYR E 247 -42.90 -58.61 19.62
N TYR E 248 -43.14 -57.40 19.10
CA TYR E 248 -44.15 -57.19 18.06
C TYR E 248 -43.77 -57.82 16.74
N PRO E 249 -44.72 -58.51 16.10
CA PRO E 249 -44.44 -59.14 14.81
C PRO E 249 -44.36 -58.03 13.76
N ARG E 250 -43.55 -58.22 12.72
CA ARG E 250 -43.40 -57.19 11.66
C ARG E 250 -43.16 -57.75 10.27
N HIS E 251 -43.50 -56.93 9.28
CA HIS E 251 -43.18 -57.24 7.89
C HIS E 251 -43.71 -58.55 7.33
N LEU E 252 -45.03 -58.70 7.24
CA LEU E 252 -45.59 -59.91 6.67
C LEU E 252 -45.31 -59.93 5.16
N ASN E 253 -45.06 -61.12 4.64
CA ASN E 253 -44.84 -61.35 3.21
C ASN E 253 -45.26 -62.79 2.97
N THR E 254 -45.64 -63.10 1.73
CA THR E 254 -46.13 -64.43 1.38
C THR E 254 -45.89 -64.81 -0.08
N ASP E 255 -46.05 -66.10 -0.37
CA ASP E 255 -45.91 -66.61 -1.72
C ASP E 255 -47.28 -67.18 -2.11
N GLY E 256 -48.28 -66.85 -1.31
CA GLY E 256 -49.62 -67.33 -1.56
C GLY E 256 -49.99 -68.61 -0.82
N ARG E 257 -49.07 -69.15 -0.04
CA ARG E 257 -49.34 -70.37 0.72
C ARG E 257 -48.92 -70.22 2.18
N ARG E 258 -47.68 -69.78 2.40
CA ARG E 258 -47.21 -69.59 3.76
C ARG E 258 -46.85 -68.13 3.98
N ILE E 259 -46.93 -67.69 5.22
CA ILE E 259 -46.61 -66.30 5.53
C ILE E 259 -45.32 -66.23 6.35
N LEU E 260 -44.51 -65.24 6.02
CA LEU E 260 -43.24 -65.01 6.68
C LEU E 260 -43.29 -63.67 7.37
N PHE E 261 -42.52 -63.54 8.45
CA PHE E 261 -42.45 -62.30 9.20
C PHE E 261 -41.27 -62.37 10.17
N SER E 262 -40.88 -61.22 10.71
CA SER E 262 -39.77 -61.15 11.65
C SER E 262 -40.32 -60.69 12.99
N LYS E 263 -39.64 -61.09 14.06
CA LYS E 263 -40.07 -60.74 15.41
C LYS E 263 -38.88 -60.84 16.37
N GLY E 264 -38.53 -59.72 16.99
CA GLY E 264 -37.44 -59.67 17.93
C GLY E 264 -36.11 -60.22 17.42
N GLY E 265 -35.82 -60.00 16.14
CA GLY E 265 -34.55 -60.46 15.61
C GLY E 265 -34.56 -61.84 14.96
N SER E 266 -35.69 -62.54 15.02
CA SER E 266 -35.76 -63.85 14.40
C SER E 266 -36.78 -63.88 13.28
N ILE E 267 -36.63 -64.87 12.41
CA ILE E 267 -37.53 -65.05 11.29
C ILE E 267 -38.47 -66.21 11.60
N TYR E 268 -39.75 -65.98 11.38
CA TYR E 268 -40.77 -67.00 11.63
C TYR E 268 -41.69 -67.22 10.43
N ILE E 269 -42.30 -68.40 10.41
CA ILE E 269 -43.24 -68.76 9.36
C ILE E 269 -44.60 -69.09 9.96
N PHE E 270 -45.65 -68.55 9.35
CA PHE E 270 -47.00 -68.82 9.81
C PHE E 270 -47.70 -69.57 8.68
N ASN E 271 -48.26 -70.73 9.00
CA ASN E 271 -48.99 -71.55 8.03
C ASN E 271 -50.48 -71.34 8.27
N PRO E 272 -51.17 -70.57 7.41
CA PRO E 272 -52.61 -70.32 7.57
C PRO E 272 -53.45 -71.61 7.69
N ASP E 273 -53.04 -72.64 6.97
CA ASP E 273 -53.75 -73.93 7.00
C ASP E 273 -53.81 -74.54 8.39
N THR E 274 -52.67 -74.62 9.05
CA THR E 274 -52.58 -75.22 10.38
C THR E 274 -52.65 -74.18 11.48
N GLU E 275 -52.34 -72.95 11.13
CA GLU E 275 -52.31 -71.86 12.09
C GLU E 275 -51.04 -72.06 12.92
N LYS E 276 -50.14 -72.88 12.40
CA LYS E 276 -48.89 -73.15 13.12
C LYS E 276 -47.80 -72.13 12.83
N ILE E 277 -47.09 -71.72 13.88
CA ILE E 277 -46.01 -70.76 13.77
C ILE E 277 -44.72 -71.46 14.13
N GLU E 278 -43.73 -71.37 13.24
CA GLU E 278 -42.46 -72.01 13.47
C GLU E 278 -41.30 -71.05 13.25
N LYS E 279 -40.34 -71.08 14.17
CA LYS E 279 -39.17 -70.24 14.08
C LYS E 279 -38.21 -70.91 13.12
N ILE E 280 -37.63 -70.11 12.24
CA ILE E 280 -36.65 -70.63 11.27
C ILE E 280 -35.28 -70.57 11.94
N GLU E 281 -34.60 -71.70 12.03
CA GLU E 281 -33.28 -71.75 12.65
C GLU E 281 -32.21 -71.33 11.67
N ILE E 282 -31.64 -70.15 11.89
CA ILE E 282 -30.61 -69.66 10.97
C ILE E 282 -29.22 -69.61 11.58
N GLY E 283 -29.12 -69.28 12.85
CA GLY E 283 -27.79 -69.25 13.47
C GLY E 283 -26.91 -68.06 13.12
N ASP E 284 -25.66 -68.10 13.58
CA ASP E 284 -24.68 -67.05 13.36
C ASP E 284 -24.32 -66.82 11.91
N LEU E 285 -24.58 -65.61 11.43
CA LEU E 285 -24.32 -65.27 10.04
C LEU E 285 -23.08 -64.44 9.76
N GLU E 286 -22.95 -63.33 10.48
CA GLU E 286 -21.84 -62.41 10.27
C GLU E 286 -21.44 -61.69 11.55
N SER E 287 -20.13 -61.56 11.74
CA SER E 287 -19.60 -60.88 12.91
C SER E 287 -18.45 -59.97 12.47
N PRO E 288 -18.77 -58.74 12.04
CA PRO E 288 -17.73 -57.81 11.60
C PRO E 288 -16.80 -57.34 12.71
N GLU E 289 -15.68 -56.75 12.32
CA GLU E 289 -14.69 -56.22 13.25
C GLU E 289 -15.37 -55.23 14.20
N ASP E 290 -15.21 -55.43 15.50
CA ASP E 290 -15.82 -54.56 16.51
C ASP E 290 -15.09 -53.23 16.75
N ARG E 291 -13.77 -53.24 16.64
CA ARG E 291 -12.95 -52.04 16.83
C ARG E 291 -12.93 -51.22 15.54
N ILE E 292 -13.57 -50.07 15.55
CA ILE E 292 -13.65 -49.21 14.37
C ILE E 292 -12.92 -47.87 14.47
N ILE E 293 -12.68 -47.29 13.31
CA ILE E 293 -12.00 -46.01 13.18
C ILE E 293 -12.97 -44.98 12.64
N SER E 294 -12.94 -43.77 13.19
CA SER E 294 -13.82 -42.70 12.73
C SER E 294 -13.07 -41.38 12.55
N ILE E 295 -13.64 -40.51 11.72
CA ILE E 295 -13.04 -39.21 11.47
C ILE E 295 -13.50 -38.26 12.59
N PRO E 296 -12.56 -37.76 13.40
CA PRO E 296 -12.86 -36.85 14.52
C PRO E 296 -13.79 -35.68 14.17
N SER E 297 -13.46 -34.96 13.12
CA SER E 297 -14.24 -33.80 12.70
C SER E 297 -15.71 -34.10 12.45
N LYS E 298 -16.02 -35.32 12.01
CA LYS E 298 -17.39 -35.72 11.72
C LYS E 298 -18.30 -35.85 12.95
N PHE E 299 -17.74 -35.88 14.15
CA PHE E 299 -18.58 -36.02 15.34
C PHE E 299 -18.07 -35.08 16.42
N ALA E 300 -17.35 -34.04 15.98
CA ALA E 300 -16.76 -33.08 16.89
C ALA E 300 -17.76 -32.14 17.52
N GLU E 301 -17.39 -31.63 18.69
CA GLU E 301 -18.21 -30.70 19.44
C GLU E 301 -17.35 -30.09 20.55
N ASP E 302 -17.83 -29.00 21.14
CA ASP E 302 -17.14 -28.34 22.22
C ASP E 302 -15.65 -28.07 22.02
N PHE E 303 -15.27 -27.30 21.01
CA PHE E 303 -13.87 -26.97 20.79
C PHE E 303 -13.57 -25.83 21.75
N SER E 304 -12.39 -25.84 22.36
CA SER E 304 -12.04 -24.79 23.30
C SER E 304 -10.55 -24.59 23.46
N PRO E 305 -10.11 -23.34 23.65
CA PRO E 305 -8.69 -22.99 23.81
C PRO E 305 -8.11 -23.26 25.19
N LEU E 306 -6.90 -23.83 25.24
CA LEU E 306 -6.21 -24.12 26.49
C LEU E 306 -4.94 -23.26 26.57
N ASP E 307 -4.21 -23.35 27.67
CA ASP E 307 -2.98 -22.57 27.80
C ASP E 307 -1.93 -23.13 26.84
N GLY E 308 -0.85 -22.38 26.64
CA GLY E 308 0.22 -22.81 25.76
C GLY E 308 -0.18 -23.02 24.32
N ASP E 309 -1.23 -22.32 23.89
CA ASP E 309 -1.69 -22.44 22.52
C ASP E 309 -2.24 -23.84 22.20
N LEU E 310 -2.66 -24.58 23.22
CA LEU E 310 -3.22 -25.90 22.99
C LEU E 310 -4.73 -25.80 22.89
N ILE E 311 -5.35 -26.86 22.40
CA ILE E 311 -6.79 -26.89 22.24
C ILE E 311 -7.40 -28.18 22.75
N ALA E 312 -8.63 -28.08 23.21
CA ALA E 312 -9.37 -29.23 23.70
C ALA E 312 -10.65 -29.33 22.88
N PHE E 313 -11.08 -30.55 22.63
CA PHE E 313 -12.32 -30.75 21.91
C PHE E 313 -12.88 -32.11 22.24
N VAL E 314 -14.17 -32.26 22.02
CA VAL E 314 -14.86 -33.50 22.29
C VAL E 314 -15.36 -34.07 20.97
N SER E 315 -15.34 -35.39 20.85
CA SER E 315 -15.82 -36.03 19.64
C SER E 315 -16.20 -37.46 19.94
N ARG E 316 -17.45 -37.79 19.61
CA ARG E 316 -17.97 -39.14 19.78
C ARG E 316 -17.81 -39.61 21.24
N GLY E 317 -18.06 -38.70 22.18
CA GLY E 317 -17.97 -39.03 23.59
C GLY E 317 -16.54 -39.07 24.12
N GLN E 318 -15.57 -38.82 23.26
CA GLN E 318 -14.16 -38.82 23.67
C GLN E 318 -13.63 -37.38 23.71
N ALA E 319 -12.65 -37.13 24.57
CA ALA E 319 -12.08 -35.81 24.67
C ALA E 319 -10.62 -35.84 24.27
N PHE E 320 -10.12 -34.72 23.77
CA PHE E 320 -8.74 -34.63 23.32
C PHE E 320 -8.13 -33.27 23.58
N ILE E 321 -6.82 -33.29 23.83
CA ILE E 321 -6.03 -32.10 24.06
C ILE E 321 -5.02 -32.19 22.94
N GLN E 322 -4.86 -31.12 22.16
CA GLN E 322 -3.90 -31.18 21.06
C GLN E 322 -3.33 -29.82 20.66
N ASP E 323 -2.27 -29.84 19.86
CA ASP E 323 -1.70 -28.60 19.37
C ASP E 323 -2.67 -28.22 18.23
N VAL E 324 -2.63 -26.98 17.74
CA VAL E 324 -3.56 -26.59 16.68
C VAL E 324 -3.47 -27.45 15.42
N SER E 325 -2.26 -27.90 15.09
CA SER E 325 -2.03 -28.71 13.90
C SER E 325 -2.50 -30.15 14.01
N GLY E 326 -2.86 -30.56 15.22
CA GLY E 326 -3.31 -31.93 15.42
C GLY E 326 -2.22 -32.97 15.26
N THR E 327 -0.97 -32.57 15.39
CA THR E 327 0.14 -33.52 15.29
C THR E 327 0.43 -34.13 16.68
N TYR E 328 0.29 -33.32 17.73
CA TYR E 328 0.53 -33.77 19.10
C TYR E 328 -0.83 -33.88 19.78
N VAL E 329 -1.36 -35.10 19.85
CA VAL E 329 -2.68 -35.33 20.44
C VAL E 329 -2.70 -36.25 21.65
N LEU E 330 -3.38 -35.82 22.72
CA LEU E 330 -3.52 -36.63 23.92
C LEU E 330 -5.01 -36.92 24.15
N LYS E 331 -5.37 -38.18 24.39
CA LYS E 331 -6.77 -38.53 24.65
C LYS E 331 -7.02 -38.51 26.14
N VAL E 332 -8.12 -37.88 26.57
CA VAL E 332 -8.43 -37.87 27.99
C VAL E 332 -8.75 -39.31 28.40
N PRO E 333 -7.95 -39.89 29.32
CA PRO E 333 -8.14 -41.26 29.79
C PRO E 333 -9.40 -41.54 30.62
N GLU E 334 -10.57 -41.34 30.01
CA GLU E 334 -11.84 -41.56 30.68
C GLU E 334 -12.79 -42.32 29.77
N PRO E 335 -13.61 -43.22 30.32
CA PRO E 335 -14.56 -44.00 29.52
C PRO E 335 -15.62 -43.16 28.82
N LEU E 336 -16.46 -43.83 28.04
CA LEU E 336 -17.48 -43.14 27.27
C LEU E 336 -18.38 -42.09 27.91
N ARG E 337 -18.56 -41.08 27.07
CA ARG E 337 -19.35 -39.86 27.24
C ARG E 337 -18.88 -38.72 28.10
N ILE E 338 -17.82 -38.09 27.60
CA ILE E 338 -17.29 -36.88 28.22
C ILE E 338 -18.16 -35.90 27.44
N ARG E 339 -18.88 -35.03 28.15
CA ARG E 339 -19.77 -34.09 27.48
C ARG E 339 -19.16 -32.72 27.24
N TYR E 340 -18.40 -32.24 28.21
CA TYR E 340 -17.77 -30.93 28.12
C TYR E 340 -16.36 -30.95 28.71
N VAL E 341 -15.49 -30.13 28.12
CA VAL E 341 -14.11 -30.01 28.57
C VAL E 341 -13.80 -28.52 28.67
N ARG E 342 -13.18 -28.11 29.78
CA ARG E 342 -12.88 -26.70 30.00
C ARG E 342 -11.52 -26.49 30.67
N ARG E 343 -10.81 -25.45 30.25
CA ARG E 343 -9.51 -25.08 30.81
C ARG E 343 -9.61 -25.02 32.34
N GLY E 344 -8.78 -25.81 33.02
CA GLY E 344 -8.80 -25.84 34.48
C GLY E 344 -7.58 -25.17 35.08
N GLY E 345 -6.41 -25.47 34.54
CA GLY E 345 -5.17 -24.90 35.03
C GLY E 345 -4.17 -24.78 33.90
N ASP E 346 -2.90 -24.53 34.23
CA ASP E 346 -1.86 -24.41 33.22
C ASP E 346 -1.85 -25.66 32.34
N THR E 347 -1.88 -26.82 32.96
CA THR E 347 -1.88 -28.08 32.24
C THR E 347 -3.05 -28.94 32.71
N LYS E 348 -4.10 -28.28 33.20
CA LYS E 348 -5.27 -29.00 33.70
C LYS E 348 -6.58 -28.65 33.03
N VAL E 349 -7.49 -29.60 33.04
CA VAL E 349 -8.80 -29.39 32.45
C VAL E 349 -9.88 -30.06 33.29
N ALA E 350 -11.04 -29.41 33.35
CA ALA E 350 -12.19 -29.94 34.07
C ALA E 350 -13.09 -30.51 32.97
N PHE E 351 -13.88 -31.51 33.30
CA PHE E 351 -14.74 -32.11 32.31
C PHE E 351 -15.99 -32.74 32.92
N ILE E 352 -17.04 -32.84 32.11
CA ILE E 352 -18.28 -33.45 32.56
C ILE E 352 -18.33 -34.82 31.94
N HIS E 353 -18.44 -35.83 32.79
CA HIS E 353 -18.49 -37.22 32.36
C HIS E 353 -19.85 -37.81 32.69
N GLY E 354 -20.55 -38.29 31.66
CA GLY E 354 -21.87 -38.85 31.87
C GLY E 354 -22.02 -40.35 31.77
N THR E 355 -22.84 -40.92 32.65
CA THR E 355 -23.10 -42.35 32.65
C THR E 355 -24.61 -42.53 32.66
N ARG E 356 -25.04 -43.78 32.81
CA ARG E 356 -26.45 -44.10 32.86
C ARG E 356 -27.08 -43.48 34.12
N GLU E 357 -26.24 -43.18 35.11
CA GLU E 357 -26.71 -42.59 36.37
C GLU E 357 -26.85 -41.08 36.32
N GLY E 358 -26.06 -40.44 35.47
CA GLY E 358 -26.11 -39.00 35.36
C GLY E 358 -24.77 -38.42 34.98
N ASP E 359 -24.61 -37.12 35.20
CA ASP E 359 -23.38 -36.42 34.87
C ASP E 359 -22.53 -36.07 36.09
N PHE E 360 -21.22 -36.32 35.96
CA PHE E 360 -20.27 -36.06 37.04
C PHE E 360 -19.11 -35.16 36.62
N LEU E 361 -18.61 -34.37 37.56
CA LEU E 361 -17.50 -33.47 37.32
C LEU E 361 -16.18 -34.21 37.53
N GLY E 362 -15.21 -33.92 36.66
CA GLY E 362 -13.90 -34.55 36.75
C GLY E 362 -12.79 -33.57 36.40
N ILE E 363 -11.56 -33.93 36.72
CA ILE E 363 -10.40 -33.10 36.44
C ILE E 363 -9.29 -33.96 35.89
N TYR E 364 -8.57 -33.42 34.92
CA TYR E 364 -7.47 -34.16 34.31
C TYR E 364 -6.28 -33.27 34.05
N ASP E 365 -5.11 -33.73 34.48
CA ASP E 365 -3.89 -32.98 34.25
C ASP E 365 -3.13 -33.68 33.14
N TYR E 366 -3.10 -33.07 31.97
CA TYR E 366 -2.42 -33.71 30.86
C TYR E 366 -0.91 -33.73 30.95
N ARG E 367 -0.35 -33.03 31.93
CA ARG E 367 1.10 -33.04 32.11
C ARG E 367 1.48 -34.26 32.96
N THR E 368 0.90 -34.36 34.15
CA THR E 368 1.18 -35.48 35.05
C THR E 368 0.42 -36.75 34.66
N GLY E 369 -0.75 -36.59 34.06
CA GLY E 369 -1.53 -37.75 33.64
C GLY E 369 -2.50 -38.22 34.71
N LYS E 370 -2.61 -37.46 35.79
CA LYS E 370 -3.52 -37.81 36.88
C LYS E 370 -4.93 -37.32 36.55
N ALA E 371 -5.88 -38.25 36.56
CA ALA E 371 -7.28 -37.94 36.27
C ALA E 371 -8.18 -38.37 37.42
N GLU E 372 -8.94 -37.41 37.96
CA GLU E 372 -9.83 -37.70 39.08
C GLU E 372 -11.28 -37.35 38.76
N LYS E 373 -12.20 -38.15 39.28
CA LYS E 373 -13.63 -37.94 39.09
C LYS E 373 -14.32 -37.83 40.44
N PHE E 374 -15.27 -36.92 40.55
CA PHE E 374 -16.00 -36.74 41.80
C PHE E 374 -17.31 -37.52 41.69
N GLU E 375 -17.70 -38.16 42.80
CA GLU E 375 -18.90 -38.98 42.83
C GLU E 375 -20.21 -38.22 42.97
N GLU E 376 -20.14 -36.90 43.07
CA GLU E 376 -21.36 -36.10 43.21
C GLU E 376 -22.14 -36.03 41.90
N ASN E 377 -23.31 -36.66 41.89
CA ASN E 377 -24.17 -36.67 40.70
C ASN E 377 -24.78 -35.28 40.54
N LEU E 378 -24.45 -34.61 39.44
CA LEU E 378 -24.97 -33.26 39.19
C LEU E 378 -26.25 -33.25 38.36
N GLY E 379 -26.76 -34.42 38.01
CA GLY E 379 -27.95 -34.49 37.19
C GLY E 379 -27.55 -34.48 35.73
N ASN E 380 -28.36 -33.85 34.88
CA ASN E 380 -28.07 -33.75 33.44
C ASN E 380 -27.55 -32.34 33.21
N VAL E 381 -26.23 -32.24 33.00
CA VAL E 381 -25.58 -30.96 32.81
C VAL E 381 -25.60 -30.45 31.37
N PHE E 382 -25.90 -29.17 31.20
CA PHE E 382 -25.90 -28.59 29.86
C PHE E 382 -24.92 -27.43 29.67
N ALA E 383 -24.19 -27.08 30.73
CA ALA E 383 -23.20 -26.01 30.67
C ALA E 383 -22.22 -26.11 31.84
N MET E 384 -20.98 -25.73 31.58
CA MET E 384 -19.97 -25.78 32.62
C MET E 384 -18.86 -24.78 32.35
N GLY E 385 -18.36 -24.20 33.44
CA GLY E 385 -17.29 -23.24 33.36
C GLY E 385 -16.41 -23.37 34.59
N VAL E 386 -15.18 -22.89 34.48
CA VAL E 386 -14.24 -22.93 35.57
C VAL E 386 -13.70 -21.52 35.81
N ASP E 387 -13.57 -21.12 37.07
CA ASP E 387 -13.04 -19.80 37.37
C ASP E 387 -11.58 -19.77 36.95
N ARG E 388 -11.07 -18.58 36.68
CA ARG E 388 -9.70 -18.42 36.22
C ARG E 388 -8.63 -18.97 37.15
N ASN E 389 -8.92 -19.08 38.44
CA ASN E 389 -7.92 -19.60 39.37
C ASN E 389 -8.10 -21.09 39.63
N GLY E 390 -9.00 -21.71 38.87
CA GLY E 390 -9.25 -23.13 39.02
C GLY E 390 -9.57 -23.64 40.41
N LYS E 391 -10.41 -22.90 41.15
CA LYS E 391 -10.79 -23.31 42.49
C LYS E 391 -12.19 -23.91 42.51
N PHE E 392 -13.00 -23.54 41.53
CA PHE E 392 -14.35 -24.08 41.45
C PHE E 392 -14.90 -24.01 40.04
N ALA E 393 -15.84 -24.89 39.75
CA ALA E 393 -16.48 -24.91 38.44
C ALA E 393 -17.92 -24.45 38.67
N VAL E 394 -18.55 -23.93 37.63
CA VAL E 394 -19.94 -23.50 37.72
C VAL E 394 -20.67 -24.42 36.77
N VAL E 395 -21.76 -25.02 37.25
CA VAL E 395 -22.53 -25.96 36.46
C VAL E 395 -24.03 -25.62 36.43
N ALA E 396 -24.66 -25.94 35.31
CA ALA E 396 -26.08 -25.70 35.10
C ALA E 396 -26.67 -27.03 34.63
N ASN E 397 -27.78 -27.46 35.24
CA ASN E 397 -28.41 -28.74 34.87
C ASN E 397 -29.86 -28.58 34.46
N ASP E 398 -30.51 -29.70 34.08
CA ASP E 398 -31.91 -29.67 33.65
C ASP E 398 -32.88 -29.59 34.84
N ARG E 399 -32.35 -29.29 36.00
CA ARG E 399 -33.15 -29.11 37.21
C ARG E 399 -33.39 -27.60 37.28
N PHE E 400 -32.73 -26.87 36.39
CA PHE E 400 -32.80 -25.40 36.31
C PHE E 400 -31.93 -24.77 37.39
N GLU E 401 -30.94 -25.52 37.85
CA GLU E 401 -30.04 -25.01 38.88
C GLU E 401 -28.73 -24.52 38.29
N ILE E 402 -28.12 -23.57 38.98
CA ILE E 402 -26.79 -23.09 38.64
C ILE E 402 -26.08 -23.31 39.97
N MET E 403 -24.92 -23.94 39.94
CA MET E 403 -24.19 -24.24 41.16
C MET E 403 -22.68 -24.15 41.01
N THR E 404 -21.98 -24.10 42.14
CA THR E 404 -20.53 -24.10 42.12
C THR E 404 -20.14 -25.48 42.63
N VAL E 405 -18.98 -25.96 42.19
CA VAL E 405 -18.49 -27.25 42.62
C VAL E 405 -17.02 -27.06 42.94
N ASP E 406 -16.66 -27.25 44.21
CA ASP E 406 -15.28 -27.09 44.62
C ASP E 406 -14.46 -28.12 43.85
N LEU E 407 -13.40 -27.66 43.19
CA LEU E 407 -12.57 -28.55 42.38
C LEU E 407 -11.59 -29.38 43.21
N GLU E 408 -11.61 -29.17 44.53
CA GLU E 408 -10.73 -29.91 45.41
C GLU E 408 -11.50 -30.98 46.15
N THR E 409 -12.66 -30.60 46.67
CA THR E 409 -13.52 -31.52 47.43
C THR E 409 -14.67 -32.10 46.62
N GLY E 410 -14.99 -31.47 45.50
CA GLY E 410 -16.07 -31.96 44.66
C GLY E 410 -17.44 -31.62 45.22
N LYS E 411 -17.44 -30.89 46.33
CA LYS E 411 -18.69 -30.50 46.97
C LYS E 411 -19.45 -29.43 46.19
N PRO E 412 -20.68 -29.74 45.79
CA PRO E 412 -21.47 -28.76 45.04
C PRO E 412 -22.25 -27.86 45.97
N THR E 413 -22.62 -26.69 45.47
CA THR E 413 -23.39 -25.73 46.24
C THR E 413 -24.34 -24.99 45.30
N VAL E 414 -25.63 -25.26 45.45
CA VAL E 414 -26.64 -24.63 44.61
C VAL E 414 -26.72 -23.14 44.90
N ILE E 415 -26.53 -22.33 43.85
CA ILE E 415 -26.59 -20.88 43.97
C ILE E 415 -28.06 -20.47 43.90
N GLU E 416 -28.73 -20.89 42.83
CA GLU E 416 -30.12 -20.55 42.66
C GLU E 416 -30.76 -21.56 41.70
N ARG E 417 -32.09 -21.61 41.73
CA ARG E 417 -32.84 -22.52 40.87
C ARG E 417 -34.00 -21.79 40.22
N SER E 418 -34.03 -21.82 38.89
CA SER E 418 -35.11 -21.19 38.16
C SER E 418 -36.24 -22.19 38.09
N ARG E 419 -37.47 -21.73 37.94
CA ARG E 419 -38.58 -22.67 37.82
C ARG E 419 -39.08 -22.69 36.39
N GLU E 420 -38.39 -21.95 35.52
CA GLU E 420 -38.78 -21.84 34.12
C GLU E 420 -37.90 -22.56 33.11
N ALA E 421 -36.61 -22.27 33.13
CA ALA E 421 -35.66 -22.89 32.20
C ALA E 421 -34.26 -22.90 32.78
N MET E 422 -33.35 -23.58 32.07
CA MET E 422 -31.96 -23.71 32.51
C MET E 422 -31.16 -22.43 32.55
N ILE E 423 -30.24 -22.35 33.51
CA ILE E 423 -29.40 -21.18 33.67
C ILE E 423 -28.05 -21.52 33.05
N THR E 424 -28.03 -21.54 31.71
CA THR E 424 -26.84 -21.89 30.95
C THR E 424 -25.99 -20.69 30.53
N ASP E 425 -26.48 -19.49 30.77
CA ASP E 425 -25.75 -18.28 30.39
C ASP E 425 -25.15 -17.59 31.61
N PHE E 426 -23.90 -17.90 31.92
CA PHE E 426 -23.23 -17.31 33.07
C PHE E 426 -21.76 -17.00 32.81
N THR E 427 -21.20 -16.14 33.65
CA THR E 427 -19.81 -15.75 33.55
C THR E 427 -19.24 -15.57 34.97
N ILE E 428 -17.92 -15.72 35.10
CA ILE E 428 -17.25 -15.60 36.39
C ILE E 428 -16.21 -14.48 36.32
N SER E 429 -16.20 -13.60 37.32
CA SER E 429 -15.22 -12.52 37.34
C SER E 429 -13.81 -13.10 37.45
N ASP E 430 -12.83 -12.37 36.92
CA ASP E 430 -11.44 -12.82 36.94
C ASP E 430 -10.87 -13.02 38.34
N ASN E 431 -11.40 -12.29 39.32
CA ASN E 431 -10.92 -12.42 40.70
C ASN E 431 -11.70 -13.53 41.41
N SER E 432 -12.52 -14.24 40.66
CA SER E 432 -13.32 -15.36 41.19
C SER E 432 -14.28 -14.98 42.31
N ARG E 433 -14.65 -13.71 42.39
CA ARG E 433 -15.56 -13.26 43.43
C ARG E 433 -17.04 -13.20 43.05
N PHE E 434 -17.33 -12.86 41.81
CA PHE E 434 -18.72 -12.78 41.39
C PHE E 434 -19.08 -13.71 40.25
N ILE E 435 -20.31 -14.24 40.28
CA ILE E 435 -20.80 -15.11 39.24
C ILE E 435 -22.07 -14.44 38.74
N ALA E 436 -22.05 -13.98 37.50
CA ALA E 436 -23.24 -13.33 36.91
C ALA E 436 -23.91 -14.30 35.95
N TYR E 437 -25.24 -14.29 35.94
CA TYR E 437 -26.01 -15.21 35.09
C TYR E 437 -27.40 -14.73 34.75
N GLY E 438 -27.91 -15.20 33.62
CA GLY E 438 -29.26 -14.85 33.20
C GLY E 438 -30.23 -15.76 33.95
N PHE E 439 -31.19 -15.16 34.64
CA PHE E 439 -32.15 -15.92 35.42
C PHE E 439 -33.54 -15.90 34.79
N PRO E 440 -33.92 -16.99 34.10
CA PRO E 440 -35.25 -16.99 33.49
C PRO E 440 -36.35 -17.02 34.55
N LEU E 441 -37.38 -16.21 34.34
CA LEU E 441 -38.47 -16.11 35.28
C LEU E 441 -39.79 -15.67 34.64
N LYS E 442 -40.87 -15.90 35.36
CA LYS E 442 -42.21 -15.49 34.92
C LYS E 442 -42.88 -14.84 36.12
N HIS E 443 -43.76 -13.87 35.85
CA HIS E 443 -44.46 -13.21 36.96
C HIS E 443 -45.49 -14.18 37.52
N GLY E 444 -46.16 -14.90 36.63
CA GLY E 444 -47.18 -15.86 37.02
C GLY E 444 -46.99 -17.18 36.32
N GLU E 445 -47.61 -18.23 36.84
CA GLU E 445 -47.48 -19.57 36.27
C GLU E 445 -47.86 -19.70 34.80
N THR E 446 -48.89 -18.99 34.37
CA THR E 446 -49.33 -19.11 32.99
C THR E 446 -49.00 -17.97 32.04
N ASP E 447 -47.90 -17.25 32.31
CA ASP E 447 -47.51 -16.14 31.41
C ASP E 447 -47.06 -16.72 30.07
N GLY E 448 -47.30 -15.98 29.00
CA GLY E 448 -46.92 -16.44 27.67
C GLY E 448 -45.45 -16.21 27.35
N TYR E 449 -44.80 -15.37 28.14
CA TYR E 449 -43.40 -15.06 27.92
C TYR E 449 -42.53 -15.26 29.13
N VAL E 450 -41.36 -15.84 28.91
CA VAL E 450 -40.41 -16.06 30.00
C VAL E 450 -39.43 -14.90 29.94
N MET E 451 -39.26 -14.21 31.06
CA MET E 451 -38.35 -13.09 31.12
C MET E 451 -37.01 -13.60 31.62
N GLN E 452 -36.00 -12.74 31.59
CA GLN E 452 -34.70 -13.14 32.05
C GLN E 452 -33.95 -11.92 32.55
N ALA E 453 -33.62 -11.94 33.84
CA ALA E 453 -32.89 -10.87 34.48
C ALA E 453 -31.50 -11.41 34.83
N ILE E 454 -30.50 -10.54 34.85
CA ILE E 454 -29.16 -10.98 35.22
C ILE E 454 -29.05 -10.93 36.74
N HIS E 455 -28.60 -12.02 37.35
CA HIS E 455 -28.43 -12.06 38.80
C HIS E 455 -26.92 -12.19 39.04
N VAL E 456 -26.44 -11.63 40.15
CA VAL E 456 -25.02 -11.72 40.48
C VAL E 456 -24.83 -12.34 41.87
N TYR E 457 -24.02 -13.40 41.92
CA TYR E 457 -23.75 -14.10 43.15
C TYR E 457 -22.37 -13.73 43.68
N ASP E 458 -22.34 -13.20 44.90
CA ASP E 458 -21.10 -12.81 45.56
C ASP E 458 -20.58 -13.96 46.42
N MET E 459 -19.53 -14.64 45.96
CA MET E 459 -18.97 -15.75 46.72
C MET E 459 -18.77 -15.34 48.19
N GLU E 460 -18.42 -14.09 48.40
CA GLU E 460 -18.20 -13.56 49.75
C GLU E 460 -19.52 -13.06 50.32
N GLY E 461 -20.10 -13.85 51.21
CA GLY E 461 -21.39 -13.47 51.80
C GLY E 461 -22.45 -14.38 51.22
N ARG E 462 -22.09 -15.08 50.14
CA ARG E 462 -22.99 -16.01 49.47
C ARG E 462 -24.39 -15.45 49.28
N LYS E 463 -24.48 -14.19 48.85
CA LYS E 463 -25.78 -13.56 48.63
C LYS E 463 -26.02 -13.17 47.18
N ILE E 464 -27.28 -13.25 46.74
CA ILE E 464 -27.65 -12.93 45.37
C ILE E 464 -28.17 -11.52 45.20
N PHE E 465 -27.67 -10.83 44.18
CA PHE E 465 -28.07 -9.47 43.89
C PHE E 465 -28.64 -9.38 42.46
N ALA E 466 -29.69 -8.58 42.29
CA ALA E 466 -30.31 -8.39 40.99
C ALA E 466 -29.60 -7.28 40.23
N ALA E 467 -29.02 -7.63 39.09
CA ALA E 467 -28.30 -6.66 38.27
C ALA E 467 -29.24 -5.89 37.36
N THR E 468 -30.38 -6.51 37.03
CA THR E 468 -31.35 -5.88 36.14
C THR E 468 -32.79 -6.15 36.56
N THR E 469 -33.72 -5.36 36.03
CA THR E 469 -35.14 -5.54 36.35
C THR E 469 -35.67 -6.79 35.65
N GLU E 470 -36.91 -7.16 35.93
CA GLU E 470 -37.48 -8.39 35.36
C GLU E 470 -38.44 -8.18 34.21
N ASN E 471 -38.29 -7.06 33.50
CA ASN E 471 -39.20 -6.73 32.40
C ASN E 471 -38.79 -7.15 31.00
N SER E 472 -37.61 -7.73 30.84
CA SER E 472 -37.15 -8.06 29.50
C SER E 472 -36.30 -9.32 29.43
N HIS E 473 -35.38 -9.33 28.46
CA HIS E 473 -34.46 -10.44 28.25
C HIS E 473 -33.02 -9.89 28.31
N ASP E 474 -32.37 -10.05 29.45
CA ASP E 474 -31.01 -9.55 29.65
C ASP E 474 -30.08 -10.75 29.61
N TYR E 475 -29.00 -10.63 28.86
CA TYR E 475 -28.14 -11.79 28.69
C TYR E 475 -26.68 -11.48 28.43
N ALA E 476 -25.93 -12.54 28.18
CA ALA E 476 -24.50 -12.44 27.89
C ALA E 476 -23.65 -11.59 28.84
N PRO E 477 -23.80 -11.78 30.16
CA PRO E 477 -22.98 -10.94 31.04
C PRO E 477 -21.47 -11.17 30.84
N ALA E 478 -20.68 -10.16 31.18
CA ALA E 478 -19.23 -10.25 31.06
C ALA E 478 -18.59 -9.19 31.93
N PHE E 479 -17.66 -9.60 32.79
CA PHE E 479 -16.95 -8.67 33.67
C PHE E 479 -15.70 -8.19 32.96
N ASP E 480 -15.29 -6.95 33.22
CA ASP E 480 -14.05 -6.47 32.61
C ASP E 480 -12.89 -7.12 33.40
N ALA E 481 -11.68 -7.02 32.86
CA ALA E 481 -10.51 -7.62 33.49
C ALA E 481 -10.28 -7.27 34.96
N ASP E 482 -10.48 -6.00 35.31
CA ASP E 482 -10.28 -5.56 36.69
C ASP E 482 -11.41 -5.86 37.64
N SER E 483 -12.46 -6.52 37.14
CA SER E 483 -13.62 -6.87 37.98
C SER E 483 -14.27 -5.65 38.63
N LYS E 484 -14.39 -4.56 37.89
CA LYS E 484 -15.00 -3.36 38.44
C LYS E 484 -16.32 -2.99 37.74
N ASN E 485 -16.58 -3.62 36.59
CA ASN E 485 -17.82 -3.37 35.85
C ASN E 485 -18.39 -4.64 35.26
N LEU E 486 -19.71 -4.70 35.17
CA LEU E 486 -20.38 -5.86 34.60
C LEU E 486 -21.05 -5.40 33.30
N TYR E 487 -20.62 -5.96 32.17
CA TYR E 487 -21.23 -5.59 30.90
C TYR E 487 -22.22 -6.69 30.54
N TYR E 488 -23.23 -6.35 29.74
CA TYR E 488 -24.23 -7.33 29.34
C TYR E 488 -25.07 -6.83 28.17
N LEU E 489 -25.93 -7.69 27.65
CA LEU E 489 -26.78 -7.31 26.53
C LEU E 489 -28.25 -7.37 26.92
N SER E 490 -29.08 -6.64 26.18
CA SER E 490 -30.50 -6.61 26.43
C SER E 490 -31.28 -6.37 25.15
N TYR E 491 -32.46 -6.97 25.04
CA TYR E 491 -33.31 -6.75 23.88
C TYR E 491 -34.34 -5.71 24.33
N ARG E 492 -33.85 -4.67 24.99
CA ARG E 492 -34.71 -3.60 25.53
C ARG E 492 -34.90 -2.37 24.65
N SER E 493 -34.08 -2.23 23.61
CA SER E 493 -34.16 -1.06 22.75
C SER E 493 -35.25 -1.18 21.70
N LEU E 494 -36.49 -1.28 22.14
CA LEU E 494 -37.60 -1.43 21.23
C LEU E 494 -37.69 -0.33 20.18
N ASP E 495 -37.81 -0.77 18.93
CA ASP E 495 -37.92 0.12 17.77
C ASP E 495 -38.37 -0.84 16.69
N PRO E 496 -39.54 -0.60 16.09
CA PRO E 496 -40.02 -1.52 15.05
C PRO E 496 -39.50 -1.32 13.63
N SER E 497 -39.40 -2.44 12.92
CA SER E 497 -38.96 -2.46 11.54
C SER E 497 -40.16 -2.96 10.76
N PRO E 498 -40.49 -2.30 9.64
CA PRO E 498 -41.63 -2.66 8.78
C PRO E 498 -41.46 -3.87 7.90
N ASP E 499 -42.54 -4.66 7.79
CA ASP E 499 -42.57 -5.84 6.94
C ASP E 499 -42.70 -5.24 5.54
N ARG E 500 -41.99 -5.78 4.57
CA ARG E 500 -42.04 -5.26 3.21
C ARG E 500 -43.13 -5.88 2.33
N VAL E 501 -43.84 -6.86 2.86
CA VAL E 501 -44.89 -7.54 2.07
C VAL E 501 -46.27 -7.41 2.71
N VAL E 502 -46.32 -7.54 4.02
CA VAL E 502 -47.58 -7.50 4.74
C VAL E 502 -47.62 -6.32 5.70
N LEU E 503 -48.83 -5.89 6.09
CA LEU E 503 -48.91 -4.79 7.06
C LEU E 503 -48.53 -5.43 8.39
N ASN E 504 -47.27 -5.27 8.77
CA ASN E 504 -46.77 -5.86 10.00
C ASN E 504 -45.45 -5.19 10.38
N PHE E 505 -45.09 -5.32 11.66
CA PHE E 505 -43.86 -4.75 12.18
C PHE E 505 -43.27 -5.73 13.17
N SER E 506 -41.95 -5.71 13.31
CA SER E 506 -41.33 -6.61 14.27
C SER E 506 -40.08 -5.95 14.82
N PHE E 507 -39.64 -6.42 15.97
CA PHE E 507 -38.44 -5.89 16.60
C PHE E 507 -37.24 -6.70 16.10
N GLU E 508 -36.56 -6.14 15.11
CA GLU E 508 -35.40 -6.75 14.44
C GLU E 508 -34.06 -6.34 15.01
N VAL E 509 -33.89 -5.04 15.25
CA VAL E 509 -32.65 -4.53 15.80
C VAL E 509 -32.93 -3.77 17.08
N VAL E 510 -33.05 -4.53 18.17
CA VAL E 510 -33.35 -3.95 19.46
C VAL E 510 -32.37 -4.42 20.54
N SER E 511 -31.24 -4.97 20.11
CA SER E 511 -30.23 -5.43 21.06
C SER E 511 -29.26 -4.29 21.31
N LYS E 512 -28.99 -4.05 22.59
CA LYS E 512 -28.09 -2.99 23.00
C LYS E 512 -27.29 -3.42 24.22
N PRO E 513 -26.01 -3.03 24.29
CA PRO E 513 -25.20 -3.42 25.44
C PRO E 513 -25.30 -2.41 26.59
N PHE E 514 -25.15 -2.90 27.81
CA PHE E 514 -25.20 -2.03 28.98
C PHE E 514 -24.01 -2.33 29.88
N VAL E 515 -23.84 -1.54 30.92
CA VAL E 515 -22.75 -1.74 31.87
C VAL E 515 -23.17 -1.23 33.23
N ILE E 516 -22.72 -1.95 34.25
CA ILE E 516 -23.03 -1.61 35.63
C ILE E 516 -21.75 -1.52 36.44
N PRO E 517 -21.44 -0.33 36.95
CA PRO E 517 -20.22 -0.21 37.74
C PRO E 517 -20.48 -0.86 39.11
N LEU E 518 -19.63 -1.81 39.50
CA LEU E 518 -19.82 -2.52 40.76
C LEU E 518 -19.59 -1.64 41.99
N ILE E 519 -18.89 -0.52 41.78
CA ILE E 519 -18.60 0.45 42.84
C ILE E 519 -19.45 1.70 42.57
N PRO E 520 -20.39 2.00 43.48
CA PRO E 520 -21.30 3.17 43.39
C PRO E 520 -20.56 4.49 43.28
N GLY E 521 -21.05 5.38 42.43
CA GLY E 521 -20.41 6.67 42.27
C GLY E 521 -19.51 6.65 41.07
N SER E 522 -18.97 5.47 40.75
CA SER E 522 -18.10 5.34 39.60
C SER E 522 -18.99 5.37 38.35
N PRO E 523 -18.60 6.14 37.32
CA PRO E 523 -19.38 6.24 36.09
C PRO E 523 -19.17 5.19 35.01
N ASN E 524 -20.07 5.21 34.03
CA ASN E 524 -20.03 4.30 32.89
C ASN E 524 -18.63 4.48 32.29
N PRO E 525 -17.78 3.45 32.36
CA PRO E 525 -16.44 3.63 31.79
C PRO E 525 -16.43 4.08 30.32
N THR E 526 -17.39 3.62 29.54
CA THR E 526 -17.42 4.00 28.13
C THR E 526 -17.80 5.46 27.88
N LYS E 527 -18.26 6.15 28.91
CA LYS E 527 -18.63 7.56 28.76
C LYS E 527 -17.40 8.48 28.71
N LEU E 528 -16.27 7.99 29.20
CA LEU E 528 -15.03 8.77 29.20
C LEU E 528 -15.10 10.04 30.04
N VAL E 529 -15.66 9.92 31.24
CA VAL E 529 -15.75 11.06 32.15
C VAL E 529 -14.33 11.29 32.65
N PRO E 530 -13.76 12.49 32.44
CA PRO E 530 -12.40 12.78 32.91
C PRO E 530 -12.19 12.33 34.35
N ARG E 531 -11.12 11.58 34.58
CA ARG E 531 -10.77 11.08 35.91
C ARG E 531 -10.69 12.18 36.96
N SER E 532 -10.13 13.33 36.57
CA SER E 532 -9.98 14.46 37.49
C SER E 532 -11.33 15.08 37.86
N MET E 533 -12.38 14.66 37.16
CA MET E 533 -13.73 15.18 37.42
C MET E 533 -14.62 14.14 38.10
N THR E 534 -14.01 13.06 38.58
CA THR E 534 -14.76 12.00 39.24
C THR E 534 -14.16 11.68 40.59
N SER E 535 -15.00 11.62 41.62
CA SER E 535 -14.51 11.29 42.96
C SER E 535 -14.47 9.78 43.06
N GLU E 536 -13.28 9.21 42.82
CA GLU E 536 -13.08 7.77 42.87
C GLU E 536 -13.30 7.12 44.23
N ALA E 537 -12.63 5.99 44.43
CA ALA E 537 -12.72 5.23 45.67
C ALA E 537 -14.07 4.52 45.74
N GLY E 538 -14.39 3.99 46.90
CA GLY E 538 -15.64 3.28 47.08
C GLY E 538 -15.40 1.78 47.10
N GLU E 539 -16.12 1.09 47.97
CA GLU E 539 -16.03 -0.35 48.10
C GLU E 539 -17.10 -0.98 47.22
N TYR E 540 -17.01 -2.29 47.04
CA TYR E 540 -18.01 -3.02 46.26
C TYR E 540 -19.35 -2.85 46.96
N ASP E 541 -20.41 -2.63 46.20
CA ASP E 541 -21.75 -2.50 46.75
C ASP E 541 -22.70 -2.93 45.64
N LEU E 542 -23.16 -4.18 45.70
CA LEU E 542 -24.04 -4.71 44.66
C LEU E 542 -25.52 -4.40 44.86
N ASN E 543 -25.84 -3.69 45.93
CA ASN E 543 -27.23 -3.33 46.20
C ASN E 543 -27.75 -2.31 45.18
N ASP E 544 -28.98 -2.50 44.72
CA ASP E 544 -29.61 -1.58 43.77
C ASP E 544 -28.72 -1.30 42.58
N MET E 545 -27.98 -2.28 42.11
CA MET E 545 -27.11 -2.01 40.98
C MET E 545 -27.87 -1.82 39.68
N TYR E 546 -29.13 -2.25 39.60
CA TYR E 546 -29.89 -2.04 38.36
C TYR E 546 -30.19 -0.55 38.20
N LYS E 547 -30.26 0.16 39.32
CA LYS E 547 -30.54 1.60 39.29
C LYS E 547 -29.36 2.36 38.69
N ARG E 548 -28.18 1.77 38.75
CA ARG E 548 -26.95 2.37 38.23
C ARG E 548 -26.68 2.00 36.78
N SER E 549 -27.39 1.01 36.25
CA SER E 549 -27.16 0.60 34.87
C SER E 549 -27.11 1.79 33.92
N SER E 550 -26.30 1.65 32.87
CA SER E 550 -26.12 2.69 31.87
C SER E 550 -25.84 2.02 30.52
N PRO E 551 -26.34 2.60 29.43
CA PRO E 551 -26.08 1.98 28.13
C PRO E 551 -24.75 2.43 27.52
N ILE E 552 -24.21 1.63 26.62
CA ILE E 552 -22.99 2.05 25.94
C ILE E 552 -23.43 2.51 24.55
N ASN E 553 -22.81 3.60 24.10
CA ASN E 553 -23.11 4.22 22.80
C ASN E 553 -22.89 3.43 21.52
N VAL E 554 -23.49 2.25 21.44
CA VAL E 554 -23.38 1.42 20.25
C VAL E 554 -24.78 1.34 19.62
N ASP E 555 -24.84 1.45 18.30
CA ASP E 555 -26.11 1.37 17.58
C ASP E 555 -26.83 0.07 17.91
N PRO E 556 -28.16 0.12 17.96
CA PRO E 556 -28.86 -1.14 18.27
C PRO E 556 -28.64 -2.11 17.11
N GLY E 557 -28.74 -3.40 17.39
CA GLY E 557 -28.58 -4.39 16.34
C GLY E 557 -29.04 -5.71 16.91
N ASP E 558 -28.31 -6.78 16.64
CA ASP E 558 -28.63 -8.08 17.21
C ASP E 558 -27.30 -8.68 17.67
N TYR E 559 -26.97 -8.46 18.94
CA TYR E 559 -25.74 -8.94 19.52
C TYR E 559 -25.93 -10.17 20.38
N ARG E 560 -24.92 -11.05 20.37
CA ARG E 560 -24.98 -12.28 21.11
C ARG E 560 -23.84 -12.40 22.11
N MET E 561 -22.92 -11.46 22.07
CA MET E 561 -21.79 -11.52 23.00
C MET E 561 -21.09 -10.18 23.08
N ILE E 562 -20.55 -9.89 24.25
CA ILE E 562 -19.84 -8.65 24.47
C ILE E 562 -18.57 -8.96 25.26
N ILE E 563 -17.44 -8.47 24.77
CA ILE E 563 -16.17 -8.71 25.42
C ILE E 563 -15.46 -7.40 25.69
N PRO E 564 -15.54 -6.91 26.94
CA PRO E 564 -14.89 -5.65 27.30
C PRO E 564 -13.39 -5.81 27.41
N LEU E 565 -12.65 -5.00 26.67
CA LEU E 565 -11.19 -5.02 26.68
C LEU E 565 -10.66 -3.71 27.25
N GLU E 566 -9.33 -3.59 27.32
CA GLU E 566 -8.73 -2.38 27.88
C GLU E 566 -9.25 -1.08 27.29
N SER E 567 -9.15 -0.94 25.97
CA SER E 567 -9.63 0.29 25.31
C SER E 567 -10.60 0.00 24.17
N SER E 568 -11.21 -1.18 24.19
CA SER E 568 -12.18 -1.54 23.17
C SER E 568 -13.13 -2.63 23.65
N ILE E 569 -14.23 -2.79 22.93
CA ILE E 569 -15.22 -3.81 23.26
C ILE E 569 -15.54 -4.61 21.99
N LEU E 570 -15.45 -5.92 22.10
CA LEU E 570 -15.75 -6.78 20.98
C LEU E 570 -17.19 -7.18 21.11
N ILE E 571 -17.88 -7.22 19.98
CA ILE E 571 -19.27 -7.62 20.03
C ILE E 571 -19.56 -8.58 18.91
N TYR E 572 -20.21 -9.69 19.23
CA TYR E 572 -20.59 -10.68 18.24
C TYR E 572 -21.96 -10.23 17.73
N SER E 573 -22.04 -9.91 16.44
CA SER E 573 -23.26 -9.43 15.82
C SER E 573 -23.78 -10.34 14.71
N VAL E 574 -25.11 -10.50 14.68
CA VAL E 574 -25.79 -11.33 13.70
C VAL E 574 -26.67 -10.46 12.80
N PRO E 575 -26.32 -10.32 11.51
CA PRO E 575 -27.13 -9.50 10.60
C PRO E 575 -28.54 -10.06 10.44
N VAL E 576 -29.52 -9.20 10.19
CA VAL E 576 -30.88 -9.68 10.00
C VAL E 576 -30.90 -10.66 8.81
N HIS E 577 -31.52 -11.82 8.99
CA HIS E 577 -31.58 -12.82 7.93
C HIS E 577 -32.87 -13.63 7.95
N GLY E 578 -33.10 -14.38 6.87
CA GLY E 578 -34.29 -15.22 6.78
C GLY E 578 -34.03 -16.54 7.50
N GLU E 579 -35.08 -17.13 8.05
CA GLU E 579 -34.94 -18.39 8.80
C GLU E 579 -35.07 -19.69 8.01
N PHE E 580 -35.64 -19.63 6.82
CA PHE E 580 -35.86 -20.82 6.01
C PHE E 580 -34.74 -21.85 6.04
N ALA E 581 -33.54 -21.46 5.62
CA ALA E 581 -32.41 -22.38 5.57
C ALA E 581 -32.03 -23.00 6.93
N ALA E 582 -32.02 -22.19 7.98
CA ALA E 582 -31.67 -22.71 9.31
C ALA E 582 -32.75 -23.66 9.79
N TYR E 583 -34.00 -23.32 9.47
CA TYR E 583 -35.14 -24.12 9.89
C TYR E 583 -35.21 -25.49 9.21
N TYR E 584 -35.05 -25.52 7.89
CA TYR E 584 -35.14 -26.78 7.15
C TYR E 584 -33.83 -27.46 6.78
N GLN E 585 -32.80 -26.67 6.49
CA GLN E 585 -31.52 -27.25 6.07
C GLN E 585 -30.41 -27.27 7.12
N GLY E 586 -30.75 -26.93 8.36
CA GLY E 586 -29.75 -26.92 9.41
C GLY E 586 -28.68 -25.85 9.23
N ALA E 587 -28.85 -24.99 8.23
CA ALA E 587 -27.91 -23.90 7.96
C ALA E 587 -27.61 -23.11 9.23
N PRO E 588 -26.32 -22.99 9.58
CA PRO E 588 -25.88 -22.26 10.77
C PRO E 588 -26.18 -20.77 10.66
N GLU E 589 -26.29 -20.10 11.80
CA GLU E 589 -26.57 -18.67 11.83
C GLU E 589 -25.25 -17.92 11.68
N LYS E 590 -25.14 -17.10 10.65
CA LYS E 590 -23.92 -16.34 10.39
C LYS E 590 -23.77 -15.04 11.18
N GLY E 591 -22.61 -14.87 11.78
CA GLY E 591 -22.32 -13.69 12.57
C GLY E 591 -20.99 -13.06 12.24
N VAL E 592 -20.79 -11.84 12.75
CA VAL E 592 -19.57 -11.07 12.54
C VAL E 592 -18.99 -10.58 13.86
N LEU E 593 -17.66 -10.54 13.96
CA LEU E 593 -17.04 -10.04 15.18
C LEU E 593 -16.75 -8.55 14.98
N LEU E 594 -17.36 -7.72 15.79
CA LEU E 594 -17.16 -6.28 15.68
C LEU E 594 -16.31 -5.72 16.81
N LYS E 595 -15.61 -4.63 16.51
CA LYS E 595 -14.75 -3.98 17.49
C LYS E 595 -15.23 -2.55 17.67
N TYR E 596 -15.47 -2.18 18.93
CA TYR E 596 -15.92 -0.84 19.25
C TYR E 596 -14.83 -0.12 20.03
N ASP E 597 -14.21 0.86 19.39
CA ASP E 597 -13.16 1.63 20.04
C ASP E 597 -13.84 2.59 21.01
N VAL E 598 -13.63 2.38 22.30
CA VAL E 598 -14.25 3.22 23.32
C VAL E 598 -13.87 4.68 23.17
N LYS E 599 -12.62 4.93 22.81
CA LYS E 599 -12.12 6.29 22.64
C LYS E 599 -12.82 7.08 21.54
N THR E 600 -12.88 6.51 20.34
CA THR E 600 -13.52 7.21 19.21
C THR E 600 -14.94 6.75 18.92
N ARG E 601 -15.39 5.71 19.62
CA ARG E 601 -16.74 5.17 19.42
C ARG E 601 -16.87 4.63 17.99
N LYS E 602 -15.73 4.33 17.37
CA LYS E 602 -15.70 3.82 16.01
C LYS E 602 -15.87 2.30 15.98
N VAL E 603 -16.77 1.82 15.13
CA VAL E 603 -17.03 0.39 15.02
C VAL E 603 -16.44 -0.20 13.75
N THR E 604 -15.60 -1.21 13.91
CA THR E 604 -14.95 -1.88 12.79
C THR E 604 -15.18 -3.38 12.84
N GLU E 605 -15.04 -4.03 11.68
CA GLU E 605 -15.23 -5.47 11.55
C GLU E 605 -13.91 -6.21 11.70
N VAL E 606 -13.87 -7.11 12.67
CA VAL E 606 -12.67 -7.90 12.97
C VAL E 606 -12.64 -9.22 12.21
N LYS E 607 -13.81 -9.85 12.08
CA LYS E 607 -13.90 -11.14 11.39
C LYS E 607 -15.34 -11.39 10.96
N ASN E 608 -15.54 -12.02 9.80
CA ASN E 608 -16.90 -12.31 9.35
C ASN E 608 -17.09 -13.80 9.06
N ASN E 609 -18.28 -14.15 8.58
CA ASN E 609 -18.62 -15.53 8.25
C ASN E 609 -18.40 -16.45 9.45
N LEU E 610 -18.78 -15.97 10.64
CA LEU E 610 -18.63 -16.77 11.85
C LEU E 610 -19.94 -17.48 12.19
N THR E 611 -19.84 -18.57 12.95
CA THR E 611 -21.02 -19.33 13.37
C THR E 611 -20.90 -19.60 14.87
N ASP E 612 -19.71 -19.40 15.42
CA ASP E 612 -19.45 -19.63 16.83
C ASP E 612 -18.16 -18.93 17.24
N LEU E 613 -18.06 -18.53 18.51
CA LEU E 613 -16.85 -17.86 18.98
C LEU E 613 -16.54 -18.16 20.45
N ARG E 614 -15.31 -18.60 20.70
CA ARG E 614 -14.84 -18.91 22.05
C ARG E 614 -13.69 -17.97 22.39
N LEU E 615 -13.61 -17.55 23.65
CA LEU E 615 -12.55 -16.65 24.07
C LEU E 615 -11.64 -17.23 25.15
N SER E 616 -10.34 -17.06 24.97
CA SER E 616 -9.35 -17.55 25.92
C SER E 616 -9.59 -17.00 27.33
N ALA E 617 -9.06 -17.69 28.32
CA ALA E 617 -9.20 -17.26 29.72
C ALA E 617 -8.61 -15.87 29.92
N ASP E 618 -7.39 -15.69 29.41
CA ASP E 618 -6.69 -14.41 29.53
C ASP E 618 -7.12 -13.39 28.47
N ARG E 619 -8.13 -13.75 27.68
CA ARG E 619 -8.66 -12.86 26.64
C ARG E 619 -7.67 -12.62 25.51
N LYS E 620 -6.63 -13.44 25.41
CA LYS E 620 -5.62 -13.24 24.37
C LYS E 620 -5.83 -14.06 23.09
N THR E 621 -6.50 -15.20 23.23
CA THR E 621 -6.73 -16.09 22.09
C THR E 621 -8.20 -16.26 21.77
N VAL E 622 -8.52 -16.22 20.48
CA VAL E 622 -9.91 -16.39 20.05
C VAL E 622 -10.01 -17.58 19.12
N MET E 623 -11.06 -18.39 19.34
CA MET E 623 -11.33 -19.55 18.51
C MET E 623 -12.69 -19.34 17.88
N VAL E 624 -12.80 -19.60 16.58
CA VAL E 624 -14.07 -19.44 15.91
C VAL E 624 -14.36 -20.60 14.99
N ARG E 625 -15.65 -20.74 14.68
CA ARG E 625 -16.12 -21.75 13.74
C ARG E 625 -16.64 -20.83 12.65
N LYS E 626 -16.32 -21.15 11.40
CA LYS E 626 -16.80 -20.34 10.30
C LYS E 626 -17.84 -21.12 9.51
N ASP E 627 -18.58 -20.40 8.66
CA ASP E 627 -19.62 -21.04 7.86
C ASP E 627 -19.06 -22.17 7.00
N ASP E 628 -17.75 -22.17 6.77
CA ASP E 628 -17.14 -23.24 5.97
C ASP E 628 -17.04 -24.51 6.82
N GLY E 629 -17.46 -24.42 8.07
CA GLY E 629 -17.43 -25.57 8.96
C GLY E 629 -16.12 -25.84 9.67
N LYS E 630 -15.10 -25.05 9.35
CA LYS E 630 -13.78 -25.25 9.97
C LYS E 630 -13.58 -24.41 11.23
N ILE E 631 -12.65 -24.87 12.07
CA ILE E 631 -12.30 -24.19 13.31
C ILE E 631 -11.01 -23.41 13.12
N TYR E 632 -10.98 -22.18 13.59
CA TYR E 632 -9.79 -21.35 13.47
C TYR E 632 -9.43 -20.69 14.79
N THR E 633 -8.17 -20.29 14.91
CA THR E 633 -7.68 -19.63 16.09
C THR E 633 -6.84 -18.43 15.65
N PHE E 634 -6.89 -17.34 16.40
CA PHE E 634 -6.09 -16.17 16.08
C PHE E 634 -5.94 -15.31 17.32
N PRO E 635 -4.84 -14.56 17.40
CA PRO E 635 -4.60 -13.69 18.56
C PRO E 635 -5.54 -12.49 18.52
N LEU E 636 -6.20 -12.22 19.63
CA LEU E 636 -7.13 -11.10 19.71
C LEU E 636 -6.41 -9.78 19.44
N GLU E 637 -5.08 -9.81 19.44
CA GLU E 637 -4.29 -8.61 19.19
C GLU E 637 -3.95 -8.47 17.71
N LYS E 638 -3.92 -9.58 16.99
CA LYS E 638 -3.61 -9.55 15.57
C LYS E 638 -4.41 -10.61 14.83
N PRO E 639 -5.72 -10.37 14.66
CA PRO E 639 -6.66 -11.27 13.98
C PRO E 639 -6.22 -11.69 12.58
N GLU E 640 -5.20 -11.03 12.06
CA GLU E 640 -4.69 -11.39 10.73
C GLU E 640 -3.94 -12.72 10.82
N ASP E 641 -3.34 -13.00 11.97
CA ASP E 641 -2.60 -14.24 12.19
C ASP E 641 -3.58 -15.33 12.59
N GLU E 642 -4.24 -15.87 11.59
CA GLU E 642 -5.25 -16.89 11.73
C GLU E 642 -4.70 -18.26 11.34
N ARG E 643 -4.95 -19.27 12.18
CA ARG E 643 -4.50 -20.63 11.92
C ARG E 643 -5.67 -21.61 11.95
N THR E 644 -5.63 -22.59 11.06
CA THR E 644 -6.69 -23.60 10.97
C THR E 644 -6.42 -24.79 11.89
N VAL E 645 -7.40 -25.12 12.72
CA VAL E 645 -7.28 -26.25 13.64
C VAL E 645 -7.57 -27.55 12.88
N GLU E 646 -6.63 -28.48 12.92
CA GLU E 646 -6.79 -29.76 12.24
C GLU E 646 -6.96 -30.87 13.28
N THR E 647 -8.03 -31.65 13.14
CA THR E 647 -8.30 -32.72 14.10
C THR E 647 -8.32 -34.14 13.51
N ASP E 648 -8.26 -34.26 12.19
CA ASP E 648 -8.33 -35.60 11.58
C ASP E 648 -7.03 -36.28 11.19
N LYS E 649 -5.90 -35.81 11.70
CA LYS E 649 -4.63 -36.44 11.37
C LYS E 649 -4.62 -37.78 12.11
N ARG E 650 -5.23 -37.77 13.28
CA ARG E 650 -5.32 -38.94 14.13
C ARG E 650 -6.73 -39.54 14.12
N PRO E 651 -6.84 -40.80 13.72
CA PRO E 651 -8.15 -41.49 13.65
C PRO E 651 -8.82 -41.67 15.01
N LEU E 652 -10.15 -41.63 15.02
CA LEU E 652 -10.92 -41.83 16.23
C LEU E 652 -11.08 -43.35 16.33
N VAL E 653 -10.74 -43.92 17.48
CA VAL E 653 -10.86 -45.39 17.65
C VAL E 653 -11.94 -45.74 18.67
N SER E 654 -12.72 -46.79 18.38
CA SER E 654 -13.76 -47.18 19.32
C SER E 654 -14.31 -48.58 19.07
N SER E 655 -15.09 -49.06 20.03
CA SER E 655 -15.71 -50.38 19.97
C SER E 655 -17.18 -50.25 19.66
N ILE E 656 -17.63 -50.94 18.61
CA ILE E 656 -19.03 -50.88 18.23
C ILE E 656 -19.94 -51.33 19.39
N HIS E 657 -19.66 -52.50 19.96
CA HIS E 657 -20.54 -52.96 21.04
C HIS E 657 -20.56 -52.06 22.28
N GLU E 658 -19.45 -51.40 22.60
CA GLU E 658 -19.41 -50.49 23.77
C GLU E 658 -20.27 -49.25 23.47
N GLU E 659 -20.14 -48.74 22.25
CA GLU E 659 -20.90 -47.56 21.83
C GLU E 659 -22.40 -47.89 21.71
N PHE E 660 -22.72 -49.05 21.14
CA PHE E 660 -24.11 -49.45 20.97
C PHE E 660 -24.85 -49.56 22.32
N LEU E 661 -24.17 -50.09 23.34
CA LEU E 661 -24.76 -50.21 24.67
C LEU E 661 -24.90 -48.82 25.26
N GLN E 662 -23.85 -48.01 25.15
CA GLN E 662 -23.91 -46.65 25.67
C GLN E 662 -25.07 -45.91 25.01
N MET E 663 -25.21 -46.08 23.69
CA MET E 663 -26.27 -45.40 22.95
C MET E 663 -27.65 -45.90 23.31
N TYR E 664 -27.82 -47.21 23.45
CA TYR E 664 -29.14 -47.70 23.84
C TYR E 664 -29.49 -47.09 25.20
N ASP E 665 -28.58 -47.21 26.16
CA ASP E 665 -28.85 -46.66 27.48
C ASP E 665 -29.22 -45.20 27.49
N GLU E 666 -28.51 -44.37 26.71
CA GLU E 666 -28.81 -42.94 26.69
C GLU E 666 -30.19 -42.67 26.06
N ALA E 667 -30.49 -43.34 24.95
CA ALA E 667 -31.79 -43.17 24.30
C ALA E 667 -32.86 -43.57 25.31
N TRP E 668 -32.62 -44.68 26.00
CA TRP E 668 -33.56 -45.17 26.99
C TRP E 668 -33.75 -44.17 28.13
N LYS E 669 -32.64 -43.58 28.59
CA LYS E 669 -32.68 -42.61 29.68
C LYS E 669 -33.37 -41.34 29.23
N LEU E 670 -33.01 -40.85 28.04
CA LEU E 670 -33.64 -39.65 27.50
C LEU E 670 -35.16 -39.86 27.38
N ALA E 671 -35.57 -40.99 26.81
CA ALA E 671 -36.99 -41.29 26.64
C ALA E 671 -37.71 -41.22 27.98
N ARG E 672 -37.06 -41.70 29.04
CA ARG E 672 -37.69 -41.69 30.35
C ARG E 672 -37.70 -40.28 30.95
N ASP E 673 -36.54 -39.64 30.96
CA ASP E 673 -36.36 -38.31 31.53
C ASP E 673 -37.12 -37.16 30.87
N ASN E 674 -37.36 -37.26 29.57
CA ASN E 674 -38.05 -36.18 28.88
C ASN E 674 -39.52 -36.43 28.55
N TYR E 675 -40.04 -37.60 28.92
CA TYR E 675 -41.45 -37.90 28.63
C TYR E 675 -42.31 -36.90 29.39
N TRP E 676 -43.31 -36.34 28.70
CA TRP E 676 -44.15 -35.31 29.31
C TRP E 676 -44.81 -35.71 30.64
N ASN E 677 -45.14 -36.98 30.80
CA ASN E 677 -45.79 -37.45 32.03
C ASN E 677 -44.79 -38.25 32.88
N GLU E 678 -44.22 -37.60 33.88
CA GLU E 678 -43.24 -38.24 34.76
C GLU E 678 -43.75 -39.51 35.41
N ALA E 679 -44.95 -39.47 35.97
CA ALA E 679 -45.53 -40.63 36.63
C ALA E 679 -45.49 -41.89 35.76
N VAL E 680 -45.98 -41.77 34.53
CA VAL E 680 -46.01 -42.88 33.59
C VAL E 680 -44.64 -43.31 33.08
N ALA E 681 -43.72 -42.34 32.97
CA ALA E 681 -42.38 -42.62 32.46
C ALA E 681 -41.60 -43.64 33.31
N LYS E 682 -41.77 -43.60 34.63
CA LYS E 682 -41.07 -44.53 35.50
C LYS E 682 -41.51 -45.97 35.26
N GLU E 683 -42.82 -46.17 35.19
CA GLU E 683 -43.37 -47.51 34.97
C GLU E 683 -42.99 -48.04 33.59
N ILE E 684 -43.23 -47.24 32.55
CA ILE E 684 -42.90 -47.66 31.19
C ILE E 684 -41.42 -47.99 31.01
N SER E 685 -40.55 -47.06 31.41
CA SER E 685 -39.11 -47.26 31.25
C SER E 685 -38.60 -48.53 31.89
N GLU E 686 -39.03 -48.81 33.11
CA GLU E 686 -38.59 -50.00 33.82
C GLU E 686 -39.11 -51.28 33.17
N ARG E 687 -40.32 -51.22 32.63
CA ARG E 687 -40.93 -52.37 31.99
C ARG E 687 -40.26 -52.80 30.69
N ILE E 688 -39.72 -51.84 29.94
CA ILE E 688 -39.11 -52.13 28.65
C ILE E 688 -37.59 -52.17 28.59
N TYR E 689 -36.92 -51.72 29.64
CA TYR E 689 -35.47 -51.67 29.65
C TYR E 689 -34.71 -52.92 29.17
N GLU E 690 -34.88 -54.03 29.86
CA GLU E 690 -34.18 -55.29 29.53
C GLU E 690 -34.60 -55.97 28.23
N LYS E 691 -35.90 -55.94 27.95
CA LYS E 691 -36.46 -56.51 26.74
C LYS E 691 -35.70 -56.04 25.49
N TYR E 692 -35.46 -54.74 25.40
CA TYR E 692 -34.72 -54.23 24.25
C TYR E 692 -33.20 -54.22 24.45
N ARG E 693 -32.74 -54.06 25.69
CA ARG E 693 -31.30 -54.09 25.97
C ARG E 693 -30.76 -55.47 25.55
N ASN E 694 -31.58 -56.50 25.73
CA ASN E 694 -31.16 -57.86 25.36
C ASN E 694 -30.98 -58.06 23.86
N LEU E 695 -31.52 -57.16 23.06
CA LEU E 695 -31.36 -57.27 21.60
C LEU E 695 -30.12 -56.53 21.12
N VAL E 696 -29.62 -55.62 21.94
CA VAL E 696 -28.45 -54.81 21.55
C VAL E 696 -27.25 -55.63 21.12
N PRO E 697 -26.94 -56.72 21.84
CA PRO E 697 -25.77 -57.50 21.41
C PRO E 697 -25.94 -58.21 20.06
N LEU E 698 -27.16 -58.27 19.53
CA LEU E 698 -27.38 -58.91 18.23
C LEU E 698 -27.10 -57.88 17.15
N CYS E 699 -27.00 -56.61 17.55
CA CYS E 699 -26.76 -55.54 16.60
C CYS E 699 -25.30 -55.39 16.24
N LYS E 700 -25.06 -55.30 14.92
CA LYS E 700 -23.72 -55.13 14.34
C LYS E 700 -23.61 -53.81 13.61
N THR E 701 -24.71 -53.33 13.04
CA THR E 701 -24.70 -52.08 12.30
C THR E 701 -25.58 -51.04 12.98
N ARG E 702 -25.39 -49.78 12.59
CA ARG E 702 -26.15 -48.69 13.17
C ARG E 702 -27.63 -48.89 12.88
N TYR E 703 -27.93 -49.42 11.69
CA TYR E 703 -29.31 -49.67 11.32
C TYR E 703 -29.89 -50.72 12.28
N ASP E 704 -29.11 -51.76 12.60
CA ASP E 704 -29.57 -52.79 13.52
C ASP E 704 -30.02 -52.07 14.79
N LEU E 705 -29.12 -51.28 15.37
CA LEU E 705 -29.39 -50.54 16.60
C LEU E 705 -30.66 -49.70 16.46
N SER E 706 -30.85 -49.07 15.30
CA SER E 706 -32.03 -48.25 15.05
C SER E 706 -33.32 -49.06 15.23
N ASN E 707 -33.34 -50.27 14.68
CA ASN E 707 -34.54 -51.09 14.81
C ASN E 707 -34.86 -51.31 16.29
N VAL E 708 -33.83 -51.56 17.07
CA VAL E 708 -34.00 -51.79 18.50
C VAL E 708 -34.43 -50.52 19.25
N ILE E 709 -33.72 -49.41 19.06
CA ILE E 709 -34.08 -48.19 19.76
C ILE E 709 -35.48 -47.72 19.43
N VAL E 710 -35.86 -47.78 18.15
CA VAL E 710 -37.19 -47.32 17.76
C VAL E 710 -38.31 -48.15 18.36
N GLU E 711 -38.13 -49.46 18.45
CA GLU E 711 -39.17 -50.32 19.02
C GLU E 711 -39.35 -49.97 20.50
N MET E 712 -38.25 -49.64 21.18
CA MET E 712 -38.36 -49.30 22.58
C MET E 712 -39.02 -47.92 22.71
N GLN E 713 -38.69 -47.00 21.81
CA GLN E 713 -39.30 -45.65 21.82
C GLN E 713 -40.82 -45.73 21.64
N GLY E 714 -41.25 -46.68 20.81
CA GLY E 714 -42.65 -46.85 20.49
C GLY E 714 -43.48 -47.34 21.65
N GLU E 715 -42.82 -47.96 22.63
CA GLU E 715 -43.51 -48.48 23.81
C GLU E 715 -44.15 -47.35 24.59
N TYR E 716 -43.74 -46.10 24.31
CA TYR E 716 -44.34 -44.97 24.99
C TYR E 716 -45.72 -44.63 24.40
N ARG E 717 -46.09 -45.36 23.36
CA ARG E 717 -47.39 -45.20 22.73
C ARG E 717 -47.82 -43.75 22.56
N THR E 718 -46.86 -42.88 22.26
CA THR E 718 -47.13 -41.46 22.10
C THR E 718 -46.51 -40.93 20.81
N SER E 719 -47.07 -39.86 20.28
CA SER E 719 -46.53 -39.28 19.04
C SER E 719 -45.16 -38.67 19.29
N HIS E 720 -44.50 -38.27 18.22
CA HIS E 720 -43.19 -37.62 18.22
C HIS E 720 -41.99 -38.31 18.90
N SER E 721 -41.90 -39.62 18.76
CA SER E 721 -40.74 -40.33 19.30
C SER E 721 -39.99 -40.66 18.02
N TYR E 722 -39.09 -39.76 17.64
CA TYR E 722 -38.31 -39.90 16.41
C TYR E 722 -36.82 -40.15 16.59
N GLU E 723 -36.21 -40.65 15.51
CA GLU E 723 -34.78 -40.91 15.45
C GLU E 723 -34.29 -40.25 14.17
N MET E 724 -33.58 -39.13 14.31
CA MET E 724 -33.07 -38.40 13.15
C MET E 724 -31.54 -38.29 13.20
N GLY E 725 -30.92 -38.13 12.04
CA GLY E 725 -29.48 -37.98 12.00
C GLY E 725 -28.73 -39.26 12.26
N GLY E 726 -27.48 -39.12 12.71
CA GLY E 726 -26.65 -40.29 12.95
C GLY E 726 -25.98 -40.69 11.65
N THR E 727 -25.00 -41.59 11.73
CA THR E 727 -24.28 -42.06 10.55
C THR E 727 -24.51 -43.57 10.43
N PHE E 728 -25.14 -43.99 9.33
CA PHE E 728 -25.49 -45.39 9.12
C PHE E 728 -24.69 -46.10 8.04
N THR E 729 -24.12 -45.33 7.12
CA THR E 729 -23.37 -45.88 5.99
C THR E 729 -22.37 -44.83 5.53
N ASP E 730 -21.43 -45.21 4.68
CA ASP E 730 -20.49 -44.24 4.15
C ASP E 730 -20.80 -44.00 2.66
N LYS E 731 -21.93 -44.53 2.21
CA LYS E 731 -22.34 -44.37 0.83
C LYS E 731 -22.87 -42.95 0.60
N ASP E 732 -22.42 -42.33 -0.49
CA ASP E 732 -22.90 -40.98 -0.82
C ASP E 732 -24.39 -41.14 -1.13
N PRO E 733 -25.19 -40.10 -0.86
CA PRO E 733 -26.61 -40.16 -1.14
C PRO E 733 -26.90 -40.32 -2.63
N PHE E 734 -28.02 -40.96 -2.96
CA PHE E 734 -28.41 -41.14 -4.35
C PHE E 734 -28.66 -39.75 -4.94
N ARG E 735 -28.40 -39.63 -6.24
CA ARG E 735 -28.58 -38.36 -6.94
C ARG E 735 -29.69 -38.52 -7.96
N SER E 736 -30.46 -37.47 -8.18
CA SER E 736 -31.53 -37.47 -9.17
C SER E 736 -31.45 -36.14 -9.93
N GLY E 737 -31.65 -36.17 -11.24
CA GLY E 737 -31.60 -34.94 -12.02
C GLY E 737 -33.00 -34.55 -12.44
N ARG E 738 -33.38 -33.30 -12.23
CA ARG E 738 -34.72 -32.88 -12.58
C ARG E 738 -34.84 -31.54 -13.29
N ILE E 739 -35.87 -31.46 -14.14
CA ILE E 739 -36.14 -30.26 -14.90
C ILE E 739 -37.61 -29.89 -14.77
N ALA E 740 -38.23 -30.37 -13.71
CA ALA E 740 -39.65 -30.12 -13.46
C ALA E 740 -40.52 -30.52 -14.66
N CYS E 741 -40.34 -31.75 -15.13
CA CYS E 741 -41.10 -32.30 -16.24
C CYS E 741 -41.42 -33.76 -15.97
N ASP E 742 -42.56 -34.22 -16.47
CA ASP E 742 -42.96 -35.62 -16.38
C ASP E 742 -42.77 -36.16 -17.77
N PHE E 743 -42.18 -37.35 -17.87
CA PHE E 743 -41.92 -37.95 -19.16
C PHE E 743 -42.74 -39.21 -19.37
N LYS E 744 -43.12 -39.43 -20.63
CA LYS E 744 -43.91 -40.59 -21.01
C LYS E 744 -43.16 -41.23 -22.19
N LEU E 745 -43.04 -42.55 -22.17
CA LEU E 745 -42.38 -43.23 -23.26
C LEU E 745 -43.44 -43.47 -24.34
N ASP E 746 -43.27 -42.80 -25.47
CA ASP E 746 -44.21 -42.93 -26.59
C ASP E 746 -43.45 -43.49 -27.78
N GLY E 747 -43.70 -44.76 -28.08
CA GLY E 747 -42.98 -45.37 -29.18
C GLY E 747 -41.57 -45.61 -28.68
N ASP E 748 -40.60 -45.05 -29.37
CA ASP E 748 -39.21 -45.22 -28.95
C ASP E 748 -38.66 -43.91 -28.40
N HIS E 749 -39.55 -42.93 -28.21
CA HIS E 749 -39.18 -41.61 -27.73
C HIS E 749 -39.85 -41.19 -26.43
N TYR E 750 -39.20 -40.29 -25.70
CA TYR E 750 -39.76 -39.75 -24.47
C TYR E 750 -40.42 -38.45 -24.88
N VAL E 751 -41.63 -38.22 -24.41
CA VAL E 751 -42.32 -36.98 -24.72
C VAL E 751 -42.54 -36.31 -23.38
N VAL E 752 -42.53 -34.98 -23.38
CA VAL E 752 -42.75 -34.24 -22.14
C VAL E 752 -44.25 -34.22 -21.89
N ALA E 753 -44.70 -35.12 -21.02
CA ALA E 753 -46.12 -35.22 -20.68
C ALA E 753 -46.61 -34.00 -19.92
N LYS E 754 -45.74 -33.41 -19.12
CA LYS E 754 -46.11 -32.21 -18.38
C LYS E 754 -44.88 -31.40 -17.95
N ALA E 755 -44.98 -30.07 -18.05
CA ALA E 755 -43.92 -29.14 -17.69
C ALA E 755 -44.49 -28.24 -16.58
N TYR E 756 -43.95 -28.39 -15.37
CA TYR E 756 -44.44 -27.64 -14.22
C TYR E 756 -44.06 -26.17 -14.09
N ALA E 757 -45.02 -25.36 -13.62
CA ALA E 757 -44.82 -23.95 -13.38
C ALA E 757 -45.87 -23.50 -12.38
N GLY E 758 -45.48 -22.65 -11.43
CA GLY E 758 -46.41 -22.13 -10.43
C GLY E 758 -46.59 -20.67 -10.82
N ASP E 759 -45.91 -19.77 -10.12
CA ASP E 759 -45.96 -18.35 -10.48
C ASP E 759 -44.71 -18.08 -11.30
N TYR E 760 -44.88 -17.85 -12.61
CA TYR E 760 -43.77 -17.59 -13.53
C TYR E 760 -42.77 -16.54 -13.07
N SER E 761 -43.22 -15.54 -12.34
CA SER E 761 -42.35 -14.47 -11.89
C SER E 761 -41.56 -14.74 -10.63
N ASN E 762 -42.01 -15.70 -9.84
CA ASN E 762 -41.29 -16.04 -8.63
C ASN E 762 -40.04 -16.82 -9.01
N GLU E 763 -39.11 -16.94 -8.08
CA GLU E 763 -37.88 -17.69 -8.30
C GLU E 763 -38.15 -19.16 -8.01
N GLY E 764 -37.51 -20.03 -8.79
CA GLY E 764 -37.66 -21.47 -8.62
C GLY E 764 -39.04 -22.07 -8.57
N GLU E 765 -39.91 -21.70 -9.51
CA GLU E 765 -41.26 -22.25 -9.57
C GLU E 765 -41.64 -22.70 -10.97
N LYS E 766 -40.67 -23.09 -11.77
CA LYS E 766 -40.97 -23.55 -13.13
C LYS E 766 -39.82 -24.32 -13.76
N SER E 767 -40.13 -25.09 -14.80
CA SER E 767 -39.09 -25.83 -15.49
C SER E 767 -38.06 -24.84 -16.06
N PRO E 768 -36.76 -25.13 -15.88
CA PRO E 768 -35.73 -24.24 -16.41
C PRO E 768 -35.85 -23.99 -17.91
N ILE E 769 -36.63 -24.81 -18.60
CA ILE E 769 -36.80 -24.62 -20.04
C ILE E 769 -37.61 -23.36 -20.36
N PHE E 770 -38.51 -23.00 -19.47
CA PHE E 770 -39.35 -21.81 -19.67
C PHE E 770 -38.54 -20.53 -19.89
N GLU E 771 -37.33 -20.47 -19.33
CA GLU E 771 -36.48 -19.30 -19.49
C GLU E 771 -35.97 -19.14 -20.92
N TYR E 772 -36.17 -20.15 -21.74
CA TYR E 772 -35.73 -20.09 -23.13
C TYR E 772 -36.87 -19.66 -24.05
N GLY E 773 -37.99 -19.25 -23.45
CA GLY E 773 -39.12 -18.78 -24.21
C GLY E 773 -40.11 -19.78 -24.79
N ILE E 774 -40.08 -21.03 -24.33
CA ILE E 774 -41.04 -22.02 -24.84
C ILE E 774 -41.50 -22.94 -23.74
N ASP E 775 -42.67 -23.54 -23.97
CA ASP E 775 -43.25 -24.50 -23.04
C ASP E 775 -42.90 -25.84 -23.68
N PRO E 776 -42.11 -26.67 -22.99
CA PRO E 776 -41.69 -27.98 -23.49
C PRO E 776 -42.78 -29.05 -23.56
N THR E 777 -43.98 -28.73 -23.08
CA THR E 777 -45.10 -29.68 -23.07
C THR E 777 -45.36 -30.26 -24.45
N GLY E 778 -45.39 -31.58 -24.54
CA GLY E 778 -45.64 -32.23 -25.81
C GLY E 778 -44.43 -32.36 -26.72
N TYR E 779 -43.32 -31.77 -26.31
CA TYR E 779 -42.07 -31.83 -27.07
C TYR E 779 -41.41 -33.19 -26.85
N LEU E 780 -40.66 -33.62 -27.86
CA LEU E 780 -39.95 -34.89 -27.75
C LEU E 780 -38.53 -34.56 -27.31
N ILE E 781 -38.00 -35.33 -26.36
CA ILE E 781 -36.63 -35.13 -25.91
C ILE E 781 -35.74 -36.12 -26.64
N GLU E 782 -35.00 -35.63 -27.63
CA GLU E 782 -34.12 -36.46 -28.46
C GLU E 782 -32.86 -36.95 -27.74
N ASP E 783 -32.11 -36.02 -27.17
CA ASP E 783 -30.87 -36.36 -26.49
C ASP E 783 -30.44 -35.35 -25.45
N ILE E 784 -29.53 -35.81 -24.61
CA ILE E 784 -28.98 -34.99 -23.56
C ILE E 784 -27.46 -35.16 -23.61
N ASP E 785 -26.76 -34.05 -23.82
CA ASP E 785 -25.31 -34.01 -23.92
C ASP E 785 -24.79 -34.95 -25.01
N GLY E 786 -25.51 -35.00 -26.12
CA GLY E 786 -25.12 -35.86 -27.23
C GLY E 786 -25.51 -37.33 -27.10
N GLU E 787 -26.14 -37.69 -25.98
CA GLU E 787 -26.55 -39.09 -25.75
C GLU E 787 -28.06 -39.27 -25.98
N THR E 788 -28.40 -40.08 -26.96
CA THR E 788 -29.80 -40.34 -27.27
C THR E 788 -30.52 -40.99 -26.10
N VAL E 789 -31.70 -40.47 -25.76
CA VAL E 789 -32.50 -41.05 -24.71
C VAL E 789 -33.77 -41.54 -25.38
N GLY E 790 -34.39 -42.56 -24.79
CA GLY E 790 -35.60 -43.11 -25.37
C GLY E 790 -35.73 -44.57 -24.98
N ALA E 791 -36.42 -45.34 -25.83
CA ALA E 791 -36.65 -46.76 -25.61
C ALA E 791 -35.47 -47.50 -24.98
N GLY E 792 -34.29 -47.39 -25.59
CA GLY E 792 -33.15 -48.10 -25.03
C GLY E 792 -32.20 -47.26 -24.21
N SER E 793 -32.64 -46.09 -23.75
CA SER E 793 -31.76 -45.22 -22.98
C SER E 793 -32.50 -44.46 -21.87
N ASN E 794 -32.38 -44.97 -20.65
CA ASN E 794 -33.03 -44.39 -19.49
C ASN E 794 -32.75 -42.89 -19.32
N ILE E 795 -33.78 -42.07 -19.48
CA ILE E 795 -33.56 -40.64 -19.32
C ILE E 795 -33.30 -40.28 -17.86
N TYR E 796 -33.98 -40.96 -16.93
CA TYR E 796 -33.80 -40.69 -15.51
C TYR E 796 -32.35 -40.88 -15.09
N ARG E 797 -31.72 -41.93 -15.59
CA ARG E 797 -30.32 -42.16 -15.23
C ARG E 797 -29.43 -41.08 -15.83
N VAL E 798 -29.73 -40.68 -17.06
CA VAL E 798 -28.94 -39.66 -17.75
C VAL E 798 -29.04 -38.35 -16.99
N LEU E 799 -30.24 -38.01 -16.55
CA LEU E 799 -30.45 -36.79 -15.79
C LEU E 799 -29.71 -36.86 -14.44
N SER E 800 -29.75 -38.03 -13.79
CA SER E 800 -29.06 -38.18 -12.51
C SER E 800 -27.57 -37.89 -12.64
N GLU E 801 -27.02 -38.27 -13.78
CA GLU E 801 -25.60 -38.11 -14.05
C GLU E 801 -25.20 -36.67 -14.40
N LYS E 802 -26.19 -35.81 -14.62
CA LYS E 802 -25.95 -34.40 -14.97
C LYS E 802 -26.42 -33.46 -13.87
N ALA E 803 -27.09 -34.01 -12.85
CA ALA E 803 -27.61 -33.21 -11.75
C ALA E 803 -26.58 -32.19 -11.26
N GLY E 804 -27.03 -30.95 -11.07
CA GLY E 804 -26.13 -29.91 -10.60
C GLY E 804 -25.31 -29.21 -11.68
N THR E 805 -25.53 -29.53 -12.96
CA THR E 805 -24.79 -28.90 -14.05
C THR E 805 -25.74 -28.57 -15.19
N SER E 806 -25.27 -27.85 -16.20
CA SER E 806 -26.09 -27.50 -17.36
C SER E 806 -25.73 -28.40 -18.52
N ALA E 807 -26.72 -29.08 -19.08
CA ALA E 807 -26.46 -29.98 -20.20
C ALA E 807 -27.22 -29.56 -21.45
N ARG E 808 -26.68 -29.92 -22.61
CA ARG E 808 -27.32 -29.59 -23.87
C ARG E 808 -28.47 -30.57 -24.11
N ILE E 809 -29.67 -30.04 -24.22
CA ILE E 809 -30.83 -30.87 -24.46
C ILE E 809 -31.46 -30.52 -25.82
N ARG E 810 -31.59 -31.53 -26.66
CA ARG E 810 -32.19 -31.35 -27.97
C ARG E 810 -33.67 -31.72 -27.88
N LEU E 811 -34.54 -30.77 -28.23
CA LEU E 811 -35.97 -31.02 -28.17
C LEU E 811 -36.60 -30.94 -29.58
N SER E 812 -37.68 -31.67 -29.78
CA SER E 812 -38.40 -31.68 -31.05
C SER E 812 -39.87 -31.43 -30.82
N GLY E 813 -40.43 -30.45 -31.52
CA GLY E 813 -41.84 -30.16 -31.37
C GLY E 813 -42.61 -30.75 -32.54
N LYS E 814 -43.92 -30.81 -32.43
CA LYS E 814 -44.74 -31.35 -33.50
C LYS E 814 -44.76 -30.36 -34.66
N GLY E 815 -43.88 -30.60 -35.62
CA GLY E 815 -43.76 -29.74 -36.78
C GLY E 815 -42.30 -29.78 -37.18
N GLY E 816 -41.73 -28.61 -37.47
CA GLY E 816 -40.32 -28.56 -37.84
C GLY E 816 -39.52 -27.89 -36.73
N ASP E 817 -40.19 -27.62 -35.61
CA ASP E 817 -39.55 -26.96 -34.48
C ASP E 817 -38.51 -27.83 -33.77
N LYS E 818 -37.27 -27.37 -33.76
CA LYS E 818 -36.18 -28.07 -33.10
C LYS E 818 -35.42 -27.10 -32.21
N ARG E 819 -35.17 -27.50 -30.97
CA ARG E 819 -34.46 -26.63 -30.03
C ARG E 819 -33.20 -27.31 -29.48
N ASP E 820 -32.16 -26.50 -29.34
CA ASP E 820 -30.90 -26.98 -28.82
C ASP E 820 -30.60 -26.05 -27.64
N LEU E 821 -30.77 -26.55 -26.42
CA LEU E 821 -30.62 -25.69 -25.24
C LEU E 821 -29.78 -26.18 -24.08
N MET E 822 -29.08 -25.25 -23.43
CA MET E 822 -28.28 -25.57 -22.25
C MET E 822 -29.25 -25.39 -21.08
N ILE E 823 -29.70 -26.52 -20.53
CA ILE E 823 -30.65 -26.49 -19.43
C ILE E 823 -30.02 -26.88 -18.09
N ASP E 824 -30.34 -26.11 -17.05
CA ASP E 824 -29.83 -26.42 -15.72
C ASP E 824 -30.55 -27.66 -15.20
N ILE E 825 -29.79 -28.71 -14.91
CA ILE E 825 -30.40 -29.93 -14.37
C ILE E 825 -30.38 -29.79 -12.85
N LEU E 826 -31.56 -29.66 -12.28
CA LEU E 826 -31.71 -29.49 -10.83
C LEU E 826 -31.55 -30.79 -10.06
N ASP E 827 -31.24 -30.68 -8.78
CA ASP E 827 -31.09 -31.83 -7.90
C ASP E 827 -32.45 -32.17 -7.32
N ASP E 828 -33.42 -31.27 -7.49
CA ASP E 828 -34.76 -31.50 -6.96
C ASP E 828 -35.78 -30.52 -7.56
N ASP E 829 -37.04 -30.93 -7.60
CA ASP E 829 -38.09 -30.08 -8.13
C ASP E 829 -39.42 -30.23 -7.39
N ARG E 830 -39.32 -30.58 -6.12
CA ARG E 830 -40.49 -30.75 -5.28
C ARG E 830 -41.22 -29.42 -5.11
N PHE E 831 -40.47 -28.36 -4.79
CA PHE E 831 -41.08 -27.06 -4.57
C PHE E 831 -41.75 -26.53 -5.84
N ILE E 832 -41.17 -26.82 -6.99
CA ILE E 832 -41.76 -26.38 -8.25
C ILE E 832 -43.06 -27.16 -8.42
N ARG E 833 -43.02 -28.46 -8.14
CA ARG E 833 -44.20 -29.28 -8.28
C ARG E 833 -45.28 -28.80 -7.31
N TYR E 834 -44.87 -28.44 -6.10
CA TYR E 834 -45.80 -27.98 -5.09
C TYR E 834 -46.52 -26.70 -5.47
N ARG E 835 -45.75 -25.69 -5.85
CA ARG E 835 -46.31 -24.40 -6.23
C ARG E 835 -47.20 -24.54 -7.45
N SER E 836 -46.85 -25.45 -8.36
CA SER E 836 -47.64 -25.68 -9.56
C SER E 836 -48.99 -26.27 -9.11
N TRP E 837 -48.94 -27.17 -8.11
CA TRP E 837 -50.14 -27.81 -7.59
C TRP E 837 -51.04 -26.77 -6.94
N VAL E 838 -50.45 -25.84 -6.19
CA VAL E 838 -51.20 -24.81 -5.52
C VAL E 838 -51.89 -23.86 -6.51
N GLU E 839 -51.14 -23.40 -7.51
CA GLU E 839 -51.69 -22.49 -8.50
C GLU E 839 -52.81 -23.15 -9.31
N ALA E 840 -52.68 -24.45 -9.58
CA ALA E 840 -53.72 -25.17 -10.32
C ALA E 840 -55.00 -25.18 -9.49
N ASN E 841 -54.90 -25.51 -8.20
CA ASN E 841 -56.07 -25.53 -7.32
C ASN E 841 -56.70 -24.15 -7.27
N ARG E 842 -55.83 -23.15 -7.15
CA ARG E 842 -56.22 -21.76 -7.08
C ARG E 842 -57.06 -21.35 -8.30
N ARG E 843 -56.59 -21.64 -9.50
CA ARG E 843 -57.32 -21.32 -10.72
C ARG E 843 -58.64 -22.09 -10.71
N TYR E 844 -58.56 -23.37 -10.38
CA TYR E 844 -59.72 -24.24 -10.32
C TYR E 844 -60.82 -23.68 -9.39
N VAL E 845 -60.41 -23.11 -8.27
CA VAL E 845 -61.36 -22.56 -7.31
C VAL E 845 -61.99 -21.29 -7.87
N HIS E 846 -61.16 -20.44 -8.48
CA HIS E 846 -61.65 -19.19 -9.07
C HIS E 846 -62.66 -19.53 -10.18
N GLU E 847 -62.31 -20.50 -11.02
CA GLU E 847 -63.16 -20.89 -12.14
C GLU E 847 -64.48 -21.55 -11.73
N ARG E 848 -64.43 -22.47 -10.77
CA ARG E 848 -65.64 -23.15 -10.33
C ARG E 848 -66.56 -22.22 -9.51
N SER E 849 -65.97 -21.29 -8.77
CA SER E 849 -66.76 -20.37 -7.94
C SER E 849 -67.17 -19.12 -8.72
N LYS E 850 -66.88 -19.11 -10.02
CA LYS E 850 -67.19 -17.97 -10.87
C LYS E 850 -66.57 -16.69 -10.33
N GLY E 851 -65.35 -16.81 -9.80
CA GLY E 851 -64.63 -15.67 -9.27
C GLY E 851 -65.13 -15.16 -7.92
N THR E 852 -65.83 -15.99 -7.18
CA THR E 852 -66.34 -15.55 -5.88
C THR E 852 -65.58 -16.13 -4.70
N ILE E 853 -64.81 -17.20 -4.92
CA ILE E 853 -64.06 -17.82 -3.84
C ILE E 853 -62.55 -17.82 -4.05
N GLY E 854 -61.83 -17.51 -2.98
CA GLY E 854 -60.37 -17.47 -3.01
C GLY E 854 -59.79 -18.75 -2.44
N TYR E 855 -58.48 -18.93 -2.57
CA TYR E 855 -57.85 -20.16 -2.10
C TYR E 855 -56.45 -19.93 -1.54
N ILE E 856 -56.11 -20.67 -0.48
CA ILE E 856 -54.80 -20.58 0.16
C ILE E 856 -54.40 -21.95 0.69
N HIS E 857 -53.18 -22.39 0.41
CA HIS E 857 -52.75 -23.67 0.94
C HIS E 857 -51.61 -23.49 1.91
N ILE E 858 -51.68 -24.16 3.05
CA ILE E 858 -50.63 -24.02 4.05
C ILE E 858 -49.96 -25.39 4.19
N PRO E 859 -48.82 -25.57 3.52
CA PRO E 859 -48.04 -26.81 3.51
C PRO E 859 -47.51 -27.32 4.85
N ASP E 860 -47.18 -26.42 5.77
CA ASP E 860 -46.74 -26.84 7.09
C ASP E 860 -46.88 -25.64 8.00
N MET E 861 -46.46 -25.76 9.25
CA MET E 861 -46.56 -24.63 10.18
C MET E 861 -45.20 -24.10 10.58
N GLY E 862 -44.26 -24.19 9.65
CA GLY E 862 -42.91 -23.69 9.89
C GLY E 862 -42.72 -22.45 9.04
N MET E 863 -41.50 -22.21 8.61
CA MET E 863 -41.18 -21.05 7.80
C MET E 863 -41.81 -21.17 6.41
N MET E 864 -41.96 -22.39 5.89
CA MET E 864 -42.57 -22.57 4.57
C MET E 864 -44.06 -22.20 4.68
N GLY E 865 -44.69 -22.64 5.75
CA GLY E 865 -46.10 -22.36 5.95
C GLY E 865 -46.39 -20.87 5.96
N LEU E 866 -45.52 -20.13 6.65
CA LEU E 866 -45.65 -18.68 6.75
C LEU E 866 -45.49 -18.09 5.34
N ASN E 867 -44.51 -18.58 4.60
CA ASN E 867 -44.28 -18.10 3.24
C ASN E 867 -45.49 -18.33 2.35
N GLU E 868 -46.01 -19.55 2.32
CA GLU E 868 -47.14 -19.89 1.45
C GLU E 868 -48.47 -19.30 1.87
N PHE E 869 -48.71 -19.22 3.18
CA PHE E 869 -49.94 -18.61 3.63
C PHE E 869 -50.00 -17.18 3.13
N TYR E 870 -48.96 -16.39 3.46
CA TYR E 870 -48.93 -15.00 3.05
C TYR E 870 -48.81 -14.75 1.56
N ARG E 871 -48.06 -15.62 0.88
CA ARG E 871 -47.89 -15.50 -0.57
C ARG E 871 -49.24 -15.45 -1.27
N LEU E 872 -50.22 -16.19 -0.76
CA LEU E 872 -51.55 -16.19 -1.36
C LEU E 872 -52.55 -15.35 -0.58
N PHE E 873 -52.36 -15.22 0.72
CA PHE E 873 -53.28 -14.46 1.55
C PHE E 873 -53.47 -13.04 1.04
N ILE E 874 -52.35 -12.40 0.70
CA ILE E 874 -52.38 -11.02 0.21
C ILE E 874 -53.18 -10.81 -1.09
N ASN E 875 -53.45 -11.89 -1.82
CA ASN E 875 -54.20 -11.83 -3.07
C ASN E 875 -55.54 -12.57 -3.03
N GLU E 876 -55.71 -13.48 -2.08
CA GLU E 876 -56.91 -14.31 -2.02
C GLU E 876 -57.91 -14.07 -0.90
N SER E 877 -57.61 -13.16 0.02
CA SER E 877 -58.51 -12.93 1.15
C SER E 877 -59.72 -12.01 0.89
N SER E 878 -59.76 -11.32 -0.24
CA SER E 878 -60.88 -10.43 -0.47
C SER E 878 -61.95 -10.88 -1.45
N TYR E 879 -62.14 -12.19 -1.58
CA TYR E 879 -63.21 -12.71 -2.41
C TYR E 879 -64.36 -12.86 -1.43
N GLN E 880 -65.54 -13.25 -1.90
CA GLN E 880 -66.68 -13.41 -1.00
C GLN E 880 -66.43 -14.54 -0.01
N GLY E 881 -65.77 -15.59 -0.48
CA GLY E 881 -65.48 -16.73 0.37
C GLY E 881 -64.01 -17.09 0.29
N LEU E 882 -63.54 -17.87 1.24
CA LEU E 882 -62.15 -18.28 1.24
C LEU E 882 -61.99 -19.71 1.69
N ILE E 883 -61.19 -20.46 0.92
CA ILE E 883 -60.90 -21.84 1.27
C ILE E 883 -59.48 -21.92 1.80
N VAL E 884 -59.35 -22.27 3.07
CA VAL E 884 -58.03 -22.44 3.66
C VAL E 884 -57.76 -23.95 3.68
N ASP E 885 -56.93 -24.39 2.75
CA ASP E 885 -56.60 -25.78 2.59
C ASP E 885 -55.31 -26.12 3.37
N VAL E 886 -55.42 -27.00 4.36
CA VAL E 886 -54.25 -27.38 5.15
C VAL E 886 -53.94 -28.86 5.01
N ARG E 887 -54.46 -29.49 3.97
CA ARG E 887 -54.18 -30.91 3.75
C ARG E 887 -52.67 -31.09 3.59
N PHE E 888 -52.13 -32.17 4.15
CA PHE E 888 -50.71 -32.49 4.06
C PHE E 888 -49.82 -31.60 4.92
N ASN E 889 -50.43 -30.74 5.74
CA ASN E 889 -49.68 -29.84 6.60
C ASN E 889 -48.76 -30.64 7.52
N GLY E 890 -47.45 -30.39 7.40
CA GLY E 890 -46.47 -31.10 8.19
C GLY E 890 -46.20 -30.61 9.59
N GLY E 891 -46.98 -29.64 10.06
CA GLY E 891 -46.76 -29.15 11.42
C GLY E 891 -45.72 -28.05 11.57
N GLY E 892 -45.40 -27.74 12.83
CA GLY E 892 -44.45 -26.70 13.14
C GLY E 892 -44.90 -25.95 14.39
N PHE E 893 -45.10 -24.64 14.30
CA PHE E 893 -45.55 -23.87 15.46
C PHE E 893 -46.25 -22.55 15.16
N VAL E 894 -46.43 -22.21 13.89
CA VAL E 894 -47.07 -20.94 13.58
C VAL E 894 -48.59 -20.95 13.39
N SER E 895 -49.25 -22.05 13.74
CA SER E 895 -50.70 -22.14 13.57
C SER E 895 -51.39 -20.96 14.24
N GLN E 896 -50.96 -20.63 15.46
CA GLN E 896 -51.56 -19.52 16.19
C GLN E 896 -51.42 -18.17 15.50
N LEU E 897 -50.35 -17.99 14.72
CA LEU E 897 -50.14 -16.72 14.02
C LEU E 897 -51.06 -16.60 12.82
N ILE E 898 -51.30 -17.73 12.17
CA ILE E 898 -52.17 -17.78 10.99
C ILE E 898 -53.62 -17.59 11.46
N ILE E 899 -53.99 -18.30 12.52
CA ILE E 899 -55.32 -18.21 13.12
C ILE E 899 -55.62 -16.75 13.48
N GLU E 900 -54.62 -16.07 14.06
CA GLU E 900 -54.77 -14.67 14.45
C GLU E 900 -55.21 -13.79 13.28
N LYS E 901 -54.67 -14.08 12.09
CA LYS E 901 -55.01 -13.32 10.90
C LYS E 901 -56.42 -13.65 10.43
N LEU E 902 -56.74 -14.93 10.37
CA LEU E 902 -58.05 -15.39 9.93
C LEU E 902 -59.19 -14.94 10.83
N MET E 903 -58.84 -14.55 12.06
CA MET E 903 -59.83 -14.09 13.04
C MET E 903 -60.21 -12.62 12.92
N ASN E 904 -59.45 -11.86 12.13
CA ASN E 904 -59.74 -10.45 11.95
C ASN E 904 -61.11 -10.24 11.32
N LYS E 905 -61.91 -9.35 11.92
CA LYS E 905 -63.24 -9.05 11.41
C LYS E 905 -63.23 -7.71 10.70
N ARG E 906 -63.63 -7.71 9.43
CA ARG E 906 -63.67 -6.47 8.66
C ARG E 906 -64.81 -5.65 9.25
N ILE E 907 -64.51 -4.44 9.71
CA ILE E 907 -65.55 -3.60 10.31
C ILE E 907 -65.61 -2.18 9.75
N GLY E 908 -64.75 -1.90 8.76
CA GLY E 908 -64.76 -0.58 8.19
C GLY E 908 -64.03 -0.47 6.87
N TYR E 909 -63.98 0.75 6.35
CA TYR E 909 -63.32 1.04 5.10
C TYR E 909 -62.87 2.49 5.11
N ASP E 910 -61.81 2.77 4.36
CA ASP E 910 -61.32 4.13 4.23
C ASP E 910 -61.86 4.52 2.87
N ASN E 911 -62.39 5.73 2.76
CA ASN E 911 -62.92 6.22 1.50
C ASN E 911 -62.03 7.35 1.05
N PRO E 912 -61.18 7.10 0.04
CA PRO E 912 -60.26 8.11 -0.47
C PRO E 912 -60.90 8.96 -1.55
N ARG E 913 -60.30 10.11 -1.80
CA ARG E 913 -60.78 11.00 -2.83
C ARG E 913 -60.51 10.29 -4.16
N ARG E 914 -59.34 9.67 -4.27
CA ARG E 914 -58.99 8.94 -5.49
C ARG E 914 -58.51 7.53 -5.11
N GLY E 915 -58.83 6.56 -5.97
CA GLY E 915 -58.43 5.19 -5.68
C GLY E 915 -59.64 4.39 -5.22
N THR E 916 -59.41 3.21 -4.66
CA THR E 916 -60.50 2.35 -4.20
C THR E 916 -60.53 2.25 -2.69
N LEU E 917 -61.60 1.65 -2.16
CA LEU E 917 -61.76 1.49 -0.72
C LEU E 917 -60.65 0.66 -0.09
N SER E 918 -60.29 1.00 1.15
CA SER E 918 -59.25 0.26 1.88
C SER E 918 -59.94 -0.40 3.07
N PRO E 919 -59.98 -1.74 3.10
CA PRO E 919 -60.63 -2.42 4.22
C PRO E 919 -59.89 -2.32 5.55
N TYR E 920 -60.65 -2.29 6.63
CA TYR E 920 -60.09 -2.22 7.96
C TYR E 920 -60.68 -3.37 8.80
N PRO E 921 -59.82 -4.23 9.35
CA PRO E 921 -58.35 -4.17 9.22
C PRO E 921 -57.93 -4.57 7.81
N THR E 922 -56.71 -4.21 7.44
CA THR E 922 -56.17 -4.56 6.13
C THR E 922 -56.06 -6.08 6.02
N ASN E 923 -55.63 -6.72 7.11
CA ASN E 923 -55.45 -8.18 7.14
C ASN E 923 -56.68 -8.97 7.51
N SER E 924 -57.87 -8.52 7.09
CA SER E 924 -59.07 -9.26 7.43
C SER E 924 -59.66 -9.96 6.22
N VAL E 925 -60.24 -11.14 6.44
CA VAL E 925 -60.87 -11.88 5.36
C VAL E 925 -62.22 -11.21 5.14
N ARG E 926 -62.58 -11.01 3.88
CA ARG E 926 -63.82 -10.33 3.53
C ARG E 926 -65.08 -11.07 3.89
N GLY E 927 -65.18 -12.35 3.55
CA GLY E 927 -66.40 -13.09 3.85
C GLY E 927 -66.32 -14.40 4.60
N LYS E 928 -66.95 -15.44 4.04
CA LYS E 928 -66.98 -16.74 4.66
C LYS E 928 -65.72 -17.58 4.43
N ILE E 929 -65.36 -18.36 5.45
CA ILE E 929 -64.19 -19.19 5.34
C ILE E 929 -64.54 -20.65 5.54
N ILE E 930 -63.82 -21.51 4.86
CA ILE E 930 -64.04 -22.94 4.98
C ILE E 930 -62.65 -23.57 4.94
N ALA E 931 -62.40 -24.52 5.82
CA ALA E 931 -61.09 -25.16 5.86
C ALA E 931 -61.17 -26.62 5.44
N ILE E 932 -60.10 -27.10 4.81
CA ILE E 932 -60.03 -28.50 4.38
C ILE E 932 -58.82 -29.14 5.05
N THR E 933 -59.00 -30.35 5.56
CA THR E 933 -57.89 -31.05 6.20
C THR E 933 -57.97 -32.53 5.85
N ASN E 934 -56.90 -33.28 6.13
CA ASN E 934 -56.90 -34.70 5.87
C ASN E 934 -55.99 -35.43 6.86
N GLU E 935 -55.87 -36.73 6.70
CA GLU E 935 -55.10 -37.53 7.62
C GLU E 935 -53.60 -37.26 7.55
N TYR E 936 -53.19 -36.43 6.60
CA TYR E 936 -51.78 -36.11 6.45
C TYR E 936 -51.42 -34.78 7.08
N ALA E 937 -52.43 -34.07 7.61
CA ALA E 937 -52.16 -32.82 8.31
C ALA E 937 -52.03 -33.27 9.77
N GLY E 938 -51.04 -32.74 10.50
CA GLY E 938 -50.86 -33.16 11.87
C GLY E 938 -50.04 -32.23 12.76
N SER E 939 -49.96 -32.58 14.04
CA SER E 939 -49.22 -31.83 15.05
C SER E 939 -49.78 -30.41 15.15
N ASP E 940 -48.99 -29.42 14.81
CA ASP E 940 -49.48 -28.03 14.87
C ASP E 940 -50.60 -27.97 13.83
N GLY E 941 -50.59 -28.92 12.90
CA GLY E 941 -51.64 -28.98 11.90
C GLY E 941 -52.90 -29.49 12.57
N ASP E 942 -52.74 -30.32 13.61
CA ASP E 942 -53.88 -30.86 14.35
C ASP E 942 -54.49 -29.70 15.11
N ILE E 943 -53.62 -28.95 15.78
CA ILE E 943 -54.03 -27.82 16.59
C ILE E 943 -54.78 -26.76 15.77
N PHE E 944 -54.29 -26.49 14.56
CA PHE E 944 -54.94 -25.52 13.69
C PHE E 944 -56.35 -26.01 13.35
N SER E 945 -56.44 -27.27 12.97
CA SER E 945 -57.72 -27.89 12.60
C SER E 945 -58.73 -27.79 13.74
N PHE E 946 -58.29 -28.13 14.95
CA PHE E 946 -59.15 -28.09 16.11
C PHE E 946 -59.58 -26.66 16.45
N SER E 947 -58.63 -25.74 16.41
CA SER E 947 -58.88 -24.34 16.73
C SER E 947 -59.81 -23.67 15.72
N PHE E 948 -59.67 -24.06 14.45
CA PHE E 948 -60.52 -23.49 13.40
C PHE E 948 -61.98 -23.72 13.79
N LYS E 949 -62.33 -24.95 14.13
CA LYS E 949 -63.69 -25.29 14.53
C LYS E 949 -64.05 -24.63 15.84
N LYS E 950 -63.20 -24.80 16.84
CA LYS E 950 -63.43 -24.25 18.16
C LYS E 950 -63.71 -22.75 18.20
N LEU E 951 -63.04 -21.99 17.33
CA LEU E 951 -63.24 -20.55 17.29
C LEU E 951 -64.35 -20.16 16.34
N GLY E 952 -64.97 -21.16 15.72
CA GLY E 952 -66.06 -20.89 14.79
C GLY E 952 -65.68 -20.13 13.54
N LEU E 953 -64.46 -20.29 13.05
CA LEU E 953 -64.03 -19.60 11.85
C LEU E 953 -64.79 -20.10 10.61
N GLY E 954 -65.28 -21.33 10.68
CA GLY E 954 -66.02 -21.88 9.56
C GLY E 954 -66.10 -23.38 9.70
N LYS E 955 -66.57 -24.06 8.66
CA LYS E 955 -66.68 -25.52 8.72
C LYS E 955 -65.34 -26.15 8.33
N LEU E 956 -65.06 -27.31 8.91
CA LEU E 956 -63.84 -28.06 8.61
C LEU E 956 -64.25 -29.27 7.77
N ILE E 957 -63.69 -29.38 6.57
CA ILE E 957 -64.03 -30.46 5.63
C ILE E 957 -62.86 -31.41 5.34
N GLY E 958 -63.14 -32.71 5.21
CA GLY E 958 -62.09 -33.67 4.90
C GLY E 958 -62.13 -34.95 5.72
N THR E 959 -60.96 -35.40 6.18
CA THR E 959 -60.90 -36.61 6.99
C THR E 959 -60.16 -36.35 8.28
N ARG E 960 -60.29 -37.25 9.25
CA ARG E 960 -59.65 -37.07 10.55
C ARG E 960 -58.12 -36.90 10.42
N THR E 961 -57.59 -35.94 11.16
CA THR E 961 -56.18 -35.63 11.11
C THR E 961 -55.28 -36.65 11.83
N TRP E 962 -53.98 -36.49 11.64
CA TRP E 962 -52.95 -37.37 12.19
C TRP E 962 -53.11 -37.71 13.68
N GLY E 963 -53.44 -36.72 14.50
CA GLY E 963 -53.61 -36.96 15.92
C GLY E 963 -52.36 -37.05 16.76
N GLY E 964 -51.40 -36.17 16.53
CA GLY E 964 -50.19 -36.21 17.33
C GLY E 964 -49.85 -34.82 17.82
N VAL E 965 -50.22 -34.51 19.07
CA VAL E 965 -49.97 -33.18 19.64
C VAL E 965 -49.14 -33.10 20.92
N VAL E 966 -48.12 -33.93 21.03
CA VAL E 966 -47.22 -33.85 22.20
C VAL E 966 -45.89 -33.42 21.57
N GLY E 967 -45.53 -32.16 21.79
CA GLY E 967 -44.32 -31.59 21.21
C GLY E 967 -42.97 -32.06 21.68
N ILE E 968 -41.95 -31.63 20.96
CA ILE E 968 -40.55 -32.00 21.23
C ILE E 968 -39.61 -30.81 21.14
N THR E 969 -38.55 -30.84 21.93
CA THR E 969 -37.50 -29.81 21.91
C THR E 969 -36.22 -30.55 22.27
N PRO E 970 -35.67 -31.32 21.32
CA PRO E 970 -34.44 -32.07 21.58
C PRO E 970 -33.26 -31.16 21.91
N LYS E 971 -32.50 -31.53 22.93
CA LYS E 971 -31.35 -30.75 23.33
C LYS E 971 -30.09 -31.61 23.51
N ARG E 972 -30.17 -32.87 23.10
CA ARG E 972 -29.03 -33.77 23.19
C ARG E 972 -29.00 -34.78 22.05
N ARG E 973 -27.80 -35.00 21.52
CA ARG E 973 -27.58 -35.94 20.43
C ARG E 973 -26.77 -37.12 20.97
N LEU E 974 -26.81 -38.24 20.28
CA LEU E 974 -26.02 -39.39 20.70
C LEU E 974 -24.60 -39.14 20.22
N ILE E 975 -23.65 -39.93 20.73
CA ILE E 975 -22.25 -39.79 20.37
C ILE E 975 -21.99 -39.80 18.85
N ASP E 976 -22.87 -40.47 18.10
CA ASP E 976 -22.72 -40.53 16.65
C ASP E 976 -23.50 -39.42 15.93
N GLY E 977 -24.01 -38.44 16.67
CA GLY E 977 -24.76 -37.36 16.05
C GLY E 977 -26.27 -37.48 15.97
N THR E 978 -26.78 -38.68 16.17
CA THR E 978 -28.21 -38.98 16.13
C THR E 978 -29.01 -38.04 17.03
N VAL E 979 -30.11 -37.52 16.50
CA VAL E 979 -30.98 -36.66 17.29
C VAL E 979 -32.25 -37.44 17.61
N LEU E 980 -32.44 -37.79 18.88
CA LEU E 980 -33.65 -38.50 19.27
C LEU E 980 -34.62 -37.45 19.78
N THR E 981 -35.91 -37.73 19.67
CA THR E 981 -36.88 -36.75 20.17
C THR E 981 -37.76 -37.49 21.17
N GLN E 982 -38.17 -36.78 22.21
CA GLN E 982 -39.03 -37.36 23.24
C GLN E 982 -40.27 -36.48 23.38
N PRO E 983 -41.47 -37.08 23.38
CA PRO E 983 -42.70 -36.29 23.52
C PRO E 983 -42.69 -35.68 24.93
N GLU E 984 -42.25 -34.43 24.99
CA GLU E 984 -42.06 -33.70 26.23
C GLU E 984 -43.10 -32.63 26.57
N PHE E 985 -43.82 -32.15 25.56
CA PHE E 985 -44.80 -31.11 25.81
C PHE E 985 -46.19 -31.52 25.30
N ALA E 986 -47.04 -32.00 26.21
CA ALA E 986 -48.39 -32.42 25.83
C ALA E 986 -49.36 -31.25 25.69
N PHE E 987 -50.00 -31.14 24.52
CA PHE E 987 -50.95 -30.06 24.31
C PHE E 987 -52.33 -30.37 24.93
N TRP E 988 -52.87 -29.39 25.63
CA TRP E 988 -54.15 -29.55 26.30
C TRP E 988 -55.11 -28.47 25.84
N PHE E 989 -56.29 -28.87 25.35
CA PHE E 989 -57.29 -27.92 24.90
C PHE E 989 -58.35 -27.71 25.97
N ARG E 990 -58.79 -26.48 26.11
CA ARG E 990 -59.84 -26.15 27.05
C ARG E 990 -61.06 -26.96 26.56
N ASP E 991 -61.66 -27.75 27.46
CA ASP E 991 -62.82 -28.59 27.13
C ASP E 991 -62.50 -29.95 26.52
N ALA E 992 -61.47 -30.02 25.69
CA ALA E 992 -61.14 -31.30 25.07
C ALA E 992 -60.01 -32.04 25.80
N GLY E 993 -59.28 -31.34 26.65
CA GLY E 993 -58.20 -31.96 27.38
C GLY E 993 -57.05 -32.43 26.50
N PHE E 994 -56.44 -33.55 26.84
CA PHE E 994 -55.33 -34.10 26.06
C PHE E 994 -55.82 -35.03 24.96
N GLY E 995 -57.14 -35.13 24.82
CA GLY E 995 -57.76 -36.02 23.86
C GLY E 995 -57.43 -35.98 22.37
N VAL E 996 -56.79 -34.92 21.90
CA VAL E 996 -56.45 -34.87 20.48
C VAL E 996 -55.36 -35.90 20.23
N GLU E 997 -54.47 -36.05 21.21
CA GLU E 997 -53.37 -37.00 21.09
C GLU E 997 -53.85 -38.42 20.84
N ASN E 998 -53.32 -39.02 19.78
CA ASN E 998 -53.65 -40.38 19.37
C ASN E 998 -55.07 -40.53 18.83
N TYR E 999 -55.61 -39.46 18.31
CA TYR E 999 -56.94 -39.50 17.72
C TYR E 999 -56.99 -38.57 16.53
N GLY E 1000 -56.85 -37.27 16.79
CA GLY E 1000 -56.86 -36.31 15.72
C GLY E 1000 -58.05 -35.39 15.87
N VAL E 1001 -58.46 -34.78 14.77
CA VAL E 1001 -59.58 -33.84 14.76
C VAL E 1001 -60.57 -34.23 13.66
N ASP E 1002 -61.82 -34.50 14.06
CA ASP E 1002 -62.86 -34.86 13.09
C ASP E 1002 -63.33 -33.59 12.40
N PRO E 1003 -63.59 -33.66 11.09
CA PRO E 1003 -64.07 -32.46 10.41
C PRO E 1003 -65.57 -32.38 10.65
N ASP E 1004 -66.17 -31.22 10.37
CA ASP E 1004 -67.60 -31.07 10.54
C ASP E 1004 -68.30 -31.97 9.50
N VAL E 1005 -67.70 -32.08 8.32
CA VAL E 1005 -68.24 -32.92 7.28
C VAL E 1005 -67.15 -33.86 6.76
N GLU E 1006 -67.34 -35.16 6.95
CA GLU E 1006 -66.37 -36.13 6.49
C GLU E 1006 -66.50 -36.41 4.99
N ILE E 1007 -65.43 -36.16 4.25
CA ILE E 1007 -65.42 -36.41 2.81
C ILE E 1007 -64.18 -37.21 2.44
N GLU E 1008 -64.38 -38.49 2.20
CA GLU E 1008 -63.30 -39.39 1.82
C GLU E 1008 -62.77 -38.98 0.46
N TYR E 1009 -61.56 -39.44 0.15
CA TYR E 1009 -60.94 -39.22 -1.15
C TYR E 1009 -60.61 -40.65 -1.57
N ALA E 1010 -61.61 -41.33 -2.10
CA ALA E 1010 -61.48 -42.73 -2.51
C ALA E 1010 -60.62 -42.95 -3.75
N PRO E 1011 -60.15 -44.20 -3.95
CA PRO E 1011 -59.32 -44.58 -5.10
C PRO E 1011 -60.05 -44.30 -6.42
N HIS E 1012 -61.35 -44.51 -6.43
CA HIS E 1012 -62.13 -44.25 -7.65
C HIS E 1012 -62.23 -42.75 -7.95
N ASP E 1013 -62.06 -41.91 -6.93
CA ASP E 1013 -62.10 -40.46 -7.15
C ASP E 1013 -60.81 -40.09 -7.88
N TYR E 1014 -59.69 -40.66 -7.42
CA TYR E 1014 -58.42 -40.39 -8.07
C TYR E 1014 -58.49 -40.91 -9.52
N LEU E 1015 -59.18 -42.03 -9.71
CA LEU E 1015 -59.32 -42.62 -11.04
C LEU E 1015 -60.16 -41.73 -11.98
N SER E 1016 -61.11 -41.01 -11.42
CA SER E 1016 -61.97 -40.14 -12.23
C SER E 1016 -61.38 -38.75 -12.41
N GLY E 1017 -60.27 -38.47 -11.72
CA GLY E 1017 -59.63 -37.17 -11.84
C GLY E 1017 -60.36 -36.06 -11.09
N LYS E 1018 -61.11 -36.44 -10.06
CA LYS E 1018 -61.86 -35.48 -9.28
C LYS E 1018 -61.38 -35.40 -7.82
N ASP E 1019 -61.32 -34.18 -7.30
CA ASP E 1019 -60.94 -33.97 -5.90
C ASP E 1019 -62.25 -33.64 -5.21
N PRO E 1020 -62.89 -34.64 -4.59
CA PRO E 1020 -64.16 -34.48 -3.88
C PRO E 1020 -64.09 -33.56 -2.68
N GLN E 1021 -62.92 -33.45 -2.08
CA GLN E 1021 -62.79 -32.58 -0.91
C GLN E 1021 -62.85 -31.11 -1.32
N ILE E 1022 -62.07 -30.70 -2.31
CA ILE E 1022 -62.09 -29.29 -2.72
C ILE E 1022 -63.44 -28.94 -3.39
N ASP E 1023 -64.03 -29.89 -4.11
CA ASP E 1023 -65.33 -29.65 -4.75
C ASP E 1023 -66.40 -29.38 -3.70
N TYR E 1024 -66.39 -30.19 -2.63
CA TYR E 1024 -67.36 -30.01 -1.56
C TYR E 1024 -67.16 -28.67 -0.88
N ALA E 1025 -65.89 -28.30 -0.66
CA ALA E 1025 -65.58 -27.04 -0.03
C ALA E 1025 -66.10 -25.89 -0.90
N ILE E 1026 -65.82 -25.96 -2.20
CA ILE E 1026 -66.26 -24.91 -3.14
C ILE E 1026 -67.79 -24.83 -3.16
N ASP E 1027 -68.45 -25.99 -3.26
CA ASP E 1027 -69.89 -26.02 -3.30
C ASP E 1027 -70.51 -25.54 -1.99
N ALA E 1028 -70.02 -26.05 -0.87
CA ALA E 1028 -70.54 -25.64 0.42
C ALA E 1028 -70.48 -24.13 0.60
N LEU E 1029 -69.37 -23.52 0.17
CA LEU E 1029 -69.24 -22.08 0.28
C LEU E 1029 -70.17 -21.32 -0.66
N ILE E 1030 -70.30 -21.81 -1.89
CA ILE E 1030 -71.20 -21.18 -2.85
C ILE E 1030 -72.57 -21.11 -2.20
N GLU E 1031 -72.96 -22.21 -1.57
CA GLU E 1031 -74.24 -22.28 -0.89
C GLU E 1031 -74.36 -21.22 0.19
N GLU E 1032 -73.41 -21.20 1.11
CA GLU E 1032 -73.40 -20.22 2.20
C GLU E 1032 -73.43 -18.79 1.68
N LEU E 1033 -72.79 -18.57 0.53
CA LEU E 1033 -72.72 -17.25 -0.06
C LEU E 1033 -74.03 -16.79 -0.69
N ARG E 1034 -74.97 -17.72 -0.87
CA ARG E 1034 -76.26 -17.36 -1.45
C ARG E 1034 -76.92 -16.27 -0.62
N ASN E 1035 -76.74 -16.34 0.70
CA ASN E 1035 -77.32 -15.35 1.60
C ASN E 1035 -76.37 -15.02 2.75
N MET F 13 -51.94 50.04 1.90
CA MET F 13 -51.39 48.71 2.28
C MET F 13 -51.51 48.46 3.79
N PRO F 14 -52.71 48.04 4.24
CA PRO F 14 -52.98 47.76 5.66
C PRO F 14 -52.38 46.43 6.12
N ASN F 15 -52.11 46.33 7.41
CA ASN F 15 -51.55 45.10 7.97
C ASN F 15 -52.66 44.20 8.50
N LEU F 16 -52.29 42.97 8.84
CA LEU F 16 -53.27 42.02 9.39
C LEU F 16 -53.08 42.09 10.90
N LEU F 17 -54.01 42.75 11.59
CA LEU F 17 -53.90 42.86 13.03
C LEU F 17 -54.59 41.69 13.69
N LEU F 18 -54.12 41.27 14.86
CA LEU F 18 -54.74 40.14 15.53
C LEU F 18 -54.46 40.07 17.02
N ASN F 19 -55.06 39.07 17.65
CA ASN F 19 -54.90 38.76 19.08
C ASN F 19 -54.64 39.95 20.00
N PRO F 20 -55.70 40.65 20.41
CA PRO F 20 -55.51 41.80 21.27
C PRO F 20 -55.85 41.58 22.74
N ASP F 21 -55.62 42.63 23.51
CA ASP F 21 -55.93 42.65 24.94
C ASP F 21 -56.23 44.13 25.19
N ILE F 22 -56.93 44.41 26.28
CA ILE F 22 -57.28 45.79 26.57
C ILE F 22 -57.15 46.12 28.05
N HIS F 23 -56.82 47.38 28.32
CA HIS F 23 -56.67 47.89 29.68
C HIS F 23 -56.92 49.39 29.58
N GLY F 24 -58.03 49.85 30.16
CA GLY F 24 -58.35 51.26 30.09
C GLY F 24 -58.53 51.66 28.64
N ASP F 25 -57.74 52.64 28.18
CA ASP F 25 -57.80 53.12 26.80
C ASP F 25 -56.63 52.58 25.98
N ARG F 26 -55.82 51.71 26.58
CA ARG F 26 -54.67 51.13 25.87
C ARG F 26 -54.98 49.75 25.32
N ILE F 27 -54.70 49.56 24.04
CA ILE F 27 -54.92 48.28 23.40
C ILE F 27 -53.62 47.77 22.79
N ILE F 28 -53.26 46.55 23.14
CA ILE F 28 -52.06 45.93 22.59
C ILE F 28 -52.55 44.84 21.66
N PHE F 29 -51.81 44.64 20.56
CA PHE F 29 -52.17 43.64 19.58
C PHE F 29 -50.91 43.25 18.82
N VAL F 30 -51.02 42.17 18.06
CA VAL F 30 -49.90 41.67 17.28
C VAL F 30 -50.00 42.10 15.82
N CYS F 31 -48.87 42.50 15.27
CA CYS F 31 -48.80 42.90 13.88
C CYS F 31 -47.40 42.59 13.43
N CYS F 32 -47.30 41.92 12.28
CA CYS F 32 -45.99 41.55 11.76
C CYS F 32 -45.17 40.85 12.84
N ASP F 33 -45.79 39.89 13.52
CA ASP F 33 -45.15 39.09 14.56
C ASP F 33 -44.64 39.82 15.80
N ASP F 34 -44.69 41.16 15.77
CA ASP F 34 -44.23 41.97 16.90
C ASP F 34 -45.42 42.46 17.74
N LEU F 35 -45.13 43.09 18.88
CA LEU F 35 -46.18 43.60 19.76
C LEU F 35 -46.32 45.13 19.65
N TRP F 36 -47.55 45.59 19.43
CA TRP F 36 -47.82 47.03 19.33
C TRP F 36 -48.85 47.45 20.37
N GLU F 37 -48.94 48.78 20.60
CA GLU F 37 -49.90 49.32 21.55
C GLU F 37 -50.60 50.50 20.91
N HIS F 38 -51.89 50.63 21.18
CA HIS F 38 -52.67 51.71 20.59
C HIS F 38 -53.53 52.38 21.67
N ASP F 39 -53.40 53.70 21.76
CA ASP F 39 -54.16 54.47 22.74
C ASP F 39 -55.40 55.04 22.08
N LEU F 40 -56.56 54.63 22.58
CA LEU F 40 -57.84 55.08 22.02
C LEU F 40 -58.05 56.58 22.17
N LYS F 41 -57.53 57.15 23.25
CA LYS F 41 -57.67 58.58 23.51
C LYS F 41 -56.87 59.43 22.53
N SER F 42 -55.58 59.11 22.38
CA SER F 42 -54.73 59.88 21.47
C SER F 42 -54.75 59.33 20.05
N GLY F 43 -55.09 58.05 19.92
CA GLY F 43 -55.15 57.41 18.61
C GLY F 43 -53.79 57.00 18.06
N SER F 44 -52.75 57.17 18.87
CA SER F 44 -51.40 56.82 18.43
C SER F 44 -51.09 55.34 18.60
N THR F 45 -50.43 54.78 17.59
CA THR F 45 -50.04 53.37 17.58
C THR F 45 -48.52 53.29 17.63
N ARG F 46 -48.01 52.35 18.41
CA ARG F 46 -46.57 52.21 18.57
C ARG F 46 -46.15 50.77 18.86
N LYS F 47 -45.02 50.35 18.30
CA LYS F 47 -44.51 49.00 18.53
C LYS F 47 -43.75 49.01 19.85
N ILE F 48 -44.14 48.17 20.80
CA ILE F 48 -43.48 48.14 22.09
C ILE F 48 -42.47 47.01 22.31
N VAL F 49 -42.48 46.01 21.44
CA VAL F 49 -41.53 44.91 21.53
C VAL F 49 -41.47 44.19 20.20
N SER F 50 -40.25 43.93 19.73
CA SER F 50 -40.04 43.25 18.45
C SER F 50 -38.75 42.42 18.48
N ASN F 51 -38.43 41.82 17.33
CA ASN F 51 -37.24 40.99 17.18
C ASN F 51 -36.99 40.01 18.34
N LEU F 52 -38.06 39.37 18.81
CA LEU F 52 -37.95 38.38 19.89
C LEU F 52 -38.34 37.05 19.28
N GLY F 53 -38.89 37.12 18.08
CA GLY F 53 -39.36 35.93 17.39
C GLY F 53 -40.82 36.19 17.05
N VAL F 54 -41.62 35.15 16.92
CA VAL F 54 -43.04 35.34 16.59
C VAL F 54 -43.91 35.36 17.84
N ILE F 55 -44.56 36.48 18.07
CA ILE F 55 -45.45 36.64 19.21
C ILE F 55 -46.86 36.36 18.77
N ASN F 56 -47.60 35.59 19.56
CA ASN F 56 -48.97 35.25 19.19
C ASN F 56 -49.96 35.59 20.29
N ASN F 57 -49.45 36.01 21.46
CA ASN F 57 -50.32 36.34 22.58
C ASN F 57 -49.65 37.33 23.51
N ALA F 58 -50.44 38.24 24.07
CA ALA F 58 -49.94 39.26 24.99
C ALA F 58 -51.07 39.57 25.99
N ARG F 59 -50.73 39.57 27.27
CA ARG F 59 -51.73 39.82 28.31
C ARG F 59 -51.27 40.79 29.38
N PHE F 60 -52.01 41.90 29.52
CA PHE F 60 -51.69 42.90 30.53
C PHE F 60 -51.82 42.29 31.94
N PHE F 61 -50.97 42.72 32.86
CA PHE F 61 -51.10 42.25 34.23
C PHE F 61 -52.29 43.05 34.77
N PRO F 62 -52.86 42.66 35.91
CA PRO F 62 -54.00 43.38 36.49
C PRO F 62 -53.90 44.91 36.53
N ASP F 63 -52.78 45.42 37.04
CA ASP F 63 -52.59 46.86 37.13
C ASP F 63 -52.15 47.48 35.81
N GLY F 64 -52.27 46.72 34.72
CA GLY F 64 -51.89 47.20 33.40
C GLY F 64 -50.49 47.79 33.28
N ARG F 65 -49.62 47.48 34.24
CA ARG F 65 -48.26 47.98 34.25
C ARG F 65 -47.32 47.12 33.41
N LYS F 66 -47.28 45.83 33.73
CA LYS F 66 -46.43 44.89 33.01
C LYS F 66 -47.26 44.14 31.97
N ILE F 67 -46.59 43.40 31.10
CA ILE F 67 -47.28 42.61 30.08
C ILE F 67 -46.62 41.23 29.93
N ALA F 68 -47.44 40.19 29.96
CA ALA F 68 -46.98 38.81 29.82
C ALA F 68 -47.06 38.45 28.34
N ILE F 69 -45.94 38.01 27.77
CA ILE F 69 -45.90 37.67 26.35
C ILE F 69 -45.43 36.24 26.06
N ARG F 70 -46.06 35.61 25.08
CA ARG F 70 -45.67 34.26 24.66
C ARG F 70 -45.06 34.44 23.27
N VAL F 71 -43.87 33.90 23.08
CA VAL F 71 -43.22 34.01 21.76
C VAL F 71 -42.72 32.67 21.30
N MET F 72 -42.77 32.45 20.00
CA MET F 72 -42.31 31.20 19.41
C MET F 72 -40.99 31.37 18.66
N ARG F 73 -40.20 30.30 18.66
CA ARG F 73 -38.91 30.29 17.96
C ARG F 73 -38.64 28.95 17.29
N GLY F 74 -37.61 28.90 16.45
CA GLY F 74 -37.30 27.70 15.70
C GLY F 74 -37.93 28.00 14.36
N SER F 75 -37.32 27.61 13.24
CA SER F 75 -37.88 27.94 11.92
C SER F 75 -39.37 27.63 11.76
N SER F 76 -39.82 26.52 12.34
CA SER F 76 -41.22 26.14 12.22
C SER F 76 -42.04 26.49 13.46
N LEU F 77 -41.48 27.33 14.32
CA LEU F 77 -42.14 27.77 15.55
C LEU F 77 -42.51 26.62 16.47
N ASN F 78 -41.65 25.61 16.51
CA ASN F 78 -41.89 24.45 17.35
C ASN F 78 -41.56 24.64 18.83
N THR F 79 -40.99 25.78 19.21
CA THR F 79 -40.65 26.02 20.61
C THR F 79 -41.26 27.32 21.14
N ALA F 80 -41.41 27.41 22.45
CA ALA F 80 -42.00 28.61 23.03
C ALA F 80 -41.63 28.82 24.49
N ASP F 81 -41.65 30.08 24.90
CA ASP F 81 -41.34 30.46 26.27
C ASP F 81 -41.95 31.84 26.55
N LEU F 82 -42.13 32.16 27.82
CA LEU F 82 -42.76 33.44 28.18
C LEU F 82 -41.82 34.55 28.61
N TYR F 83 -42.19 35.77 28.24
CA TYR F 83 -41.43 36.97 28.55
C TYR F 83 -42.32 38.00 29.26
N PHE F 84 -41.68 38.90 30.00
CA PHE F 84 -42.38 39.98 30.69
C PHE F 84 -41.91 41.28 30.06
N TYR F 85 -42.85 42.18 29.78
CA TYR F 85 -42.51 43.48 29.21
C TYR F 85 -42.98 44.53 30.22
N ASN F 86 -42.04 45.34 30.70
CA ASN F 86 -42.35 46.39 31.67
C ASN F 86 -42.40 47.76 30.96
N GLY F 87 -43.60 48.22 30.65
CA GLY F 87 -43.76 49.49 29.96
C GLY F 87 -43.18 50.68 30.68
N GLU F 88 -43.02 50.55 32.00
CA GLU F 88 -42.48 51.63 32.81
C GLU F 88 -41.05 51.99 32.40
N ASN F 89 -40.20 50.99 32.30
CA ASN F 89 -38.80 51.20 31.92
C ASN F 89 -38.44 50.62 30.56
N GLY F 90 -39.35 49.86 29.96
CA GLY F 90 -39.06 49.27 28.67
C GLY F 90 -38.20 48.03 28.83
N GLU F 91 -38.25 47.44 30.02
CA GLU F 91 -37.47 46.26 30.33
C GLU F 91 -38.15 44.97 29.85
N ILE F 92 -37.46 44.25 28.97
CA ILE F 92 -37.98 42.99 28.47
C ILE F 92 -37.18 41.90 29.18
N LYS F 93 -37.84 40.82 29.57
CA LYS F 93 -37.17 39.74 30.29
C LYS F 93 -37.86 38.39 30.11
N ARG F 94 -37.07 37.35 29.85
CA ARG F 94 -37.59 36.00 29.66
C ARG F 94 -37.92 35.40 31.03
N ILE F 95 -39.10 34.81 31.14
CA ILE F 95 -39.53 34.21 32.41
C ILE F 95 -39.46 32.69 32.43
N THR F 96 -39.77 32.05 31.30
CA THR F 96 -39.74 30.59 31.26
C THR F 96 -38.60 30.04 30.40
N TYR F 97 -38.03 28.94 30.88
CA TYR F 97 -36.96 28.27 30.18
C TYR F 97 -37.34 26.80 30.07
N PHE F 98 -38.55 26.57 29.55
CA PHE F 98 -39.11 25.22 29.37
C PHE F 98 -39.02 24.76 27.93
N SER F 99 -38.98 25.71 27.00
CA SER F 99 -38.95 25.39 25.58
C SER F 99 -40.14 24.48 25.30
N GLY F 100 -41.33 24.92 25.71
CA GLY F 100 -42.52 24.12 25.48
C GLY F 100 -42.71 23.85 24.00
N LYS F 101 -43.20 22.65 23.67
CA LYS F 101 -43.44 22.30 22.29
C LYS F 101 -44.68 23.05 21.83
N SER F 102 -44.76 23.34 20.54
CA SER F 102 -45.91 24.05 20.01
C SER F 102 -46.19 23.71 18.56
N THR F 103 -47.48 23.75 18.20
CA THR F 103 -47.93 23.51 16.83
C THR F 103 -48.97 24.59 16.58
N GLY F 104 -49.40 24.76 15.34
CA GLY F 104 -50.39 25.77 15.03
C GLY F 104 -51.69 25.54 15.76
N ARG F 105 -52.12 24.29 15.82
CA ARG F 105 -53.37 23.90 16.46
C ARG F 105 -53.24 23.66 17.96
N ARG F 106 -52.02 23.73 18.48
CA ARG F 106 -51.81 23.54 19.91
C ARG F 106 -50.59 24.33 20.37
N MET F 107 -50.77 25.65 20.45
CA MET F 107 -49.71 26.56 20.88
C MET F 107 -49.71 26.62 22.40
N PHE F 108 -49.10 25.61 23.01
CA PHE F 108 -49.04 25.49 24.45
C PHE F 108 -47.88 26.21 25.15
N THR F 109 -47.97 26.29 26.48
CA THR F 109 -47.03 27.02 27.33
C THR F 109 -47.46 28.48 27.07
N ASP F 110 -48.46 28.93 27.82
CA ASP F 110 -49.02 30.27 27.63
C ASP F 110 -49.59 30.83 28.93
N VAL F 111 -50.15 32.04 28.83
CA VAL F 111 -50.77 32.71 29.97
C VAL F 111 -52.13 32.08 30.23
N ALA F 112 -52.42 31.74 31.47
CA ALA F 112 -53.71 31.16 31.79
C ALA F 112 -54.62 32.23 32.38
N GLY F 113 -53.99 33.19 33.06
CA GLY F 113 -54.73 34.26 33.70
C GLY F 113 -53.95 34.78 34.90
N PHE F 114 -54.65 35.49 35.78
CA PHE F 114 -54.02 36.05 36.97
C PHE F 114 -54.93 35.86 38.18
N ASP F 115 -54.34 35.53 39.32
CA ASP F 115 -55.11 35.30 40.53
C ASP F 115 -55.44 36.63 41.22
N PRO F 116 -56.32 36.60 42.24
CA PRO F 116 -56.71 37.82 42.96
C PRO F 116 -55.55 38.75 43.29
N ASP F 117 -54.46 38.17 43.78
CA ASP F 117 -53.27 38.94 44.14
C ASP F 117 -52.52 39.49 42.93
N GLY F 118 -52.98 39.14 41.73
CA GLY F 118 -52.34 39.64 40.53
C GLY F 118 -51.15 38.82 40.07
N ASN F 119 -50.99 37.63 40.64
CA ASN F 119 -49.89 36.72 40.28
C ASN F 119 -50.22 35.96 39.01
N LEU F 120 -49.24 35.87 38.11
CA LEU F 120 -49.43 35.18 36.84
C LEU F 120 -49.61 33.67 36.98
N ILE F 121 -50.59 33.15 36.24
CA ILE F 121 -50.89 31.72 36.20
C ILE F 121 -50.66 31.32 34.74
N ILE F 122 -49.81 30.33 34.52
CA ILE F 122 -49.53 29.88 33.17
C ILE F 122 -50.03 28.46 32.99
N SER F 123 -50.19 28.06 31.73
CA SER F 123 -50.64 26.73 31.39
C SER F 123 -49.55 26.11 30.53
N THR F 124 -48.97 25.00 30.98
CA THR F 124 -47.91 24.35 30.22
C THR F 124 -47.73 22.86 30.52
N ASP F 125 -47.43 22.12 29.45
CA ASP F 125 -47.20 20.68 29.53
C ASP F 125 -45.70 20.42 29.68
N ALA F 126 -44.94 21.51 29.80
CA ALA F 126 -43.48 21.45 29.93
C ALA F 126 -42.94 20.36 30.84
N MET F 127 -43.58 20.15 31.99
CA MET F 127 -43.14 19.13 32.93
C MET F 127 -44.11 17.95 33.04
N GLN F 128 -44.91 17.73 32.01
CA GLN F 128 -45.86 16.63 32.03
C GLN F 128 -45.55 15.58 30.97
N PRO F 129 -46.03 14.34 31.17
CA PRO F 129 -45.79 13.26 30.20
C PRO F 129 -46.52 13.38 28.87
N PHE F 130 -47.53 14.25 28.81
CA PHE F 130 -48.27 14.43 27.56
C PHE F 130 -48.43 15.91 27.25
N SER F 131 -48.41 16.28 25.97
CA SER F 131 -48.56 17.67 25.57
C SER F 131 -49.94 18.23 25.92
N SER F 132 -50.96 17.37 25.95
CA SER F 132 -52.32 17.80 26.26
C SER F 132 -52.50 18.08 27.74
N MET F 133 -51.54 17.64 28.55
CA MET F 133 -51.62 17.89 29.99
C MET F 133 -51.06 19.25 30.37
N THR F 134 -51.63 20.29 29.80
CA THR F 134 -51.19 21.64 30.11
C THR F 134 -51.76 22.01 31.47
N CYS F 135 -50.92 21.88 32.49
CA CYS F 135 -51.29 22.17 33.86
C CYS F 135 -51.08 23.64 34.22
N LEU F 136 -51.72 24.06 35.31
CA LEU F 136 -51.64 25.43 35.79
C LEU F 136 -50.57 25.59 36.86
N TYR F 137 -49.80 26.66 36.72
CA TYR F 137 -48.72 26.97 37.65
C TYR F 137 -48.67 28.46 37.97
N ARG F 138 -48.54 28.80 39.25
CA ARG F 138 -48.44 30.20 39.63
C ARG F 138 -46.97 30.57 39.52
N VAL F 139 -46.66 31.57 38.70
CA VAL F 139 -45.28 32.00 38.54
C VAL F 139 -44.86 32.76 39.79
N GLU F 140 -43.63 32.54 40.23
CA GLU F 140 -43.15 33.25 41.41
C GLU F 140 -41.74 33.75 41.19
N ASN F 141 -41.47 34.95 41.70
CA ASN F 141 -40.15 35.56 41.56
C ASN F 141 -39.72 35.56 40.10
N ASP F 142 -40.60 36.08 39.24
CA ASP F 142 -40.30 36.17 37.81
C ASP F 142 -39.74 34.87 37.19
N GLY F 143 -40.32 33.73 37.54
CA GLY F 143 -39.86 32.47 36.97
C GLY F 143 -38.87 31.63 37.77
N ILE F 144 -38.50 32.10 38.96
CA ILE F 144 -37.56 31.35 39.78
C ILE F 144 -38.19 30.05 40.28
N ASN F 145 -39.47 30.12 40.60
CA ASN F 145 -40.20 28.99 41.16
C ASN F 145 -41.60 28.94 40.56
N PHE F 146 -42.15 27.73 40.43
CA PHE F 146 -43.50 27.54 39.88
C PHE F 146 -44.32 26.67 40.83
N VAL F 147 -45.49 27.18 41.20
CA VAL F 147 -46.38 26.46 42.11
C VAL F 147 -47.57 25.89 41.35
N PRO F 148 -47.71 24.55 41.34
CA PRO F 148 -48.81 23.90 40.64
C PRO F 148 -50.14 24.09 41.37
N LEU F 149 -51.19 24.43 40.63
CA LEU F 149 -52.52 24.62 41.21
C LEU F 149 -53.21 23.28 41.39
N ASN F 150 -52.73 22.26 40.69
CA ASN F 150 -53.29 20.94 40.80
C ASN F 150 -54.78 20.88 40.47
N LEU F 151 -55.17 21.57 39.41
CA LEU F 151 -56.57 21.58 38.97
C LEU F 151 -56.68 20.81 37.66
N GLY F 152 -55.60 20.12 37.30
CA GLY F 152 -55.60 19.35 36.06
C GLY F 152 -55.35 20.24 34.85
N PRO F 153 -55.37 19.68 33.63
CA PRO F 153 -55.15 20.42 32.38
C PRO F 153 -56.21 21.49 32.08
N ALA F 154 -55.77 22.69 31.73
CA ALA F 154 -56.68 23.78 31.42
C ALA F 154 -56.01 24.80 30.51
N THR F 155 -56.82 25.61 29.86
CA THR F 155 -56.31 26.63 28.95
C THR F 155 -56.43 28.03 29.54
N HIS F 156 -57.52 28.26 30.28
CA HIS F 156 -57.75 29.55 30.92
C HIS F 156 -58.26 29.38 32.35
N ILE F 157 -57.96 30.35 33.20
CA ILE F 157 -58.48 30.33 34.56
C ILE F 157 -58.92 31.76 34.89
N LEU F 158 -60.13 31.89 35.38
CA LEU F 158 -60.68 33.18 35.74
C LEU F 158 -61.05 33.14 37.21
N PHE F 159 -61.18 34.30 37.82
CA PHE F 159 -61.56 34.37 39.22
C PHE F 159 -62.74 35.32 39.35
N ALA F 160 -63.84 34.79 39.87
CA ALA F 160 -65.05 35.58 40.05
C ALA F 160 -65.66 35.27 41.41
N ASP F 161 -65.84 36.32 42.21
CA ASP F 161 -66.42 36.17 43.55
C ASP F 161 -65.64 35.21 44.42
N GLY F 162 -64.32 35.19 44.25
CA GLY F 162 -63.48 34.33 45.05
C GLY F 162 -63.41 32.88 44.56
N ARG F 163 -64.22 32.52 43.57
CA ARG F 163 -64.19 31.16 43.06
C ARG F 163 -63.59 31.05 41.67
N ARG F 164 -62.89 29.94 41.43
CA ARG F 164 -62.23 29.70 40.15
C ARG F 164 -63.09 29.20 38.98
N VAL F 165 -62.86 29.79 37.83
CA VAL F 165 -63.57 29.40 36.61
C VAL F 165 -62.48 28.80 35.71
N ILE F 166 -62.59 27.50 35.44
CA ILE F 166 -61.62 26.81 34.61
C ILE F 166 -62.13 26.50 33.20
N GLY F 167 -61.35 26.91 32.21
CA GLY F 167 -61.73 26.67 30.82
C GLY F 167 -60.82 25.62 30.22
N ARG F 168 -61.39 24.48 29.88
CA ARG F 168 -60.62 23.39 29.29
C ARG F 168 -60.68 23.37 27.77
N ASN F 169 -59.51 23.21 27.14
CA ASN F 169 -59.43 23.16 25.69
C ASN F 169 -60.13 24.35 25.08
N THR F 170 -60.12 25.48 25.77
CA THR F 170 -60.80 26.68 25.28
C THR F 170 -60.01 27.62 24.35
N PHE F 171 -58.98 27.09 23.71
CA PHE F 171 -58.21 27.90 22.78
C PHE F 171 -58.97 27.86 21.45
N GLU F 172 -58.63 28.75 20.51
CA GLU F 172 -59.34 28.77 19.22
C GLU F 172 -58.98 27.59 18.34
N LEU F 173 -59.94 27.18 17.51
CA LEU F 173 -59.74 26.07 16.57
C LEU F 173 -60.08 26.52 15.16
N PRO F 174 -59.34 27.51 14.64
CA PRO F 174 -59.53 28.06 13.30
C PRO F 174 -59.41 27.05 12.17
N HIS F 175 -58.71 25.96 12.43
CA HIS F 175 -58.52 24.95 11.41
C HIS F 175 -59.68 23.95 11.38
N TRP F 176 -60.64 24.12 12.29
CA TRP F 176 -61.79 23.22 12.35
C TRP F 176 -63.09 23.96 12.73
N LYS F 177 -63.88 24.33 11.72
CA LYS F 177 -65.15 25.01 11.97
C LYS F 177 -66.20 23.96 12.32
N GLY F 178 -67.12 24.29 13.22
CA GLY F 178 -68.14 23.33 13.58
C GLY F 178 -67.72 22.12 14.40
N TYR F 179 -66.51 22.13 14.94
CA TYR F 179 -66.04 21.00 15.75
C TYR F 179 -67.05 20.71 16.85
N ARG F 180 -67.45 19.44 16.97
CA ARG F 180 -68.40 19.02 17.98
C ARG F 180 -67.90 17.80 18.74
N GLY F 181 -66.60 17.56 18.64
CA GLY F 181 -66.00 16.41 19.29
C GLY F 181 -65.81 16.43 20.79
N GLY F 182 -65.27 15.34 21.32
CA GLY F 182 -65.06 15.25 22.76
C GLY F 182 -64.10 16.26 23.35
N THR F 183 -63.14 16.72 22.55
CA THR F 183 -62.14 17.68 23.02
C THR F 183 -62.60 19.14 22.96
N ARG F 184 -63.87 19.37 22.63
CA ARG F 184 -64.41 20.74 22.53
C ARG F 184 -64.29 21.50 23.85
N GLY F 185 -63.98 22.79 23.75
CA GLY F 185 -63.82 23.59 24.96
C GLY F 185 -65.02 23.48 25.88
N LYS F 186 -64.76 23.44 27.17
CA LYS F 186 -65.82 23.36 28.17
C LYS F 186 -65.43 24.21 29.36
N ILE F 187 -66.41 24.65 30.13
CA ILE F 187 -66.13 25.49 31.30
C ILE F 187 -66.65 24.92 32.61
N TRP F 188 -65.81 24.98 33.64
CA TRP F 188 -66.15 24.48 34.97
C TRP F 188 -66.03 25.61 35.99
N ILE F 189 -66.74 25.49 37.11
CA ILE F 189 -66.68 26.52 38.13
C ILE F 189 -66.71 25.96 39.55
N GLU F 190 -65.89 26.56 40.42
CA GLU F 190 -65.85 26.12 41.80
C GLU F 190 -67.18 26.56 42.43
N VAL F 191 -67.76 25.71 43.26
CA VAL F 191 -69.03 26.03 43.93
C VAL F 191 -68.83 25.92 45.42
N ASN F 192 -67.86 25.10 45.82
CA ASN F 192 -67.57 24.90 47.23
C ASN F 192 -66.07 24.68 47.42
N SER F 193 -65.38 25.73 47.91
CA SER F 193 -63.94 25.68 48.14
C SER F 193 -63.35 24.30 47.88
N GLY F 194 -63.08 24.00 46.61
CA GLY F 194 -62.50 22.71 46.25
C GLY F 194 -63.44 21.77 45.51
N ALA F 195 -64.68 22.19 45.30
CA ALA F 195 -65.66 21.36 44.59
C ALA F 195 -66.08 22.08 43.31
N PHE F 196 -65.88 21.41 42.18
CA PHE F 196 -66.21 22.02 40.89
C PHE F 196 -67.38 21.42 40.16
N LYS F 197 -67.95 22.21 39.25
CA LYS F 197 -69.09 21.80 38.46
C LYS F 197 -68.92 22.32 37.04
N LYS F 198 -69.35 21.51 36.08
CA LYS F 198 -69.27 21.87 34.67
C LYS F 198 -70.49 22.71 34.28
N ILE F 199 -70.28 23.99 33.99
CA ILE F 199 -71.39 24.87 33.64
C ILE F 199 -71.58 25.13 32.14
N VAL F 200 -70.51 25.09 31.36
CA VAL F 200 -70.66 25.30 29.93
C VAL F 200 -70.12 24.11 29.13
N ASP F 201 -71.05 23.33 28.59
CA ASP F 201 -70.74 22.14 27.82
C ASP F 201 -71.72 22.10 26.64
N MET F 202 -71.43 22.87 25.60
CA MET F 202 -72.29 22.91 24.44
C MET F 202 -71.90 21.88 23.39
N SER F 203 -72.74 21.76 22.35
CA SER F 203 -72.48 20.80 21.29
C SER F 203 -71.21 21.20 20.56
N THR F 204 -70.96 22.51 20.50
CA THR F 204 -69.80 23.04 19.83
C THR F 204 -68.62 23.43 20.73
N HIS F 205 -67.59 23.96 20.10
CA HIS F 205 -66.35 24.37 20.78
C HIS F 205 -66.34 25.79 21.35
N VAL F 206 -66.17 25.90 22.66
CA VAL F 206 -66.15 27.20 23.33
C VAL F 206 -64.71 27.69 23.47
N SER F 207 -64.45 28.88 22.95
CA SER F 207 -63.10 29.43 23.02
C SER F 207 -63.03 30.82 23.61
N SER F 208 -61.83 31.18 24.09
CA SER F 208 -61.56 32.49 24.67
C SER F 208 -62.61 33.01 25.65
N PRO F 209 -62.73 32.36 26.82
CA PRO F 209 -63.72 32.85 27.78
C PRO F 209 -63.21 34.08 28.52
N VAL F 210 -64.14 34.94 28.91
CA VAL F 210 -63.82 36.16 29.64
C VAL F 210 -64.97 36.47 30.61
N ILE F 211 -64.69 37.32 31.59
CA ILE F 211 -65.71 37.69 32.55
C ILE F 211 -65.85 39.21 32.62
N VAL F 212 -67.10 39.65 32.65
CA VAL F 212 -67.45 41.05 32.74
C VAL F 212 -68.68 41.07 33.64
N GLY F 213 -68.58 41.75 34.78
CA GLY F 213 -69.69 41.79 35.70
C GLY F 213 -69.86 40.40 36.29
N HIS F 214 -70.96 39.74 35.93
CA HIS F 214 -71.19 38.39 36.41
C HIS F 214 -71.64 37.46 35.29
N ARG F 215 -71.02 37.66 34.13
CA ARG F 215 -71.31 36.85 32.95
C ARG F 215 -70.02 36.37 32.30
N ILE F 216 -70.02 35.11 31.88
CA ILE F 216 -68.85 34.56 31.22
C ILE F 216 -69.10 34.73 29.74
N TYR F 217 -68.25 35.49 29.08
CA TYR F 217 -68.38 35.69 27.65
C TYR F 217 -67.39 34.75 26.97
N PHE F 218 -67.78 34.20 25.83
CA PHE F 218 -66.93 33.27 25.09
C PHE F 218 -67.37 33.26 23.63
N ILE F 219 -66.73 32.42 22.83
CA ILE F 219 -67.03 32.31 21.41
C ILE F 219 -67.38 30.88 21.03
N THR F 220 -68.30 30.71 20.08
CA THR F 220 -68.68 29.39 19.61
C THR F 220 -69.45 29.57 18.32
N ASP F 221 -69.57 28.51 17.55
CA ASP F 221 -70.28 28.59 16.27
C ASP F 221 -71.47 27.65 16.22
N ILE F 222 -72.10 27.42 17.37
CA ILE F 222 -73.25 26.53 17.47
C ILE F 222 -74.38 26.91 16.51
N ASP F 223 -74.30 28.10 15.92
CA ASP F 223 -75.33 28.54 14.99
C ASP F 223 -74.86 28.58 13.55
N GLY F 224 -73.65 28.07 13.32
CA GLY F 224 -73.13 28.02 11.95
C GLY F 224 -71.98 28.97 11.64
N PHE F 225 -71.80 29.97 12.49
CA PHE F 225 -70.73 30.94 12.28
C PHE F 225 -70.22 31.32 13.66
N GLY F 226 -69.02 31.89 13.72
CA GLY F 226 -68.47 32.29 14.99
C GLY F 226 -69.14 33.55 15.50
N GLN F 227 -69.58 33.53 16.76
CA GLN F 227 -70.24 34.68 17.36
C GLN F 227 -69.85 34.73 18.84
N ILE F 228 -70.07 35.89 19.46
CA ILE F 228 -69.77 36.06 20.87
C ILE F 228 -71.05 35.73 21.63
N TYR F 229 -70.92 34.97 22.72
CA TYR F 229 -72.06 34.59 23.54
C TYR F 229 -71.68 34.83 25.00
N SER F 230 -72.65 34.65 25.90
CA SER F 230 -72.39 34.82 27.31
C SER F 230 -73.45 34.06 28.10
N THR F 231 -73.14 33.75 29.35
CA THR F 231 -74.04 33.02 30.24
C THR F 231 -73.68 33.45 31.66
N ASP F 232 -74.60 33.25 32.61
CA ASP F 232 -74.30 33.63 33.98
C ASP F 232 -73.27 32.66 34.54
N LEU F 233 -72.80 32.94 35.75
CA LEU F 233 -71.80 32.08 36.40
C LEU F 233 -72.36 30.72 36.73
N ASP F 234 -73.47 30.38 36.07
CA ASP F 234 -74.13 29.09 36.29
C ASP F 234 -74.25 28.40 34.94
N GLY F 235 -73.83 29.09 33.88
CA GLY F 235 -73.90 28.54 32.55
C GLY F 235 -75.30 28.65 31.98
N LYS F 236 -76.15 29.33 32.73
CA LYS F 236 -77.54 29.51 32.33
C LYS F 236 -77.75 30.86 31.64
N ASP F 237 -78.90 31.03 31.01
CA ASP F 237 -79.25 32.26 30.33
C ASP F 237 -78.34 32.59 29.15
N LEU F 238 -78.23 31.65 28.21
CA LEU F 238 -77.40 31.85 27.04
C LEU F 238 -77.88 32.98 26.15
N ARG F 239 -76.97 33.90 25.83
CA ARG F 239 -77.28 35.05 24.97
C ARG F 239 -76.29 35.13 23.80
N LYS F 240 -76.78 35.61 22.67
CA LYS F 240 -75.98 35.76 21.45
C LYS F 240 -75.89 37.25 21.09
N HIS F 241 -74.73 37.87 21.35
CA HIS F 241 -74.54 39.29 21.09
C HIS F 241 -74.02 39.73 19.74
N THR F 242 -73.73 38.80 18.84
CA THR F 242 -73.25 39.20 17.52
C THR F 242 -73.87 38.38 16.40
N SER F 243 -73.69 38.83 15.18
CA SER F 243 -74.22 38.13 14.01
C SER F 243 -73.25 38.31 12.86
N PHE F 244 -71.96 38.13 13.14
CA PHE F 244 -70.92 38.27 12.13
C PHE F 244 -71.15 37.26 10.99
N THR F 245 -70.84 37.68 9.77
CA THR F 245 -70.98 36.80 8.61
C THR F 245 -69.77 36.87 7.68
N ASP F 246 -68.85 37.80 7.96
CA ASP F 246 -67.66 37.94 7.12
C ASP F 246 -66.49 37.05 7.57
N TYR F 247 -65.99 37.26 8.77
CA TYR F 247 -64.89 36.46 9.30
C TYR F 247 -65.20 36.08 10.73
N TYR F 248 -64.69 34.93 11.18
CA TYR F 248 -64.93 34.46 12.55
C TYR F 248 -64.20 35.30 13.58
N PRO F 249 -64.86 35.57 14.73
CA PRO F 249 -64.24 36.38 15.79
C PRO F 249 -63.23 35.49 16.55
N ARG F 250 -62.17 36.09 17.09
CA ARG F 250 -61.17 35.31 17.80
C ARG F 250 -60.52 36.07 18.93
N HIS F 251 -59.91 35.34 19.85
CA HIS F 251 -59.15 35.96 20.92
C HIS F 251 -59.88 37.04 21.72
N LEU F 252 -60.81 36.66 22.58
CA LEU F 252 -61.49 37.65 23.40
C LEU F 252 -60.55 38.02 24.55
N ASN F 253 -60.72 39.21 25.11
CA ASN F 253 -59.90 39.66 26.22
C ASN F 253 -60.55 40.93 26.74
N THR F 254 -60.56 41.07 28.07
CA THR F 254 -61.18 42.23 28.69
C THR F 254 -60.42 42.77 29.90
N ASP F 255 -60.76 44.00 30.29
CA ASP F 255 -60.15 44.63 31.45
C ASP F 255 -61.19 44.72 32.55
N GLY F 256 -62.27 43.94 32.39
CA GLY F 256 -63.33 43.93 33.38
C GLY F 256 -64.52 44.78 32.99
N ARG F 257 -64.34 45.68 32.03
CA ARG F 257 -65.44 46.55 31.61
C ARG F 257 -65.76 46.36 30.14
N ARG F 258 -64.74 46.42 29.29
CA ARG F 258 -64.93 46.28 27.84
C ARG F 258 -64.22 45.03 27.33
N ILE F 259 -64.73 44.47 26.23
CA ILE F 259 -64.14 43.29 25.64
C ILE F 259 -63.51 43.63 24.29
N LEU F 260 -62.34 43.07 24.04
CA LEU F 260 -61.63 43.32 22.79
C LEU F 260 -61.44 41.98 22.06
N PHE F 261 -61.43 42.02 20.73
CA PHE F 261 -61.25 40.82 19.93
C PHE F 261 -60.83 41.20 18.51
N SER F 262 -60.25 40.26 17.77
CA SER F 262 -59.81 40.51 16.41
C SER F 262 -60.64 39.70 15.41
N LYS F 263 -60.80 40.24 14.20
CA LYS F 263 -61.60 39.58 13.18
C LYS F 263 -61.20 40.02 11.77
N GLY F 264 -60.86 39.06 10.92
CA GLY F 264 -60.48 39.39 9.56
C GLY F 264 -59.39 40.44 9.42
N GLY F 265 -58.41 40.41 10.32
CA GLY F 265 -57.32 41.37 10.21
C GLY F 265 -57.55 42.72 10.84
N SER F 266 -58.68 42.91 11.52
CA SER F 266 -58.96 44.18 12.18
C SER F 266 -59.25 43.97 13.65
N ILE F 267 -59.11 45.03 14.44
CA ILE F 267 -59.37 44.94 15.87
C ILE F 267 -60.70 45.60 16.21
N TYR F 268 -61.55 44.87 16.96
CA TYR F 268 -62.86 45.39 17.36
C TYR F 268 -63.03 45.43 18.88
N ILE F 269 -64.02 46.20 19.32
CA ILE F 269 -64.34 46.32 20.74
C ILE F 269 -65.82 46.07 20.92
N PHE F 270 -66.16 45.30 21.95
CA PHE F 270 -67.53 44.97 22.26
C PHE F 270 -67.84 45.50 23.66
N ASN F 271 -68.83 46.38 23.75
CA ASN F 271 -69.25 46.95 25.02
C ASN F 271 -70.44 46.15 25.53
N PRO F 272 -70.21 45.31 26.56
CA PRO F 272 -71.29 44.49 27.13
C PRO F 272 -72.50 45.36 27.49
N ASP F 273 -72.21 46.55 28.02
CA ASP F 273 -73.25 47.49 28.43
C ASP F 273 -74.25 47.82 27.32
N THR F 274 -73.73 48.37 26.22
CA THR F 274 -74.57 48.76 25.09
C THR F 274 -74.73 47.66 24.06
N GLU F 275 -73.93 46.61 24.18
CA GLU F 275 -73.98 45.51 23.22
C GLU F 275 -73.56 46.09 21.88
N LYS F 276 -72.76 47.16 21.93
CA LYS F 276 -72.30 47.81 20.72
C LYS F 276 -70.92 47.31 20.30
N ILE F 277 -70.72 47.19 18.99
CA ILE F 277 -69.46 46.72 18.43
C ILE F 277 -68.80 47.79 17.57
N GLU F 278 -67.63 48.25 17.99
CA GLU F 278 -66.93 49.28 17.23
C GLU F 278 -65.57 48.81 16.72
N LYS F 279 -65.27 49.20 15.48
CA LYS F 279 -64.01 48.86 14.85
C LYS F 279 -62.97 49.95 15.13
N ILE F 280 -61.79 49.53 15.56
CA ILE F 280 -60.74 50.50 15.85
C ILE F 280 -59.98 50.84 14.59
N GLU F 281 -59.75 52.13 14.37
CA GLU F 281 -59.02 52.59 13.19
C GLU F 281 -57.56 52.70 13.56
N ILE F 282 -56.73 51.84 12.96
CA ILE F 282 -55.31 51.86 13.26
C ILE F 282 -54.43 52.24 12.07
N GLY F 283 -54.91 51.97 10.86
CA GLY F 283 -54.14 52.34 9.67
C GLY F 283 -52.87 51.52 9.41
N ASP F 284 -52.15 51.90 8.36
CA ASP F 284 -50.92 51.23 7.95
C ASP F 284 -49.81 51.32 8.99
N LEU F 285 -49.39 50.17 9.51
CA LEU F 285 -48.37 50.09 10.55
C LEU F 285 -46.95 49.75 10.11
N GLU F 286 -46.79 48.77 9.22
CA GLU F 286 -45.45 48.38 8.80
C GLU F 286 -45.44 47.62 7.49
N SER F 287 -44.62 48.11 6.55
CA SER F 287 -44.50 47.48 5.24
C SER F 287 -43.02 47.16 4.96
N PRO F 288 -42.54 46.02 5.49
CA PRO F 288 -41.14 45.59 5.31
C PRO F 288 -40.75 45.37 3.85
N GLU F 289 -39.44 45.23 3.63
CA GLU F 289 -38.92 45.02 2.28
C GLU F 289 -39.56 43.75 1.72
N ASP F 290 -40.09 43.86 0.50
CA ASP F 290 -40.77 42.74 -0.17
C ASP F 290 -39.78 41.77 -0.80
N ARG F 291 -38.71 42.31 -1.38
CA ARG F 291 -37.68 41.51 -2.03
C ARG F 291 -36.80 40.85 -1.00
N ILE F 292 -36.87 39.52 -0.93
CA ILE F 292 -36.07 38.77 0.03
C ILE F 292 -35.06 37.83 -0.62
N ILE F 293 -33.99 37.54 0.12
CA ILE F 293 -32.93 36.65 -0.32
C ILE F 293 -32.97 35.42 0.57
N SER F 294 -32.97 34.24 -0.04
CA SER F 294 -33.01 33.00 0.73
C SER F 294 -31.84 32.08 0.38
N ILE F 295 -31.53 31.14 1.26
CA ILE F 295 -30.45 30.19 1.03
C ILE F 295 -31.06 29.03 0.24
N PRO F 296 -30.63 28.85 -1.01
CA PRO F 296 -31.16 27.78 -1.87
C PRO F 296 -31.12 26.35 -1.33
N SER F 297 -30.07 25.97 -0.60
CA SER F 297 -30.00 24.60 -0.08
C SER F 297 -31.11 24.33 0.92
N LYS F 298 -31.59 25.39 1.57
CA LYS F 298 -32.65 25.28 2.58
C LYS F 298 -34.02 24.91 2.00
N PHE F 299 -34.21 25.15 0.72
CA PHE F 299 -35.50 24.83 0.10
C PHE F 299 -35.31 23.98 -1.14
N ALA F 300 -34.12 23.42 -1.29
CA ALA F 300 -33.78 22.60 -2.45
C ALA F 300 -34.67 21.39 -2.64
N GLU F 301 -34.75 20.95 -3.90
CA GLU F 301 -35.56 19.79 -4.29
C GLU F 301 -35.05 19.36 -5.67
N ASP F 302 -35.36 18.12 -6.03
CA ASP F 302 -35.03 17.59 -7.33
C ASP F 302 -33.65 17.95 -7.92
N PHE F 303 -32.59 17.37 -7.38
CA PHE F 303 -31.24 17.63 -7.92
C PHE F 303 -31.06 16.59 -9.02
N SER F 304 -30.59 17.01 -10.18
CA SER F 304 -30.42 16.10 -11.31
C SER F 304 -29.17 16.44 -12.13
N PRO F 305 -28.54 15.43 -12.73
CA PRO F 305 -27.34 15.64 -13.55
C PRO F 305 -27.63 15.94 -15.01
N LEU F 306 -26.80 16.80 -15.60
CA LEU F 306 -26.94 17.19 -17.00
C LEU F 306 -25.64 16.85 -17.74
N ASP F 307 -25.62 17.12 -19.03
CA ASP F 307 -24.44 16.84 -19.84
C ASP F 307 -23.40 17.93 -19.59
N GLY F 308 -22.15 17.64 -19.94
CA GLY F 308 -21.08 18.61 -19.75
C GLY F 308 -20.76 18.82 -18.28
N ASP F 309 -21.13 17.85 -17.44
CA ASP F 309 -20.87 17.93 -16.01
C ASP F 309 -21.66 19.05 -15.33
N LEU F 310 -22.80 19.39 -15.91
CA LEU F 310 -23.64 20.44 -15.33
C LEU F 310 -24.73 19.79 -14.50
N ILE F 311 -25.29 20.56 -13.58
CA ILE F 311 -26.33 20.05 -12.70
C ILE F 311 -27.56 20.96 -12.72
N ALA F 312 -28.71 20.36 -12.45
CA ALA F 312 -29.95 21.11 -12.39
C ALA F 312 -30.56 20.81 -11.04
N PHE F 313 -31.18 21.81 -10.43
CA PHE F 313 -31.84 21.63 -9.16
C PHE F 313 -32.98 22.63 -9.05
N VAL F 314 -33.95 22.30 -8.21
CA VAL F 314 -35.12 23.13 -8.01
C VAL F 314 -35.11 23.59 -6.58
N SER F 315 -35.55 24.82 -6.33
CA SER F 315 -35.59 25.36 -4.97
C SER F 315 -36.54 26.54 -4.87
N ARG F 316 -37.47 26.44 -3.94
CA ARG F 316 -38.45 27.50 -3.72
C ARG F 316 -39.20 27.81 -5.02
N GLY F 317 -39.50 26.77 -5.78
CA GLY F 317 -40.23 26.96 -7.01
C GLY F 317 -39.41 27.50 -8.17
N GLN F 318 -38.12 27.69 -7.97
CA GLN F 318 -37.26 28.18 -9.03
C GLN F 318 -36.31 27.07 -9.47
N ALA F 319 -35.91 27.07 -10.73
CA ALA F 319 -35.00 26.04 -11.24
C ALA F 319 -33.70 26.68 -11.71
N PHE F 320 -32.59 25.96 -11.54
CA PHE F 320 -31.28 26.44 -11.91
C PHE F 320 -30.37 25.44 -12.62
N ILE F 321 -29.54 25.96 -13.51
CA ILE F 321 -28.55 25.14 -14.22
C ILE F 321 -27.22 25.76 -13.80
N GLN F 322 -26.34 24.91 -13.27
CA GLN F 322 -25.06 25.41 -12.79
C GLN F 322 -23.99 24.33 -12.87
N ASP F 323 -22.75 24.73 -12.65
CA ASP F 323 -21.63 23.81 -12.63
C ASP F 323 -21.64 23.29 -11.19
N VAL F 324 -20.91 22.23 -10.92
CA VAL F 324 -20.89 21.66 -9.58
C VAL F 324 -20.52 22.62 -8.46
N SER F 325 -19.56 23.49 -8.72
CA SER F 325 -19.11 24.45 -7.70
C SER F 325 -20.10 25.60 -7.47
N GLY F 326 -21.10 25.71 -8.33
CA GLY F 326 -22.09 26.74 -8.18
C GLY F 326 -21.53 28.14 -8.41
N THR F 327 -20.57 28.24 -9.33
CA THR F 327 -19.98 29.53 -9.64
C THR F 327 -20.66 30.06 -10.91
N TYR F 328 -20.95 29.15 -11.84
CA TYR F 328 -21.63 29.51 -13.08
C TYR F 328 -23.08 29.04 -12.95
N VAL F 329 -23.96 29.97 -12.59
CA VAL F 329 -25.37 29.68 -12.38
C VAL F 329 -26.35 30.37 -13.35
N LEU F 330 -27.28 29.59 -13.89
CA LEU F 330 -28.29 30.12 -14.80
C LEU F 330 -29.66 29.81 -14.23
N LYS F 331 -30.48 30.85 -14.07
CA LYS F 331 -31.83 30.64 -13.56
C LYS F 331 -32.76 30.41 -14.74
N VAL F 332 -33.61 29.39 -14.65
CA VAL F 332 -34.57 29.12 -15.71
C VAL F 332 -35.58 30.27 -15.74
N PRO F 333 -35.68 30.98 -16.87
CA PRO F 333 -36.59 32.11 -17.02
C PRO F 333 -38.07 31.71 -17.13
N GLU F 334 -38.64 31.28 -16.01
CA GLU F 334 -40.05 30.88 -15.93
C GLU F 334 -40.56 31.28 -14.56
N PRO F 335 -41.78 31.84 -14.50
CA PRO F 335 -42.35 32.26 -13.21
C PRO F 335 -42.48 31.15 -12.19
N LEU F 336 -43.02 31.49 -11.03
CA LEU F 336 -43.18 30.56 -9.94
C LEU F 336 -43.80 29.19 -10.18
N ARG F 337 -43.24 28.27 -9.40
CA ARG F 337 -43.54 26.85 -9.32
C ARG F 337 -43.18 25.91 -10.47
N ILE F 338 -41.88 25.70 -10.60
CA ILE F 338 -41.32 24.76 -11.55
C ILE F 338 -41.19 23.58 -10.59
N ARG F 339 -41.92 22.50 -10.85
CA ARG F 339 -41.88 21.34 -9.97
C ARG F 339 -40.74 20.37 -10.24
N TYR F 340 -40.48 20.08 -11.52
CA TYR F 340 -39.41 19.15 -11.86
C TYR F 340 -38.61 19.61 -13.05
N VAL F 341 -37.34 19.18 -13.09
CA VAL F 341 -36.45 19.54 -14.18
C VAL F 341 -35.67 18.29 -14.59
N ARG F 342 -35.65 17.99 -15.89
CA ARG F 342 -34.96 16.82 -16.40
C ARG F 342 -34.18 17.09 -17.69
N ARG F 343 -33.03 16.43 -17.83
CA ARG F 343 -32.17 16.55 -19.00
C ARG F 343 -32.98 16.31 -20.30
N GLY F 344 -33.01 17.32 -21.16
CA GLY F 344 -33.76 17.20 -22.41
C GLY F 344 -32.90 17.01 -23.65
N GLY F 345 -31.67 17.46 -23.59
CA GLY F 345 -30.77 17.32 -24.72
C GLY F 345 -29.39 17.82 -24.34
N ASP F 346 -28.54 18.02 -25.33
CA ASP F 346 -27.17 18.50 -25.11
C ASP F 346 -27.12 19.74 -24.22
N THR F 347 -27.98 20.70 -24.51
CA THR F 347 -28.04 21.94 -23.74
C THR F 347 -29.49 22.29 -23.46
N LYS F 348 -30.34 21.28 -23.39
CA LYS F 348 -31.76 21.51 -23.14
C LYS F 348 -32.27 20.74 -21.94
N VAL F 349 -33.34 21.26 -21.36
CA VAL F 349 -33.92 20.62 -20.21
C VAL F 349 -35.44 20.74 -20.33
N ALA F 350 -36.14 19.73 -19.82
CA ALA F 350 -37.59 19.73 -19.84
C ALA F 350 -37.98 20.02 -18.41
N PHE F 351 -39.10 20.70 -18.20
CA PHE F 351 -39.54 20.99 -16.85
C PHE F 351 -41.05 20.99 -16.71
N ILE F 352 -41.52 20.87 -15.47
CA ILE F 352 -42.95 20.89 -15.20
C ILE F 352 -43.23 22.21 -14.48
N HIS F 353 -44.10 23.02 -15.06
CA HIS F 353 -44.46 24.32 -14.49
C HIS F 353 -45.90 24.25 -13.99
N GLY F 354 -46.10 24.51 -12.70
CA GLY F 354 -47.44 24.44 -12.15
C GLY F 354 -48.07 25.78 -11.80
N THR F 355 -49.33 25.93 -12.18
CA THR F 355 -50.09 27.14 -11.90
C THR F 355 -51.35 26.74 -11.17
N ARG F 356 -52.23 27.70 -10.96
CA ARG F 356 -53.49 27.46 -10.27
C ARG F 356 -54.40 26.54 -11.09
N GLU F 357 -54.14 26.46 -12.39
CA GLU F 357 -54.93 25.62 -13.29
C GLU F 357 -54.42 24.18 -13.37
N GLY F 358 -53.14 23.98 -13.05
CA GLY F 358 -52.56 22.65 -13.10
C GLY F 358 -51.10 22.70 -13.52
N ASP F 359 -50.56 21.55 -13.92
CA ASP F 359 -49.18 21.46 -14.33
C ASP F 359 -49.03 21.35 -15.85
N PHE F 360 -47.97 21.95 -16.39
CA PHE F 360 -47.70 21.92 -17.82
C PHE F 360 -46.25 21.56 -18.08
N LEU F 361 -45.98 21.08 -19.28
CA LEU F 361 -44.64 20.69 -19.67
C LEU F 361 -44.02 21.79 -20.50
N GLY F 362 -42.76 22.07 -20.22
CA GLY F 362 -42.04 23.10 -20.94
C GLY F 362 -40.64 22.62 -21.24
N ILE F 363 -39.96 23.33 -22.14
CA ILE F 363 -38.62 23.00 -22.55
C ILE F 363 -37.77 24.27 -22.52
N TYR F 364 -36.53 24.14 -22.08
CA TYR F 364 -35.63 25.27 -22.01
C TYR F 364 -34.23 24.90 -22.44
N ASP F 365 -33.67 25.70 -23.34
CA ASP F 365 -32.33 25.47 -23.87
C ASP F 365 -31.43 26.53 -23.23
N TYR F 366 -30.57 26.12 -22.29
CA TYR F 366 -29.70 27.09 -21.63
C TYR F 366 -28.57 27.64 -22.49
N ARG F 367 -28.36 27.08 -23.66
CA ARG F 367 -27.33 27.58 -24.54
C ARG F 367 -27.85 28.81 -25.30
N THR F 368 -28.97 28.63 -25.98
CA THR F 368 -29.59 29.69 -26.76
C THR F 368 -30.37 30.66 -25.88
N GLY F 369 -31.00 30.11 -24.84
CA GLY F 369 -31.79 30.94 -23.94
C GLY F 369 -33.27 30.82 -24.21
N LYS F 370 -33.63 30.13 -25.28
CA LYS F 370 -35.03 29.94 -25.65
C LYS F 370 -35.77 29.00 -24.68
N ALA F 371 -36.98 29.40 -24.29
CA ALA F 371 -37.81 28.62 -23.38
C ALA F 371 -39.23 28.57 -23.93
N GLU F 372 -39.78 27.36 -24.05
CA GLU F 372 -41.13 27.20 -24.57
C GLU F 372 -42.00 26.30 -23.68
N LYS F 373 -43.21 26.74 -23.38
CA LYS F 373 -44.13 25.97 -22.56
C LYS F 373 -45.31 25.52 -23.42
N PHE F 374 -45.78 24.29 -23.21
CA PHE F 374 -46.91 23.79 -23.97
C PHE F 374 -48.18 23.98 -23.14
N GLU F 375 -49.29 24.29 -23.82
CA GLU F 375 -50.57 24.56 -23.15
C GLU F 375 -51.35 23.35 -22.62
N GLU F 376 -50.96 22.14 -22.99
CA GLU F 376 -51.68 20.96 -22.52
C GLU F 376 -51.60 20.83 -20.99
N ASN F 377 -52.76 20.87 -20.34
CA ASN F 377 -52.80 20.75 -18.89
C ASN F 377 -52.69 19.26 -18.57
N LEU F 378 -51.63 18.89 -17.86
CA LEU F 378 -51.36 17.49 -17.51
C LEU F 378 -51.94 17.08 -16.16
N GLY F 379 -52.71 17.96 -15.54
CA GLY F 379 -53.27 17.66 -14.23
C GLY F 379 -52.20 17.92 -13.18
N ASN F 380 -52.21 17.14 -12.11
CA ASN F 380 -51.19 17.32 -11.08
C ASN F 380 -50.15 16.23 -11.35
N VAL F 381 -48.97 16.64 -11.82
CA VAL F 381 -47.88 15.74 -12.15
C VAL F 381 -46.97 15.43 -10.96
N PHE F 382 -46.60 14.16 -10.81
CA PHE F 382 -45.75 13.75 -9.70
C PHE F 382 -44.48 13.02 -10.13
N ALA F 383 -44.32 12.84 -11.44
CA ALA F 383 -43.14 12.19 -11.99
C ALA F 383 -42.95 12.58 -13.44
N MET F 384 -41.71 12.79 -13.86
CA MET F 384 -41.43 13.16 -15.24
C MET F 384 -40.07 12.66 -15.70
N GLY F 385 -40.01 12.21 -16.94
CA GLY F 385 -38.77 11.70 -17.49
C GLY F 385 -38.72 12.01 -18.98
N VAL F 386 -37.51 11.96 -19.55
CA VAL F 386 -37.35 12.24 -20.98
C VAL F 386 -36.52 11.14 -21.62
N ASP F 387 -36.84 10.79 -22.86
CA ASP F 387 -36.08 9.75 -23.54
C ASP F 387 -34.72 10.29 -23.92
N ARG F 388 -33.73 9.41 -23.92
CA ARG F 388 -32.36 9.79 -24.22
C ARG F 388 -32.20 10.54 -25.54
N ASN F 389 -33.15 10.36 -26.46
CA ASN F 389 -33.07 11.05 -27.74
C ASN F 389 -33.87 12.35 -27.78
N GLY F 390 -34.37 12.76 -26.62
CA GLY F 390 -35.13 14.00 -26.52
C GLY F 390 -36.32 14.19 -27.45
N LYS F 391 -37.09 13.14 -27.70
CA LYS F 391 -38.25 13.26 -28.58
C LYS F 391 -39.57 13.27 -27.82
N PHE F 392 -39.57 12.71 -26.61
CA PHE F 392 -40.78 12.70 -25.83
C PHE F 392 -40.51 12.58 -24.35
N ALA F 393 -41.48 13.03 -23.57
CA ALA F 393 -41.38 12.94 -22.13
C ALA F 393 -42.41 11.91 -21.69
N VAL F 394 -42.24 11.40 -20.48
CA VAL F 394 -43.17 10.44 -19.92
C VAL F 394 -43.63 11.14 -18.66
N VAL F 395 -44.95 11.19 -18.46
CA VAL F 395 -45.49 11.88 -17.29
C VAL F 395 -46.50 11.04 -16.55
N ALA F 396 -46.54 11.21 -15.23
CA ALA F 396 -47.47 10.51 -14.36
C ALA F 396 -48.16 11.57 -13.52
N ASN F 397 -49.47 11.45 -13.34
CA ASN F 397 -50.25 12.43 -12.56
C ASN F 397 -51.20 11.78 -11.54
N ASP F 398 -51.91 12.59 -10.76
CA ASP F 398 -52.83 12.06 -9.75
C ASP F 398 -54.13 11.53 -10.34
N ARG F 399 -54.16 11.39 -11.65
CA ARG F 399 -55.31 10.81 -12.33
C ARG F 399 -54.95 9.33 -12.46
N PHE F 400 -53.73 9.00 -12.01
CA PHE F 400 -53.21 7.63 -12.07
C PHE F 400 -52.93 7.26 -13.52
N GLU F 401 -52.54 8.24 -14.31
CA GLU F 401 -52.24 7.97 -15.71
C GLU F 401 -50.74 8.10 -15.94
N ILE F 402 -50.25 7.38 -16.93
CA ILE F 402 -48.85 7.48 -17.33
C ILE F 402 -49.02 7.81 -18.81
N MET F 403 -48.28 8.80 -19.28
CA MET F 403 -48.43 9.22 -20.67
C MET F 403 -47.17 9.78 -21.27
N THR F 404 -47.12 9.79 -22.59
CA THR F 404 -45.98 10.36 -23.29
C THR F 404 -46.45 11.71 -23.84
N VAL F 405 -45.54 12.66 -23.90
CA VAL F 405 -45.86 13.98 -24.42
C VAL F 405 -44.78 14.38 -25.41
N ASP F 406 -45.15 14.47 -26.69
CA ASP F 406 -44.22 14.82 -27.74
C ASP F 406 -43.57 16.17 -27.47
N LEU F 407 -42.26 16.19 -27.27
CA LEU F 407 -41.55 17.42 -26.97
C LEU F 407 -41.55 18.43 -28.12
N GLU F 408 -42.15 18.06 -29.24
CA GLU F 408 -42.19 18.96 -30.38
C GLU F 408 -43.56 19.59 -30.55
N THR F 409 -44.60 18.76 -30.50
CA THR F 409 -45.97 19.25 -30.65
C THR F 409 -46.65 19.48 -29.31
N GLY F 410 -46.13 18.88 -28.25
CA GLY F 410 -46.72 19.03 -26.93
C GLY F 410 -47.94 18.13 -26.78
N LYS F 411 -48.18 17.30 -27.79
CA LYS F 411 -49.31 16.38 -27.79
C LYS F 411 -49.10 15.19 -26.86
N PRO F 412 -49.92 15.11 -25.80
CA PRO F 412 -49.81 14.00 -24.85
C PRO F 412 -50.58 12.77 -25.30
N THR F 413 -50.11 11.59 -24.88
CA THR F 413 -50.75 10.33 -25.22
C THR F 413 -50.80 9.41 -24.00
N VAL F 414 -52.01 9.15 -23.53
CA VAL F 414 -52.19 8.29 -22.37
C VAL F 414 -51.84 6.87 -22.74
N ILE F 415 -50.90 6.29 -22.00
CA ILE F 415 -50.48 4.92 -22.27
C ILE F 415 -51.43 3.95 -21.55
N GLU F 416 -51.59 4.15 -20.26
CA GLU F 416 -52.45 3.29 -19.47
C GLU F 416 -52.80 4.07 -18.22
N ARG F 417 -53.90 3.70 -17.59
CA ARG F 417 -54.32 4.37 -16.38
C ARG F 417 -54.63 3.32 -15.32
N SER F 418 -54.18 3.57 -14.10
CA SER F 418 -54.42 2.65 -13.01
C SER F 418 -55.60 3.18 -12.23
N ARG F 419 -56.28 2.32 -11.49
CA ARG F 419 -57.41 2.78 -10.69
C ARG F 419 -57.06 2.62 -9.22
N GLU F 420 -55.81 2.26 -8.94
CA GLU F 420 -55.38 2.08 -7.56
C GLU F 420 -54.45 3.18 -7.03
N ALA F 421 -53.40 3.50 -7.79
CA ALA F 421 -52.44 4.53 -7.36
C ALA F 421 -51.69 5.11 -8.56
N MET F 422 -50.81 6.07 -8.29
CA MET F 422 -50.04 6.70 -9.35
C MET F 422 -48.97 5.79 -9.93
N ILE F 423 -48.63 6.02 -11.19
CA ILE F 423 -47.60 5.24 -11.86
C ILE F 423 -46.35 6.09 -11.93
N THR F 424 -45.69 6.26 -10.79
CA THR F 424 -44.50 7.10 -10.75
C THR F 424 -43.17 6.38 -10.93
N ASP F 425 -43.21 5.07 -11.07
CA ASP F 425 -41.98 4.29 -11.23
C ASP F 425 -41.91 3.74 -12.66
N PHE F 426 -41.20 4.46 -13.53
CA PHE F 426 -41.05 4.05 -14.93
C PHE F 426 -39.67 4.32 -15.47
N THR F 427 -39.40 3.75 -16.64
CA THR F 427 -38.10 3.91 -17.31
C THR F 427 -38.25 3.80 -18.83
N ILE F 428 -37.39 4.48 -19.57
CA ILE F 428 -37.44 4.46 -21.03
C ILE F 428 -36.20 3.79 -21.59
N SER F 429 -36.36 2.87 -22.55
CA SER F 429 -35.21 2.20 -23.14
C SER F 429 -34.35 3.22 -23.91
N ASP F 430 -33.04 2.93 -24.03
CA ASP F 430 -32.11 3.83 -24.72
C ASP F 430 -32.42 4.07 -26.18
N ASN F 431 -33.04 3.10 -26.85
CA ASN F 431 -33.41 3.28 -28.25
C ASN F 431 -34.80 3.89 -28.32
N SER F 432 -35.27 4.43 -27.20
CA SER F 432 -36.58 5.08 -27.11
C SER F 432 -37.78 4.25 -27.54
N ARG F 433 -37.62 2.93 -27.64
CA ARG F 433 -38.71 2.09 -28.07
C ARG F 433 -39.66 1.55 -27.01
N PHE F 434 -39.16 1.29 -25.79
CA PHE F 434 -40.03 0.73 -24.76
C PHE F 434 -40.15 1.53 -23.48
N ILE F 435 -41.33 1.44 -22.87
CA ILE F 435 -41.57 2.11 -21.62
C ILE F 435 -42.07 1.09 -20.62
N ALA F 436 -41.27 0.83 -19.59
CA ALA F 436 -41.64 -0.13 -18.55
C ALA F 436 -41.95 0.67 -17.30
N TYR F 437 -42.99 0.27 -16.58
CA TYR F 437 -43.40 0.98 -15.40
C TYR F 437 -44.13 0.06 -14.44
N GLY F 438 -44.10 0.40 -13.15
CA GLY F 438 -44.82 -0.40 -12.18
C GLY F 438 -46.29 -0.04 -12.25
N PHE F 439 -47.15 -1.03 -12.49
CA PHE F 439 -48.60 -0.80 -12.61
C PHE F 439 -49.36 -1.25 -11.36
N PRO F 440 -49.81 -0.29 -10.53
CA PRO F 440 -50.55 -0.69 -9.32
C PRO F 440 -51.95 -1.22 -9.65
N LEU F 441 -52.36 -2.29 -8.95
CA LEU F 441 -53.66 -2.91 -9.23
C LEU F 441 -54.19 -3.81 -8.12
N LYS F 442 -55.49 -4.08 -8.19
CA LYS F 442 -56.15 -4.97 -7.24
C LYS F 442 -57.00 -5.95 -8.01
N HIS F 443 -57.28 -7.11 -7.42
CA HIS F 443 -58.11 -8.11 -8.09
C HIS F 443 -59.54 -7.61 -7.99
N GLY F 444 -59.87 -7.07 -6.83
CA GLY F 444 -61.19 -6.56 -6.56
C GLY F 444 -61.12 -5.23 -5.83
N GLU F 445 -62.21 -4.49 -5.88
CA GLU F 445 -62.32 -3.16 -5.26
C GLU F 445 -61.96 -3.09 -3.79
N THR F 446 -62.45 -4.03 -2.99
CA THR F 446 -62.19 -4.00 -1.55
C THR F 446 -60.99 -4.81 -1.06
N ASP F 447 -60.02 -5.08 -1.92
CA ASP F 447 -58.83 -5.84 -1.52
C ASP F 447 -58.03 -5.02 -0.50
N GLY F 448 -57.39 -5.69 0.46
CA GLY F 448 -56.60 -4.99 1.44
C GLY F 448 -55.22 -4.59 0.95
N TYR F 449 -54.76 -5.23 -0.13
CA TYR F 449 -53.44 -4.95 -0.69
C TYR F 449 -53.45 -4.57 -2.17
N VAL F 450 -52.58 -3.63 -2.51
CA VAL F 450 -52.44 -3.15 -3.87
C VAL F 450 -51.20 -3.81 -4.46
N MET F 451 -51.39 -4.65 -5.48
CA MET F 451 -50.25 -5.30 -6.10
C MET F 451 -49.66 -4.37 -7.13
N GLN F 452 -48.51 -4.74 -7.68
CA GLN F 452 -47.88 -3.93 -8.70
C GLN F 452 -47.12 -4.84 -9.64
N ALA F 453 -47.50 -4.78 -10.90
CA ALA F 453 -46.89 -5.59 -11.93
C ALA F 453 -46.21 -4.62 -12.87
N ILE F 454 -45.15 -5.09 -13.53
CA ILE F 454 -44.43 -4.27 -14.46
C ILE F 454 -45.05 -4.44 -15.85
N HIS F 455 -45.43 -3.33 -16.46
CA HIS F 455 -45.99 -3.36 -17.81
C HIS F 455 -44.94 -2.72 -18.72
N VAL F 456 -44.95 -3.11 -19.99
CA VAL F 456 -44.02 -2.54 -20.95
C VAL F 456 -44.83 -2.06 -22.14
N TYR F 457 -44.58 -0.80 -22.51
CA TYR F 457 -45.27 -0.19 -23.62
C TYR F 457 -44.34 -0.10 -24.82
N ASP F 458 -44.78 -0.68 -25.94
CA ASP F 458 -44.01 -0.66 -27.17
C ASP F 458 -44.45 0.55 -28.02
N MET F 459 -43.58 1.54 -28.15
CA MET F 459 -43.90 2.73 -28.95
C MET F 459 -44.28 2.29 -30.36
N GLU F 460 -43.64 1.23 -30.85
CA GLU F 460 -43.95 0.70 -32.18
C GLU F 460 -45.11 -0.28 -32.07
N GLY F 461 -46.31 0.17 -32.37
CA GLY F 461 -47.46 -0.69 -32.28
C GLY F 461 -48.36 -0.19 -31.17
N ARG F 462 -47.78 0.61 -30.28
CA ARG F 462 -48.52 1.18 -29.16
C ARG F 462 -49.30 0.13 -28.38
N LYS F 463 -48.65 -1.00 -28.10
CA LYS F 463 -49.31 -2.07 -27.34
C LYS F 463 -48.64 -2.30 -25.98
N ILE F 464 -49.46 -2.71 -25.01
CA ILE F 464 -49.00 -2.97 -23.66
C ILE F 464 -48.79 -4.46 -23.40
N PHE F 465 -47.61 -4.80 -22.89
CA PHE F 465 -47.29 -6.19 -22.57
C PHE F 465 -46.94 -6.35 -21.10
N ALA F 466 -47.45 -7.42 -20.49
CA ALA F 466 -47.20 -7.70 -19.09
C ALA F 466 -45.83 -8.37 -18.91
N ALA F 467 -44.94 -7.69 -18.19
CA ALA F 467 -43.60 -8.19 -17.94
C ALA F 467 -43.60 -9.13 -16.72
N THR F 468 -44.54 -8.92 -15.81
CA THR F 468 -44.59 -9.76 -14.64
C THR F 468 -46.04 -10.14 -14.28
N THR F 469 -46.21 -11.15 -13.43
CA THR F 469 -47.55 -11.58 -13.00
C THR F 469 -48.02 -10.59 -11.95
N GLU F 470 -49.32 -10.61 -11.66
CA GLU F 470 -49.90 -9.67 -10.70
C GLU F 470 -50.05 -10.19 -9.27
N ASN F 471 -49.12 -11.01 -8.79
CA ASN F 471 -49.23 -11.56 -7.43
C ASN F 471 -48.37 -10.90 -6.36
N SER F 472 -47.52 -9.95 -6.75
CA SER F 472 -46.66 -9.33 -5.77
C SER F 472 -46.43 -7.84 -6.04
N HIS F 473 -45.29 -7.35 -5.56
CA HIS F 473 -44.90 -5.98 -5.78
C HIS F 473 -43.59 -5.96 -6.57
N ASP F 474 -43.72 -5.69 -7.86
CA ASP F 474 -42.59 -5.62 -8.78
C ASP F 474 -42.32 -4.14 -9.06
N TYR F 475 -41.05 -3.73 -9.03
CA TYR F 475 -40.70 -2.31 -9.20
C TYR F 475 -39.31 -2.02 -9.74
N ALA F 476 -38.99 -0.73 -9.85
CA ALA F 476 -37.70 -0.29 -10.34
C ALA F 476 -37.21 -0.93 -11.63
N PRO F 477 -38.04 -0.92 -12.68
CA PRO F 477 -37.60 -1.53 -13.94
C PRO F 477 -36.43 -0.75 -14.50
N ALA F 478 -35.57 -1.41 -15.29
CA ALA F 478 -34.41 -0.75 -15.88
C ALA F 478 -33.85 -1.59 -17.06
N PHE F 479 -33.74 -0.96 -18.24
CA PHE F 479 -33.23 -1.66 -19.42
C PHE F 479 -31.70 -1.58 -19.47
N ASP F 480 -31.08 -2.53 -20.14
CA ASP F 480 -29.63 -2.44 -20.27
C ASP F 480 -29.40 -1.47 -21.42
N ALA F 481 -28.16 -1.02 -21.59
CA ALA F 481 -27.83 -0.06 -22.64
C ALA F 481 -28.20 -0.49 -24.04
N ASP F 482 -28.07 -1.78 -24.34
CA ASP F 482 -28.39 -2.27 -25.69
C ASP F 482 -29.88 -2.52 -25.92
N SER F 483 -30.68 -2.27 -24.90
CA SER F 483 -32.13 -2.47 -25.00
C SER F 483 -32.47 -3.92 -25.34
N LYS F 484 -31.76 -4.87 -24.74
CA LYS F 484 -32.02 -6.29 -25.01
C LYS F 484 -32.60 -7.05 -23.82
N ASN F 485 -32.46 -6.49 -22.63
CA ASN F 485 -33.01 -7.14 -21.44
C ASN F 485 -33.61 -6.12 -20.50
N LEU F 486 -34.62 -6.53 -19.76
CA LEU F 486 -35.28 -5.66 -18.80
C LEU F 486 -35.01 -6.23 -17.40
N TYR F 487 -34.34 -5.44 -16.57
CA TYR F 487 -34.03 -5.81 -15.19
C TYR F 487 -35.04 -5.11 -14.31
N TYR F 488 -35.39 -5.73 -13.19
CA TYR F 488 -36.33 -5.13 -12.27
C TYR F 488 -36.16 -5.83 -10.92
N LEU F 489 -36.83 -5.30 -9.90
CA LEU F 489 -36.76 -5.85 -8.55
C LEU F 489 -38.14 -6.30 -8.06
N SER F 490 -38.16 -7.25 -7.13
CA SER F 490 -39.42 -7.76 -6.58
C SER F 490 -39.28 -8.10 -5.12
N TYR F 491 -40.40 -8.07 -4.41
CA TYR F 491 -40.44 -8.45 -3.00
C TYR F 491 -41.08 -9.83 -2.99
N ARG F 492 -40.62 -10.68 -3.89
CA ARG F 492 -41.14 -12.03 -4.03
C ARG F 492 -40.40 -13.14 -3.31
N SER F 493 -39.17 -12.89 -2.88
CA SER F 493 -38.38 -13.92 -2.22
C SER F 493 -38.76 -14.10 -0.77
N LEU F 494 -39.99 -14.56 -0.56
CA LEU F 494 -40.49 -14.75 0.80
C LEU F 494 -39.59 -15.67 1.62
N ASP F 495 -39.25 -15.19 2.81
CA ASP F 495 -38.41 -15.90 3.79
C ASP F 495 -38.63 -15.07 5.06
N PRO F 496 -39.15 -15.69 6.13
CA PRO F 496 -39.35 -14.85 7.30
C PRO F 496 -38.17 -14.66 8.24
N SER F 497 -38.18 -13.52 8.93
CA SER F 497 -37.15 -13.20 9.90
C SER F 497 -37.91 -13.10 11.21
N PRO F 498 -37.33 -13.66 12.29
CA PRO F 498 -37.92 -13.67 13.63
C PRO F 498 -37.85 -12.38 14.43
N ASP F 499 -38.93 -12.08 15.13
CA ASP F 499 -39.02 -10.91 16.00
C ASP F 499 -38.21 -11.34 17.24
N ARG F 500 -37.40 -10.46 17.77
CA ARG F 500 -36.57 -10.82 18.93
C ARG F 500 -37.21 -10.59 20.30
N VAL F 501 -38.43 -10.07 20.32
CA VAL F 501 -39.09 -9.78 21.57
C VAL F 501 -40.42 -10.50 21.69
N VAL F 502 -41.19 -10.46 20.62
CA VAL F 502 -42.52 -11.06 20.56
C VAL F 502 -42.52 -12.26 19.63
N LEU F 503 -43.38 -13.22 19.89
CA LEU F 503 -43.51 -14.38 19.01
C LEU F 503 -44.15 -13.77 17.78
N ASN F 504 -43.35 -13.59 16.73
CA ASN F 504 -43.82 -12.96 15.51
C ASN F 504 -42.72 -13.10 14.47
N PHE F 505 -43.10 -12.98 13.19
CA PHE F 505 -42.15 -13.06 12.09
C PHE F 505 -42.54 -12.06 11.01
N SER F 506 -41.56 -11.49 10.33
CA SER F 506 -41.88 -10.57 9.25
C SER F 506 -40.92 -10.74 8.08
N PHE F 507 -41.34 -10.25 6.93
CA PHE F 507 -40.56 -10.32 5.71
C PHE F 507 -39.66 -9.08 5.63
N GLU F 508 -38.39 -9.29 5.98
CA GLU F 508 -37.37 -8.23 6.03
C GLU F 508 -36.38 -8.24 4.88
N VAL F 509 -35.93 -9.42 4.49
CA VAL F 509 -34.96 -9.49 3.40
C VAL F 509 -35.53 -10.38 2.32
N VAL F 510 -36.47 -9.85 1.57
CA VAL F 510 -37.12 -10.63 0.53
C VAL F 510 -37.07 -9.97 -0.83
N SER F 511 -36.23 -8.94 -0.95
CA SER F 511 -36.09 -8.23 -2.22
C SER F 511 -35.08 -8.99 -3.08
N LYS F 512 -35.45 -9.25 -4.33
CA LYS F 512 -34.59 -9.99 -5.24
C LYS F 512 -34.66 -9.42 -6.65
N PRO F 513 -33.50 -9.25 -7.31
CA PRO F 513 -33.52 -8.71 -8.67
C PRO F 513 -33.78 -9.79 -9.72
N PHE F 514 -34.48 -9.41 -10.79
CA PHE F 514 -34.82 -10.34 -11.87
C PHE F 514 -34.52 -9.73 -13.22
N VAL F 515 -34.50 -10.57 -14.24
CA VAL F 515 -34.24 -10.06 -15.59
C VAL F 515 -35.12 -10.76 -16.62
N ILE F 516 -35.42 -10.07 -17.71
CA ILE F 516 -36.24 -10.61 -18.78
C ILE F 516 -35.63 -10.29 -20.14
N PRO F 517 -35.17 -11.33 -20.87
CA PRO F 517 -34.60 -11.07 -22.19
C PRO F 517 -35.73 -10.72 -23.17
N LEU F 518 -35.59 -9.58 -23.84
CA LEU F 518 -36.62 -9.12 -24.77
C LEU F 518 -36.69 -9.90 -26.06
N ILE F 519 -35.71 -10.79 -26.26
CA ILE F 519 -35.66 -11.64 -27.44
C ILE F 519 -35.70 -13.07 -26.95
N PRO F 520 -36.81 -13.78 -27.23
CA PRO F 520 -37.03 -15.17 -26.83
C PRO F 520 -35.91 -16.09 -27.29
N GLY F 521 -35.46 -16.96 -26.40
CA GLY F 521 -34.39 -17.88 -26.75
C GLY F 521 -33.07 -17.40 -26.21
N SER F 522 -32.99 -16.09 -25.96
CA SER F 522 -31.77 -15.51 -25.41
C SER F 522 -31.82 -15.76 -23.89
N PRO F 523 -30.69 -16.19 -23.30
CA PRO F 523 -30.68 -16.46 -21.86
C PRO F 523 -30.42 -15.30 -20.92
N ASN F 524 -30.67 -15.53 -19.64
CA ASN F 524 -30.44 -14.58 -18.57
C ASN F 524 -28.98 -14.21 -18.77
N PRO F 525 -28.68 -12.96 -19.10
CA PRO F 525 -27.27 -12.62 -19.30
C PRO F 525 -26.34 -12.84 -18.09
N THR F 526 -26.85 -12.71 -16.87
CA THR F 526 -26.01 -12.91 -15.71
C THR F 526 -25.66 -14.38 -15.47
N LYS F 527 -26.21 -15.29 -16.27
CA LYS F 527 -25.92 -16.71 -16.09
C LYS F 527 -24.63 -17.12 -16.77
N LEU F 528 -24.11 -16.25 -17.63
CA LEU F 528 -22.86 -16.49 -18.34
C LEU F 528 -22.87 -17.78 -19.17
N VAL F 529 -23.99 -18.07 -19.80
CA VAL F 529 -24.08 -19.25 -20.66
C VAL F 529 -23.13 -18.94 -21.81
N PRO F 530 -22.19 -19.86 -22.13
CA PRO F 530 -21.24 -19.62 -23.22
C PRO F 530 -21.96 -19.25 -24.51
N ARG F 531 -21.48 -18.19 -25.16
CA ARG F 531 -22.08 -17.72 -26.40
C ARG F 531 -22.08 -18.79 -27.48
N SER F 532 -21.05 -19.63 -27.48
CA SER F 532 -20.95 -20.69 -28.47
C SER F 532 -21.94 -21.81 -28.18
N MET F 533 -22.59 -21.74 -27.03
CA MET F 533 -23.56 -22.74 -26.63
C MET F 533 -24.97 -22.19 -26.60
N THR F 534 -25.17 -21.07 -27.28
CA THR F 534 -26.48 -20.45 -27.35
C THR F 534 -26.79 -20.09 -28.80
N SER F 535 -27.99 -20.41 -29.24
CA SER F 535 -28.39 -20.08 -30.59
C SER F 535 -28.94 -18.67 -30.57
N GLU F 536 -28.09 -17.69 -30.88
CA GLU F 536 -28.48 -16.28 -30.89
C GLU F 536 -29.58 -15.97 -31.91
N ALA F 537 -29.63 -14.71 -32.32
CA ALA F 537 -30.61 -14.22 -33.30
C ALA F 537 -31.94 -13.89 -32.62
N GLY F 538 -33.02 -13.97 -33.39
CA GLY F 538 -34.32 -13.67 -32.85
C GLY F 538 -34.63 -12.19 -32.87
N GLU F 539 -35.89 -11.86 -33.13
CA GLU F 539 -36.36 -10.48 -33.17
C GLU F 539 -37.04 -10.21 -31.82
N TYR F 540 -37.36 -8.95 -31.54
CA TYR F 540 -38.04 -8.58 -30.30
C TYR F 540 -39.37 -9.33 -30.25
N ASP F 541 -39.79 -9.71 -29.05
CA ASP F 541 -41.06 -10.41 -28.87
C ASP F 541 -41.43 -10.29 -27.40
N LEU F 542 -42.27 -9.30 -27.09
CA LEU F 542 -42.66 -9.07 -25.71
C LEU F 542 -43.81 -9.91 -25.19
N ASN F 543 -44.27 -10.86 -26.00
CA ASN F 543 -45.36 -11.74 -25.57
C ASN F 543 -44.87 -12.77 -24.55
N ASP F 544 -45.72 -13.08 -23.57
CA ASP F 544 -45.38 -14.04 -22.52
C ASP F 544 -44.01 -13.81 -21.93
N MET F 545 -43.56 -12.56 -21.85
CA MET F 545 -42.24 -12.35 -21.28
C MET F 545 -42.11 -12.68 -19.79
N TYR F 546 -43.23 -12.77 -19.08
CA TYR F 546 -43.13 -13.11 -17.65
C TYR F 546 -42.72 -14.56 -17.50
N LYS F 547 -43.02 -15.38 -18.50
CA LYS F 547 -42.66 -16.80 -18.46
C LYS F 547 -41.17 -17.01 -18.65
N ARG F 548 -40.50 -16.01 -19.24
CA ARG F 548 -39.05 -16.09 -19.48
C ARG F 548 -38.23 -15.45 -18.37
N SER F 549 -38.89 -14.82 -17.39
CA SER F 549 -38.18 -14.15 -16.31
C SER F 549 -37.18 -15.08 -15.62
N SER F 550 -36.10 -14.51 -15.12
CA SER F 550 -35.05 -15.27 -14.46
C SER F 550 -34.41 -14.43 -13.34
N PRO F 551 -34.18 -15.02 -12.17
CA PRO F 551 -33.57 -14.21 -11.12
C PRO F 551 -32.06 -14.03 -11.31
N ILE F 552 -31.49 -13.04 -10.65
CA ILE F 552 -30.06 -12.87 -10.74
C ILE F 552 -29.53 -13.30 -9.39
N ASN F 553 -28.47 -14.11 -9.43
CA ASN F 553 -27.84 -14.68 -8.25
C ASN F 553 -27.29 -13.73 -7.20
N VAL F 554 -28.14 -12.85 -6.70
CA VAL F 554 -27.76 -11.89 -5.66
C VAL F 554 -28.59 -12.25 -4.44
N ASP F 555 -27.98 -12.33 -3.27
CA ASP F 555 -28.71 -12.65 -2.03
C ASP F 555 -29.90 -11.72 -1.85
N PRO F 556 -31.02 -12.24 -1.31
CA PRO F 556 -32.16 -11.36 -1.13
C PRO F 556 -31.77 -10.33 -0.08
N GLY F 557 -32.37 -9.14 -0.17
CA GLY F 557 -32.12 -8.06 0.77
C GLY F 557 -33.29 -7.07 0.67
N ASP F 558 -32.99 -5.77 0.74
CA ASP F 558 -34.03 -4.75 0.60
C ASP F 558 -33.43 -3.76 -0.38
N TYR F 559 -33.69 -3.98 -1.65
CA TYR F 559 -33.17 -3.15 -2.73
C TYR F 559 -34.22 -2.21 -3.28
N ARG F 560 -33.78 -1.02 -3.67
CA ARG F 560 -34.65 0.01 -4.20
C ARG F 560 -34.31 0.41 -5.62
N MET F 561 -33.16 -0.03 -6.13
CA MET F 561 -32.79 0.33 -7.49
C MET F 561 -31.74 -0.62 -8.05
N ILE F 562 -31.82 -0.85 -9.35
CA ILE F 562 -30.88 -1.72 -10.03
C ILE F 562 -30.41 -1.06 -11.33
N ILE F 563 -29.11 -1.01 -11.53
CA ILE F 563 -28.53 -0.38 -12.72
C ILE F 563 -27.61 -1.33 -13.48
N PRO F 564 -28.10 -1.93 -14.58
CA PRO F 564 -27.28 -2.86 -15.36
C PRO F 564 -26.19 -2.14 -16.16
N LEU F 565 -24.96 -2.62 -16.01
CA LEU F 565 -23.83 -2.06 -16.72
C LEU F 565 -23.20 -3.14 -17.59
N GLU F 566 -22.16 -2.78 -18.33
CA GLU F 566 -21.50 -3.73 -19.20
C GLU F 566 -21.17 -5.04 -18.51
N SER F 567 -20.31 -5.00 -17.50
CA SER F 567 -19.95 -6.23 -16.80
C SER F 567 -20.21 -6.22 -15.30
N SER F 568 -21.19 -5.43 -14.87
CA SER F 568 -21.53 -5.38 -13.45
C SER F 568 -22.92 -4.77 -13.28
N ILE F 569 -23.46 -4.89 -12.08
CA ILE F 569 -24.78 -4.36 -11.80
C ILE F 569 -24.77 -3.60 -10.47
N LEU F 570 -25.19 -2.34 -10.52
CA LEU F 570 -25.25 -1.54 -9.32
C LEU F 570 -26.60 -1.76 -8.66
N ILE F 571 -26.60 -1.84 -7.33
CA ILE F 571 -27.84 -2.03 -6.58
C ILE F 571 -27.86 -1.15 -5.34
N TYR F 572 -28.95 -0.39 -5.18
CA TYR F 572 -29.11 0.48 -4.03
C TYR F 572 -29.70 -0.43 -2.94
N SER F 573 -29.02 -0.50 -1.80
CA SER F 573 -29.46 -1.34 -0.70
C SER F 573 -29.76 -0.57 0.57
N VAL F 574 -30.80 -0.97 1.29
CA VAL F 574 -31.18 -0.35 2.54
C VAL F 574 -31.13 -1.38 3.66
N PRO F 575 -30.17 -1.26 4.57
CA PRO F 575 -30.05 -2.21 5.67
C PRO F 575 -31.27 -2.14 6.58
N VAL F 576 -31.70 -3.27 7.10
CA VAL F 576 -32.82 -3.31 8.02
C VAL F 576 -32.57 -2.31 9.17
N HIS F 577 -33.55 -1.47 9.44
CA HIS F 577 -33.42 -0.47 10.49
C HIS F 577 -34.75 -0.23 11.21
N GLY F 578 -34.67 0.39 12.38
CA GLY F 578 -35.88 0.70 13.14
C GLY F 578 -36.57 1.87 12.46
N GLU F 579 -37.86 2.06 12.73
CA GLU F 579 -38.61 3.15 12.10
C GLU F 579 -38.87 4.39 12.95
N PHE F 580 -38.53 4.33 14.23
CA PHE F 580 -38.77 5.45 15.14
C PHE F 580 -38.28 6.82 14.65
N ALA F 581 -36.98 6.95 14.36
CA ALA F 581 -36.41 8.22 13.89
C ALA F 581 -37.09 8.79 12.65
N ALA F 582 -37.28 7.98 11.63
CA ALA F 582 -37.92 8.46 10.40
C ALA F 582 -39.35 8.89 10.69
N TYR F 583 -40.07 8.05 11.44
CA TYR F 583 -41.46 8.31 11.78
C TYR F 583 -41.70 9.55 12.63
N TYR F 584 -40.83 9.83 13.60
CA TYR F 584 -41.04 11.01 14.45
C TYR F 584 -40.09 12.18 14.22
N GLN F 585 -38.83 11.89 13.90
CA GLN F 585 -37.83 12.93 13.69
C GLN F 585 -37.50 13.26 12.24
N GLY F 586 -38.30 12.76 11.30
CA GLY F 586 -38.04 13.03 9.90
C GLY F 586 -36.69 12.51 9.40
N ALA F 587 -36.03 11.67 10.20
CA ALA F 587 -34.74 11.11 9.81
C ALA F 587 -34.82 10.39 8.47
N PRO F 588 -33.83 10.62 7.59
CA PRO F 588 -33.80 10.00 6.27
C PRO F 588 -33.46 8.51 6.36
N GLU F 589 -33.84 7.77 5.32
CA GLU F 589 -33.56 6.34 5.27
C GLU F 589 -32.16 6.20 4.67
N LYS F 590 -31.27 5.52 5.37
CA LYS F 590 -29.90 5.32 4.92
C LYS F 590 -29.68 4.10 4.03
N GLY F 591 -29.02 4.30 2.89
CA GLY F 591 -28.77 3.20 2.00
C GLY F 591 -27.31 3.11 1.57
N VAL F 592 -27.00 2.07 0.81
CA VAL F 592 -25.64 1.87 0.33
C VAL F 592 -25.69 1.42 -1.13
N LEU F 593 -24.72 1.87 -1.91
CA LEU F 593 -24.65 1.49 -3.30
C LEU F 593 -23.75 0.27 -3.40
N LEU F 594 -24.30 -0.84 -3.86
CA LEU F 594 -23.54 -2.07 -4.00
C LEU F 594 -23.20 -2.34 -5.45
N LYS F 595 -22.11 -3.06 -5.66
CA LYS F 595 -21.68 -3.39 -7.00
C LYS F 595 -21.58 -4.90 -7.09
N TYR F 596 -22.32 -5.46 -8.04
CA TYR F 596 -22.34 -6.89 -8.26
C TYR F 596 -21.58 -7.20 -9.54
N ASP F 597 -20.43 -7.85 -9.41
CA ASP F 597 -19.65 -8.21 -10.57
C ASP F 597 -20.33 -9.44 -11.15
N VAL F 598 -20.74 -9.37 -12.41
CA VAL F 598 -21.43 -10.48 -13.05
C VAL F 598 -20.51 -11.68 -13.27
N LYS F 599 -19.28 -11.38 -13.67
CA LYS F 599 -18.29 -12.43 -13.92
C LYS F 599 -18.01 -13.28 -12.69
N THR F 600 -17.66 -12.62 -11.58
CA THR F 600 -17.33 -13.33 -10.35
C THR F 600 -18.46 -13.46 -9.33
N ARG F 601 -19.58 -12.79 -9.59
CA ARG F 601 -20.71 -12.84 -8.66
C ARG F 601 -20.36 -12.25 -7.30
N LYS F 602 -19.25 -11.53 -7.24
CA LYS F 602 -18.79 -10.90 -6.00
C LYS F 602 -19.49 -9.54 -5.82
N VAL F 603 -19.93 -9.28 -4.60
CA VAL F 603 -20.61 -8.03 -4.29
C VAL F 603 -19.74 -7.15 -3.41
N THR F 604 -19.57 -5.89 -3.80
CA THR F 604 -18.76 -4.95 -3.04
C THR F 604 -19.53 -3.66 -2.78
N GLU F 605 -19.07 -2.89 -1.81
CA GLU F 605 -19.70 -1.63 -1.46
C GLU F 605 -19.04 -0.50 -2.24
N VAL F 606 -19.84 0.28 -2.95
CA VAL F 606 -19.33 1.39 -3.74
C VAL F 606 -19.39 2.69 -2.96
N LYS F 607 -20.46 2.89 -2.19
CA LYS F 607 -20.65 4.10 -1.41
C LYS F 607 -21.65 3.82 -0.28
N ASN F 608 -21.52 4.53 0.84
CA ASN F 608 -22.44 4.31 1.95
C ASN F 608 -23.00 5.64 2.46
N ASN F 609 -23.85 5.58 3.47
CA ASN F 609 -24.45 6.80 4.03
C ASN F 609 -25.23 7.60 3.00
N LEU F 610 -25.95 6.92 2.12
CA LEU F 610 -26.75 7.57 1.09
C LEU F 610 -28.19 7.76 1.56
N THR F 611 -28.92 8.64 0.89
CA THR F 611 -30.32 8.89 1.20
C THR F 611 -31.08 9.05 -0.11
N ASP F 612 -30.32 9.23 -1.19
CA ASP F 612 -30.92 9.41 -2.50
C ASP F 612 -29.84 9.21 -3.57
N LEU F 613 -30.25 8.81 -4.77
CA LEU F 613 -29.29 8.59 -5.84
C LEU F 613 -29.88 8.78 -7.23
N ARG F 614 -29.22 9.62 -8.03
CA ARG F 614 -29.65 9.89 -9.40
C ARG F 614 -28.57 9.38 -10.34
N LEU F 615 -28.97 8.94 -11.53
CA LEU F 615 -28.00 8.43 -12.49
C LEU F 615 -28.02 9.20 -13.81
N SER F 616 -26.83 9.55 -14.28
CA SER F 616 -26.66 10.28 -15.54
C SER F 616 -27.37 9.53 -16.67
N ALA F 617 -27.73 10.26 -17.72
CA ALA F 617 -28.42 9.66 -18.87
C ALA F 617 -27.56 8.61 -19.54
N ASP F 618 -26.28 8.93 -19.72
CA ASP F 618 -25.32 8.03 -20.35
C ASP F 618 -24.74 7.01 -19.37
N ARG F 619 -25.19 7.06 -18.12
CA ARG F 619 -24.75 6.14 -17.07
C ARG F 619 -23.31 6.36 -16.60
N LYS F 620 -22.72 7.51 -16.91
CA LYS F 620 -21.34 7.76 -16.51
C LYS F 620 -21.20 8.54 -15.20
N THR F 621 -22.25 9.27 -14.84
CA THR F 621 -22.22 10.09 -13.64
C THR F 621 -23.29 9.71 -12.63
N VAL F 622 -22.92 9.78 -11.35
CA VAL F 622 -23.83 9.45 -10.28
C VAL F 622 -23.93 10.62 -9.30
N MET F 623 -25.15 11.05 -9.04
CA MET F 623 -25.38 12.11 -8.08
C MET F 623 -26.01 11.48 -6.85
N VAL F 624 -25.57 11.89 -5.68
CA VAL F 624 -26.12 11.33 -4.45
C VAL F 624 -26.31 12.39 -3.38
N ARG F 625 -27.23 12.11 -2.47
CA ARG F 625 -27.50 12.96 -1.32
C ARG F 625 -27.14 12.06 -0.16
N LYS F 626 -26.25 12.50 0.72
CA LYS F 626 -25.87 11.66 1.85
C LYS F 626 -26.60 12.02 3.13
N ASP F 627 -26.37 11.23 4.17
CA ASP F 627 -27.04 11.47 5.45
C ASP F 627 -26.62 12.79 6.07
N ASP F 628 -25.59 13.41 5.51
CA ASP F 628 -25.12 14.70 6.03
C ASP F 628 -25.89 15.84 5.35
N GLY F 629 -26.83 15.49 4.49
CA GLY F 629 -27.64 16.48 3.80
C GLY F 629 -27.06 17.10 2.54
N LYS F 630 -25.80 16.82 2.25
CA LYS F 630 -25.16 17.40 1.07
C LYS F 630 -25.30 16.54 -0.19
N ILE F 631 -25.16 17.19 -1.35
CA ILE F 631 -25.27 16.54 -2.64
C ILE F 631 -23.87 16.33 -3.24
N TYR F 632 -23.61 15.11 -3.71
CA TYR F 632 -22.31 14.81 -4.29
C TYR F 632 -22.45 14.21 -5.68
N THR F 633 -21.36 14.28 -6.43
CA THR F 633 -21.33 13.73 -7.77
C THR F 633 -19.99 13.04 -7.95
N PHE F 634 -19.99 11.90 -8.62
CA PHE F 634 -18.75 11.16 -8.85
C PHE F 634 -18.92 10.25 -10.07
N PRO F 635 -17.86 10.09 -10.87
CA PRO F 635 -17.92 9.24 -12.06
C PRO F 635 -18.18 7.81 -11.64
N LEU F 636 -19.15 7.16 -12.28
CA LEU F 636 -19.49 5.79 -11.95
C LEU F 636 -18.29 4.87 -12.18
N GLU F 637 -17.30 5.37 -12.92
CA GLU F 637 -16.09 4.59 -13.20
C GLU F 637 -15.08 4.72 -12.06
N LYS F 638 -15.01 5.89 -11.43
CA LYS F 638 -14.07 6.08 -10.33
C LYS F 638 -14.74 6.83 -9.18
N PRO F 639 -15.61 6.14 -8.41
CA PRO F 639 -16.33 6.70 -7.26
C PRO F 639 -15.46 7.39 -6.24
N GLU F 640 -14.15 7.25 -6.38
CA GLU F 640 -13.21 7.88 -5.45
C GLU F 640 -13.14 9.38 -5.76
N ASP F 641 -13.32 9.72 -7.03
CA ASP F 641 -13.31 11.11 -7.47
C ASP F 641 -14.70 11.70 -7.23
N GLU F 642 -14.98 11.98 -5.97
CA GLU F 642 -16.26 12.51 -5.54
C GLU F 642 -16.16 14.02 -5.29
N ARG F 643 -17.12 14.78 -5.82
CA ARG F 643 -17.14 16.24 -5.64
C ARG F 643 -18.43 16.71 -4.98
N THR F 644 -18.31 17.72 -4.11
CA THR F 644 -19.47 18.24 -3.42
C THR F 644 -20.17 19.30 -4.26
N VAL F 645 -21.50 19.25 -4.28
CA VAL F 645 -22.26 20.22 -5.04
C VAL F 645 -22.64 21.41 -4.17
N GLU F 646 -22.15 22.59 -4.54
CA GLU F 646 -22.44 23.81 -3.79
C GLU F 646 -23.49 24.60 -4.55
N THR F 647 -24.48 25.12 -3.84
CA THR F 647 -25.58 25.86 -4.44
C THR F 647 -25.86 27.19 -3.77
N ASP F 648 -25.18 27.47 -2.66
CA ASP F 648 -25.43 28.69 -1.93
C ASP F 648 -24.47 29.85 -2.18
N LYS F 649 -23.73 29.80 -3.28
CA LYS F 649 -22.81 30.89 -3.56
C LYS F 649 -23.66 32.05 -4.06
N ARG F 650 -24.72 31.71 -4.77
CA ARG F 650 -25.65 32.70 -5.29
C ARG F 650 -26.94 32.63 -4.49
N PRO F 651 -27.38 33.75 -3.91
CA PRO F 651 -28.61 33.75 -3.12
C PRO F 651 -29.88 33.58 -3.96
N LEU F 652 -30.93 33.11 -3.31
CA LEU F 652 -32.22 32.92 -3.96
C LEU F 652 -32.95 34.25 -3.80
N VAL F 653 -33.44 34.81 -4.90
CA VAL F 653 -34.15 36.09 -4.86
C VAL F 653 -35.61 35.98 -5.27
N SER F 654 -36.50 36.51 -4.43
CA SER F 654 -37.92 36.45 -4.73
C SER F 654 -38.66 37.65 -4.15
N SER F 655 -39.98 37.63 -4.31
CA SER F 655 -40.87 38.69 -3.83
C SER F 655 -41.87 38.09 -2.85
N ILE F 656 -41.89 38.59 -1.61
CA ILE F 656 -42.81 38.05 -0.64
C ILE F 656 -44.21 37.94 -1.23
N HIS F 657 -44.87 39.07 -1.48
CA HIS F 657 -46.23 39.06 -2.01
C HIS F 657 -46.46 38.14 -3.22
N GLU F 658 -45.47 37.97 -4.09
CA GLU F 658 -45.70 37.07 -5.21
C GLU F 658 -45.79 35.65 -4.67
N GLU F 659 -44.95 35.33 -3.68
CA GLU F 659 -44.94 33.99 -3.09
C GLU F 659 -46.18 33.77 -2.23
N PHE F 660 -46.46 34.73 -1.36
CA PHE F 660 -47.63 34.64 -0.49
C PHE F 660 -48.91 34.39 -1.30
N LEU F 661 -48.97 34.94 -2.51
CA LEU F 661 -50.14 34.71 -3.34
C LEU F 661 -50.07 33.30 -3.91
N GLN F 662 -48.90 32.91 -4.44
CA GLN F 662 -48.73 31.58 -5.01
C GLN F 662 -49.01 30.50 -3.97
N MET F 663 -48.54 30.71 -2.74
CA MET F 663 -48.74 29.76 -1.64
C MET F 663 -50.22 29.66 -1.24
N TYR F 664 -50.90 30.80 -1.16
CA TYR F 664 -52.31 30.76 -0.81
C TYR F 664 -53.00 29.90 -1.86
N ASP F 665 -52.83 30.27 -3.13
CA ASP F 665 -53.48 29.53 -4.21
C ASP F 665 -53.19 28.03 -4.15
N GLU F 666 -51.94 27.65 -3.95
CA GLU F 666 -51.62 26.23 -3.90
C GLU F 666 -52.31 25.58 -2.72
N ALA F 667 -52.23 26.22 -1.56
CA ALA F 667 -52.88 25.70 -0.36
C ALA F 667 -54.39 25.56 -0.58
N TRP F 668 -54.96 26.46 -1.38
CA TRP F 668 -56.40 26.43 -1.67
C TRP F 668 -56.73 25.32 -2.65
N LYS F 669 -55.85 25.12 -3.62
CA LYS F 669 -56.05 24.10 -4.63
C LYS F 669 -55.87 22.70 -4.04
N LEU F 670 -54.94 22.57 -3.10
CA LEU F 670 -54.67 21.27 -2.47
C LEU F 670 -55.82 20.83 -1.59
N ALA F 671 -56.42 21.77 -0.87
CA ALA F 671 -57.54 21.45 0.01
C ALA F 671 -58.77 21.03 -0.80
N ARG F 672 -58.96 21.66 -1.95
CA ARG F 672 -60.08 21.32 -2.81
C ARG F 672 -59.82 20.00 -3.51
N ASP F 673 -58.63 19.89 -4.08
CA ASP F 673 -58.21 18.70 -4.83
C ASP F 673 -58.09 17.40 -4.03
N ASN F 674 -57.76 17.50 -2.74
CA ASN F 674 -57.61 16.28 -1.95
C ASN F 674 -58.68 15.98 -0.91
N TYR F 675 -59.63 16.89 -0.72
CA TYR F 675 -60.69 16.64 0.25
C TYR F 675 -61.37 15.34 -0.14
N TRP F 676 -61.68 14.49 0.84
CA TRP F 676 -62.30 13.18 0.59
C TRP F 676 -63.58 13.15 -0.24
N ASN F 677 -64.47 14.10 0.03
CA ASN F 677 -65.75 14.19 -0.67
C ASN F 677 -65.64 15.19 -1.80
N GLU F 678 -65.41 14.70 -3.01
CA GLU F 678 -65.26 15.59 -4.17
C GLU F 678 -66.45 16.53 -4.36
N ALA F 679 -67.66 15.98 -4.32
CA ALA F 679 -68.88 16.77 -4.50
C ALA F 679 -68.86 18.05 -3.66
N VAL F 680 -68.77 17.88 -2.34
CA VAL F 680 -68.75 19.00 -1.41
C VAL F 680 -67.55 19.93 -1.60
N ALA F 681 -66.47 19.41 -2.17
CA ALA F 681 -65.27 20.20 -2.39
C ALA F 681 -65.50 21.39 -3.33
N LYS F 682 -66.17 21.13 -4.45
CA LYS F 682 -66.43 22.18 -5.43
C LYS F 682 -67.14 23.38 -4.82
N GLU F 683 -68.21 23.12 -4.07
CA GLU F 683 -69.00 24.16 -3.43
C GLU F 683 -68.23 24.92 -2.35
N ILE F 684 -67.49 24.21 -1.52
CA ILE F 684 -66.73 24.87 -0.46
C ILE F 684 -65.61 25.72 -1.03
N SER F 685 -64.71 25.10 -1.77
CA SER F 685 -63.57 25.80 -2.36
C SER F 685 -63.96 27.09 -3.11
N GLU F 686 -65.09 27.06 -3.82
CA GLU F 686 -65.52 28.24 -4.55
C GLU F 686 -66.11 29.30 -3.63
N ARG F 687 -66.74 28.85 -2.55
CA ARG F 687 -67.37 29.73 -1.57
C ARG F 687 -66.39 30.51 -0.71
N ILE F 688 -65.24 29.93 -0.41
CA ILE F 688 -64.26 30.60 0.46
C ILE F 688 -63.04 31.19 -0.23
N TYR F 689 -62.90 30.99 -1.53
CA TYR F 689 -61.71 31.48 -2.23
C TYR F 689 -61.38 32.96 -2.10
N GLU F 690 -62.26 33.82 -2.58
CA GLU F 690 -62.04 35.26 -2.54
C GLU F 690 -61.92 35.79 -1.12
N LYS F 691 -62.82 35.35 -0.26
CA LYS F 691 -62.83 35.79 1.11
C LYS F 691 -61.44 35.81 1.72
N TYR F 692 -60.70 34.71 1.57
CA TYR F 692 -59.38 34.66 2.16
C TYR F 692 -58.25 35.14 1.26
N ARG F 693 -58.45 35.06 -0.06
CA ARG F 693 -57.45 35.55 -0.99
C ARG F 693 -57.31 37.07 -0.79
N ASN F 694 -58.40 37.73 -0.36
CA ASN F 694 -58.38 39.18 -0.12
C ASN F 694 -57.53 39.53 1.09
N LEU F 695 -57.37 38.60 2.01
CA LEU F 695 -56.56 38.89 3.18
C LEU F 695 -55.08 38.75 2.89
N VAL F 696 -54.77 38.06 1.80
CA VAL F 696 -53.37 37.80 1.42
C VAL F 696 -52.49 39.05 1.38
N PRO F 697 -52.96 40.12 0.71
CA PRO F 697 -52.15 41.34 0.63
C PRO F 697 -51.90 42.04 1.98
N LEU F 698 -52.60 41.60 3.02
CA LEU F 698 -52.42 42.17 4.34
C LEU F 698 -51.27 41.43 5.06
N CYS F 699 -50.97 40.24 4.57
CA CYS F 699 -49.91 39.44 5.17
C CYS F 699 -48.52 39.94 4.82
N LYS F 700 -47.71 40.13 5.84
CA LYS F 700 -46.33 40.61 5.65
C LYS F 700 -45.33 39.54 6.09
N THR F 701 -45.69 38.78 7.12
CA THR F 701 -44.81 37.73 7.61
C THR F 701 -45.40 36.38 7.26
N ARG F 702 -44.60 35.33 7.40
CA ARG F 702 -45.05 33.96 7.10
C ARG F 702 -46.13 33.57 8.11
N TYR F 703 -46.05 34.12 9.32
CA TYR F 703 -47.06 33.82 10.33
C TYR F 703 -48.43 34.43 9.94
N ASP F 704 -48.41 35.58 9.28
CA ASP F 704 -49.64 36.25 8.82
C ASP F 704 -50.35 35.31 7.84
N LEU F 705 -49.64 34.94 6.78
CA LEU F 705 -50.17 34.05 5.74
C LEU F 705 -50.80 32.82 6.38
N SER F 706 -50.16 32.35 7.46
CA SER F 706 -50.61 31.20 8.21
C SER F 706 -52.02 31.41 8.74
N ASN F 707 -52.22 32.51 9.45
CA ASN F 707 -53.53 32.78 10.02
C ASN F 707 -54.60 32.73 8.95
N VAL F 708 -54.27 33.19 7.74
CA VAL F 708 -55.23 33.18 6.65
C VAL F 708 -55.45 31.79 6.05
N ILE F 709 -54.36 31.12 5.69
CA ILE F 709 -54.48 29.79 5.11
C ILE F 709 -55.23 28.85 6.03
N VAL F 710 -54.89 28.86 7.32
CA VAL F 710 -55.52 28.00 8.29
C VAL F 710 -57.01 28.24 8.41
N GLU F 711 -57.41 29.52 8.44
CA GLU F 711 -58.82 29.88 8.53
C GLU F 711 -59.58 29.33 7.34
N MET F 712 -58.98 29.39 6.17
CA MET F 712 -59.67 28.89 4.99
C MET F 712 -59.71 27.36 5.06
N GLN F 713 -58.68 26.75 5.66
CA GLN F 713 -58.63 25.29 5.79
C GLN F 713 -59.74 24.82 6.71
N GLY F 714 -59.97 25.59 7.77
CA GLY F 714 -61.01 25.23 8.72
C GLY F 714 -62.40 25.24 8.14
N GLU F 715 -62.58 25.94 7.01
CA GLU F 715 -63.88 26.02 6.39
C GLU F 715 -64.41 24.63 5.99
N TYR F 716 -63.50 23.70 5.72
CA TYR F 716 -63.93 22.35 5.34
C TYR F 716 -64.59 21.63 6.51
N ARG F 717 -64.51 22.22 7.70
CA ARG F 717 -65.16 21.66 8.88
C ARG F 717 -64.88 20.17 9.11
N THR F 718 -63.69 19.73 8.73
CA THR F 718 -63.31 18.33 8.91
C THR F 718 -61.98 18.27 9.65
N SER F 719 -61.71 17.17 10.32
CA SER F 719 -60.45 17.02 11.04
C SER F 719 -59.24 16.92 10.10
N HIS F 720 -58.05 16.93 10.69
CA HIS F 720 -56.79 16.80 9.97
C HIS F 720 -56.47 17.81 8.87
N SER F 721 -56.84 19.06 9.07
CA SER F 721 -56.51 20.12 8.11
C SER F 721 -55.37 20.81 8.84
N TYR F 722 -54.15 20.33 8.60
CA TYR F 722 -52.99 20.88 9.30
C TYR F 722 -52.03 21.73 8.49
N GLU F 723 -51.13 22.41 9.20
CA GLU F 723 -50.09 23.23 8.60
C GLU F 723 -48.86 22.89 9.42
N MET F 724 -47.90 22.21 8.82
CA MET F 724 -46.67 21.83 9.50
C MET F 724 -45.45 22.32 8.72
N GLY F 725 -44.31 22.42 9.41
CA GLY F 725 -43.09 22.85 8.74
C GLY F 725 -43.12 24.29 8.27
N GLY F 726 -42.32 24.57 7.24
CA GLY F 726 -42.24 25.91 6.69
C GLY F 726 -41.24 26.72 7.50
N THR F 727 -40.90 27.91 7.02
CA THR F 727 -39.94 28.77 7.72
C THR F 727 -40.62 30.09 8.11
N PHE F 728 -40.77 30.30 9.43
CA PHE F 728 -41.44 31.47 9.97
C PHE F 728 -40.53 32.49 10.61
N THR F 729 -39.33 32.07 11.01
CA THR F 729 -38.38 32.95 11.67
C THR F 729 -36.96 32.40 11.54
N ASP F 730 -35.96 33.27 11.72
CA ASP F 730 -34.58 32.81 11.65
C ASP F 730 -34.03 32.65 13.06
N LYS F 731 -34.91 32.76 14.04
CA LYS F 731 -34.52 32.63 15.45
C LYS F 731 -34.32 31.17 15.83
N ASP F 732 -33.18 30.85 16.44
CA ASP F 732 -32.94 29.48 16.85
C ASP F 732 -34.01 29.09 17.87
N PRO F 733 -34.36 27.81 17.94
CA PRO F 733 -35.37 27.38 18.90
C PRO F 733 -34.91 27.68 20.31
N PHE F 734 -35.87 27.75 21.24
CA PHE F 734 -35.53 27.98 22.64
C PHE F 734 -34.88 26.70 23.15
N ARG F 735 -34.14 26.81 24.23
CA ARG F 735 -33.47 25.65 24.81
C ARG F 735 -33.95 25.47 26.24
N SER F 736 -33.87 24.23 26.71
CA SER F 736 -34.29 23.88 28.05
C SER F 736 -33.35 22.80 28.53
N GLY F 737 -32.85 22.95 29.75
CA GLY F 737 -31.94 21.99 30.32
C GLY F 737 -32.71 21.13 31.29
N ARG F 738 -32.62 19.81 31.11
CA ARG F 738 -33.37 18.90 31.97
C ARG F 738 -32.55 17.74 32.54
N ILE F 739 -32.99 17.26 33.70
CA ILE F 739 -32.33 16.15 34.36
C ILE F 739 -33.38 15.23 34.97
N ALA F 740 -34.60 15.34 34.44
CA ALA F 740 -35.73 14.53 34.90
C ALA F 740 -35.93 14.64 36.41
N CYS F 741 -35.99 15.87 36.88
CA CYS F 741 -36.21 16.17 38.29
C CYS F 741 -37.10 17.40 38.36
N ASP F 742 -37.94 17.46 39.39
CA ASP F 742 -38.83 18.60 39.61
C ASP F 742 -38.25 19.38 40.80
N PHE F 743 -38.13 20.70 40.67
CA PHE F 743 -37.56 21.50 41.73
C PHE F 743 -38.57 22.36 42.48
N LYS F 744 -38.33 22.51 43.77
CA LYS F 744 -39.18 23.32 44.63
C LYS F 744 -38.27 24.29 45.36
N LEU F 745 -38.64 25.57 45.35
CA LEU F 745 -37.85 26.60 46.02
C LEU F 745 -38.24 26.57 47.49
N ASP F 746 -37.38 25.99 48.31
CA ASP F 746 -37.61 25.88 49.73
C ASP F 746 -36.67 26.82 50.47
N GLY F 747 -37.19 28.00 50.82
CA GLY F 747 -36.36 28.97 51.51
C GLY F 747 -35.52 29.67 50.48
N ASP F 748 -34.21 29.47 50.54
CA ASP F 748 -33.31 30.09 49.57
C ASP F 748 -32.71 29.03 48.65
N HIS F 749 -32.96 27.76 48.97
CA HIS F 749 -32.44 26.64 48.18
C HIS F 749 -33.51 25.90 47.39
N TYR F 750 -33.06 25.31 46.27
CA TYR F 750 -33.95 24.52 45.43
C TYR F 750 -33.76 23.12 45.98
N VAL F 751 -34.84 22.38 46.11
CA VAL F 751 -34.79 21.01 46.59
C VAL F 751 -35.38 20.13 45.49
N VAL F 752 -34.78 18.97 45.27
CA VAL F 752 -35.29 18.05 44.27
C VAL F 752 -36.57 17.45 44.84
N ALA F 753 -37.70 17.96 44.39
CA ALA F 753 -39.00 17.49 44.87
C ALA F 753 -39.28 16.09 44.33
N LYS F 754 -38.84 15.83 43.10
CA LYS F 754 -39.06 14.52 42.48
C LYS F 754 -38.01 14.16 41.44
N ALA F 755 -37.61 12.89 41.43
CA ALA F 755 -36.62 12.37 40.48
C ALA F 755 -37.32 11.23 39.72
N TYR F 756 -37.49 11.41 38.41
CA TYR F 756 -38.19 10.42 37.60
C TYR F 756 -37.40 9.21 37.13
N ALA F 757 -38.08 8.08 37.09
CA ALA F 757 -37.50 6.81 36.65
C ALA F 757 -38.58 5.81 36.27
N GLY F 758 -38.53 5.29 35.05
CA GLY F 758 -39.50 4.31 34.60
C GLY F 758 -38.88 2.96 34.91
N ASP F 759 -38.35 2.30 33.89
CA ASP F 759 -37.66 1.01 34.09
C ASP F 759 -36.16 1.34 34.17
N TYR F 760 -35.59 1.19 35.36
CA TYR F 760 -34.18 1.49 35.58
C TYR F 760 -33.21 0.89 34.58
N SER F 761 -33.49 -0.34 34.16
CA SER F 761 -32.63 -1.06 33.22
C SER F 761 -32.77 -0.65 31.77
N ASN F 762 -33.83 0.08 31.42
CA ASN F 762 -33.98 0.51 30.02
C ASN F 762 -33.10 1.72 29.79
N GLU F 763 -32.97 2.11 28.52
CA GLU F 763 -32.18 3.28 28.16
C GLU F 763 -33.10 4.51 28.18
N GLY F 764 -32.58 5.64 28.62
CA GLY F 764 -33.34 6.87 28.66
C GLY F 764 -34.63 6.96 29.46
N GLU F 765 -34.69 6.34 30.65
CA GLU F 765 -35.90 6.38 31.46
C GLU F 765 -35.69 6.77 32.92
N LYS F 766 -34.68 7.58 33.21
CA LYS F 766 -34.40 7.98 34.59
C LYS F 766 -33.47 9.19 34.66
N SER F 767 -33.50 9.90 35.78
CA SER F 767 -32.62 11.05 35.94
C SER F 767 -31.20 10.57 35.75
N PRO F 768 -30.38 11.32 34.99
CA PRO F 768 -29.00 10.89 34.78
C PRO F 768 -28.21 10.75 36.08
N ILE F 769 -28.81 11.20 37.18
CA ILE F 769 -28.16 11.14 38.47
C ILE F 769 -28.16 9.73 39.06
N PHE F 770 -29.15 8.93 38.68
CA PHE F 770 -29.23 7.56 39.17
C PHE F 770 -28.01 6.75 38.76
N GLU F 771 -27.35 7.15 37.66
CA GLU F 771 -26.16 6.44 37.21
C GLU F 771 -25.00 6.57 38.16
N TYR F 772 -25.08 7.54 39.07
CA TYR F 772 -24.00 7.74 40.05
C TYR F 772 -24.25 7.02 41.37
N GLY F 773 -25.32 6.23 41.41
CA GLY F 773 -25.62 5.47 42.62
C GLY F 773 -26.51 6.08 43.69
N ILE F 774 -27.07 7.26 43.44
CA ILE F 774 -27.95 7.87 44.44
C ILE F 774 -29.23 8.41 43.84
N ASP F 775 -30.28 8.42 44.66
CA ASP F 775 -31.58 8.96 44.26
C ASP F 775 -31.58 10.39 44.81
N PRO F 776 -31.53 11.38 43.91
CA PRO F 776 -31.51 12.80 44.28
C PRO F 776 -32.74 13.34 45.03
N THR F 777 -33.77 12.51 45.19
CA THR F 777 -34.98 12.94 45.87
C THR F 777 -34.69 13.52 47.25
N GLY F 778 -35.18 14.74 47.48
CA GLY F 778 -35.00 15.40 48.76
C GLY F 778 -33.63 16.03 48.94
N TYR F 779 -32.79 15.96 47.92
CA TYR F 779 -31.46 16.55 47.98
C TYR F 779 -31.57 18.02 47.60
N LEU F 780 -30.67 18.84 48.13
CA LEU F 780 -30.66 20.25 47.80
C LEU F 780 -29.64 20.47 46.70
N ILE F 781 -29.98 21.29 45.71
CA ILE F 781 -29.06 21.58 44.62
C ILE F 781 -28.31 22.87 44.95
N GLU F 782 -27.06 22.72 45.37
CA GLU F 782 -26.24 23.87 45.73
C GLU F 782 -25.92 24.76 44.53
N ASP F 783 -25.13 24.21 43.60
CA ASP F 783 -24.71 24.95 42.43
C ASP F 783 -24.52 24.08 41.19
N ILE F 784 -24.37 24.76 40.05
CA ILE F 784 -24.16 24.10 38.78
C ILE F 784 -23.03 24.82 38.06
N ASP F 785 -21.96 24.08 37.77
CA ASP F 785 -20.76 24.60 37.11
C ASP F 785 -20.18 25.78 37.89
N GLY F 786 -20.24 25.72 39.21
CA GLY F 786 -19.70 26.80 40.04
C GLY F 786 -20.68 27.93 40.30
N GLU F 787 -21.84 27.87 39.67
CA GLU F 787 -22.85 28.91 39.85
C GLU F 787 -23.96 28.51 40.83
N THR F 788 -24.07 29.29 41.90
CA THR F 788 -25.06 29.02 42.93
C THR F 788 -26.47 29.29 42.42
N VAL F 789 -27.36 28.34 42.66
CA VAL F 789 -28.74 28.48 42.23
C VAL F 789 -29.65 28.49 43.45
N GLY F 790 -30.82 29.10 43.30
CA GLY F 790 -31.75 29.19 44.41
C GLY F 790 -32.52 30.51 44.41
N ALA F 791 -32.90 30.95 45.61
CA ALA F 791 -33.67 32.20 45.81
C ALA F 791 -33.38 33.34 44.84
N GLY F 792 -32.11 33.65 44.62
CA GLY F 792 -31.78 34.74 43.72
C GLY F 792 -31.10 34.28 42.44
N SER F 793 -31.15 32.99 42.17
CA SER F 793 -30.53 32.44 40.97
C SER F 793 -31.41 31.36 40.35
N ASN F 794 -32.08 31.72 39.26
CA ASN F 794 -32.98 30.82 38.52
C ASN F 794 -32.23 29.58 38.03
N ILE F 795 -32.68 28.40 38.45
CA ILE F 795 -32.04 27.16 38.03
C ILE F 795 -32.45 26.74 36.62
N TYR F 796 -33.67 27.10 36.23
CA TYR F 796 -34.18 26.76 34.90
C TYR F 796 -33.34 27.40 33.81
N ARG F 797 -32.92 28.64 34.05
CA ARG F 797 -32.08 29.35 33.09
C ARG F 797 -30.68 28.73 33.08
N VAL F 798 -30.14 28.45 34.26
CA VAL F 798 -28.81 27.85 34.37
C VAL F 798 -28.79 26.54 33.59
N LEU F 799 -29.78 25.68 33.83
CA LEU F 799 -29.88 24.42 33.12
C LEU F 799 -29.93 24.68 31.61
N SER F 800 -30.78 25.61 31.20
CA SER F 800 -30.93 25.98 29.78
C SER F 800 -29.61 26.30 29.10
N GLU F 801 -28.70 26.93 29.85
CA GLU F 801 -27.41 27.32 29.30
C GLU F 801 -26.43 26.15 29.28
N LYS F 802 -26.85 25.00 29.81
CA LYS F 802 -26.01 23.81 29.88
C LYS F 802 -26.55 22.66 29.03
N ALA F 803 -27.77 22.82 28.54
CA ALA F 803 -28.43 21.81 27.73
C ALA F 803 -27.50 21.17 26.71
N GLY F 804 -27.44 19.84 26.71
CA GLY F 804 -26.60 19.13 25.75
C GLY F 804 -25.16 18.92 26.16
N THR F 805 -24.84 19.21 27.41
CA THR F 805 -23.49 19.03 27.88
C THR F 805 -23.53 18.49 29.29
N SER F 806 -22.37 18.08 29.80
CA SER F 806 -22.27 17.56 31.15
C SER F 806 -21.75 18.69 32.02
N ALA F 807 -22.43 18.94 33.12
CA ALA F 807 -22.04 20.01 34.03
C ALA F 807 -21.87 19.52 35.45
N ARG F 808 -20.89 20.07 36.15
CA ARG F 808 -20.65 19.70 37.53
C ARG F 808 -21.78 20.23 38.40
N ILE F 809 -22.45 19.32 39.10
CA ILE F 809 -23.54 19.70 39.98
C ILE F 809 -23.18 19.29 41.41
N ARG F 810 -23.40 20.20 42.35
CA ARG F 810 -23.12 19.97 43.76
C ARG F 810 -24.44 19.76 44.49
N LEU F 811 -24.60 18.61 45.14
CA LEU F 811 -25.84 18.33 45.87
C LEU F 811 -25.61 18.14 47.36
N SER F 812 -26.61 18.52 48.15
CA SER F 812 -26.55 18.40 49.60
C SER F 812 -27.71 17.55 50.09
N GLY F 813 -27.41 16.52 50.87
CA GLY F 813 -28.46 15.66 51.39
C GLY F 813 -28.75 15.98 52.85
N LYS F 814 -29.84 15.43 53.38
CA LYS F 814 -30.20 15.68 54.77
C LYS F 814 -29.32 14.88 55.72
N GLY F 815 -28.24 15.51 56.13
CA GLY F 815 -27.29 14.88 57.04
C GLY F 815 -25.93 15.49 56.73
N GLY F 816 -24.96 14.65 56.44
CA GLY F 816 -23.63 15.16 56.12
C GLY F 816 -23.28 14.79 54.69
N ASP F 817 -24.25 14.23 53.97
CA ASP F 817 -24.07 13.79 52.59
C ASP F 817 -23.97 14.93 51.58
N LYS F 818 -22.87 14.94 50.83
CA LYS F 818 -22.64 15.96 49.81
C LYS F 818 -22.08 15.29 48.56
N ARG F 819 -22.62 15.64 47.40
CA ARG F 819 -22.18 15.05 46.15
C ARG F 819 -21.69 16.07 45.11
N ASP F 820 -20.64 15.69 44.40
CA ASP F 820 -20.04 16.52 43.35
C ASP F 820 -20.04 15.62 42.11
N LEU F 821 -20.97 15.88 41.18
CA LEU F 821 -21.09 15.02 40.00
C LEU F 821 -21.15 15.71 38.64
N MET F 822 -20.62 15.03 37.62
CA MET F 822 -20.66 15.55 36.26
C MET F 822 -21.93 14.93 35.69
N ILE F 823 -23.00 15.72 35.65
CA ILE F 823 -24.27 15.23 35.15
C ILE F 823 -24.58 15.67 33.72
N ASP F 824 -25.13 14.73 32.97
CA ASP F 824 -25.52 15.00 31.59
C ASP F 824 -26.80 15.84 31.66
N ILE F 825 -26.76 17.05 31.11
CA ILE F 825 -27.93 17.92 31.10
C ILE F 825 -28.62 17.70 29.76
N LEU F 826 -29.73 16.97 29.80
CA LEU F 826 -30.50 16.66 28.61
C LEU F 826 -31.23 17.85 28.00
N ASP F 827 -31.61 17.70 26.73
CA ASP F 827 -32.34 18.74 26.02
C ASP F 827 -33.83 18.54 26.24
N ASP F 828 -34.21 17.35 26.69
CA ASP F 828 -35.62 16.99 26.90
C ASP F 828 -35.74 15.77 27.81
N ASP F 829 -36.82 15.69 28.57
CA ASP F 829 -37.03 14.56 29.46
C ASP F 829 -38.46 14.07 29.48
N ARG F 830 -39.20 14.37 28.40
CA ARG F 830 -40.58 13.94 28.27
C ARG F 830 -40.72 12.42 28.35
N PHE F 831 -40.01 11.69 27.50
CA PHE F 831 -40.08 10.23 27.50
C PHE F 831 -39.82 9.67 28.90
N ILE F 832 -38.89 10.27 29.62
CA ILE F 832 -38.61 9.81 30.96
C ILE F 832 -39.84 10.04 31.84
N ARG F 833 -40.37 11.27 31.81
CA ARG F 833 -41.57 11.60 32.58
C ARG F 833 -42.71 10.65 32.20
N TYR F 834 -42.81 10.36 30.91
CA TYR F 834 -43.86 9.46 30.42
C TYR F 834 -43.73 8.04 30.96
N ARG F 835 -42.54 7.46 30.80
CA ARG F 835 -42.29 6.09 31.27
C ARG F 835 -42.44 5.98 32.78
N SER F 836 -42.18 7.09 33.49
CA SER F 836 -42.31 7.13 34.94
C SER F 836 -43.80 7.09 35.31
N TRP F 837 -44.58 7.78 34.50
CA TRP F 837 -46.03 7.86 34.70
C TRP F 837 -46.61 6.47 34.49
N VAL F 838 -46.33 5.88 33.33
CA VAL F 838 -46.84 4.55 33.02
C VAL F 838 -46.46 3.53 34.09
N GLU F 839 -45.20 3.49 34.51
CA GLU F 839 -44.80 2.53 35.53
C GLU F 839 -45.47 2.78 36.88
N ALA F 840 -45.76 4.04 37.19
CA ALA F 840 -46.43 4.37 38.44
C ALA F 840 -47.84 3.76 38.40
N ASN F 841 -48.52 3.95 37.28
CA ASN F 841 -49.87 3.40 37.09
C ASN F 841 -49.82 1.89 37.19
N ARG F 842 -48.77 1.31 36.59
CA ARG F 842 -48.60 -0.13 36.60
C ARG F 842 -48.54 -0.65 38.04
N ARG F 843 -47.69 -0.03 38.86
CA ARG F 843 -47.56 -0.45 40.26
C ARG F 843 -48.87 -0.24 41.01
N TYR F 844 -49.49 0.91 40.80
CA TYR F 844 -50.76 1.22 41.46
C TYR F 844 -51.80 0.14 41.13
N VAL F 845 -51.96 -0.17 39.85
CA VAL F 845 -52.92 -1.20 39.45
C VAL F 845 -52.64 -2.55 40.11
N HIS F 846 -51.37 -2.96 40.16
CA HIS F 846 -51.02 -4.22 40.79
C HIS F 846 -51.41 -4.16 42.27
N GLU F 847 -51.03 -3.05 42.91
CA GLU F 847 -51.31 -2.85 44.33
C GLU F 847 -52.81 -2.85 44.67
N ARG F 848 -53.56 -1.97 44.03
CA ARG F 848 -55.00 -1.87 44.27
C ARG F 848 -55.80 -3.13 43.92
N SER F 849 -55.31 -3.90 42.95
CA SER F 849 -55.99 -5.13 42.54
C SER F 849 -55.44 -6.35 43.26
N LYS F 850 -54.49 -6.13 44.16
CA LYS F 850 -53.87 -7.20 44.92
C LYS F 850 -53.21 -8.24 44.00
N GLY F 851 -52.56 -7.77 42.95
CA GLY F 851 -51.87 -8.65 42.02
C GLY F 851 -52.73 -9.41 41.05
N THR F 852 -54.00 -9.05 40.94
CA THR F 852 -54.88 -9.75 40.02
C THR F 852 -55.08 -9.05 38.68
N ILE F 853 -54.73 -7.77 38.60
CA ILE F 853 -54.91 -7.01 37.36
C ILE F 853 -53.65 -6.37 36.77
N GLY F 854 -53.50 -6.49 35.45
CA GLY F 854 -52.35 -5.94 34.76
C GLY F 854 -52.65 -4.61 34.09
N TYR F 855 -51.61 -3.90 33.67
CA TYR F 855 -51.78 -2.60 33.05
C TYR F 855 -50.88 -2.35 31.84
N ILE F 856 -51.43 -1.64 30.85
CA ILE F 856 -50.68 -1.29 29.65
C ILE F 856 -51.17 0.07 29.15
N HIS F 857 -50.26 0.96 28.79
CA HIS F 857 -50.68 2.23 28.24
C HIS F 857 -50.22 2.34 26.79
N ILE F 858 -51.08 2.89 25.93
CA ILE F 858 -50.73 3.07 24.52
C ILE F 858 -50.80 4.56 24.22
N PRO F 859 -49.62 5.22 24.15
CA PRO F 859 -49.39 6.66 23.89
C PRO F 859 -49.84 7.20 22.54
N ASP F 860 -49.68 6.41 21.49
CA ASP F 860 -50.14 6.79 20.16
C ASP F 860 -50.25 5.53 19.34
N MET F 861 -50.56 5.66 18.07
CA MET F 861 -50.72 4.47 17.23
C MET F 861 -49.63 4.34 16.18
N GLY F 862 -48.52 5.04 16.44
CA GLY F 862 -47.38 5.00 15.55
C GLY F 862 -46.33 4.06 16.11
N MET F 863 -45.06 4.34 15.85
CA MET F 863 -43.98 3.48 16.32
C MET F 863 -43.86 3.45 17.84
N MET F 864 -44.09 4.58 18.50
CA MET F 864 -44.02 4.63 19.95
C MET F 864 -45.12 3.74 20.56
N GLY F 865 -46.30 3.75 19.94
CA GLY F 865 -47.39 2.93 20.44
C GLY F 865 -47.01 1.46 20.40
N LEU F 866 -46.42 1.04 19.28
CA LEU F 866 -45.98 -0.35 19.14
C LEU F 866 -44.99 -0.69 20.27
N ASN F 867 -43.96 0.14 20.44
CA ASN F 867 -42.94 -0.08 21.47
C ASN F 867 -43.52 -0.24 22.87
N GLU F 868 -44.34 0.73 23.27
CA GLU F 868 -44.95 0.76 24.58
C GLU F 868 -46.01 -0.31 24.81
N PHE F 869 -46.80 -0.60 23.77
CA PHE F 869 -47.80 -1.64 23.93
C PHE F 869 -47.10 -2.95 24.25
N TYR F 870 -46.16 -3.35 23.39
CA TYR F 870 -45.45 -4.61 23.61
C TYR F 870 -44.51 -4.57 24.82
N ARG F 871 -43.94 -3.40 25.09
CA ARG F 871 -43.03 -3.23 26.21
C ARG F 871 -43.68 -3.76 27.49
N LEU F 872 -44.98 -3.53 27.63
CA LEU F 872 -45.72 -4.00 28.80
C LEU F 872 -46.59 -5.24 28.52
N PHE F 873 -47.07 -5.40 27.28
CA PHE F 873 -47.90 -6.54 26.94
C PHE F 873 -47.21 -7.86 27.29
N ILE F 874 -45.90 -7.93 27.07
CA ILE F 874 -45.19 -9.16 27.36
C ILE F 874 -45.14 -9.53 28.84
N ASN F 875 -45.39 -8.57 29.73
CA ASN F 875 -45.36 -8.84 31.17
C ASN F 875 -46.71 -8.75 31.87
N GLU F 876 -47.65 -8.02 31.25
CA GLU F 876 -48.96 -7.75 31.85
C GLU F 876 -50.22 -8.42 31.31
N SER F 877 -50.08 -9.32 30.34
CA SER F 877 -51.28 -9.93 29.76
C SER F 877 -51.77 -11.22 30.40
N SER F 878 -51.05 -11.71 31.40
CA SER F 878 -51.46 -12.94 32.06
C SER F 878 -51.97 -12.79 33.49
N TYR F 879 -52.47 -11.59 33.82
CA TYR F 879 -53.04 -11.44 35.16
C TYR F 879 -54.50 -11.85 34.92
N GLN F 880 -55.29 -11.91 35.98
CA GLN F 880 -56.68 -12.30 35.84
C GLN F 880 -57.42 -11.26 35.00
N GLY F 881 -56.96 -10.02 35.07
CA GLY F 881 -57.56 -8.95 34.31
C GLY F 881 -56.53 -8.02 33.70
N LEU F 882 -56.96 -7.21 32.73
CA LEU F 882 -56.05 -6.31 32.06
C LEU F 882 -56.71 -4.97 31.76
N ILE F 883 -56.02 -3.89 32.08
CA ILE F 883 -56.50 -2.55 31.79
C ILE F 883 -55.68 -2.03 30.61
N VAL F 884 -56.35 -1.65 29.52
CA VAL F 884 -55.66 -1.12 28.37
C VAL F 884 -56.02 0.36 28.33
N ASP F 885 -55.10 1.18 28.82
CA ASP F 885 -55.27 2.62 28.89
C ASP F 885 -54.80 3.27 27.60
N VAL F 886 -55.70 3.96 26.92
CA VAL F 886 -55.35 4.62 25.68
C VAL F 886 -55.54 6.13 25.79
N ARG F 887 -55.64 6.62 27.03
CA ARG F 887 -55.81 8.05 27.23
C ARG F 887 -54.67 8.80 26.56
N PHE F 888 -54.97 9.96 25.98
CA PHE F 888 -53.97 10.79 25.32
C PHE F 888 -53.40 10.18 24.04
N ASN F 889 -53.99 9.09 23.59
CA ASN F 889 -53.50 8.42 22.39
C ASN F 889 -53.43 9.41 21.21
N GLY F 890 -52.22 9.62 20.71
CA GLY F 890 -52.02 10.55 19.62
C GLY F 890 -52.38 10.06 18.23
N GLY F 891 -52.93 8.86 18.13
CA GLY F 891 -53.30 8.34 16.83
C GLY F 891 -52.12 7.80 16.03
N GLY F 892 -52.37 7.51 14.76
CA GLY F 892 -51.35 6.94 13.91
C GLY F 892 -51.98 5.93 12.98
N PHE F 893 -51.53 4.68 13.02
CA PHE F 893 -52.12 3.66 12.14
C PHE F 893 -52.04 2.19 12.58
N VAL F 894 -51.44 1.91 13.74
CA VAL F 894 -51.31 0.51 14.16
C VAL F 894 -52.38 -0.04 15.11
N SER F 895 -53.45 0.71 15.33
CA SER F 895 -54.51 0.24 16.22
C SER F 895 -54.93 -1.17 15.83
N GLN F 896 -55.18 -1.39 14.55
CA GLN F 896 -55.62 -2.69 14.08
C GLN F 896 -54.64 -3.82 14.43
N LEU F 897 -53.36 -3.51 14.55
CA LEU F 897 -52.39 -4.53 14.90
C LEU F 897 -52.54 -4.85 16.38
N ILE F 898 -52.79 -3.84 17.20
CA ILE F 898 -52.97 -4.04 18.64
C ILE F 898 -54.25 -4.83 18.89
N ILE F 899 -55.33 -4.42 18.24
CA ILE F 899 -56.62 -5.09 18.38
C ILE F 899 -56.42 -6.59 18.12
N GLU F 900 -55.76 -6.90 17.01
CA GLU F 900 -55.49 -8.29 16.62
C GLU F 900 -54.97 -9.11 17.80
N LYS F 901 -54.03 -8.56 18.55
CA LYS F 901 -53.47 -9.24 19.72
C LYS F 901 -54.51 -9.41 20.81
N LEU F 902 -55.14 -8.31 21.20
CA LEU F 902 -56.16 -8.35 22.25
C LEU F 902 -57.27 -9.36 21.97
N MET F 903 -57.60 -9.54 20.69
CA MET F 903 -58.64 -10.47 20.26
C MET F 903 -58.29 -11.95 20.43
N ASN F 904 -57.01 -12.24 20.66
CA ASN F 904 -56.56 -13.63 20.84
C ASN F 904 -57.19 -14.31 22.04
N LYS F 905 -57.87 -15.42 21.79
CA LYS F 905 -58.53 -16.18 22.84
C LYS F 905 -57.65 -17.34 23.31
N ARG F 906 -57.37 -17.39 24.61
CA ARG F 906 -56.56 -18.48 25.13
C ARG F 906 -57.44 -19.73 25.13
N ILE F 907 -57.00 -20.77 24.44
CA ILE F 907 -57.80 -21.99 24.36
C ILE F 907 -57.05 -23.26 24.75
N GLY F 908 -55.79 -23.13 25.10
CA GLY F 908 -55.04 -24.33 25.48
C GLY F 908 -53.73 -24.06 26.17
N TYR F 909 -53.04 -25.14 26.54
CA TYR F 909 -51.76 -25.02 27.22
C TYR F 909 -50.88 -26.21 26.91
N ASP F 910 -49.57 -25.95 26.84
CA ASP F 910 -48.60 -27.00 26.64
C ASP F 910 -48.21 -27.38 28.07
N ASN F 911 -48.10 -28.68 28.33
CA ASN F 911 -47.73 -29.19 29.65
C ASN F 911 -46.39 -29.88 29.54
N PRO F 912 -45.31 -29.19 29.91
CA PRO F 912 -43.95 -29.73 29.84
C PRO F 912 -43.57 -30.64 30.99
N ARG F 913 -42.59 -31.50 30.73
CA ARG F 913 -42.09 -32.41 31.75
C ARG F 913 -41.54 -31.54 32.86
N ARG F 914 -40.77 -30.53 32.48
CA ARG F 914 -40.19 -29.61 33.46
C ARG F 914 -40.52 -28.20 33.03
N GLY F 915 -40.65 -27.29 33.98
CA GLY F 915 -41.00 -25.92 33.64
C GLY F 915 -42.46 -25.70 33.95
N THR F 916 -43.03 -24.60 33.45
CA THR F 916 -44.43 -24.29 33.69
C THR F 916 -45.25 -24.33 32.40
N LEU F 917 -46.56 -24.18 32.54
CA LEU F 917 -47.45 -24.23 31.39
C LEU F 917 -47.17 -23.12 30.40
N SER F 918 -47.42 -23.39 29.13
CA SER F 918 -47.25 -22.39 28.08
C SER F 918 -48.61 -22.18 27.46
N PRO F 919 -49.18 -20.99 27.66
CA PRO F 919 -50.51 -20.74 27.08
C PRO F 919 -50.50 -20.74 25.56
N TYR F 920 -51.65 -21.08 24.97
CA TYR F 920 -51.79 -21.09 23.51
C TYR F 920 -53.09 -20.35 23.19
N PRO F 921 -53.03 -19.26 22.42
CA PRO F 921 -51.86 -18.61 21.81
C PRO F 921 -50.95 -17.98 22.84
N THR F 922 -49.69 -17.79 22.46
CA THR F 922 -48.70 -17.17 23.32
C THR F 922 -49.12 -15.72 23.55
N ASN F 923 -49.61 -15.07 22.51
CA ASN F 923 -50.06 -13.68 22.61
C ASN F 923 -51.53 -13.53 22.98
N SER F 924 -52.05 -14.43 23.81
CA SER F 924 -53.45 -14.33 24.23
C SER F 924 -53.57 -13.74 25.63
N VAL F 925 -54.54 -12.85 25.81
CA VAL F 925 -54.77 -12.26 27.12
C VAL F 925 -55.48 -13.33 27.95
N ARG F 926 -55.00 -13.54 29.17
CA ARG F 926 -55.55 -14.56 30.04
C ARG F 926 -57.01 -14.37 30.49
N GLY F 927 -57.41 -13.14 30.81
CA GLY F 927 -58.76 -12.94 31.27
C GLY F 927 -59.55 -11.75 30.76
N LYS F 928 -60.19 -11.05 31.69
CA LYS F 928 -61.02 -9.89 31.35
C LYS F 928 -60.22 -8.63 31.04
N ILE F 929 -60.69 -7.90 30.04
CA ILE F 929 -60.06 -6.66 29.61
C ILE F 929 -61.02 -5.50 29.76
N ILE F 930 -60.48 -4.33 30.02
CA ILE F 930 -61.27 -3.12 30.15
C ILE F 930 -60.35 -2.01 29.64
N ALA F 931 -60.94 -1.08 28.89
CA ALA F 931 -60.20 0.03 28.31
C ALA F 931 -60.57 1.39 28.86
N ILE F 932 -59.59 2.27 28.92
CA ILE F 932 -59.79 3.63 29.40
C ILE F 932 -59.38 4.56 28.28
N THR F 933 -60.18 5.60 28.05
CA THR F 933 -59.92 6.55 26.99
C THR F 933 -60.48 7.92 27.41
N ASN F 934 -59.99 8.98 26.78
CA ASN F 934 -60.48 10.32 27.10
C ASN F 934 -60.57 11.22 25.88
N GLU F 935 -60.83 12.50 26.14
CA GLU F 935 -60.98 13.49 25.08
C GLU F 935 -59.68 13.76 24.35
N TYR F 936 -58.58 13.21 24.87
CA TYR F 936 -57.27 13.41 24.27
C TYR F 936 -56.82 12.22 23.42
N ALA F 937 -57.70 11.23 23.30
CA ALA F 937 -57.46 10.05 22.46
C ALA F 937 -58.20 10.33 21.15
N GLY F 938 -57.57 10.08 20.01
CA GLY F 938 -58.26 10.37 18.77
C GLY F 938 -57.64 9.86 17.51
N SER F 939 -58.38 10.02 16.42
CA SER F 939 -57.94 9.58 15.11
C SER F 939 -57.80 8.05 15.18
N ASP F 940 -56.60 7.51 15.00
CA ASP F 940 -56.50 6.04 15.07
C ASP F 940 -56.90 5.65 16.49
N GLY F 941 -56.80 6.61 17.41
CA GLY F 941 -57.19 6.37 18.79
C GLY F 941 -58.71 6.27 18.85
N ASP F 942 -59.40 7.00 17.97
CA ASP F 942 -60.86 6.97 17.90
C ASP F 942 -61.29 5.60 17.39
N ILE F 943 -60.60 5.16 16.34
CA ILE F 943 -60.88 3.87 15.72
C ILE F 943 -60.66 2.73 16.72
N PHE F 944 -59.63 2.83 17.55
CA PHE F 944 -59.37 1.77 18.52
C PHE F 944 -60.50 1.77 19.56
N SER F 945 -60.85 2.96 20.05
CA SER F 945 -61.92 3.08 21.04
C SER F 945 -63.21 2.43 20.55
N PHE F 946 -63.62 2.81 19.34
CA PHE F 946 -64.83 2.26 18.75
C PHE F 946 -64.72 0.75 18.62
N SER F 947 -63.64 0.29 18.00
CA SER F 947 -63.40 -1.13 17.79
C SER F 947 -63.49 -1.96 19.06
N PHE F 948 -62.79 -1.53 20.09
CA PHE F 948 -62.77 -2.25 21.36
C PHE F 948 -64.21 -2.55 21.81
N LYS F 949 -65.09 -1.55 21.63
CA LYS F 949 -66.51 -1.69 22.00
C LYS F 949 -67.24 -2.59 21.02
N LYS F 950 -67.11 -2.27 19.74
CA LYS F 950 -67.77 -3.03 18.68
C LYS F 950 -67.47 -4.54 18.74
N LEU F 951 -66.21 -4.90 18.94
CA LEU F 951 -65.81 -6.31 18.98
C LEU F 951 -66.06 -6.96 20.34
N GLY F 952 -66.67 -6.22 21.25
CA GLY F 952 -66.94 -6.77 22.57
C GLY F 952 -65.71 -7.24 23.31
N LEU F 953 -64.59 -6.53 23.17
CA LEU F 953 -63.36 -6.89 23.87
C LEU F 953 -63.49 -6.62 25.36
N GLY F 954 -64.41 -5.72 25.71
CA GLY F 954 -64.62 -5.38 27.11
C GLY F 954 -65.31 -4.04 27.19
N LYS F 955 -65.39 -3.47 28.38
CA LYS F 955 -66.05 -2.18 28.56
C LYS F 955 -65.09 -1.02 28.27
N LEU F 956 -65.63 0.08 27.76
CA LEU F 956 -64.80 1.26 27.51
C LEU F 956 -65.19 2.24 28.62
N ILE F 957 -64.19 2.86 29.23
CA ILE F 957 -64.37 3.80 30.34
C ILE F 957 -63.64 5.10 30.05
N GLY F 958 -64.15 6.21 30.60
CA GLY F 958 -63.51 7.51 30.40
C GLY F 958 -64.47 8.61 29.95
N THR F 959 -64.09 9.32 28.88
CA THR F 959 -64.90 10.41 28.32
C THR F 959 -64.86 10.32 26.79
N ARG F 960 -65.83 10.94 26.11
CA ARG F 960 -65.87 10.90 24.65
C ARG F 960 -64.56 11.38 24.03
N THR F 961 -64.09 10.60 23.04
CA THR F 961 -62.85 10.86 22.33
C THR F 961 -62.90 12.05 21.35
N TRP F 962 -61.73 12.39 20.82
CA TRP F 962 -61.53 13.53 19.91
C TRP F 962 -62.51 13.66 18.74
N GLY F 963 -62.68 12.58 17.97
CA GLY F 963 -63.61 12.62 16.85
C GLY F 963 -63.04 13.02 15.51
N GLY F 964 -61.81 12.59 15.23
CA GLY F 964 -61.21 12.94 13.95
C GLY F 964 -60.76 11.71 13.20
N VAL F 965 -61.62 11.16 12.35
CA VAL F 965 -61.25 9.96 11.59
C VAL F 965 -61.22 10.10 10.07
N VAL F 966 -60.73 11.24 9.60
CA VAL F 966 -60.59 11.44 8.15
C VAL F 966 -59.09 11.63 7.93
N GLY F 967 -58.42 10.51 7.65
CA GLY F 967 -56.98 10.49 7.47
C GLY F 967 -56.36 11.29 6.34
N ILE F 968 -55.04 11.45 6.43
CA ILE F 968 -54.29 12.23 5.46
C ILE F 968 -53.06 11.49 4.93
N THR F 969 -52.60 11.93 3.77
CA THR F 969 -51.39 11.41 3.13
C THR F 969 -50.87 12.54 2.24
N PRO F 970 -50.21 13.52 2.85
CA PRO F 970 -49.67 14.66 2.09
C PRO F 970 -48.55 14.24 1.15
N LYS F 971 -48.61 14.73 -0.09
CA LYS F 971 -47.58 14.41 -1.07
C LYS F 971 -46.99 15.64 -1.73
N ARG F 972 -47.39 16.82 -1.25
CA ARG F 972 -46.83 18.07 -1.78
C ARG F 972 -46.59 19.09 -0.67
N ARG F 973 -45.50 19.81 -0.82
CA ARG F 973 -45.10 20.85 0.13
C ARG F 973 -45.19 22.17 -0.61
N LEU F 974 -45.33 23.27 0.12
CA LEU F 974 -45.38 24.58 -0.52
C LEU F 974 -43.92 24.93 -0.86
N ILE F 975 -43.70 25.98 -1.64
CA ILE F 975 -42.37 26.39 -2.05
C ILE F 975 -41.42 26.68 -0.90
N ASP F 976 -41.97 26.90 0.29
CA ASP F 976 -41.12 27.20 1.44
C ASP F 976 -40.94 26.00 2.35
N GLY F 977 -41.35 24.83 1.88
CA GLY F 977 -41.19 23.62 2.68
C GLY F 977 -42.38 23.25 3.54
N THR F 978 -43.39 24.11 3.60
CA THR F 978 -44.56 23.83 4.41
C THR F 978 -45.31 22.58 3.93
N VAL F 979 -45.68 21.74 4.87
CA VAL F 979 -46.44 20.54 4.55
C VAL F 979 -47.87 20.73 5.05
N LEU F 980 -48.80 20.91 4.12
CA LEU F 980 -50.20 21.08 4.45
C LEU F 980 -50.84 19.71 4.32
N THR F 981 -51.87 19.46 5.12
CA THR F 981 -52.54 18.17 5.07
C THR F 981 -54.00 18.40 4.76
N GLN F 982 -54.56 17.48 3.98
CA GLN F 982 -55.95 17.55 3.59
C GLN F 982 -56.65 16.25 3.99
N PRO F 983 -57.79 16.35 4.70
CA PRO F 983 -58.54 15.16 5.12
C PRO F 983 -59.02 14.46 3.85
N GLU F 984 -58.24 13.48 3.43
CA GLU F 984 -58.47 12.75 2.18
C GLU F 984 -59.07 11.35 2.29
N PHE F 985 -58.95 10.72 3.44
CA PHE F 985 -59.47 9.36 3.62
C PHE F 985 -60.46 9.28 4.76
N ALA F 986 -61.75 9.27 4.44
CA ALA F 986 -62.78 9.19 5.46
C ALA F 986 -63.01 7.76 5.94
N PHE F 987 -62.85 7.53 7.24
CA PHE F 987 -63.08 6.19 7.78
C PHE F 987 -64.58 5.96 8.01
N TRP F 988 -65.04 4.80 7.56
CA TRP F 988 -66.44 4.40 7.63
C TRP F 988 -66.57 3.08 8.40
N PHE F 989 -67.34 3.10 9.48
CA PHE F 989 -67.58 1.91 10.30
C PHE F 989 -68.88 1.24 9.90
N ARG F 990 -68.86 -0.07 9.77
CA ARG F 990 -70.05 -0.81 9.45
C ARG F 990 -71.01 -0.50 10.61
N ASP F 991 -72.24 -0.13 10.26
CA ASP F 991 -73.27 0.21 11.24
C ASP F 991 -73.24 1.65 11.75
N ALA F 992 -72.05 2.25 11.87
CA ALA F 992 -71.95 3.63 12.35
C ALA F 992 -71.66 4.61 11.21
N GLY F 993 -71.32 4.07 10.05
CA GLY F 993 -71.02 4.90 8.90
C GLY F 993 -69.87 5.84 9.20
N PHE F 994 -70.00 7.09 8.76
CA PHE F 994 -68.97 8.11 8.97
C PHE F 994 -69.26 8.88 10.26
N GLY F 995 -70.24 8.40 11.02
CA GLY F 995 -70.68 9.05 12.24
C GLY F 995 -69.64 9.45 13.28
N VAL F 996 -68.51 8.77 13.28
CA VAL F 996 -67.46 9.07 14.25
C VAL F 996 -66.84 10.45 14.00
N GLU F 997 -66.67 10.81 12.73
CA GLU F 997 -66.10 12.10 12.37
C GLU F 997 -66.91 13.21 13.04
N ASN F 998 -66.21 14.17 13.62
CA ASN F 998 -66.80 15.32 14.33
C ASN F 998 -67.61 14.96 15.59
N TYR F 999 -67.37 13.80 16.17
CA TYR F 999 -68.09 13.41 17.36
C TYR F 999 -67.24 12.61 18.35
N GLY F 1000 -66.71 11.48 17.90
CA GLY F 1000 -65.88 10.66 18.77
C GLY F 1000 -66.53 9.34 19.11
N VAL F 1001 -66.15 8.78 20.26
CA VAL F 1001 -66.71 7.51 20.69
C VAL F 1001 -67.08 7.61 22.16
N ASP F 1002 -68.34 7.34 22.47
CA ASP F 1002 -68.80 7.40 23.86
C ASP F 1002 -68.40 6.13 24.60
N PRO F 1003 -67.92 6.28 25.84
CA PRO F 1003 -67.54 5.08 26.60
C PRO F 1003 -68.82 4.39 27.05
N ASP F 1004 -68.68 3.17 27.56
CA ASP F 1004 -69.83 2.42 28.06
C ASP F 1004 -70.19 3.01 29.42
N VAL F 1005 -69.19 3.51 30.12
CA VAL F 1005 -69.41 4.13 31.41
C VAL F 1005 -68.63 5.43 31.42
N GLU F 1006 -69.33 6.55 31.52
CA GLU F 1006 -68.65 7.84 31.53
C GLU F 1006 -68.12 8.13 32.93
N ILE F 1007 -66.84 8.46 33.02
CA ILE F 1007 -66.22 8.81 34.28
C ILE F 1007 -65.46 10.12 34.03
N GLU F 1008 -65.97 11.22 34.57
CA GLU F 1008 -65.32 12.50 34.40
C GLU F 1008 -64.10 12.55 35.29
N TYR F 1009 -63.13 13.37 34.90
CA TYR F 1009 -61.93 13.58 35.68
C TYR F 1009 -62.07 15.07 36.00
N ALA F 1010 -62.70 15.35 37.14
CA ALA F 1010 -62.97 16.70 37.58
C ALA F 1010 -61.82 17.44 38.24
N PRO F 1011 -61.82 18.78 38.14
CA PRO F 1011 -60.78 19.63 38.73
C PRO F 1011 -60.51 19.29 40.20
N HIS F 1012 -61.57 18.93 40.94
CA HIS F 1012 -61.41 18.60 42.36
C HIS F 1012 -60.81 17.22 42.53
N ASP F 1013 -60.91 16.40 41.48
CA ASP F 1013 -60.32 15.07 41.49
C ASP F 1013 -58.81 15.27 41.49
N TYR F 1014 -58.33 16.12 40.59
CA TYR F 1014 -56.90 16.41 40.50
C TYR F 1014 -56.40 17.03 41.80
N LEU F 1015 -57.25 17.80 42.46
CA LEU F 1015 -56.88 18.45 43.72
C LEU F 1015 -56.66 17.44 44.83
N SER F 1016 -57.47 16.37 44.85
CA SER F 1016 -57.34 15.34 45.87
C SER F 1016 -56.30 14.27 45.52
N GLY F 1017 -55.75 14.35 44.31
CA GLY F 1017 -54.76 13.38 43.90
C GLY F 1017 -55.33 12.00 43.62
N LYS F 1018 -56.51 11.98 43.02
CA LYS F 1018 -57.16 10.72 42.71
C LYS F 1018 -57.51 10.62 41.23
N ASP F 1019 -57.18 9.49 40.62
CA ASP F 1019 -57.53 9.27 39.23
C ASP F 1019 -58.80 8.43 39.31
N PRO F 1020 -59.97 9.07 39.16
CA PRO F 1020 -61.25 8.36 39.23
C PRO F 1020 -61.43 7.41 38.05
N GLN F 1021 -60.76 7.73 36.95
CA GLN F 1021 -60.84 6.91 35.75
C GLN F 1021 -60.12 5.57 35.92
N ILE F 1022 -58.88 5.59 36.38
CA ILE F 1022 -58.14 4.36 36.60
C ILE F 1022 -58.74 3.60 37.79
N ASP F 1023 -59.19 4.35 38.79
CA ASP F 1023 -59.81 3.74 39.97
C ASP F 1023 -61.06 2.96 39.58
N TYR F 1024 -61.85 3.55 38.68
CA TYR F 1024 -63.09 2.88 38.24
C TYR F 1024 -62.75 1.62 37.45
N ALA F 1025 -61.79 1.73 36.53
CA ALA F 1025 -61.40 0.57 35.72
C ALA F 1025 -60.89 -0.57 36.60
N ILE F 1026 -60.10 -0.26 37.63
CA ILE F 1026 -59.60 -1.31 38.52
C ILE F 1026 -60.73 -1.95 39.31
N ASP F 1027 -61.63 -1.13 39.83
CA ASP F 1027 -62.75 -1.61 40.64
C ASP F 1027 -63.72 -2.42 39.80
N ALA F 1028 -64.00 -1.93 38.60
CA ALA F 1028 -64.92 -2.60 37.69
C ALA F 1028 -64.44 -4.01 37.37
N LEU F 1029 -63.13 -4.17 37.18
CA LEU F 1029 -62.59 -5.50 36.87
C LEU F 1029 -62.59 -6.40 38.08
N ILE F 1030 -62.28 -5.83 39.25
CA ILE F 1030 -62.29 -6.63 40.47
C ILE F 1030 -63.67 -7.25 40.60
N GLU F 1031 -64.70 -6.46 40.28
CA GLU F 1031 -66.08 -6.93 40.34
C GLU F 1031 -66.30 -8.04 39.32
N GLU F 1032 -65.91 -7.78 38.07
CA GLU F 1032 -66.06 -8.77 37.01
C GLU F 1032 -65.28 -10.04 37.28
N LEU F 1033 -64.22 -9.93 38.07
CA LEU F 1033 -63.37 -11.07 38.39
C LEU F 1033 -63.89 -11.94 39.53
N ARG F 1034 -64.97 -11.49 40.18
CA ARG F 1034 -65.55 -12.27 41.26
C ARG F 1034 -66.06 -13.60 40.72
N ASN F 1035 -66.66 -13.57 39.54
CA ASN F 1035 -67.17 -14.78 38.91
C ASN F 1035 -66.87 -14.81 37.42
#